data_7KTR
#
_entry.id   7KTR
#
_cell.length_a   1.00
_cell.length_b   1.00
_cell.length_c   1.00
_cell.angle_alpha   90.00
_cell.angle_beta   90.00
_cell.angle_gamma   90.00
#
_symmetry.space_group_name_H-M   'P 1'
#
loop_
_entity.id
_entity.type
_entity.pdbx_description
1 polymer 'Transformation/transcription domain-associated protein,Transformation/transcription domain-associated protein,Transformation/transcription domain-associated protein,Transformation/transcription domain-associated protein'
2 polymer 'TAF5-like RNA polymerase II p300/CBP-associated factor-associated factor 65 kDa subunit 5L'
3 polymer 'Isoform 3 of Transcription factor SPT20 homolog'
4 polymer 'STAGA complex 65 subunit gamma,DhaA,STAGA complex 65 subunit gamma,STAGA complex 65 subunit gamma,DhaA,STAGA complex 65 subunit gamma,STAGA complex 65 subunit gamma,DhaA'
5 polymer 'Transcription initiation factor TFIID subunit 9B'
6 polymer 'TAF6-like RNA polymerase II p300/CBP-associated factor-associated factor 65 kDa subunit 6L'
7 polymer 'Transcription initiation factor TFIID subunit 12'
8 polymer 'Transcription initiation factor TFIID subunit 10'
9 polymer 'Transcription initiation protein SPT3 homolog,Transcription initiation protein SPT3 homolog,Transcription initiation protein SPT3 homolog'
10 polymer 'Transcriptional adapter 1'
11 polymer Ataxin-7
12 non-polymer 'INOSITOL HEXAKISPHOSPHATE'
#
loop_
_entity_poly.entity_id
_entity_poly.type
_entity_poly.pdbx_seq_one_letter_code
_entity_poly.pdbx_strand_id
1 'polypeptide(L)'
;(UNK)(UNK)(UNK)(UNK)(UNK)(UNK)(UNK)(UNK)(UNK)(UNK)(UNK)(UNK)(UNK)(UNK)(UNK)(UNK)
(UNK)ETLRPLAYSTLADLVHHVRQHLPLSDLSLAVQLFAKNIDDESLPSSIQTMSCKLLLNLVDCIRSKSEQESGNGRD
VLMRMLEVFVLKFHTIARYQLSAIFKKCKPQSELGAVEAALPGVPTAPAAPGPAPSPAPVPAPPPPPPPPPPATPVTPAP
VPPFEKQGEKDKEDKQTFQVTDCRSLVKTLVCGVKTITWGITSCKAPGAQFIPNKQLQPKETQIYIKLVKYAMQALDIYQ
VQIAGNGQTYIRVANCQTVRMKEEKEVLEHFAGVFTMMNPLTFKEIFQTTVPYMVERISKNYALQIVANSFLANPTTSAL
FATILVEYLLDRLPEMGSNVELSNLYLKLFKLVFGSVSLFAAENEQMLKPHLHKIVNSSMELAQTAKEPYNYFLLLRALF
RSIGGGSHDLLYQEFLPLLPNLLQGLNMLQSGLHKQHMKDLFVELCLTVPVRLSSLLPYLPMLMDPLVSALNGSQTLVSQ
GLRTLELCVDNLQPDFLYDHIQPVRAELMQALWRTLRNPADSISHVAYRVLGKFGGSNRKMLKESQKLHYVVTEVQGPSI
TVEFSDCKASLQLPMEKAIETALDCLKSANTEPYYRRQAWEVIKCFLVAMMSLEDNKHALYQLLAHPNFTEKTIPNVIIS
HRYKAQDTPARKTFEQALTGAFMSAVIKDLRPSALPFVASLIRHYTMVAVAQQCGPFLLPCYQVGSQPSTAMFHSEENGS
KGMDPLVLIDAIAICMAYEEKELCKIGEVALAVIFDVASIILGSKERACQLPLFSYIVERLCACCYEQAWYAKLGGVVSI
KFLMERLPLTWVLQNQQTFLKALLFVMMDLTGEVSNGAVAMAKTTLEQLLMRCATPLKDEERAEEIVAAQEKSFHHVTHD
LVREVTSPNSTVRKQAMHSLQVLAQVTGKSVTVIMEPHKEVLQDMVPPKKHLLRHQPANAQIGLMEGNTFCTTLQPRLFT
MDLNVVEHKVFYTELLNLCEAEDSALTKLPCYKSLPSLVPLRIAALNALAACNYLPQSREKIIAALFKALNSTNSELQEA
GEACMRKFLEGATIEVDQIHTHMRPLLMMLGDYRSLTLNVVNRLTSVTRLFPNSFNDKFCDQMMQHLRKWMEVVVITHKG
GQRSDGNEMKICSAIINLFHLIPAAPQTLVKPLLEVVMKTERAMLIEAGSPFREPLIKFLTRHPSQTVELFMMEATLNDP
QWSRMFMSFLKHKDARPLRDVLAANPNRFITLLLPGGAQTAVRPGSPSTSTMRLDLQFQAIKIISIIVKNDDSWLASQHS
LVSQLRRVWVSENFQERHRKENMAATNWKEPKLLAYCLLNYCKRN(UNK)(UNK)(UNK)(UNK)(UNK)(UNK)(UNK)
(UNK)(UNK)(UNK)(UNK)(UNK)(UNK)(UNK)(UNK)(UNK)(UNK)(UNK)(UNK)(UNK)(UNK)(UNK)(UNK)
(UNK)(UNK)(UNK)(UNK)(UNK)(UNK)(UNK)(UNK)(UNK)(UNK)(UNK)(UNK)(UNK)(UNK)(UNK)(UNK)
(UNK)(UNK)(UNK)(UNK)(UNK)(UNK)(UNK)(UNK)(UNK)(UNK)(UNK)(UNK)(UNK)(UNK)(UNK)(UNK)
(UNK)(UNK)(UNK)(UNK)(UNK)(UNK)(UNK)(UNK)(UNK)(UNK)(UNK)(UNK)(UNK)(UNK)(UNK)(UNK)
(UNK)(UNK)(UNK)(UNK)(UNK)(UNK)(UNK)(UNK)(UNK)(UNK)(UNK)(UNK)(UNK)(UNK)(UNK)(UNK)
(UNK)(UNK)(UNK)(UNK)(UNK)(UNK)(UNK)(UNK)(UNK)(UNK)(UNK)(UNK)(UNK)(UNK)(UNK)(UNK)
(UNK)(UNK)(UNK)(UNK)(UNK)(UNK)(UNK)(UNK)(UNK)(UNK)(UNK)(UNK)(UNK)(UNK)(UNK)(UNK)
(UNK)(UNK)(UNK)(UNK)(UNK)(UNK)(UNK)(UNK)(UNK)(UNK)(UNK)(UNK)(UNK)(UNK)(UNK)(UNK)
(UNK)(UNK)(UNK)(UNK)(UNK)(UNK)(UNK)(UNK)(UNK)(UNK)(UNK)(UNK)(UNK)(UNK)(UNK)(UNK)
(UNK)(UNK)(UNK)(UNK)(UNK)(UNK)(UNK)(UNK)(UNK)(UNK)(UNK)(UNK)(UNK)(UNK)(UNK)(UNK)
(UNK)(UNK)(UNK)(UNK)(UNK)(UNK)(UNK)(UNK)(UNK)(UNK)(UNK)(UNK)(UNK)(UNK)(UNK)(UNK)
(UNK)(UNK)(UNK)(UNK)(UNK)(UNK)(UNK)(UNK)(UNK)(UNK)(UNK)(UNK)(UNK)(UNK)(UNK)(UNK)
(UNK)(UNK)(UNK)(UNK)(UNK)(UNK)(UNK)(UNK)(UNK)(UNK)(UNK)(UNK)(UNK)(UNK)(UNK)(UNK)
(UNK)(UNK)(UNK)(UNK)(UNK)(UNK)(UNK)(UNK)(UNK)(UNK)(UNK)(UNK)(UNK)(UNK)(UNK)(UNK)
(UNK)(UNK)(UNK)(UNK)(UNK)(UNK)(UNK)(UNK)(UNK)(UNK)(UNK)(UNK)(UNK)(UNK)(UNK)(UNK)
(UNK)(UNK)(UNK)(UNK)(UNK)(UNK)(UNK)(UNK)(UNK)(UNK)(UNK)(UNK)(UNK)(UNK)(UNK)(UNK)
(UNK)(UNK)(UNK)(UNK)(UNK)(UNK)(UNK)(UNK)(UNK)(UNK)(UNK)(UNK)(UNK)(UNK)(UNK)(UNK)
(UNK)(UNK)(UNK)(UNK)(UNK)(UNK)(UNK)(UNK)(UNK)(UNK)(UNK)(UNK)(UNK)(UNK)(UNK)(UNK)
(UNK)(UNK)(UNK)(UNK)(UNK)(UNK)(UNK)(UNK)(UNK)(UNK)(UNK)(UNK)(UNK)(UNK)AGTSELVMLS
LELVKTRLAVMSMEMRKNFIQAILTSLIEKSPDAKILRAVVKIVEEWVKNNSPMAANQTPTLREKSILLVKMMTYIEKRF
PEDLELNAQFLDLVNYVYRDETLSGSELTAKLEPAFLSGLRCAQPLIRAKFFEVFDNSMKRRVYERLLYVTCSQNWEAMG
NHFWIKQCIELLLAVCEKSTPIGTSCQGAMLPSITNVINLADSHDRAAFAMVTHVKQEPRERENSESKEEDVEIDIELAP
GDQTSTPKTKELSEKDIGNQLHMLTNRHDKFLDTLREVKTGALLSAFVQLCHISTTLAEKTWVQLFPRLWKILSDRQQHA
LAGEISPFLCSGSHQVQRDCQPSALNCFVEAMSQCVPPIPIRPCVLKYLGKTHNLWFRSTLMLEHQAFEKGLSLQIKPKQ
TTEFYEQESITPPQQEILDSLAELYSLLQEEDMWAGLWQKRCKYSETATAIAYEQHGFFEQAQESYEKAMDKAKKEHERS
NASPAIFPEYQLWEDHWIRCSKELNQWEALTEYGQSKGHINPYLVLECAWRVSNWTAMKEALVQVEVSCPKEMAWKVNMY
RGYLAICHPEEQQLSFIERLVEMASSLAIREWRRLPHVVSHVHTPLLQAAQQIIELQEAAQINAGLQPTNLGRNNSLHDM
KTVVKTWRNRLPIVSDDLSHWSSIFMWRQHHYQAIVTAYENSSQHDPSSNNAMLGVHASASAIIQYGKIARKQGLVNVAL
DILSRIHTIPTVPIVDCFQKIRQQVKCYLQLAGVMGKNECMQGLEVIESTNLKYFTKEMTAEFYALKGMFLAQINKSEEA
NKAFSAAVQMHDVLVKAWAMWGDYLENIFVKERQLHLGVSAITCYLHACRHQNESKSRKYLAKVLWLLSFDDDKNTLADA
VDKYCIGVPPIQWLAWIPQLLTCLVGSEGKLLLNLISQVGRVYPQAVYFPIRTLYLTLKIEQRERYKSDSGQQQPSSVGN
QSHSASDPGPIRATAPMWRCSRIMHMQRELHPTLLSSLEGIVDQMVWFRENWHEEVLRQLQQGLAKCYSVAFEKSGAVSD
AKITPHTLNFVKKLVSTFGVGLENVSNVSTMFSSAASESLARRAQATAQDPVFQKLKGQFTTDFDFSVPGSMKLHNLISK
LKKWIKILEAKTKQLPKFFLIEEKCRFLSNFSAQTAEVEIPGEFLMPKPTHYYIKIARFMPRVEIVQKHNTAARRLYIRG
HNGKIYPYLVMNDACLTESRREERVLQLLRLLNPCLEKRKETTKRHLFFTVPRVVAVSPQMRLVEDNPSSLSLVEIYKQR
CAKKGIEHDNPISRYYDRLATVQARGTQASHQVLRDILKEVQSNMVPRSMLKEWALHTFPNATDYWTFRKMFTIQLALIG
FAEFVLHLNRLNPEMLQIAQDTGKLNVAYFRFDINDATGDLDANRPVPFRLTPNISEFLTTIGVSGPLTASMIAVARCFA
QPNFKVDGILKTVLRDEIIAWHKKTQEDTSSPLSAAGQPENMDSQQLVSLVQKAVTAIMTRLHNLAQFEGGESKVNTLVA
AANSLDNLCRMDPAWHPWL
;
A
2 'polypeptide(L)'
;MKRVRTEQIQMAVSCYLKRRQYVDSDGPLKQGLRLSQTAEEMAANLTVQSESGCANIVSAAPCQAEPQQYEVQFGRLRNF
LTDSDSQHSHEVMPLLYPLFVYLHLNLVQNSPKSTVESFYSRFHGMFLQNASQKDVIEQLQTTQTIQDILSNFKLRAFLD
NKYVVRLQEDSYNYLIRYLQSDNNTALCKVLTLHIHLDVQPAKRTDYQLYASGSSSRSENNGLEPPDMPSPILQNEAALE
VLQESIKRVKDGPPSLTTICFYAFYNTEQLLNTAEISPDSKLLAAGFDNSCIKLWSLRSKKLKSEPHQVDVSRIHLACDI
LEEEDDEDDNAGTEMKILRGHCGPVYSTRFLADSSGLLSCSEDMSIRYWDLGSFTNTVLYQGHAYPVWDLDISPYSLYFA
SGSHDRTARLWSFDRTYPLRIYAGHLADVDCVKFHPNSNYLATGSTDKTVRLWSAQQGNSVRLFTGHRGPVLSLAFSPNG
KYLASAGEDQRLKLWDLASGTLYKELRGHTDNITSLTFSPDSGLIASASMDNSVRVWDIRNTYCSAPADGSSSELVGVYT
GQMSNVLSVQFMACNLLLVTGITQENQEH
;
B
3 'polypeptide(L)'
;MQQALELALDRAEYVIESARQRPPKRKYLSSGRKSVFQKLYDLYIEECEKEPEVKKLRRNVNLLEKLVMQETLSCLVVNL
YPGNEGYSLMLRGKNGSDSETIRLPYEEGELLEYLDAEELPPILVDLLEKSQVNIFHCGCVIAEIRDYRQSSNMKSPGYQ
SRHILLRPTMQTLICDVHSITSDNHKWTQEDKLLLESQLILATAEPLCLDPSIAVTCTANRLLYNKQKMNTRPMKRCFKR
YSRSSLNRQQDLSHCPPPPQLRLLDFLQKRKERKAGQHYDLKISKAGNCVDMWKRSPCNLAIPSEVDVEKYAKVEKSIKS
DDSQPTVWPAHDVKDDYVFECEAGTQYQKTKLTILQSLGDPLYYGKIQPCKADEESDSQMSPSHSSTDDHSNWFIIGSKT
DAERVVNQYQELVQNEAKCPVKMSHSSSGSASLSQVSPGKETDQTETVSVQSSVLGKGVKHRPPPIKLPSSSGNSSSGNY
FTPQQTSSFLKSPTPPPSSKPSSIPRKSSVDLNQVSMLSPAALSPASSSQRSGTPKPSTPTPTPSSTPHPPDAQSSTPST
PSATPTPQDSGFTPQPTLLTQFAQQQRSLSQAMPVTTIPLSTMVTSITPGTTATQVMANSAGLNFINVVGSVCGAQALMS
GSNPMLGCNTGAITPAGINLSGLLPSGGLLPNALPSAMQAASQAGVPFGLKNTSSLRPLNLLQLPGGSLIFNTLQQQQQQ
LSQFTPQQPQQPTTCSPQQPGEQGSEQGSTSQEQALSAQQAAVINLTGVGSFMQSQAAAVAILAASNGYGSSSSTNSSAT
SSSAYRQPVKK
;
C
4 'polypeptide(L)'
;(UNK)(UNK)(UNK)(UNK)(UNK)(UNK)(UNK)(UNK)(UNK)(UNK)(UNK)(UNK)(UNK)(UNK)(UNK)MLDIP
SEPCSLTIHTIQLIQHNRRLRNLIATAQAQN(UNK)(UNK)(UNK)(UNK)(UNK)(UNK)(UNK)(UNK)(UNK)
(UNK)(UNK)(UNK)(UNK)(UNK)(UNK)(UNK)(UNK)(UNK)(UNK)(UNK)(UNK)(UNK)DCKNPNAPFQIRHSD
PESDFYRGKGEPVTELSWHSCRQLLYQAVATILAHAGFDCANESVLETLTDVAHEYCLKFTKLLRFAVDREARLGQTPFP
DVMEQVFHEVGIGSVLSLQKFWQHRIKDYHSYMLQISKQLSEEYERIVNPEKATEDAKPVKIKEEPVSDITFPVSEELEA
DLASGDQSLPMGVLGAQSERFPSNLEVEASPQASSAEVNASPLWNLAHVKMEPQESEEGNVSGHGVLGSDVFEEPMSGMS
EAGIPQSPDDSDSSYGSHSTDSLMGSSPVFNQRCKKRMRKIGTSGEDLYFQSGGSMAEIGTGFPFDPHYVEVLGERMHYV
DVGPRDGTPVLFLHGNPTSSYVWRNIIPHVAPTHRCIAPDLIGMGKSDKPDLGYFFDDHVRFMDAFIEALGLEEVVLVIH
DWGSALGFHWAKRNPERVKGIAFMEFIRPIPTWDEWPEFARETFQAFRTTDVGRKLIIDQNVFIEGTLPMGVVRPLTEVE
MDHYREPFLNPVDREPLWRFPNELPIAGEPANIVALVEEYMDWLHQSPVPKLLFWGTPGVLIPPAEAARLAKSLPNCKAV
DIGPGLNLLQEDNPDLIGSEIARWLSTLEISGDYKDHDGDYKDHDIDYKDDDDKGS
;
D
5 'polypeptide(L)'
;MESGKMAPPKNAPRDALVMAQILKDMGITEYEPRVINQMLEFAFRYVTTILDDAKIYSSHAKKPNVDADDVRLAIQCRAD
QSFTSPPPRDFLLDIARQKNQTPLPLIKPYAGPRLPPDRYCLTAPNYRLKSLIKKGPNQGRLVPRLSVGAVSSKPTTPTI
ATPQTVSVPNKVATPMSVTSQRFTVQIPPSQSTPVKPVPATTAVQNVLINPSMIGPKNILITTNMVSSQNTANEANPLKR
KHEDDDDNDIM
;
E
6 'polypeptide(L)'
;MSEREERRFVEIPRESVRLMAESTGLELSDEVAALLAEDVCYRLREATQNSSQFMKHTKRRKLTVEDFNRALRWSSVEAV
CGYGSQEALPMRPAREGELYFPEDREVNLVELALATNIPKGCAETAVRVHVSYLDGKGNLAPQGSVPSAVSSLTDDLLKY
YHQVTRAVLGDDPQLMKVALQDLQTNSKIGALLPYFVYVVSGVKSVSHDLEQLHRLLQVARSLFRNPHLCLGPYVRCLVG
SVLYCVLEPLAASINPLNDHWTLRDGAALLLSHIFWTHGDLVSGLYQHILLSLQKILADPVRPLCCHYGAVVGLHALGWK
AVERVLYPHLSTYWTNLQAVLDDYSVSNAQVKADGHKVYGAILVAVERLLKMKAQAAEPNRGGPGGRGCRRLDDLPWDSL
LFQESSSGGGAEPSFGSGLPLPPGGAGPEDPSLSVTLADIYRELYAFFGDSLATRFGTGQPAPTAPRPPGDKKEPAAAPD
SVRKMPQLTASAIVSPHGDESPRGSGGGGPASASGPAASESRPLPRVHRARGAPRQQGPGTGTRDVFQKSRFAPRGAPHF
RFIIAGRQAGRRCRGRLFQTAFPAPYGPSPASRYVQKLPMIGRTSRPARRWALSDYSLYLPL
;
F
7 'polypeptide(L)'
;MNQFGPSALINLSNFSSIKPEPASTPPQGSMANSTAVVKIPGTPGAGGRLSPENNQVLTKKKLQDLVREVDPNEQLDEDV
EEMLLQIADDFIESVVTAACQLARHRKSSTLEVKDVQLHLERQWNMWIPGFGSEEIRPYKKACTTEAHKQRMALIRKTTK
K
;
G
8 'polypeptide(L)'
;MSCSGSGADPEAAPASAASAPGPAPPVSAPAALPSSTAAENKASPAGTAGGPGAGAAAGGTGPLAARAGEPAERRGAAPV
SAGGAAPPEGAISNGVYVLPSAANGDVKPVVSSTPLVDFLMQLEDYTPTIPDAVTGYYLNRAGFEASDPRIIRLISLAAQ
KFISDIANDALQHCKMKGTASGSSRSKSKDRKYTLTMEDLTPALSEYGINVKKPHYFT
;
H
9 'polypeptide(L)'
;MNNTAASPMSTATSSSGRSTGKSISFATELQSMMYSLGDARRPLHETAVLVEDVVHTQLINLLQQAAEVSQLRGARVITP
EDLLFLMRKDKKKLRRLLKYMFIRDYKSKIVKGIDEDDLLEDKLSGSNNANKRQKIAQDFLNSIDQTGELLAMFED
(UNK)(UNK)(UNK)(UNK)(UNK)(UNK)(UNK)(UNK)(UNK)(UNK)(UNK)(UNK)ESRQLSFSKKASKFRDWLDC
SSMEIKPNVVAMEILAYLAYETVAQLVDLALLVRQDMVTKAGDPFSHAISATFIQYHNSAESTAACGVEAHSDAIQPCHI
REAIRRYSHRIGPLSPFTNAYRRNGMAFLAC
;
I
10 'polypeptide(L)'
;MATFVSELEAAKKNLSEALGDNVKQYWANLKLWFKQKISKEEFDLEAHRLLTQDNVHSHNDFLLAILTRCQILVSTPDGA
GSLPWPGGSAAKPGKPKGKKKLSSVRQKFDHRFQPQNPLSGAQQFVAKDPQDDDDLKLCSHTMMLPTRGQLEGRMIVTAY
EHGLDNVTEEAVSAVVYAVENHLKDILTSVVSRRKAYRLRDGHFKYAFGSNVTPQPYLKNSVVAYNNLIESPPAFTAPCA
GQNPASHPPPDDAEQQAALLLACSGDTLPASLPPVNMYDLFEALQVHREVIPTHTVYALNIERIITKLWHPNHEELQQDK
VHRQRLAAKEGLLLC
;
J
11 'polypeptide(L)'
;MSERAADDVRGEPRRAAAAAGGAAAAAARQQQQQQQQQQPPPPQPQRQQHPPPPPRRTRPEDGGPGAASTSAAAMATVGE
RRPLPSPEVMLGQSWNLWVEASKLPGKDGTELDESFKEFGKNREVMGLCREDMPIFGFCPAHDDFYLVVCNDCNQVVKPQ
AFQSHYERRHSSSSKPPLAVPPTSVFSFFPSLSKSKGGSASGSNRSSSGGVLSASSSSSKLLKSPKEKLQLRGNTRPMHP
IQQSRVPHGRIMTPSVKVEKIHPKMDGTLLKSAVGPTCPATVSSLVKPGLNCPSIPKPTLPSPGQILNGKGLPAPPTLEK
KPEDNSNNRKFLNKRLSEREFDPDIHCGVIDLDTKKPCTRSLTCKTHSLTQRRAVQGRRKRFDVLLAEHKNKTREKELIR
HPDSQQPPQPLRDPHPAPPRTSQEPHQNPHGVIPSESKPFVASKPKPHTPSLPRPPGCPAQQGGSAPIDPPPVHESPHPP
LPATEPASRLSSEEGEGDDKEESVEKLDCHYSGHHPQPASFCTFGSRQIGRGYYVFDSRWNRLRCALNLMVEKHLNAQLW
KKIPPVPSTTSPISTRIPHRTNSVPTSQCGVSYLAAATVSTSPVLLSSTCISPNSKSVPAHGTTLNAQPAASGAMDPVCS
MQSRQVSSSSSSPSTPSGLSSVPSSPMSRKPQKLKSSKSLRPKESSGNSTNCQNASSSTSGGSGKKRKNSSPLLVHSSSS
SSSSSSSSHSMESFRKNCVAHSGPPYPSTVTSSHSIGLNCVTNKANAVNVRHDQSGRGPPTGSPAESIKRMSVMVNSSDS
TLSLGPFIHQSNELPVNSHGSFSHSHTPLDKLIGKKRKCSPSSSSINNSSSKPTKVAKVPAVNNVHMKHTGTIPGAQGLM
NSSLLHQPKARP
;
N
#
# COMPACT_ATOMS: atom_id res chain seq x y z
N UNK A 1 89.60 10.43 -54.74
CA UNK A 1 88.98 10.09 -56.02
C UNK A 1 88.17 8.81 -55.93
N UNK A 2 87.00 8.82 -56.57
CA UNK A 2 86.12 7.66 -56.55
C UNK A 2 86.17 6.92 -57.89
N UNK A 3 87.05 7.37 -58.77
CA UNK A 3 87.18 6.79 -60.11
C UNK A 3 88.46 5.96 -60.23
N UNK A 4 89.22 5.90 -59.15
CA UNK A 4 90.45 5.11 -59.14
C UNK A 4 90.19 3.74 -58.51
N UNK A 5 89.11 3.66 -57.74
CA UNK A 5 88.75 2.43 -57.04
C UNK A 5 88.05 1.44 -57.96
N UNK A 6 87.71 1.89 -59.16
CA UNK A 6 87.00 1.05 -60.13
C UNK A 6 87.82 -0.19 -60.46
N UNK A 7 88.96 0.01 -61.10
CA UNK A 7 89.83 -1.10 -61.50
C UNK A 7 90.58 -1.67 -60.31
N UNK A 8 90.37 -1.07 -59.14
CA UNK A 8 91.08 -1.46 -57.93
C UNK A 8 90.83 -2.92 -57.58
N UNK A 9 89.57 -3.29 -57.46
CA UNK A 9 89.19 -4.62 -57.00
C UNK A 9 89.86 -5.74 -57.79
N UNK A 10 90.47 -5.39 -58.92
CA UNK A 10 91.17 -6.36 -59.75
C UNK A 10 92.14 -7.20 -58.93
N UNK A 11 92.18 -8.40 -53.79
CA UNK A 11 91.58 -9.59 -54.39
C UNK A 11 91.98 -10.82 -53.59
N UNK A 12 92.61 -11.78 -54.26
CA UNK A 12 93.04 -13.03 -53.63
C UNK A 12 93.87 -12.76 -52.38
N UNK A 13 94.54 -11.61 -52.35
CA UNK A 13 95.35 -11.22 -51.21
C UNK A 13 94.47 -10.84 -50.01
N UNK A 14 93.18 -11.09 -50.14
CA UNK A 14 92.23 -10.85 -49.06
C UNK A 14 92.52 -11.78 -47.89
N UNK A 15 93.11 -12.93 -48.20
CA UNK A 15 93.50 -13.89 -47.17
C UNK A 15 94.43 -13.20 -46.19
N UNK A 16 95.58 -12.77 -46.68
CA UNK A 16 96.53 -12.04 -45.86
C UNK A 16 95.90 -10.75 -45.33
N UNK A 17 95.64 -9.79 -46.22
CA UNK A 17 95.11 -8.50 -45.80
C UNK A 17 93.64 -8.38 -46.19
N GLU A 18 95.22 -4.59 -31.81
CA GLU A 18 94.40 -5.76 -32.07
C GLU A 18 93.00 -5.36 -32.53
N THR A 19 92.73 -4.06 -32.53
CA THR A 19 91.41 -3.53 -32.89
C THR A 19 91.32 -3.13 -34.35
N LEU A 20 92.09 -3.78 -35.22
CA LEU A 20 92.07 -3.44 -36.64
C LEU A 20 90.75 -3.81 -37.31
N ARG A 21 90.25 -5.01 -37.04
CA ARG A 21 89.02 -5.49 -37.68
C ARG A 21 87.84 -4.54 -37.54
N PRO A 22 87.52 -4.04 -36.34
CA PRO A 22 86.28 -3.25 -36.19
C PRO A 22 86.09 -2.16 -37.23
N LEU A 23 87.16 -1.48 -37.63
CA LEU A 23 87.05 -0.41 -38.61
C LEU A 23 87.53 -0.83 -39.99
N ALA A 24 88.49 -1.75 -40.06
CA ALA A 24 88.89 -2.29 -41.36
C ALA A 24 87.69 -2.89 -42.09
N TYR A 25 86.94 -3.77 -41.42
CA TYR A 25 85.78 -4.38 -42.05
C TYR A 25 84.69 -3.36 -42.33
N SER A 26 84.48 -2.40 -41.42
CA SER A 26 83.48 -1.37 -41.67
C SER A 26 83.77 -0.62 -42.96
N THR A 27 85.01 -0.15 -43.12
CA THR A 27 85.37 0.58 -44.33
C THR A 27 85.33 -0.33 -45.55
N LEU A 28 85.72 -1.60 -45.40
CA LEU A 28 85.61 -2.54 -46.51
C LEU A 28 84.18 -2.67 -46.99
N ALA A 29 83.25 -2.82 -46.05
CA ALA A 29 81.84 -2.94 -46.40
C ALA A 29 81.34 -1.67 -47.07
N ASP A 30 81.70 -0.51 -46.52
CA ASP A 30 81.28 0.74 -47.15
C ASP A 30 81.80 0.84 -48.58
N LEU A 31 83.08 0.50 -48.79
CA LEU A 31 83.67 0.58 -50.11
C LEU A 31 82.97 -0.35 -51.09
N VAL A 32 82.73 -1.60 -50.69
CA VAL A 32 82.14 -2.56 -51.60
C VAL A 32 80.67 -2.30 -51.83
N HIS A 33 79.98 -1.66 -50.87
CA HIS A 33 78.57 -1.34 -51.08
C HIS A 33 78.42 -0.10 -51.94
N HIS A 34 79.36 0.84 -51.87
CA HIS A 34 79.25 2.04 -52.70
C HIS A 34 79.29 1.68 -54.18
N VAL A 35 80.30 0.92 -54.60
CA VAL A 35 80.36 0.43 -55.98
C VAL A 35 80.11 -1.06 -55.99
N ARG A 36 78.86 -1.45 -56.20
CA ARG A 36 78.46 -2.85 -56.15
C ARG A 36 77.78 -3.32 -57.43
N GLN A 37 77.17 -2.42 -58.20
CA GLN A 37 76.29 -2.80 -59.30
C GLN A 37 77.04 -3.50 -60.43
N HIS A 38 78.23 -3.03 -60.78
CA HIS A 38 79.01 -3.60 -61.88
C HIS A 38 80.10 -4.50 -61.28
N LEU A 39 79.73 -5.75 -61.02
CA LEU A 39 80.64 -6.71 -60.41
C LEU A 39 80.26 -8.10 -60.88
N PRO A 40 81.23 -8.97 -61.15
CA PRO A 40 80.89 -10.29 -61.72
C PRO A 40 80.60 -11.33 -60.65
N LEU A 41 80.19 -12.50 -61.15
CA LEU A 41 79.78 -13.60 -60.27
C LEU A 41 80.90 -14.05 -59.36
N SER A 42 82.12 -14.19 -59.89
CA SER A 42 83.22 -14.67 -59.06
C SER A 42 83.52 -13.70 -57.93
N ASP A 43 83.54 -12.40 -58.22
CA ASP A 43 83.81 -11.42 -57.17
C ASP A 43 82.71 -11.41 -56.13
N LEU A 44 81.45 -11.48 -56.56
CA LEU A 44 80.37 -11.52 -55.60
C LEU A 44 80.49 -12.75 -54.69
N SER A 45 80.77 -13.90 -55.29
CA SER A 45 80.91 -15.13 -54.51
C SER A 45 82.07 -15.01 -53.53
N LEU A 46 83.19 -14.42 -53.96
CA LEU A 46 84.32 -14.25 -53.08
C LEU A 46 83.99 -13.35 -51.90
N ALA A 47 83.29 -12.24 -52.15
CA ALA A 47 82.91 -11.36 -51.05
C ALA A 47 82.00 -12.08 -50.07
N VAL A 48 81.02 -12.81 -50.59
CA VAL A 48 80.09 -13.53 -49.71
C VAL A 48 80.85 -14.57 -48.89
N GLN A 49 81.77 -15.29 -49.52
CA GLN A 49 82.53 -16.31 -48.82
C GLN A 49 83.43 -15.70 -47.75
N LEU A 50 83.99 -14.52 -48.04
CA LEU A 50 84.83 -13.85 -47.06
C LEU A 50 84.02 -13.45 -45.83
N PHE A 51 82.81 -12.94 -46.04
CA PHE A 51 82.04 -12.41 -44.90
C PHE A 51 81.25 -13.50 -44.17
N ALA A 52 80.95 -14.62 -44.82
CA ALA A 52 80.27 -15.70 -44.12
C ALA A 52 81.09 -16.16 -42.92
N LYS A 53 82.38 -16.45 -43.12
CA LYS A 53 83.21 -16.86 -41.99
C LYS A 53 83.23 -15.78 -40.92
N ASN A 54 83.22 -14.50 -41.32
CA ASN A 54 83.20 -13.43 -40.34
C ASN A 54 81.96 -13.48 -39.48
N ILE A 55 80.83 -13.91 -40.05
CA ILE A 55 79.58 -13.93 -39.30
C ILE A 55 79.72 -14.78 -38.03
N ASP A 56 80.61 -15.76 -38.04
CA ASP A 56 80.65 -16.77 -36.98
C ASP A 56 81.80 -16.58 -35.99
N ASP A 57 82.59 -15.52 -36.09
CA ASP A 57 83.63 -15.28 -35.11
C ASP A 57 83.03 -15.17 -33.71
N GLU A 58 83.70 -15.79 -32.75
CA GLU A 58 83.30 -15.75 -31.35
C GLU A 58 83.71 -14.48 -30.64
N SER A 59 85.01 -14.21 -30.56
CA SER A 59 85.48 -13.10 -29.73
C SER A 59 85.08 -11.75 -30.33
N LEU A 60 84.85 -11.70 -31.64
CA LEU A 60 84.53 -10.44 -32.27
C LEU A 60 83.21 -9.89 -31.73
N PRO A 61 83.09 -8.57 -31.60
CA PRO A 61 81.84 -7.99 -31.10
C PRO A 61 80.68 -8.22 -32.05
N SER A 62 79.46 -8.07 -31.50
CA SER A 62 78.25 -8.39 -32.23
C SER A 62 78.04 -7.54 -33.47
N SER A 63 78.33 -6.23 -33.40
CA SER A 63 77.97 -5.34 -34.49
C SER A 63 78.57 -5.81 -35.81
N ILE A 64 79.69 -6.52 -35.77
CA ILE A 64 80.29 -7.02 -37.00
C ILE A 64 79.35 -7.97 -37.71
N GLN A 65 78.69 -8.86 -36.97
CA GLN A 65 77.79 -9.81 -37.60
C GLN A 65 76.59 -9.10 -38.21
N THR A 66 76.07 -8.08 -37.53
CA THR A 66 74.97 -7.30 -38.09
C THR A 66 75.39 -6.62 -39.38
N MET A 67 76.61 -6.06 -39.41
CA MET A 67 77.09 -5.42 -40.63
C MET A 67 77.25 -6.44 -41.75
N SER A 68 77.74 -7.63 -41.44
CA SER A 68 77.84 -8.67 -42.46
C SER A 68 76.47 -9.04 -43.01
N CYS A 69 75.48 -9.18 -42.13
CA CYS A 69 74.13 -9.49 -42.58
C CYS A 69 73.58 -8.39 -43.48
N LYS A 70 73.78 -7.13 -43.09
CA LYS A 70 73.30 -6.03 -43.92
C LYS A 70 73.99 -6.02 -45.28
N LEU A 71 75.30 -6.30 -45.30
CA LEU A 71 76.01 -6.42 -46.56
C LEU A 71 75.39 -7.47 -47.46
N LEU A 72 75.15 -8.67 -46.92
CA LEU A 72 74.57 -9.73 -47.74
C LEU A 72 73.18 -9.35 -48.22
N LEU A 73 72.38 -8.73 -47.35
CA LEU A 73 71.05 -8.29 -47.73
C LEU A 73 71.11 -7.33 -48.91
N ASN A 74 71.93 -6.29 -48.81
CA ASN A 74 72.01 -5.30 -49.86
C ASN A 74 72.77 -5.78 -51.09
N LEU A 75 73.46 -6.91 -51.01
CA LEU A 75 74.08 -7.47 -52.20
C LEU A 75 73.20 -8.47 -52.93
N VAL A 76 72.24 -9.09 -52.24
CA VAL A 76 71.39 -10.09 -52.89
C VAL A 76 70.64 -9.47 -54.06
N ASP A 77 70.22 -8.21 -53.94
CA ASP A 77 69.46 -7.59 -55.01
C ASP A 77 70.25 -7.50 -56.30
N CYS A 78 71.51 -7.05 -56.23
CA CYS A 78 72.33 -7.02 -57.43
C CYS A 78 72.69 -8.42 -57.91
N ILE A 79 72.90 -9.35 -56.98
CA ILE A 79 73.19 -10.72 -57.39
C ILE A 79 72.05 -11.25 -58.26
N ARG A 80 70.82 -11.13 -57.78
CA ARG A 80 69.66 -11.43 -58.60
C ARG A 80 69.69 -10.67 -59.92
N SER A 81 69.71 -9.35 -59.87
CA SER A 81 69.52 -8.56 -61.08
C SER A 81 70.53 -8.91 -62.16
N LYS A 82 71.75 -9.27 -61.76
CA LYS A 82 72.78 -9.66 -62.72
C LYS A 82 72.78 -11.15 -63.01
N SER A 83 72.00 -11.94 -62.27
CA SER A 83 71.90 -13.35 -62.61
C SER A 83 71.43 -13.55 -64.04
N GLU A 84 70.69 -12.58 -64.59
CA GLU A 84 70.37 -12.62 -66.02
C GLU A 84 71.62 -12.77 -66.86
N GLN A 85 72.69 -12.09 -66.48
CA GLN A 85 73.99 -12.24 -67.13
C GLN A 85 74.58 -13.59 -66.76
N GLU A 86 75.49 -14.07 -67.62
CA GLU A 86 76.20 -15.33 -67.38
C GLU A 86 75.24 -16.49 -67.12
N SER A 87 73.98 -16.32 -67.50
CA SER A 87 72.93 -17.28 -67.18
C SER A 87 72.75 -17.44 -65.66
N GLY A 88 73.39 -16.56 -64.89
CA GLY A 88 73.21 -16.57 -63.45
C GLY A 88 74.08 -17.57 -62.72
N ASN A 89 73.48 -18.68 -62.32
CA ASN A 89 74.13 -19.70 -61.50
C ASN A 89 74.31 -19.23 -60.07
N GLY A 90 73.43 -18.31 -59.63
CA GLY A 90 73.50 -17.77 -58.30
C GLY A 90 72.51 -18.36 -57.33
N ARG A 91 71.66 -19.28 -57.82
CA ARG A 91 70.70 -19.91 -56.93
C ARG A 91 71.40 -20.78 -55.89
N ASP A 92 72.48 -21.47 -56.27
CA ASP A 92 73.24 -22.22 -55.29
C ASP A 92 73.91 -21.29 -54.27
N VAL A 93 74.40 -20.14 -54.71
CA VAL A 93 74.97 -19.17 -53.79
C VAL A 93 73.93 -18.71 -52.79
N LEU A 94 72.72 -18.42 -53.27
CA LEU A 94 71.64 -18.03 -52.37
C LEU A 94 71.29 -19.15 -51.40
N MET A 95 71.27 -20.39 -51.87
CA MET A 95 70.97 -21.52 -50.99
C MET A 95 72.03 -21.64 -49.89
N ARG A 96 73.29 -21.46 -50.24
CA ARG A 96 74.35 -21.55 -49.24
C ARG A 96 74.25 -20.40 -48.24
N MET A 97 73.92 -19.19 -48.71
CA MET A 97 73.65 -18.10 -47.78
C MET A 97 72.54 -18.46 -46.82
N LEU A 98 71.47 -19.05 -47.34
CA LEU A 98 70.34 -19.43 -46.49
C LEU A 98 70.77 -20.45 -45.45
N GLU A 99 71.56 -21.45 -45.85
CA GLU A 99 72.01 -22.46 -44.90
C GLU A 99 72.89 -21.84 -43.83
N VAL A 100 73.74 -20.88 -44.22
CA VAL A 100 74.58 -20.20 -43.23
C VAL A 100 73.72 -19.49 -42.20
N PHE A 101 72.70 -18.76 -42.67
CA PHE A 101 71.79 -18.08 -41.74
C PHE A 101 71.09 -19.08 -40.81
N VAL A 102 70.62 -20.19 -41.38
CA VAL A 102 69.94 -21.19 -40.59
C VAL A 102 70.86 -21.71 -39.49
N LEU A 103 72.10 -22.05 -39.84
CA LEU A 103 73.05 -22.51 -38.82
C LEU A 103 73.28 -21.44 -37.76
N LYS A 104 73.35 -20.17 -38.17
CA LYS A 104 73.55 -19.11 -37.18
C LYS A 104 72.42 -19.10 -36.16
N PHE A 105 71.18 -19.31 -36.60
CA PHE A 105 70.08 -19.37 -35.62
C PHE A 105 70.31 -20.44 -34.55
N HIS A 106 70.78 -21.62 -34.95
CA HIS A 106 70.94 -22.70 -33.98
C HIS A 106 71.92 -22.30 -32.88
N THR A 107 73.05 -21.70 -33.25
CA THR A 107 74.02 -21.28 -32.25
C THR A 107 73.46 -20.18 -31.38
N ILE A 108 72.88 -19.14 -31.99
CA ILE A 108 72.27 -18.08 -31.20
C ILE A 108 71.40 -18.70 -30.12
N ALA A 109 70.43 -19.51 -30.52
CA ALA A 109 69.46 -20.05 -29.57
C ALA A 109 70.13 -20.90 -28.51
N ARG A 110 70.96 -21.86 -28.91
CA ARG A 110 71.52 -22.78 -27.92
C ARG A 110 72.43 -22.09 -26.93
N TYR A 111 73.09 -21.00 -27.30
CA TYR A 111 74.11 -20.45 -26.41
C TYR A 111 73.79 -19.08 -25.84
N GLN A 112 73.50 -18.08 -26.66
CA GLN A 112 73.36 -16.73 -26.09
C GLN A 112 72.18 -16.68 -25.12
N LEU A 113 71.03 -17.20 -25.55
CA LEU A 113 69.84 -17.16 -24.71
C LEU A 113 70.01 -17.96 -23.42
N SER A 114 70.74 -19.08 -23.46
CA SER A 114 70.90 -19.89 -22.26
C SER A 114 71.53 -19.08 -21.13
N ALA A 115 72.59 -18.33 -21.44
CA ALA A 115 73.18 -17.46 -20.43
C ALA A 115 72.29 -16.27 -20.12
N ILE A 116 71.72 -15.64 -21.16
CA ILE A 116 70.96 -14.42 -20.93
C ILE A 116 69.79 -14.67 -19.98
N PHE A 117 69.24 -15.89 -20.01
CA PHE A 117 68.12 -16.19 -19.12
C PHE A 117 68.56 -16.48 -17.69
N LYS A 118 69.78 -16.98 -17.51
CA LYS A 118 70.17 -17.50 -16.20
C LYS A 118 70.13 -16.44 -15.11
N LYS A 119 70.15 -15.17 -15.47
CA LYS A 119 70.45 -14.09 -14.54
C LYS A 119 69.25 -13.22 -14.20
N CYS A 120 68.14 -13.34 -14.92
CA CYS A 120 66.99 -12.50 -14.65
C CYS A 120 66.44 -12.79 -13.26
N LYS A 121 66.12 -11.74 -12.51
CA LYS A 121 65.64 -11.90 -11.16
C LYS A 121 64.18 -12.35 -11.15
N PRO A 122 63.86 -13.55 -10.64
CA PRO A 122 62.46 -13.98 -10.58
C PRO A 122 61.66 -13.14 -9.59
N GLN A 123 60.57 -12.54 -10.06
CA GLN A 123 59.68 -11.76 -9.21
C GLN A 123 60.41 -10.63 -8.50
N SER A 124 60.95 -9.69 -9.26
CA SER A 124 61.63 -8.54 -8.69
C SER A 124 60.73 -7.81 -7.70
N ASP A 183 78.13 -0.67 -14.50
CA ASP A 183 78.31 -1.95 -13.85
C ASP A 183 78.38 -3.09 -14.86
N LYS A 184 78.77 -4.27 -14.37
CA LYS A 184 78.80 -5.44 -15.23
C LYS A 184 77.41 -5.79 -15.73
N GLU A 185 76.40 -5.73 -14.86
CA GLU A 185 75.03 -5.91 -15.31
C GLU A 185 74.59 -4.79 -16.24
N ASP A 186 75.08 -3.57 -16.01
CA ASP A 186 74.72 -2.47 -16.88
C ASP A 186 75.24 -2.68 -18.29
N LYS A 187 76.40 -3.33 -18.42
CA LYS A 187 76.91 -3.69 -19.74
C LYS A 187 76.21 -4.92 -20.31
N GLN A 188 75.82 -5.86 -19.46
CA GLN A 188 75.00 -6.98 -19.91
C GLN A 188 73.70 -6.50 -20.53
N THR A 189 73.20 -5.36 -20.07
CA THR A 189 72.06 -4.73 -20.73
C THR A 189 72.30 -4.55 -22.22
N PHE A 190 73.44 -3.92 -22.57
CA PHE A 190 73.74 -3.69 -23.98
C PHE A 190 74.05 -4.99 -24.69
N GLN A 191 74.61 -5.96 -23.97
CA GLN A 191 74.77 -7.31 -24.50
C GLN A 191 73.43 -7.86 -25.02
N VAL A 192 72.41 -7.81 -24.16
CA VAL A 192 71.08 -8.28 -24.53
C VAL A 192 70.54 -7.49 -25.71
N THR A 193 70.74 -6.17 -25.70
CA THR A 193 70.23 -5.35 -26.80
C THR A 193 70.91 -5.71 -28.13
N ASP A 194 72.21 -6.02 -28.08
CA ASP A 194 72.91 -6.44 -29.29
C ASP A 194 72.34 -7.76 -29.80
N CYS A 195 72.07 -8.70 -28.90
CA CYS A 195 71.43 -9.95 -29.32
C CYS A 195 70.10 -9.68 -30.00
N ARG A 196 69.29 -8.79 -29.41
CA ARG A 196 68.01 -8.41 -30.00
C ARG A 196 68.20 -7.90 -31.43
N SER A 197 69.11 -6.94 -31.61
CA SER A 197 69.31 -6.35 -32.92
C SER A 197 69.80 -7.38 -33.93
N LEU A 198 70.67 -8.28 -33.50
CA LEU A 198 71.14 -9.33 -34.39
C LEU A 198 70.00 -10.19 -34.89
N VAL A 199 69.09 -10.58 -33.98
CA VAL A 199 67.96 -11.40 -34.39
C VAL A 199 67.06 -10.63 -35.37
N LYS A 200 66.80 -9.36 -35.06
CA LYS A 200 65.99 -8.55 -35.97
C LYS A 200 66.58 -8.53 -37.36
N THR A 201 67.88 -8.24 -37.47
CA THR A 201 68.53 -8.20 -38.77
C THR A 201 68.51 -9.55 -39.47
N LEU A 202 68.70 -10.64 -38.73
CA LEU A 202 68.67 -11.95 -39.35
C LEU A 202 67.33 -12.23 -39.99
N VAL A 203 66.24 -11.94 -39.27
CA VAL A 203 64.91 -12.17 -39.85
C VAL A 203 64.71 -11.29 -41.08
N CYS A 204 65.09 -10.01 -40.97
CA CYS A 204 64.89 -9.11 -42.10
C CYS A 204 65.66 -9.57 -43.31
N GLY A 205 66.85 -10.15 -43.10
CA GLY A 205 67.64 -10.60 -44.23
C GLY A 205 67.14 -11.91 -44.82
N VAL A 206 66.58 -12.78 -43.98
CA VAL A 206 66.02 -14.02 -44.49
C VAL A 206 64.84 -13.75 -45.41
N LYS A 207 64.03 -12.75 -45.06
CA LYS A 207 62.93 -12.40 -45.95
C LYS A 207 63.43 -12.04 -47.35
N THR A 208 64.44 -11.17 -47.42
CA THR A 208 64.99 -10.76 -48.70
C THR A 208 65.68 -11.92 -49.42
N ILE A 209 66.36 -12.79 -48.68
CA ILE A 209 67.00 -13.94 -49.31
C ILE A 209 65.96 -14.81 -50.00
N THR A 210 64.84 -15.07 -49.33
CA THR A 210 63.77 -15.85 -49.97
C THR A 210 63.21 -15.12 -51.18
N TRP A 211 62.98 -13.81 -51.06
CA TRP A 211 62.53 -13.03 -52.21
C TRP A 211 63.44 -13.25 -53.40
N GLY A 212 64.76 -13.14 -53.18
CA GLY A 212 65.71 -13.32 -54.27
C GLY A 212 65.72 -14.74 -54.80
N ILE A 213 65.64 -15.72 -53.91
CA ILE A 213 65.72 -17.11 -54.35
C ILE A 213 64.57 -17.44 -55.29
N THR A 214 63.35 -17.05 -54.94
CA THR A 214 62.22 -17.45 -55.78
C THR A 214 61.86 -16.41 -56.83
N SER A 215 62.84 -15.87 -57.56
CA SER A 215 62.54 -15.02 -58.71
C SER A 215 63.53 -15.20 -59.86
N CYS A 216 63.91 -16.43 -60.17
CA CYS A 216 64.89 -16.62 -61.24
C CYS A 216 64.78 -18.02 -61.80
N LYS A 217 65.75 -18.38 -62.64
CA LYS A 217 65.83 -19.71 -63.24
C LYS A 217 66.92 -20.53 -62.55
N ALA A 218 66.93 -21.82 -62.87
CA ALA A 218 67.94 -22.74 -62.37
C ALA A 218 69.04 -22.86 -63.43
N PRO A 219 70.11 -23.62 -63.20
CA PRO A 219 71.13 -23.76 -64.24
C PRO A 219 70.53 -24.22 -65.56
N GLY A 220 70.61 -23.38 -66.58
CA GLY A 220 69.84 -23.58 -67.79
C GLY A 220 68.37 -23.33 -67.55
N ALA A 221 67.54 -24.11 -68.23
CA ALA A 221 66.16 -24.25 -67.76
C ALA A 221 65.43 -22.90 -67.75
N GLN A 222 64.99 -22.43 -68.92
CA GLN A 222 64.26 -21.18 -69.03
C GLN A 222 63.33 -20.96 -67.83
N PHE A 223 63.25 -19.70 -67.40
CA PHE A 223 62.56 -19.34 -66.18
C PHE A 223 61.11 -19.83 -66.18
N ILE A 224 60.68 -20.36 -65.03
CA ILE A 224 59.30 -20.77 -64.80
C ILE A 224 58.83 -20.17 -63.48
N PRO A 225 57.80 -19.33 -63.46
CA PRO A 225 57.44 -18.62 -62.22
C PRO A 225 56.80 -19.53 -61.18
N ASN A 226 57.08 -19.23 -59.91
CA ASN A 226 56.47 -19.93 -58.78
C ASN A 226 56.68 -21.44 -58.88
N LYS A 227 57.90 -21.83 -59.21
CA LYS A 227 58.24 -23.24 -59.23
C LYS A 227 58.27 -23.81 -57.82
N GLN A 228 58.02 -25.11 -57.73
CA GLN A 228 58.10 -25.78 -56.43
C GLN A 228 59.56 -25.98 -56.04
N LEU A 229 59.83 -25.85 -54.74
CA LEU A 229 61.17 -26.11 -54.24
C LEU A 229 61.41 -27.60 -54.10
N GLN A 230 62.68 -27.98 -54.03
CA GLN A 230 63.08 -29.37 -53.95
C GLN A 230 63.08 -29.84 -52.50
N PRO A 231 63.09 -31.16 -52.28
CA PRO A 231 63.01 -31.66 -50.90
C PRO A 231 64.13 -31.18 -50.00
N LYS A 232 65.35 -31.08 -50.51
CA LYS A 232 66.45 -30.64 -49.66
C LYS A 232 66.34 -29.16 -49.33
N GLU A 233 65.62 -28.39 -50.15
CA GLU A 233 65.33 -27.00 -49.80
C GLU A 233 64.22 -26.92 -48.76
N THR A 234 63.22 -27.78 -48.90
CA THR A 234 62.16 -27.84 -47.89
C THR A 234 62.72 -28.23 -46.53
N GLN A 235 63.69 -29.13 -46.52
CA GLN A 235 64.34 -29.50 -45.26
C GLN A 235 65.03 -28.29 -44.62
N ILE A 236 65.69 -27.48 -45.44
CA ILE A 236 66.33 -26.28 -44.91
C ILE A 236 65.29 -25.36 -44.30
N TYR A 237 64.17 -25.17 -44.98
CA TYR A 237 63.12 -24.30 -44.42
C TYR A 237 62.52 -24.88 -43.14
N ILE A 238 62.37 -26.20 -43.07
CA ILE A 238 61.91 -26.83 -41.84
C ILE A 238 62.85 -26.51 -40.69
N LYS A 239 64.15 -26.69 -40.92
CA LYS A 239 65.13 -26.36 -39.89
C LYS A 239 65.05 -24.89 -39.53
N LEU A 240 64.86 -24.02 -40.54
CA LEU A 240 64.74 -22.60 -40.30
C LEU A 240 63.62 -22.31 -39.30
N VAL A 241 62.43 -22.83 -39.57
CA VAL A 241 61.30 -22.52 -38.70
C VAL A 241 61.55 -23.08 -37.31
N LYS A 242 62.01 -24.32 -37.23
CA LYS A 242 62.22 -24.93 -35.92
C LYS A 242 63.18 -24.12 -35.07
N TYR A 243 64.29 -23.66 -35.66
CA TYR A 243 65.27 -22.91 -34.90
C TYR A 243 64.86 -21.47 -34.65
N ALA A 244 64.22 -20.80 -35.61
CA ALA A 244 63.85 -19.42 -35.43
C ALA A 244 62.78 -19.27 -34.34
N MET A 245 61.83 -20.20 -34.26
CA MET A 245 60.82 -20.07 -33.22
C MET A 245 61.43 -20.19 -31.83
N GLN A 246 62.51 -20.94 -31.67
CA GLN A 246 63.25 -20.92 -30.41
C GLN A 246 63.98 -19.61 -30.23
N ALA A 247 64.62 -19.12 -31.30
CA ALA A 247 65.44 -17.91 -31.19
C ALA A 247 64.61 -16.70 -30.78
N LEU A 248 63.37 -16.61 -31.25
CA LEU A 248 62.56 -15.41 -31.03
C LEU A 248 62.18 -15.18 -29.57
N ASP A 249 62.65 -15.99 -28.62
CA ASP A 249 62.32 -15.73 -27.22
C ASP A 249 63.07 -14.54 -26.63
N ILE A 250 63.97 -13.90 -27.38
CA ILE A 250 64.71 -12.76 -26.82
C ILE A 250 63.76 -11.66 -26.38
N TYR A 251 62.62 -11.52 -27.05
CA TYR A 251 61.71 -10.42 -26.77
C TYR A 251 60.95 -10.59 -25.46
N GLN A 252 61.18 -11.69 -24.74
CA GLN A 252 60.47 -11.90 -23.49
C GLN A 252 61.20 -11.25 -22.31
N VAL A 253 62.27 -10.49 -22.57
CA VAL A 253 63.06 -9.94 -21.49
C VAL A 253 62.62 -8.51 -21.21
N GLN A 254 62.68 -8.12 -19.93
CA GLN A 254 62.32 -6.78 -19.48
C GLN A 254 63.52 -6.18 -18.75
N ILE A 255 63.97 -5.03 -19.22
CA ILE A 255 64.97 -4.25 -18.49
C ILE A 255 64.26 -3.49 -17.38
N ALA A 256 64.76 -3.63 -16.17
CA ALA A 256 64.11 -2.99 -15.03
C ALA A 256 64.57 -1.54 -14.87
N GLY A 257 63.80 -0.78 -14.11
CA GLY A 257 64.13 0.61 -13.85
C GLY A 257 65.18 0.76 -12.76
N ASN A 258 65.82 -0.35 -12.39
CA ASN A 258 66.85 -0.34 -11.36
C ASN A 258 68.14 -0.95 -11.89
N GLY A 259 68.04 -1.76 -12.95
CA GLY A 259 69.23 -2.32 -13.58
C GLY A 259 69.22 -3.83 -13.68
N GLN A 260 68.28 -4.49 -13.03
CA GLN A 260 68.22 -5.95 -13.04
C GLN A 260 67.35 -6.43 -14.20
N THR A 261 67.77 -7.53 -14.83
CA THR A 261 67.02 -8.08 -15.94
C THR A 261 65.83 -8.86 -15.42
N TYR A 262 64.67 -8.66 -16.04
CA TYR A 262 63.39 -9.12 -15.53
C TYR A 262 62.70 -9.97 -16.59
N ILE A 263 62.29 -11.18 -16.22
CA ILE A 263 61.74 -12.13 -17.18
C ILE A 263 60.23 -11.96 -17.28
N ARG A 264 59.74 -11.85 -18.51
CA ARG A 264 58.32 -11.57 -18.73
C ARG A 264 57.45 -12.69 -18.19
N VAL A 265 56.25 -12.30 -17.73
CA VAL A 265 55.28 -13.28 -17.26
C VAL A 265 54.69 -14.04 -18.45
N ALA A 266 54.19 -15.24 -18.17
CA ALA A 266 53.86 -16.17 -19.23
C ALA A 266 52.76 -15.63 -20.15
N ASN A 267 51.73 -15.00 -19.58
CA ASN A 267 50.57 -14.62 -20.37
C ASN A 267 49.79 -13.44 -19.78
N CYS A 268 49.74 -12.32 -20.49
CA CYS A 268 48.91 -11.20 -20.05
C CYS A 268 48.25 -10.46 -21.21
N GLN A 269 48.27 -11.03 -22.42
CA GLN A 269 47.69 -10.34 -23.57
C GLN A 269 48.29 -8.96 -23.72
N THR A 270 49.57 -8.91 -24.07
CA THR A 270 50.40 -7.72 -23.92
C THR A 270 50.02 -6.65 -24.94
N VAL A 271 50.82 -5.58 -24.95
CA VAL A 271 50.74 -4.56 -25.99
C VAL A 271 51.93 -4.64 -26.93
N ARG A 272 52.94 -5.46 -26.60
CA ARG A 272 54.07 -5.82 -27.44
C ARG A 272 55.07 -4.68 -27.63
N MET A 273 54.81 -3.49 -27.12
CA MET A 273 55.71 -2.35 -27.25
C MET A 273 55.99 -1.97 -28.69
N LYS A 274 55.24 -2.55 -29.64
CA LYS A 274 55.26 -2.22 -31.07
C LYS A 274 56.56 -2.62 -31.76
N GLU A 275 57.56 -3.12 -31.02
CA GLU A 275 58.80 -3.55 -31.64
C GLU A 275 58.76 -5.02 -32.01
N GLU A 276 58.22 -5.86 -31.13
CA GLU A 276 58.10 -7.28 -31.43
C GLU A 276 57.15 -7.54 -32.58
N LYS A 277 56.07 -6.76 -32.67
CA LYS A 277 55.04 -7.02 -33.67
C LYS A 277 55.61 -6.91 -35.08
N GLU A 278 56.45 -5.91 -35.33
CA GLU A 278 56.98 -5.72 -36.68
C GLU A 278 57.81 -6.92 -37.12
N VAL A 279 58.76 -7.34 -36.28
CA VAL A 279 59.60 -8.47 -36.63
C VAL A 279 58.78 -9.75 -36.76
N LEU A 280 57.77 -9.92 -35.90
CA LEU A 280 56.95 -11.12 -36.01
C LEU A 280 56.17 -11.15 -37.31
N GLU A 281 55.53 -10.04 -37.67
CA GLU A 281 54.79 -9.99 -38.92
C GLU A 281 55.72 -10.21 -40.10
N HIS A 282 56.95 -9.67 -40.03
CA HIS A 282 57.86 -9.85 -41.14
C HIS A 282 58.30 -11.31 -41.26
N PHE A 283 58.62 -11.95 -40.14
CA PHE A 283 58.97 -13.37 -40.19
C PHE A 283 57.81 -14.20 -40.72
N ALA A 284 56.58 -13.82 -40.37
CA ALA A 284 55.42 -14.50 -40.95
C ALA A 284 55.37 -14.30 -42.45
N GLY A 285 55.64 -13.08 -42.91
CA GLY A 285 55.62 -12.79 -44.33
C GLY A 285 56.62 -13.57 -45.15
N VAL A 286 57.62 -14.16 -44.50
CA VAL A 286 58.64 -14.92 -45.24
C VAL A 286 57.97 -16.04 -46.03
N PHE A 287 57.07 -16.79 -45.39
CA PHE A 287 56.56 -18.02 -45.96
C PHE A 287 55.37 -17.81 -46.89
N THR A 288 54.79 -16.62 -46.92
CA THR A 288 53.62 -16.37 -47.75
C THR A 288 53.93 -16.44 -49.25
N MET A 289 55.20 -16.26 -49.62
CA MET A 289 55.55 -16.20 -51.04
C MET A 289 55.54 -17.57 -51.69
N MET A 290 56.05 -18.59 -51.01
CA MET A 290 56.19 -19.91 -51.63
C MET A 290 54.86 -20.43 -52.12
N ASN A 291 54.92 -21.50 -52.90
CA ASN A 291 53.72 -22.05 -53.52
C ASN A 291 52.98 -22.96 -52.54
N PRO A 292 51.70 -23.19 -52.79
CA PRO A 292 50.88 -23.90 -51.79
C PRO A 292 51.40 -25.28 -51.45
N LEU A 293 51.93 -26.03 -52.41
CA LEU A 293 52.37 -27.38 -52.10
C LEU A 293 53.56 -27.38 -51.15
N THR A 294 54.53 -26.49 -51.39
CA THR A 294 55.66 -26.40 -50.50
C THR A 294 55.23 -25.92 -49.11
N PHE A 295 54.32 -24.94 -49.06
CA PHE A 295 53.82 -24.49 -47.77
C PHE A 295 53.17 -25.64 -47.00
N LYS A 296 52.34 -26.42 -47.69
CA LYS A 296 51.68 -27.55 -47.07
C LYS A 296 52.69 -28.57 -46.56
N GLU A 297 53.70 -28.87 -47.37
CA GLU A 297 54.71 -29.84 -46.96
C GLU A 297 55.44 -29.37 -45.71
N ILE A 298 55.80 -28.09 -45.66
CA ILE A 298 56.52 -27.57 -44.50
C ILE A 298 55.65 -27.66 -43.24
N PHE A 299 54.42 -27.16 -43.32
CA PHE A 299 53.65 -27.03 -42.10
C PHE A 299 52.83 -28.25 -41.75
N GLN A 300 52.83 -29.30 -42.56
CA GLN A 300 52.28 -30.56 -42.10
C GLN A 300 53.21 -31.22 -41.09
N THR A 301 54.45 -30.75 -41.00
CA THR A 301 55.38 -31.27 -40.01
C THR A 301 55.77 -30.22 -38.98
N THR A 302 55.69 -28.94 -39.32
CA THR A 302 56.07 -27.89 -38.36
C THR A 302 55.28 -28.04 -37.06
N VAL A 303 53.96 -27.88 -37.12
CA VAL A 303 53.10 -28.13 -35.96
C VAL A 303 53.17 -29.63 -35.68
N PRO A 304 53.15 -30.07 -34.41
CA PRO A 304 52.90 -29.45 -33.11
C PRO A 304 54.02 -28.62 -32.47
N TYR A 305 55.17 -28.51 -33.13
CA TYR A 305 56.24 -27.72 -32.52
C TYR A 305 55.82 -26.28 -32.34
N MET A 306 55.13 -25.70 -33.32
CA MET A 306 54.66 -24.33 -33.21
C MET A 306 53.69 -24.17 -32.05
N VAL A 307 52.77 -25.14 -31.90
CA VAL A 307 51.81 -25.07 -30.80
C VAL A 307 52.54 -25.12 -29.46
N GLU A 308 53.52 -26.02 -29.33
CA GLU A 308 54.27 -26.09 -28.09
C GLU A 308 55.00 -24.78 -27.81
N ARG A 309 55.61 -24.19 -28.83
CA ARG A 309 56.32 -22.93 -28.63
C ARG A 309 55.37 -21.82 -28.19
N ILE A 310 54.16 -21.77 -28.77
CA ILE A 310 53.19 -20.79 -28.34
C ILE A 310 52.79 -21.01 -26.90
N SER A 311 52.68 -22.27 -26.48
CA SER A 311 52.35 -22.58 -25.10
C SER A 311 53.27 -21.85 -24.13
N LYS A 312 54.55 -21.74 -24.48
CA LYS A 312 55.52 -21.10 -23.60
C LYS A 312 55.65 -19.60 -23.85
N ASN A 313 55.45 -19.15 -25.08
CA ASN A 313 55.46 -17.71 -25.36
C ASN A 313 54.28 -17.38 -26.27
N TYR A 314 53.11 -17.17 -25.65
CA TYR A 314 51.91 -16.69 -26.34
C TYR A 314 52.19 -15.62 -27.38
N ALA A 315 53.22 -14.79 -27.20
CA ALA A 315 53.41 -13.68 -28.12
C ALA A 315 53.53 -14.14 -29.57
N LEU A 316 53.96 -15.38 -29.79
CA LEU A 316 54.11 -15.94 -31.13
C LEU A 316 52.79 -16.19 -31.82
N GLN A 317 51.66 -15.92 -31.15
CA GLN A 317 50.36 -16.13 -31.77
C GLN A 317 50.20 -15.33 -33.06
N ILE A 318 50.94 -14.22 -33.20
CA ILE A 318 50.78 -13.35 -34.36
C ILE A 318 51.26 -14.06 -35.63
N VAL A 319 52.26 -14.93 -35.51
CA VAL A 319 52.73 -15.65 -36.69
C VAL A 319 51.60 -16.46 -37.32
N ALA A 320 50.82 -17.16 -36.48
CA ALA A 320 49.69 -17.93 -37.00
C ALA A 320 48.55 -17.03 -37.41
N ASN A 321 48.30 -15.97 -36.65
CA ASN A 321 47.23 -15.04 -37.02
C ASN A 321 47.49 -14.44 -38.40
N SER A 322 48.75 -14.22 -38.75
CA SER A 322 49.06 -13.63 -40.05
C SER A 322 48.81 -14.61 -41.19
N PHE A 323 49.23 -15.87 -41.02
CA PHE A 323 48.85 -16.89 -41.99
C PHE A 323 47.34 -16.95 -42.17
N LEU A 324 46.61 -16.86 -41.06
CA LEU A 324 45.15 -16.89 -41.16
C LEU A 324 44.59 -15.69 -41.90
N ALA A 325 45.11 -14.49 -41.62
CA ALA A 325 44.60 -13.27 -42.24
C ALA A 325 44.93 -13.15 -43.72
N ASN A 326 46.10 -13.63 -44.13
CA ASN A 326 46.49 -13.46 -45.52
C ASN A 326 45.64 -14.36 -46.42
N PRO A 327 45.36 -13.95 -47.65
CA PRO A 327 44.69 -14.85 -48.59
C PRO A 327 45.67 -15.84 -49.21
N THR A 328 45.09 -16.85 -49.87
CA THR A 328 45.86 -17.80 -50.67
C THR A 328 46.63 -18.81 -49.83
N THR A 329 46.61 -18.64 -48.50
CA THR A 329 47.27 -19.57 -47.59
C THR A 329 46.45 -19.87 -46.34
N SER A 330 45.48 -19.01 -46.03
CA SER A 330 44.68 -19.18 -44.82
C SER A 330 43.95 -20.52 -44.82
N ALA A 331 43.41 -20.93 -45.96
CA ALA A 331 42.68 -22.19 -46.00
C ALA A 331 43.58 -23.36 -45.64
N LEU A 332 44.78 -23.41 -46.22
CA LEU A 332 45.70 -24.51 -45.92
C LEU A 332 46.11 -24.49 -44.44
N PHE A 333 46.44 -23.31 -43.94
CA PHE A 333 46.86 -23.24 -42.54
C PHE A 333 45.74 -23.69 -41.62
N ALA A 334 44.52 -23.23 -41.88
CA ALA A 334 43.38 -23.61 -41.04
C ALA A 334 43.12 -25.11 -41.12
N THR A 335 43.21 -25.69 -42.32
CA THR A 335 43.00 -27.12 -42.43
C THR A 335 44.00 -27.88 -41.56
N ILE A 336 45.27 -27.52 -41.65
CA ILE A 336 46.27 -28.23 -40.87
C ILE A 336 46.02 -28.06 -39.38
N LEU A 337 45.72 -26.83 -38.95
CA LEU A 337 45.58 -26.58 -37.52
C LEU A 337 44.35 -27.27 -36.95
N VAL A 338 43.24 -27.29 -37.70
CA VAL A 338 42.05 -27.98 -37.21
C VAL A 338 42.27 -29.48 -37.19
N GLU A 339 42.97 -30.02 -38.20
CA GLU A 339 43.32 -31.43 -38.15
C GLU A 339 44.02 -31.76 -36.84
N TYR A 340 45.02 -30.97 -36.47
CA TYR A 340 45.74 -31.24 -35.23
C TYR A 340 44.84 -31.09 -34.01
N LEU A 341 44.07 -30.00 -33.96
CA LEU A 341 43.24 -29.74 -32.79
C LEU A 341 42.21 -30.83 -32.57
N LEU A 342 41.56 -31.31 -33.64
CA LEU A 342 40.53 -32.33 -33.48
C LEU A 342 41.08 -33.55 -32.74
N ASP A 343 42.30 -33.97 -33.06
CA ASP A 343 42.89 -35.11 -32.38
C ASP A 343 43.38 -34.73 -31.00
N ARG A 344 43.61 -33.44 -30.73
CA ARG A 344 43.99 -33.00 -29.40
C ARG A 344 42.80 -32.49 -28.57
N LEU A 345 41.61 -33.05 -28.75
CA LEU A 345 40.45 -32.58 -27.99
C LEU A 345 40.36 -33.19 -26.61
N PRO A 346 40.52 -34.51 -26.45
CA PRO A 346 40.37 -35.11 -25.11
C PRO A 346 41.22 -34.46 -24.03
N GLU A 347 42.18 -33.61 -24.40
CA GLU A 347 43.05 -33.00 -23.41
C GLU A 347 42.55 -31.62 -22.97
N MET A 348 41.41 -31.16 -23.49
CA MET A 348 40.93 -29.84 -23.15
C MET A 348 40.19 -29.79 -21.82
N GLY A 349 39.95 -30.93 -21.19
CA GLY A 349 39.23 -30.95 -19.93
C GLY A 349 40.03 -31.52 -18.78
N SER A 350 41.28 -31.87 -19.03
CA SER A 350 42.13 -32.52 -18.04
C SER A 350 43.02 -31.56 -17.29
N ASN A 351 43.77 -30.71 -17.98
CA ASN A 351 44.56 -29.67 -17.32
C ASN A 351 44.22 -28.33 -17.94
N VAL A 352 44.45 -27.26 -17.18
CA VAL A 352 43.84 -25.98 -17.51
C VAL A 352 44.70 -25.16 -18.48
N GLU A 353 46.03 -25.17 -18.31
CA GLU A 353 46.86 -24.23 -19.04
C GLU A 353 46.76 -24.45 -20.55
N LEU A 354 46.79 -25.72 -20.98
CA LEU A 354 46.76 -26.00 -22.41
C LEU A 354 45.37 -25.78 -23.00
N SER A 355 44.33 -25.96 -22.17
CA SER A 355 42.96 -25.87 -22.68
C SER A 355 42.63 -24.46 -23.15
N ASN A 356 43.09 -23.44 -22.42
CA ASN A 356 42.83 -22.07 -22.85
C ASN A 356 43.49 -21.78 -24.19
N LEU A 357 44.73 -22.26 -24.38
CA LEU A 357 45.41 -22.05 -25.65
C LEU A 357 44.67 -22.76 -26.78
N TYR A 358 44.21 -23.99 -26.54
CA TYR A 358 43.47 -24.68 -27.58
C TYR A 358 42.18 -23.95 -27.94
N LEU A 359 41.47 -23.42 -26.93
CA LEU A 359 40.27 -22.64 -27.19
C LEU A 359 40.59 -21.40 -28.02
N LYS A 360 41.69 -20.72 -27.69
CA LYS A 360 42.06 -19.53 -28.45
C LYS A 360 42.36 -19.86 -29.91
N LEU A 361 43.05 -20.97 -30.15
CA LEU A 361 43.36 -21.35 -31.52
C LEU A 361 42.08 -21.70 -32.29
N PHE A 362 41.15 -22.42 -31.64
CA PHE A 362 39.86 -22.66 -32.28
C PHE A 362 39.16 -21.36 -32.63
N LYS A 363 39.18 -20.39 -31.71
CA LYS A 363 38.54 -19.12 -31.98
C LYS A 363 39.17 -18.42 -33.18
N LEU A 364 40.49 -18.45 -33.29
CA LEU A 364 41.15 -17.83 -34.44
C LEU A 364 40.74 -18.49 -35.75
N VAL A 365 40.67 -19.83 -35.78
CA VAL A 365 40.26 -20.48 -37.01
C VAL A 365 38.83 -20.08 -37.38
N PHE A 366 37.92 -20.10 -36.40
CA PHE A 366 36.55 -19.73 -36.69
C PHE A 366 36.46 -18.29 -37.17
N GLY A 367 37.29 -17.40 -36.62
CA GLY A 367 37.33 -16.04 -37.12
C GLY A 367 37.76 -15.96 -38.58
N SER A 368 38.84 -16.66 -38.93
CA SER A 368 39.28 -16.64 -40.32
C SER A 368 38.21 -17.14 -41.27
N VAL A 369 37.35 -18.03 -40.77
CA VAL A 369 36.23 -18.48 -41.58
C VAL A 369 35.36 -17.30 -42.00
N SER A 370 35.32 -16.25 -41.18
CA SER A 370 34.46 -15.11 -41.49
C SER A 370 35.13 -14.17 -42.48
N LEU A 371 36.45 -14.05 -42.41
CA LEU A 371 37.16 -13.24 -43.40
C LEU A 371 37.03 -13.82 -44.79
N PHE A 372 37.25 -15.14 -44.93
CA PHE A 372 37.25 -15.74 -46.27
C PHE A 372 36.14 -16.78 -46.39
N ALA A 373 34.93 -16.30 -46.68
CA ALA A 373 33.78 -17.18 -46.84
C ALA A 373 33.87 -18.04 -48.09
N ALA A 374 34.29 -17.46 -49.21
CA ALA A 374 34.28 -18.20 -50.47
C ALA A 374 35.06 -19.51 -50.38
N GLU A 375 36.09 -19.57 -49.54
CA GLU A 375 36.94 -20.74 -49.46
C GLU A 375 36.94 -21.42 -48.11
N ASN A 376 37.21 -20.71 -47.01
CA ASN A 376 37.37 -21.38 -45.74
C ASN A 376 36.14 -22.13 -45.27
N GLU A 377 35.04 -22.12 -46.03
CA GLU A 377 33.87 -22.88 -45.63
C GLU A 377 33.95 -24.33 -46.10
N GLN A 378 34.47 -24.56 -47.30
CA GLN A 378 34.57 -25.93 -47.80
C GLN A 378 35.59 -26.72 -47.02
N MET A 379 36.56 -26.05 -46.40
CA MET A 379 37.52 -26.78 -45.57
C MET A 379 36.91 -27.19 -44.25
N LEU A 380 36.09 -26.33 -43.64
CA LEU A 380 35.43 -26.66 -42.39
C LEU A 380 34.25 -27.59 -42.55
N LYS A 381 33.65 -27.65 -43.75
CA LYS A 381 32.42 -28.43 -43.90
C LYS A 381 32.55 -29.84 -43.36
N PRO A 382 33.60 -30.61 -43.68
CA PRO A 382 33.66 -32.01 -43.24
C PRO A 382 34.01 -32.20 -41.77
N HIS A 383 33.98 -31.17 -40.94
CA HIS A 383 34.41 -31.29 -39.55
C HIS A 383 33.33 -30.98 -38.53
N LEU A 384 32.31 -30.20 -38.91
CA LEU A 384 31.31 -29.76 -37.94
C LEU A 384 30.74 -30.93 -37.15
N HIS A 385 30.40 -32.02 -37.84
CA HIS A 385 29.82 -33.17 -37.14
C HIS A 385 30.71 -33.63 -36.01
N LYS A 386 31.99 -33.86 -36.29
CA LYS A 386 32.89 -34.35 -35.26
C LYS A 386 33.07 -33.31 -34.16
N ILE A 387 33.35 -32.06 -34.51
CA ILE A 387 33.51 -31.05 -33.48
C ILE A 387 32.34 -31.08 -32.51
N VAL A 388 31.13 -30.95 -33.05
CA VAL A 388 29.94 -30.80 -32.21
C VAL A 388 29.72 -32.06 -31.38
N ASN A 389 29.72 -33.24 -32.02
CA ASN A 389 29.38 -34.45 -31.28
C ASN A 389 30.44 -34.76 -30.22
N SER A 390 31.72 -34.64 -30.57
CA SER A 390 32.77 -34.96 -29.63
C SER A 390 32.75 -34.01 -28.45
N SER A 391 32.50 -32.72 -28.67
CA SER A 391 32.46 -31.80 -27.53
C SER A 391 31.38 -32.22 -26.54
N MET A 392 30.17 -32.50 -27.03
CA MET A 392 29.07 -32.85 -26.14
C MET A 392 29.32 -34.19 -25.46
N GLU A 393 30.00 -35.11 -26.13
CA GLU A 393 30.26 -36.41 -25.50
C GLU A 393 31.35 -36.31 -24.46
N LEU A 394 32.38 -35.50 -24.71
CA LEU A 394 33.50 -35.39 -23.78
C LEU A 394 33.15 -34.57 -22.56
N ALA A 395 32.34 -33.52 -22.72
CA ALA A 395 32.05 -32.63 -21.61
C ALA A 395 31.45 -33.38 -20.43
N GLN A 396 30.65 -34.41 -20.70
CA GLN A 396 29.97 -35.09 -19.60
C GLN A 396 30.84 -36.11 -18.89
N THR A 397 32.14 -36.12 -19.16
CA THR A 397 33.10 -36.88 -18.36
C THR A 397 34.33 -36.04 -18.04
N ALA A 398 34.40 -34.86 -18.64
CA ALA A 398 35.53 -33.96 -18.45
C ALA A 398 35.64 -33.54 -16.98
N LYS A 399 36.88 -33.32 -16.56
CA LYS A 399 37.13 -32.83 -15.21
C LYS A 399 36.84 -31.33 -15.12
N GLU A 400 36.76 -30.64 -16.26
CA GLU A 400 36.46 -29.22 -16.33
C GLU A 400 35.90 -28.91 -17.71
N PRO A 401 34.58 -28.92 -17.88
CA PRO A 401 33.98 -28.83 -19.22
C PRO A 401 33.60 -27.44 -19.68
N TYR A 402 33.99 -26.38 -18.97
CA TYR A 402 33.54 -25.03 -19.33
C TYR A 402 33.99 -24.65 -20.74
N ASN A 403 35.19 -25.08 -21.12
CA ASN A 403 35.74 -24.64 -22.39
C ASN A 403 35.04 -25.30 -23.57
N TYR A 404 34.47 -26.49 -23.38
CA TYR A 404 33.72 -27.11 -24.47
C TYR A 404 32.52 -26.25 -24.87
N PHE A 405 31.80 -25.74 -23.88
CA PHE A 405 30.65 -24.91 -24.20
C PHE A 405 31.08 -23.52 -24.66
N LEU A 406 32.23 -23.03 -24.20
CA LEU A 406 32.77 -21.81 -24.80
C LEU A 406 33.07 -22.01 -26.28
N LEU A 407 33.64 -23.17 -26.63
CA LEU A 407 33.91 -23.48 -28.02
C LEU A 407 32.62 -23.57 -28.82
N LEU A 408 31.59 -24.18 -28.26
CA LEU A 408 30.30 -24.24 -28.93
C LEU A 408 29.73 -22.84 -29.16
N ARG A 409 29.87 -21.96 -28.18
CA ARG A 409 29.41 -20.58 -28.36
C ARG A 409 30.14 -19.92 -29.52
N ALA A 410 31.47 -20.09 -29.58
CA ALA A 410 32.23 -19.49 -30.67
C ALA A 410 31.79 -20.03 -32.01
N LEU A 411 31.57 -21.34 -32.10
CA LEU A 411 31.13 -21.94 -33.35
C LEU A 411 29.77 -21.41 -33.77
N PHE A 412 28.84 -21.29 -32.83
CA PHE A 412 27.53 -20.76 -33.16
C PHE A 412 27.62 -19.32 -33.64
N ARG A 413 28.41 -18.49 -32.96
CA ARG A 413 28.58 -17.12 -33.43
C ARG A 413 29.10 -17.09 -34.86
N SER A 414 30.14 -17.86 -35.14
CA SER A 414 30.72 -17.83 -36.47
C SER A 414 29.73 -18.30 -37.53
N ILE A 415 28.97 -19.35 -37.25
CA ILE A 415 28.03 -19.87 -38.24
C ILE A 415 26.87 -18.89 -38.44
N GLY A 416 26.38 -18.29 -37.35
CA GLY A 416 25.25 -17.40 -37.46
C GLY A 416 25.58 -16.09 -38.14
N GLY A 417 26.79 -15.60 -37.97
CA GLY A 417 27.18 -14.37 -38.64
C GLY A 417 27.08 -14.47 -40.15
N GLY A 418 26.54 -13.44 -40.80
CA GLY A 418 26.47 -13.41 -42.24
C GLY A 418 25.39 -14.32 -42.80
N SER A 419 25.56 -14.64 -44.09
CA SER A 419 24.65 -15.53 -44.81
C SER A 419 25.51 -16.46 -45.66
N HIS A 420 25.66 -17.70 -45.19
CA HIS A 420 26.61 -18.63 -45.79
C HIS A 420 25.89 -19.77 -46.50
N ASP A 421 25.05 -20.48 -45.77
CA ASP A 421 24.16 -21.56 -46.20
C ASP A 421 24.90 -22.85 -46.50
N LEU A 422 26.21 -22.78 -46.72
CA LEU A 422 26.98 -23.99 -46.95
C LEU A 422 27.20 -24.73 -45.63
N LEU A 423 27.52 -24.00 -44.58
CA LEU A 423 27.52 -24.56 -43.25
C LEU A 423 26.12 -24.77 -42.72
N TYR A 424 25.16 -23.95 -43.15
CA TYR A 424 23.78 -24.10 -42.68
C TYR A 424 23.23 -25.47 -43.04
N GLN A 425 23.34 -25.86 -44.32
CA GLN A 425 22.81 -27.16 -44.73
C GLN A 425 23.54 -28.29 -44.00
N GLU A 426 24.86 -28.17 -43.83
CA GLU A 426 25.61 -29.19 -43.12
C GLU A 426 25.18 -29.29 -41.66
N PHE A 427 24.83 -28.17 -41.05
CA PHE A 427 24.45 -28.12 -39.64
C PHE A 427 23.04 -28.62 -39.39
N LEU A 428 22.14 -28.51 -40.37
CA LEU A 428 20.74 -28.86 -40.11
C LEU A 428 20.57 -30.21 -39.45
N PRO A 429 21.20 -31.30 -39.89
CA PRO A 429 20.89 -32.61 -39.31
C PRO A 429 21.39 -32.81 -37.89
N LEU A 430 21.95 -31.79 -37.25
CA LEU A 430 22.44 -31.93 -35.88
C LEU A 430 21.47 -31.38 -34.83
N LEU A 431 20.40 -30.71 -35.23
CA LEU A 431 19.52 -30.05 -34.28
C LEU A 431 18.87 -31.02 -33.30
N PRO A 432 18.27 -32.11 -33.76
CA PRO A 432 17.45 -32.92 -32.86
C PRO A 432 18.17 -33.37 -31.61
N ASN A 433 19.44 -33.75 -31.71
CA ASN A 433 20.17 -34.23 -30.55
C ASN A 433 20.82 -33.11 -29.77
N LEU A 434 21.34 -32.11 -30.47
CA LEU A 434 21.98 -30.98 -29.80
C LEU A 434 20.98 -30.25 -28.90
N LEU A 435 19.79 -29.94 -29.43
CA LEU A 435 18.80 -29.25 -28.63
C LEU A 435 18.36 -30.07 -27.43
N GLN A 436 18.16 -31.38 -27.60
CA GLN A 436 17.74 -32.21 -26.50
C GLN A 436 18.80 -32.26 -25.40
N GLY A 437 20.06 -32.41 -25.78
CA GLY A 437 21.12 -32.40 -24.78
C GLY A 437 21.20 -31.07 -24.04
N LEU A 438 21.09 -29.97 -24.79
CA LEU A 438 21.13 -28.66 -24.14
C LEU A 438 19.97 -28.48 -23.19
N ASN A 439 18.78 -28.95 -23.57
CA ASN A 439 17.62 -28.82 -22.71
C ASN A 439 17.82 -29.60 -21.41
N MET A 440 18.32 -30.83 -21.50
CA MET A 440 18.58 -31.59 -20.27
C MET A 440 19.61 -30.87 -19.40
N LEU A 441 20.70 -30.40 -20.00
CA LEU A 441 21.72 -29.71 -19.22
C LEU A 441 21.14 -28.50 -18.50
N GLN A 442 20.42 -27.65 -19.22
CA GLN A 442 19.92 -26.43 -18.61
C GLN A 442 18.84 -26.72 -17.58
N SER A 443 18.13 -27.85 -17.69
CA SER A 443 17.17 -28.19 -16.65
C SER A 443 17.87 -28.70 -15.39
N GLY A 444 19.02 -29.35 -15.54
CA GLY A 444 19.74 -29.85 -14.38
C GLY A 444 20.18 -28.74 -13.44
N LEU A 445 20.75 -29.17 -12.30
CA LEU A 445 21.30 -28.24 -11.31
C LEU A 445 22.78 -28.00 -11.58
N HIS A 446 23.19 -26.73 -11.56
CA HIS A 446 24.55 -26.36 -11.90
C HIS A 446 24.91 -25.05 -11.22
N LYS A 447 26.17 -24.65 -11.37
CA LYS A 447 26.60 -23.34 -10.90
C LYS A 447 26.11 -22.25 -11.85
N GLN A 448 26.24 -21.00 -11.39
CA GLN A 448 25.55 -19.91 -12.06
C GLN A 448 26.12 -19.62 -13.43
N HIS A 449 27.45 -19.52 -13.54
CA HIS A 449 28.05 -19.19 -14.82
C HIS A 449 27.84 -20.31 -15.84
N MET A 450 27.71 -21.55 -15.37
CA MET A 450 27.41 -22.64 -16.29
C MET A 450 25.96 -22.61 -16.75
N LYS A 451 25.03 -22.32 -15.83
CA LYS A 451 23.63 -22.25 -16.22
C LYS A 451 23.39 -21.10 -17.18
N ASP A 452 24.06 -19.97 -16.97
CA ASP A 452 23.92 -18.86 -17.91
C ASP A 452 24.37 -19.26 -19.31
N LEU A 453 25.51 -19.95 -19.39
CA LEU A 453 25.99 -20.42 -20.69
C LEU A 453 25.02 -21.40 -21.33
N PHE A 454 24.46 -22.32 -20.53
CA PHE A 454 23.49 -23.26 -21.08
C PHE A 454 22.28 -22.51 -21.66
N VAL A 455 21.74 -21.54 -20.93
CA VAL A 455 20.58 -20.81 -21.41
C VAL A 455 20.93 -20.04 -22.67
N GLU A 456 22.10 -19.39 -22.70
CA GLU A 456 22.52 -18.65 -23.88
C GLU A 456 22.62 -19.58 -25.09
N LEU A 457 23.21 -20.75 -24.90
CA LEU A 457 23.34 -21.69 -26.00
C LEU A 457 21.98 -22.17 -26.48
N CYS A 458 21.05 -22.42 -25.56
CA CYS A 458 19.72 -22.86 -25.96
C CYS A 458 18.99 -21.79 -26.75
N LEU A 459 19.17 -20.52 -26.39
CA LEU A 459 18.42 -19.45 -27.05
C LEU A 459 19.07 -18.91 -28.30
N THR A 460 20.38 -19.12 -28.48
CA THR A 460 21.06 -18.47 -29.61
C THR A 460 21.60 -19.47 -30.62
N VAL A 461 20.82 -20.50 -30.95
CA VAL A 461 21.23 -21.44 -31.99
C VAL A 461 21.09 -20.75 -33.35
N PRO A 462 22.07 -20.90 -34.26
CA PRO A 462 22.06 -20.12 -35.51
C PRO A 462 21.24 -20.78 -36.61
N VAL A 463 19.93 -20.81 -36.43
CA VAL A 463 19.01 -21.43 -37.38
C VAL A 463 17.76 -20.56 -37.47
N ARG A 464 17.08 -20.62 -38.61
CA ARG A 464 15.90 -19.81 -38.79
C ARG A 464 14.67 -20.47 -38.16
N LEU A 465 13.65 -19.65 -37.91
CA LEU A 465 12.44 -20.14 -37.26
C LEU A 465 11.74 -21.20 -38.10
N SER A 466 11.74 -21.06 -39.43
CA SER A 466 11.11 -22.07 -40.27
C SER A 466 11.72 -23.44 -40.03
N SER A 467 13.05 -23.51 -39.93
CA SER A 467 13.71 -24.78 -39.67
C SER A 467 13.61 -25.19 -38.20
N LEU A 468 13.32 -24.26 -37.30
CA LEU A 468 13.15 -24.58 -35.89
C LEU A 468 11.74 -25.02 -35.54
N LEU A 469 10.84 -25.10 -36.52
CA LEU A 469 9.42 -25.27 -36.24
C LEU A 469 9.10 -26.53 -35.43
N PRO A 470 9.60 -27.71 -35.81
CA PRO A 470 9.17 -28.93 -35.13
C PRO A 470 9.82 -29.16 -33.78
N TYR A 471 10.54 -28.19 -33.22
CA TYR A 471 11.20 -28.33 -31.92
C TYR A 471 10.86 -27.16 -31.00
N LEU A 472 9.74 -26.49 -31.26
CA LEU A 472 9.34 -25.35 -30.46
C LEU A 472 9.24 -25.70 -28.98
N PRO A 473 8.66 -26.84 -28.62
CA PRO A 473 8.59 -27.19 -27.18
C PRO A 473 9.94 -27.25 -26.51
N MET A 474 11.01 -27.55 -27.25
CA MET A 474 12.32 -27.70 -26.63
C MET A 474 12.93 -26.34 -26.31
N LEU A 475 12.30 -25.25 -26.75
CA LEU A 475 12.82 -23.91 -26.51
C LEU A 475 12.02 -23.13 -25.47
N MET A 476 11.05 -23.76 -24.80
CA MET A 476 10.15 -23.02 -23.93
C MET A 476 10.67 -22.93 -22.51
N ASP A 477 11.18 -24.03 -21.94
CA ASP A 477 11.77 -23.96 -20.61
C ASP A 477 12.95 -23.00 -20.56
N PRO A 478 13.91 -23.05 -21.49
CA PRO A 478 15.01 -22.07 -21.44
C PRO A 478 14.54 -20.64 -21.53
N LEU A 479 13.46 -20.36 -22.25
CA LEU A 479 12.94 -19.00 -22.30
C LEU A 479 12.54 -18.51 -20.92
N VAL A 480 11.78 -19.34 -20.19
CA VAL A 480 11.39 -18.99 -18.83
C VAL A 480 12.62 -18.82 -17.96
N SER A 481 13.57 -19.74 -18.07
CA SER A 481 14.78 -19.64 -17.25
C SER A 481 15.54 -18.36 -17.53
N ALA A 482 15.60 -17.94 -18.78
CA ALA A 482 16.28 -16.70 -19.13
C ALA A 482 15.56 -15.51 -18.54
N LEU A 483 14.22 -15.52 -18.58
CA LEU A 483 13.48 -14.37 -18.06
C LEU A 483 13.58 -14.24 -16.55
N ASN A 484 14.09 -15.25 -15.85
CA ASN A 484 14.29 -15.16 -14.40
C ASN A 484 15.78 -15.11 -14.04
N GLY A 485 16.62 -14.61 -14.93
CA GLY A 485 18.05 -14.60 -14.71
C GLY A 485 18.66 -13.21 -14.67
N SER A 486 19.91 -13.10 -15.10
CA SER A 486 20.60 -11.82 -15.11
C SER A 486 20.05 -10.92 -16.21
N GLN A 487 20.61 -9.71 -16.30
CA GLN A 487 20.07 -8.71 -17.22
C GLN A 487 20.27 -9.11 -18.68
N THR A 488 21.47 -9.62 -19.01
CA THR A 488 21.72 -10.02 -20.39
C THR A 488 20.83 -11.19 -20.79
N LEU A 489 20.65 -12.15 -19.89
CA LEU A 489 19.74 -13.25 -20.17
C LEU A 489 18.32 -12.74 -20.35
N VAL A 490 17.87 -11.80 -19.52
CA VAL A 490 16.52 -11.26 -19.66
C VAL A 490 16.35 -10.61 -21.02
N SER A 491 17.34 -9.81 -21.43
CA SER A 491 17.25 -9.15 -22.73
C SER A 491 17.20 -10.17 -23.86
N GLN A 492 18.04 -11.22 -23.79
CA GLN A 492 18.04 -12.22 -24.84
C GLN A 492 16.70 -12.97 -24.89
N GLY A 493 16.15 -13.29 -23.72
CA GLY A 493 14.87 -13.97 -23.69
C GLY A 493 13.76 -13.11 -24.28
N LEU A 494 13.74 -11.82 -23.94
CA LEU A 494 12.75 -10.93 -24.52
C LEU A 494 12.89 -10.83 -26.02
N ARG A 495 14.14 -10.72 -26.50
CA ARG A 495 14.37 -10.70 -27.94
C ARG A 495 13.80 -11.95 -28.61
N THR A 496 14.09 -13.12 -28.06
CA THR A 496 13.61 -14.36 -28.67
C THR A 496 12.09 -14.46 -28.64
N LEU A 497 11.49 -14.09 -27.51
CA LEU A 497 10.03 -14.16 -27.39
C LEU A 497 9.37 -13.21 -28.38
N GLU A 498 9.90 -12.01 -28.54
CA GLU A 498 9.32 -11.08 -29.50
C GLU A 498 9.50 -11.57 -30.93
N LEU A 499 10.65 -12.16 -31.24
CA LEU A 499 10.83 -12.75 -32.56
C LEU A 499 9.77 -13.81 -32.83
N CYS A 500 9.55 -14.71 -31.88
CA CYS A 500 8.55 -15.75 -32.08
C CYS A 500 7.16 -15.15 -32.26
N VAL A 501 6.82 -14.15 -31.45
CA VAL A 501 5.46 -13.59 -31.50
C VAL A 501 5.22 -12.87 -32.83
N ASP A 502 6.24 -12.20 -33.36
CA ASP A 502 6.04 -11.43 -34.58
C ASP A 502 5.87 -12.35 -35.79
N ASN A 503 6.45 -13.54 -35.75
CA ASN A 503 6.51 -14.39 -36.94
C ASN A 503 5.45 -15.48 -36.94
N LEU A 504 5.25 -16.14 -35.80
CA LEU A 504 4.32 -17.26 -35.78
C LEU A 504 2.88 -16.77 -35.74
N GLN A 505 1.96 -17.69 -36.00
CA GLN A 505 0.55 -17.38 -35.87
C GLN A 505 0.14 -17.40 -34.40
N PRO A 506 -0.83 -16.57 -34.01
CA PRO A 506 -1.23 -16.54 -32.59
C PRO A 506 -1.76 -17.87 -32.10
N ASP A 507 -2.69 -18.48 -32.83
CA ASP A 507 -3.24 -19.76 -32.41
C ASP A 507 -2.17 -20.83 -32.34
N PHE A 508 -1.29 -20.88 -33.34
CA PHE A 508 -0.22 -21.86 -33.34
C PHE A 508 0.69 -21.69 -32.13
N LEU A 509 1.10 -20.47 -31.83
CA LEU A 509 2.05 -20.26 -30.74
C LEU A 509 1.38 -20.46 -29.38
N TYR A 510 0.08 -20.20 -29.27
CA TYR A 510 -0.60 -20.40 -28.00
C TYR A 510 -0.55 -21.87 -27.58
N ASP A 511 -0.86 -22.78 -28.50
CA ASP A 511 -0.87 -24.20 -28.17
C ASP A 511 0.51 -24.68 -27.75
N HIS A 512 1.57 -23.99 -28.16
CA HIS A 512 2.92 -24.45 -27.87
C HIS A 512 3.44 -23.85 -26.58
N ILE A 513 3.02 -22.63 -26.25
CA ILE A 513 3.43 -22.05 -24.97
C ILE A 513 2.49 -22.54 -23.87
N GLN A 514 1.44 -23.27 -24.24
CA GLN A 514 0.47 -23.74 -23.27
C GLN A 514 1.09 -24.41 -22.05
N PRO A 515 2.06 -25.31 -22.21
CA PRO A 515 2.56 -26.06 -21.05
C PRO A 515 3.31 -25.21 -20.03
N VAL A 516 3.62 -23.96 -20.34
CA VAL A 516 4.42 -23.15 -19.43
C VAL A 516 3.82 -21.77 -19.21
N ARG A 517 2.52 -21.62 -19.46
CA ARG A 517 1.91 -20.30 -19.44
C ARG A 517 2.02 -19.62 -18.07
N ALA A 518 1.78 -20.35 -16.99
CA ALA A 518 1.81 -19.72 -15.68
C ALA A 518 3.14 -19.06 -15.43
N GLU A 519 4.23 -19.81 -15.63
CA GLU A 519 5.57 -19.27 -15.42
C GLU A 519 5.89 -18.15 -16.39
N LEU A 520 5.52 -18.31 -17.67
CA LEU A 520 5.83 -17.27 -18.65
C LEU A 520 5.16 -15.96 -18.28
N MET A 521 3.86 -16.00 -17.96
CA MET A 521 3.14 -14.78 -17.64
C MET A 521 3.63 -14.18 -16.33
N GLN A 522 3.94 -15.00 -15.33
CA GLN A 522 4.45 -14.45 -14.09
C GLN A 522 5.81 -13.79 -14.28
N ALA A 523 6.69 -14.40 -15.07
CA ALA A 523 7.98 -13.78 -15.35
C ALA A 523 7.80 -12.46 -16.10
N LEU A 524 6.91 -12.44 -17.09
CA LEU A 524 6.67 -11.20 -17.82
C LEU A 524 6.12 -10.12 -16.90
N TRP A 525 5.18 -10.46 -16.02
CA TRP A 525 4.65 -9.48 -15.09
C TRP A 525 5.72 -8.98 -14.12
N ARG A 526 6.67 -9.84 -13.74
CA ARG A 526 7.74 -9.38 -12.88
C ARG A 526 8.72 -8.48 -13.63
N THR A 527 8.89 -8.70 -14.93
CA THR A 527 9.82 -7.86 -15.69
C THR A 527 9.40 -6.41 -15.73
N LEU A 528 8.12 -6.11 -15.47
CA LEU A 528 7.68 -4.72 -15.51
C LEU A 528 8.19 -3.94 -14.31
N ARG A 529 8.74 -4.61 -13.31
CA ARG A 529 9.32 -3.97 -12.15
C ARG A 529 10.84 -3.89 -12.23
N ASN A 530 11.40 -3.96 -13.43
CA ASN A 530 12.84 -3.89 -13.60
C ASN A 530 13.28 -2.43 -13.69
N PRO A 531 14.32 -2.03 -12.97
CA PRO A 531 14.73 -0.62 -13.03
C PRO A 531 15.14 -0.15 -14.41
N ALA A 532 15.69 -1.03 -15.24
CA ALA A 532 16.19 -0.60 -16.54
C ALA A 532 15.05 -0.47 -17.54
N ASP A 533 14.83 0.76 -18.02
CA ASP A 533 13.75 1.01 -18.96
C ASP A 533 13.88 0.19 -20.23
N SER A 534 15.12 -0.06 -20.67
CA SER A 534 15.37 -0.83 -21.88
C SER A 534 14.84 -2.26 -21.77
N ILE A 535 14.45 -2.69 -20.59
CA ILE A 535 13.85 -4.00 -20.39
C ILE A 535 12.34 -3.91 -20.23
N SER A 536 11.89 -2.99 -19.36
CA SER A 536 10.46 -2.88 -19.08
C SER A 536 9.68 -2.44 -20.31
N HIS A 537 10.25 -1.54 -21.12
CA HIS A 537 9.53 -1.10 -22.31
C HIS A 537 9.34 -2.25 -23.29
N VAL A 538 10.37 -3.06 -23.48
CA VAL A 538 10.25 -4.21 -24.37
C VAL A 538 9.24 -5.20 -23.81
N ALA A 539 9.27 -5.41 -22.50
CA ALA A 539 8.30 -6.31 -21.88
C ALA A 539 6.88 -5.83 -22.13
N TYR A 540 6.63 -4.53 -21.95
CA TYR A 540 5.30 -3.99 -22.16
C TYR A 540 4.86 -4.11 -23.60
N ARG A 541 5.76 -3.85 -24.54
CA ARG A 541 5.43 -4.01 -25.95
C ARG A 541 5.06 -5.46 -26.26
N VAL A 542 5.84 -6.41 -25.74
CA VAL A 542 5.55 -7.82 -26.00
C VAL A 542 4.21 -8.21 -25.39
N LEU A 543 3.95 -7.77 -24.15
CA LEU A 543 2.66 -8.05 -23.54
C LEU A 543 1.52 -7.51 -24.38
N GLY A 544 1.67 -6.30 -24.90
CA GLY A 544 0.64 -5.75 -25.75
C GLY A 544 0.43 -6.59 -26.99
N LYS A 545 1.51 -7.06 -27.60
CA LYS A 545 1.37 -7.80 -28.85
C LYS A 545 0.67 -9.14 -28.65
N PHE A 546 0.69 -9.70 -27.44
CA PHE A 546 -0.01 -10.96 -27.21
C PHE A 546 -1.51 -10.80 -27.38
N GLY A 547 -2.07 -9.68 -26.89
CA GLY A 547 -3.50 -9.46 -26.97
C GLY A 547 -4.23 -9.95 -25.75
N GLY A 548 -5.47 -10.38 -25.92
CA GLY A 548 -6.26 -10.83 -24.79
C GLY A 548 -5.64 -12.01 -24.08
N SER A 549 -4.94 -12.86 -24.83
CA SER A 549 -4.33 -14.05 -24.25
C SER A 549 -3.30 -13.72 -23.19
N ASN A 550 -2.97 -12.44 -23.00
CA ASN A 550 -2.05 -12.05 -21.95
C ASN A 550 -2.69 -12.04 -20.58
N ARG A 551 -4.01 -12.25 -20.48
CA ARG A 551 -4.69 -12.17 -19.20
C ARG A 551 -5.74 -13.27 -19.06
N LYS A 552 -5.54 -14.41 -19.70
CA LYS A 552 -6.46 -15.53 -19.53
C LYS A 552 -6.23 -16.19 -18.17
N MET A 553 -7.25 -16.89 -17.70
CA MET A 553 -7.17 -17.56 -16.41
C MET A 553 -6.02 -18.55 -16.41
N LEU A 554 -5.20 -18.49 -15.35
CA LEU A 554 -4.15 -19.48 -15.16
C LEU A 554 -4.67 -20.59 -14.26
N LYS A 555 -4.62 -21.82 -14.78
CA LYS A 555 -5.02 -22.96 -13.96
C LYS A 555 -4.08 -23.13 -12.77
N GLU A 556 -2.78 -23.01 -13.01
CA GLU A 556 -1.78 -23.05 -11.95
C GLU A 556 -1.64 -21.65 -11.37
N SER A 557 -2.50 -21.33 -10.41
CA SER A 557 -2.57 -19.97 -9.90
C SER A 557 -1.27 -19.58 -9.19
N GLN A 558 -1.20 -18.32 -8.79
CA GLN A 558 -0.02 -17.79 -8.12
C GLN A 558 0.09 -18.35 -6.71
N LYS A 559 1.31 -18.41 -6.20
CA LYS A 559 1.54 -19.00 -4.89
C LYS A 559 1.71 -17.92 -3.82
N LEU A 560 1.44 -18.31 -2.58
CA LEU A 560 1.40 -17.40 -1.45
C LEU A 560 2.36 -17.88 -0.38
N HIS A 561 2.97 -16.93 0.32
N HIS A 561 2.94 -16.93 0.34
CA HIS A 561 3.85 -17.25 1.43
CA HIS A 561 3.85 -17.24 1.42
C HIS A 561 3.04 -17.42 2.71
C HIS A 561 3.09 -17.41 2.74
N TYR A 562 3.14 -18.61 3.31
CA TYR A 562 2.35 -18.93 4.49
C TYR A 562 3.25 -19.43 5.60
N VAL A 563 2.92 -19.04 6.81
CA VAL A 563 3.67 -19.40 8.02
C VAL A 563 2.97 -20.57 8.68
N VAL A 564 3.74 -21.61 9.00
CA VAL A 564 3.20 -22.85 9.51
C VAL A 564 3.51 -23.08 10.98
N THR A 565 3.73 -22.03 11.75
CA THR A 565 4.03 -22.19 13.17
C THR A 565 3.68 -20.91 13.91
N GLU A 566 3.33 -21.05 15.18
CA GLU A 566 3.08 -19.89 16.03
C GLU A 566 4.19 -19.67 17.05
N VAL A 567 5.10 -20.63 17.21
CA VAL A 567 6.24 -20.45 18.11
C VAL A 567 7.14 -19.37 17.54
N GLN A 568 7.57 -18.46 18.40
CA GLN A 568 8.40 -17.35 17.96
C GLN A 568 9.87 -17.76 17.90
N GLY A 569 10.59 -17.17 16.95
CA GLY A 569 12.00 -17.41 16.82
C GLY A 569 12.76 -16.87 18.02
N PRO A 570 14.07 -17.12 18.04
CA PRO A 570 14.89 -16.62 19.15
C PRO A 570 15.12 -15.12 19.04
N SER A 571 15.50 -14.50 20.16
CA SER A 571 15.64 -13.06 20.23
C SER A 571 16.61 -12.68 21.34
N ILE A 572 16.92 -11.39 21.41
CA ILE A 572 17.86 -10.83 22.38
C ILE A 572 17.12 -9.85 23.27
N THR A 573 17.58 -9.71 24.51
CA THR A 573 16.96 -8.82 25.47
C THR A 573 17.68 -7.49 25.50
N VAL A 574 16.91 -6.40 25.49
CA VAL A 574 17.45 -5.04 25.53
C VAL A 574 16.70 -4.27 26.60
N GLU A 575 17.43 -3.47 27.38
CA GLU A 575 16.84 -2.74 28.49
C GLU A 575 16.75 -1.25 28.16
N PHE A 576 15.74 -0.62 28.75
CA PHE A 576 15.52 0.82 28.59
C PHE A 576 15.31 1.39 29.99
N SER A 577 16.39 1.84 30.63
CA SER A 577 16.28 2.30 32.00
C SER A 577 15.28 3.45 32.14
N ASP A 578 15.16 4.28 31.11
CA ASP A 578 14.31 5.47 31.20
C ASP A 578 12.84 5.10 31.39
N CYS A 579 12.45 3.89 31.01
CA CYS A 579 11.08 3.42 31.18
C CYS A 579 10.98 2.19 32.06
N LYS A 580 12.09 1.60 32.46
CA LYS A 580 12.10 0.53 33.45
C LYS A 580 11.46 -0.74 32.90
N ALA A 581 11.85 -1.10 31.68
CA ALA A 581 11.32 -2.28 31.02
C ALA A 581 12.29 -2.72 29.93
N SER A 582 12.03 -3.89 29.38
CA SER A 582 12.90 -4.49 28.36
C SER A 582 12.05 -5.06 27.24
N LEU A 583 12.72 -5.40 26.14
CA LEU A 583 12.07 -5.90 24.94
C LEU A 583 12.71 -7.22 24.53
N GLN A 584 12.34 -7.68 23.34
CA GLN A 584 12.96 -8.84 22.71
C GLN A 584 13.17 -8.51 21.24
N LEU A 585 14.42 -8.52 20.81
CA LEU A 585 14.74 -8.19 19.44
C LEU A 585 14.87 -9.48 18.62
N PRO A 586 13.97 -9.74 17.67
CA PRO A 586 14.06 -10.99 16.89
C PRO A 586 15.30 -11.03 16.03
N MET A 587 15.78 -12.25 15.77
CA MET A 587 17.08 -12.47 15.15
C MET A 587 17.01 -13.31 13.88
N GLU A 588 15.84 -13.87 13.56
CA GLU A 588 15.72 -14.77 12.42
C GLU A 588 16.15 -14.08 11.13
N LYS A 589 15.60 -12.90 10.86
CA LYS A 589 15.92 -12.21 9.61
C LYS A 589 17.34 -11.67 9.59
N ALA A 590 17.84 -11.22 10.74
CA ALA A 590 19.20 -10.73 10.80
C ALA A 590 20.21 -11.84 10.50
N ILE A 591 19.98 -13.04 11.02
CA ILE A 591 20.89 -14.14 10.74
C ILE A 591 20.91 -14.46 9.25
N GLU A 592 19.74 -14.49 8.62
CA GLU A 592 19.68 -14.76 7.19
C GLU A 592 20.41 -13.69 6.39
N THR A 593 20.19 -12.42 6.75
CA THR A 593 20.86 -11.34 6.04
C THR A 593 22.37 -11.45 6.17
N ALA A 594 22.86 -11.75 7.38
CA ALA A 594 24.29 -11.91 7.59
C ALA A 594 24.85 -13.07 6.78
N LEU A 595 24.15 -14.20 6.78
CA LEU A 595 24.62 -15.36 6.02
C LEU A 595 24.70 -15.03 4.54
N ASP A 596 23.69 -14.35 4.00
CA ASP A 596 23.71 -13.99 2.59
C ASP A 596 24.84 -13.01 2.28
N CYS A 597 25.08 -12.04 3.16
CA CYS A 597 26.18 -11.12 2.93
C CYS A 597 27.52 -11.84 2.95
N LEU A 598 27.67 -12.84 3.81
CA LEU A 598 28.92 -13.60 3.83
C LEU A 598 29.07 -14.44 2.56
N LYS A 599 28.00 -15.08 2.11
CA LYS A 599 28.08 -15.91 0.92
C LYS A 599 28.39 -15.07 -0.33
N SER A 600 27.75 -13.92 -0.47
CA SER A 600 27.89 -13.16 -1.71
C SER A 600 29.33 -12.73 -1.92
N ALA A 601 29.68 -12.49 -3.19
CA ALA A 601 31.02 -12.02 -3.54
C ALA A 601 31.05 -10.52 -3.79
N ASN A 602 29.91 -9.91 -4.11
CA ASN A 602 29.85 -8.47 -4.30
C ASN A 602 29.86 -7.70 -2.99
N THR A 603 29.65 -8.37 -1.86
CA THR A 603 29.65 -7.70 -0.57
C THR A 603 30.99 -7.01 -0.34
N GLU A 604 31.03 -6.14 0.66
CA GLU A 604 32.23 -5.38 0.95
C GLU A 604 32.83 -5.79 2.28
N PRO A 605 34.14 -5.60 2.47
CA PRO A 605 34.78 -6.06 3.71
C PRO A 605 34.18 -5.46 4.97
N TYR A 606 33.77 -4.20 4.95
CA TYR A 606 33.19 -3.59 6.15
C TYR A 606 31.93 -4.33 6.57
N TYR A 607 31.03 -4.58 5.62
CA TYR A 607 29.80 -5.27 5.95
C TYR A 607 30.05 -6.75 6.26
N ARG A 608 31.07 -7.34 5.66
CA ARG A 608 31.44 -8.70 6.04
C ARG A 608 31.83 -8.77 7.50
N ARG A 609 32.64 -7.82 7.95
CA ARG A 609 33.02 -7.79 9.36
C ARG A 609 31.80 -7.55 10.25
N GLN A 610 30.89 -6.68 9.83
CA GLN A 610 29.69 -6.45 10.63
C GLN A 610 28.85 -7.71 10.74
N ALA A 611 28.71 -8.46 9.64
CA ALA A 611 27.96 -9.71 9.68
C ALA A 611 28.64 -10.72 10.60
N TRP A 612 29.97 -10.80 10.54
CA TRP A 612 30.68 -11.70 11.44
C TRP A 612 30.42 -11.34 12.89
N GLU A 613 30.41 -10.04 13.20
CA GLU A 613 30.13 -9.61 14.57
C GLU A 613 28.73 -10.00 15.00
N VAL A 614 27.74 -9.81 14.11
CA VAL A 614 26.37 -10.18 14.43
C VAL A 614 26.27 -11.67 14.73
N ILE A 615 26.87 -12.49 13.88
CA ILE A 615 26.78 -13.93 14.06
C ILE A 615 27.47 -14.36 15.35
N LYS A 616 28.65 -13.80 15.63
CA LYS A 616 29.36 -14.16 16.85
C LYS A 616 28.55 -13.78 18.08
N CYS A 617 27.95 -12.60 18.08
CA CYS A 617 27.15 -12.20 19.23
C CYS A 617 25.96 -13.12 19.42
N PHE A 618 25.28 -13.51 18.33
CA PHE A 618 24.17 -14.44 18.47
C PHE A 618 24.62 -15.78 19.06
N LEU A 619 25.72 -16.32 18.53
CA LEU A 619 26.20 -17.61 19.04
C LEU A 619 26.63 -17.53 20.48
N VAL A 620 27.16 -16.39 20.91
CA VAL A 620 27.50 -16.24 22.32
C VAL A 620 26.24 -16.14 23.16
N ALA A 621 25.25 -15.36 22.74
CA ALA A 621 24.05 -15.19 23.52
C ALA A 621 23.27 -16.49 23.68
N MET A 622 23.37 -17.39 22.71
CA MET A 622 22.63 -18.64 22.79
C MET A 622 23.43 -19.79 23.41
N MET A 623 23.97 -19.61 24.60
CA MET A 623 24.66 -20.71 25.27
C MET A 623 24.88 -20.34 26.74
N SER A 624 24.97 -21.38 27.57
CA SER A 624 24.89 -21.18 29.01
C SER A 624 26.04 -20.32 29.55
N LEU A 625 27.27 -20.84 29.48
CA LEU A 625 28.44 -20.18 30.05
C LEU A 625 28.36 -20.12 31.58
N GLU A 626 28.03 -21.24 32.20
CA GLU A 626 27.94 -21.36 33.66
C GLU A 626 28.68 -22.60 34.14
N ASP A 627 29.90 -22.79 33.66
CA ASP A 627 30.74 -23.92 34.03
C ASP A 627 31.97 -23.42 34.78
N ASN A 628 32.28 -24.05 35.91
CA ASN A 628 33.47 -23.69 36.66
C ASN A 628 34.67 -24.46 36.16
N LYS A 629 35.83 -23.81 36.23
CA LYS A 629 37.08 -24.48 35.88
C LYS A 629 37.28 -25.74 36.71
N HIS A 630 36.74 -25.75 37.93
N HIS A 630 36.74 -25.77 37.92
CA HIS A 630 36.95 -26.88 38.83
CA HIS A 630 36.97 -26.91 38.79
C HIS A 630 35.84 -27.91 38.68
C HIS A 630 35.84 -27.92 38.69
N ALA A 631 34.60 -27.46 38.50
CA ALA A 631 33.51 -28.38 38.27
C ALA A 631 33.73 -29.19 37.00
N LEU A 632 34.18 -28.53 35.93
CA LEU A 632 34.41 -29.22 34.67
C LEU A 632 35.41 -30.35 34.85
N TYR A 633 36.51 -30.09 35.58
CA TYR A 633 37.50 -31.14 35.79
C TYR A 633 36.96 -32.24 36.70
N GLN A 634 36.32 -31.88 37.81
CA GLN A 634 35.80 -32.90 38.71
C GLN A 634 34.82 -33.80 37.98
N LEU A 635 34.13 -33.28 36.96
CA LEU A 635 33.25 -34.13 36.17
C LEU A 635 34.04 -34.99 35.20
N LEU A 636 34.80 -34.37 34.30
CA LEU A 636 35.41 -35.13 33.22
C LEU A 636 36.41 -36.15 33.75
N ALA A 637 36.96 -35.94 34.94
CA ALA A 637 37.92 -36.88 35.48
C ALA A 637 37.25 -37.92 36.38
N HIS A 638 36.20 -38.56 35.88
CA HIS A 638 35.54 -39.61 36.63
C HIS A 638 35.96 -40.98 36.11
N PRO A 639 36.05 -42.02 36.94
CA PRO A 639 36.48 -43.33 36.43
C PRO A 639 35.57 -43.89 35.35
N ASN A 640 34.31 -43.46 35.29
CA ASN A 640 33.40 -44.01 34.30
C ASN A 640 33.89 -43.75 32.88
N PHE A 641 34.26 -42.51 32.56
CA PHE A 641 34.58 -42.14 31.20
C PHE A 641 35.70 -42.98 30.61
N THR A 642 36.49 -43.66 31.44
CA THR A 642 37.60 -44.45 30.96
C THR A 642 37.50 -45.93 31.34
N GLU A 643 36.50 -46.33 32.11
CA GLU A 643 36.41 -47.77 32.39
C GLU A 643 35.05 -48.37 32.10
N LYS A 644 33.98 -47.60 32.14
CA LYS A 644 32.66 -48.19 31.95
C LYS A 644 32.39 -48.46 30.48
N THR A 645 31.70 -49.56 30.24
CA THR A 645 31.36 -49.94 28.87
C THR A 645 30.46 -48.88 28.25
N ILE A 646 30.68 -48.61 26.98
CA ILE A 646 29.88 -47.60 26.27
C ILE A 646 28.61 -48.26 25.75
N PRO A 647 27.44 -47.64 25.91
CA PRO A 647 26.21 -48.25 25.38
C PRO A 647 26.15 -48.12 23.87
N ASN A 648 25.76 -49.21 23.20
CA ASN A 648 25.68 -49.23 21.74
C ASN A 648 24.29 -48.76 21.33
N VAL A 649 24.16 -47.45 21.20
CA VAL A 649 22.92 -46.81 20.79
C VAL A 649 23.13 -46.14 19.44
N ILE A 650 22.09 -46.16 18.62
CA ILE A 650 22.15 -45.64 17.26
C ILE A 650 21.38 -44.33 17.23
N ILE A 651 21.96 -43.33 16.59
CA ILE A 651 21.27 -42.07 16.33
C ILE A 651 20.96 -42.00 14.85
N SER A 652 19.67 -41.91 14.53
CA SER A 652 19.23 -41.80 13.14
C SER A 652 18.32 -40.60 13.03
N HIS A 653 18.45 -39.86 11.93
CA HIS A 653 17.60 -38.70 11.71
C HIS A 653 16.37 -39.02 10.91
N ARG A 654 16.03 -40.30 10.76
CA ARG A 654 14.72 -40.67 10.25
C ARG A 654 13.64 -40.33 11.26
N TYR A 655 13.97 -40.42 12.54
CA TYR A 655 13.05 -40.11 13.61
C TYR A 655 12.99 -38.62 13.93
N LYS A 656 13.64 -37.80 13.11
CA LYS A 656 13.67 -36.35 13.34
C LYS A 656 12.47 -35.69 12.67
N ALA A 657 11.81 -34.83 13.43
CA ALA A 657 10.64 -34.11 12.91
C ALA A 657 11.09 -32.87 12.13
N GLN A 658 10.11 -32.04 11.78
CA GLN A 658 10.41 -30.80 11.09
C GLN A 658 11.22 -29.87 11.99
N ASP A 659 12.19 -29.18 11.39
CA ASP A 659 13.07 -28.33 12.17
C ASP A 659 12.29 -27.16 12.74
N THR A 660 12.60 -26.82 13.99
CA THR A 660 12.01 -25.65 14.63
C THR A 660 12.72 -24.39 14.16
N PRO A 661 12.11 -23.22 14.35
CA PRO A 661 12.80 -21.98 13.98
C PRO A 661 14.13 -21.80 14.67
N ALA A 662 14.23 -22.17 15.94
CA ALA A 662 15.50 -22.03 16.65
C ALA A 662 16.56 -22.92 16.05
N ARG A 663 16.21 -24.16 15.72
CA ARG A 663 17.19 -25.06 15.13
C ARG A 663 17.63 -24.58 13.76
N LYS A 664 16.70 -24.08 12.95
CA LYS A 664 17.07 -23.51 11.66
C LYS A 664 18.01 -22.33 11.82
N THR A 665 17.72 -21.45 12.77
CA THR A 665 18.57 -20.30 13.02
C THR A 665 19.97 -20.73 13.44
N PHE A 666 20.06 -21.73 14.32
CA PHE A 666 21.38 -22.17 14.77
C PHE A 666 22.16 -22.81 13.63
N GLU A 667 21.49 -23.60 12.79
CA GLU A 667 22.16 -24.15 11.62
C GLU A 667 22.76 -23.03 10.78
N GLN A 668 21.96 -22.01 10.49
CA GLN A 668 22.45 -20.93 9.63
C GLN A 668 23.59 -20.18 10.29
N ALA A 669 23.50 -19.93 11.59
CA ALA A 669 24.55 -19.19 12.28
C ALA A 669 25.86 -19.97 12.28
N LEU A 670 25.79 -21.28 12.56
CA LEU A 670 26.99 -22.09 12.53
C LEU A 670 27.58 -22.18 11.14
N THR A 671 26.73 -22.26 10.10
CA THR A 671 27.24 -22.24 8.74
C THR A 671 27.98 -20.93 8.46
N GLY A 672 27.40 -19.81 8.89
CA GLY A 672 28.05 -18.52 8.69
C GLY A 672 29.39 -18.42 9.40
N ALA A 673 29.48 -18.97 10.61
CA ALA A 673 30.75 -18.93 11.34
C ALA A 673 31.85 -19.66 10.56
N PHE A 674 31.56 -20.87 10.10
CA PHE A 674 32.51 -21.57 9.25
C PHE A 674 32.87 -20.76 8.02
N MET A 675 31.87 -20.24 7.31
CA MET A 675 32.15 -19.44 6.12
C MET A 675 33.11 -18.31 6.44
N SER A 676 32.90 -17.62 7.56
CA SER A 676 33.82 -16.56 7.97
C SER A 676 35.21 -17.11 8.23
N ALA A 677 35.31 -18.33 8.75
CA ALA A 677 36.61 -18.86 9.14
C ALA A 677 37.50 -19.11 7.93
N VAL A 678 36.95 -19.05 6.71
CA VAL A 678 37.77 -19.35 5.53
C VAL A 678 38.05 -18.09 4.72
N ILE A 679 37.52 -16.94 5.14
CA ILE A 679 37.78 -15.71 4.42
C ILE A 679 39.11 -15.12 4.87
N LYS A 680 39.86 -14.57 3.92
CA LYS A 680 41.22 -14.12 4.22
C LYS A 680 41.22 -13.00 5.24
N ASP A 681 40.28 -12.06 5.14
CA ASP A 681 40.33 -10.88 5.99
C ASP A 681 39.87 -11.18 7.41
N LEU A 682 39.09 -12.25 7.60
CA LEU A 682 38.48 -12.55 8.88
C LEU A 682 39.08 -13.77 9.56
N ARG A 683 39.92 -14.53 8.86
CA ARG A 683 40.48 -15.75 9.41
C ARG A 683 41.11 -15.54 10.78
N PRO A 684 41.94 -14.51 10.97
CA PRO A 684 42.71 -14.40 12.22
C PRO A 684 41.85 -14.35 13.47
N SER A 685 40.61 -13.89 13.38
CA SER A 685 39.74 -13.80 14.54
C SER A 685 38.72 -14.92 14.61
N ALA A 686 38.40 -15.53 13.47
CA ALA A 686 37.38 -16.56 13.43
C ALA A 686 37.93 -17.96 13.65
N LEU A 687 39.08 -18.28 13.08
CA LEU A 687 39.54 -19.68 13.12
C LEU A 687 39.67 -20.21 14.55
N PRO A 688 40.39 -19.57 15.47
CA PRO A 688 40.44 -20.08 16.84
C PRO A 688 39.09 -20.10 17.53
N PHE A 689 38.25 -19.11 17.23
CA PHE A 689 36.90 -19.09 17.80
C PHE A 689 36.12 -20.33 17.39
N VAL A 690 36.18 -20.68 16.10
CA VAL A 690 35.47 -21.86 15.63
C VAL A 690 36.04 -23.12 16.25
N ALA A 691 37.37 -23.20 16.35
CA ALA A 691 37.96 -24.39 16.97
C ALA A 691 37.47 -24.58 18.39
N SER A 692 37.50 -23.51 19.18
CA SER A 692 37.06 -23.62 20.57
C SER A 692 35.56 -23.89 20.68
N LEU A 693 34.76 -23.32 19.79
CA LEU A 693 33.32 -23.59 19.81
C LEU A 693 33.03 -25.05 19.48
N ILE A 694 33.78 -25.62 18.53
CA ILE A 694 33.62 -27.04 18.22
C ILE A 694 34.00 -27.88 19.42
N ARG A 695 35.10 -27.53 20.10
CA ARG A 695 35.46 -28.22 21.32
C ARG A 695 34.31 -28.20 22.33
N HIS A 696 33.73 -27.01 22.54
CA HIS A 696 32.62 -26.87 23.48
C HIS A 696 31.46 -27.80 23.13
N TYR A 697 31.05 -27.78 21.86
CA TYR A 697 29.92 -28.60 21.46
C TYR A 697 30.22 -30.09 21.64
N THR A 698 31.42 -30.52 21.27
CA THR A 698 31.77 -31.92 21.42
C THR A 698 31.77 -32.33 22.89
N MET A 699 32.29 -31.47 23.77
CA MET A 699 32.31 -31.79 25.19
C MET A 699 30.89 -31.89 25.74
N VAL A 700 30.00 -30.99 25.32
CA VAL A 700 28.61 -31.06 25.77
C VAL A 700 27.99 -32.38 25.35
N ALA A 701 28.19 -32.77 24.09
CA ALA A 701 27.61 -34.02 23.60
C ALA A 701 28.18 -35.22 24.36
N VAL A 702 29.49 -35.22 24.61
CA VAL A 702 30.11 -36.34 25.30
C VAL A 702 29.55 -36.45 26.72
N ALA A 703 29.44 -35.33 27.43
CA ALA A 703 28.87 -35.37 28.77
C ALA A 703 27.45 -35.90 28.74
N GLN A 704 26.65 -35.47 27.77
CA GLN A 704 25.27 -35.95 27.70
C GLN A 704 25.21 -37.45 27.42
N GLN A 705 26.09 -37.96 26.56
CA GLN A 705 25.89 -39.31 26.03
C GLN A 705 26.63 -40.39 26.79
N CYS A 706 27.71 -40.07 27.52
CA CYS A 706 28.39 -41.10 28.29
C CYS A 706 28.66 -40.56 29.69
N GLY A 707 29.38 -41.35 30.48
CA GLY A 707 29.76 -40.96 31.81
C GLY A 707 28.76 -41.42 32.86
N PRO A 708 28.87 -40.86 34.06
CA PRO A 708 27.96 -41.27 35.14
C PRO A 708 26.57 -40.66 35.03
N PHE A 709 26.47 -39.43 34.55
CA PHE A 709 25.18 -38.76 34.41
C PHE A 709 24.77 -38.79 32.95
N LEU A 710 24.18 -39.91 32.52
CA LEU A 710 23.60 -40.02 31.20
C LEU A 710 22.26 -39.30 31.16
N LEU A 711 21.77 -39.07 29.95
CA LEU A 711 20.38 -38.70 29.78
C LEU A 711 19.54 -39.95 29.62
N PRO A 712 18.26 -39.90 29.99
CA PRO A 712 17.45 -41.14 29.95
C PRO A 712 17.32 -41.73 28.56
N CYS A 713 17.53 -40.94 27.51
CA CYS A 713 17.37 -41.41 26.15
C CYS A 713 18.65 -42.01 25.56
N TYR A 714 19.72 -42.13 26.34
CA TYR A 714 20.97 -42.71 25.88
C TYR A 714 21.38 -43.93 26.69
N GLN A 715 20.47 -44.49 27.47
CA GLN A 715 20.80 -45.59 28.36
C GLN A 715 20.75 -46.92 27.58
N VAL A 716 21.19 -47.99 28.22
CA VAL A 716 21.30 -49.27 27.55
C VAL A 716 19.93 -49.73 27.06
N GLY A 717 19.92 -50.36 25.88
CA GLY A 717 18.70 -50.91 25.33
C GLY A 717 17.72 -49.90 24.78
N SER A 718 18.05 -48.61 24.83
CA SER A 718 17.16 -47.59 24.30
C SER A 718 17.27 -47.56 22.78
N GLN A 719 16.25 -47.02 22.15
CA GLN A 719 16.10 -47.04 20.70
C GLN A 719 16.18 -45.62 20.15
N PRO A 720 16.47 -45.48 18.85
CA PRO A 720 16.42 -44.14 18.24
C PRO A 720 15.03 -43.55 18.43
N SER A 721 14.99 -42.26 18.75
CA SER A 721 13.74 -41.61 19.11
C SER A 721 13.79 -40.14 18.69
N THR A 722 12.68 -39.46 18.94
CA THR A 722 12.60 -38.04 18.64
C THR A 722 13.19 -37.19 19.75
N ALA A 723 13.39 -37.76 20.94
CA ALA A 723 13.89 -36.99 22.07
C ALA A 723 15.35 -36.58 21.90
N MET A 724 16.04 -37.12 20.89
CA MET A 724 17.44 -36.80 20.71
C MET A 724 17.61 -35.44 20.03
N PHE A 725 16.53 -34.88 19.51
CA PHE A 725 16.60 -33.61 18.80
C PHE A 725 15.71 -32.58 19.47
N HIS A 726 15.94 -31.32 19.12
CA HIS A 726 15.13 -30.22 19.63
C HIS A 726 13.88 -30.11 18.77
N SER A 727 12.80 -30.72 19.26
CA SER A 727 11.55 -30.76 18.53
C SER A 727 10.51 -29.87 19.19
N GLU A 728 9.34 -29.81 18.56
CA GLU A 728 8.24 -29.03 19.09
C GLU A 728 7.48 -29.78 20.16
N GLU A 729 7.22 -31.07 19.96
CA GLU A 729 6.36 -31.82 20.86
C GLU A 729 7.11 -32.48 22.00
N ASN A 730 8.02 -33.40 21.69
CA ASN A 730 8.72 -34.14 22.74
C ASN A 730 10.14 -33.62 22.91
N GLY A 731 10.95 -33.71 21.86
CA GLY A 731 12.22 -33.05 21.81
C GLY A 731 13.13 -33.32 23.02
N SER A 732 14.22 -32.57 23.04
CA SER A 732 15.14 -32.54 24.16
C SER A 732 14.87 -31.32 25.03
N LYS A 733 15.54 -31.26 26.17
CA LYS A 733 15.26 -30.19 27.12
C LYS A 733 15.71 -28.83 26.57
N GLY A 734 16.92 -28.74 26.07
CA GLY A 734 17.38 -27.53 25.42
C GLY A 734 17.67 -27.80 23.96
N MET A 735 18.54 -26.99 23.36
CA MET A 735 19.07 -27.35 22.06
C MET A 735 19.97 -28.55 22.19
N ASP A 736 20.09 -29.30 21.12
CA ASP A 736 20.97 -30.45 21.12
C ASP A 736 22.30 -30.11 20.48
N PRO A 737 23.39 -30.74 20.93
CA PRO A 737 24.70 -30.46 20.32
C PRO A 737 24.88 -31.06 18.93
N LEU A 738 23.88 -31.75 18.40
CA LEU A 738 24.01 -32.44 17.12
C LEU A 738 23.84 -31.51 15.93
N VAL A 739 23.34 -30.29 16.12
CA VAL A 739 23.16 -29.38 15.00
C VAL A 739 24.50 -28.97 14.41
N LEU A 740 25.58 -29.16 15.17
CA LEU A 740 26.91 -28.92 14.63
C LEU A 740 27.19 -29.83 13.43
N ILE A 741 26.78 -31.09 13.52
CA ILE A 741 26.97 -32.01 12.41
C ILE A 741 26.18 -31.55 11.19
N ASP A 742 24.96 -31.04 11.41
CA ASP A 742 24.17 -30.54 10.29
C ASP A 742 24.85 -29.35 9.63
N ALA A 743 25.41 -28.44 10.43
CA ALA A 743 26.12 -27.31 9.85
C ALA A 743 27.36 -27.77 9.08
N ILE A 744 28.07 -28.75 9.61
CA ILE A 744 29.24 -29.28 8.91
C ILE A 744 28.82 -29.89 7.58
N ALA A 745 27.71 -30.63 7.56
CA ALA A 745 27.22 -31.21 6.32
C ALA A 745 26.84 -30.12 5.32
N ILE A 746 26.20 -29.07 5.80
CA ILE A 746 25.88 -27.93 4.93
C ILE A 746 27.15 -27.39 4.28
N CYS A 747 28.19 -27.18 5.08
CA CYS A 747 29.44 -26.67 4.54
C CYS A 747 30.05 -27.63 3.53
N MET A 748 30.01 -28.93 3.82
CA MET A 748 30.54 -29.92 2.89
C MET A 748 29.81 -29.87 1.55
N ALA A 749 28.48 -29.80 1.58
CA ALA A 749 27.69 -29.88 0.36
C ALA A 749 27.59 -28.55 -0.38
N TYR A 750 27.99 -27.45 0.24
CA TYR A 750 27.96 -26.17 -0.44
C TYR A 750 28.67 -26.25 -1.79
N GLU A 751 28.33 -25.32 -2.68
CA GLU A 751 28.84 -25.40 -4.05
C GLU A 751 30.21 -24.76 -4.20
N GLU A 752 30.74 -24.20 -3.12
CA GLU A 752 32.12 -23.73 -3.11
C GLU A 752 32.95 -24.77 -2.39
N LYS A 753 33.98 -25.29 -3.05
CA LYS A 753 34.68 -26.44 -2.52
C LYS A 753 35.79 -26.05 -1.56
N GLU A 754 35.93 -24.77 -1.23
CA GLU A 754 36.90 -24.36 -0.24
C GLU A 754 36.48 -24.77 1.16
N LEU A 755 35.18 -24.99 1.39
CA LEU A 755 34.68 -25.27 2.72
C LEU A 755 34.89 -26.71 3.16
N CYS A 756 35.20 -27.61 2.23
CA CYS A 756 35.52 -28.97 2.65
C CYS A 756 36.76 -28.98 3.55
N LYS A 757 37.68 -28.04 3.33
CA LYS A 757 38.88 -27.99 4.17
C LYS A 757 38.54 -27.66 5.61
N ILE A 758 37.69 -26.65 5.82
CA ILE A 758 37.28 -26.33 7.18
C ILE A 758 36.45 -27.46 7.77
N GLY A 759 35.67 -28.15 6.94
CA GLY A 759 34.96 -29.32 7.44
C GLY A 759 35.88 -30.40 7.96
N GLU A 760 36.95 -30.68 7.22
CA GLU A 760 37.94 -31.65 7.67
C GLU A 760 38.61 -31.19 8.96
N VAL A 761 38.91 -29.89 9.06
CA VAL A 761 39.50 -29.36 10.29
C VAL A 761 38.56 -29.61 11.47
N ALA A 762 37.27 -29.35 11.28
CA ALA A 762 36.31 -29.54 12.35
C ALA A 762 36.23 -31.00 12.76
N LEU A 763 36.21 -31.91 11.78
CA LEU A 763 36.16 -33.32 12.10
C LEU A 763 37.38 -33.77 12.87
N ALA A 764 38.57 -33.28 12.49
CA ALA A 764 39.78 -33.62 13.22
C ALA A 764 39.69 -33.13 14.66
N VAL A 765 39.21 -31.90 14.86
CA VAL A 765 39.07 -31.38 16.21
C VAL A 765 38.13 -32.25 17.04
N ILE A 766 36.99 -32.63 16.45
CA ILE A 766 36.02 -33.44 17.19
C ILE A 766 36.66 -34.75 17.62
N PHE A 767 37.34 -35.43 16.69
CA PHE A 767 37.93 -36.71 17.01
C PHE A 767 38.99 -36.56 18.09
N ASP A 768 39.81 -35.51 18.01
CA ASP A 768 40.87 -35.31 19.00
C ASP A 768 40.28 -35.10 20.39
N VAL A 769 39.26 -34.25 20.50
CA VAL A 769 38.66 -33.99 21.80
C VAL A 769 38.05 -35.27 22.38
N ALA A 770 37.31 -36.01 21.56
CA ALA A 770 36.70 -37.24 22.05
C ALA A 770 37.76 -38.23 22.51
N SER A 771 38.83 -38.40 21.72
CA SER A 771 39.88 -39.34 22.09
C SER A 771 40.56 -38.91 23.38
N ILE A 772 40.85 -37.63 23.55
CA ILE A 772 41.48 -37.20 24.80
C ILE A 772 40.58 -37.51 25.98
N ILE A 773 39.28 -37.21 25.88
CA ILE A 773 38.41 -37.37 27.04
C ILE A 773 38.24 -38.84 27.39
N LEU A 774 38.20 -39.72 26.38
CA LEU A 774 37.88 -41.12 26.68
C LEU A 774 39.11 -42.02 26.81
N GLY A 775 40.26 -41.61 26.30
CA GLY A 775 41.41 -42.51 26.25
C GLY A 775 41.21 -43.55 25.17
N SER A 776 42.28 -44.04 24.55
CA SER A 776 42.14 -45.20 23.69
C SER A 776 41.18 -44.95 22.52
N LYS A 777 41.66 -44.25 21.47
CA LYS A 777 40.81 -43.92 20.34
C LYS A 777 39.76 -44.98 20.04
N GLU A 778 40.12 -46.27 20.15
CA GLU A 778 39.15 -47.34 20.02
C GLU A 778 37.83 -46.98 20.70
N ARG A 779 37.89 -46.56 21.96
CA ARG A 779 36.66 -46.22 22.67
C ARG A 779 35.98 -44.99 22.09
N ALA A 780 36.73 -44.08 21.48
CA ALA A 780 36.14 -42.82 21.02
C ALA A 780 35.09 -43.07 19.95
N CYS A 781 35.41 -43.88 18.95
CA CYS A 781 34.49 -44.08 17.84
C CYS A 781 33.32 -44.98 18.20
N GLN A 782 33.20 -45.39 19.47
CA GLN A 782 32.06 -46.19 19.89
C GLN A 782 30.88 -45.34 20.35
N LEU A 783 30.99 -44.01 20.27
CA LEU A 783 29.92 -43.15 20.71
C LEU A 783 28.86 -43.02 19.62
N PRO A 784 27.60 -42.74 19.99
CA PRO A 784 26.57 -42.50 18.97
C PRO A 784 26.81 -41.28 18.11
N LEU A 785 27.65 -40.35 18.57
CA LEU A 785 27.97 -39.19 17.74
C LEU A 785 28.52 -39.62 16.39
N PHE A 786 29.35 -40.66 16.37
CA PHE A 786 29.97 -41.07 15.12
C PHE A 786 28.97 -41.78 14.21
N SER A 787 28.04 -42.54 14.77
CA SER A 787 26.98 -43.11 13.94
C SER A 787 26.16 -42.01 13.29
N TYR A 788 25.83 -40.97 14.05
CA TYR A 788 25.10 -39.86 13.45
C TYR A 788 25.93 -39.17 12.38
N ILE A 789 27.23 -38.99 12.63
CA ILE A 789 28.11 -38.37 11.64
C ILE A 789 28.09 -39.19 10.36
N VAL A 790 28.23 -40.50 10.46
CA VAL A 790 28.24 -41.35 9.27
C VAL A 790 26.93 -41.19 8.50
N GLU A 791 25.80 -41.30 9.20
CA GLU A 791 24.52 -41.19 8.52
C GLU A 791 24.39 -39.85 7.81
N ARG A 792 24.69 -38.76 8.52
CA ARG A 792 24.41 -37.43 7.99
C ARG A 792 25.37 -37.06 6.87
N LEU A 793 26.58 -37.62 6.88
CA LEU A 793 27.50 -37.32 5.79
C LEU A 793 27.24 -38.19 4.57
N CYS A 794 26.92 -39.47 4.75
CA CYS A 794 26.55 -40.29 3.61
C CYS A 794 25.24 -39.82 3.00
N ALA A 795 24.41 -39.12 3.76
CA ALA A 795 23.19 -38.57 3.20
C ALA A 795 23.45 -37.61 2.06
N CYS A 796 24.60 -36.94 2.05
CA CYS A 796 24.86 -35.94 1.00
C CYS A 796 25.05 -36.59 -0.36
N CYS A 797 25.41 -37.87 -0.39
CA CYS A 797 25.62 -38.54 -1.67
C CYS A 797 24.32 -38.72 -2.43
N TYR A 798 23.21 -38.85 -1.73
CA TYR A 798 21.92 -39.03 -2.37
C TYR A 798 21.28 -37.71 -2.78
N GLU A 799 21.93 -36.58 -2.53
CA GLU A 799 21.42 -35.31 -3.03
C GLU A 799 21.49 -35.29 -4.54
N GLN A 800 20.85 -34.27 -5.13
CA GLN A 800 20.74 -34.21 -6.58
C GLN A 800 21.96 -33.54 -7.20
N ALA A 801 22.55 -32.58 -6.53
CA ALA A 801 23.62 -31.78 -7.11
C ALA A 801 24.95 -32.53 -7.10
N TRP A 802 25.69 -32.38 -8.21
CA TRP A 802 26.98 -33.07 -8.31
C TRP A 802 27.94 -32.56 -7.25
N TYR A 803 27.85 -31.28 -6.88
CA TYR A 803 28.76 -30.76 -5.87
C TYR A 803 28.41 -31.27 -4.47
N ALA A 804 27.12 -31.43 -4.17
CA ALA A 804 26.76 -32.09 -2.92
C ALA A 804 27.27 -33.52 -2.89
N LYS A 805 27.14 -34.24 -4.00
CA LYS A 805 27.67 -35.59 -4.07
C LYS A 805 29.17 -35.60 -3.86
N LEU A 806 29.88 -34.66 -4.48
CA LEU A 806 31.33 -34.58 -4.33
C LEU A 806 31.72 -34.31 -2.89
N GLY A 807 30.98 -33.42 -2.21
CA GLY A 807 31.26 -33.17 -0.81
C GLY A 807 31.07 -34.42 0.04
N GLY A 808 29.99 -35.16 -0.21
CA GLY A 808 29.81 -36.43 0.50
C GLY A 808 30.96 -37.40 0.25
N VAL A 809 31.41 -37.48 -1.00
CA VAL A 809 32.51 -38.38 -1.32
C VAL A 809 33.78 -37.97 -0.59
N VAL A 810 34.05 -36.67 -0.53
CA VAL A 810 35.24 -36.18 0.16
C VAL A 810 35.16 -36.51 1.65
N SER A 811 33.98 -36.34 2.24
CA SER A 811 33.83 -36.69 3.65
C SER A 811 34.09 -38.17 3.89
N ILE A 812 33.57 -39.02 3.01
CA ILE A 812 33.82 -40.44 3.14
C ILE A 812 35.31 -40.73 3.05
N LYS A 813 36.00 -40.10 2.10
CA LYS A 813 37.43 -40.30 1.97
C LYS A 813 38.17 -39.91 3.25
N PHE A 814 37.83 -38.77 3.83
CA PHE A 814 38.51 -38.33 5.05
C PHE A 814 38.31 -39.33 6.18
N LEU A 815 37.06 -39.72 6.43
CA LEU A 815 36.78 -40.64 7.52
C LEU A 815 37.37 -42.01 7.29
N MET A 816 37.45 -42.46 6.04
CA MET A 816 38.00 -43.78 5.76
C MET A 816 39.44 -43.89 6.21
N GLU A 817 40.17 -42.78 6.21
CA GLU A 817 41.60 -42.83 6.48
C GLU A 817 41.91 -42.46 7.92
N ARG A 818 41.18 -41.50 8.50
CA ARG A 818 41.58 -41.03 9.83
C ARG A 818 41.23 -42.01 10.93
N LEU A 819 40.09 -42.69 10.84
CA LEU A 819 39.59 -43.46 11.97
C LEU A 819 40.08 -44.91 11.92
N PRO A 820 39.88 -45.67 12.99
CA PRO A 820 40.50 -47.00 13.09
C PRO A 820 39.84 -48.05 12.21
N LEU A 821 40.57 -49.17 12.10
CA LEU A 821 40.20 -50.22 11.15
C LEU A 821 38.92 -50.94 11.55
N THR A 822 38.71 -51.20 12.84
CA THR A 822 37.51 -51.93 13.24
C THR A 822 36.26 -51.13 12.90
N TRP A 823 36.33 -49.81 13.02
CA TRP A 823 35.20 -48.95 12.69
C TRP A 823 35.01 -48.85 11.18
N VAL A 824 36.11 -48.70 10.45
CA VAL A 824 36.03 -48.69 9.00
C VAL A 824 35.39 -49.98 8.49
N LEU A 825 35.75 -51.11 9.09
CA LEU A 825 35.19 -52.38 8.66
C LEU A 825 33.69 -52.42 8.88
N GLN A 826 33.22 -51.90 10.01
CA GLN A 826 31.79 -51.95 10.31
C GLN A 826 31.00 -51.04 9.38
N ASN A 827 31.61 -49.96 8.89
CA ASN A 827 30.89 -49.03 8.02
C ASN A 827 31.22 -49.20 6.53
N GLN A 828 32.04 -50.21 6.20
CA GLN A 828 32.41 -50.44 4.80
C GLN A 828 31.19 -50.59 3.90
N GLN A 829 30.17 -51.33 4.32
CA GLN A 829 29.05 -51.57 3.42
C GLN A 829 28.27 -50.28 3.12
N THR A 830 28.04 -49.45 4.13
CA THR A 830 27.40 -48.17 3.90
C THR A 830 28.21 -47.32 2.93
N PHE A 831 29.53 -47.29 3.12
CA PHE A 831 30.35 -46.50 2.21
C PHE A 831 30.28 -47.03 0.78
N LEU A 832 30.32 -48.35 0.62
CA LEU A 832 30.23 -48.95 -0.70
C LEU A 832 28.92 -48.58 -1.38
N LYS A 833 27.82 -48.68 -0.66
CA LYS A 833 26.52 -48.35 -1.25
C LYS A 833 26.45 -46.88 -1.65
N ALA A 834 26.95 -45.98 -0.81
CA ALA A 834 26.94 -44.58 -1.17
C ALA A 834 27.74 -44.31 -2.43
N LEU A 835 28.94 -44.90 -2.53
CA LEU A 835 29.78 -44.66 -3.69
C LEU A 835 29.14 -45.20 -4.96
N LEU A 836 28.57 -46.41 -4.89
CA LEU A 836 27.90 -46.96 -6.05
C LEU A 836 26.70 -46.13 -6.47
N PHE A 837 25.94 -45.61 -5.51
CA PHE A 837 24.82 -44.74 -5.87
C PHE A 837 25.30 -43.50 -6.58
N VAL A 838 26.37 -42.88 -6.09
CA VAL A 838 26.89 -41.70 -6.77
C VAL A 838 27.24 -42.04 -8.21
N MET A 839 27.99 -43.13 -8.41
CA MET A 839 28.37 -43.52 -9.77
C MET A 839 27.15 -43.73 -10.66
N MET A 840 26.16 -44.49 -10.17
CA MET A 840 24.99 -44.79 -10.98
C MET A 840 24.21 -43.54 -11.32
N ASP A 841 24.03 -42.63 -10.35
CA ASP A 841 23.16 -41.49 -10.57
C ASP A 841 23.82 -40.43 -11.45
N LEU A 842 25.14 -40.33 -11.44
CA LEU A 842 25.77 -39.28 -12.23
C LEU A 842 26.03 -39.66 -13.69
N THR A 843 25.32 -40.65 -14.22
CA THR A 843 25.57 -41.09 -15.59
C THR A 843 24.80 -40.24 -16.59
N GLY A 844 25.47 -39.89 -17.69
CA GLY A 844 24.84 -39.11 -18.72
C GLY A 844 24.65 -37.65 -18.37
N GLU A 845 25.49 -37.10 -17.51
CA GLU A 845 25.33 -35.75 -17.02
C GLU A 845 26.71 -35.14 -16.77
N VAL A 846 26.77 -33.82 -16.75
CA VAL A 846 28.02 -33.12 -16.48
C VAL A 846 28.35 -33.28 -15.00
N SER A 847 29.29 -34.17 -14.70
CA SER A 847 29.75 -34.40 -13.33
C SER A 847 31.24 -34.09 -13.30
N ASN A 848 31.59 -32.95 -12.69
CA ASN A 848 32.92 -32.38 -12.83
C ASN A 848 33.91 -33.20 -12.00
N GLY A 849 34.22 -34.38 -12.50
CA GLY A 849 35.20 -35.24 -11.86
C GLY A 849 34.69 -36.02 -10.67
N ALA A 850 33.39 -35.89 -10.37
CA ALA A 850 32.82 -36.61 -9.23
C ALA A 850 32.90 -38.12 -9.43
N VAL A 851 32.63 -38.60 -10.64
CA VAL A 851 32.67 -40.04 -10.89
C VAL A 851 34.08 -40.58 -10.73
N ALA A 852 35.07 -39.86 -11.26
CA ALA A 852 36.46 -40.28 -11.09
C ALA A 852 36.86 -40.29 -9.62
N MET A 853 36.46 -39.25 -8.87
CA MET A 853 36.77 -39.21 -7.45
C MET A 853 36.15 -40.40 -6.73
N ALA A 854 34.90 -40.73 -7.06
CA ALA A 854 34.23 -41.86 -6.45
C ALA A 854 34.93 -43.18 -6.78
N LYS A 855 35.35 -43.37 -8.03
CA LYS A 855 36.07 -44.59 -8.38
C LYS A 855 37.35 -44.72 -7.58
N THR A 856 38.11 -43.64 -7.47
CA THR A 856 39.37 -43.70 -6.73
C THR A 856 39.10 -44.01 -5.26
N THR A 857 38.08 -43.38 -4.68
CA THR A 857 37.77 -43.62 -3.27
C THR A 857 37.34 -45.06 -3.05
N LEU A 858 36.53 -45.62 -3.95
CA LEU A 858 36.12 -47.01 -3.82
C LEU A 858 37.31 -47.95 -3.88
N GLU A 859 38.22 -47.71 -4.82
CA GLU A 859 39.40 -48.56 -4.91
C GLU A 859 40.22 -48.50 -3.62
N GLN A 860 40.44 -47.29 -3.09
CA GLN A 860 41.20 -47.17 -1.85
C GLN A 860 40.50 -47.84 -0.68
N LEU A 861 39.17 -47.70 -0.58
CA LEU A 861 38.45 -48.31 0.51
C LEU A 861 38.58 -49.83 0.48
N LEU A 862 38.31 -50.43 -0.69
CA LEU A 862 38.46 -51.86 -0.81
C LEU A 862 39.89 -52.33 -0.57
N MET A 863 40.88 -51.56 -1.00
CA MET A 863 42.26 -51.93 -0.74
C MET A 863 42.56 -51.93 0.75
N ARG A 864 42.10 -50.91 1.48
CA ARG A 864 42.44 -50.81 2.89
C ARG A 864 41.71 -51.86 3.73
N CYS A 865 40.46 -52.17 3.39
CA CYS A 865 39.67 -53.02 4.27
C CYS A 865 40.07 -54.49 4.14
N ALA A 866 40.73 -54.86 3.05
CA ALA A 866 40.93 -56.26 2.72
C ALA A 866 42.35 -56.77 2.96
N THR A 867 43.33 -55.89 3.11
CA THR A 867 44.71 -56.35 3.27
C THR A 867 44.80 -57.31 4.44
N PRO A 868 45.44 -58.47 4.29
CA PRO A 868 45.45 -59.44 5.39
C PRO A 868 46.24 -58.94 6.58
N LEU A 869 45.81 -59.35 7.77
CA LEU A 869 46.44 -58.92 9.01
C LEU A 869 47.61 -59.84 9.35
N LYS A 870 48.62 -59.26 9.98
CA LYS A 870 49.84 -59.98 10.31
C LYS A 870 49.74 -60.57 11.71
N ASP A 871 50.80 -61.30 12.09
CA ASP A 871 50.77 -62.08 13.32
C ASP A 871 50.63 -61.19 14.55
N GLU A 872 51.30 -60.05 14.55
CA GLU A 872 51.24 -59.16 15.70
C GLU A 872 49.81 -58.69 15.95
N GLU A 873 49.09 -58.34 14.90
CA GLU A 873 47.78 -57.72 15.03
C GLU A 873 46.62 -58.71 14.92
N ARG A 874 46.88 -59.98 14.64
CA ARG A 874 45.76 -60.93 14.59
C ARG A 874 45.10 -61.04 15.96
N ALA A 875 43.91 -60.46 16.09
CA ALA A 875 43.14 -60.52 17.32
C ALA A 875 41.75 -61.08 17.04
N GLU A 876 41.16 -61.65 18.08
CA GLU A 876 39.93 -62.41 17.92
C GLU A 876 38.79 -61.56 17.35
N GLU A 877 38.59 -60.36 17.89
CA GLU A 877 37.48 -59.52 17.46
C GLU A 877 37.67 -58.98 16.06
N ILE A 878 38.87 -58.48 15.76
CA ILE A 878 39.10 -57.88 14.46
C ILE A 878 39.05 -58.93 13.36
N VAL A 879 39.48 -60.15 13.64
CA VAL A 879 39.43 -61.19 12.61
C VAL A 879 37.98 -61.45 12.21
N ALA A 880 37.09 -61.61 13.18
CA ALA A 880 35.68 -61.85 12.88
C ALA A 880 35.06 -60.65 12.19
N ALA A 881 35.44 -59.44 12.62
CA ALA A 881 34.92 -58.25 11.96
C ALA A 881 35.30 -58.23 10.48
N GLN A 882 36.56 -58.54 10.17
CA GLN A 882 36.99 -58.58 8.79
C GLN A 882 36.22 -59.65 8.01
N GLU A 883 36.01 -60.81 8.62
CA GLU A 883 35.27 -61.87 7.94
C GLU A 883 33.87 -61.39 7.56
N LYS A 884 33.15 -60.82 8.52
CA LYS A 884 31.78 -60.37 8.25
C LYS A 884 31.76 -59.27 7.18
N SER A 885 32.68 -58.32 7.27
CA SER A 885 32.70 -57.24 6.28
C SER A 885 32.98 -57.77 4.89
N PHE A 886 33.94 -58.69 4.76
CA PHE A 886 34.23 -59.28 3.47
C PHE A 886 33.02 -60.01 2.91
N HIS A 887 32.34 -60.79 3.74
CA HIS A 887 31.15 -61.50 3.28
C HIS A 887 30.14 -60.53 2.68
N HIS A 888 29.78 -59.48 3.42
CA HIS A 888 28.77 -58.55 2.92
C HIS A 888 29.22 -57.81 1.67
N VAL A 889 30.47 -57.34 1.65
CA VAL A 889 30.95 -56.57 0.50
C VAL A 889 30.94 -57.43 -0.76
N THR A 890 31.41 -58.67 -0.64
CA THR A 890 31.44 -59.55 -1.80
C THR A 890 30.03 -59.87 -2.28
N HIS A 891 29.10 -60.09 -1.35
CA HIS A 891 27.71 -60.28 -1.77
C HIS A 891 27.24 -59.12 -2.64
N ASP A 892 27.46 -57.89 -2.16
CA ASP A 892 26.97 -56.73 -2.92
C ASP A 892 27.62 -56.63 -4.29
N LEU A 893 28.94 -56.82 -4.36
CA LEU A 893 29.62 -56.70 -5.65
C LEU A 893 29.13 -57.77 -6.63
N VAL A 894 28.98 -59.01 -6.16
CA VAL A 894 28.50 -60.05 -7.05
C VAL A 894 27.11 -59.74 -7.54
N ARG A 895 26.23 -59.24 -6.66
CA ARG A 895 24.90 -58.85 -7.11
C ARG A 895 24.99 -57.82 -8.24
N GLU A 896 25.84 -56.80 -8.08
CA GLU A 896 25.87 -55.73 -9.06
C GLU A 896 26.64 -56.09 -10.32
N VAL A 897 27.33 -57.24 -10.36
CA VAL A 897 28.13 -57.57 -11.53
C VAL A 897 27.32 -57.65 -12.82
N THR A 898 25.99 -57.69 -12.75
CA THR A 898 25.15 -57.91 -13.93
C THR A 898 24.19 -56.75 -14.16
N SER A 899 24.57 -55.57 -13.71
CA SER A 899 23.67 -54.42 -13.81
C SER A 899 23.54 -53.96 -15.26
N PRO A 900 22.47 -53.23 -15.59
CA PRO A 900 22.41 -52.61 -16.93
C PRO A 900 23.20 -51.32 -17.01
N ASN A 901 23.64 -50.77 -15.90
CA ASN A 901 24.49 -49.58 -15.91
C ASN A 901 25.92 -49.99 -16.21
N SER A 902 26.46 -49.48 -17.33
CA SER A 902 27.78 -49.93 -17.77
C SER A 902 28.86 -49.55 -16.77
N THR A 903 28.79 -48.35 -16.22
CA THR A 903 29.79 -47.93 -15.24
C THR A 903 29.79 -48.85 -14.02
N VAL A 904 28.61 -49.12 -13.47
CA VAL A 904 28.54 -49.99 -12.30
C VAL A 904 29.03 -51.38 -12.63
N ARG A 905 28.65 -51.92 -13.78
CA ARG A 905 29.05 -53.28 -14.14
C ARG A 905 30.57 -53.39 -14.26
N LYS A 906 31.17 -52.47 -15.02
CA LYS A 906 32.61 -52.53 -15.22
C LYS A 906 33.36 -52.31 -13.90
N GLN A 907 32.86 -51.40 -13.06
CA GLN A 907 33.53 -51.16 -11.80
C GLN A 907 33.40 -52.35 -10.86
N ALA A 908 32.27 -53.05 -10.87
CA ALA A 908 32.15 -54.25 -10.05
C ALA A 908 33.13 -55.32 -10.51
N MET A 909 33.27 -55.49 -11.83
CA MET A 909 34.25 -56.45 -12.31
C MET A 909 35.67 -56.07 -11.87
N HIS A 910 36.02 -54.79 -12.02
CA HIS A 910 37.36 -54.35 -11.63
C HIS A 910 37.58 -54.54 -10.13
N SER A 911 36.55 -54.27 -9.32
CA SER A 911 36.70 -54.41 -7.88
C SER A 911 36.88 -55.86 -7.48
N LEU A 912 36.17 -56.77 -8.13
CA LEU A 912 36.37 -58.19 -7.84
C LEU A 912 37.79 -58.61 -8.16
N GLN A 913 38.31 -58.17 -9.31
CA GLN A 913 39.69 -58.50 -9.65
C GLN A 913 40.67 -57.89 -8.64
N VAL A 914 40.43 -56.65 -8.21
CA VAL A 914 41.29 -56.00 -7.24
C VAL A 914 41.31 -56.77 -5.93
N LEU A 915 40.13 -57.19 -5.46
CA LEU A 915 40.08 -57.96 -4.22
C LEU A 915 40.80 -59.27 -4.35
N ALA A 916 40.63 -59.96 -5.48
CA ALA A 916 41.38 -61.19 -5.70
C ALA A 916 42.89 -60.93 -5.57
N GLN A 917 43.38 -59.91 -6.28
CA GLN A 917 44.81 -59.63 -6.24
C GLN A 917 45.27 -59.29 -4.82
N VAL A 918 44.51 -58.48 -4.10
CA VAL A 918 44.93 -58.06 -2.77
C VAL A 918 44.98 -59.26 -1.82
N THR A 919 43.92 -60.05 -1.78
CA THR A 919 43.84 -61.12 -0.79
C THR A 919 44.66 -62.34 -1.19
N GLY A 920 45.11 -62.43 -2.43
CA GLY A 920 45.85 -63.61 -2.82
C GLY A 920 44.92 -64.79 -2.93
N LYS A 921 43.96 -64.69 -3.84
CA LYS A 921 42.98 -65.74 -4.08
C LYS A 921 42.47 -65.61 -5.51
N SER A 922 41.75 -66.62 -5.95
CA SER A 922 41.11 -66.56 -7.25
C SER A 922 39.82 -65.77 -7.18
N VAL A 923 39.34 -65.33 -8.33
CA VAL A 923 38.03 -64.70 -8.39
C VAL A 923 36.94 -65.73 -8.14
N THR A 924 37.12 -66.95 -8.65
CA THR A 924 36.13 -67.99 -8.46
C THR A 924 35.96 -68.36 -7.00
N VAL A 925 37.07 -68.49 -6.26
CA VAL A 925 36.96 -68.86 -4.85
C VAL A 925 36.33 -67.74 -4.05
N ILE A 926 36.53 -66.50 -4.50
CA ILE A 926 35.87 -65.38 -3.83
C ILE A 926 34.37 -65.41 -4.08
N MET A 927 33.95 -65.61 -5.32
CA MET A 927 32.54 -65.52 -5.68
C MET A 927 31.75 -66.79 -5.38
N GLU A 928 32.41 -67.90 -5.07
CA GLU A 928 31.71 -69.17 -4.90
C GLU A 928 30.59 -69.10 -3.88
N PRO A 929 30.83 -68.57 -2.68
CA PRO A 929 29.77 -68.62 -1.65
C PRO A 929 28.52 -67.86 -2.03
N HIS A 930 28.60 -66.92 -2.97
CA HIS A 930 27.49 -66.03 -3.30
C HIS A 930 26.81 -66.38 -4.60
N LYS A 931 27.26 -67.42 -5.31
CA LYS A 931 26.73 -67.68 -6.64
C LYS A 931 25.27 -68.10 -6.61
N GLU A 932 24.71 -68.39 -5.44
CA GLU A 932 23.27 -68.61 -5.34
C GLU A 932 22.50 -67.33 -5.66
N VAL A 933 23.18 -66.21 -5.88
CA VAL A 933 22.50 -64.96 -6.19
C VAL A 933 22.33 -64.79 -7.70
N LEU A 934 23.12 -65.51 -8.48
CA LEU A 934 23.09 -65.37 -9.94
C LEU A 934 22.38 -66.54 -10.62
N GLN A 935 21.68 -67.35 -9.84
CA GLN A 935 21.04 -68.53 -10.41
C GLN A 935 20.00 -68.16 -11.46
N ASP A 936 19.21 -67.13 -11.19
CA ASP A 936 18.16 -66.70 -12.12
C ASP A 936 18.71 -65.82 -13.23
N MET A 937 19.99 -65.49 -13.17
CA MET A 937 20.59 -64.51 -14.07
C MET A 937 21.54 -65.10 -15.08
N VAL A 938 22.46 -65.97 -14.65
CA VAL A 938 23.53 -66.43 -15.55
C VAL A 938 22.89 -67.22 -16.69
N PRO A 939 22.27 -68.37 -16.46
CA PRO A 939 21.30 -68.87 -17.43
C PRO A 939 20.02 -68.06 -17.33
N PRO A 940 19.73 -67.19 -18.31
CA PRO A 940 18.76 -66.11 -18.07
C PRO A 940 17.33 -66.56 -17.79
N LYS A 941 17.07 -67.86 -17.67
CA LYS A 941 15.77 -68.35 -17.20
C LYS A 941 14.69 -68.24 -18.28
N LYS A 942 15.10 -68.09 -19.55
CA LYS A 942 14.17 -68.10 -20.68
C LYS A 942 13.17 -66.95 -20.59
N HIS A 943 13.64 -65.79 -20.14
CA HIS A 943 12.81 -64.60 -20.19
C HIS A 943 12.67 -64.04 -21.59
N LEU A 944 13.16 -64.73 -22.62
CA LEU A 944 12.94 -64.28 -23.98
C LEU A 944 13.51 -62.88 -24.15
N LEU A 945 14.84 -62.76 -24.16
CA LEU A 945 15.50 -61.46 -24.12
C LEU A 945 14.81 -60.44 -25.00
N ARG A 946 14.13 -60.85 -26.05
CA ARG A 946 13.35 -59.91 -26.86
C ARG A 946 12.39 -59.10 -25.98
N HIS A 947 12.11 -59.55 -24.76
CA HIS A 947 11.25 -58.84 -23.83
C HIS A 947 12.05 -57.95 -22.88
N GLN A 948 13.19 -57.44 -23.31
CA GLN A 948 14.08 -56.68 -22.47
C GLN A 948 14.60 -55.47 -23.23
N PRO A 949 14.98 -54.41 -22.54
CA PRO A 949 15.67 -53.30 -23.21
C PRO A 949 17.10 -53.68 -23.59
N ALA A 950 17.63 -52.94 -24.57
CA ALA A 950 18.94 -53.27 -25.12
C ALA A 950 20.03 -53.17 -24.06
N ASN A 951 19.96 -52.15 -23.20
CA ASN A 951 21.00 -52.01 -22.18
C ASN A 951 20.98 -53.18 -21.20
N ALA A 952 19.79 -53.65 -20.80
CA ALA A 952 19.71 -54.83 -19.95
C ALA A 952 20.21 -56.07 -20.68
N GLN A 953 19.91 -56.20 -21.97
CA GLN A 953 20.45 -57.32 -22.73
C GLN A 953 21.96 -57.33 -22.70
N ILE A 954 22.57 -56.16 -22.94
CA ILE A 954 24.02 -56.07 -22.93
C ILE A 954 24.56 -56.38 -21.55
N GLY A 955 23.89 -55.91 -20.51
CA GLY A 955 24.34 -56.22 -19.16
C GLY A 955 24.38 -57.71 -18.89
N LEU A 956 23.31 -58.41 -19.27
CA LEU A 956 23.27 -59.86 -19.06
C LEU A 956 24.36 -60.56 -19.88
N MET A 957 24.53 -60.14 -21.13
CA MET A 957 25.54 -60.77 -21.98
C MET A 957 26.93 -60.60 -21.39
N GLU A 958 27.24 -59.37 -20.95
CA GLU A 958 28.56 -59.11 -20.38
C GLU A 958 28.75 -59.87 -19.07
N GLY A 959 27.71 -59.96 -18.24
CA GLY A 959 27.83 -60.75 -17.02
C GLY A 959 28.14 -62.20 -17.30
N ASN A 960 27.46 -62.78 -18.29
CA ASN A 960 27.74 -64.17 -18.64
C ASN A 960 29.14 -64.33 -19.21
N THR A 961 29.56 -63.40 -20.06
CA THR A 961 30.93 -63.45 -20.57
C THR A 961 31.94 -63.43 -19.44
N PHE A 962 31.72 -62.56 -18.46
CA PHE A 962 32.63 -62.47 -17.32
C PHE A 962 32.65 -63.77 -16.52
N CYS A 963 31.47 -64.35 -16.26
CA CYS A 963 31.40 -65.47 -15.34
C CYS A 963 31.76 -66.79 -16.00
N THR A 964 31.86 -66.81 -17.34
CA THR A 964 32.31 -68.00 -18.04
C THR A 964 33.68 -67.81 -18.69
N THR A 965 34.59 -67.09 -18.04
CA THR A 965 35.95 -66.98 -18.55
C THR A 965 37.00 -67.01 -17.44
N LEU A 966 36.69 -67.59 -16.30
CA LEU A 966 37.63 -67.68 -15.20
C LEU A 966 38.35 -69.03 -15.22
N GLN A 967 39.11 -69.28 -14.16
CA GLN A 967 39.95 -70.47 -14.06
C GLN A 967 40.03 -70.90 -12.59
N PRO A 968 39.22 -71.86 -12.15
CA PRO A 968 38.19 -72.59 -12.89
C PRO A 968 36.97 -71.72 -13.22
N ARG A 969 36.14 -72.17 -14.16
CA ARG A 969 34.92 -71.45 -14.46
C ARG A 969 33.98 -71.49 -13.26
N LEU A 970 33.20 -70.44 -13.11
CA LEU A 970 32.24 -70.39 -12.01
C LEU A 970 30.92 -71.04 -12.42
N PHE A 971 30.53 -70.87 -13.68
CA PHE A 971 29.42 -71.59 -14.27
C PHE A 971 29.86 -72.21 -15.59
N THR A 972 29.20 -73.28 -15.98
CA THR A 972 29.51 -74.00 -17.21
C THR A 972 28.24 -74.19 -18.03
N MET A 973 28.38 -74.14 -19.34
CA MET A 973 27.24 -74.35 -20.24
C MET A 973 27.13 -75.82 -20.58
N ASP A 974 25.99 -76.43 -20.26
CA ASP A 974 25.80 -77.86 -20.50
C ASP A 974 25.30 -78.13 -21.92
N LEU A 975 24.32 -77.34 -22.39
CA LEU A 975 23.76 -77.48 -23.73
C LEU A 975 22.81 -78.66 -23.83
N ASN A 976 22.50 -79.30 -22.70
CA ASN A 976 21.46 -80.32 -22.66
C ASN A 976 20.31 -79.89 -21.75
N VAL A 977 20.03 -78.59 -21.66
CA VAL A 977 18.96 -78.07 -20.84
C VAL A 977 18.19 -77.04 -21.66
N VAL A 978 16.90 -76.93 -21.35
CA VAL A 978 16.04 -76.00 -22.07
C VAL A 978 16.59 -74.58 -21.96
N GLU A 979 16.93 -74.15 -20.75
CA GLU A 979 17.39 -72.77 -20.57
C GLU A 979 18.66 -72.50 -21.36
N HIS A 980 19.63 -73.42 -21.30
CA HIS A 980 20.87 -73.21 -22.03
C HIS A 980 20.65 -73.18 -23.54
N LYS A 981 19.80 -74.08 -24.04
CA LYS A 981 19.66 -74.20 -25.49
C LYS A 981 19.07 -72.93 -26.09
N VAL A 982 18.04 -72.38 -25.47
CA VAL A 982 17.40 -71.19 -26.02
C VAL A 982 18.35 -70.01 -25.97
N PHE A 983 19.12 -69.88 -24.89
CA PHE A 983 20.07 -68.79 -24.80
C PHE A 983 21.14 -68.88 -25.89
N TYR A 984 21.68 -70.09 -26.10
CA TYR A 984 22.67 -70.26 -27.15
C TYR A 984 22.09 -69.95 -28.52
N THR A 985 20.87 -70.44 -28.79
CA THR A 985 20.25 -70.19 -30.08
C THR A 985 19.99 -68.70 -30.28
N GLU A 986 19.54 -68.01 -29.24
CA GLU A 986 19.28 -66.57 -29.36
C GLU A 986 20.58 -65.81 -29.63
N LEU A 987 21.66 -66.16 -28.94
CA LEU A 987 22.92 -65.48 -29.22
C LEU A 987 23.36 -65.71 -30.66
N LEU A 988 23.29 -66.97 -31.12
CA LEU A 988 23.70 -67.25 -32.49
C LEU A 988 22.84 -66.50 -33.48
N ASN A 989 21.53 -66.49 -33.28
CA ASN A 989 20.62 -65.77 -34.18
C ASN A 989 20.94 -64.28 -34.21
N LEU A 990 21.19 -63.69 -33.04
CA LEU A 990 21.51 -62.27 -33.00
C LEU A 990 22.79 -61.97 -33.77
N CYS A 991 23.81 -62.81 -33.60
CA CYS A 991 25.07 -62.58 -34.30
C CYS A 991 24.95 -62.84 -35.80
N GLU A 992 23.99 -63.67 -36.21
CA GLU A 992 23.90 -64.06 -37.61
C GLU A 992 22.96 -63.20 -38.43
N ALA A 993 21.84 -62.76 -37.86
CA ALA A 993 20.76 -62.18 -38.64
C ALA A 993 21.19 -60.85 -39.28
N GLU A 994 20.28 -60.29 -40.07
CA GLU A 994 20.52 -59.06 -40.80
C GLU A 994 20.07 -57.85 -39.99
N ASP A 995 20.58 -56.69 -40.39
CA ASP A 995 20.21 -55.45 -39.72
C ASP A 995 18.71 -55.18 -39.84
N SER A 996 18.14 -55.36 -41.03
CA SER A 996 16.71 -55.12 -41.20
C SER A 996 15.89 -56.14 -40.41
N ALA A 997 16.32 -57.40 -40.40
CA ALA A 997 15.59 -58.41 -39.65
C ALA A 997 15.59 -58.08 -38.16
N LEU A 998 16.71 -57.59 -37.64
CA LEU A 998 16.73 -57.17 -36.24
C LEU A 998 15.89 -55.93 -36.01
N THR A 999 15.94 -54.97 -36.94
CA THR A 999 15.27 -53.69 -36.70
C THR A 999 13.76 -53.82 -36.82
N LYS A 1000 13.27 -54.82 -37.54
CA LYS A 1000 11.82 -55.03 -37.57
C LYS A 1000 11.28 -55.43 -36.19
N LEU A 1001 12.14 -55.87 -35.29
CA LEU A 1001 11.70 -56.24 -33.95
C LEU A 1001 11.41 -54.99 -33.13
N PRO A 1002 10.48 -55.08 -32.17
CA PRO A 1002 10.14 -53.88 -31.39
C PRO A 1002 11.25 -53.38 -30.49
N CYS A 1003 12.01 -54.30 -29.86
CA CYS A 1003 13.03 -53.86 -28.92
C CYS A 1003 14.13 -53.06 -29.61
N TYR A 1004 14.52 -53.47 -30.81
CA TYR A 1004 15.55 -52.77 -31.58
C TYR A 1004 14.98 -51.75 -32.56
N LYS A 1005 14.16 -50.82 -32.09
CA LYS A 1005 13.60 -49.78 -32.95
C LYS A 1005 14.18 -48.41 -32.68
N SER A 1006 14.15 -47.94 -31.44
CA SER A 1006 14.69 -46.64 -31.08
C SER A 1006 16.21 -46.62 -31.07
N LEU A 1007 16.86 -47.78 -31.08
CA LEU A 1007 18.30 -47.82 -30.99
C LEU A 1007 18.92 -47.04 -32.16
N PRO A 1008 19.92 -46.21 -31.90
CA PRO A 1008 20.54 -45.45 -32.99
C PRO A 1008 21.56 -46.26 -33.78
N SER A 1009 22.30 -47.13 -33.11
CA SER A 1009 23.49 -47.72 -33.72
C SER A 1009 23.38 -49.21 -33.97
N LEU A 1010 23.06 -50.00 -32.95
CA LEU A 1010 22.94 -51.46 -33.01
C LEU A 1010 24.30 -52.17 -33.02
N VAL A 1011 25.40 -51.44 -33.00
CA VAL A 1011 26.74 -52.06 -33.05
C VAL A 1011 27.13 -52.62 -31.68
N PRO A 1012 26.96 -51.86 -30.58
CA PRO A 1012 27.36 -52.41 -29.28
C PRO A 1012 26.64 -53.70 -28.93
N LEU A 1013 25.38 -53.84 -29.32
CA LEU A 1013 24.68 -55.09 -29.09
C LEU A 1013 25.37 -56.25 -29.80
N ARG A 1014 25.76 -56.04 -31.06
CA ARG A 1014 26.45 -57.08 -31.80
C ARG A 1014 27.78 -57.42 -31.16
N ILE A 1015 28.52 -56.42 -30.70
CA ILE A 1015 29.81 -56.71 -30.08
C ILE A 1015 29.63 -57.52 -28.79
N ALA A 1016 28.64 -57.14 -27.98
CA ALA A 1016 28.38 -57.91 -26.76
C ALA A 1016 28.00 -59.34 -27.08
N ALA A 1017 27.13 -59.54 -28.07
CA ALA A 1017 26.72 -60.89 -28.44
C ALA A 1017 27.90 -61.70 -28.95
N LEU A 1018 28.76 -61.08 -29.76
CA LEU A 1018 29.93 -61.77 -30.28
C LEU A 1018 30.87 -62.19 -29.15
N ASN A 1019 31.09 -61.30 -28.18
CA ASN A 1019 31.93 -61.66 -27.05
C ASN A 1019 31.32 -62.82 -26.27
N ALA A 1020 30.02 -62.77 -26.03
CA ALA A 1020 29.37 -63.84 -25.29
C ALA A 1020 29.49 -65.17 -26.02
N LEU A 1021 29.37 -65.14 -27.35
CA LEU A 1021 29.47 -66.37 -28.12
C LEU A 1021 30.90 -66.90 -28.12
N ALA A 1022 31.88 -66.02 -28.29
CA ALA A 1022 33.28 -66.44 -28.26
C ALA A 1022 33.67 -67.00 -26.90
N ALA A 1023 33.02 -66.54 -25.84
CA ALA A 1023 33.34 -67.06 -24.50
C ALA A 1023 33.13 -68.56 -24.42
N CYS A 1024 32.21 -69.10 -25.21
CA CYS A 1024 31.82 -70.51 -25.11
C CYS A 1024 32.58 -71.33 -26.14
N ASN A 1025 33.87 -71.52 -25.87
CA ASN A 1025 34.73 -72.27 -26.77
C ASN A 1025 35.22 -73.55 -26.10
N TYR A 1026 34.33 -74.24 -25.40
CA TYR A 1026 34.70 -75.47 -24.71
C TYR A 1026 33.65 -76.56 -24.88
N LEU A 1027 32.83 -76.51 -25.91
CA LEU A 1027 31.80 -77.50 -26.17
C LEU A 1027 32.00 -78.08 -27.57
N PRO A 1028 32.47 -79.32 -27.71
CA PRO A 1028 32.92 -79.78 -29.04
C PRO A 1028 31.85 -79.68 -30.11
N GLN A 1029 30.61 -80.00 -29.79
CA GLN A 1029 29.58 -80.15 -30.82
C GLN A 1029 29.11 -78.85 -31.42
N SER A 1030 29.64 -77.68 -31.07
CA SER A 1030 29.13 -76.43 -31.63
C SER A 1030 30.26 -75.46 -31.98
N ARG A 1031 31.32 -75.97 -32.60
CA ARG A 1031 32.45 -75.13 -32.99
C ARG A 1031 32.29 -74.55 -34.40
N GLU A 1032 31.65 -75.30 -35.30
CA GLU A 1032 31.59 -74.88 -36.69
C GLU A 1032 30.75 -73.61 -36.86
N LYS A 1033 29.56 -73.61 -36.26
CA LYS A 1033 28.72 -72.41 -36.35
C LYS A 1033 29.39 -71.21 -35.71
N ILE A 1034 30.05 -71.40 -34.58
CA ILE A 1034 30.71 -70.29 -33.91
C ILE A 1034 31.83 -69.74 -34.77
N ILE A 1035 32.62 -70.61 -35.40
CA ILE A 1035 33.68 -70.13 -36.28
C ILE A 1035 33.10 -69.37 -37.46
N ALA A 1036 32.01 -69.88 -38.04
CA ALA A 1036 31.39 -69.20 -39.17
C ALA A 1036 30.91 -67.81 -38.75
N ALA A 1037 30.29 -67.70 -37.58
CA ALA A 1037 29.83 -66.40 -37.09
C ALA A 1037 31.00 -65.46 -36.86
N LEU A 1038 32.08 -65.95 -36.25
CA LEU A 1038 33.22 -65.10 -35.99
C LEU A 1038 33.82 -64.57 -37.29
N PHE A 1039 33.90 -65.42 -38.31
CA PHE A 1039 34.44 -64.95 -39.59
C PHE A 1039 33.48 -63.98 -40.28
N LYS A 1040 32.18 -64.24 -40.23
CA LYS A 1040 31.23 -63.28 -40.78
C LYS A 1040 31.41 -61.92 -40.14
N ALA A 1041 31.64 -61.89 -38.83
CA ALA A 1041 31.92 -60.63 -38.16
C ALA A 1041 33.26 -60.04 -38.58
N LEU A 1042 34.30 -60.87 -38.68
CA LEU A 1042 35.62 -60.39 -39.04
C LEU A 1042 35.64 -59.76 -40.42
N ASN A 1043 34.73 -60.19 -41.30
CA ASN A 1043 34.69 -59.67 -42.67
C ASN A 1043 33.66 -58.58 -42.84
N SER A 1044 33.37 -57.81 -41.80
CA SER A 1044 32.39 -56.74 -41.88
C SER A 1044 32.92 -55.58 -42.71
N THR A 1045 32.00 -54.70 -43.14
CA THR A 1045 32.41 -53.46 -43.79
C THR A 1045 32.39 -52.29 -42.81
N ASN A 1046 32.04 -52.55 -41.55
CA ASN A 1046 32.12 -51.54 -40.51
C ASN A 1046 33.38 -51.74 -39.70
N SER A 1047 34.14 -50.66 -39.53
CA SER A 1047 35.44 -50.78 -38.88
C SER A 1047 35.33 -51.25 -37.44
N GLU A 1048 34.34 -50.76 -36.69
CA GLU A 1048 34.21 -51.16 -35.31
C GLU A 1048 33.93 -52.65 -35.20
N LEU A 1049 33.00 -53.15 -36.02
CA LEU A 1049 32.74 -54.58 -36.03
C LEU A 1049 33.95 -55.39 -36.45
N GLN A 1050 34.72 -54.90 -37.43
CA GLN A 1050 35.89 -55.65 -37.89
C GLN A 1050 36.92 -55.77 -36.78
N GLU A 1051 37.18 -54.66 -36.07
CA GLU A 1051 38.07 -54.69 -34.93
C GLU A 1051 37.56 -55.64 -33.84
N ALA A 1052 36.27 -55.56 -33.53
CA ALA A 1052 35.72 -56.44 -32.50
C ALA A 1052 35.87 -57.89 -32.88
N GLY A 1053 35.64 -58.22 -34.16
CA GLY A 1053 35.78 -59.60 -34.60
C GLY A 1053 37.20 -60.09 -34.49
N GLU A 1054 38.17 -59.25 -34.88
CA GLU A 1054 39.57 -59.63 -34.68
C GLU A 1054 39.85 -59.94 -33.20
N ALA A 1055 39.43 -59.04 -32.31
CA ALA A 1055 39.70 -59.26 -30.89
C ALA A 1055 39.01 -60.53 -30.38
N CYS A 1056 37.79 -60.77 -30.82
CA CYS A 1056 37.06 -61.95 -30.36
C CYS A 1056 37.72 -63.23 -30.86
N MET A 1057 38.18 -63.25 -32.11
CA MET A 1057 38.87 -64.43 -32.60
C MET A 1057 40.15 -64.69 -31.81
N ARG A 1058 40.91 -63.63 -31.51
CA ARG A 1058 42.09 -63.84 -30.68
C ARG A 1058 41.71 -64.44 -29.33
N LYS A 1059 40.70 -63.89 -28.68
CA LYS A 1059 40.30 -64.43 -27.38
C LYS A 1059 39.77 -65.85 -27.51
N PHE A 1060 39.20 -66.19 -28.66
CA PHE A 1060 38.71 -67.54 -28.88
C PHE A 1060 39.85 -68.55 -28.95
N LEU A 1061 40.94 -68.17 -29.61
CA LEU A 1061 42.01 -69.13 -29.84
C LEU A 1061 42.80 -69.50 -28.58
N GLU A 1062 42.60 -68.83 -27.46
CA GLU A 1062 43.36 -69.17 -26.27
C GLU A 1062 43.09 -70.60 -25.82
N GLY A 1063 41.89 -71.11 -26.10
CA GLY A 1063 41.53 -72.47 -25.72
C GLY A 1063 40.96 -73.28 -26.87
N ALA A 1064 41.42 -73.01 -28.08
CA ALA A 1064 40.90 -73.70 -29.25
C ALA A 1064 41.86 -73.50 -30.42
N THR A 1065 41.58 -74.18 -31.53
CA THR A 1065 42.40 -74.10 -32.72
C THR A 1065 41.52 -74.14 -33.96
N ILE A 1066 42.03 -73.60 -35.06
CA ILE A 1066 41.31 -73.52 -36.33
C ILE A 1066 42.20 -74.11 -37.42
N GLU A 1067 41.64 -75.02 -38.19
CA GLU A 1067 42.39 -75.73 -39.22
C GLU A 1067 42.51 -74.89 -40.50
N VAL A 1068 43.55 -75.19 -41.28
CA VAL A 1068 43.82 -74.44 -42.50
C VAL A 1068 42.68 -74.57 -43.49
N ASP A 1069 42.06 -75.75 -43.55
CA ASP A 1069 40.94 -75.95 -44.48
C ASP A 1069 39.84 -74.94 -44.21
N GLN A 1070 39.47 -74.75 -42.95
CA GLN A 1070 38.39 -73.83 -42.62
C GLN A 1070 38.74 -72.39 -42.97
N ILE A 1071 39.99 -71.98 -42.72
CA ILE A 1071 40.41 -70.64 -43.08
C ILE A 1071 40.28 -70.44 -44.58
N HIS A 1072 40.77 -71.40 -45.36
CA HIS A 1072 40.64 -71.30 -46.81
C HIS A 1072 39.18 -71.23 -47.23
N THR A 1073 38.33 -72.05 -46.61
CA THR A 1073 36.92 -72.05 -46.96
C THR A 1073 36.28 -70.70 -46.69
N HIS A 1074 36.60 -70.09 -45.55
CA HIS A 1074 35.84 -68.92 -45.12
C HIS A 1074 36.42 -67.63 -45.69
N MET A 1075 37.65 -67.64 -46.21
CA MET A 1075 38.22 -66.44 -46.81
C MET A 1075 37.92 -66.30 -48.30
N ARG A 1076 37.44 -67.37 -48.95
CA ARG A 1076 37.39 -67.36 -50.41
C ARG A 1076 36.62 -66.18 -50.99
N PRO A 1077 35.46 -65.78 -50.46
CA PRO A 1077 34.70 -64.70 -51.12
C PRO A 1077 35.45 -63.39 -51.19
N LEU A 1078 36.50 -63.22 -50.38
CA LEU A 1078 37.32 -62.02 -50.47
C LEU A 1078 38.57 -62.26 -51.30
N LEU A 1079 39.15 -63.46 -51.19
CA LEU A 1079 40.32 -63.78 -52.00
C LEU A 1079 39.99 -63.76 -53.49
N MET A 1080 38.73 -64.02 -53.85
CA MET A 1080 38.37 -64.06 -55.25
C MET A 1080 38.25 -62.67 -55.89
N MET A 1081 38.04 -61.62 -55.10
CA MET A 1081 37.97 -60.27 -55.65
C MET A 1081 39.32 -59.59 -55.66
N LEU A 1082 40.34 -60.24 -56.22
CA LEU A 1082 41.71 -59.72 -56.20
C LEU A 1082 42.30 -59.62 -57.60
N GLY A 1083 41.51 -59.86 -58.63
CA GLY A 1083 42.01 -59.72 -59.98
C GLY A 1083 42.23 -58.26 -60.32
N ASP A 1084 41.14 -57.51 -60.41
CA ASP A 1084 41.21 -56.08 -60.70
C ASP A 1084 41.85 -55.35 -59.52
N TYR A 1085 42.62 -54.30 -59.85
CA TYR A 1085 43.23 -53.51 -58.80
C TYR A 1085 42.23 -52.58 -58.12
N ARG A 1086 41.16 -52.20 -58.82
CA ARG A 1086 40.23 -51.21 -58.29
C ARG A 1086 39.31 -51.78 -57.22
N SER A 1087 39.12 -53.10 -57.19
CA SER A 1087 38.23 -53.69 -56.18
C SER A 1087 38.72 -53.44 -54.77
N LEU A 1088 40.04 -53.33 -54.58
CA LEU A 1088 40.62 -53.22 -53.25
C LEU A 1088 40.29 -51.88 -52.62
N THR A 1089 40.27 -51.84 -51.29
CA THR A 1089 40.09 -50.60 -50.54
C THR A 1089 40.50 -50.81 -49.09
N LEU A 1090 40.35 -49.75 -48.29
CA LEU A 1090 40.84 -49.76 -46.92
C LEU A 1090 40.19 -50.84 -46.08
N ASN A 1091 38.92 -51.19 -46.37
CA ASN A 1091 38.31 -52.30 -45.65
C ASN A 1091 39.02 -53.61 -45.96
N VAL A 1092 39.31 -53.85 -47.24
CA VAL A 1092 39.91 -55.11 -47.64
C VAL A 1092 41.33 -55.22 -47.10
N VAL A 1093 42.09 -54.13 -47.15
CA VAL A 1093 43.46 -54.20 -46.65
C VAL A 1093 43.46 -54.49 -45.16
N ASN A 1094 42.55 -53.85 -44.40
CA ASN A 1094 42.48 -54.12 -42.97
C ASN A 1094 42.07 -55.56 -42.69
N ARG A 1095 41.11 -56.09 -43.46
CA ARG A 1095 40.71 -57.48 -43.27
C ARG A 1095 41.89 -58.43 -43.52
N LEU A 1096 42.63 -58.18 -44.61
CA LEU A 1096 43.81 -58.98 -44.89
C LEU A 1096 44.83 -58.88 -43.78
N THR A 1097 45.08 -57.67 -43.28
CA THR A 1097 46.04 -57.49 -42.21
C THR A 1097 45.64 -58.27 -40.96
N SER A 1098 44.36 -58.23 -40.60
CA SER A 1098 43.91 -58.93 -39.41
C SER A 1098 44.05 -60.43 -39.57
N VAL A 1099 43.63 -60.97 -40.72
CA VAL A 1099 43.77 -62.41 -40.90
C VAL A 1099 45.23 -62.81 -40.89
N THR A 1100 46.12 -62.02 -41.51
CA THR A 1100 47.54 -62.33 -41.48
C THR A 1100 48.06 -62.34 -40.05
N ARG A 1101 47.72 -61.30 -39.28
CA ARG A 1101 48.23 -61.20 -37.92
C ARG A 1101 47.73 -62.35 -37.06
N LEU A 1102 46.56 -62.90 -37.36
CA LEU A 1102 46.04 -64.00 -36.56
C LEU A 1102 46.64 -65.34 -36.98
N PHE A 1103 46.87 -65.54 -38.28
CA PHE A 1103 47.34 -66.81 -38.81
C PHE A 1103 48.52 -66.62 -39.74
N PRO A 1104 49.72 -66.37 -39.20
CA PRO A 1104 50.85 -66.04 -40.10
C PRO A 1104 51.14 -67.11 -41.13
N ASN A 1105 51.05 -68.39 -40.77
CA ASN A 1105 51.41 -69.48 -41.66
C ASN A 1105 50.25 -69.75 -42.62
N SER A 1106 49.88 -68.72 -43.37
CA SER A 1106 48.66 -68.79 -44.17
C SER A 1106 48.85 -68.27 -45.59
N PHE A 1107 49.96 -67.63 -45.88
CA PHE A 1107 50.18 -67.00 -47.18
C PHE A 1107 51.51 -67.45 -47.76
N ASN A 1108 51.73 -67.12 -49.03
CA ASN A 1108 52.91 -67.54 -49.77
C ASN A 1108 53.41 -66.44 -50.68
N ASP A 1109 54.37 -66.80 -51.54
CA ASP A 1109 55.06 -65.83 -52.38
C ASP A 1109 54.19 -65.31 -53.52
N LYS A 1110 53.34 -66.17 -54.08
CA LYS A 1110 52.50 -65.74 -55.20
C LYS A 1110 51.57 -64.61 -54.78
N PHE A 1111 51.00 -64.72 -53.58
CA PHE A 1111 50.18 -63.64 -53.05
C PHE A 1111 50.99 -62.35 -52.96
N CYS A 1112 52.24 -62.44 -52.49
CA CYS A 1112 53.08 -61.26 -52.37
C CYS A 1112 53.34 -60.63 -53.74
N ASP A 1113 53.60 -61.45 -54.75
CA ASP A 1113 53.86 -60.91 -56.09
C ASP A 1113 52.61 -60.22 -56.65
N GLN A 1114 51.44 -60.83 -56.48
CA GLN A 1114 50.23 -60.21 -56.96
C GLN A 1114 49.96 -58.90 -56.25
N MET A 1115 50.20 -58.86 -54.92
CA MET A 1115 50.04 -57.63 -54.18
C MET A 1115 51.04 -56.57 -54.61
N MET A 1116 52.25 -56.98 -54.98
CA MET A 1116 53.23 -56.01 -55.47
C MET A 1116 52.79 -55.38 -56.78
N GLN A 1117 52.25 -56.19 -57.69
CA GLN A 1117 51.69 -55.63 -58.92
C GLN A 1117 50.58 -54.63 -58.61
N HIS A 1118 49.66 -55.02 -57.72
CA HIS A 1118 48.59 -54.12 -57.31
C HIS A 1118 49.16 -52.83 -56.74
N LEU A 1119 50.19 -52.93 -55.89
CA LEU A 1119 50.79 -51.76 -55.27
C LEU A 1119 51.40 -50.84 -56.31
N ARG A 1120 52.09 -51.40 -57.31
CA ARG A 1120 52.65 -50.56 -58.35
C ARG A 1120 51.57 -49.76 -59.05
N LYS A 1121 50.47 -50.42 -59.42
CA LYS A 1121 49.41 -49.70 -60.12
C LYS A 1121 48.80 -48.62 -59.22
N TRP A 1122 48.59 -48.95 -57.93
CA TRP A 1122 47.99 -47.98 -57.03
C TRP A 1122 48.91 -46.80 -56.78
N MET A 1123 50.22 -47.04 -56.75
CA MET A 1123 51.17 -45.93 -56.58
C MET A 1123 51.21 -45.04 -57.81
N GLU A 1124 51.10 -45.61 -59.01
CA GLU A 1124 51.02 -44.79 -60.21
C GLU A 1124 49.79 -43.89 -60.19
N VAL A 1125 48.63 -44.43 -59.80
CA VAL A 1125 47.43 -43.61 -59.80
C VAL A 1125 47.55 -42.48 -58.77
N VAL A 1126 48.32 -42.68 -57.71
CA VAL A 1126 48.50 -41.61 -56.72
C VAL A 1126 49.20 -40.41 -57.34
N VAL A 1127 50.27 -40.65 -58.10
CA VAL A 1127 50.95 -39.56 -58.79
C VAL A 1127 50.01 -38.91 -59.80
N ILE A 1128 49.26 -39.74 -60.54
CA ILE A 1128 48.33 -39.17 -61.50
C ILE A 1128 47.37 -38.20 -60.83
N THR A 1129 46.75 -38.62 -59.72
CA THR A 1129 45.80 -37.75 -59.05
C THR A 1129 46.48 -36.51 -58.47
N HIS A 1130 47.68 -36.65 -57.90
CA HIS A 1130 48.34 -35.48 -57.34
C HIS A 1130 48.74 -34.47 -58.41
N LYS A 1131 48.92 -34.92 -59.65
CA LYS A 1131 49.30 -33.97 -60.70
C LYS A 1131 48.20 -32.96 -60.97
N GLY A 1132 46.96 -33.42 -61.09
CA GLY A 1132 45.87 -32.52 -61.42
C GLY A 1132 45.67 -31.45 -60.35
N GLY A 1133 46.13 -31.71 -59.14
CA GLY A 1133 46.05 -30.74 -58.08
C GLY A 1133 44.65 -30.34 -57.70
N GLN A 1134 43.65 -31.11 -58.14
CA GLN A 1134 42.27 -30.76 -57.90
C GLN A 1134 41.84 -31.22 -56.51
N ARG A 1135 40.76 -30.60 -56.03
CA ARG A 1135 40.24 -30.91 -54.70
C ARG A 1135 39.72 -32.34 -54.66
N SER A 1136 40.46 -33.23 -54.00
CA SER A 1136 40.08 -34.64 -53.95
C SER A 1136 40.63 -35.27 -52.68
N ASP A 1137 39.83 -36.15 -52.09
CA ASP A 1137 40.22 -36.83 -50.87
C ASP A 1137 41.46 -37.69 -51.11
N GLY A 1138 42.20 -37.94 -50.02
CA GLY A 1138 43.46 -38.64 -50.11
C GLY A 1138 43.45 -40.04 -49.53
N ASN A 1139 42.39 -40.80 -49.81
CA ASN A 1139 42.31 -42.18 -49.34
C ASN A 1139 43.32 -43.09 -50.03
N GLU A 1140 43.66 -42.80 -51.29
CA GLU A 1140 44.58 -43.66 -52.03
C GLU A 1140 45.93 -43.76 -51.34
N MET A 1141 46.41 -42.68 -50.72
CA MET A 1141 47.66 -42.74 -49.99
C MET A 1141 47.58 -43.75 -48.85
N LYS A 1142 46.47 -43.73 -48.11
CA LYS A 1142 46.30 -44.68 -47.02
C LYS A 1142 46.23 -46.10 -47.55
N ILE A 1143 45.55 -46.30 -48.68
CA ILE A 1143 45.49 -47.62 -49.28
C ILE A 1143 46.89 -48.13 -49.61
N CYS A 1144 47.69 -47.27 -50.24
CA CYS A 1144 49.05 -47.65 -50.59
C CYS A 1144 49.87 -48.00 -49.35
N SER A 1145 49.80 -47.16 -48.32
CA SER A 1145 50.59 -47.41 -47.12
C SER A 1145 50.17 -48.71 -46.42
N ALA A 1146 48.88 -49.02 -46.39
CA ALA A 1146 48.45 -50.28 -45.80
C ALA A 1146 48.94 -51.48 -46.61
N ILE A 1147 48.90 -51.39 -47.93
CA ILE A 1147 49.42 -52.47 -48.75
C ILE A 1147 50.88 -52.71 -48.43
N ILE A 1148 51.65 -51.64 -48.23
CA ILE A 1148 53.05 -51.78 -47.86
C ILE A 1148 53.17 -52.44 -46.49
N ASN A 1149 52.43 -51.95 -45.51
CA ASN A 1149 52.53 -52.50 -44.15
C ASN A 1149 52.26 -53.99 -44.13
N LEU A 1150 51.43 -54.48 -45.06
CA LEU A 1150 51.15 -55.92 -45.08
C LEU A 1150 52.43 -56.76 -45.08
N PHE A 1151 53.45 -56.34 -45.84
CA PHE A 1151 54.66 -57.13 -45.95
C PHE A 1151 55.37 -57.28 -44.62
N HIS A 1152 55.50 -56.19 -43.87
CA HIS A 1152 56.01 -56.25 -42.51
C HIS A 1152 55.48 -57.46 -41.75
N LEU A 1153 54.18 -57.73 -41.87
CA LEU A 1153 53.58 -58.80 -41.09
C LEU A 1153 53.75 -60.16 -41.75
N ILE A 1154 53.62 -60.25 -43.07
CA ILE A 1154 53.64 -61.56 -43.72
C ILE A 1154 54.96 -62.25 -43.40
N PRO A 1155 54.95 -63.46 -42.81
CA PRO A 1155 56.23 -64.04 -42.35
C PRO A 1155 57.02 -64.70 -43.45
N ALA A 1156 56.34 -65.34 -44.41
CA ALA A 1156 57.02 -65.96 -45.55
C ALA A 1156 57.42 -64.92 -46.56
N ALA A 1157 58.16 -63.90 -46.15
CA ALA A 1157 58.49 -62.79 -47.01
C ALA A 1157 59.79 -63.10 -47.76
N PRO A 1158 59.74 -63.18 -49.08
CA PRO A 1158 60.98 -63.44 -49.83
C PRO A 1158 61.80 -62.17 -49.97
N GLN A 1159 63.10 -62.36 -50.07
CA GLN A 1159 63.96 -61.29 -50.53
C GLN A 1159 63.73 -61.09 -52.03
N THR A 1160 64.51 -60.20 -52.63
CA THR A 1160 64.38 -59.92 -54.05
C THR A 1160 63.15 -59.04 -54.31
N LEU A 1161 62.36 -58.77 -53.29
CA LEU A 1161 61.36 -57.71 -53.38
C LEU A 1161 61.89 -56.37 -52.91
N VAL A 1162 63.00 -56.36 -52.17
CA VAL A 1162 63.55 -55.10 -51.68
C VAL A 1162 63.81 -54.15 -52.84
N LYS A 1163 64.45 -54.65 -53.90
CA LYS A 1163 64.77 -53.78 -55.02
C LYS A 1163 63.54 -53.17 -55.67
N PRO A 1164 62.55 -53.94 -56.15
CA PRO A 1164 61.40 -53.31 -56.80
C PRO A 1164 60.63 -52.38 -55.89
N LEU A 1165 60.49 -52.73 -54.61
CA LEU A 1165 59.76 -51.88 -53.70
C LEU A 1165 60.49 -50.55 -53.50
N LEU A 1166 61.80 -50.59 -53.29
CA LEU A 1166 62.56 -49.36 -53.17
C LEU A 1166 62.49 -48.53 -54.45
N GLU A 1167 62.59 -49.18 -55.61
CA GLU A 1167 62.53 -48.47 -56.87
C GLU A 1167 61.20 -47.73 -57.01
N VAL A 1168 60.09 -48.42 -56.75
CA VAL A 1168 58.79 -47.79 -56.94
C VAL A 1168 58.57 -46.69 -55.90
N VAL A 1169 59.03 -46.88 -54.66
CA VAL A 1169 58.90 -45.84 -53.66
C VAL A 1169 59.65 -44.60 -54.11
N MET A 1170 60.88 -44.76 -54.61
CA MET A 1170 61.65 -43.61 -55.07
C MET A 1170 60.96 -42.95 -56.27
N LYS A 1171 60.46 -43.76 -57.20
CA LYS A 1171 59.77 -43.20 -58.35
C LYS A 1171 58.63 -42.30 -57.90
N THR A 1172 57.75 -42.80 -57.03
CA THR A 1172 56.61 -42.01 -56.57
C THR A 1172 57.07 -40.78 -55.81
N GLU A 1173 58.01 -40.94 -54.88
CA GLU A 1173 58.42 -39.82 -54.06
C GLU A 1173 59.02 -38.71 -54.91
N ARG A 1174 59.88 -39.06 -55.87
CA ARG A 1174 60.44 -38.02 -56.73
C ARG A 1174 59.37 -37.42 -57.64
N ALA A 1175 58.43 -38.22 -58.15
CA ALA A 1175 57.39 -37.66 -58.99
C ALA A 1175 56.62 -36.59 -58.25
N MET A 1176 56.29 -36.81 -56.99
CA MET A 1176 55.56 -35.80 -56.22
C MET A 1176 56.48 -34.78 -55.57
N LEU A 1177 57.79 -34.98 -55.57
CA LEU A 1177 58.73 -34.05 -54.95
C LEU A 1177 58.47 -33.98 -53.46
N ILE A 1178 58.25 -35.13 -52.82
CA ILE A 1178 57.90 -35.18 -51.40
C ILE A 1178 58.86 -36.13 -50.71
N GLU A 1179 59.62 -35.62 -49.74
CA GLU A 1179 60.46 -36.46 -48.90
C GLU A 1179 60.22 -36.21 -47.43
N ALA A 1180 59.99 -34.94 -47.06
CA ALA A 1180 59.80 -34.62 -45.65
C ALA A 1180 58.52 -35.23 -45.10
N GLY A 1181 57.40 -35.03 -45.80
CA GLY A 1181 56.12 -35.52 -45.34
C GLY A 1181 55.68 -36.76 -46.07
N SER A 1182 56.61 -37.68 -46.32
CA SER A 1182 56.29 -38.93 -46.97
C SER A 1182 55.60 -39.86 -45.99
N PRO A 1183 54.39 -40.35 -46.29
CA PRO A 1183 53.74 -41.33 -45.41
C PRO A 1183 54.13 -42.77 -45.70
N PHE A 1184 55.17 -43.01 -46.47
CA PHE A 1184 55.60 -44.36 -46.82
C PHE A 1184 56.75 -44.87 -45.97
N ARG A 1185 57.55 -43.97 -45.39
CA ARG A 1185 58.78 -44.39 -44.72
C ARG A 1185 58.49 -45.27 -43.52
N GLU A 1186 57.47 -44.94 -42.74
CA GLU A 1186 57.23 -45.68 -41.50
C GLU A 1186 56.88 -47.14 -41.76
N PRO A 1187 55.94 -47.47 -42.64
CA PRO A 1187 55.71 -48.89 -42.95
C PRO A 1187 56.89 -49.56 -43.63
N LEU A 1188 57.77 -48.80 -44.29
CA LEU A 1188 58.84 -49.41 -45.07
C LEU A 1188 60.04 -49.77 -44.21
N ILE A 1189 60.39 -48.91 -43.25
CA ILE A 1189 61.51 -49.21 -42.37
C ILE A 1189 61.22 -50.47 -41.57
N LYS A 1190 59.97 -50.66 -41.15
CA LYS A 1190 59.61 -51.83 -40.37
C LYS A 1190 59.87 -53.11 -41.15
N PHE A 1191 59.58 -53.09 -42.46
CA PHE A 1191 59.84 -54.26 -43.29
C PHE A 1191 61.32 -54.42 -43.57
N LEU A 1192 62.03 -53.33 -43.81
CA LEU A 1192 63.45 -53.42 -44.12
C LEU A 1192 64.25 -53.97 -42.95
N THR A 1193 63.93 -53.53 -41.72
CA THR A 1193 64.65 -54.01 -40.55
C THR A 1193 64.68 -55.53 -40.45
N ARG A 1194 63.81 -56.22 -41.18
CA ARG A 1194 63.77 -57.67 -41.09
C ARG A 1194 64.99 -58.31 -41.72
N HIS A 1195 65.53 -57.72 -42.80
CA HIS A 1195 66.65 -58.27 -43.55
C HIS A 1195 67.71 -57.19 -43.67
N PRO A 1196 68.50 -56.96 -42.62
CA PRO A 1196 69.41 -55.82 -42.63
C PRO A 1196 70.62 -56.02 -43.54
N SER A 1197 71.17 -57.23 -43.57
CA SER A 1197 72.32 -57.48 -44.43
C SER A 1197 71.96 -57.30 -45.91
N GLN A 1198 70.89 -57.96 -46.35
CA GLN A 1198 70.47 -57.85 -47.74
C GLN A 1198 70.03 -56.42 -48.06
N THR A 1199 69.53 -55.70 -47.07
CA THR A 1199 69.18 -54.29 -47.29
C THR A 1199 70.43 -53.46 -47.54
N VAL A 1200 71.38 -53.48 -46.60
CA VAL A 1200 72.54 -52.61 -46.70
C VAL A 1200 73.37 -52.96 -47.91
N GLU A 1201 73.64 -54.25 -48.16
CA GLU A 1201 74.53 -54.61 -49.25
C GLU A 1201 74.00 -54.15 -50.60
N LEU A 1202 72.77 -53.63 -50.64
CA LEU A 1202 72.29 -53.03 -51.87
C LEU A 1202 72.75 -51.57 -51.98
N PHE A 1203 72.62 -50.81 -50.89
CA PHE A 1203 73.10 -49.43 -50.90
C PHE A 1203 74.61 -49.37 -51.06
N MET A 1204 75.34 -50.22 -50.35
CA MET A 1204 76.80 -50.14 -50.30
C MET A 1204 77.36 -50.70 -51.60
N MET A 1205 77.41 -49.85 -52.62
CA MET A 1205 77.89 -50.24 -53.93
C MET A 1205 78.42 -49.02 -54.67
N GLU A 1206 79.21 -49.32 -55.72
CA GLU A 1206 79.95 -48.27 -56.42
C GLU A 1206 79.01 -47.23 -57.01
N ALA A 1207 78.16 -47.63 -57.95
CA ALA A 1207 77.25 -46.68 -58.56
C ALA A 1207 76.29 -46.11 -57.53
N THR A 1208 75.87 -46.92 -56.55
CA THR A 1208 74.87 -46.49 -55.60
C THR A 1208 75.35 -45.29 -54.80
N LEU A 1209 76.43 -45.45 -54.02
CA LEU A 1209 76.79 -44.40 -53.09
C LEU A 1209 77.17 -43.09 -53.78
N ASN A 1210 77.83 -43.13 -54.93
CA ASN A 1210 78.07 -41.90 -55.68
C ASN A 1210 76.79 -41.49 -56.39
N ASP A 1211 75.74 -41.21 -55.62
CA ASP A 1211 74.45 -40.80 -56.16
C ASP A 1211 73.71 -40.00 -55.09
N PRO A 1212 73.46 -38.70 -55.31
CA PRO A 1212 72.87 -37.89 -54.23
C PRO A 1212 71.53 -38.40 -53.76
N GLN A 1213 70.64 -38.80 -54.67
CA GLN A 1213 69.30 -39.22 -54.25
C GLN A 1213 69.37 -40.44 -53.34
N TRP A 1214 69.85 -41.56 -53.87
CA TRP A 1214 69.93 -42.77 -53.06
C TRP A 1214 70.75 -42.56 -51.79
N SER A 1215 71.78 -41.71 -51.84
CA SER A 1215 72.51 -41.40 -50.63
C SER A 1215 71.60 -40.74 -49.60
N ARG A 1216 70.74 -39.81 -50.05
CA ARG A 1216 69.81 -39.17 -49.13
C ARG A 1216 68.88 -40.18 -48.48
N MET A 1217 68.32 -41.08 -49.27
CA MET A 1217 67.43 -42.08 -48.71
C MET A 1217 68.15 -42.96 -47.70
N PHE A 1218 69.38 -43.38 -48.02
CA PHE A 1218 70.09 -44.27 -47.12
C PHE A 1218 70.42 -43.56 -45.81
N MET A 1219 70.84 -42.29 -45.89
CA MET A 1219 71.10 -41.53 -44.68
C MET A 1219 69.84 -41.35 -43.85
N SER A 1220 68.71 -41.06 -44.48
CA SER A 1220 67.47 -40.93 -43.73
C SER A 1220 67.10 -42.23 -43.04
N PHE A 1221 67.20 -43.35 -43.75
CA PHE A 1221 66.87 -44.63 -43.14
C PHE A 1221 67.77 -44.94 -41.95
N LEU A 1222 69.08 -44.75 -42.09
CA LEU A 1222 70.00 -45.20 -41.04
C LEU A 1222 69.75 -44.49 -39.72
N LYS A 1223 69.46 -43.19 -39.76
CA LYS A 1223 69.38 -42.40 -38.54
C LYS A 1223 68.03 -42.49 -37.84
N HIS A 1224 67.10 -43.27 -38.37
CA HIS A 1224 65.80 -43.43 -37.72
C HIS A 1224 65.97 -43.89 -36.28
N LYS A 1225 64.90 -43.72 -35.49
CA LYS A 1225 64.95 -44.11 -34.09
C LYS A 1225 65.17 -45.61 -33.94
N ASP A 1226 64.26 -46.42 -34.48
CA ASP A 1226 64.34 -47.87 -34.35
C ASP A 1226 64.88 -48.48 -35.65
N ALA A 1227 66.21 -48.44 -35.75
CA ALA A 1227 66.90 -49.03 -36.88
C ALA A 1227 68.15 -49.76 -36.39
N ARG A 1228 68.12 -50.20 -35.13
CA ARG A 1228 69.28 -50.77 -34.47
C ARG A 1228 69.90 -51.91 -35.27
N PRO A 1229 69.12 -52.84 -35.82
CA PRO A 1229 69.76 -53.90 -36.63
C PRO A 1229 70.57 -53.36 -37.79
N LEU A 1230 70.09 -52.31 -38.47
CA LEU A 1230 70.87 -51.74 -39.56
C LEU A 1230 72.17 -51.15 -39.06
N ARG A 1231 72.14 -50.43 -37.94
CA ARG A 1231 73.38 -49.86 -37.40
C ARG A 1231 74.35 -50.97 -37.00
N ASP A 1232 73.83 -52.03 -36.37
CA ASP A 1232 74.70 -53.14 -35.96
C ASP A 1232 75.34 -53.81 -37.17
N VAL A 1233 74.57 -54.01 -38.24
CA VAL A 1233 75.11 -54.70 -39.41
C VAL A 1233 76.29 -53.92 -39.98
N LEU A 1234 76.15 -52.60 -40.10
CA LEU A 1234 77.25 -51.79 -40.60
C LEU A 1234 78.43 -51.81 -39.63
N ALA A 1235 78.18 -51.59 -38.33
CA ALA A 1235 79.27 -51.47 -37.38
C ALA A 1235 79.99 -52.79 -37.13
N ALA A 1236 79.38 -53.93 -37.46
CA ALA A 1236 80.00 -55.21 -37.16
C ALA A 1236 81.22 -55.47 -38.04
N ASN A 1237 81.29 -54.81 -39.19
CA ASN A 1237 82.37 -55.03 -40.16
C ASN A 1237 82.98 -53.70 -40.54
N PRO A 1238 83.88 -53.15 -39.73
CA PRO A 1238 84.53 -51.88 -40.06
C PRO A 1238 85.61 -51.97 -41.13
N ASN A 1239 85.73 -53.11 -41.81
CA ASN A 1239 86.76 -53.26 -42.82
C ASN A 1239 86.44 -52.51 -44.09
N ARG A 1240 85.15 -52.28 -44.38
CA ARG A 1240 84.81 -51.59 -45.63
C ARG A 1240 85.20 -50.12 -45.58
N PHE A 1241 84.93 -49.44 -44.47
CA PHE A 1241 85.22 -48.02 -44.37
C PHE A 1241 86.70 -47.72 -44.60
N ILE A 1242 87.59 -48.65 -44.29
CA ILE A 1242 89.02 -48.43 -44.53
C ILE A 1242 89.26 -48.07 -45.99
N THR A 1243 88.88 -48.97 -46.91
CA THR A 1243 89.22 -48.81 -48.31
C THR A 1243 88.44 -47.69 -48.99
N LEU A 1244 87.63 -46.94 -48.23
CA LEU A 1244 86.86 -45.86 -48.83
C LEU A 1244 87.49 -44.51 -48.57
N LEU A 1245 88.73 -44.47 -48.09
CA LEU A 1245 89.37 -43.22 -47.70
C LEU A 1245 90.77 -43.04 -48.29
N LEU A 1246 91.46 -44.12 -48.62
CA LEU A 1246 92.83 -43.98 -49.11
C LEU A 1246 92.81 -43.18 -50.40
N PRO A 1247 93.66 -42.15 -50.56
CA PRO A 1247 93.59 -41.33 -51.78
C PRO A 1247 93.82 -42.15 -53.04
N GLY A 1248 92.81 -42.24 -53.89
CA GLY A 1248 92.91 -42.99 -55.13
C GLY A 1248 91.89 -42.53 -56.15
N MET A 1264 85.13 -39.63 -61.55
CA MET A 1264 85.76 -39.31 -60.28
C MET A 1264 84.96 -39.88 -59.11
N ARG A 1265 85.67 -40.34 -58.08
CA ARG A 1265 85.04 -41.01 -56.95
C ARG A 1265 85.63 -40.55 -55.62
N LEU A 1266 85.90 -39.26 -55.48
CA LEU A 1266 86.47 -38.72 -54.26
C LEU A 1266 85.42 -38.30 -53.24
N ASP A 1267 84.13 -38.40 -53.57
CA ASP A 1267 83.07 -38.06 -52.64
C ASP A 1267 82.82 -39.14 -51.60
N LEU A 1268 83.32 -40.36 -51.84
CA LEU A 1268 83.07 -41.46 -50.92
C LEU A 1268 83.58 -41.13 -49.52
N GLN A 1269 84.56 -40.22 -49.44
CA GLN A 1269 85.03 -39.76 -48.14
C GLN A 1269 83.87 -39.25 -47.29
N PHE A 1270 83.04 -38.39 -47.88
CA PHE A 1270 81.97 -37.76 -47.11
C PHE A 1270 80.93 -38.78 -46.70
N GLN A 1271 80.61 -39.72 -47.59
CA GLN A 1271 79.66 -40.78 -47.22
C GLN A 1271 80.18 -41.56 -46.03
N ALA A 1272 81.47 -41.90 -46.04
CA ALA A 1272 82.04 -42.64 -44.92
C ALA A 1272 82.00 -41.81 -43.64
N ILE A 1273 82.34 -40.52 -43.74
CA ILE A 1273 82.45 -39.69 -42.55
C ILE A 1273 81.07 -39.37 -42.00
N LYS A 1274 80.03 -39.48 -42.84
CA LYS A 1274 78.68 -39.30 -42.36
C LYS A 1274 78.16 -40.59 -41.70
N ILE A 1275 78.45 -41.73 -42.31
CA ILE A 1275 77.97 -43.00 -41.77
C ILE A 1275 78.60 -43.27 -40.41
N ILE A 1276 79.90 -42.96 -40.27
CA ILE A 1276 80.59 -43.20 -39.00
C ILE A 1276 79.95 -42.35 -37.91
N SER A 1277 79.69 -41.09 -38.20
CA SER A 1277 79.05 -40.20 -37.23
C SER A 1277 77.65 -40.70 -36.89
N ILE A 1278 76.90 -41.17 -37.89
CA ILE A 1278 75.56 -41.68 -37.63
C ILE A 1278 75.61 -42.85 -36.67
N ILE A 1279 76.53 -43.79 -36.90
CA ILE A 1279 76.64 -44.94 -36.02
C ILE A 1279 77.02 -44.50 -34.62
N VAL A 1280 78.01 -43.61 -34.50
CA VAL A 1280 78.48 -43.20 -33.19
C VAL A 1280 77.36 -42.53 -32.41
N LYS A 1281 76.62 -41.62 -33.06
CA LYS A 1281 75.58 -40.83 -32.40
C LYS A 1281 74.68 -41.66 -31.52
N ASN A 1282 74.46 -42.92 -31.87
CA ASN A 1282 73.70 -43.84 -31.04
C ASN A 1282 74.57 -44.77 -30.21
N ASP A 1283 75.62 -45.35 -30.79
CA ASP A 1283 76.37 -46.36 -30.06
C ASP A 1283 77.04 -45.77 -28.83
N ASP A 1284 77.81 -44.69 -29.01
CA ASP A 1284 78.48 -44.01 -27.90
C ASP A 1284 79.56 -44.87 -27.25
N SER A 1285 79.70 -46.12 -27.65
CA SER A 1285 80.68 -47.01 -27.03
C SER A 1285 81.29 -47.99 -28.02
N TRP A 1286 81.63 -47.52 -29.22
CA TRP A 1286 82.04 -48.42 -30.28
C TRP A 1286 83.49 -48.26 -30.72
N LEU A 1287 84.13 -47.14 -30.43
CA LEU A 1287 85.47 -46.86 -30.93
C LEU A 1287 86.57 -47.44 -30.05
N ALA A 1288 86.23 -47.98 -28.89
CA ALA A 1288 87.25 -48.54 -28.01
C ALA A 1288 87.97 -49.72 -28.64
N SER A 1289 87.38 -50.32 -29.68
CA SER A 1289 88.01 -51.45 -30.35
C SER A 1289 87.93 -51.30 -31.87
N GLN A 1290 88.26 -50.11 -32.37
CA GLN A 1290 88.30 -49.89 -33.81
C GLN A 1290 89.69 -49.42 -34.22
N HIS A 1291 90.71 -50.02 -33.60
CA HIS A 1291 92.09 -49.61 -33.81
C HIS A 1291 92.57 -49.87 -35.23
N SER A 1292 91.92 -50.79 -35.95
CA SER A 1292 92.36 -51.09 -37.30
C SER A 1292 92.33 -49.85 -38.19
N LEU A 1293 91.44 -48.91 -37.90
CA LEU A 1293 91.29 -47.71 -38.73
C LEU A 1293 91.14 -46.42 -37.93
N VAL A 1294 91.20 -46.46 -36.60
CA VAL A 1294 91.20 -45.21 -35.85
C VAL A 1294 92.38 -44.35 -36.29
N SER A 1295 93.55 -44.97 -36.49
CA SER A 1295 94.67 -44.24 -37.05
C SER A 1295 94.31 -43.65 -38.40
N GLN A 1296 93.89 -44.51 -39.34
CA GLN A 1296 93.44 -44.06 -40.65
C GLN A 1296 92.57 -42.82 -40.54
N LEU A 1297 91.75 -42.75 -39.49
CA LEU A 1297 90.78 -41.66 -39.37
C LEU A 1297 91.47 -40.31 -39.30
N ARG A 1298 92.43 -40.15 -38.39
CA ARG A 1298 93.15 -38.88 -38.33
C ARG A 1298 94.18 -38.74 -39.44
N ARG A 1299 94.69 -39.87 -39.96
CA ARG A 1299 95.57 -39.82 -41.12
C ARG A 1299 94.88 -39.14 -42.29
N VAL A 1300 93.58 -39.35 -42.44
CA VAL A 1300 92.91 -38.93 -43.67
C VAL A 1300 92.48 -37.46 -43.62
N TRP A 1301 92.76 -36.74 -42.52
CA TRP A 1301 92.51 -35.31 -42.53
C TRP A 1301 93.67 -34.47 -42.02
N VAL A 1302 94.63 -35.06 -41.30
CA VAL A 1302 95.76 -34.26 -40.88
C VAL A 1302 96.55 -33.77 -42.07
N SER A 1303 96.64 -34.58 -43.12
CA SER A 1303 97.48 -34.28 -44.26
C SER A 1303 97.06 -32.97 -44.91
N GLU A 1304 97.92 -32.49 -45.81
CA GLU A 1304 97.65 -31.27 -46.57
C GLU A 1304 96.48 -31.41 -47.51
N ASN A 1305 96.30 -32.58 -48.14
CA ASN A 1305 95.24 -32.73 -49.14
C ASN A 1305 93.89 -32.31 -48.58
N PHE A 1306 93.70 -32.39 -47.27
CA PHE A 1306 92.41 -32.10 -46.67
C PHE A 1306 92.24 -30.61 -46.41
N GLN A 1307 93.15 -30.02 -45.64
CA GLN A 1307 93.02 -28.62 -45.25
C GLN A 1307 93.03 -27.71 -46.47
N GLU A 1308 93.93 -27.97 -47.42
CA GLU A 1308 94.01 -27.09 -48.58
C GLU A 1308 92.79 -27.25 -49.48
N ARG A 1309 92.20 -28.44 -49.54
CA ARG A 1309 91.01 -28.61 -50.36
C ARG A 1309 89.79 -27.99 -49.69
N HIS A 1310 89.70 -28.07 -48.38
CA HIS A 1310 88.50 -27.63 -47.66
C HIS A 1310 88.67 -26.26 -47.02
N ARG A 1311 89.73 -25.54 -47.36
CA ARG A 1311 89.83 -24.12 -47.05
C ARG A 1311 89.47 -23.24 -48.25
N LYS A 1312 89.49 -23.81 -49.45
CA LYS A 1312 89.37 -23.05 -50.67
C LYS A 1312 88.28 -23.63 -51.57
N GLU A 1313 87.76 -22.78 -52.45
CA GLU A 1313 86.65 -23.16 -53.32
C GLU A 1313 85.50 -23.67 -52.48
N ASN A 1314 84.92 -22.81 -51.65
CA ASN A 1314 83.79 -23.15 -50.80
C ASN A 1314 82.68 -22.12 -50.96
N MET A 1315 82.65 -21.43 -52.10
CA MET A 1315 81.59 -20.48 -52.35
C MET A 1315 80.25 -21.18 -52.59
N ALA A 1316 80.27 -22.22 -53.44
CA ALA A 1316 79.09 -23.06 -53.63
C ALA A 1316 79.51 -24.53 -53.72
N ALA A 1317 80.49 -24.91 -52.92
CA ALA A 1317 81.00 -26.27 -52.92
C ALA A 1317 80.25 -27.12 -51.92
N THR A 1318 79.59 -28.16 -52.41
CA THR A 1318 78.87 -29.08 -51.54
C THR A 1318 79.85 -29.82 -50.65
N ASN A 1319 79.30 -30.63 -49.73
CA ASN A 1319 80.10 -31.52 -48.90
C ASN A 1319 80.90 -30.74 -47.86
N TRP A 1320 80.41 -29.56 -47.50
CA TRP A 1320 81.23 -28.61 -46.76
C TRP A 1320 81.19 -28.83 -45.25
N LYS A 1321 80.31 -29.70 -44.74
CA LYS A 1321 80.26 -29.97 -43.31
C LYS A 1321 81.13 -31.15 -42.90
N GLU A 1322 81.93 -31.68 -43.81
CA GLU A 1322 82.78 -32.83 -43.51
C GLU A 1322 83.57 -32.63 -42.22
N PRO A 1323 84.21 -31.47 -42.05
CA PRO A 1323 85.01 -31.27 -40.83
C PRO A 1323 84.22 -31.35 -39.55
N LYS A 1324 82.97 -30.87 -39.53
CA LYS A 1324 82.20 -30.94 -38.29
C LYS A 1324 81.95 -32.38 -37.87
N LEU A 1325 81.52 -33.21 -38.82
CA LEU A 1325 81.32 -34.62 -38.53
C LEU A 1325 82.61 -35.29 -38.11
N LEU A 1326 83.71 -34.99 -38.81
CA LEU A 1326 84.98 -35.63 -38.48
C LEU A 1326 85.44 -35.23 -37.09
N ALA A 1327 85.25 -33.96 -36.73
CA ALA A 1327 85.61 -33.50 -35.39
C ALA A 1327 84.78 -34.20 -34.33
N TYR A 1328 83.47 -34.34 -34.57
CA TYR A 1328 82.64 -35.07 -33.61
C TYR A 1328 83.14 -36.50 -33.44
N CYS A 1329 83.38 -37.19 -34.55
CA CYS A 1329 83.83 -38.58 -34.46
C CYS A 1329 85.16 -38.69 -33.70
N LEU A 1330 86.12 -37.81 -34.01
CA LEU A 1330 87.42 -37.90 -33.36
C LEU A 1330 87.34 -37.54 -31.87
N LEU A 1331 86.56 -36.50 -31.53
CA LEU A 1331 86.39 -36.17 -30.12
C LEU A 1331 85.72 -37.31 -29.37
N ASN A 1332 84.91 -38.11 -30.06
CA ASN A 1332 84.34 -39.27 -29.39
C ASN A 1332 85.45 -40.16 -28.81
N TYR A 1333 86.41 -40.55 -29.65
CA TYR A 1333 87.52 -41.37 -29.19
C TYR A 1333 88.36 -40.64 -28.15
N CYS A 1334 88.58 -39.33 -28.38
CA CYS A 1334 89.35 -38.55 -27.42
C CYS A 1334 88.74 -38.64 -26.03
N LYS A 1335 87.44 -38.40 -25.91
CA LYS A 1335 86.76 -38.50 -24.62
C LYS A 1335 86.79 -39.92 -24.09
N ARG A 1336 86.63 -40.91 -24.98
CA ARG A 1336 86.56 -42.30 -24.52
C ARG A 1336 87.88 -42.70 -23.86
N ASN A 1337 89.00 -42.31 -24.45
CA ASN A 1337 90.30 -42.71 -23.95
C ASN A 1337 90.87 -41.71 -22.94
N UNK A 1338 98.51 -37.38 -27.98
CA UNK A 1338 98.72 -37.15 -29.40
C UNK A 1338 97.40 -36.82 -30.09
N UNK A 1339 96.35 -37.48 -29.62
CA UNK A 1339 95.00 -37.27 -30.16
C UNK A 1339 94.65 -35.79 -30.17
N UNK A 1340 94.14 -35.29 -29.05
CA UNK A 1340 93.73 -33.90 -28.93
C UNK A 1340 94.77 -32.95 -29.50
N UNK A 1341 96.04 -33.32 -29.35
CA UNK A 1341 97.13 -32.51 -29.87
C UNK A 1341 96.95 -32.27 -31.37
N UNK A 1342 96.89 -33.34 -32.14
CA UNK A 1342 96.75 -33.22 -33.59
C UNK A 1342 95.37 -32.66 -33.93
N UNK A 1343 94.40 -32.98 -33.08
CA UNK A 1343 93.00 -32.62 -33.30
C UNK A 1343 92.77 -31.11 -33.25
N UNK A 1344 93.47 -30.44 -32.34
CA UNK A 1344 93.30 -29.00 -32.14
C UNK A 1344 93.48 -28.21 -33.42
N UNK A 1345 93.95 -28.87 -34.48
CA UNK A 1345 94.16 -28.21 -35.76
C UNK A 1345 92.85 -27.77 -36.40
N UNK A 1346 91.75 -27.84 -35.64
CA UNK A 1346 90.44 -27.46 -36.14
C UNK A 1346 90.32 -25.95 -36.28
N UNK A 1347 89.92 -25.29 -35.20
CA UNK A 1347 89.75 -23.85 -35.19
C UNK A 1347 91.01 -23.14 -35.71
N UNK A 1348 91.31 -23.35 -36.98
CA UNK A 1348 92.51 -22.79 -37.60
C UNK A 1348 92.46 -23.09 -39.10
N UNK A 1349 93.07 -22.19 -39.88
CA UNK A 1349 92.98 -22.23 -41.34
C UNK A 1349 91.65 -21.60 -41.75
N UNK A 1350 90.77 -22.40 -42.32
CA UNK A 1350 89.43 -21.93 -42.65
C UNK A 1350 88.63 -21.76 -41.37
N UNK A 1351 87.34 -22.12 -41.44
CA UNK A 1351 86.45 -22.05 -40.30
C UNK A 1351 85.01 -22.24 -40.76
N UNK A 1352 84.85 -22.93 -41.89
CA UNK A 1352 83.54 -23.10 -42.52
C UNK A 1352 82.45 -23.44 -41.51
N UNK A 1353 82.26 -24.72 -41.27
CA UNK A 1353 81.27 -25.16 -40.28
C UNK A 1353 81.61 -24.57 -38.93
N UNK A 1354 80.61 -24.41 -38.08
CA UNK A 1354 80.83 -23.86 -36.74
C UNK A 1354 81.33 -24.94 -35.80
N UNK A 1355 81.63 -24.55 -34.56
CA UNK A 1355 82.14 -25.48 -33.57
C UNK A 1355 82.21 -24.84 -32.20
N UNK A 1356 81.13 -24.95 -31.45
CA UNK A 1356 81.12 -24.52 -30.05
C UNK A 1356 81.18 -25.77 -29.19
N UNK A 1357 80.92 -26.90 -29.83
CA UNK A 1357 81.03 -28.21 -29.19
C UNK A 1357 82.36 -28.29 -28.47
N UNK A 1358 83.40 -28.64 -29.23
CA UNK A 1358 84.75 -28.76 -28.69
C UNK A 1358 85.09 -27.60 -27.76
N UNK A 1359 84.71 -26.39 -28.17
CA UNK A 1359 84.97 -25.20 -27.38
C UNK A 1359 84.56 -25.40 -25.92
N UNK A 1360 83.30 -25.74 -25.70
CA UNK A 1360 82.78 -25.89 -24.35
C UNK A 1360 83.22 -27.20 -23.72
N UNK A 1361 83.30 -28.25 -24.54
CA UNK A 1361 83.61 -29.59 -24.06
C UNK A 1361 85.03 -29.69 -23.53
N UNK A 1362 85.89 -28.80 -24.00
CA UNK A 1362 87.27 -28.74 -23.51
C UNK A 1362 87.42 -27.60 -22.51
N UNK A 1363 86.36 -26.81 -22.37
CA UNK A 1363 86.35 -25.75 -21.36
C UNK A 1363 86.55 -26.38 -20.00
N UNK A 1364 85.65 -27.30 -19.64
CA UNK A 1364 85.78 -28.05 -18.39
C UNK A 1364 86.96 -29.02 -18.51
N UNK A 1365 87.34 -29.64 -17.41
CA UNK A 1365 88.45 -30.59 -17.41
C UNK A 1365 88.31 -31.67 -16.34
N UNK A 1366 87.42 -31.42 -15.38
CA UNK A 1366 87.16 -32.39 -14.32
C UNK A 1366 86.71 -33.71 -14.91
N UNK A 1367 96.13 -35.33 -8.87
CA UNK A 1367 95.20 -36.35 -9.34
C UNK A 1367 95.85 -37.19 -10.44
N UNK A 1368 95.23 -38.31 -10.79
CA UNK A 1368 95.73 -39.13 -11.89
C UNK A 1368 95.50 -38.41 -13.21
N UNK A 1369 94.37 -37.74 -13.32
CA UNK A 1369 94.09 -36.91 -14.49
C UNK A 1369 95.15 -35.82 -14.55
N UNK A 1370 95.58 -35.33 -13.39
CA UNK A 1370 96.63 -34.31 -13.35
C UNK A 1370 97.97 -34.91 -13.75
N UNK A 1371 98.20 -36.17 -13.42
CA UNK A 1371 99.42 -36.86 -13.84
C UNK A 1371 99.43 -36.92 -15.37
N UNK A 1372 98.28 -37.24 -15.92
CA UNK A 1372 98.11 -37.28 -17.38
C UNK A 1372 98.34 -35.89 -17.97
N UNK A 1373 97.82 -34.88 -17.29
CA UNK A 1373 97.99 -33.49 -17.70
C UNK A 1373 99.48 -33.14 -17.73
N UNK A 1374 100.22 -33.63 -16.74
CA UNK A 1374 101.65 -33.38 -16.65
C UNK A 1374 102.37 -34.06 -17.80
N UNK A 1375 101.94 -35.29 -18.07
CA UNK A 1375 102.48 -36.06 -19.19
C UNK A 1375 102.28 -35.25 -20.46
N UNK A 1376 101.11 -34.64 -20.57
CA UNK A 1376 100.76 -33.85 -21.75
C UNK A 1376 101.62 -32.60 -21.82
N UNK A 1377 101.84 -31.99 -20.67
CA UNK A 1377 102.68 -30.81 -20.57
C UNK A 1377 104.03 -31.15 -21.17
N UNK A 1378 104.55 -32.29 -20.77
CA UNK A 1378 105.82 -32.78 -21.29
C UNK A 1378 105.73 -32.92 -22.80
N UNK A 1379 104.81 -33.77 -23.23
CA UNK A 1379 104.60 -34.08 -24.64
C UNK A 1379 104.53 -32.82 -25.50
N UNK A 1380 104.02 -31.75 -24.92
CA UNK A 1380 103.92 -30.47 -25.60
C UNK A 1380 105.26 -30.09 -26.22
N UNK A 1381 106.19 -29.65 -25.38
CA UNK A 1381 107.50 -29.24 -25.85
C UNK A 1381 108.30 -30.42 -26.37
N UNK A 1382 107.86 -31.64 -26.08
CA UNK A 1382 108.55 -32.81 -26.58
C UNK A 1382 108.37 -32.97 -28.09
N UNK A 1383 107.12 -33.07 -28.51
CA UNK A 1383 106.78 -33.35 -29.90
C UNK A 1383 106.95 -32.11 -30.76
N UNK A 1384 107.84 -32.22 -31.74
CA UNK A 1384 108.04 -31.18 -32.73
C UNK A 1384 108.49 -31.85 -34.02
N UNK A 1385 107.59 -32.64 -34.59
CA UNK A 1385 107.93 -33.51 -35.71
C UNK A 1385 108.34 -32.73 -36.96
N UNK A 1386 107.77 -33.10 -38.10
CA UNK A 1386 108.07 -32.45 -39.36
C UNK A 1386 107.27 -31.15 -39.48
N UNK A 1387 105.95 -31.26 -39.40
CA UNK A 1387 105.07 -30.10 -39.43
C UNK A 1387 104.12 -30.14 -38.25
N UNK A 1388 104.64 -30.59 -37.12
CA UNK A 1388 103.83 -30.77 -35.91
C UNK A 1388 103.19 -29.47 -35.46
N UNK A 1389 102.59 -29.51 -34.27
CA UNK A 1389 101.91 -28.35 -33.70
C UNK A 1389 102.76 -27.09 -33.80
N UNK A 1390 102.32 -26.15 -34.63
CA UNK A 1390 103.00 -24.86 -34.75
C UNK A 1390 102.81 -24.07 -33.44
N UNK A 1391 102.39 -22.83 -33.55
CA UNK A 1391 102.14 -22.00 -32.37
C UNK A 1391 100.64 -21.80 -32.17
N UNK A 1392 99.96 -22.88 -31.79
CA UNK A 1392 98.51 -22.85 -31.65
C UNK A 1392 98.05 -23.59 -30.41
N UNK A 1393 99.00 -24.16 -29.67
CA UNK A 1393 98.67 -24.94 -28.49
C UNK A 1393 98.06 -24.07 -27.40
N UNK A 1394 98.32 -22.77 -27.49
CA UNK A 1394 97.92 -21.83 -26.45
C UNK A 1394 96.47 -21.95 -26.02
N UNK A 1395 95.56 -21.80 -26.97
CA UNK A 1395 94.12 -21.76 -26.66
C UNK A 1395 93.62 -23.08 -26.06
N UNK A 1396 94.53 -23.99 -25.74
CA UNK A 1396 94.20 -25.23 -25.05
C UNK A 1396 95.02 -25.35 -23.77
N UNK A 1397 96.32 -25.06 -23.89
CA UNK A 1397 97.23 -25.12 -22.76
C UNK A 1397 96.81 -24.10 -21.68
N UNK A 1398 96.69 -22.85 -22.08
CA UNK A 1398 96.29 -21.80 -21.15
C UNK A 1398 94.88 -22.06 -20.63
N UNK A 1399 94.04 -22.67 -21.47
CA UNK A 1399 92.69 -23.01 -21.08
C UNK A 1399 92.70 -23.99 -19.91
N UNK A 1400 93.46 -25.07 -20.09
CA UNK A 1400 93.64 -26.06 -19.05
C UNK A 1400 94.18 -25.39 -17.79
N UNK A 1401 95.13 -24.48 -17.99
CA UNK A 1401 95.72 -23.73 -16.89
C UNK A 1401 94.62 -23.04 -16.08
N UNK A 1402 93.81 -22.26 -16.78
CA UNK A 1402 92.70 -21.53 -16.17
C UNK A 1402 91.78 -22.49 -15.44
N UNK A 1403 91.60 -23.67 -16.02
CA UNK A 1403 90.73 -24.70 -15.44
C UNK A 1403 91.05 -24.91 -13.97
N UNK A 1404 92.34 -25.03 -13.65
CA UNK A 1404 92.76 -25.21 -12.26
C UNK A 1404 92.45 -23.96 -11.46
N UNK A 1405 91.16 -23.80 -11.12
CA UNK A 1405 90.73 -22.63 -10.37
C UNK A 1405 90.88 -22.86 -8.87
N UNK A 1406 91.06 -24.12 -8.49
CA UNK A 1406 91.23 -24.47 -7.09
C UNK A 1406 92.43 -23.76 -6.48
N UNK A 1407 109.12 -31.53 -14.29
CA UNK A 1407 110.15 -30.60 -13.85
C UNK A 1407 109.79 -29.17 -14.23
N UNK A 1408 109.28 -28.40 -13.29
CA UNK A 1408 109.01 -26.98 -13.53
C UNK A 1408 110.35 -26.30 -13.81
N UNK A 1409 111.39 -26.80 -13.16
CA UNK A 1409 112.74 -26.33 -13.40
C UNK A 1409 113.13 -26.59 -14.85
N UNK A 1410 112.83 -27.78 -15.36
CA UNK A 1410 113.15 -28.12 -16.74
C UNK A 1410 112.31 -27.27 -17.70
N UNK A 1411 111.11 -26.93 -17.26
CA UNK A 1411 110.23 -26.06 -18.03
C UNK A 1411 110.89 -24.70 -18.22
N UNK A 1412 111.32 -24.15 -17.09
CA UNK A 1412 112.05 -22.89 -17.08
C UNK A 1412 113.29 -22.98 -17.97
N UNK A 1413 113.99 -24.10 -17.85
CA UNK A 1413 115.23 -24.33 -18.60
C UNK A 1413 114.98 -24.33 -20.10
N UNK A 1414 113.91 -24.98 -20.53
CA UNK A 1414 113.53 -25.04 -21.93
C UNK A 1414 113.19 -23.64 -22.42
N UNK A 1415 112.40 -22.93 -21.63
CA UNK A 1415 112.01 -21.57 -21.97
C UNK A 1415 113.25 -20.70 -22.18
N UNK A 1416 114.24 -20.91 -21.31
CA UNK A 1416 115.46 -20.11 -21.34
C UNK A 1416 116.36 -20.48 -22.52
N UNK A 1417 116.46 -21.76 -22.81
CA UNK A 1417 117.23 -22.24 -23.94
C UNK A 1417 116.66 -21.66 -25.23
N UNK A 1418 115.33 -21.65 -25.31
CA UNK A 1418 114.66 -21.07 -26.47
C UNK A 1418 114.88 -19.56 -26.49
N UNK A 1419 114.12 -18.83 -25.68
CA UNK A 1419 114.22 -17.38 -25.64
C UNK A 1419 113.85 -16.77 -26.98
N UNK A 1420 102.08 -15.16 -33.56
CA UNK A 1420 103.06 -14.20 -33.05
C UNK A 1420 102.68 -13.73 -31.66
N UNK A 1421 101.59 -12.96 -31.57
CA UNK A 1421 101.15 -12.41 -30.30
C UNK A 1421 100.76 -13.52 -29.33
N UNK A 1422 100.45 -14.68 -29.88
CA UNK A 1422 99.95 -15.81 -29.11
C UNK A 1422 100.97 -16.30 -28.09
N UNK A 1423 102.21 -16.50 -28.53
CA UNK A 1423 103.25 -17.00 -27.65
C UNK A 1423 103.45 -16.06 -26.46
N UNK A 1424 103.53 -14.77 -26.76
CA UNK A 1424 103.74 -13.76 -25.74
C UNK A 1424 102.57 -13.74 -24.76
N UNK A 1425 101.36 -13.76 -25.28
CA UNK A 1425 100.17 -13.72 -24.43
C UNK A 1425 100.16 -14.94 -23.53
N UNK A 1426 100.52 -16.09 -24.08
CA UNK A 1426 100.51 -17.34 -23.34
C UNK A 1426 101.52 -17.28 -22.20
N UNK A 1427 102.71 -16.79 -22.50
CA UNK A 1427 103.75 -16.65 -21.49
C UNK A 1427 103.30 -15.70 -20.37
N UNK A 1428 102.65 -14.59 -20.77
CA UNK A 1428 102.20 -13.61 -19.79
C UNK A 1428 101.13 -14.20 -18.88
N UNK A 1429 100.22 -14.99 -19.47
CA UNK A 1429 99.18 -15.64 -18.70
C UNK A 1429 99.84 -16.61 -17.73
N UNK A 1430 100.82 -17.35 -18.23
CA UNK A 1430 101.55 -18.31 -17.41
C UNK A 1430 102.16 -17.63 -16.20
N UNK A 1431 102.75 -16.47 -16.44
CA UNK A 1431 103.39 -15.71 -15.38
C UNK A 1431 102.37 -15.21 -14.35
N UNK A 1432 101.31 -14.59 -14.84
CA UNK A 1432 100.29 -14.00 -13.97
C UNK A 1432 99.55 -15.09 -13.19
N UNK A 1433 99.65 -16.33 -13.66
CA UNK A 1433 99.08 -17.46 -12.94
C UNK A 1433 100.07 -18.01 -11.92
N UNK A 1434 101.32 -18.18 -12.33
CA UNK A 1434 102.34 -18.78 -11.47
C UNK A 1434 102.68 -17.86 -10.31
N UNK A 1435 102.36 -16.58 -10.46
CA UNK A 1435 102.60 -15.63 -9.38
C UNK A 1435 101.50 -15.75 -8.32
N UNK A 1436 100.91 -16.93 -8.19
CA UNK A 1436 99.83 -17.17 -7.26
C UNK A 1436 100.15 -18.35 -6.34
N UNK A 1437 115.63 -22.84 -6.09
CA UNK A 1437 114.95 -22.15 -7.18
C UNK A 1437 114.66 -20.70 -6.80
N UNK A 1438 113.61 -20.13 -7.40
CA UNK A 1438 113.21 -18.75 -7.14
C UNK A 1438 114.19 -17.76 -7.77
N UNK A 1439 115.48 -18.01 -7.59
CA UNK A 1439 116.52 -17.11 -8.10
C UNK A 1439 116.45 -16.97 -9.61
N UNK A 1440 116.86 -18.02 -10.32
CA UNK A 1440 116.81 -18.06 -11.77
C UNK A 1440 115.39 -17.76 -12.23
N UNK A 1441 114.42 -18.14 -11.40
CA UNK A 1441 113.02 -17.82 -11.64
C UNK A 1441 112.88 -16.34 -11.95
N UNK A 1442 113.04 -15.52 -10.91
CA UNK A 1442 112.93 -14.08 -11.03
C UNK A 1442 113.83 -13.57 -12.15
N UNK A 1443 115.04 -14.12 -12.22
CA UNK A 1443 116.01 -13.68 -13.22
C UNK A 1443 115.39 -13.72 -14.61
N UNK A 1444 115.07 -14.92 -15.07
CA UNK A 1444 114.46 -15.09 -16.37
C UNK A 1444 113.07 -14.46 -16.44
N UNK A 1445 112.52 -14.06 -15.28
CA UNK A 1445 111.20 -13.45 -15.23
C UNK A 1445 111.16 -12.04 -15.82
N UNK A 1446 112.32 -11.45 -16.06
CA UNK A 1446 112.40 -10.14 -16.70
C UNK A 1446 112.73 -10.32 -18.17
N UNK A 1447 113.16 -11.52 -18.52
CA UNK A 1447 113.45 -11.86 -19.91
C UNK A 1447 112.16 -12.22 -20.64
N UNK A 1448 99.50 15.72 -13.65
CA UNK A 1448 99.20 17.12 -13.40
C UNK A 1448 99.91 18.02 -14.40
N UNK A 1449 101.24 18.02 -14.36
CA UNK A 1449 102.04 18.83 -15.26
C UNK A 1449 101.55 18.65 -16.70
N UNK A 1450 101.73 17.44 -17.23
CA UNK A 1450 101.30 17.14 -18.59
C UNK A 1450 99.82 16.79 -18.62
N UNK A 1451 99.21 16.64 -17.45
CA UNK A 1451 97.77 16.40 -17.38
C UNK A 1451 97.03 17.63 -17.90
N UNK A 1452 97.55 18.79 -17.55
CA UNK A 1452 97.02 20.06 -18.06
C UNK A 1452 97.03 20.06 -19.58
N UNK A 1453 98.16 19.63 -20.15
CA UNK A 1453 98.32 19.56 -21.60
C UNK A 1453 97.36 18.55 -22.21
N UNK A 1454 97.21 17.41 -21.54
CA UNK A 1454 96.31 16.36 -21.99
C UNK A 1454 94.89 16.92 -22.09
N UNK A 1455 94.49 17.67 -21.07
CA UNK A 1455 93.16 18.26 -21.05
C UNK A 1455 93.03 19.29 -22.17
N UNK A 1456 94.06 20.12 -22.32
CA UNK A 1456 94.09 21.14 -23.36
C UNK A 1456 93.88 20.49 -24.73
N UNK A 1457 94.52 19.36 -24.93
CA UNK A 1457 94.44 18.63 -26.20
C UNK A 1457 93.06 18.03 -26.40
N UNK A 1458 92.57 17.35 -25.37
CA UNK A 1458 91.25 16.71 -25.44
C UNK A 1458 90.19 17.77 -25.71
N UNK A 1459 90.49 19.01 -25.35
CA UNK A 1459 89.60 20.13 -25.63
C UNK A 1459 89.74 20.62 -27.08
N UNK A 1460 90.95 21.03 -27.44
CA UNK A 1460 91.20 21.67 -28.72
C UNK A 1460 91.03 20.70 -29.89
N UNK A 1461 90.88 19.41 -29.59
CA UNK A 1461 90.60 18.43 -30.62
C UNK A 1461 89.10 18.37 -30.88
N UNK A 1462 87.96 14.16 -28.67
CA UNK A 1462 86.90 14.57 -27.75
C UNK A 1462 86.86 13.67 -26.53
N UNK A 1463 86.53 12.39 -26.74
CA UNK A 1463 86.38 11.42 -25.66
C UNK A 1463 87.59 11.41 -24.72
N UNK A 1464 88.74 11.84 -25.23
CA UNK A 1464 89.92 11.99 -24.39
C UNK A 1464 89.61 12.98 -23.28
N UNK A 1465 88.76 13.96 -23.59
CA UNK A 1465 88.35 14.96 -22.60
C UNK A 1465 87.54 14.31 -21.49
N UNK A 1466 86.60 13.46 -21.87
CA UNK A 1466 85.80 12.74 -20.89
C UNK A 1466 86.71 11.88 -20.04
N UNK A 1467 87.70 11.27 -20.67
CA UNK A 1467 88.66 10.42 -19.95
C UNK A 1467 89.45 11.24 -18.93
N UNK A 1468 89.86 12.42 -19.35
CA UNK A 1468 90.60 13.34 -18.48
C UNK A 1468 89.78 13.72 -17.26
N UNK A 1469 88.51 14.03 -17.53
CA UNK A 1469 87.58 14.38 -16.46
C UNK A 1469 87.42 13.21 -15.50
N UNK A 1470 87.33 12.02 -16.06
CA UNK A 1470 87.16 10.80 -15.27
C UNK A 1470 88.37 10.60 -14.37
N UNK A 1471 89.55 10.84 -14.93
CA UNK A 1471 90.80 10.69 -14.17
C UNK A 1471 90.82 11.69 -13.02
N UNK A 1472 90.38 12.91 -13.31
CA UNK A 1472 90.32 13.96 -12.30
C UNK A 1472 89.39 13.53 -11.16
N UNK A 1473 88.25 12.94 -11.54
CA UNK A 1473 87.26 12.49 -10.57
C UNK A 1473 87.81 11.35 -9.71
N UNK A 1474 88.57 10.47 -10.34
CA UNK A 1474 89.21 9.36 -9.62
C UNK A 1474 90.22 9.91 -8.61
N UNK A 1475 90.99 10.90 -9.05
CA UNK A 1475 91.97 11.56 -8.19
C UNK A 1475 91.27 12.23 -6.99
N UNK A 1476 90.13 12.83 -7.26
CA UNK A 1476 89.32 13.45 -6.22
C UNK A 1476 88.81 12.42 -5.21
N UNK A 1477 88.29 11.31 -5.73
CA UNK A 1477 87.85 10.19 -4.90
C UNK A 1477 88.99 9.76 -3.99
N UNK A 1478 90.18 9.73 -4.57
CA UNK A 1478 91.39 9.33 -3.86
C UNK A 1478 91.74 10.30 -2.72
N UNK A 1479 91.86 11.58 -3.06
CA UNK A 1479 92.36 12.60 -2.13
C UNK A 1479 91.50 12.77 -0.87
N UNK A 1480 90.66 11.79 -0.57
CA UNK A 1480 89.76 11.86 0.57
C UNK A 1480 90.53 12.15 1.86
N UNK A 1481 88.98 23.36 -12.85
CA UNK A 1481 89.17 23.59 -14.28
C UNK A 1481 88.12 22.87 -15.10
N UNK A 1482 87.06 22.43 -14.43
CA UNK A 1482 85.93 21.83 -15.13
C UNK A 1482 85.01 22.94 -15.62
N UNK A 1483 85.43 24.18 -15.41
CA UNK A 1483 84.66 25.33 -15.85
C UNK A 1483 84.56 25.32 -17.38
N UNK A 1484 85.70 25.33 -18.05
CA UNK A 1484 85.75 25.27 -19.50
C UNK A 1484 85.16 23.94 -19.96
N UNK A 1485 85.30 22.91 -19.12
CA UNK A 1485 84.73 21.60 -19.43
C UNK A 1485 83.22 21.72 -19.62
N UNK A 1486 82.56 22.38 -18.67
CA UNK A 1486 81.12 22.58 -18.72
C UNK A 1486 80.78 23.51 -19.89
N UNK A 1487 81.60 24.53 -20.09
CA UNK A 1487 81.42 25.45 -21.21
C UNK A 1487 81.36 24.65 -22.51
N UNK A 1488 82.26 23.69 -22.64
CA UNK A 1488 82.34 22.86 -23.84
C UNK A 1488 81.20 21.85 -23.91
N UNK A 1489 80.81 21.31 -22.76
CA UNK A 1489 79.69 20.39 -22.70
C UNK A 1489 78.45 21.09 -23.24
N UNK A 1490 78.40 22.40 -23.02
CA UNK A 1490 77.32 23.24 -23.52
C UNK A 1490 77.49 23.54 -25.01
N UNK A 1491 78.68 23.99 -25.38
CA UNK A 1491 78.97 24.44 -26.74
C UNK A 1491 79.01 23.28 -27.74
N UNK A 1492 78.95 22.06 -27.24
CA UNK A 1492 78.93 20.88 -28.10
C UNK A 1492 77.90 21.01 -29.22
N UNK A 1493 73.22 13.54 -28.12
CA UNK A 1493 73.65 12.20 -27.70
C UNK A 1493 75.16 12.15 -27.58
N UNK A 1494 75.77 13.32 -27.36
CA UNK A 1494 77.20 13.43 -27.10
C UNK A 1494 77.40 14.54 -26.08
N UNK A 1495 76.83 15.71 -26.39
CA UNK A 1495 76.72 16.78 -25.42
C UNK A 1495 75.92 16.27 -24.23
N UNK A 1496 75.03 15.31 -24.49
CA UNK A 1496 74.26 14.66 -23.43
C UNK A 1496 75.20 14.00 -22.44
N UNK A 1497 76.10 13.17 -22.95
CA UNK A 1497 77.06 12.46 -22.11
C UNK A 1497 77.96 13.45 -21.40
N UNK A 1498 78.34 14.52 -22.11
CA UNK A 1498 79.17 15.57 -21.53
C UNK A 1498 78.49 16.15 -20.29
N UNK A 1499 77.22 16.52 -20.45
CA UNK A 1499 76.44 17.10 -19.36
C UNK A 1499 76.28 16.12 -18.22
N UNK A 1500 76.07 14.85 -18.55
CA UNK A 1500 75.90 13.81 -17.55
C UNK A 1500 77.16 13.73 -16.70
N UNK A 1501 78.31 13.72 -17.37
CA UNK A 1501 79.59 13.65 -16.69
C UNK A 1501 79.76 14.85 -15.78
N UNK A 1502 79.49 16.03 -16.34
CA UNK A 1502 79.63 17.27 -15.59
C UNK A 1502 78.81 17.21 -14.31
N UNK A 1503 77.56 16.81 -14.44
CA UNK A 1503 76.65 16.73 -13.29
C UNK A 1503 77.14 15.71 -12.26
N UNK A 1504 77.34 14.46 -12.69
CA UNK A 1504 77.71 13.40 -11.77
C UNK A 1504 79.07 13.65 -11.12
N UNK A 1505 79.90 14.49 -11.73
CA UNK A 1505 81.20 14.81 -11.18
C UNK A 1505 81.14 16.08 -10.34
N UNK A 1506 80.07 16.85 -10.49
CA UNK A 1506 79.83 18.04 -9.69
C UNK A 1506 80.34 17.88 -8.26
N UNK A 1507 79.56 17.18 -7.43
CA UNK A 1507 79.91 17.00 -6.02
C UNK A 1507 81.29 16.39 -5.87
N UNK A 1508 82.03 16.83 -4.86
CA UNK A 1508 83.38 16.36 -4.60
C UNK A 1508 83.62 16.15 -3.11
N UNK A 1509 82.75 15.38 -2.48
CA UNK A 1509 82.84 15.12 -1.04
C UNK A 1509 82.63 16.41 -0.25
N UNK A 1510 82.07 17.41 -0.91
CA UNK A 1510 81.81 18.71 -0.30
C UNK A 1510 83.07 19.25 0.36
N UNK A 1511 84.19 19.14 -0.35
CA UNK A 1511 85.47 19.63 0.15
C UNK A 1511 86.07 20.64 -0.82
N UNK A 1512 85.51 20.70 -2.02
CA UNK A 1512 85.99 21.64 -3.04
C UNK A 1512 85.21 22.95 -2.94
N UNK A 1513 85.93 24.06 -3.05
CA UNK A 1513 85.31 25.38 -2.91
C UNK A 1513 86.10 26.47 -3.60
N UNK A 1514 86.83 27.25 -2.80
CA UNK A 1514 87.55 28.44 -3.23
C UNK A 1514 88.02 28.39 -4.68
N UNK A 1515 88.95 27.51 -4.98
CA UNK A 1515 89.53 27.42 -6.32
C UNK A 1515 88.44 27.19 -7.37
N UNK A 1516 87.38 26.51 -6.96
CA UNK A 1516 86.24 26.26 -7.85
C UNK A 1516 85.56 27.59 -8.19
N UNK A 1517 85.81 28.60 -7.38
CA UNK A 1517 85.24 29.92 -7.60
C UNK A 1517 86.12 30.72 -8.55
N UNK A 1518 87.00 30.02 -9.25
CA UNK A 1518 87.93 30.66 -10.17
C UNK A 1518 87.24 31.07 -11.47
N UNK A 1519 87.37 32.35 -11.82
CA UNK A 1519 86.87 32.86 -13.09
C UNK A 1519 85.35 32.85 -13.17
N UNK A 1520 84.80 33.72 -14.01
CA UNK A 1520 83.37 33.84 -14.21
C UNK A 1520 83.05 34.12 -15.67
N UNK A 1521 82.73 33.07 -16.42
CA UNK A 1521 82.44 33.20 -17.85
C UNK A 1521 80.95 33.21 -18.10
N UNK A 1522 80.32 34.36 -17.88
CA UNK A 1522 78.88 34.50 -18.05
C UNK A 1522 78.54 35.00 -19.45
N UNK A 1523 79.55 35.36 -20.20
CA UNK A 1523 79.33 35.82 -21.57
C UNK A 1523 78.67 34.72 -22.38
N UNK A 1524 78.81 33.48 -21.92
CA UNK A 1524 78.27 32.32 -22.62
C UNK A 1524 76.80 32.49 -22.95
N UNK A 1525 75.95 32.37 -21.93
CA UNK A 1525 74.51 32.49 -22.14
C UNK A 1525 74.15 33.86 -22.67
N UNK A 1526 74.92 34.88 -22.30
CA UNK A 1526 74.65 36.24 -22.75
C UNK A 1526 74.65 36.30 -24.28
N UNK A 1527 75.67 35.72 -24.89
CA UNK A 1527 75.79 35.70 -26.35
C UNK A 1527 74.88 34.64 -26.96
N UNK A 1528 74.63 33.57 -26.21
CA UNK A 1528 73.70 32.54 -26.67
C UNK A 1528 72.31 33.15 -26.87
N UNK A 1529 72.01 34.15 -26.05
CA UNK A 1529 70.76 34.88 -26.16
C UNK A 1529 70.54 35.35 -27.59
N UNK A 1530 71.19 36.46 -27.93
CA UNK A 1530 71.10 37.01 -29.28
C UNK A 1530 71.36 35.91 -30.30
N UNK A 1531 70.32 35.15 -30.60
CA UNK A 1531 70.40 34.07 -31.58
C UNK A 1531 69.41 34.31 -32.71
N UNK A 1532 69.85 34.11 -33.95
CA UNK A 1532 69.02 34.37 -35.11
C UNK A 1532 68.56 33.07 -35.76
N UNK A 1533 69.41 32.05 -35.71
CA UNK A 1533 69.09 30.76 -36.29
C UNK A 1533 67.91 30.13 -35.55
N UNK A 1534 68.06 28.86 -35.20
CA UNK A 1534 67.09 28.17 -34.36
C UNK A 1534 67.68 28.04 -32.97
N UNK A 1535 69.00 28.25 -32.88
CA UNK A 1535 69.74 28.21 -31.62
C UNK A 1535 69.32 27.03 -30.76
N UNK A 1536 69.73 25.83 -31.15
CA UNK A 1536 69.35 24.63 -30.43
C UNK A 1536 70.32 24.33 -29.29
N UNK A 1537 71.58 24.07 -29.64
CA UNK A 1537 72.60 23.73 -28.66
C UNK A 1537 72.57 24.70 -27.48
N UNK A 1538 73.36 25.76 -27.55
CA UNK A 1538 73.36 26.78 -26.50
C UNK A 1538 71.93 27.24 -26.28
N UNK A 1539 71.16 26.41 -25.59
CA UNK A 1539 69.76 26.69 -25.32
C UNK A 1539 69.21 25.72 -24.28
N UNK A 1540 69.45 23.10 -16.76
CA UNK A 1540 70.61 22.22 -16.67
C UNK A 1540 71.85 23.02 -16.27
N UNK A 1541 71.99 24.21 -16.85
CA UNK A 1541 73.12 25.07 -16.55
C UNK A 1541 72.93 25.71 -15.18
N UNK A 1542 71.72 26.20 -14.94
CA UNK A 1542 71.40 26.80 -13.66
C UNK A 1542 71.50 25.75 -12.56
N UNK A 1543 71.43 24.48 -12.96
CA UNK A 1543 71.63 23.39 -12.03
C UNK A 1543 73.03 23.49 -11.44
N UNK A 1544 73.98 23.89 -12.28
CA UNK A 1544 75.36 24.06 -11.85
C UNK A 1544 75.46 25.17 -10.81
N UNK A 1545 74.83 26.29 -11.09
CA UNK A 1545 74.80 27.42 -10.16
C UNK A 1545 74.23 26.96 -8.82
N UNK A 1546 73.10 26.27 -8.89
CA UNK A 1546 72.45 25.74 -7.70
C UNK A 1546 73.42 24.87 -6.91
N UNK A 1547 73.86 23.78 -7.51
CA UNK A 1547 74.74 22.82 -6.88
C UNK A 1547 75.94 23.51 -6.23
N UNK A 1548 76.53 24.48 -6.92
CA UNK A 1548 77.74 25.13 -6.44
C UNK A 1548 77.43 26.13 -5.34
N UNK A 1549 76.17 26.58 -5.29
CA UNK A 1549 75.75 27.52 -4.26
C UNK A 1549 76.32 27.14 -2.90
N UNK A 1550 77.38 27.82 -2.49
CA UNK A 1550 78.01 27.58 -1.21
C UNK A 1550 78.55 28.88 -0.64
N UNK A 1551 78.31 29.11 0.65
CA UNK A 1551 78.73 30.33 1.33
C UNK A 1551 77.85 31.50 0.92
N UNK A 1552 77.09 31.34 -0.15
CA UNK A 1552 76.24 32.41 -0.67
C UNK A 1552 77.11 33.60 -1.05
N UNK A 1553 78.32 33.32 -1.50
CA UNK A 1553 79.28 34.37 -1.86
C UNK A 1553 79.22 34.65 -3.35
N UNK A 1554 78.39 33.90 -4.07
CA UNK A 1554 78.27 34.07 -5.52
C UNK A 1554 77.50 35.34 -5.86
N UNK A 1555 77.35 36.20 -4.86
CA UNK A 1555 76.68 37.48 -5.03
C UNK A 1555 77.35 38.27 -6.13
N UNK A 1556 78.68 38.28 -6.14
CA UNK A 1556 79.42 39.00 -7.16
C UNK A 1556 79.02 38.50 -8.55
N UNK A 1557 79.24 37.20 -8.78
CA UNK A 1557 78.94 36.60 -10.07
C UNK A 1557 77.51 36.93 -10.50
N UNK A 1558 76.60 36.93 -9.55
CA UNK A 1558 75.22 37.30 -9.86
C UNK A 1558 75.16 38.75 -10.29
N UNK A 1559 76.01 39.57 -9.68
CA UNK A 1559 76.03 41.01 -9.96
C UNK A 1559 76.59 41.31 -11.34
N UNK A 1560 77.13 40.30 -11.99
CA UNK A 1560 77.64 40.44 -13.35
C UNK A 1560 76.70 39.73 -14.31
N UNK A 1561 75.98 38.75 -13.77
CA UNK A 1561 75.00 38.01 -14.56
C UNK A 1561 73.75 38.86 -14.79
N UNK A 1562 73.44 39.71 -13.81
CA UNK A 1562 72.21 40.49 -13.85
C UNK A 1562 72.08 41.33 -15.11
N UNK A 1563 73.20 41.84 -15.62
CA UNK A 1563 73.19 42.75 -16.76
C UNK A 1563 72.79 42.05 -18.06
N UNK A 1564 72.65 40.72 -18.00
CA UNK A 1564 72.25 39.94 -19.17
C UNK A 1564 71.11 39.00 -18.79
N UNK A 1565 70.75 39.03 -17.52
CA UNK A 1565 69.62 38.27 -16.99
C UNK A 1565 68.45 38.17 -17.98
N UNK A 1566 68.18 39.24 -18.70
CA UNK A 1566 67.13 39.25 -19.71
C UNK A 1566 67.31 38.08 -20.67
N UNK A 1567 66.21 37.46 -21.07
CA UNK A 1567 66.26 36.30 -21.97
C UNK A 1567 64.86 35.79 -22.28
N UNK A 1568 61.43 25.77 -20.88
CA UNK A 1568 60.87 26.78 -20.00
C UNK A 1568 60.83 26.29 -18.55
N UNK A 1569 60.75 24.98 -18.38
CA UNK A 1569 60.68 24.37 -17.05
C UNK A 1569 61.94 24.67 -16.24
N UNK A 1570 63.09 24.39 -16.83
CA UNK A 1570 64.36 24.65 -16.18
C UNK A 1570 64.49 26.14 -15.90
N UNK A 1571 64.06 26.96 -16.85
CA UNK A 1571 64.11 28.41 -16.71
C UNK A 1571 63.37 28.83 -15.45
N UNK A 1572 62.13 28.37 -15.34
CA UNK A 1572 61.28 28.71 -14.21
C UNK A 1572 61.88 28.22 -12.90
N UNK A 1573 62.40 26.99 -12.92
CA UNK A 1573 62.98 26.40 -11.72
C UNK A 1573 64.14 27.25 -11.22
N UNK A 1574 65.02 27.61 -12.15
CA UNK A 1574 66.19 28.40 -11.81
C UNK A 1574 65.76 29.75 -11.28
N UNK A 1575 64.77 30.34 -11.93
CA UNK A 1575 64.30 31.67 -11.55
C UNK A 1575 63.77 31.64 -10.13
N UNK A 1576 62.93 30.65 -9.83
CA UNK A 1576 62.34 30.52 -8.51
C UNK A 1576 63.41 30.28 -7.47
N UNK A 1577 64.39 29.44 -7.78
CA UNK A 1577 65.46 29.15 -6.84
C UNK A 1577 66.22 30.43 -6.51
N UNK A 1578 66.61 31.16 -7.55
CA UNK A 1578 67.44 32.34 -7.39
C UNK A 1578 66.66 33.49 -6.76
N UNK A 1579 65.33 33.41 -6.83
CA UNK A 1579 64.49 34.43 -6.21
C UNK A 1579 64.20 34.12 -4.74
N UNK A 1580 64.09 32.83 -4.43
CA UNK A 1580 63.76 32.41 -3.07
C UNK A 1580 65.00 32.49 -2.16
N UNK A 1581 66.17 32.44 -2.78
CA UNK A 1581 67.41 32.56 -2.04
C UNK A 1581 67.83 34.02 -1.98
N UNK A 1582 66.86 34.91 -2.18
CA UNK A 1582 67.12 36.34 -2.17
C UNK A 1582 65.99 37.08 -1.46
N UNK A 1583 64.79 36.52 -1.53
CA UNK A 1583 63.64 37.10 -0.87
C UNK A 1583 63.25 38.43 -1.53
N UNK A 1584 69.87 43.75 -7.39
CA UNK A 1584 68.47 44.11 -7.11
C UNK A 1584 67.79 44.61 -8.37
N UNK A 1585 68.33 44.25 -9.53
CA UNK A 1585 67.80 44.70 -10.82
C UNK A 1585 66.83 43.66 -11.39
N UNK A 1586 67.06 42.40 -11.05
CA UNK A 1586 66.19 41.31 -11.44
C UNK A 1586 64.77 41.64 -11.00
N UNK A 1587 64.67 42.38 -9.90
CA UNK A 1587 63.40 42.88 -9.40
C UNK A 1587 62.58 43.46 -10.54
N UNK A 1588 62.96 44.67 -10.96
CA UNK A 1588 62.25 45.38 -12.01
C UNK A 1588 62.24 44.61 -13.31
N UNK A 1589 63.30 43.84 -13.57
CA UNK A 1589 63.35 43.02 -14.78
C UNK A 1589 62.10 42.15 -14.87
N UNK A 1590 62.00 41.24 -13.91
CA UNK A 1590 60.87 40.30 -13.86
C UNK A 1590 59.55 41.04 -13.69
N UNK A 1591 59.54 42.15 -12.96
CA UNK A 1591 58.31 42.90 -12.77
C UNK A 1591 57.74 43.34 -14.11
N UNK A 1592 58.59 43.99 -14.91
CA UNK A 1592 58.18 44.45 -16.22
C UNK A 1592 57.83 43.27 -17.11
N UNK A 1593 58.56 42.17 -16.97
CA UNK A 1593 58.29 40.97 -17.77
C UNK A 1593 56.86 40.51 -17.52
N UNK A 1594 56.51 40.44 -16.24
CA UNK A 1594 55.18 39.98 -15.82
C UNK A 1594 54.11 40.96 -16.28
N UNK A 1595 54.40 42.26 -16.15
CA UNK A 1595 53.47 43.28 -16.57
C UNK A 1595 53.17 43.11 -18.05
N UNK A 1596 54.22 42.89 -18.84
CA UNK A 1596 54.08 42.75 -20.27
C UNK A 1596 53.29 41.50 -20.63
N UNK A 1597 53.59 40.40 -19.95
CA UNK A 1597 52.86 39.16 -20.19
C UNK A 1597 51.37 39.37 -19.93
N UNK A 1598 51.05 39.98 -18.80
CA UNK A 1598 49.68 40.22 -18.42
C UNK A 1598 49.01 41.15 -19.41
N UNK A 1599 49.75 42.13 -19.91
CA UNK A 1599 49.20 43.10 -20.84
C UNK A 1599 48.86 42.41 -22.14
N UNK A 1600 49.76 41.56 -22.61
CA UNK A 1600 49.51 40.78 -23.82
C UNK A 1600 48.24 39.96 -23.64
N UNK A 1601 48.16 39.30 -22.49
CA UNK A 1601 46.99 38.48 -22.18
C UNK A 1601 45.71 39.30 -22.27
N UNK A 1602 45.66 40.38 -21.49
CA UNK A 1602 44.48 41.24 -21.42
C UNK A 1602 44.12 41.78 -22.79
N UNK A 1603 45.13 42.06 -23.62
CA UNK A 1603 44.90 42.52 -24.98
C UNK A 1603 44.19 41.43 -25.78
N UNK A 1604 42.87 41.56 -25.90
CA UNK A 1604 42.07 40.57 -26.61
C UNK A 1604 42.68 40.22 -27.96
N UNK A 1605 49.12 29.55 -23.86
CA UNK A 1605 50.47 29.39 -23.33
C UNK A 1605 50.46 29.37 -21.81
N UNK A 1606 50.54 28.17 -21.23
CA UNK A 1606 50.51 28.00 -19.78
C UNK A 1606 51.78 28.54 -19.14
N UNK A 1607 52.82 28.68 -19.96
CA UNK A 1607 54.11 29.16 -19.49
C UNK A 1607 53.93 30.50 -18.78
N UNK A 1608 52.99 31.30 -19.26
CA UNK A 1608 52.72 32.59 -18.64
C UNK A 1608 52.62 32.41 -17.13
N UNK A 1609 51.60 31.67 -16.71
CA UNK A 1609 51.35 31.46 -15.29
C UNK A 1609 52.45 30.61 -14.66
N UNK A 1610 52.98 29.63 -15.40
CA UNK A 1610 54.02 28.76 -14.88
C UNK A 1610 55.17 29.61 -14.36
N UNK A 1611 55.39 30.73 -15.02
CA UNK A 1611 56.43 31.67 -14.62
C UNK A 1611 55.91 32.63 -13.55
N UNK A 1612 54.74 33.22 -13.81
CA UNK A 1612 54.16 34.22 -12.91
C UNK A 1612 54.08 33.70 -11.49
N UNK A 1613 53.92 32.39 -11.34
CA UNK A 1613 53.81 31.78 -10.03
C UNK A 1613 55.10 31.97 -9.24
N UNK A 1614 56.20 31.50 -9.81
CA UNK A 1614 57.50 31.61 -9.15
C UNK A 1614 57.75 33.05 -8.72
N UNK A 1615 57.21 33.99 -9.48
CA UNK A 1615 57.36 35.40 -9.18
C UNK A 1615 56.85 35.70 -7.77
N UNK A 1616 55.54 35.57 -7.58
CA UNK A 1616 54.92 35.85 -6.29
C UNK A 1616 55.12 34.67 -5.34
N UNK A 1617 56.13 33.85 -5.62
CA UNK A 1617 56.42 32.69 -4.80
C UNK A 1617 56.58 33.07 -3.33
N UNK A 1618 57.73 33.67 -3.02
CA UNK A 1618 58.08 33.93 -1.64
C UNK A 1618 57.17 34.98 -1.01
N UNK A 1619 56.76 35.97 -1.80
CA UNK A 1619 55.95 37.08 -1.26
C UNK A 1619 54.49 36.93 -1.65
N UNK A 1620 53.61 37.34 -0.75
CA UNK A 1620 52.17 37.25 -0.97
C UNK A 1620 51.64 38.56 -1.56
N UNK A 1621 51.97 39.68 -0.93
CA UNK A 1621 51.49 40.98 -1.36
C UNK A 1621 52.02 41.36 -2.73
N UNK A 1622 52.96 40.55 -3.23
CA UNK A 1622 53.62 40.85 -4.50
C UNK A 1622 52.63 41.07 -5.63
N UNK A 1623 51.42 40.54 -5.49
CA UNK A 1623 50.43 40.63 -6.55
C UNK A 1623 49.69 41.96 -6.51
N UNK A 1624 49.35 42.41 -5.31
CA UNK A 1624 48.52 43.60 -5.10
C UNK A 1624 48.57 44.62 -6.23
N UNK A 1625 49.78 44.91 -6.72
CA UNK A 1625 49.96 45.91 -7.75
C UNK A 1625 49.35 45.49 -9.08
N UNK A 1626 49.96 44.50 -9.72
CA UNK A 1626 49.52 44.06 -11.04
C UNK A 1626 48.14 43.41 -11.01
N UNK A 1627 47.73 42.97 -9.83
CA UNK A 1627 46.46 42.28 -9.67
C UNK A 1627 45.34 43.28 -9.38
N UNK A 1628 45.06 44.12 -10.36
CA UNK A 1628 43.91 45.00 -10.32
C UNK A 1628 43.23 44.90 -11.68
N UNK A 1629 43.87 44.14 -12.57
CA UNK A 1629 43.31 43.85 -13.87
C UNK A 1629 43.28 42.34 -14.06
N UNK A 1630 44.20 41.65 -13.37
CA UNK A 1630 44.29 40.19 -13.44
C UNK A 1630 42.91 39.56 -13.39
N UNK A 1631 42.02 40.17 -12.61
CA UNK A 1631 40.65 39.73 -12.51
C UNK A 1631 39.99 39.67 -13.88
N UNK A 1632 40.33 40.63 -14.73
CA UNK A 1632 39.76 40.67 -16.08
C UNK A 1632 40.18 39.44 -16.88
N UNK A 1633 41.48 39.17 -16.88
CA UNK A 1633 42.01 38.02 -17.59
C UNK A 1633 41.41 36.74 -17.01
N UNK A 1634 41.20 36.75 -15.70
CA UNK A 1634 40.67 35.58 -15.01
C UNK A 1634 39.26 35.31 -15.49
N UNK A 1635 38.46 36.38 -15.58
CA UNK A 1635 37.09 36.28 -16.05
C UNK A 1635 37.09 35.73 -17.47
N UNK A 1636 38.02 36.23 -18.27
CA UNK A 1636 38.13 35.76 -19.66
C UNK A 1636 38.42 34.26 -19.69
N UNK A 1637 39.41 33.84 -18.91
CA UNK A 1637 39.84 32.44 -18.87
C UNK A 1637 38.72 31.53 -18.39
N UNK A 1638 37.97 32.01 -17.40
CA UNK A 1638 36.89 31.22 -16.82
C UNK A 1638 35.71 31.13 -17.78
N UNK A 1639 35.45 32.20 -18.53
CA UNK A 1639 34.41 32.18 -19.54
C UNK A 1639 34.80 31.21 -20.64
N UNK A 1640 36.09 31.17 -20.94
CA UNK A 1640 36.60 30.23 -21.94
C UNK A 1640 36.35 28.80 -21.47
N UNK A 1641 36.69 28.53 -20.22
CA UNK A 1641 36.48 27.21 -19.64
C UNK A 1641 35.01 26.85 -19.70
N UNK A 1642 34.22 27.49 -18.84
CA UNK A 1642 32.79 27.26 -18.83
C UNK A 1642 32.17 27.82 -20.10
N UNK A 1643 30.84 27.90 -20.12
CA UNK A 1643 30.14 28.52 -21.24
C UNK A 1643 30.51 27.86 -22.58
N UNK A 1644 31.25 28.59 -23.39
CA UNK A 1644 31.60 28.16 -24.73
C UNK A 1644 32.28 26.80 -24.74
N UNK A 1645 31.96 26.00 -25.75
CA UNK A 1645 32.68 24.76 -26.01
C UNK A 1645 33.68 25.00 -27.13
N UNK A 1646 33.44 26.09 -27.87
CA UNK A 1646 34.32 26.49 -28.96
C UNK A 1646 35.18 27.66 -28.55
N ALA A 1647 44.99 19.75 -23.97
CA ALA A 1647 43.63 20.27 -23.93
C ALA A 1647 43.33 20.85 -22.56
N GLY A 1648 43.86 20.21 -21.53
CA GLY A 1648 43.59 20.57 -20.15
C GLY A 1648 44.34 21.79 -19.64
N THR A 1649 45.09 22.47 -20.50
CA THR A 1649 45.76 23.70 -20.08
C THR A 1649 44.78 24.68 -19.47
N SER A 1650 43.55 24.72 -19.99
CA SER A 1650 42.52 25.54 -19.37
C SER A 1650 42.34 25.19 -17.89
N GLU A 1651 42.30 23.90 -17.57
CA GLU A 1651 42.14 23.49 -16.19
C GLU A 1651 43.31 24.00 -15.34
N LEU A 1652 44.54 23.75 -15.78
CA LEU A 1652 45.70 24.04 -14.95
C LEU A 1652 45.92 25.52 -14.77
N VAL A 1653 45.66 26.33 -15.80
CA VAL A 1653 45.79 27.78 -15.65
C VAL A 1653 44.83 28.30 -14.60
N MET A 1654 43.56 27.85 -14.67
CA MET A 1654 42.59 28.26 -13.67
C MET A 1654 43.02 27.82 -12.28
N LEU A 1655 43.51 26.58 -12.15
CA LEU A 1655 43.92 26.08 -10.84
C LEU A 1655 45.07 26.90 -10.28
N SER A 1656 46.04 27.26 -11.11
CA SER A 1656 47.21 27.98 -10.61
C SER A 1656 46.92 29.46 -10.41
N LEU A 1657 45.85 29.97 -11.01
CA LEU A 1657 45.45 31.34 -10.73
C LEU A 1657 44.63 31.44 -9.46
N GLU A 1658 43.71 30.49 -9.26
CA GLU A 1658 42.93 30.45 -8.03
C GLU A 1658 43.84 30.30 -6.82
N LEU A 1659 44.78 29.37 -6.88
CA LEU A 1659 45.73 29.21 -5.78
C LEU A 1659 46.37 30.53 -5.39
N VAL A 1660 46.85 31.28 -6.38
CA VAL A 1660 47.61 32.48 -6.09
C VAL A 1660 46.72 33.57 -5.52
N LYS A 1661 45.53 33.76 -6.10
CA LYS A 1661 44.77 34.96 -5.75
C LYS A 1661 43.96 34.79 -4.45
N THR A 1662 44.20 33.73 -3.69
CA THR A 1662 43.46 33.48 -2.46
C THR A 1662 43.94 34.31 -1.28
N ARG A 1663 45.26 34.34 -1.03
CA ARG A 1663 45.76 34.90 0.21
C ARG A 1663 45.41 36.38 0.36
N LEU A 1664 45.09 37.04 -0.75
CA LEU A 1664 44.79 38.47 -0.72
C LEU A 1664 43.28 38.68 -0.59
N ALA A 1665 42.90 39.48 0.40
CA ALA A 1665 41.51 39.85 0.62
C ALA A 1665 41.22 41.31 0.32
N VAL A 1666 42.16 42.21 0.55
CA VAL A 1666 41.95 43.64 0.36
C VAL A 1666 42.04 43.98 -1.13
N MET A 1667 40.89 44.07 -1.78
CA MET A 1667 40.80 44.49 -3.17
C MET A 1667 39.70 45.53 -3.27
N SER A 1668 39.56 46.10 -4.47
CA SER A 1668 38.44 47.01 -4.71
C SER A 1668 37.15 46.35 -4.26
N MET A 1669 36.19 47.16 -3.83
CA MET A 1669 34.90 46.61 -3.45
C MET A 1669 34.25 45.88 -4.62
N GLU A 1670 34.29 46.49 -5.80
CA GLU A 1670 33.70 45.85 -6.96
C GLU A 1670 34.38 44.53 -7.28
N MET A 1671 35.72 44.51 -7.22
CA MET A 1671 36.44 43.26 -7.51
C MET A 1671 36.14 42.18 -6.48
N ARG A 1672 36.10 42.57 -5.20
CA ARG A 1672 35.73 41.62 -4.16
C ARG A 1672 34.37 41.00 -4.44
N LYS A 1673 33.36 41.84 -4.69
CA LYS A 1673 32.04 41.29 -4.97
C LYS A 1673 32.06 40.43 -6.22
N ASN A 1674 32.72 40.88 -7.29
CA ASN A 1674 32.71 40.12 -8.53
C ASN A 1674 33.28 38.73 -8.33
N PHE A 1675 34.48 38.66 -7.73
CA PHE A 1675 35.11 37.36 -7.51
C PHE A 1675 34.13 36.37 -6.90
N ILE A 1676 33.69 36.64 -5.67
CA ILE A 1676 32.89 35.69 -4.92
C ILE A 1676 31.55 35.45 -5.59
N GLN A 1677 30.84 36.50 -5.98
CA GLN A 1677 29.51 36.32 -6.56
C GLN A 1677 29.57 35.49 -7.84
N ALA A 1678 30.41 35.88 -8.80
CA ALA A 1678 30.34 35.34 -10.14
C ALA A 1678 31.33 34.22 -10.41
N ILE A 1679 32.63 34.44 -10.14
CA ILE A 1679 33.63 33.51 -10.62
C ILE A 1679 33.48 32.16 -9.93
N LEU A 1680 33.38 32.17 -8.59
CA LEU A 1680 33.24 30.92 -7.86
C LEU A 1680 31.94 30.21 -8.20
N THR A 1681 30.84 30.96 -8.27
CA THR A 1681 29.56 30.35 -8.57
C THR A 1681 29.54 29.71 -9.95
N SER A 1682 30.14 30.36 -10.95
CA SER A 1682 30.12 29.83 -12.30
C SER A 1682 30.81 28.47 -12.37
N LEU A 1683 31.96 28.35 -11.72
CA LEU A 1683 32.66 27.07 -11.71
C LEU A 1683 31.84 26.00 -10.99
N ILE A 1684 31.34 26.31 -9.80
CA ILE A 1684 30.53 25.33 -9.08
C ILE A 1684 29.36 24.89 -9.93
N GLU A 1685 28.79 25.79 -10.73
CA GLU A 1685 27.60 25.45 -11.50
C GLU A 1685 27.92 24.61 -12.73
N LYS A 1686 28.82 25.10 -13.59
CA LYS A 1686 28.97 24.54 -14.94
C LYS A 1686 30.45 24.32 -15.29
N SER A 1687 31.19 23.66 -14.41
CA SER A 1687 32.59 23.33 -14.68
C SER A 1687 32.75 21.82 -14.64
N PRO A 1688 32.68 21.12 -15.78
CA PRO A 1688 32.74 19.64 -15.75
C PRO A 1688 34.15 19.11 -15.54
N ASP A 1689 34.69 19.38 -14.34
CA ASP A 1689 36.03 18.97 -13.99
C ASP A 1689 36.13 18.79 -12.48
N ALA A 1690 36.26 17.54 -12.06
CA ALA A 1690 36.30 17.23 -10.64
C ALA A 1690 37.45 17.94 -9.93
N LYS A 1691 38.61 18.04 -10.57
CA LYS A 1691 39.78 18.60 -9.92
C LYS A 1691 39.61 20.08 -9.63
N ILE A 1692 38.82 20.78 -10.45
CA ILE A 1692 38.55 22.19 -10.21
C ILE A 1692 37.71 22.36 -8.94
N LEU A 1693 36.63 21.58 -8.83
CA LEU A 1693 35.80 21.60 -7.65
C LEU A 1693 36.60 21.21 -6.41
N ARG A 1694 37.53 20.27 -6.54
CA ARG A 1694 38.33 19.87 -5.39
C ARG A 1694 39.10 21.05 -4.82
N ALA A 1695 39.78 21.81 -5.68
CA ALA A 1695 40.55 22.96 -5.20
C ALA A 1695 39.63 24.05 -4.67
N VAL A 1696 38.48 24.26 -5.31
CA VAL A 1696 37.55 25.26 -4.81
C VAL A 1696 37.10 24.90 -3.38
N VAL A 1697 36.76 23.64 -3.16
CA VAL A 1697 36.33 23.20 -1.84
C VAL A 1697 37.47 23.32 -0.85
N LYS A 1698 38.69 23.03 -1.28
CA LYS A 1698 39.84 23.16 -0.38
C LYS A 1698 40.01 24.60 0.09
N ILE A 1699 39.91 25.55 -0.84
CA ILE A 1699 40.09 26.95 -0.44
C ILE A 1699 38.93 27.41 0.45
N VAL A 1700 37.71 26.95 0.17
CA VAL A 1700 36.59 27.31 1.03
C VAL A 1700 36.79 26.74 2.44
N GLU A 1701 37.28 25.51 2.53
CA GLU A 1701 37.58 24.93 3.84
C GLU A 1701 38.62 25.74 4.57
N GLU A 1702 39.68 26.13 3.88
CA GLU A 1702 40.70 26.97 4.49
C GLU A 1702 40.09 28.25 5.05
N TRP A 1703 39.24 28.91 4.28
CA TRP A 1703 38.60 30.13 4.79
C TRP A 1703 37.76 29.84 6.02
N VAL A 1704 36.96 28.78 5.98
CA VAL A 1704 35.97 28.56 7.04
C VAL A 1704 36.66 28.17 8.35
N LYS A 1705 37.73 27.38 8.26
CA LYS A 1705 38.41 26.92 9.47
C LYS A 1705 39.43 27.98 9.91
N ASN A 1706 38.93 29.20 10.05
CA ASN A 1706 39.80 30.36 10.29
C ASN A 1706 40.33 30.36 11.71
N ASN A 1707 41.29 31.25 11.95
CA ASN A 1707 41.84 31.50 13.27
C ASN A 1707 41.40 32.89 13.74
N SER A 1708 41.92 33.31 14.88
CA SER A 1708 41.65 34.64 15.41
C SER A 1708 42.47 35.72 14.71
N PRO A 1709 43.76 35.49 14.42
CA PRO A 1709 44.54 36.55 13.75
C PRO A 1709 43.86 37.12 12.51
N MET A 1710 43.22 36.28 11.69
CA MET A 1710 42.40 36.78 10.59
C MET A 1710 43.20 37.64 9.62
N ALA A 1711 44.14 37.03 8.90
CA ALA A 1711 44.99 37.75 7.97
C ALA A 1711 44.19 38.69 7.08
N ALA A 1712 44.81 39.81 6.73
CA ALA A 1712 44.16 40.87 5.95
C ALA A 1712 43.11 41.59 6.77
N ASN A 1713 43.06 41.30 8.07
CA ASN A 1713 42.10 41.91 8.98
C ASN A 1713 40.69 41.37 8.78
N GLN A 1714 40.49 40.56 7.75
CA GLN A 1714 39.18 39.98 7.50
C GLN A 1714 39.25 38.97 6.36
N THR A 1715 38.55 37.86 6.54
CA THR A 1715 38.25 36.90 5.49
C THR A 1715 36.78 37.08 5.14
N PRO A 1716 36.27 36.42 4.10
CA PRO A 1716 34.91 36.74 3.65
C PRO A 1716 33.90 36.62 4.78
N THR A 1717 32.87 37.45 4.72
CA THR A 1717 31.89 37.49 5.80
C THR A 1717 30.92 36.32 5.68
N LEU A 1718 30.00 36.26 6.65
CA LEU A 1718 29.07 35.15 6.70
C LEU A 1718 28.15 35.12 5.50
N ARG A 1719 27.83 36.26 4.90
CA ARG A 1719 27.00 36.24 3.70
C ARG A 1719 27.69 35.48 2.57
N GLU A 1720 28.97 35.79 2.34
CA GLU A 1720 29.71 35.08 1.30
C GLU A 1720 29.86 33.61 1.64
N LYS A 1721 30.17 33.30 2.90
CA LYS A 1721 30.29 31.90 3.29
C LYS A 1721 28.99 31.16 3.05
N SER A 1722 27.87 31.75 3.45
CA SER A 1722 26.57 31.13 3.27
C SER A 1722 26.28 30.90 1.79
N ILE A 1723 26.55 31.90 0.95
CA ILE A 1723 26.26 31.75 -0.47
C ILE A 1723 27.07 30.60 -1.06
N LEU A 1724 28.37 30.56 -0.74
CA LEU A 1724 29.20 29.49 -1.28
C LEU A 1724 28.71 28.12 -0.81
N LEU A 1725 28.43 27.98 0.48
CA LEU A 1725 28.02 26.69 1.00
C LEU A 1725 26.68 26.26 0.41
N VAL A 1726 25.75 27.19 0.25
CA VAL A 1726 24.45 26.84 -0.33
C VAL A 1726 24.62 26.39 -1.77
N LYS A 1727 25.45 27.09 -2.55
CA LYS A 1727 25.66 26.68 -3.94
C LYS A 1727 26.26 25.28 -4.00
N MET A 1728 27.24 25.01 -3.14
CA MET A 1728 27.85 23.69 -3.13
C MET A 1728 26.82 22.62 -2.78
N MET A 1729 26.08 22.84 -1.68
CA MET A 1729 25.04 21.90 -1.29
C MET A 1729 24.12 21.59 -2.45
N THR A 1730 23.67 22.63 -3.16
CA THR A 1730 22.74 22.40 -4.25
C THR A 1730 23.35 21.60 -5.38
N TYR A 1731 24.55 21.96 -5.85
CA TYR A 1731 25.00 21.44 -7.14
C TYR A 1731 25.98 20.27 -7.08
N ILE A 1732 26.80 20.14 -6.03
CA ILE A 1732 27.89 19.17 -6.09
C ILE A 1732 27.36 17.76 -6.30
N GLU A 1733 26.55 17.27 -5.36
CA GLU A 1733 26.06 15.91 -5.45
C GLU A 1733 25.11 15.71 -6.62
N LYS A 1734 24.41 16.78 -7.03
CA LYS A 1734 23.53 16.68 -8.18
C LYS A 1734 24.32 16.40 -9.46
N ARG A 1735 25.48 17.03 -9.60
CA ARG A 1735 26.21 16.89 -10.86
C ARG A 1735 27.21 15.74 -10.83
N PHE A 1736 27.68 15.35 -9.65
CA PHE A 1736 28.70 14.30 -9.53
C PHE A 1736 28.24 13.26 -8.52
N PRO A 1737 27.30 12.39 -8.90
CA PRO A 1737 26.81 11.37 -7.96
C PRO A 1737 27.79 10.25 -7.71
N GLU A 1738 28.88 10.15 -8.47
CA GLU A 1738 29.75 8.99 -8.39
C GLU A 1738 31.12 9.31 -7.83
N ASP A 1739 31.52 10.58 -7.84
CA ASP A 1739 32.84 10.97 -7.34
C ASP A 1739 32.84 10.91 -5.82
N LEU A 1740 33.56 9.94 -5.25
CA LEU A 1740 33.51 9.74 -3.81
C LEU A 1740 34.32 10.78 -3.05
N GLU A 1741 35.49 11.15 -3.57
CA GLU A 1741 36.39 11.99 -2.78
C GLU A 1741 35.86 13.42 -2.64
N LEU A 1742 35.30 13.97 -3.71
CA LEU A 1742 34.74 15.31 -3.64
C LEU A 1742 33.60 15.37 -2.64
N ASN A 1743 32.72 14.37 -2.67
CA ASN A 1743 31.64 14.30 -1.71
C ASN A 1743 32.18 14.16 -0.29
N ALA A 1744 33.21 13.34 -0.10
CA ALA A 1744 33.79 13.18 1.23
C ALA A 1744 34.34 14.50 1.75
N GLN A 1745 35.04 15.24 0.90
CA GLN A 1745 35.58 16.53 1.34
C GLN A 1745 34.47 17.49 1.72
N PHE A 1746 33.44 17.59 0.89
CA PHE A 1746 32.35 18.53 1.20
C PHE A 1746 31.65 18.13 2.48
N LEU A 1747 31.40 16.84 2.67
CA LEU A 1747 30.74 16.38 3.89
C LEU A 1747 31.61 16.61 5.12
N ASP A 1748 32.94 16.44 4.99
CA ASP A 1748 33.81 16.71 6.12
C ASP A 1748 33.78 18.19 6.50
N LEU A 1749 33.77 19.07 5.51
CA LEU A 1749 33.67 20.49 5.82
C LEU A 1749 32.37 20.82 6.54
N VAL A 1750 31.24 20.32 6.02
CA VAL A 1750 29.96 20.62 6.67
C VAL A 1750 29.90 19.98 8.05
N ASN A 1751 30.56 18.84 8.24
CA ASN A 1751 30.59 18.23 9.56
C ASN A 1751 31.36 19.09 10.54
N TYR A 1752 32.51 19.60 10.13
CA TYR A 1752 33.21 20.56 10.97
C TYR A 1752 32.29 21.71 11.35
N VAL A 1753 31.61 22.27 10.35
CA VAL A 1753 30.70 23.38 10.61
C VAL A 1753 29.71 23.02 11.71
N TYR A 1754 28.93 21.98 11.50
CA TYR A 1754 27.88 21.63 12.45
C TYR A 1754 28.44 21.25 13.82
N ARG A 1755 29.58 20.56 13.84
CA ARG A 1755 30.10 19.97 15.08
C ARG A 1755 30.86 20.98 15.92
N ASP A 1756 31.96 21.47 15.39
CA ASP A 1756 32.83 22.35 16.16
C ASP A 1756 32.43 23.80 15.98
N GLU A 1757 33.30 24.70 16.46
CA GLU A 1757 33.12 26.12 16.19
C GLU A 1757 31.80 26.63 16.73
N THR A 1758 31.67 26.68 18.06
CA THR A 1758 30.51 27.29 18.69
C THR A 1758 30.16 28.64 18.09
N LEU A 1759 31.13 29.34 17.51
CA LEU A 1759 30.87 30.65 16.93
C LEU A 1759 30.08 30.54 15.64
N SER A 1760 30.22 29.42 14.92
CA SER A 1760 29.53 29.26 13.65
C SER A 1760 28.12 28.73 13.83
N GLY A 1761 27.89 27.84 14.78
CA GLY A 1761 26.59 27.24 14.94
C GLY A 1761 25.55 28.16 15.53
N SER A 1762 25.35 29.32 14.89
CA SER A 1762 24.36 30.28 15.36
C SER A 1762 23.30 30.56 14.31
N GLU A 1763 23.71 30.77 13.06
CA GLU A 1763 22.77 31.15 12.01
C GLU A 1763 22.98 30.34 10.74
N LEU A 1764 24.20 29.87 10.51
CA LEU A 1764 24.50 29.17 9.27
C LEU A 1764 23.69 27.88 9.14
N THR A 1765 23.54 27.14 10.23
CA THR A 1765 22.99 25.79 10.17
C THR A 1765 21.63 25.70 9.50
N ALA A 1766 20.81 26.76 9.57
CA ALA A 1766 19.45 26.65 9.08
C ALA A 1766 19.40 26.33 7.59
N LYS A 1767 20.26 26.96 6.80
CA LYS A 1767 20.19 26.77 5.36
C LYS A 1767 20.82 25.45 4.92
N LEU A 1768 21.51 24.76 5.81
CA LEU A 1768 22.24 23.53 5.46
C LEU A 1768 21.63 22.27 6.03
N GLU A 1769 20.32 22.25 6.27
CA GLU A 1769 19.67 21.03 6.74
C GLU A 1769 19.76 19.93 5.69
N PRO A 1770 19.47 20.22 4.41
CA PRO A 1770 19.55 19.15 3.40
C PRO A 1770 20.94 18.56 3.26
N ALA A 1771 21.99 19.37 3.37
CA ALA A 1771 23.34 18.82 3.36
C ALA A 1771 23.57 17.91 4.55
N PHE A 1772 23.09 18.31 5.73
CA PHE A 1772 23.26 17.48 6.90
C PHE A 1772 22.56 16.14 6.72
N LEU A 1773 21.37 16.14 6.12
CA LEU A 1773 20.66 14.88 5.90
C LEU A 1773 21.38 14.02 4.86
N SER A 1774 21.84 14.64 3.77
CA SER A 1774 22.63 13.88 2.79
C SER A 1774 23.79 13.19 3.48
N GLY A 1775 24.50 13.91 4.35
CA GLY A 1775 25.56 13.28 5.10
C GLY A 1775 25.06 12.17 6.00
N LEU A 1776 23.95 12.41 6.70
CA LEU A 1776 23.41 11.42 7.62
C LEU A 1776 23.08 10.11 6.93
N ARG A 1777 22.77 10.16 5.64
CA ARG A 1777 22.44 8.94 4.91
C ARG A 1777 23.55 8.51 3.95
N CYS A 1778 24.65 9.26 3.91
CA CYS A 1778 25.75 8.94 3.02
C CYS A 1778 26.08 7.44 3.05
N ALA A 1779 26.46 6.92 1.89
CA ALA A 1779 26.73 5.49 1.79
C ALA A 1779 28.12 5.14 2.27
N GLN A 1780 28.92 6.14 2.64
CA GLN A 1780 30.24 5.88 3.18
C GLN A 1780 30.16 5.79 4.71
N PRO A 1781 30.44 4.63 5.30
CA PRO A 1781 30.18 4.46 6.75
C PRO A 1781 30.94 5.44 7.63
N LEU A 1782 32.17 5.80 7.28
CA LEU A 1782 32.95 6.66 8.15
C LEU A 1782 32.31 8.03 8.27
N ILE A 1783 31.82 8.58 7.15
CA ILE A 1783 31.12 9.86 7.19
C ILE A 1783 29.78 9.71 7.89
N ARG A 1784 29.09 8.59 7.64
CA ARG A 1784 27.80 8.38 8.26
C ARG A 1784 27.91 8.38 9.78
N ALA A 1785 28.94 7.73 10.32
CA ALA A 1785 29.10 7.67 11.76
C ALA A 1785 29.38 9.04 12.35
N LYS A 1786 30.24 9.83 11.71
CA LYS A 1786 30.48 11.18 12.16
C LYS A 1786 29.18 11.96 12.25
N PHE A 1787 28.37 11.93 11.19
CA PHE A 1787 27.13 12.69 11.21
C PHE A 1787 26.19 12.19 12.32
N PHE A 1788 26.05 10.87 12.44
CA PHE A 1788 25.14 10.34 13.44
C PHE A 1788 25.59 10.69 14.85
N GLU A 1789 26.89 10.85 15.07
CA GLU A 1789 27.34 11.20 16.42
C GLU A 1789 26.69 12.49 16.90
N VAL A 1790 26.75 13.55 16.10
CA VAL A 1790 26.12 14.81 16.44
C VAL A 1790 24.60 14.66 16.48
N PHE A 1791 24.04 13.99 15.48
CA PHE A 1791 22.59 13.80 15.47
C PHE A 1791 22.11 13.18 16.77
N ASP A 1792 22.85 12.20 17.29
CA ASP A 1792 22.47 11.54 18.53
C ASP A 1792 22.67 12.47 19.73
N ASN A 1793 23.83 13.12 19.82
CA ASN A 1793 24.10 13.90 21.01
C ASN A 1793 23.24 15.15 21.09
N SER A 1794 22.51 15.48 20.02
CA SER A 1794 21.63 16.64 20.07
C SER A 1794 20.21 16.31 20.57
N MET A 1795 20.02 15.26 21.36
CA MET A 1795 18.69 14.94 21.87
C MET A 1795 18.81 14.17 23.18
N LYS A 1796 17.77 14.27 24.00
CA LYS A 1796 17.71 13.45 25.21
C LYS A 1796 17.67 11.97 24.86
N ARG A 1797 18.20 11.15 25.76
CA ARG A 1797 18.27 9.71 25.56
C ARG A 1797 17.07 9.05 26.24
N ARG A 1798 15.92 9.17 25.57
CA ARG A 1798 14.67 8.61 26.07
C ARG A 1798 13.77 8.25 24.90
N VAL A 1799 12.94 7.22 25.08
CA VAL A 1799 12.17 6.69 23.98
C VAL A 1799 11.11 7.67 23.51
N TYR A 1800 10.40 8.28 24.46
CA TYR A 1800 9.25 9.11 24.11
C TYR A 1800 9.66 10.32 23.27
N GLU A 1801 10.77 10.97 23.64
CA GLU A 1801 11.18 12.16 22.91
C GLU A 1801 11.72 11.82 21.52
N ARG A 1802 12.42 10.69 21.38
CA ARG A 1802 12.83 10.28 20.03
C ARG A 1802 11.63 9.97 19.16
N LEU A 1803 10.63 9.28 19.72
CA LEU A 1803 9.42 9.02 18.95
C LEU A 1803 8.74 10.32 18.55
N LEU A 1804 8.64 11.28 19.47
CA LEU A 1804 8.06 12.57 19.14
C LEU A 1804 8.84 13.29 18.05
N TYR A 1805 10.17 13.24 18.11
CA TYR A 1805 10.99 13.88 17.10
C TYR A 1805 10.72 13.28 15.73
N VAL A 1806 10.57 11.96 15.68
CA VAL A 1806 10.37 11.30 14.39
C VAL A 1806 9.12 11.84 13.69
N THR A 1807 8.02 11.99 14.43
CA THR A 1807 6.74 12.33 13.83
C THR A 1807 6.53 13.83 13.68
N CYS A 1808 6.90 14.62 14.69
CA CYS A 1808 6.55 16.04 14.70
C CYS A 1808 7.68 16.90 14.15
N SER A 1809 8.85 16.84 14.79
CA SER A 1809 9.89 17.83 14.53
C SER A 1809 10.47 17.69 13.12
N GLN A 1810 11.02 16.53 12.80
CA GLN A 1810 11.79 16.39 11.57
C GLN A 1810 10.91 16.57 10.34
N ASN A 1811 11.52 17.08 9.27
CA ASN A 1811 10.89 17.19 7.95
C ASN A 1811 11.75 16.41 6.97
N TRP A 1812 11.22 15.30 6.48
CA TRP A 1812 12.00 14.35 5.68
C TRP A 1812 11.93 14.61 4.19
N GLU A 1813 11.37 15.74 3.76
CA GLU A 1813 11.26 15.96 2.32
C GLU A 1813 12.63 16.06 1.66
N ALA A 1814 13.65 16.44 2.42
CA ALA A 1814 15.00 16.56 1.86
C ALA A 1814 15.67 15.22 1.63
N MET A 1815 15.08 14.12 2.11
CA MET A 1815 15.70 12.82 1.93
C MET A 1815 15.40 12.24 0.55
N GLY A 1816 14.52 12.88 -0.19
CA GLY A 1816 14.18 12.42 -1.54
C GLY A 1816 13.52 11.06 -1.51
N ASN A 1817 14.07 10.11 -2.26
CA ASN A 1817 13.51 8.77 -2.41
C ASN A 1817 14.34 7.75 -1.66
N HIS A 1818 14.80 8.11 -0.46
CA HIS A 1818 15.60 7.24 0.38
C HIS A 1818 14.74 6.66 1.48
N PHE A 1819 14.99 5.38 1.80
CA PHE A 1819 14.23 4.67 2.82
C PHE A 1819 14.70 5.14 4.20
N TRP A 1820 14.11 6.22 4.68
CA TRP A 1820 14.58 6.85 5.91
C TRP A 1820 14.12 6.11 7.17
N ILE A 1821 13.54 4.92 7.05
CA ILE A 1821 13.24 4.13 8.25
C ILE A 1821 14.54 3.64 8.90
N LYS A 1822 15.62 3.56 8.11
CA LYS A 1822 16.91 3.18 8.66
C LYS A 1822 17.35 4.18 9.72
N GLN A 1823 17.15 5.47 9.46
CA GLN A 1823 17.53 6.49 10.43
C GLN A 1823 16.73 6.34 11.72
N CYS A 1824 15.44 6.07 11.61
CA CYS A 1824 14.63 5.87 12.81
C CYS A 1824 15.10 4.66 13.60
N ILE A 1825 15.42 3.56 12.92
CA ILE A 1825 15.90 2.38 13.62
C ILE A 1825 17.19 2.71 14.36
N GLU A 1826 18.13 3.38 13.68
CA GLU A 1826 19.39 3.73 14.32
C GLU A 1826 19.17 4.64 15.51
N LEU A 1827 18.30 5.64 15.37
CA LEU A 1827 18.05 6.58 16.45
C LEU A 1827 17.44 5.87 17.67
N LEU A 1828 16.48 4.99 17.44
CA LEU A 1828 15.77 4.38 18.56
C LEU A 1828 16.60 3.30 19.24
N LEU A 1829 17.46 2.60 18.49
CA LEU A 1829 18.27 1.58 19.15
C LEU A 1829 19.48 2.18 19.85
N ALA A 1830 19.66 3.50 19.76
CA ALA A 1830 20.82 4.13 20.40
C ALA A 1830 20.56 4.45 21.86
N VAL A 1831 19.32 4.28 22.33
CA VAL A 1831 18.99 4.61 23.72
C VAL A 1831 19.14 3.43 24.66
N CYS A 1832 19.25 2.22 24.14
CA CYS A 1832 19.31 1.04 24.98
C CYS A 1832 20.58 1.05 25.81
N GLU A 1833 20.51 0.40 26.98
CA GLU A 1833 21.68 0.28 27.83
C GLU A 1833 22.62 -0.76 27.24
N LYS A 1834 23.87 -0.38 26.98
CA LYS A 1834 24.76 -1.22 26.19
C LYS A 1834 26.05 -1.56 26.92
N SER A 1835 25.96 -1.88 28.22
CA SER A 1835 27.11 -2.37 28.94
C SER A 1835 26.71 -3.51 29.86
N THR A 1836 25.88 -4.41 29.37
CA THR A 1836 25.39 -5.52 30.18
C THR A 1836 25.70 -6.85 29.51
N PRO A 1837 25.90 -7.93 30.27
CA PRO A 1837 26.15 -9.22 29.64
C PRO A 1837 24.99 -9.64 28.76
N ILE A 1838 25.30 -9.98 27.51
CA ILE A 1838 24.26 -10.30 26.54
C ILE A 1838 23.52 -11.55 26.98
N GLY A 1839 22.22 -11.58 26.71
CA GLY A 1839 21.39 -12.70 27.11
C GLY A 1839 20.05 -12.66 26.39
N THR A 1840 19.15 -13.52 26.84
CA THR A 1840 17.84 -13.63 26.22
C THR A 1840 16.89 -14.31 27.19
N SER A 1841 15.64 -14.47 26.77
CA SER A 1841 14.61 -15.11 27.58
C SER A 1841 14.16 -16.45 27.02
N CYS A 1842 14.89 -17.04 26.08
CA CYS A 1842 14.51 -18.32 25.48
C CYS A 1842 15.35 -19.43 26.11
N GLN A 1843 14.93 -19.85 27.30
CA GLN A 1843 15.67 -20.86 28.02
C GLN A 1843 15.56 -22.21 27.35
N GLY A 1844 14.36 -22.58 26.88
CA GLY A 1844 14.20 -23.86 26.22
C GLY A 1844 14.97 -23.94 24.91
N ALA A 1845 15.27 -22.79 24.31
CA ALA A 1845 16.06 -22.77 23.09
C ALA A 1845 17.55 -22.71 23.34
N MET A 1846 17.97 -22.11 24.46
CA MET A 1846 19.40 -22.00 24.74
C MET A 1846 20.06 -23.38 24.79
N LEU A 1847 21.35 -23.40 24.49
CA LEU A 1847 22.15 -24.61 24.61
C LEU A 1847 22.54 -24.82 26.07
N PRO A 1848 22.35 -26.02 26.62
CA PRO A 1848 22.71 -26.23 28.03
C PRO A 1848 24.20 -26.14 28.26
N SER A 1849 24.58 -26.13 29.53
CA SER A 1849 25.98 -26.15 29.90
C SER A 1849 26.50 -27.59 29.91
N ILE A 1850 27.82 -27.73 29.95
CA ILE A 1850 28.43 -29.06 29.92
C ILE A 1850 28.05 -29.85 31.16
N THR A 1851 27.93 -29.18 32.30
CA THR A 1851 27.65 -29.83 33.58
C THR A 1851 26.19 -29.73 33.98
N ASN A 1852 25.29 -29.43 33.05
CA ASN A 1852 23.86 -29.39 33.38
C ASN A 1852 23.33 -30.77 33.74
N VAL A 1853 24.07 -31.82 33.37
CA VAL A 1853 23.64 -33.18 33.67
C VAL A 1853 23.60 -33.44 35.16
N ILE A 1854 24.49 -32.83 35.93
CA ILE A 1854 24.46 -33.00 37.37
C ILE A 1854 23.19 -32.42 37.96
N ASN A 1855 22.78 -31.24 37.48
CA ASN A 1855 21.52 -30.67 37.92
C ASN A 1855 20.34 -31.56 37.54
N LEU A 1856 20.37 -32.10 36.32
CA LEU A 1856 19.24 -32.91 35.87
C LEU A 1856 19.15 -34.25 36.60
N ALA A 1857 20.17 -34.61 37.38
CA ALA A 1857 20.14 -35.89 38.08
C ALA A 1857 19.57 -35.72 39.48
N ASP A 1858 19.23 -36.85 40.10
CA ASP A 1858 18.62 -36.83 41.42
C ASP A 1858 19.67 -36.93 42.52
N SER A 1859 19.24 -36.62 43.74
CA SER A 1859 20.14 -36.64 44.88
C SER A 1859 20.81 -37.99 45.06
N HIS A 1860 20.13 -39.08 44.72
CA HIS A 1860 20.71 -40.41 44.87
C HIS A 1860 22.09 -40.48 44.22
N ASP A 1861 22.20 -40.03 42.98
CA ASP A 1861 23.48 -40.05 42.30
C ASP A 1861 24.33 -38.84 42.65
N ARG A 1862 23.70 -37.68 42.90
CA ARG A 1862 24.47 -36.47 43.15
C ARG A 1862 25.31 -36.61 44.43
N ALA A 1863 24.72 -37.15 45.49
CA ALA A 1863 25.46 -37.31 46.74
C ALA A 1863 26.61 -38.28 46.57
N ALA A 1864 26.37 -39.41 45.88
CA ALA A 1864 27.44 -40.36 45.65
C ALA A 1864 28.58 -39.73 44.85
N PHE A 1865 28.23 -38.95 43.83
CA PHE A 1865 29.26 -38.28 43.02
C PHE A 1865 30.07 -37.32 43.88
N ALA A 1866 29.38 -36.46 44.64
CA ALA A 1866 30.10 -35.51 45.48
C ALA A 1866 30.90 -36.21 46.57
N MET A 1867 30.55 -37.46 46.88
CA MET A 1867 31.30 -38.22 47.89
C MET A 1867 32.73 -38.49 47.43
N VAL A 1868 32.89 -39.02 46.24
CA VAL A 1868 34.22 -39.37 45.74
C VAL A 1868 34.97 -38.10 45.36
N GLY A 1914 47.34 -37.25 33.92
CA GLY A 1914 46.19 -36.37 33.91
C GLY A 1914 46.51 -35.01 33.33
N ASN A 1915 47.62 -34.93 32.61
CA ASN A 1915 48.04 -33.66 32.03
C ASN A 1915 47.14 -33.23 30.87
N GLN A 1916 46.81 -34.17 29.98
CA GLN A 1916 46.05 -33.80 28.79
C GLN A 1916 44.70 -33.22 29.16
N LEU A 1917 43.95 -33.91 30.02
CA LEU A 1917 42.64 -33.43 30.43
C LEU A 1917 42.74 -32.11 31.18
N HIS A 1918 43.73 -31.98 32.05
CA HIS A 1918 43.91 -30.75 32.80
C HIS A 1918 44.16 -29.57 31.87
N MET A 1919 45.03 -29.76 30.88
CA MET A 1919 45.30 -28.70 29.92
C MET A 1919 44.05 -28.36 29.11
N LEU A 1920 43.29 -29.38 28.71
CA LEU A 1920 42.05 -29.12 28.00
C LEU A 1920 41.13 -28.24 28.81
N THR A 1921 40.94 -28.58 30.08
CA THR A 1921 40.05 -27.81 30.94
C THR A 1921 40.54 -26.39 31.12
N ASN A 1922 41.84 -26.19 31.32
CA ASN A 1922 42.37 -24.84 31.50
C ASN A 1922 42.15 -23.98 30.26
N ARG A 1923 42.46 -24.54 29.09
CA ARG A 1923 42.29 -23.78 27.86
C ARG A 1923 40.82 -23.44 27.65
N HIS A 1924 39.93 -24.39 27.94
CA HIS A 1924 38.50 -24.12 27.77
C HIS A 1924 38.02 -23.06 28.74
N ASP A 1925 38.53 -23.06 29.97
CA ASP A 1925 38.13 -22.03 30.92
C ASP A 1925 38.56 -20.65 30.44
N LYS A 1926 39.77 -20.54 29.89
CA LYS A 1926 40.17 -19.26 29.33
C LYS A 1926 39.27 -18.83 28.18
N PHE A 1927 38.89 -19.78 27.31
CA PHE A 1927 37.94 -19.44 26.24
C PHE A 1927 36.62 -18.91 26.82
N LEU A 1928 36.10 -19.57 27.84
CA LEU A 1928 34.83 -19.14 28.42
C LEU A 1928 34.95 -17.76 29.05
N ASP A 1929 36.06 -17.49 29.74
CA ASP A 1929 36.27 -16.17 30.32
C ASP A 1929 36.36 -15.11 29.23
N THR A 1930 36.94 -15.47 28.08
CA THR A 1930 36.91 -14.55 26.95
C THR A 1930 35.48 -14.27 26.51
N LEU A 1931 34.62 -15.29 26.48
CA LEU A 1931 33.26 -15.08 26.03
C LEU A 1931 32.43 -14.29 27.04
N ARG A 1932 32.80 -14.32 28.32
CA ARG A 1932 32.00 -13.60 29.32
C ARG A 1932 32.07 -12.09 29.18
N GLU A 1933 32.97 -11.56 28.36
CA GLU A 1933 33.12 -10.11 28.22
C GLU A 1933 32.42 -9.54 27.00
N VAL A 1934 31.33 -10.14 26.53
CA VAL A 1934 30.63 -9.63 25.36
C VAL A 1934 29.38 -8.89 25.80
N LYS A 1935 29.19 -7.70 25.26
CA LYS A 1935 28.13 -6.80 25.70
C LYS A 1935 27.08 -6.63 24.61
N THR A 1936 25.90 -6.15 25.03
CA THR A 1936 24.78 -5.98 24.10
C THR A 1936 25.05 -4.88 23.09
N GLY A 1937 25.85 -3.87 23.44
CA GLY A 1937 26.20 -2.86 22.48
C GLY A 1937 26.97 -3.42 21.31
N ALA A 1938 27.81 -4.42 21.54
CA ALA A 1938 28.53 -5.06 20.46
C ALA A 1938 27.57 -5.61 19.42
N LEU A 1939 26.47 -6.22 19.86
CA LEU A 1939 25.49 -6.73 18.91
C LEU A 1939 24.71 -5.59 18.25
N LEU A 1940 24.28 -4.61 19.04
CA LEU A 1940 23.41 -3.57 18.52
C LEU A 1940 24.11 -2.70 17.47
N SER A 1941 25.36 -2.34 17.70
CA SER A 1941 26.08 -1.50 16.76
C SER A 1941 26.14 -2.16 15.39
N ALA A 1942 26.48 -3.45 15.34
CA ALA A 1942 26.56 -4.16 14.08
C ALA A 1942 25.20 -4.43 13.48
N PHE A 1943 24.18 -4.66 14.32
CA PHE A 1943 22.82 -4.84 13.81
C PHE A 1943 22.37 -3.61 13.04
N VAL A 1944 22.65 -2.42 13.58
CA VAL A 1944 22.26 -1.19 12.89
C VAL A 1944 22.97 -1.08 11.55
N GLN A 1945 24.28 -1.33 11.52
CA GLN A 1945 25.01 -1.22 10.27
C GLN A 1945 24.49 -2.22 9.25
N LEU A 1946 24.12 -3.42 9.69
CA LEU A 1946 23.63 -4.42 8.77
C LEU A 1946 22.26 -4.05 8.23
N CYS A 1947 21.43 -3.41 9.06
CA CYS A 1947 20.15 -2.92 8.56
C CYS A 1947 20.34 -1.76 7.58
N HIS A 1948 21.45 -1.03 7.71
CA HIS A 1948 21.66 0.12 6.82
C HIS A 1948 21.81 -0.31 5.37
N ILE A 1949 22.09 -1.59 5.11
CA ILE A 1949 22.46 -1.99 3.75
C ILE A 1949 21.33 -2.76 3.08
N SER A 1950 20.45 -3.37 3.87
CA SER A 1950 19.33 -4.13 3.33
C SER A 1950 18.02 -3.49 3.74
N THR A 1951 17.15 -3.25 2.75
CA THR A 1951 15.87 -2.59 2.99
C THR A 1951 14.83 -3.55 3.56
N THR A 1952 14.82 -4.80 3.11
CA THR A 1952 13.86 -5.76 3.63
C THR A 1952 14.10 -6.03 5.10
N LEU A 1953 15.36 -6.15 5.51
CA LEU A 1953 15.66 -6.33 6.93
C LEU A 1953 15.15 -5.16 7.76
N ALA A 1954 15.40 -3.93 7.30
CA ALA A 1954 14.93 -2.76 8.03
C ALA A 1954 13.41 -2.73 8.10
N GLU A 1955 12.74 -3.04 6.99
CA GLU A 1955 11.28 -3.07 6.99
C GLU A 1955 10.75 -4.04 8.03
N LYS A 1956 11.26 -5.27 8.01
CA LYS A 1956 10.78 -6.27 8.96
C LYS A 1956 11.10 -5.88 10.39
N THR A 1957 12.31 -5.35 10.64
CA THR A 1957 12.67 -4.98 11.99
C THR A 1957 11.78 -3.86 12.51
N TRP A 1958 11.48 -2.87 11.68
CA TRP A 1958 10.61 -1.78 12.13
C TRP A 1958 9.21 -2.29 12.43
N VAL A 1959 8.69 -3.17 11.57
CA VAL A 1959 7.34 -3.68 11.81
C VAL A 1959 7.31 -4.53 13.08
N GLN A 1960 8.41 -5.19 13.41
CA GLN A 1960 8.48 -5.95 14.65
C GLN A 1960 8.70 -5.05 15.87
N LEU A 1961 9.39 -3.93 15.69
CA LEU A 1961 9.84 -3.14 16.82
C LEU A 1961 8.83 -2.10 17.26
N PHE A 1962 8.09 -1.50 16.33
CA PHE A 1962 7.20 -0.42 16.74
C PHE A 1962 6.16 -0.87 17.77
N PRO A 1963 5.42 -1.96 17.57
CA PRO A 1963 4.48 -2.38 18.63
C PRO A 1963 5.15 -2.70 19.95
N ARG A 1964 6.33 -3.30 19.92
CA ARG A 1964 7.01 -3.64 21.16
C ARG A 1964 7.33 -2.40 21.97
N LEU A 1965 7.88 -1.36 21.33
CA LEU A 1965 8.12 -0.10 22.01
C LEU A 1965 6.82 0.55 22.46
N TRP A 1966 5.80 0.55 21.60
CA TRP A 1966 4.52 1.13 21.97
C TRP A 1966 3.98 0.52 23.25
N LYS A 1967 4.23 -0.78 23.45
CA LYS A 1967 3.68 -1.44 24.63
C LYS A 1967 4.25 -0.88 25.92
N ILE A 1968 5.53 -0.49 25.93
CA ILE A 1968 6.17 -0.14 27.20
C ILE A 1968 5.99 1.32 27.56
N LEU A 1969 5.35 2.11 26.73
CA LEU A 1969 5.00 3.48 27.10
C LEU A 1969 3.82 3.47 28.08
N SER A 1970 3.69 4.58 28.82
CA SER A 1970 2.56 4.73 29.72
C SER A 1970 1.31 5.14 28.95
N ASP A 1971 0.17 5.06 29.62
CA ASP A 1971 -1.11 5.35 28.96
C ASP A 1971 -1.18 6.79 28.46
N ARG A 1972 -0.74 7.73 29.29
CA ARG A 1972 -0.80 9.14 28.90
C ARG A 1972 0.11 9.42 27.70
N GLN A 1973 1.31 8.85 27.72
CA GLN A 1973 2.21 9.00 26.58
C GLN A 1973 1.62 8.36 25.33
N GLN A 1974 0.98 7.20 25.47
CA GLN A 1974 0.35 6.55 24.33
C GLN A 1974 -0.72 7.44 23.73
N HIS A 1975 -1.56 8.02 24.58
CA HIS A 1975 -2.61 8.92 24.09
C HIS A 1975 -2.02 10.13 23.39
N ALA A 1976 -0.98 10.72 23.98
CA ALA A 1976 -0.35 11.89 23.38
C ALA A 1976 0.25 11.56 22.02
N LEU A 1977 0.89 10.41 21.90
CA LEU A 1977 1.50 10.04 20.63
C LEU A 1977 0.45 9.71 19.59
N ALA A 1978 -0.63 9.04 20.01
CA ALA A 1978 -1.69 8.70 19.06
C ALA A 1978 -2.34 9.95 18.51
N GLY A 1979 -2.52 10.97 19.35
CA GLY A 1979 -3.06 12.22 18.86
C GLY A 1979 -2.24 12.85 17.75
N GLU A 1980 -0.92 12.84 17.88
CA GLU A 1980 -0.03 13.44 16.90
C GLU A 1980 0.17 12.58 15.66
N ILE A 1981 0.08 11.26 15.79
CA ILE A 1981 0.47 10.41 14.66
C ILE A 1981 -0.41 10.66 13.44
N SER A 1982 -1.72 10.79 13.62
CA SER A 1982 -2.62 10.81 12.47
C SER A 1982 -2.30 11.91 11.48
N PRO A 1983 -2.18 13.18 11.87
CA PRO A 1983 -1.83 14.22 10.89
C PRO A 1983 -0.46 14.06 10.29
N PHE A 1984 0.43 13.29 10.93
CA PHE A 1984 1.78 13.12 10.40
C PHE A 1984 1.76 12.34 9.08
N LEU A 1985 0.79 11.44 8.93
CA LEU A 1985 0.75 10.61 7.73
C LEU A 1985 0.31 11.40 6.50
N CYS A 1986 -0.54 12.41 6.69
CA CYS A 1986 -1.10 13.19 5.59
C CYS A 1986 -0.25 14.41 5.26
N SER A 1987 0.93 14.52 5.88
CA SER A 1987 1.83 15.62 5.58
C SER A 1987 2.22 15.61 4.11
N GLY A 1988 2.40 16.80 3.56
CA GLY A 1988 2.73 16.93 2.16
C GLY A 1988 4.18 16.64 1.83
N SER A 1989 4.98 16.31 2.85
CA SER A 1989 6.38 16.00 2.63
C SER A 1989 6.59 14.60 2.05
N HIS A 1990 5.57 13.75 2.04
CA HIS A 1990 5.70 12.39 1.56
C HIS A 1990 5.38 12.25 0.08
N GLN A 1991 5.12 13.34 -0.62
CA GLN A 1991 4.75 13.24 -2.03
C GLN A 1991 5.88 12.66 -2.87
N VAL A 1992 7.10 12.65 -2.35
CA VAL A 1992 8.23 12.17 -3.14
C VAL A 1992 8.33 10.66 -3.07
N GLN A 1993 7.74 10.05 -2.06
CA GLN A 1993 7.84 8.60 -1.86
C GLN A 1993 6.76 7.84 -2.58
N ARG A 1994 5.92 8.46 -3.40
CA ARG A 1994 4.88 7.72 -4.10
C ARG A 1994 5.50 6.73 -5.08
N ASP A 1995 6.56 7.14 -5.76
CA ASP A 1995 7.25 6.28 -6.74
C ASP A 1995 8.42 5.57 -6.09
N CYS A 1996 8.11 4.80 -5.05
CA CYS A 1996 9.11 4.06 -4.30
C CYS A 1996 8.52 2.74 -3.86
N GLN A 1997 9.31 1.67 -3.94
CA GLN A 1997 8.86 0.33 -3.59
C GLN A 1997 9.89 -0.35 -2.70
N PRO A 1998 9.60 -0.52 -1.40
CA PRO A 1998 8.48 -0.01 -0.61
C PRO A 1998 8.72 1.40 -0.10
N SER A 1999 7.66 2.16 0.13
CA SER A 1999 7.82 3.49 0.67
C SER A 1999 7.91 3.44 2.19
N ALA A 2000 8.50 4.49 2.76
CA ALA A 2000 8.62 4.55 4.21
C ALA A 2000 7.26 4.64 4.88
N LEU A 2001 6.33 5.39 4.28
CA LEU A 2001 5.01 5.54 4.87
C LEU A 2001 4.24 4.22 4.84
N ASN A 2002 4.41 3.43 3.77
CA ASN A 2002 3.79 2.12 3.71
C ASN A 2002 4.23 1.26 4.89
N CYS A 2003 5.54 1.17 5.13
CA CYS A 2003 6.06 0.41 6.25
C CYS A 2003 5.57 0.97 7.58
N PHE A 2004 5.54 2.29 7.71
CA PHE A 2004 5.10 2.90 8.96
C PHE A 2004 3.66 2.51 9.27
N VAL A 2005 2.77 2.60 8.29
CA VAL A 2005 1.37 2.24 8.53
C VAL A 2005 1.24 0.76 8.82
N GLU A 2006 1.97 -0.08 8.10
CA GLU A 2006 1.89 -1.51 8.36
C GLU A 2006 2.32 -1.81 9.79
N ALA A 2007 3.38 -1.18 10.27
CA ALA A 2007 3.79 -1.35 11.66
C ALA A 2007 2.73 -0.84 12.61
N MET A 2008 2.13 0.31 12.30
CA MET A 2008 1.17 0.92 13.21
C MET A 2008 -0.08 0.07 13.34
N SER A 2009 -0.37 -0.76 12.34
CA SER A 2009 -1.61 -1.52 12.37
C SER A 2009 -1.56 -2.68 13.36
N GLN A 2010 -0.40 -2.95 13.96
CA GLN A 2010 -0.21 -4.11 14.82
C GLN A 2010 -0.29 -3.80 16.31
N CYS A 2011 -0.54 -2.54 16.68
CA CYS A 2011 -0.38 -2.13 18.06
C CYS A 2011 -1.55 -2.58 18.93
N VAL A 2012 -1.30 -2.65 20.24
CA VAL A 2012 -2.32 -2.96 21.22
C VAL A 2012 -2.09 -2.07 22.44
N PRO A 2013 -3.02 -1.17 22.78
CA PRO A 2013 -4.31 -0.90 22.14
C PRO A 2013 -4.18 -0.21 20.79
N PRO A 2014 -5.17 -0.35 19.93
CA PRO A 2014 -5.04 0.16 18.55
C PRO A 2014 -5.02 1.67 18.51
N ILE A 2015 -4.56 2.20 17.39
CA ILE A 2015 -4.52 3.65 17.19
C ILE A 2015 -5.66 4.08 16.27
N PRO A 2016 -6.61 4.87 16.75
CA PRO A 2016 -7.75 5.23 15.89
C PRO A 2016 -7.32 6.11 14.72
N ILE A 2017 -8.07 6.01 13.63
CA ILE A 2017 -7.75 6.71 12.41
C ILE A 2017 -9.02 6.87 11.59
N ARG A 2018 -9.07 7.95 10.81
CA ARG A 2018 -10.28 8.26 10.06
C ARG A 2018 -10.43 7.34 8.85
N PRO A 2019 -11.67 6.93 8.53
CA PRO A 2019 -11.87 6.11 7.33
C PRO A 2019 -11.45 6.81 6.05
N CYS A 2020 -11.80 8.08 5.87
CA CYS A 2020 -11.38 8.80 4.68
C CYS A 2020 -9.87 8.86 4.58
N VAL A 2021 -9.20 9.03 5.72
CA VAL A 2021 -7.73 9.03 5.74
C VAL A 2021 -7.21 7.67 5.30
N LEU A 2022 -7.81 6.59 5.79
CA LEU A 2022 -7.37 5.26 5.38
C LEU A 2022 -7.55 5.03 3.89
N LYS A 2023 -8.67 5.50 3.34
CA LYS A 2023 -8.88 5.38 1.90
C LYS A 2023 -7.82 6.16 1.12
N TYR A 2024 -7.54 7.38 1.56
CA TYR A 2024 -6.49 8.16 0.90
C TYR A 2024 -5.15 7.43 0.93
N LEU A 2025 -4.79 6.92 2.11
CA LEU A 2025 -3.52 6.21 2.24
C LEU A 2025 -3.48 4.99 1.33
N GLY A 2026 -4.53 4.17 1.34
CA GLY A 2026 -4.55 3.00 0.50
C GLY A 2026 -4.41 3.34 -0.98
N LYS A 2027 -5.13 4.36 -1.43
CA LYS A 2027 -5.07 4.71 -2.85
C LYS A 2027 -3.71 5.26 -3.23
N THR A 2028 -3.11 6.10 -2.38
CA THR A 2028 -1.90 6.81 -2.78
C THR A 2028 -0.66 5.94 -2.60
N HIS A 2029 -0.47 5.37 -1.41
CA HIS A 2029 0.60 4.43 -1.16
C HIS A 2029 0.04 3.01 -1.24
N ASN A 2030 0.91 2.07 -1.58
CA ASN A 2030 0.45 0.74 -1.95
C ASN A 2030 -0.03 -0.02 -0.73
N LEU A 2031 -1.18 0.38 -0.18
CA LEU A 2031 -1.73 -0.22 1.04
C LEU A 2031 -3.16 -0.70 0.81
N TRP A 2032 -3.45 -1.14 -0.41
CA TRP A 2032 -4.84 -1.35 -0.80
C TRP A 2032 -5.55 -2.32 0.13
N PHE A 2033 -4.98 -3.50 0.33
CA PHE A 2033 -5.70 -4.55 1.05
C PHE A 2033 -5.63 -4.35 2.55
N ARG A 2034 -4.53 -3.82 3.07
CA ARG A 2034 -4.48 -3.47 4.48
C ARG A 2034 -5.57 -2.47 4.83
N SER A 2035 -5.75 -1.45 3.98
CA SER A 2035 -6.78 -0.46 4.23
C SER A 2035 -8.17 -1.08 4.21
N THR A 2036 -8.44 -1.94 3.22
CA THR A 2036 -9.76 -2.56 3.12
C THR A 2036 -10.04 -3.45 4.32
N LEU A 2037 -9.05 -4.22 4.76
CA LEU A 2037 -9.25 -5.08 5.91
C LEU A 2037 -9.55 -4.25 7.16
N MET A 2038 -8.81 -3.17 7.37
CA MET A 2038 -9.10 -2.31 8.52
C MET A 2038 -10.50 -1.72 8.43
N LEU A 2039 -10.88 -1.25 7.24
CA LEU A 2039 -12.18 -0.61 7.09
C LEU A 2039 -13.31 -1.59 7.36
N GLU A 2040 -13.20 -2.82 6.87
CA GLU A 2040 -14.28 -3.77 7.11
C GLU A 2040 -14.28 -4.28 8.55
N HIS A 2041 -13.12 -4.32 9.20
CA HIS A 2041 -13.10 -4.61 10.62
C HIS A 2041 -13.88 -3.55 11.39
N GLN A 2042 -13.68 -2.28 11.03
CA GLN A 2042 -14.51 -1.23 11.61
C GLN A 2042 -15.99 -1.43 11.27
N ALA A 2043 -16.27 -1.81 10.03
CA ALA A 2043 -17.66 -1.94 9.60
C ALA A 2043 -18.41 -2.96 10.42
N PHE A 2044 -17.78 -4.06 10.80
CA PHE A 2044 -18.46 -5.13 11.51
C PHE A 2044 -18.34 -5.03 13.03
N GLU A 2045 -18.37 -3.83 13.59
CA GLU A 2045 -18.52 -3.68 15.03
C GLU A 2045 -19.95 -3.27 15.38
N LYS A 2046 -20.84 -4.26 15.26
CA LYS A 2046 -22.21 -4.15 15.75
C LYS A 2046 -22.94 -2.96 15.11
N GLY A 2047 -22.94 -2.95 13.79
CA GLY A 2047 -23.65 -1.94 13.04
C GLY A 2047 -24.48 -2.53 11.93
N LEU A 2048 -25.78 -2.22 11.91
CA LEU A 2048 -26.63 -2.65 10.82
C LEU A 2048 -26.29 -1.87 9.56
N SER A 2049 -26.10 -2.59 8.46
CA SER A 2049 -25.71 -1.96 7.20
C SER A 2049 -26.88 -1.31 6.48
N LEU A 2050 -28.12 -1.53 6.94
CA LEU A 2050 -29.25 -0.85 6.34
C LEU A 2050 -29.11 0.65 6.51
N GLN A 2051 -29.63 1.40 5.55
CA GLN A 2051 -29.57 2.85 5.65
C GLN A 2051 -30.73 3.40 6.46
N ILE A 2052 -31.97 3.11 6.04
CA ILE A 2052 -33.16 3.46 6.80
C ILE A 2052 -33.92 2.16 7.02
N LYS A 2053 -33.68 1.52 8.16
CA LYS A 2053 -34.25 0.22 8.49
C LYS A 2053 -35.77 0.28 8.49
N PRO A 2054 -36.39 1.30 9.09
CA PRO A 2054 -37.86 1.35 9.10
C PRO A 2054 -38.43 1.61 7.72
N LYS A 2055 -39.76 1.74 7.68
CA LYS A 2055 -40.42 2.16 6.46
C LYS A 2055 -40.64 3.67 6.43
N GLN A 2056 -41.07 4.24 7.56
CA GLN A 2056 -41.20 5.68 7.70
C GLN A 2056 -40.74 6.10 9.09
N THR A 2057 -40.42 7.39 9.21
CA THR A 2057 -39.92 7.93 10.46
C THR A 2057 -40.93 7.81 11.59
N THR A 2058 -42.20 8.10 11.34
CA THR A 2058 -43.22 8.23 12.36
C THR A 2058 -43.38 6.99 13.23
N GLU A 2059 -42.73 5.89 12.90
CA GLU A 2059 -42.88 4.67 13.68
C GLU A 2059 -42.47 4.86 15.13
N PHE A 2060 -41.56 5.81 15.39
CA PHE A 2060 -40.99 5.99 16.72
C PHE A 2060 -41.20 7.42 17.21
N TYR A 2061 -41.26 7.56 18.53
CA TYR A 2061 -41.36 8.88 19.14
C TYR A 2061 -40.03 9.62 19.10
N GLU A 2062 -38.93 8.91 19.33
CA GLU A 2062 -37.63 9.56 19.35
C GLU A 2062 -37.14 9.81 17.94
N GLN A 2063 -36.19 10.75 17.82
CA GLN A 2063 -35.67 11.17 16.53
C GLN A 2063 -34.27 10.61 16.32
N GLU A 2064 -33.97 10.23 15.08
CA GLU A 2064 -32.65 9.72 14.76
C GLU A 2064 -31.84 10.80 14.04
N SER A 2065 -30.53 10.74 14.25
CA SER A 2065 -29.65 11.76 13.70
C SER A 2065 -29.87 11.93 12.20
N ILE A 2066 -29.52 13.11 11.70
CA ILE A 2066 -29.76 13.41 10.29
C ILE A 2066 -28.92 12.48 9.40
N THR A 2067 -27.73 12.13 9.86
CA THR A 2067 -26.83 11.28 9.10
C THR A 2067 -26.47 10.04 9.91
N PRO A 2068 -26.50 8.85 9.33
CA PRO A 2068 -26.20 7.64 10.10
C PRO A 2068 -24.74 7.62 10.52
N PRO A 2069 -24.42 6.92 11.60
CA PRO A 2069 -23.04 6.99 12.13
C PRO A 2069 -22.01 6.27 11.26
N GLN A 2070 -22.41 5.23 10.54
CA GLN A 2070 -21.48 4.38 9.81
C GLN A 2070 -21.34 4.78 8.35
N GLN A 2071 -21.93 5.91 7.95
CA GLN A 2071 -21.95 6.29 6.55
C GLN A 2071 -20.54 6.52 6.01
N GLU A 2072 -19.68 7.17 6.79
CA GLU A 2072 -18.32 7.41 6.34
C GLU A 2072 -17.58 6.11 6.07
N ILE A 2073 -17.68 5.16 7.01
CA ILE A 2073 -17.01 3.88 6.84
C ILE A 2073 -17.52 3.16 5.60
N LEU A 2074 -18.84 3.13 5.43
CA LEU A 2074 -19.40 2.41 4.29
C LEU A 2074 -19.01 3.07 2.98
N ASP A 2075 -19.00 4.40 2.93
CA ASP A 2075 -18.63 5.08 1.70
C ASP A 2075 -17.18 4.80 1.34
N SER A 2076 -16.29 4.85 2.33
CA SER A 2076 -14.89 4.52 2.07
C SER A 2076 -14.73 3.10 1.57
N LEU A 2077 -15.40 2.14 2.21
CA LEU A 2077 -15.28 0.75 1.78
C LEU A 2077 -15.82 0.56 0.37
N ALA A 2078 -16.97 1.18 0.06
CA ALA A 2078 -17.55 1.02 -1.27
C ALA A 2078 -16.63 1.57 -2.34
N GLU A 2079 -16.05 2.74 -2.12
CA GLU A 2079 -15.18 3.31 -3.16
C GLU A 2079 -13.87 2.53 -3.26
N LEU A 2080 -13.35 2.01 -2.15
CA LEU A 2080 -12.17 1.16 -2.26
C LEU A 2080 -12.45 -0.09 -3.08
N TYR A 2081 -13.60 -0.74 -2.84
CA TYR A 2081 -13.95 -1.89 -3.66
C TYR A 2081 -14.12 -1.52 -5.13
N SER A 2082 -14.76 -0.38 -5.40
CA SER A 2082 -14.94 0.03 -6.79
C SER A 2082 -13.59 0.28 -7.47
N LEU A 2083 -12.65 0.89 -6.76
CA LEU A 2083 -11.33 1.11 -7.35
C LEU A 2083 -10.59 -0.21 -7.55
N LEU A 2084 -10.78 -1.16 -6.65
CA LEU A 2084 -10.11 -2.45 -6.77
C LEU A 2084 -10.74 -3.36 -7.80
N GLN A 2085 -11.94 -3.05 -8.28
CA GLN A 2085 -12.61 -3.84 -9.31
C GLN A 2085 -13.19 -5.13 -8.75
N GLU A 2086 -13.55 -5.12 -7.46
CA GLU A 2086 -14.21 -6.27 -6.83
C GLU A 2086 -15.70 -6.06 -6.97
N GLU A 2087 -16.21 -6.40 -8.16
CA GLU A 2087 -17.61 -6.11 -8.48
C GLU A 2087 -18.55 -6.87 -7.57
N ASP A 2088 -18.24 -8.13 -7.28
CA ASP A 2088 -19.13 -8.93 -6.44
C ASP A 2088 -19.16 -8.41 -5.01
N MET A 2089 -18.00 -8.08 -4.46
CA MET A 2089 -17.97 -7.50 -3.12
C MET A 2089 -18.72 -6.18 -3.08
N TRP A 2090 -18.54 -5.35 -4.09
CA TRP A 2090 -19.22 -4.06 -4.13
C TRP A 2090 -20.73 -4.25 -4.18
N ALA A 2091 -21.20 -5.14 -5.05
CA ALA A 2091 -22.63 -5.41 -5.13
C ALA A 2091 -23.16 -5.97 -3.82
N GLY A 2092 -22.41 -6.87 -3.18
CA GLY A 2092 -22.86 -7.42 -1.91
C GLY A 2092 -23.01 -6.35 -0.85
N LEU A 2093 -22.04 -5.44 -0.77
CA LEU A 2093 -22.14 -4.34 0.19
C LEU A 2093 -23.37 -3.48 -0.10
N TRP A 2094 -23.58 -3.12 -1.36
CA TRP A 2094 -24.67 -2.21 -1.68
C TRP A 2094 -26.03 -2.88 -1.53
N GLN A 2095 -26.12 -4.19 -1.73
CA GLN A 2095 -27.42 -4.85 -1.57
C GLN A 2095 -27.94 -4.70 -0.16
N LYS A 2096 -27.05 -4.78 0.83
CA LYS A 2096 -27.45 -4.55 2.22
C LYS A 2096 -27.61 -3.07 2.51
N ARG A 2097 -26.76 -2.23 1.93
CA ARG A 2097 -26.87 -0.79 2.21
C ARG A 2097 -28.08 -0.13 1.55
N CYS A 2098 -28.73 -0.82 0.62
CA CYS A 2098 -29.74 -0.20 -0.22
C CYS A 2098 -30.96 0.28 0.57
N LYS A 2099 -31.62 1.31 0.03
CA LYS A 2099 -32.91 1.77 0.51
C LYS A 2099 -34.04 1.40 -0.43
N TYR A 2100 -33.94 1.77 -1.71
CA TYR A 2100 -35.00 1.50 -2.68
C TYR A 2100 -34.86 0.11 -3.27
N SER A 2101 -35.95 -0.65 -3.21
CA SER A 2101 -35.91 -2.02 -3.73
C SER A 2101 -35.52 -2.08 -5.20
N GLU A 2102 -35.70 -0.97 -5.94
CA GLU A 2102 -35.33 -0.97 -7.34
C GLU A 2102 -33.83 -0.99 -7.53
N THR A 2103 -33.09 -0.30 -6.65
CA THR A 2103 -31.63 -0.30 -6.75
C THR A 2103 -31.06 -1.70 -6.62
N ALA A 2104 -31.61 -2.51 -5.72
CA ALA A 2104 -31.11 -3.87 -5.56
C ALA A 2104 -31.29 -4.69 -6.83
N THR A 2105 -32.47 -4.65 -7.43
CA THR A 2105 -32.70 -5.39 -8.65
C THR A 2105 -31.83 -4.86 -9.78
N ALA A 2106 -31.65 -3.54 -9.86
CA ALA A 2106 -30.79 -2.98 -10.89
C ALA A 2106 -29.36 -3.50 -10.76
N ILE A 2107 -28.83 -3.49 -9.53
CA ILE A 2107 -27.48 -4.00 -9.30
C ILE A 2107 -27.39 -5.48 -9.65
N ALA A 2108 -28.41 -6.26 -9.25
CA ALA A 2108 -28.39 -7.68 -9.56
C ALA A 2108 -28.36 -7.91 -11.06
N TYR A 2109 -29.17 -7.16 -11.82
CA TYR A 2109 -29.13 -7.28 -13.27
C TYR A 2109 -27.78 -6.86 -13.81
N GLU A 2110 -27.20 -5.79 -13.27
CA GLU A 2110 -25.92 -5.30 -13.77
C GLU A 2110 -24.83 -6.34 -13.62
N GLN A 2111 -24.76 -7.01 -12.47
CA GLN A 2111 -23.65 -7.92 -12.22
C GLN A 2111 -23.79 -9.24 -12.97
N HIS A 2112 -24.70 -9.36 -13.93
CA HIS A 2112 -24.87 -10.58 -14.70
C HIS A 2112 -25.07 -10.26 -16.18
N GLY A 2113 -24.80 -9.03 -16.60
CA GLY A 2113 -24.81 -8.68 -18.00
C GLY A 2113 -26.14 -8.32 -18.61
N PHE A 2114 -27.18 -8.12 -17.80
CA PHE A 2114 -28.51 -7.78 -18.32
C PHE A 2114 -28.64 -6.25 -18.29
N PHE A 2115 -27.90 -5.62 -19.20
CA PHE A 2115 -27.76 -4.17 -19.17
C PHE A 2115 -29.02 -3.47 -19.64
N GLU A 2116 -29.70 -4.05 -20.63
CA GLU A 2116 -30.94 -3.44 -21.11
C GLU A 2116 -31.98 -3.38 -20.00
N GLN A 2117 -32.00 -4.39 -19.13
CA GLN A 2117 -32.93 -4.39 -18.01
C GLN A 2117 -32.44 -3.47 -16.90
N ALA A 2118 -31.13 -3.43 -16.67
CA ALA A 2118 -30.60 -2.58 -15.62
C ALA A 2118 -30.87 -1.10 -15.91
N GLN A 2119 -30.78 -0.71 -17.18
CA GLN A 2119 -31.03 0.69 -17.53
C GLN A 2119 -32.47 1.08 -17.20
N GLU A 2120 -33.43 0.22 -17.55
CA GLU A 2120 -34.82 0.49 -17.22
C GLU A 2120 -35.03 0.54 -15.72
N SER A 2121 -34.37 -0.35 -14.97
CA SER A 2121 -34.51 -0.32 -13.53
C SER A 2121 -34.01 1.00 -12.95
N TYR A 2122 -32.87 1.47 -13.44
CA TYR A 2122 -32.34 2.76 -12.96
C TYR A 2122 -33.32 3.89 -13.25
N GLU A 2123 -33.87 3.91 -14.47
CA GLU A 2123 -34.83 4.97 -14.82
C GLU A 2123 -36.06 4.92 -13.93
N LYS A 2124 -36.58 3.73 -13.65
CA LYS A 2124 -37.75 3.61 -12.80
C LYS A 2124 -37.45 4.07 -11.38
N ALA A 2125 -36.26 3.74 -10.87
CA ALA A 2125 -35.88 4.23 -9.56
C ALA A 2125 -35.81 5.75 -9.53
N MET A 2126 -35.25 6.36 -10.58
CA MET A 2126 -35.21 7.81 -10.64
C MET A 2126 -36.62 8.41 -10.63
N ASP A 2127 -37.54 7.82 -11.38
CA ASP A 2127 -38.91 8.34 -11.39
C ASP A 2127 -39.55 8.26 -10.01
N LYS A 2128 -39.40 7.12 -9.34
CA LYS A 2128 -39.98 6.97 -8.01
C LYS A 2128 -39.38 7.99 -7.05
N ALA A 2129 -38.06 8.19 -7.12
CA ALA A 2129 -37.43 9.18 -6.26
C ALA A 2129 -37.92 10.59 -6.56
N LYS A 2130 -38.14 10.91 -7.82
CA LYS A 2130 -38.65 12.23 -8.18
C LYS A 2130 -40.02 12.47 -7.57
N LYS A 2131 -40.91 11.48 -7.65
CA LYS A 2131 -42.22 11.66 -7.01
C LYS A 2131 -42.10 11.81 -5.50
N GLU A 2132 -41.25 11.03 -4.85
CA GLU A 2132 -41.08 11.19 -3.41
C GLU A 2132 -40.55 12.59 -3.07
N HIS A 2133 -39.55 13.06 -3.82
CA HIS A 2133 -39.04 14.40 -3.59
C HIS A 2133 -40.12 15.44 -3.78
N GLU A 2134 -40.98 15.26 -4.80
CA GLU A 2134 -42.08 16.18 -5.01
C GLU A 2134 -42.97 16.26 -3.79
N ARG A 2135 -43.43 15.12 -3.29
CA ARG A 2135 -44.25 15.15 -2.07
C ARG A 2135 -43.50 15.83 -0.93
N SER A 2136 -42.19 15.64 -0.85
CA SER A 2136 -41.38 16.32 0.16
C SER A 2136 -39.91 16.14 -0.17
N ASN A 2137 -39.10 17.13 0.20
CA ASN A 2137 -37.68 17.09 -0.13
C ASN A 2137 -37.00 15.91 0.56
N ALA A 2138 -35.95 15.40 -0.08
CA ALA A 2138 -35.28 14.20 0.40
C ALA A 2138 -34.06 14.56 1.23
N SER A 2139 -33.76 13.71 2.21
CA SER A 2139 -32.60 13.91 3.06
C SER A 2139 -31.32 13.87 2.24
N PRO A 2140 -30.27 14.57 2.69
CA PRO A 2140 -28.98 14.47 1.99
C PRO A 2140 -28.27 13.15 2.23
N ALA A 2141 -28.79 12.30 3.10
CA ALA A 2141 -28.17 11.01 3.37
C ALA A 2141 -28.36 10.02 2.23
N ILE A 2142 -29.17 10.34 1.23
CA ILE A 2142 -29.52 9.38 0.19
C ILE A 2142 -28.88 9.79 -1.14
N PHE A 2143 -27.99 10.75 -1.11
CA PHE A 2143 -27.37 11.29 -2.31
C PHE A 2143 -26.36 10.32 -2.93
N PRO A 2144 -25.64 9.54 -2.12
CA PRO A 2144 -24.78 8.51 -2.73
C PRO A 2144 -25.54 7.54 -3.61
N GLU A 2145 -26.77 7.18 -3.24
CA GLU A 2145 -27.56 6.30 -4.10
C GLU A 2145 -27.91 6.97 -5.43
N TYR A 2146 -28.22 8.28 -5.40
CA TYR A 2146 -28.46 9.00 -6.64
C TYR A 2146 -27.22 9.00 -7.52
N GLN A 2147 -26.06 9.23 -6.90
CA GLN A 2147 -24.82 9.21 -7.67
C GLN A 2147 -24.55 7.84 -8.25
N LEU A 2148 -24.85 6.78 -7.49
CA LEU A 2148 -24.72 5.43 -8.01
C LEU A 2148 -25.59 5.21 -9.23
N TRP A 2149 -26.85 5.65 -9.16
CA TRP A 2149 -27.73 5.55 -10.33
C TRP A 2149 -27.12 6.25 -11.52
N GLU A 2150 -26.66 7.48 -11.32
CA GLU A 2150 -26.09 8.24 -12.43
C GLU A 2150 -24.92 7.51 -13.06
N ASP A 2151 -23.98 7.04 -12.22
CA ASP A 2151 -22.77 6.41 -12.74
C ASP A 2151 -23.10 5.13 -13.52
N HIS A 2152 -23.95 4.28 -12.94
CA HIS A 2152 -24.18 2.99 -13.57
C HIS A 2152 -25.11 3.07 -14.77
N TRP A 2153 -25.97 4.10 -14.84
CA TRP A 2153 -26.69 4.29 -16.08
C TRP A 2153 -25.73 4.57 -17.23
N ILE A 2154 -24.71 5.39 -16.98
CA ILE A 2154 -23.72 5.69 -18.02
C ILE A 2154 -22.92 4.44 -18.36
N ARG A 2155 -22.57 3.65 -17.35
CA ARG A 2155 -21.85 2.40 -17.63
C ARG A 2155 -22.67 1.50 -18.55
N CYS A 2156 -23.94 1.26 -18.19
CA CYS A 2156 -24.78 0.42 -19.03
C CYS A 2156 -24.97 1.01 -20.41
N SER A 2157 -25.03 2.33 -20.51
CA SER A 2157 -25.13 2.95 -21.82
C SER A 2157 -23.90 2.68 -22.67
N LYS A 2158 -22.71 2.79 -22.06
CA LYS A 2158 -21.49 2.41 -22.78
C LYS A 2158 -21.59 0.98 -23.27
N GLU A 2159 -22.04 0.07 -22.40
CA GLU A 2159 -22.13 -1.33 -22.79
C GLU A 2159 -23.16 -1.57 -23.89
N LEU A 2160 -24.20 -0.76 -23.97
CA LEU A 2160 -25.23 -0.93 -24.98
C LEU A 2160 -24.92 -0.20 -26.28
N ASN A 2161 -23.75 0.42 -26.40
CA ASN A 2161 -23.30 0.99 -27.67
C ASN A 2161 -24.14 2.19 -28.10
N GLN A 2162 -24.33 3.13 -27.17
CA GLN A 2162 -25.11 4.35 -27.44
C GLN A 2162 -24.21 5.56 -27.26
N TRP A 2163 -23.38 5.81 -28.27
CA TRP A 2163 -22.31 6.78 -28.13
C TRP A 2163 -22.76 8.16 -28.55
N GLU A 2164 -23.62 8.27 -29.55
CA GLU A 2164 -24.23 9.55 -29.85
C GLU A 2164 -25.04 10.06 -28.66
N ALA A 2165 -25.82 9.17 -28.03
CA ALA A 2165 -26.58 9.56 -26.86
C ALA A 2165 -25.67 10.00 -25.72
N LEU A 2166 -24.60 9.23 -25.46
CA LEU A 2166 -23.70 9.63 -24.39
C LEU A 2166 -23.03 10.97 -24.69
N THR A 2167 -22.60 11.21 -25.92
CA THR A 2167 -21.97 12.49 -26.25
C THR A 2167 -22.96 13.64 -26.10
N GLU A 2168 -24.20 13.45 -26.55
CA GLU A 2168 -25.21 14.49 -26.36
C GLU A 2168 -25.41 14.80 -24.90
N TYR A 2169 -25.52 13.77 -24.07
CA TYR A 2169 -25.68 13.98 -22.63
C TYR A 2169 -24.47 14.68 -22.05
N GLY A 2170 -23.27 14.39 -22.56
CA GLY A 2170 -22.08 15.04 -22.04
C GLY A 2170 -22.05 16.52 -22.36
N GLN A 2171 -22.46 16.88 -23.58
CA GLN A 2171 -22.53 18.29 -23.96
C GLN A 2171 -23.84 18.93 -23.51
N SER A 2172 -24.16 18.79 -22.23
CA SER A 2172 -25.36 19.38 -21.69
C SER A 2172 -25.05 20.78 -21.14
N LYS A 2173 -25.91 21.74 -21.49
CA LYS A 2173 -25.58 23.14 -21.27
C LYS A 2173 -25.41 23.45 -19.79
N GLY A 2174 -26.32 22.95 -18.95
CA GLY A 2174 -26.17 23.18 -17.53
C GLY A 2174 -24.98 22.50 -16.90
N HIS A 2175 -24.75 21.23 -17.26
CA HIS A 2175 -23.72 20.42 -16.62
C HIS A 2175 -22.90 19.79 -17.74
N ILE A 2176 -21.59 20.00 -17.72
CA ILE A 2176 -20.70 19.49 -18.76
C ILE A 2176 -19.77 18.46 -18.12
N ASN A 2177 -19.59 17.33 -18.80
CA ASN A 2177 -18.77 16.23 -18.31
C ASN A 2177 -17.60 16.03 -19.25
N PRO A 2178 -16.48 16.73 -19.05
CA PRO A 2178 -15.37 16.60 -20.01
C PRO A 2178 -14.82 15.19 -20.12
N TYR A 2179 -14.73 14.44 -19.02
CA TYR A 2179 -14.19 13.09 -19.10
C TYR A 2179 -15.10 12.18 -19.91
N LEU A 2180 -16.41 12.28 -19.70
CA LEU A 2180 -17.34 11.52 -20.50
C LEU A 2180 -17.22 11.88 -21.98
N VAL A 2181 -17.18 13.17 -22.29
CA VAL A 2181 -17.12 13.59 -23.69
C VAL A 2181 -15.81 13.12 -24.31
N LEU A 2182 -14.72 13.12 -23.53
CA LEU A 2182 -13.43 12.73 -24.07
C LEU A 2182 -13.43 11.27 -24.53
N GLU A 2183 -14.04 10.39 -23.74
CA GLU A 2183 -14.10 8.98 -24.07
C GLU A 2183 -15.22 8.65 -25.06
N CYS A 2184 -16.18 9.55 -25.25
CA CYS A 2184 -17.27 9.29 -26.18
C CYS A 2184 -17.11 9.89 -27.57
N ALA A 2185 -16.45 11.04 -27.71
CA ALA A 2185 -16.58 11.78 -28.96
C ALA A 2185 -15.94 11.06 -30.14
N TRP A 2186 -14.69 10.60 -29.99
CA TRP A 2186 -13.96 10.11 -31.14
C TRP A 2186 -14.60 8.88 -31.78
N ARG A 2187 -15.41 8.14 -31.04
CA ARG A 2187 -16.01 6.94 -31.60
C ARG A 2187 -16.99 7.27 -32.72
N VAL A 2188 -17.51 8.50 -32.75
CA VAL A 2188 -18.48 8.89 -33.77
C VAL A 2188 -17.92 10.03 -34.60
N SER A 2189 -16.61 10.26 -34.51
CA SER A 2189 -15.93 11.23 -35.36
C SER A 2189 -16.43 12.65 -35.10
N ASN A 2190 -16.34 13.10 -33.87
CA ASN A 2190 -16.65 14.49 -33.50
C ASN A 2190 -15.38 15.10 -32.94
N TRP A 2191 -14.51 15.54 -33.84
CA TRP A 2191 -13.18 15.99 -33.45
C TRP A 2191 -13.19 17.36 -32.80
N THR A 2192 -14.14 18.22 -33.17
CA THR A 2192 -14.25 19.51 -32.49
C THR A 2192 -14.50 19.32 -31.00
N ALA A 2193 -15.50 18.50 -30.66
CA ALA A 2193 -15.78 18.23 -29.26
C ALA A 2193 -14.63 17.49 -28.59
N MET A 2194 -13.99 16.57 -29.31
CA MET A 2194 -12.83 15.89 -28.74
C MET A 2194 -11.75 16.90 -28.34
N LYS A 2195 -11.45 17.85 -29.22
CA LYS A 2195 -10.43 18.86 -28.92
C LYS A 2195 -10.85 19.74 -27.75
N GLU A 2196 -12.11 20.16 -27.74
CA GLU A 2196 -12.58 21.00 -26.65
C GLU A 2196 -12.45 20.28 -25.30
N ALA A 2197 -12.72 18.97 -25.28
CA ALA A 2197 -12.61 18.22 -24.04
C ALA A 2197 -11.15 18.02 -23.64
N LEU A 2198 -10.28 17.76 -24.62
CA LEU A 2198 -8.85 17.63 -24.31
C LEU A 2198 -8.34 18.89 -23.61
N VAL A 2199 -8.73 20.05 -24.13
CA VAL A 2199 -8.25 21.32 -23.57
C VAL A 2199 -8.66 21.43 -22.10
N GLN A 2200 -9.89 21.07 -21.78
CA GLN A 2200 -10.38 21.26 -20.42
C GLN A 2200 -9.88 20.18 -19.48
N VAL A 2201 -9.43 19.03 -20.03
CA VAL A 2201 -8.95 17.96 -19.17
C VAL A 2201 -7.48 18.20 -18.81
N GLU A 2202 -6.67 18.64 -19.77
CA GLU A 2202 -5.23 18.71 -19.55
C GLU A 2202 -4.86 19.49 -18.29
N VAL A 2203 -5.76 20.30 -17.75
CA VAL A 2203 -5.39 21.15 -16.62
C VAL A 2203 -5.50 20.42 -15.28
N SER A 2204 -6.41 19.48 -15.14
CA SER A 2204 -6.64 18.83 -13.85
C SER A 2204 -6.71 17.31 -14.01
N CYS A 2205 -6.18 16.79 -15.11
CA CYS A 2205 -6.13 15.33 -15.13
C CYS A 2205 -5.29 14.83 -13.98
N PRO A 2206 -5.80 13.95 -13.13
CA PRO A 2206 -4.97 13.39 -12.06
C PRO A 2206 -3.87 12.49 -12.64
N LYS A 2207 -2.80 12.33 -11.86
CA LYS A 2207 -1.65 11.58 -12.35
C LYS A 2207 -2.00 10.16 -12.77
N GLU A 2208 -3.08 9.59 -12.23
CA GLU A 2208 -3.42 8.20 -12.55
C GLU A 2208 -3.71 8.03 -14.03
N MET A 2209 -4.47 8.95 -14.61
CA MET A 2209 -4.91 8.84 -15.99
C MET A 2209 -4.15 9.76 -16.94
N ALA A 2210 -2.87 10.00 -16.65
CA ALA A 2210 -2.08 10.86 -17.53
C ALA A 2210 -1.87 10.22 -18.89
N TRP A 2211 -1.57 8.92 -18.91
CA TRP A 2211 -1.24 8.27 -20.18
C TRP A 2211 -2.41 8.30 -21.15
N LYS A 2212 -3.63 8.25 -20.64
CA LYS A 2212 -4.79 8.39 -21.52
C LYS A 2212 -4.77 9.74 -22.22
N VAL A 2213 -4.29 10.77 -21.55
CA VAL A 2213 -4.20 12.08 -22.18
C VAL A 2213 -3.27 12.02 -23.38
N ASN A 2214 -2.12 11.38 -23.22
CA ASN A 2214 -1.17 11.27 -24.34
C ASN A 2214 -1.76 10.46 -25.48
N MET A 2215 -2.43 9.35 -25.16
CA MET A 2215 -3.00 8.54 -26.23
C MET A 2215 -4.08 9.31 -26.98
N TYR A 2216 -4.92 10.06 -26.27
CA TYR A 2216 -5.95 10.85 -26.94
C TYR A 2216 -5.34 11.98 -27.76
N ARG A 2217 -4.25 12.57 -27.26
CA ARG A 2217 -3.56 13.60 -28.03
C ARG A 2217 -3.03 13.02 -29.33
N GLY A 2218 -2.46 11.82 -29.28
CA GLY A 2218 -2.03 11.16 -30.49
C GLY A 2218 -3.17 10.85 -31.43
N TYR A 2219 -4.28 10.35 -30.87
CA TYR A 2219 -5.47 10.12 -31.68
C TYR A 2219 -5.86 11.35 -32.46
N LEU A 2220 -5.94 12.49 -31.76
CA LEU A 2220 -6.33 13.74 -32.41
C LEU A 2220 -5.31 14.13 -33.46
N ALA A 2221 -4.03 14.11 -33.10
CA ALA A 2221 -2.97 14.52 -34.04
C ALA A 2221 -3.00 13.68 -35.29
N ILE A 2222 -3.47 12.45 -35.20
CA ILE A 2222 -3.53 11.58 -36.39
C ILE A 2222 -4.80 11.84 -37.19
N CYS A 2223 -5.96 11.93 -36.53
CA CYS A 2223 -7.23 11.83 -37.23
C CYS A 2223 -7.93 13.16 -37.46
N HIS A 2224 -7.43 14.27 -36.93
CA HIS A 2224 -8.09 15.55 -37.22
C HIS A 2224 -7.97 15.85 -38.71
N PRO A 2225 -9.04 16.27 -39.39
CA PRO A 2225 -8.93 16.53 -40.83
C PRO A 2225 -7.96 17.63 -41.19
N GLU A 2226 -7.59 18.50 -40.24
CA GLU A 2226 -6.76 19.66 -40.52
C GLU A 2226 -5.58 19.79 -39.56
N GLU A 2227 -5.15 18.70 -38.94
CA GLU A 2227 -4.01 18.74 -38.02
C GLU A 2227 -3.12 17.51 -38.21
N GLN A 2228 -2.90 17.11 -39.45
CA GLN A 2228 -2.04 15.97 -39.73
C GLN A 2228 -0.59 16.37 -39.48
N GLN A 2229 -0.07 16.03 -38.30
CA GLN A 2229 1.33 16.26 -37.97
C GLN A 2229 1.86 14.97 -37.36
N LEU A 2230 2.34 14.07 -38.22
CA LEU A 2230 2.86 12.78 -37.78
C LEU A 2230 4.36 12.83 -37.52
N SER A 2231 4.82 13.80 -36.73
CA SER A 2231 6.23 13.88 -36.38
C SER A 2231 6.49 13.54 -34.92
N PHE A 2232 5.53 13.80 -34.04
CA PHE A 2232 5.68 13.55 -32.62
C PHE A 2232 4.71 12.48 -32.13
N ILE A 2233 4.53 11.43 -32.93
CA ILE A 2233 3.76 10.27 -32.50
C ILE A 2233 4.63 9.32 -31.69
N GLU A 2234 5.89 9.14 -32.11
CA GLU A 2234 6.78 8.25 -31.36
C GLU A 2234 7.02 8.76 -29.96
N ARG A 2235 7.21 10.08 -29.80
CA ARG A 2235 7.41 10.65 -28.49
C ARG A 2235 6.17 10.46 -27.62
N LEU A 2236 4.98 10.67 -28.19
CA LEU A 2236 3.75 10.45 -27.44
C LEU A 2236 3.61 9.01 -27.01
N VAL A 2237 3.95 8.07 -27.89
CA VAL A 2237 3.86 6.65 -27.55
C VAL A 2237 4.83 6.32 -26.43
N GLU A 2238 6.05 6.85 -26.50
CA GLU A 2238 7.02 6.61 -25.43
C GLU A 2238 6.50 7.16 -24.10
N MET A 2239 5.94 8.36 -24.13
CA MET A 2239 5.40 8.94 -22.90
C MET A 2239 4.27 8.09 -22.34
N ALA A 2240 3.36 7.64 -23.20
CA ALA A 2240 2.25 6.83 -22.73
C ALA A 2240 2.73 5.53 -22.12
N SER A 2241 3.71 4.88 -22.76
CA SER A 2241 4.23 3.63 -22.22
C SER A 2241 4.92 3.86 -20.87
N SER A 2242 5.69 4.94 -20.75
CA SER A 2242 6.36 5.21 -19.49
C SER A 2242 5.36 5.46 -18.38
N LEU A 2243 4.32 6.23 -18.66
CA LEU A 2243 3.34 6.52 -17.62
C LEU A 2243 2.52 5.28 -17.26
N ALA A 2244 2.23 4.43 -18.25
CA ALA A 2244 1.55 3.17 -17.94
C ALA A 2244 2.39 2.29 -17.03
N ILE A 2245 3.70 2.20 -17.30
CA ILE A 2245 4.57 1.42 -16.43
C ILE A 2245 4.62 2.02 -15.03
N ARG A 2246 4.71 3.35 -14.94
CA ARG A 2246 4.68 4.02 -13.65
C ARG A 2246 3.44 3.64 -12.87
N GLU A 2247 2.27 3.72 -13.52
CA GLU A 2247 1.03 3.33 -12.85
C GLU A 2247 1.04 1.86 -12.46
N TRP A 2248 1.56 0.99 -13.32
CA TRP A 2248 1.62 -0.43 -12.99
C TRP A 2248 2.36 -0.66 -11.70
N ARG A 2249 3.52 -0.02 -11.53
CA ARG A 2249 4.34 -0.31 -10.35
C ARG A 2249 3.62 0.01 -9.05
N ARG A 2250 2.53 0.77 -9.12
CA ARG A 2250 1.87 1.24 -7.91
C ARG A 2250 0.73 0.33 -7.45
N LEU A 2251 0.55 -0.80 -8.11
CA LEU A 2251 -0.51 -1.74 -7.74
C LEU A 2251 0.05 -2.89 -6.92
N PRO A 2252 -0.80 -3.75 -6.37
CA PRO A 2252 -0.30 -4.87 -5.56
C PRO A 2252 0.49 -5.86 -6.41
N HIS A 2253 1.34 -6.62 -5.72
N HIS A 2253 1.31 -6.66 -5.74
CA HIS A 2253 2.24 -7.55 -6.39
CA HIS A 2253 2.23 -7.52 -6.47
C HIS A 2253 1.49 -8.70 -7.02
C HIS A 2253 1.57 -8.82 -6.91
N VAL A 2254 0.40 -9.14 -6.39
CA VAL A 2254 -0.37 -10.27 -6.90
C VAL A 2254 -1.33 -9.75 -7.97
N VAL A 2255 -1.22 -10.31 -9.17
CA VAL A 2255 -2.01 -9.81 -10.29
C VAL A 2255 -3.46 -10.24 -10.13
N SER A 2256 -4.38 -9.30 -10.33
CA SER A 2256 -5.80 -9.53 -10.11
C SER A 2256 -6.57 -8.67 -11.11
N HIS A 2257 -7.87 -8.50 -10.87
CA HIS A 2257 -8.69 -7.71 -11.77
C HIS A 2257 -8.26 -6.24 -11.79
N VAL A 2258 -7.63 -5.76 -10.72
CA VAL A 2258 -7.22 -4.37 -10.68
C VAL A 2258 -6.22 -4.05 -11.78
N HIS A 2259 -5.53 -5.07 -12.30
CA HIS A 2259 -4.54 -4.87 -13.36
C HIS A 2259 -5.14 -4.92 -14.76
N THR A 2260 -6.40 -5.33 -14.90
CA THR A 2260 -6.96 -5.53 -16.24
C THR A 2260 -6.90 -4.29 -17.11
N PRO A 2261 -7.25 -3.09 -16.65
CA PRO A 2261 -7.23 -1.92 -17.56
C PRO A 2261 -5.87 -1.66 -18.18
N LEU A 2262 -4.78 -1.86 -17.44
CA LEU A 2262 -3.46 -1.61 -18.02
C LEU A 2262 -3.06 -2.71 -18.99
N LEU A 2263 -3.39 -3.96 -18.67
CA LEU A 2263 -3.20 -5.04 -19.63
C LEU A 2263 -3.94 -4.76 -20.92
N GLN A 2264 -5.11 -4.12 -20.82
CA GLN A 2264 -5.88 -3.82 -22.02
C GLN A 2264 -5.27 -2.65 -22.80
N ALA A 2265 -4.82 -1.61 -22.10
CA ALA A 2265 -4.21 -0.47 -22.79
C ALA A 2265 -2.89 -0.86 -23.44
N ALA A 2266 -2.29 -1.96 -22.98
CA ALA A 2266 -1.09 -2.47 -23.64
C ALA A 2266 -1.30 -2.62 -25.14
N GLN A 2267 -2.45 -3.18 -25.54
CA GLN A 2267 -2.71 -3.38 -26.97
C GLN A 2267 -3.03 -2.07 -27.66
N GLN A 2268 -3.72 -1.16 -26.97
CA GLN A 2268 -4.11 0.10 -27.58
C GLN A 2268 -2.88 0.92 -27.96
N ILE A 2269 -1.86 0.94 -27.10
CA ILE A 2269 -0.66 1.72 -27.41
C ILE A 2269 0.01 1.21 -28.68
N ILE A 2270 0.21 -0.11 -28.77
CA ILE A 2270 0.88 -0.66 -29.94
C ILE A 2270 0.04 -0.45 -31.20
N GLU A 2271 -1.28 -0.52 -31.08
CA GLU A 2271 -2.10 -0.31 -32.27
C GLU A 2271 -2.10 1.16 -32.69
N LEU A 2272 -1.99 2.09 -31.74
CA LEU A 2272 -1.77 3.48 -32.10
C LEU A 2272 -0.49 3.64 -32.90
N GLN A 2273 0.59 3.03 -32.43
CA GLN A 2273 1.85 3.10 -33.18
C GLN A 2273 1.70 2.55 -34.59
N GLU A 2274 1.07 1.38 -34.72
CA GLU A 2274 0.89 0.77 -36.03
C GLU A 2274 0.01 1.63 -36.95
N ALA A 2275 -1.04 2.23 -36.40
CA ALA A 2275 -1.89 3.10 -37.21
C ALA A 2275 -1.11 4.31 -37.71
N ALA A 2276 -0.29 4.92 -36.86
CA ALA A 2276 0.56 6.00 -37.33
C ALA A 2276 1.50 5.54 -38.42
N GLN A 2277 2.06 4.34 -38.28
CA GLN A 2277 2.91 3.78 -39.33
C GLN A 2277 2.17 3.68 -40.66
N ILE A 2278 0.94 3.17 -40.63
CA ILE A 2278 0.17 3.05 -41.87
C ILE A 2278 -0.09 4.42 -42.49
N ASN A 2279 -0.58 5.35 -41.67
CA ASN A 2279 -0.90 6.68 -42.18
C ASN A 2279 0.32 7.33 -42.81
N ALA A 2280 1.51 7.16 -42.22
CA ALA A 2280 2.71 7.68 -42.84
C ALA A 2280 2.85 7.21 -44.27
N GLY A 2281 2.76 5.90 -44.49
CA GLY A 2281 2.87 5.37 -45.84
C GLY A 2281 1.74 5.78 -46.77
N LEU A 2282 0.62 6.23 -46.21
CA LEU A 2282 -0.49 6.68 -47.06
C LEU A 2282 -0.27 8.08 -47.67
N GLN A 2283 0.85 8.74 -47.41
CA GLN A 2283 1.02 10.10 -47.88
C GLN A 2283 1.27 10.14 -49.38
N PRO A 2284 1.05 11.29 -50.03
CA PRO A 2284 1.08 11.34 -51.50
C PRO A 2284 2.38 10.86 -52.11
N THR A 2285 3.50 11.02 -51.41
CA THR A 2285 4.79 10.64 -51.99
C THR A 2285 4.96 9.12 -52.02
N ASN A 2286 4.20 8.40 -51.20
CA ASN A 2286 4.46 6.99 -50.95
C ASN A 2286 3.34 6.08 -51.42
N LEU A 2287 2.50 6.53 -52.34
CA LEU A 2287 1.45 5.69 -52.90
C LEU A 2287 2.03 4.76 -53.96
N GLY A 2288 1.57 3.51 -53.95
CA GLY A 2288 1.92 2.57 -55.00
C GLY A 2288 3.30 1.97 -54.90
N ARG A 2289 4.11 2.37 -53.93
CA ARG A 2289 5.40 1.75 -53.74
C ARG A 2289 5.22 0.34 -53.18
N ASN A 2290 6.08 -0.56 -53.64
CA ASN A 2290 5.96 -1.96 -53.25
C ASN A 2290 6.14 -2.12 -51.74
N ASN A 2291 7.15 -1.44 -51.18
CA ASN A 2291 7.38 -1.53 -49.74
C ASN A 2291 6.19 -0.98 -48.96
N SER A 2292 5.63 0.15 -49.39
CA SER A 2292 4.49 0.71 -48.67
C SER A 2292 3.29 -0.21 -48.71
N LEU A 2293 2.98 -0.77 -49.89
CA LEU A 2293 1.84 -1.67 -49.96
C LEU A 2293 2.07 -2.95 -49.15
N HIS A 2294 3.30 -3.46 -49.16
CA HIS A 2294 3.62 -4.62 -48.35
C HIS A 2294 3.41 -4.34 -46.87
N ASP A 2295 3.86 -3.16 -46.41
CA ASP A 2295 3.66 -2.81 -45.00
C ASP A 2295 2.18 -2.69 -44.67
N MET A 2296 1.40 -2.08 -45.55
CA MET A 2296 -0.04 -1.96 -45.32
C MET A 2296 -0.67 -3.34 -45.17
N LYS A 2297 -0.37 -4.24 -46.11
CA LYS A 2297 -0.94 -5.57 -46.06
C LYS A 2297 -0.51 -6.32 -44.80
N THR A 2298 0.76 -6.20 -44.42
CA THR A 2298 1.24 -6.86 -43.21
C THR A 2298 0.47 -6.38 -41.98
N VAL A 2299 0.30 -5.07 -41.83
CA VAL A 2299 -0.39 -4.56 -40.66
C VAL A 2299 -1.84 -5.00 -40.64
N VAL A 2300 -2.50 -4.98 -41.81
CA VAL A 2300 -3.90 -5.41 -41.86
C VAL A 2300 -4.02 -6.86 -41.44
N LYS A 2301 -3.15 -7.72 -41.97
CA LYS A 2301 -3.22 -9.13 -41.62
C LYS A 2301 -2.98 -9.33 -40.13
N THR A 2302 -1.99 -8.64 -39.56
CA THR A 2302 -1.72 -8.78 -38.14
C THR A 2302 -2.93 -8.38 -37.30
N TRP A 2303 -3.57 -7.26 -37.66
CA TRP A 2303 -4.73 -6.81 -36.91
C TRP A 2303 -5.87 -7.83 -37.01
N ARG A 2304 -6.01 -8.47 -38.16
CA ARG A 2304 -7.13 -9.41 -38.31
C ARG A 2304 -7.09 -10.51 -37.25
N ASN A 2305 -5.91 -10.82 -36.72
CA ASN A 2305 -5.78 -11.98 -35.84
C ASN A 2305 -5.45 -11.60 -34.41
N ARG A 2306 -4.97 -10.38 -34.18
CA ARG A 2306 -4.73 -9.98 -32.79
C ARG A 2306 -6.01 -9.46 -32.15
N LEU A 2307 -6.57 -10.20 -31.19
CA LEU A 2307 -7.90 -9.94 -30.65
C LEU A 2307 -7.91 -10.05 -29.14
N PRO A 2308 -8.89 -9.40 -28.46
CA PRO A 2308 -9.10 -9.64 -27.03
C PRO A 2308 -9.96 -10.86 -26.78
N ILE A 2309 -10.37 -11.07 -25.53
CA ILE A 2309 -11.06 -12.30 -25.13
C ILE A 2309 -12.51 -11.99 -24.78
N VAL A 2310 -13.30 -13.05 -24.61
CA VAL A 2310 -14.73 -12.91 -24.41
C VAL A 2310 -15.06 -12.24 -23.08
N SER A 2311 -14.28 -12.51 -22.03
CA SER A 2311 -14.62 -11.97 -20.72
C SER A 2311 -14.52 -10.47 -20.67
N ASP A 2312 -13.91 -9.84 -21.68
CA ASP A 2312 -13.78 -8.39 -21.69
C ASP A 2312 -15.13 -7.74 -21.97
N ASP A 2313 -15.14 -6.41 -21.92
CA ASP A 2313 -16.38 -5.67 -22.12
C ASP A 2313 -16.53 -5.21 -23.56
N LEU A 2314 -17.80 -5.12 -23.98
CA LEU A 2314 -18.10 -4.60 -25.30
C LEU A 2314 -17.50 -3.21 -25.50
N SER A 2315 -17.37 -2.42 -24.44
CA SER A 2315 -16.75 -1.12 -24.56
C SER A 2315 -15.29 -1.24 -24.97
N HIS A 2316 -14.55 -2.17 -24.36
CA HIS A 2316 -13.16 -2.37 -24.75
C HIS A 2316 -13.07 -2.89 -26.18
N TRP A 2317 -14.01 -3.76 -26.57
CA TRP A 2317 -14.02 -4.24 -27.94
C TRP A 2317 -14.21 -3.09 -28.92
N SER A 2318 -15.12 -2.17 -28.60
CA SER A 2318 -15.33 -0.99 -29.43
C SER A 2318 -14.06 -0.15 -29.50
N SER A 2319 -13.39 0.02 -28.36
CA SER A 2319 -12.19 0.85 -28.33
C SER A 2319 -11.20 0.43 -29.40
N ILE A 2320 -11.16 -0.86 -29.72
CA ILE A 2320 -10.24 -1.36 -30.72
C ILE A 2320 -10.83 -1.26 -32.11
N PHE A 2321 -12.08 -1.70 -32.26
CA PHE A 2321 -12.64 -1.80 -33.61
C PHE A 2321 -12.88 -0.45 -34.24
N MET A 2322 -13.30 0.55 -33.46
CA MET A 2322 -13.50 1.88 -34.02
C MET A 2322 -12.18 2.48 -34.51
N TRP A 2323 -11.12 2.30 -33.71
CA TRP A 2323 -9.82 2.82 -34.09
C TRP A 2323 -9.34 2.17 -35.38
N ARG A 2324 -9.59 0.87 -35.55
CA ARG A 2324 -9.21 0.21 -36.79
C ARG A 2324 -10.09 0.67 -37.96
N GLN A 2325 -11.37 0.93 -37.68
CA GLN A 2325 -12.29 1.39 -38.71
C GLN A 2325 -11.84 2.70 -39.32
N HIS A 2326 -11.37 3.62 -38.48
CA HIS A 2326 -10.91 4.90 -38.98
C HIS A 2326 -9.87 4.72 -40.08
N HIS A 2327 -8.94 3.80 -39.89
CA HIS A 2327 -7.83 3.70 -40.84
C HIS A 2327 -8.19 2.84 -42.04
N TYR A 2328 -9.09 1.87 -41.86
CA TYR A 2328 -9.65 1.23 -43.05
C TYR A 2328 -10.32 2.28 -43.95
N GLN A 2329 -11.10 3.17 -43.35
CA GLN A 2329 -11.74 4.23 -44.12
C GLN A 2329 -10.72 5.16 -44.75
N ALA A 2330 -9.63 5.46 -44.03
CA ALA A 2330 -8.59 6.31 -44.60
C ALA A 2330 -7.97 5.66 -45.84
N ILE A 2331 -7.69 4.36 -45.78
CA ILE A 2331 -7.16 3.66 -46.94
C ILE A 2331 -8.13 3.76 -48.11
N VAL A 2332 -9.41 3.50 -47.85
CA VAL A 2332 -10.41 3.54 -48.92
C VAL A 2332 -10.45 4.93 -49.54
N THR A 2333 -10.51 5.96 -48.70
CA THR A 2333 -10.59 7.33 -49.19
C THR A 2333 -9.38 7.69 -50.02
N ALA A 2334 -8.18 7.33 -49.56
CA ALA A 2334 -6.98 7.68 -50.32
C ALA A 2334 -7.02 7.05 -51.70
N TYR A 2335 -7.24 5.72 -51.76
CA TYR A 2335 -7.07 5.06 -53.05
C TYR A 2335 -8.20 5.37 -54.02
N GLU A 2336 -9.45 5.37 -53.55
CA GLU A 2336 -10.55 5.71 -54.44
C GLU A 2336 -10.36 7.11 -55.02
N ASN A 2337 -10.02 8.07 -54.15
CA ASN A 2337 -9.85 9.44 -54.61
C ASN A 2337 -8.70 9.56 -55.60
N SER A 2338 -7.56 8.93 -55.31
CA SER A 2338 -6.43 9.01 -56.22
C SER A 2338 -6.82 8.42 -57.57
N SER A 2339 -7.04 7.11 -57.62
CA SER A 2339 -7.48 6.44 -58.85
C SER A 2339 -6.57 6.73 -60.05
N GLN A 2340 -5.36 7.25 -59.81
CA GLN A 2340 -4.42 7.52 -60.90
C GLN A 2340 -3.73 6.25 -61.39
N HIS A 2341 -3.21 5.47 -60.44
CA HIS A 2341 -2.63 4.16 -60.71
C HIS A 2341 -3.44 3.13 -59.95
N ASP A 2342 -2.96 1.89 -59.95
CA ASP A 2342 -3.73 0.78 -59.41
C ASP A 2342 -5.00 0.61 -60.21
N PRO A 2343 -4.90 0.41 -61.53
CA PRO A 2343 -6.12 0.20 -62.32
C PRO A 2343 -6.90 -1.04 -61.95
N SER A 2344 -6.26 -2.03 -61.30
CA SER A 2344 -6.99 -3.22 -60.90
C SER A 2344 -7.92 -2.95 -59.71
N SER A 2345 -7.79 -1.78 -59.09
CA SER A 2345 -8.69 -1.37 -58.01
C SER A 2345 -8.68 -2.38 -56.86
N ASN A 2346 -7.49 -2.89 -56.54
CA ASN A 2346 -7.35 -3.88 -55.48
C ASN A 2346 -7.24 -3.26 -54.10
N ASN A 2347 -6.76 -2.03 -54.00
CA ASN A 2347 -6.43 -1.47 -52.69
C ASN A 2347 -7.68 -0.95 -51.98
N ALA A 2348 -8.53 -0.23 -52.69
CA ALA A 2348 -9.81 0.15 -52.11
C ALA A 2348 -10.60 -1.09 -51.71
N MET A 2349 -10.47 -2.18 -52.48
CA MET A 2349 -11.17 -3.40 -52.13
C MET A 2349 -10.60 -4.03 -50.88
N LEU A 2350 -9.27 -4.01 -50.71
CA LEU A 2350 -8.67 -4.46 -49.47
C LEU A 2350 -9.25 -3.69 -48.28
N GLY A 2351 -9.31 -2.37 -48.41
CA GLY A 2351 -9.86 -1.56 -47.32
C GLY A 2351 -11.31 -1.88 -47.02
N VAL A 2352 -12.12 -2.02 -48.07
CA VAL A 2352 -13.53 -2.33 -47.88
C VAL A 2352 -13.71 -3.69 -47.21
N HIS A 2353 -12.95 -4.68 -47.64
CA HIS A 2353 -13.05 -6.01 -47.04
C HIS A 2353 -12.68 -5.96 -45.57
N ALA A 2354 -11.62 -5.24 -45.23
CA ALA A 2354 -11.22 -5.14 -43.82
C ALA A 2354 -12.33 -4.49 -43.00
N SER A 2355 -12.92 -3.41 -43.48
CA SER A 2355 -13.98 -2.74 -42.73
C SER A 2355 -15.18 -3.67 -42.53
N ALA A 2356 -15.60 -4.35 -43.59
CA ALA A 2356 -16.75 -5.24 -43.47
C ALA A 2356 -16.48 -6.35 -42.46
N SER A 2357 -15.29 -6.94 -42.52
CA SER A 2357 -14.97 -8.02 -41.59
C SER A 2357 -14.94 -7.52 -40.16
N ALA A 2358 -14.41 -6.32 -39.94
CA ALA A 2358 -14.39 -5.78 -38.59
C ALA A 2358 -15.81 -5.60 -38.05
N ILE A 2359 -16.72 -5.09 -38.90
CA ILE A 2359 -18.10 -4.92 -38.45
C ILE A 2359 -18.72 -6.26 -38.11
N ILE A 2360 -18.50 -7.27 -38.95
CA ILE A 2360 -19.08 -8.58 -38.69
C ILE A 2360 -18.56 -9.15 -37.38
N GLN A 2361 -17.25 -9.01 -37.13
CA GLN A 2361 -16.69 -9.50 -35.88
C GLN A 2361 -17.30 -8.80 -34.68
N TYR A 2362 -17.43 -7.48 -34.77
CA TYR A 2362 -18.00 -6.73 -33.65
C TYR A 2362 -19.41 -7.21 -33.35
N GLY A 2363 -20.20 -7.45 -34.39
CA GLY A 2363 -21.55 -7.97 -34.18
C GLY A 2363 -21.57 -9.35 -33.56
N LYS A 2364 -20.70 -10.23 -34.06
CA LYS A 2364 -20.63 -11.60 -33.55
C LYS A 2364 -20.34 -11.61 -32.06
N ILE A 2365 -19.44 -10.72 -31.62
CA ILE A 2365 -19.02 -10.76 -30.23
C ILE A 2365 -20.16 -10.34 -29.31
N ALA A 2366 -20.92 -9.32 -29.70
CA ALA A 2366 -22.10 -8.96 -28.94
C ALA A 2366 -23.11 -10.09 -28.90
N ARG A 2367 -23.29 -10.78 -30.03
CA ARG A 2367 -24.17 -11.95 -30.02
C ARG A 2367 -23.70 -12.96 -28.99
N LYS A 2368 -22.40 -13.25 -28.96
CA LYS A 2368 -21.88 -14.24 -28.01
C LYS A 2368 -22.12 -13.79 -26.57
N GLN A 2369 -21.88 -12.52 -26.27
CA GLN A 2369 -22.07 -12.07 -24.90
C GLN A 2369 -23.54 -11.98 -24.53
N GLY A 2370 -24.43 -11.97 -25.51
CA GLY A 2370 -25.84 -12.14 -25.22
C GLY A 2370 -26.73 -10.97 -25.59
N LEU A 2371 -26.16 -9.95 -26.21
CA LEU A 2371 -26.92 -8.76 -26.60
C LEU A 2371 -27.38 -8.92 -28.04
N VAL A 2372 -28.47 -9.68 -28.21
CA VAL A 2372 -28.95 -10.00 -29.55
C VAL A 2372 -29.44 -8.75 -30.27
N ASN A 2373 -30.18 -7.89 -29.57
CA ASN A 2373 -30.67 -6.66 -30.19
C ASN A 2373 -29.51 -5.77 -30.63
N VAL A 2374 -28.51 -5.62 -29.79
CA VAL A 2374 -27.34 -4.83 -30.17
C VAL A 2374 -26.63 -5.46 -31.35
N ALA A 2375 -26.51 -6.78 -31.37
CA ALA A 2375 -25.83 -7.46 -32.46
C ALA A 2375 -26.57 -7.25 -33.78
N LEU A 2376 -27.89 -7.31 -33.74
CA LEU A 2376 -28.66 -7.08 -34.96
C LEU A 2376 -28.49 -5.67 -35.48
N ASP A 2377 -28.51 -4.67 -34.59
CA ASP A 2377 -28.26 -3.30 -35.01
C ASP A 2377 -26.88 -3.18 -35.63
N ILE A 2378 -25.87 -3.78 -35.01
CA ILE A 2378 -24.52 -3.72 -35.56
C ILE A 2378 -24.48 -4.32 -36.95
N LEU A 2379 -25.05 -5.52 -37.11
CA LEU A 2379 -25.02 -6.18 -38.41
C LEU A 2379 -25.77 -5.39 -39.46
N SER A 2380 -26.80 -4.63 -39.08
CA SER A 2380 -27.56 -3.89 -40.06
C SER A 2380 -26.71 -2.87 -40.81
N ARG A 2381 -25.56 -2.48 -40.27
CA ARG A 2381 -24.75 -1.44 -40.90
C ARG A 2381 -24.08 -1.91 -42.18
N ILE A 2382 -24.06 -3.21 -42.46
CA ILE A 2382 -23.41 -3.70 -43.67
C ILE A 2382 -24.13 -3.21 -44.91
N HIS A 2383 -25.46 -3.02 -44.83
CA HIS A 2383 -26.23 -2.69 -46.01
C HIS A 2383 -25.89 -1.33 -46.59
N THR A 2384 -25.34 -0.41 -45.78
CA THR A 2384 -25.11 0.94 -46.27
C THR A 2384 -23.90 1.03 -47.18
N ILE A 2385 -23.08 -0.01 -47.25
CA ILE A 2385 -21.86 0.03 -48.04
C ILE A 2385 -22.20 -0.21 -49.51
N PRO A 2386 -21.72 0.64 -50.43
CA PRO A 2386 -22.19 0.51 -51.83
C PRO A 2386 -21.99 -0.88 -52.42
N THR A 2387 -20.88 -1.54 -52.12
CA THR A 2387 -20.62 -2.86 -52.68
C THR A 2387 -19.67 -3.61 -51.75
N VAL A 2388 -20.00 -4.87 -51.49
CA VAL A 2388 -19.25 -5.67 -50.52
C VAL A 2388 -18.88 -7.00 -51.13
N PRO A 2389 -17.84 -7.65 -50.59
CA PRO A 2389 -17.47 -8.97 -51.08
C PRO A 2389 -18.47 -10.04 -50.65
N ILE A 2390 -18.50 -11.11 -51.45
CA ILE A 2390 -19.42 -12.20 -51.22
C ILE A 2390 -19.13 -12.92 -49.91
N VAL A 2391 -17.86 -13.02 -49.52
CA VAL A 2391 -17.52 -13.68 -48.27
C VAL A 2391 -18.17 -12.96 -47.09
N ASP A 2392 -18.10 -11.63 -47.10
CA ASP A 2392 -18.70 -10.87 -46.01
C ASP A 2392 -20.22 -10.90 -46.07
N CYS A 2393 -20.80 -10.89 -47.28
CA CYS A 2393 -22.25 -11.09 -47.36
C CYS A 2393 -22.66 -12.39 -46.67
N PHE A 2394 -21.96 -13.48 -46.99
CA PHE A 2394 -22.29 -14.77 -46.40
C PHE A 2394 -22.08 -14.77 -44.89
N GLN A 2395 -21.01 -14.15 -44.42
CA GLN A 2395 -20.77 -14.11 -42.98
C GLN A 2395 -21.84 -13.33 -42.25
N LYS A 2396 -22.31 -12.23 -42.83
CA LYS A 2396 -23.40 -11.49 -42.21
C LYS A 2396 -24.65 -12.33 -42.12
N ILE A 2397 -24.98 -13.04 -43.21
CA ILE A 2397 -26.17 -13.89 -43.19
C ILE A 2397 -26.04 -14.96 -42.10
N ARG A 2398 -24.85 -15.56 -42.00
CA ARG A 2398 -24.63 -16.62 -41.01
C ARG A 2398 -24.82 -16.10 -39.60
N GLN A 2399 -24.26 -14.94 -39.29
CA GLN A 2399 -24.41 -14.38 -37.94
C GLN A 2399 -25.86 -14.03 -37.65
N GLN A 2400 -26.58 -13.52 -38.65
CA GLN A 2400 -27.99 -13.19 -38.48
C GLN A 2400 -28.80 -14.44 -38.14
N VAL A 2401 -28.53 -15.54 -38.85
CA VAL A 2401 -29.26 -16.77 -38.59
C VAL A 2401 -28.92 -17.30 -37.21
N LYS A 2402 -27.66 -17.17 -36.79
CA LYS A 2402 -27.31 -17.57 -35.43
C LYS A 2402 -28.09 -16.79 -34.39
N CYS A 2403 -28.23 -15.47 -34.60
CA CYS A 2403 -29.00 -14.66 -33.67
C CYS A 2403 -30.45 -15.13 -33.60
N TYR A 2404 -31.06 -15.38 -34.75
CA TYR A 2404 -32.43 -15.87 -34.74
C TYR A 2404 -32.55 -17.23 -34.05
N LEU A 2405 -31.60 -18.12 -34.27
CA LEU A 2405 -31.63 -19.40 -33.58
C LEU A 2405 -31.54 -19.22 -32.08
N GLN A 2406 -30.74 -18.26 -31.62
CA GLN A 2406 -30.70 -17.98 -30.19
C GLN A 2406 -32.06 -17.52 -29.68
N LEU A 2407 -32.75 -16.67 -30.45
CA LEU A 2407 -34.04 -16.15 -29.99
C LEU A 2407 -35.17 -17.17 -30.12
N ALA A 2408 -34.98 -18.22 -30.91
CA ALA A 2408 -36.09 -19.13 -31.21
C ALA A 2408 -36.71 -19.73 -29.95
N GLY A 2409 -35.94 -19.81 -28.87
CA GLY A 2409 -36.47 -20.39 -27.66
C GLY A 2409 -37.64 -19.65 -27.07
N VAL A 2410 -37.68 -18.32 -27.20
CA VAL A 2410 -38.70 -17.50 -26.56
C VAL A 2410 -39.49 -16.71 -27.59
N MET A 2411 -39.16 -16.85 -28.87
CA MET A 2411 -39.96 -16.26 -29.92
C MET A 2411 -41.34 -16.90 -29.95
N GLY A 2412 -42.34 -16.13 -30.37
CA GLY A 2412 -43.68 -16.63 -30.57
C GLY A 2412 -43.88 -17.17 -31.97
N LYS A 2413 -45.11 -17.57 -32.26
CA LYS A 2413 -45.41 -18.19 -33.54
C LYS A 2413 -45.28 -17.21 -34.71
N ASN A 2414 -45.88 -16.02 -34.58
CA ASN A 2414 -45.74 -15.02 -35.62
C ASN A 2414 -44.29 -14.62 -35.83
N GLU A 2415 -43.55 -14.47 -34.73
CA GLU A 2415 -42.14 -14.11 -34.84
C GLU A 2415 -41.35 -15.20 -35.55
N CYS A 2416 -41.64 -16.47 -35.24
CA CYS A 2416 -40.97 -17.56 -35.93
C CYS A 2416 -41.27 -17.54 -37.43
N MET A 2417 -42.52 -17.30 -37.80
CA MET A 2417 -42.86 -17.25 -39.21
C MET A 2417 -42.15 -16.11 -39.93
N GLN A 2418 -42.09 -14.93 -39.29
CA GLN A 2418 -41.41 -13.80 -39.90
C GLN A 2418 -39.92 -14.08 -40.07
N GLY A 2419 -39.30 -14.68 -39.06
CA GLY A 2419 -37.89 -15.05 -39.18
C GLY A 2419 -37.65 -16.07 -40.26
N LEU A 2420 -38.54 -17.06 -40.37
CA LEU A 2420 -38.42 -18.04 -41.43
C LEU A 2420 -38.50 -17.39 -42.80
N GLU A 2421 -39.41 -16.43 -42.97
CA GLU A 2421 -39.51 -15.73 -44.25
C GLU A 2421 -38.22 -14.97 -44.55
N VAL A 2422 -37.68 -14.27 -43.56
CA VAL A 2422 -36.44 -13.53 -43.79
C VAL A 2422 -35.30 -14.47 -44.12
N ILE A 2423 -35.31 -15.67 -43.54
CA ILE A 2423 -34.30 -16.67 -43.86
C ILE A 2423 -34.45 -17.14 -45.30
N GLU A 2424 -35.68 -17.48 -45.69
CA GLU A 2424 -35.90 -18.09 -46.99
C GLU A 2424 -35.60 -17.12 -48.12
N SER A 2425 -36.00 -15.85 -47.95
CA SER A 2425 -35.90 -14.87 -49.04
C SER A 2425 -34.46 -14.33 -49.13
N THR A 2426 -33.54 -15.22 -49.48
CA THR A 2426 -32.14 -14.86 -49.62
C THR A 2426 -31.62 -15.36 -50.96
N ASN A 2427 -30.65 -14.64 -51.52
CA ASN A 2427 -30.11 -14.97 -52.83
C ASN A 2427 -28.83 -15.79 -52.66
N LEU A 2428 -28.80 -16.98 -53.25
CA LEU A 2428 -27.67 -17.88 -53.11
C LEU A 2428 -27.04 -18.22 -54.46
N LYS A 2429 -26.86 -17.22 -55.32
CA LYS A 2429 -26.34 -17.47 -56.65
C LYS A 2429 -24.82 -17.58 -56.67
N TYR A 2430 -24.14 -16.67 -55.97
CA TYR A 2430 -22.69 -16.59 -56.05
C TYR A 2430 -21.99 -17.28 -54.89
N PHE A 2431 -22.72 -17.90 -53.98
CA PHE A 2431 -22.12 -18.63 -52.88
C PHE A 2431 -21.39 -19.84 -53.42
N THR A 2432 -20.41 -20.32 -52.66
CA THR A 2432 -19.77 -21.57 -53.03
C THR A 2432 -20.54 -22.76 -52.46
N LYS A 2433 -20.07 -23.96 -52.76
CA LYS A 2433 -20.74 -25.16 -52.29
C LYS A 2433 -20.66 -25.27 -50.77
N GLU A 2434 -19.51 -24.94 -50.18
CA GLU A 2434 -19.39 -24.99 -48.73
C GLU A 2434 -20.34 -24.00 -48.07
N MET A 2435 -20.43 -22.78 -48.61
CA MET A 2435 -21.34 -21.79 -48.05
C MET A 2435 -22.78 -22.26 -48.17
N THR A 2436 -23.15 -22.83 -49.31
CA THR A 2436 -24.51 -23.31 -49.49
C THR A 2436 -24.82 -24.46 -48.53
N ALA A 2437 -23.86 -25.36 -48.33
CA ALA A 2437 -24.07 -26.46 -47.38
C ALA A 2437 -24.27 -25.94 -45.96
N GLU A 2438 -23.45 -24.99 -45.54
CA GLU A 2438 -23.63 -24.42 -44.20
C GLU A 2438 -24.96 -23.70 -44.08
N PHE A 2439 -25.37 -22.99 -45.13
CA PHE A 2439 -26.66 -22.33 -45.10
C PHE A 2439 -27.80 -23.33 -44.95
N TYR A 2440 -27.76 -24.42 -45.71
CA TYR A 2440 -28.80 -25.43 -45.58
C TYR A 2440 -28.79 -26.09 -44.21
N ALA A 2441 -27.60 -26.32 -43.64
CA ALA A 2441 -27.54 -26.90 -42.31
C ALA A 2441 -28.20 -25.98 -41.29
N LEU A 2442 -27.89 -24.69 -41.34
CA LEU A 2442 -28.51 -23.75 -40.43
C LEU A 2442 -30.02 -23.65 -40.66
N LYS A 2443 -30.45 -23.65 -41.92
CA LYS A 2443 -31.88 -23.61 -42.21
C LYS A 2443 -32.58 -24.83 -41.64
N GLY A 2444 -31.99 -26.01 -41.80
CA GLY A 2444 -32.58 -27.21 -41.26
C GLY A 2444 -32.67 -27.17 -39.74
N MET A 2445 -31.61 -26.68 -39.09
CA MET A 2445 -31.63 -26.58 -37.64
C MET A 2445 -32.75 -25.64 -37.18
N PHE A 2446 -32.90 -24.51 -37.87
CA PHE A 2446 -33.98 -23.58 -37.53
C PHE A 2446 -35.34 -24.21 -37.74
N LEU A 2447 -35.53 -24.88 -38.88
CA LEU A 2447 -36.80 -25.57 -39.12
C LEU A 2447 -37.08 -26.60 -38.05
N ALA A 2448 -36.05 -27.31 -37.59
CA ALA A 2448 -36.25 -28.32 -36.56
C ALA A 2448 -36.62 -27.70 -35.23
N GLN A 2449 -36.10 -26.51 -34.93
CA GLN A 2449 -36.46 -25.87 -33.68
C GLN A 2449 -37.97 -25.74 -33.55
N ILE A 2450 -38.64 -25.25 -34.59
CA ILE A 2450 -40.09 -25.27 -34.67
C ILE A 2450 -40.51 -26.60 -35.31
N ASN A 2451 -41.80 -26.92 -35.26
CA ASN A 2451 -42.27 -28.21 -35.74
C ASN A 2451 -42.43 -28.19 -37.27
N LYS A 2452 -41.30 -28.42 -37.96
CA LYS A 2452 -41.40 -28.68 -39.40
C LYS A 2452 -40.39 -29.78 -39.75
N SER A 2453 -40.84 -31.04 -39.56
CA SER A 2453 -39.94 -32.18 -39.62
C SER A 2453 -39.62 -32.56 -41.07
N GLU A 2454 -40.65 -32.62 -41.91
CA GLU A 2454 -40.42 -32.97 -43.31
C GLU A 2454 -39.45 -32.00 -43.95
N GLU A 2455 -39.55 -30.71 -43.61
CA GLU A 2455 -38.68 -29.71 -44.19
C GLU A 2455 -37.28 -29.79 -43.62
N ALA A 2456 -37.14 -29.99 -42.30
CA ALA A 2456 -35.80 -30.12 -41.73
C ALA A 2456 -35.06 -31.31 -42.30
N ASN A 2457 -35.75 -32.43 -42.51
CA ASN A 2457 -35.11 -33.61 -43.07
C ASN A 2457 -34.54 -33.32 -44.45
N LYS A 2458 -35.34 -32.69 -45.31
CA LYS A 2458 -34.86 -32.37 -46.66
C LYS A 2458 -33.72 -31.37 -46.62
N ALA A 2459 -33.78 -30.39 -45.72
CA ALA A 2459 -32.69 -29.43 -45.64
C ALA A 2459 -31.38 -30.12 -45.25
N PHE A 2460 -31.43 -31.01 -44.26
CA PHE A 2460 -30.22 -31.73 -43.88
C PHE A 2460 -29.72 -32.61 -45.02
N SER A 2461 -30.63 -33.29 -45.72
CA SER A 2461 -30.22 -34.14 -46.83
C SER A 2461 -29.53 -33.32 -47.91
N ALA A 2462 -30.09 -32.15 -48.24
CA ALA A 2462 -29.48 -31.30 -49.24
C ALA A 2462 -28.11 -30.79 -48.80
N ALA A 2463 -27.97 -30.44 -47.52
CA ALA A 2463 -26.67 -29.98 -47.03
C ALA A 2463 -25.61 -31.06 -47.20
N VAL A 2464 -25.94 -32.30 -46.82
CA VAL A 2464 -24.98 -33.38 -46.98
C VAL A 2464 -24.67 -33.64 -48.45
N GLN A 2465 -25.71 -33.66 -49.30
CA GLN A 2465 -25.47 -33.84 -50.73
C GLN A 2465 -24.53 -32.78 -51.27
N MET A 2466 -24.67 -31.54 -50.80
CA MET A 2466 -23.81 -30.47 -51.29
C MET A 2466 -22.37 -30.65 -50.80
N HIS A 2467 -22.17 -30.82 -49.50
CA HIS A 2467 -20.81 -30.98 -48.97
C HIS A 2467 -20.78 -32.19 -48.03
N ASP A 2468 -20.61 -33.37 -48.62
CA ASP A 2468 -20.37 -34.61 -47.87
C ASP A 2468 -19.47 -34.43 -46.66
N VAL A 2469 -18.42 -33.61 -46.74
CA VAL A 2469 -17.45 -33.55 -45.65
C VAL A 2469 -17.85 -32.60 -44.53
N LEU A 2470 -18.85 -31.76 -44.74
CA LEU A 2470 -19.23 -30.78 -43.72
C LEU A 2470 -19.65 -31.47 -42.44
N VAL A 2471 -19.19 -30.94 -41.30
CA VAL A 2471 -19.40 -31.60 -40.02
C VAL A 2471 -20.70 -31.16 -39.37
N LYS A 2472 -21.06 -29.89 -39.50
CA LYS A 2472 -22.27 -29.38 -38.85
C LYS A 2472 -23.52 -30.08 -39.38
N ALA A 2473 -23.57 -30.32 -40.69
CA ALA A 2473 -24.71 -31.02 -41.27
C ALA A 2473 -24.88 -32.38 -40.61
N TRP A 2474 -23.81 -33.18 -40.56
CA TRP A 2474 -23.90 -34.49 -39.93
C TRP A 2474 -24.35 -34.38 -38.49
N ALA A 2475 -23.74 -33.47 -37.73
CA ALA A 2475 -24.04 -33.38 -36.31
C ALA A 2475 -25.51 -33.03 -36.07
N MET A 2476 -26.02 -32.05 -36.80
CA MET A 2476 -27.39 -31.62 -36.58
C MET A 2476 -28.38 -32.65 -37.07
N TRP A 2477 -28.10 -33.31 -38.20
CA TRP A 2477 -28.98 -34.37 -38.65
C TRP A 2477 -29.02 -35.50 -37.62
N GLY A 2478 -27.88 -35.82 -37.01
CA GLY A 2478 -27.86 -36.85 -35.99
C GLY A 2478 -28.68 -36.47 -34.78
N ASP A 2479 -28.56 -35.23 -34.32
CA ASP A 2479 -29.36 -34.78 -33.19
C ASP A 2479 -30.84 -34.87 -33.51
N TYR A 2480 -31.22 -34.44 -34.72
CA TYR A 2480 -32.61 -34.46 -35.14
C TYR A 2480 -33.14 -35.89 -35.14
N LEU A 2481 -32.37 -36.83 -35.69
CA LEU A 2481 -32.83 -38.21 -35.75
C LEU A 2481 -32.88 -38.86 -34.36
N GLU A 2482 -31.94 -38.50 -33.48
CA GLU A 2482 -31.94 -39.08 -32.14
C GLU A 2482 -33.16 -38.63 -31.35
N ASN A 2483 -33.56 -37.37 -31.52
CA ASN A 2483 -34.76 -36.91 -30.82
C ASN A 2483 -35.98 -37.74 -31.17
N ILE A 2484 -36.13 -38.11 -32.45
CA ILE A 2484 -37.26 -38.94 -32.85
C ILE A 2484 -37.09 -40.37 -32.36
N PHE A 2485 -35.87 -40.90 -32.47
CA PHE A 2485 -35.67 -42.30 -32.10
C PHE A 2485 -35.98 -42.52 -30.62
N VAL A 2486 -35.54 -41.62 -29.75
CA VAL A 2486 -35.69 -41.87 -28.32
C VAL A 2486 -37.16 -42.00 -27.94
N LYS A 2487 -38.07 -41.53 -28.79
CA LYS A 2487 -39.49 -41.57 -28.47
C LYS A 2487 -40.26 -42.56 -29.33
N GLU A 2488 -39.67 -43.07 -30.41
CA GLU A 2488 -40.39 -44.02 -31.24
C GLU A 2488 -39.82 -45.44 -31.13
N ARG A 2489 -38.59 -45.59 -30.65
CA ARG A 2489 -37.98 -46.91 -30.47
C ARG A 2489 -38.07 -47.75 -31.76
N GLN A 2490 -37.76 -47.13 -32.88
CA GLN A 2490 -37.67 -47.81 -34.16
C GLN A 2490 -36.19 -48.01 -34.47
N LEU A 2491 -35.75 -49.26 -34.46
CA LEU A 2491 -34.32 -49.52 -34.54
C LEU A 2491 -33.71 -49.00 -35.84
N HIS A 2492 -34.53 -48.77 -36.86
CA HIS A 2492 -33.98 -48.34 -38.14
C HIS A 2492 -33.62 -46.86 -38.12
N LEU A 2493 -33.97 -46.13 -37.06
CA LEU A 2493 -33.57 -44.73 -36.94
C LEU A 2493 -32.34 -44.58 -36.06
N GLY A 2494 -32.17 -45.45 -35.08
CA GLY A 2494 -30.96 -45.40 -34.27
C GLY A 2494 -29.71 -45.64 -35.09
N VAL A 2495 -29.79 -46.55 -36.06
CA VAL A 2495 -28.64 -46.79 -36.92
C VAL A 2495 -28.27 -45.53 -37.67
N SER A 2496 -29.25 -44.82 -38.20
CA SER A 2496 -28.96 -43.59 -38.94
C SER A 2496 -28.40 -42.52 -38.02
N ALA A 2497 -28.95 -42.38 -36.82
CA ALA A 2497 -28.41 -41.39 -35.89
C ALA A 2497 -26.97 -41.68 -35.55
N ILE A 2498 -26.64 -42.94 -35.27
CA ILE A 2498 -25.28 -43.30 -34.91
C ILE A 2498 -24.36 -43.12 -36.12
N THR A 2499 -24.84 -43.44 -37.31
CA THR A 2499 -24.03 -43.23 -38.51
C THR A 2499 -23.69 -41.76 -38.69
N CYS A 2500 -24.68 -40.89 -38.51
CA CYS A 2500 -24.43 -39.45 -38.65
C CYS A 2500 -23.45 -38.97 -37.60
N TYR A 2501 -23.60 -39.42 -36.36
CA TYR A 2501 -22.65 -39.00 -35.32
C TYR A 2501 -21.23 -39.45 -35.65
N LEU A 2502 -21.07 -40.71 -36.06
CA LEU A 2502 -19.74 -41.20 -36.37
C LEU A 2502 -19.13 -40.46 -37.56
N HIS A 2503 -19.94 -40.16 -38.57
CA HIS A 2503 -19.44 -39.35 -39.68
C HIS A 2503 -19.00 -37.98 -39.19
N ALA A 2504 -19.75 -37.38 -38.27
CA ALA A 2504 -19.37 -36.09 -37.74
C ALA A 2504 -18.01 -36.15 -37.05
N CYS A 2505 -17.78 -37.20 -36.26
CA CYS A 2505 -16.56 -37.25 -35.46
C CYS A 2505 -15.29 -37.54 -36.28
N ARG A 2506 -15.39 -37.74 -37.59
CA ARG A 2506 -14.18 -38.02 -38.37
C ARG A 2506 -13.38 -36.77 -38.66
N HIS A 2507 -14.04 -35.64 -38.95
CA HIS A 2507 -13.38 -34.48 -39.53
C HIS A 2507 -13.39 -33.28 -38.60
N GLN A 2508 -13.15 -33.48 -37.30
CA GLN A 2508 -13.05 -32.34 -36.40
C GLN A 2508 -12.15 -32.69 -35.23
N ASN A 2509 -12.16 -31.81 -34.24
CA ASN A 2509 -11.19 -31.86 -33.16
C ASN A 2509 -11.65 -32.78 -32.03
N GLU A 2510 -10.68 -33.20 -31.22
CA GLU A 2510 -10.95 -34.10 -30.11
C GLU A 2510 -11.88 -33.47 -29.10
N SER A 2511 -11.70 -32.19 -28.81
CA SER A 2511 -12.56 -31.51 -27.84
C SER A 2511 -13.98 -31.38 -28.36
N LYS A 2512 -14.14 -31.17 -29.67
CA LYS A 2512 -15.48 -30.97 -30.23
C LYS A 2512 -16.23 -32.29 -30.36
N SER A 2513 -15.51 -33.39 -30.59
CA SER A 2513 -16.20 -34.66 -30.83
C SER A 2513 -16.75 -35.29 -29.56
N ARG A 2514 -16.50 -34.68 -28.41
CA ARG A 2514 -16.73 -35.35 -27.14
C ARG A 2514 -18.22 -35.54 -26.85
N LYS A 2515 -19.01 -34.48 -27.04
CA LYS A 2515 -20.42 -34.55 -26.71
C LYS A 2515 -21.16 -35.51 -27.63
N TYR A 2516 -20.71 -35.64 -28.88
CA TYR A 2516 -21.33 -36.60 -29.78
C TYR A 2516 -20.90 -38.03 -29.46
N LEU A 2517 -19.64 -38.23 -29.06
CA LEU A 2517 -19.25 -39.57 -28.63
C LEU A 2517 -20.05 -39.99 -27.41
N ALA A 2518 -20.37 -39.05 -26.52
CA ALA A 2518 -21.21 -39.38 -25.38
C ALA A 2518 -22.57 -39.89 -25.83
N LYS A 2519 -23.20 -39.22 -26.79
CA LYS A 2519 -24.49 -39.68 -27.29
C LYS A 2519 -24.37 -41.06 -27.93
N VAL A 2520 -23.30 -41.28 -28.69
CA VAL A 2520 -23.12 -42.57 -29.34
C VAL A 2520 -23.03 -43.68 -28.29
N LEU A 2521 -22.26 -43.45 -27.23
CA LEU A 2521 -22.17 -44.46 -26.17
C LEU A 2521 -23.49 -44.65 -25.47
N TRP A 2522 -24.25 -43.57 -25.26
CA TRP A 2522 -25.54 -43.68 -24.59
C TRP A 2522 -26.53 -44.51 -25.40
N LEU A 2523 -26.48 -44.39 -26.73
CA LEU A 2523 -27.47 -45.08 -27.55
C LEU A 2523 -27.26 -46.59 -27.59
N LEU A 2524 -26.13 -47.10 -27.12
CA LEU A 2524 -25.89 -48.54 -27.17
C LEU A 2524 -26.78 -49.31 -26.21
N SER A 2525 -27.49 -48.63 -25.31
CA SER A 2525 -28.30 -49.34 -24.33
C SER A 2525 -29.72 -49.57 -24.84
N PHE A 2526 -30.04 -49.09 -26.04
CA PHE A 2526 -31.35 -49.29 -26.64
C PHE A 2526 -31.39 -50.47 -27.59
N ASP A 2527 -30.38 -51.33 -27.55
CA ASP A 2527 -30.22 -52.33 -28.58
C ASP A 2527 -31.00 -53.60 -28.24
N ASP A 2528 -31.22 -54.42 -29.26
CA ASP A 2528 -32.01 -55.63 -29.16
C ASP A 2528 -31.10 -56.85 -29.09
N ASP A 2529 -31.72 -58.03 -29.17
CA ASP A 2529 -30.97 -59.28 -29.09
C ASP A 2529 -30.03 -59.45 -30.28
N LYS A 2530 -30.33 -58.79 -31.39
CA LYS A 2530 -29.53 -58.99 -32.59
C LYS A 2530 -28.35 -58.04 -32.66
N ASN A 2531 -28.26 -57.07 -31.75
CA ASN A 2531 -27.14 -56.15 -31.68
C ASN A 2531 -26.98 -55.32 -32.94
N THR A 2532 -28.09 -54.74 -33.44
CA THR A 2532 -28.04 -53.91 -34.63
C THR A 2532 -27.22 -52.64 -34.40
N LEU A 2533 -27.42 -51.99 -33.25
CA LEU A 2533 -26.68 -50.77 -32.97
C LEU A 2533 -25.19 -51.04 -32.85
N ALA A 2534 -24.83 -52.13 -32.18
CA ALA A 2534 -23.43 -52.49 -32.10
C ALA A 2534 -22.86 -52.84 -33.46
N ASP A 2535 -23.64 -53.50 -34.33
CA ASP A 2535 -23.17 -53.77 -35.68
C ASP A 2535 -22.88 -52.47 -36.42
N ALA A 2536 -23.77 -51.50 -36.31
CA ALA A 2536 -23.52 -50.22 -36.98
C ALA A 2536 -22.28 -49.52 -36.43
N VAL A 2537 -22.12 -49.52 -35.11
CA VAL A 2537 -20.94 -48.90 -34.51
C VAL A 2537 -19.67 -49.58 -34.99
N ASP A 2538 -19.66 -50.92 -35.01
CA ASP A 2538 -18.51 -51.65 -35.51
C ASP A 2538 -18.22 -51.31 -36.95
N LYS A 2539 -19.26 -51.22 -37.78
CA LYS A 2539 -19.07 -50.90 -39.19
C LYS A 2539 -18.41 -49.54 -39.38
N TYR A 2540 -18.93 -48.51 -38.71
CA TYR A 2540 -18.56 -47.15 -39.06
C TYR A 2540 -17.55 -46.50 -38.13
N CYS A 2541 -17.15 -47.14 -37.04
CA CYS A 2541 -16.13 -46.54 -36.19
C CYS A 2541 -14.77 -46.46 -36.88
N ILE A 2542 -14.56 -47.24 -37.93
CA ILE A 2542 -13.30 -47.23 -38.65
C ILE A 2542 -13.08 -45.86 -39.27
N GLY A 2543 -11.95 -45.24 -38.95
CA GLY A 2543 -11.62 -43.95 -39.51
C GLY A 2543 -11.61 -42.85 -38.47
N VAL A 2544 -12.37 -43.05 -37.39
CA VAL A 2544 -12.36 -42.07 -36.30
C VAL A 2544 -11.04 -42.19 -35.54
N PRO A 2545 -10.29 -41.12 -35.36
CA PRO A 2545 -8.97 -41.23 -34.71
C PRO A 2545 -9.11 -41.82 -33.31
N PRO A 2546 -8.13 -42.61 -32.86
CA PRO A 2546 -8.28 -43.27 -31.57
C PRO A 2546 -8.02 -42.37 -30.37
N ILE A 2547 -7.50 -41.15 -30.59
CA ILE A 2547 -7.29 -40.22 -29.48
C ILE A 2547 -8.60 -39.76 -28.88
N GLN A 2548 -9.69 -39.82 -29.65
CA GLN A 2548 -10.95 -39.25 -29.19
C GLN A 2548 -11.65 -40.15 -28.19
N TRP A 2549 -11.28 -41.42 -28.13
CA TRP A 2549 -11.87 -42.33 -27.15
C TRP A 2549 -11.14 -42.32 -25.81
N LEU A 2550 -10.05 -41.56 -25.69
CA LEU A 2550 -9.28 -41.58 -24.45
C LEU A 2550 -10.11 -41.08 -23.27
N ALA A 2551 -11.09 -40.22 -23.54
CA ALA A 2551 -11.90 -39.67 -22.45
C ALA A 2551 -13.00 -40.63 -21.99
N TRP A 2552 -13.31 -41.66 -22.76
CA TRP A 2552 -14.44 -42.54 -22.49
C TRP A 2552 -13.99 -43.98 -22.29
N ILE A 2553 -12.87 -44.19 -21.62
CA ILE A 2553 -12.32 -45.54 -21.47
C ILE A 2553 -13.10 -46.34 -20.43
N PRO A 2554 -13.42 -45.79 -19.26
CA PRO A 2554 -14.21 -46.57 -18.29
C PRO A 2554 -15.54 -47.01 -18.84
N GLN A 2555 -16.21 -46.15 -19.62
CA GLN A 2555 -17.48 -46.51 -20.22
C GLN A 2555 -17.29 -47.63 -21.24
N LEU A 2556 -16.22 -47.56 -22.02
CA LEU A 2556 -15.93 -48.63 -22.97
C LEU A 2556 -15.68 -49.95 -22.26
N LEU A 2557 -14.96 -49.93 -21.14
CA LEU A 2557 -14.76 -51.17 -20.39
C LEU A 2557 -16.07 -51.72 -19.84
N THR A 2558 -16.92 -50.85 -19.30
CA THR A 2558 -18.21 -51.29 -18.80
C THR A 2558 -19.02 -51.94 -19.91
N CYS A 2559 -19.01 -51.37 -21.10
CA CYS A 2559 -19.69 -51.98 -22.22
C CYS A 2559 -18.99 -53.26 -22.69
N LEU A 2560 -17.67 -53.34 -22.51
CA LEU A 2560 -16.94 -54.53 -22.93
C LEU A 2560 -17.33 -55.74 -22.11
N VAL A 2561 -17.50 -55.58 -20.80
CA VAL A 2561 -17.77 -56.72 -19.94
C VAL A 2561 -19.24 -57.12 -20.05
N GLY A 2562 -19.97 -56.50 -20.95
CA GLY A 2562 -21.34 -56.86 -21.26
C GLY A 2562 -21.44 -57.75 -22.48
N SER A 2563 -22.67 -58.11 -22.83
CA SER A 2563 -22.89 -59.03 -23.94
C SER A 2563 -22.37 -58.46 -25.25
N GLU A 2564 -22.52 -57.15 -25.46
CA GLU A 2564 -22.10 -56.50 -26.69
C GLU A 2564 -20.59 -56.46 -26.87
N GLY A 2565 -19.83 -56.97 -25.90
CA GLY A 2565 -18.38 -56.89 -25.97
C GLY A 2565 -17.75 -57.61 -27.14
N LYS A 2566 -18.48 -58.49 -27.82
CA LYS A 2566 -17.92 -59.17 -28.97
C LYS A 2566 -17.55 -58.19 -30.08
N LEU A 2567 -18.24 -57.05 -30.14
CA LEU A 2567 -18.08 -56.15 -31.27
C LEU A 2567 -17.19 -54.95 -30.93
N LEU A 2568 -16.97 -54.67 -29.65
CA LEU A 2568 -16.12 -53.55 -29.26
C LEU A 2568 -14.66 -53.95 -29.08
N LEU A 2569 -14.34 -55.23 -29.27
CA LEU A 2569 -12.96 -55.67 -29.19
C LEU A 2569 -12.08 -54.93 -30.19
N ASN A 2570 -12.53 -54.80 -31.43
CA ASN A 2570 -11.75 -54.10 -32.44
C ASN A 2570 -11.45 -52.67 -32.01
N LEU A 2571 -12.46 -51.95 -31.54
CA LEU A 2571 -12.24 -50.56 -31.15
C LEU A 2571 -11.27 -50.45 -29.99
N ILE A 2572 -11.47 -51.26 -28.95
CA ILE A 2572 -10.60 -51.15 -27.78
C ILE A 2572 -9.17 -51.53 -28.15
N SER A 2573 -8.99 -52.57 -28.97
CA SER A 2573 -7.64 -52.98 -29.35
C SER A 2573 -6.98 -51.94 -30.24
N GLN A 2574 -7.74 -51.29 -31.13
CA GLN A 2574 -7.17 -50.24 -31.95
C GLN A 2574 -6.70 -49.08 -31.09
N VAL A 2575 -7.49 -48.71 -30.08
CA VAL A 2575 -7.06 -47.64 -29.18
C VAL A 2575 -5.81 -48.06 -28.43
N GLY A 2576 -5.76 -49.30 -27.96
CA GLY A 2576 -4.62 -49.76 -27.19
C GLY A 2576 -3.35 -49.84 -28.00
N ARG A 2577 -3.44 -50.18 -29.29
CA ARG A 2577 -2.25 -50.24 -30.12
C ARG A 2577 -1.53 -48.90 -30.17
N VAL A 2578 -2.27 -47.81 -30.02
CA VAL A 2578 -1.69 -46.48 -30.17
C VAL A 2578 -1.36 -45.86 -28.83
N TYR A 2579 -2.17 -46.11 -27.80
CA TYR A 2579 -1.99 -45.51 -26.49
C TYR A 2579 -2.00 -46.62 -25.45
N PRO A 2580 -0.98 -47.50 -25.47
CA PRO A 2580 -1.02 -48.66 -24.57
C PRO A 2580 -1.02 -48.30 -23.10
N GLN A 2581 -0.33 -47.21 -22.72
CA GLN A 2581 -0.27 -46.86 -21.30
C GLN A 2581 -1.60 -46.30 -20.82
N ALA A 2582 -2.39 -45.74 -21.74
CA ALA A 2582 -3.70 -45.22 -21.36
C ALA A 2582 -4.68 -46.34 -21.07
N VAL A 2583 -4.45 -47.53 -21.64
CA VAL A 2583 -5.42 -48.62 -21.56
C VAL A 2583 -4.96 -49.75 -20.67
N TYR A 2584 -3.66 -49.88 -20.39
CA TYR A 2584 -3.18 -51.06 -19.68
C TYR A 2584 -3.70 -51.12 -18.26
N PHE A 2585 -3.54 -50.05 -17.49
CA PHE A 2585 -3.86 -50.08 -16.07
C PHE A 2585 -5.34 -50.34 -15.81
N PRO A 2586 -6.24 -49.64 -16.50
CA PRO A 2586 -7.68 -49.91 -16.26
C PRO A 2586 -8.08 -51.35 -16.56
N ILE A 2587 -7.61 -51.91 -17.68
CA ILE A 2587 -7.97 -53.29 -17.99
C ILE A 2587 -7.33 -54.25 -17.01
N ARG A 2588 -6.12 -53.95 -16.54
CA ARG A 2588 -5.50 -54.76 -15.50
C ARG A 2588 -6.36 -54.80 -14.25
N THR A 2589 -6.81 -53.62 -13.80
CA THR A 2589 -7.67 -53.55 -12.62
C THR A 2589 -8.96 -54.32 -12.85
N LEU A 2590 -9.56 -54.16 -14.03
CA LEU A 2590 -10.81 -54.85 -14.35
C LEU A 2590 -10.62 -56.37 -14.34
N TYR A 2591 -9.54 -56.85 -14.95
CA TYR A 2591 -9.26 -58.27 -14.97
C TYR A 2591 -9.09 -58.83 -13.56
N LEU A 2592 -8.34 -58.13 -12.72
CA LEU A 2592 -8.15 -58.63 -11.36
C LEU A 2592 -9.44 -58.59 -10.56
N THR A 2593 -10.26 -57.56 -10.74
CA THR A 2593 -11.55 -57.52 -10.05
C THR A 2593 -12.42 -58.71 -10.45
N LEU A 2594 -12.47 -59.01 -11.76
CA LEU A 2594 -13.26 -60.14 -12.20
C LEU A 2594 -12.72 -61.46 -11.66
N LYS A 2595 -11.39 -61.61 -11.64
CA LYS A 2595 -10.78 -62.82 -11.10
C LYS A 2595 -11.17 -63.00 -9.63
N ILE A 2596 -11.11 -61.92 -8.86
CA ILE A 2596 -11.44 -61.99 -7.44
C ILE A 2596 -12.91 -62.34 -7.25
N GLU A 2597 -13.78 -61.75 -8.08
CA GLU A 2597 -15.20 -62.07 -7.97
C GLU A 2597 -15.47 -63.54 -8.25
N GLN A 2598 -14.81 -64.09 -9.27
CA GLN A 2598 -14.97 -65.51 -9.55
C GLN A 2598 -14.48 -66.36 -8.38
N ARG A 2599 -13.34 -65.98 -7.80
CA ARG A 2599 -12.80 -66.75 -6.68
C ARG A 2599 -13.74 -66.71 -5.49
N GLU A 2600 -14.40 -65.57 -5.26
CA GLU A 2600 -15.37 -65.49 -4.17
C GLU A 2600 -16.62 -66.30 -4.49
N ARG A 2601 -17.07 -66.29 -5.74
CA ARG A 2601 -18.24 -67.10 -6.11
C ARG A 2601 -17.99 -68.57 -5.82
N TYR A 2602 -16.82 -69.08 -6.21
CA TYR A 2602 -16.50 -70.49 -5.98
C TYR A 2602 -15.77 -70.68 -4.64
N LYS A 2603 -16.42 -70.23 -3.58
CA LYS A 2603 -15.81 -70.31 -2.25
C LYS A 2603 -15.65 -71.76 -1.84
N PRO A 2626 -7.98 -74.54 -9.13
CA PRO A 2626 -8.10 -73.91 -10.44
C PRO A 2626 -9.54 -73.85 -10.93
N ILE A 2627 -9.89 -72.80 -11.67
CA ILE A 2627 -11.24 -72.63 -12.19
C ILE A 2627 -11.14 -72.04 -13.60
N ARG A 2628 -12.09 -72.43 -14.45
CA ARG A 2628 -12.08 -71.97 -15.83
C ARG A 2628 -12.47 -70.49 -15.91
N ALA A 2629 -12.05 -69.84 -16.99
CA ALA A 2629 -12.28 -68.42 -17.15
C ALA A 2629 -13.65 -68.14 -17.75
N THR A 2630 -14.12 -66.91 -17.59
CA THR A 2630 -15.34 -66.44 -18.20
C THR A 2630 -15.03 -65.62 -19.45
N ALA A 2631 -16.07 -65.36 -20.25
CA ALA A 2631 -15.86 -64.64 -21.49
C ALA A 2631 -15.29 -63.24 -21.31
N PRO A 2632 -15.79 -62.41 -20.37
CA PRO A 2632 -15.15 -61.10 -20.18
C PRO A 2632 -13.71 -61.21 -19.76
N MET A 2633 -13.38 -62.18 -18.91
CA MET A 2633 -11.99 -62.42 -18.55
C MET A 2633 -11.17 -62.78 -19.77
N TRP A 2634 -11.73 -63.61 -20.64
CA TRP A 2634 -11.02 -63.98 -21.87
C TRP A 2634 -10.76 -62.76 -22.74
N ARG A 2635 -11.75 -61.87 -22.86
CA ARG A 2635 -11.57 -60.67 -23.68
C ARG A 2635 -10.51 -59.74 -23.11
N CYS A 2636 -10.53 -59.54 -21.79
CA CYS A 2636 -9.52 -58.71 -21.17
C CYS A 2636 -8.12 -59.30 -21.37
N SER A 2637 -7.98 -60.62 -21.17
CA SER A 2637 -6.69 -61.25 -21.36
C SER A 2637 -6.24 -61.18 -22.80
N ARG A 2638 -7.18 -61.28 -23.75
CA ARG A 2638 -6.82 -61.14 -25.15
C ARG A 2638 -6.25 -59.77 -25.44
N ILE A 2639 -6.89 -58.72 -24.93
CA ILE A 2639 -6.37 -57.38 -25.14
C ILE A 2639 -4.97 -57.24 -24.54
N MET A 2640 -4.79 -57.74 -23.31
CA MET A 2640 -3.50 -57.63 -22.66
C MET A 2640 -2.41 -58.37 -23.43
N HIS A 2641 -2.69 -59.60 -23.86
CA HIS A 2641 -1.70 -60.37 -24.60
C HIS A 2641 -1.40 -59.71 -25.95
N MET A 2642 -2.40 -59.14 -26.61
CA MET A 2642 -2.13 -58.45 -27.88
C MET A 2642 -1.21 -57.27 -27.67
N GLN A 2643 -1.43 -56.51 -26.59
CA GLN A 2643 -0.53 -55.39 -26.31
C GLN A 2643 0.88 -55.88 -25.96
N ARG A 2644 0.98 -57.01 -25.28
CA ARG A 2644 2.29 -57.49 -24.83
C ARG A 2644 3.22 -57.78 -25.99
N GLU A 2645 2.71 -58.38 -27.06
CA GLU A 2645 3.57 -58.68 -28.21
C GLU A 2645 4.07 -57.41 -28.88
N LEU A 2646 3.21 -56.39 -28.97
CA LEU A 2646 3.56 -55.21 -29.75
C LEU A 2646 4.43 -54.25 -28.96
N HIS A 2647 4.27 -54.18 -27.64
CA HIS A 2647 5.00 -53.24 -26.79
C HIS A 2647 5.58 -53.98 -25.60
N PRO A 2648 6.58 -54.83 -25.81
CA PRO A 2648 7.06 -55.68 -24.71
C PRO A 2648 7.77 -54.92 -23.60
N THR A 2649 8.70 -54.04 -23.97
CA THR A 2649 9.48 -53.32 -22.96
C THR A 2649 8.61 -52.39 -22.13
N LEU A 2650 7.68 -51.69 -22.77
CA LEU A 2650 6.78 -50.80 -22.05
C LEU A 2650 6.00 -51.55 -20.98
N LEU A 2651 5.37 -52.66 -21.35
CA LEU A 2651 4.58 -53.40 -20.38
C LEU A 2651 5.46 -54.05 -19.32
N SER A 2652 6.66 -54.50 -19.69
CA SER A 2652 7.53 -55.07 -18.67
C SER A 2652 7.91 -54.04 -17.63
N SER A 2653 8.24 -52.82 -18.05
CA SER A 2653 8.59 -51.77 -17.10
C SER A 2653 7.38 -51.40 -16.24
N LEU A 2654 6.19 -51.31 -16.85
CA LEU A 2654 5.01 -50.99 -16.06
C LEU A 2654 4.75 -52.06 -15.01
N GLU A 2655 4.88 -53.33 -15.40
CA GLU A 2655 4.66 -54.41 -14.45
C GLU A 2655 5.73 -54.43 -13.37
N GLY A 2656 6.95 -54.06 -13.71
CA GLY A 2656 7.98 -53.95 -12.69
C GLY A 2656 7.65 -52.88 -11.67
N ILE A 2657 7.17 -51.73 -12.13
CA ILE A 2657 6.73 -50.69 -11.20
C ILE A 2657 5.63 -51.24 -10.29
N VAL A 2658 4.62 -51.88 -10.89
CA VAL A 2658 3.49 -52.38 -10.09
C VAL A 2658 3.98 -53.38 -9.07
N ASP A 2659 4.88 -54.29 -9.46
CA ASP A 2659 5.40 -55.28 -8.52
C ASP A 2659 6.14 -54.60 -7.38
N GLN A 2660 6.96 -53.59 -7.69
CA GLN A 2660 7.65 -52.87 -6.64
C GLN A 2660 6.70 -52.18 -5.68
N MET A 2661 5.50 -51.81 -6.13
CA MET A 2661 4.59 -51.08 -5.26
C MET A 2661 4.18 -51.84 -4.00
N VAL A 2662 4.61 -53.08 -3.80
CA VAL A 2662 4.12 -53.83 -2.65
C VAL A 2662 4.96 -53.56 -1.40
N TRP A 2663 6.06 -52.85 -1.53
CA TRP A 2663 6.84 -52.46 -0.36
C TRP A 2663 6.33 -51.20 0.30
N PHE A 2664 5.09 -50.80 0.04
CA PHE A 2664 4.51 -49.59 0.59
C PHE A 2664 3.35 -49.89 1.55
N ARG A 2665 3.09 -51.15 1.84
CA ARG A 2665 2.12 -51.49 2.86
C ARG A 2665 2.55 -50.89 4.20
N GLU A 2666 1.58 -50.37 4.95
CA GLU A 2666 1.94 -49.46 6.03
C GLU A 2666 2.75 -50.12 7.13
N ASN A 2667 2.08 -50.86 8.02
CA ASN A 2667 2.70 -51.74 9.00
C ASN A 2667 1.61 -52.22 9.94
N TRP A 2668 1.93 -53.12 10.87
CA TRP A 2668 0.89 -53.63 11.75
C TRP A 2668 0.44 -52.58 12.76
N HIS A 2669 1.32 -51.66 13.14
CA HIS A 2669 0.90 -50.58 14.04
C HIS A 2669 -0.20 -49.74 13.42
N GLU A 2670 -0.04 -49.39 12.14
CA GLU A 2670 -0.95 -48.47 11.49
C GLU A 2670 -2.17 -49.15 10.91
N GLU A 2671 -2.06 -50.43 10.55
CA GLU A 2671 -3.24 -51.16 10.09
C GLU A 2671 -4.32 -51.19 11.17
N VAL A 2672 -3.93 -51.50 12.41
CA VAL A 2672 -4.90 -51.56 13.49
C VAL A 2672 -5.52 -50.21 13.73
N LEU A 2673 -4.72 -49.14 13.69
CA LEU A 2673 -5.24 -47.81 13.91
C LEU A 2673 -6.27 -47.43 12.85
N ARG A 2674 -5.97 -47.74 11.58
CA ARG A 2674 -6.93 -47.43 10.52
C ARG A 2674 -8.23 -48.22 10.71
N GLN A 2675 -8.12 -49.50 11.03
CA GLN A 2675 -9.32 -50.30 11.27
C GLN A 2675 -10.14 -49.72 12.41
N LEU A 2676 -9.48 -49.32 13.49
CA LEU A 2676 -10.17 -48.81 14.66
C LEU A 2676 -10.88 -47.49 14.34
N GLN A 2677 -10.22 -46.63 13.56
CA GLN A 2677 -10.85 -45.38 13.14
C GLN A 2677 -12.11 -45.65 12.33
N GLN A 2678 -12.04 -46.57 11.37
CA GLN A 2678 -13.22 -46.88 10.58
C GLN A 2678 -14.34 -47.44 11.46
N GLY A 2679 -13.98 -48.29 12.42
CA GLY A 2679 -14.99 -48.82 13.32
C GLY A 2679 -15.68 -47.73 14.12
N LEU A 2680 -14.91 -46.79 14.64
CA LEU A 2680 -15.49 -45.68 15.40
C LEU A 2680 -16.43 -44.86 14.53
N ALA A 2681 -16.04 -44.59 13.28
CA ALA A 2681 -16.91 -43.83 12.40
C ALA A 2681 -18.23 -44.57 12.16
N LYS A 2682 -18.15 -45.88 11.93
CA LYS A 2682 -19.37 -46.66 11.74
C LYS A 2682 -20.24 -46.64 12.99
N CYS A 2683 -19.62 -46.72 14.17
CA CYS A 2683 -20.38 -46.67 15.41
C CYS A 2683 -21.13 -45.35 15.55
N TYR A 2684 -20.48 -44.24 15.23
CA TYR A 2684 -21.18 -42.94 15.29
C TYR A 2684 -22.33 -42.88 14.29
N SER A 2685 -22.11 -43.38 13.08
CA SER A 2685 -23.20 -43.42 12.10
C SER A 2685 -24.39 -44.18 12.67
N VAL A 2686 -24.15 -45.37 13.21
CA VAL A 2686 -25.25 -46.15 13.79
C VAL A 2686 -25.88 -45.41 14.95
N ALA A 2687 -25.08 -44.71 15.75
CA ALA A 2687 -25.61 -44.04 16.93
C ALA A 2687 -26.60 -42.95 16.55
N PHE A 2688 -26.36 -42.24 15.46
CA PHE A 2688 -27.31 -41.20 15.10
C PHE A 2688 -28.69 -41.75 14.77
N GLU A 2689 -28.77 -42.94 14.17
CA GLU A 2689 -30.07 -43.51 13.84
C GLU A 2689 -30.88 -43.81 15.10
N LYS A 2690 -30.22 -44.09 16.20
CA LYS A 2690 -30.88 -44.45 17.46
C LYS A 2690 -30.90 -43.27 18.42
N SER A 2691 -30.31 -42.15 17.99
CA SER A 2691 -30.09 -41.02 18.89
C SER A 2691 -31.30 -40.74 19.77
N GLY A 2692 -32.43 -40.38 19.16
CA GLY A 2692 -33.62 -40.06 19.91
C GLY A 2692 -34.32 -41.27 20.47
N ALA A 2693 -34.25 -42.42 19.81
CA ALA A 2693 -35.01 -43.58 20.25
C ALA A 2693 -34.70 -43.92 21.70
N VAL A 2694 -33.47 -44.35 21.99
CA VAL A 2694 -33.13 -44.87 23.30
C VAL A 2694 -31.93 -44.13 23.87
N SER A 2695 -30.83 -44.12 23.12
CA SER A 2695 -29.53 -43.75 23.63
C SER A 2695 -29.03 -44.83 24.59
N ASP A 2696 -29.68 -46.00 24.54
CA ASP A 2696 -29.17 -47.22 25.16
C ASP A 2696 -29.44 -48.39 24.22
N ALA A 2697 -29.16 -48.17 22.94
CA ALA A 2697 -29.45 -49.16 21.91
C ALA A 2697 -28.39 -50.25 21.87
N LYS A 2698 -28.67 -51.29 21.10
CA LYS A 2698 -27.79 -52.44 21.01
C LYS A 2698 -26.93 -52.35 19.77
N ILE A 2699 -25.75 -52.97 19.83
CA ILE A 2699 -24.82 -52.94 18.71
C ILE A 2699 -25.32 -53.85 17.61
N THR A 2700 -25.12 -53.43 16.36
CA THR A 2700 -25.63 -54.17 15.23
C THR A 2700 -24.72 -55.36 14.90
N PRO A 2701 -25.26 -56.36 14.20
CA PRO A 2701 -24.42 -57.50 13.81
C PRO A 2701 -23.24 -57.11 12.95
N HIS A 2702 -23.39 -56.10 12.09
CA HIS A 2702 -22.28 -55.66 11.27
C HIS A 2702 -21.09 -55.27 12.13
N THR A 2703 -21.32 -54.41 13.12
CA THR A 2703 -20.26 -54.00 14.04
C THR A 2703 -19.73 -55.17 14.87
N LEU A 2704 -20.63 -56.05 15.34
CA LEU A 2704 -20.15 -57.17 16.14
C LEU A 2704 -19.17 -58.02 15.31
N ASN A 2705 -19.54 -58.32 14.07
CA ASN A 2705 -18.67 -59.10 13.20
C ASN A 2705 -17.36 -58.37 12.93
N PHE A 2706 -17.43 -57.06 12.68
CA PHE A 2706 -16.21 -56.29 12.45
C PHE A 2706 -15.25 -56.39 13.62
N VAL A 2707 -15.77 -56.21 14.84
CA VAL A 2707 -14.89 -56.23 16.01
C VAL A 2707 -14.35 -57.64 16.25
N LYS A 2708 -15.17 -58.66 16.04
CA LYS A 2708 -14.67 -60.02 16.21
C LYS A 2708 -13.57 -60.31 15.20
N LYS A 2709 -13.74 -59.89 13.95
CA LYS A 2709 -12.71 -60.10 12.95
C LYS A 2709 -11.42 -59.38 13.32
N LEU A 2710 -11.54 -58.17 13.86
CA LEU A 2710 -10.33 -57.45 14.28
C LEU A 2710 -9.62 -58.20 15.40
N VAL A 2711 -10.35 -58.59 16.45
CA VAL A 2711 -9.67 -59.31 17.53
C VAL A 2711 -9.07 -60.60 17.01
N SER A 2712 -9.65 -61.19 15.97
CA SER A 2712 -9.09 -62.42 15.41
C SER A 2712 -7.80 -62.14 14.64
N THR A 2713 -7.89 -61.41 13.54
CA THR A 2713 -6.70 -61.14 12.73
C THR A 2713 -6.06 -59.80 13.12
N PHE A 2714 -5.89 -59.58 14.41
CA PHE A 2714 -5.07 -58.46 14.89
C PHE A 2714 -3.74 -58.41 14.16
N GLY A 2715 -3.42 -57.22 13.63
CA GLY A 2715 -2.12 -56.96 13.07
C GLY A 2715 -1.94 -57.47 11.66
N VAL A 2716 -1.77 -58.78 11.50
CA VAL A 2716 -1.53 -59.36 10.19
C VAL A 2716 -2.86 -59.71 9.55
N GLY A 2717 -3.46 -58.72 8.88
CA GLY A 2717 -4.75 -58.87 8.25
C GLY A 2717 -4.72 -59.43 6.85
N LEU A 2718 -3.54 -59.58 6.25
CA LEU A 2718 -3.46 -60.11 4.89
C LEU A 2718 -3.98 -61.55 4.84
N GLU A 2719 -3.65 -62.35 5.86
CA GLU A 2719 -4.09 -63.74 5.93
C GLU A 2719 -3.64 -64.51 4.70
N ASN A 2720 -2.45 -64.20 4.20
CA ASN A 2720 -1.92 -64.83 3.00
C ASN A 2720 -2.78 -64.51 1.80
N PHE A 2728 0.37 -63.79 -11.25
CA PHE A 2728 1.46 -63.23 -12.03
C PHE A 2728 2.79 -63.88 -11.70
N SER A 2729 2.75 -64.94 -10.90
CA SER A 2729 3.98 -65.57 -10.39
C SER A 2729 4.93 -64.48 -9.89
N SER A 2730 4.46 -63.69 -8.93
CA SER A 2730 5.21 -62.57 -8.41
C SER A 2730 5.90 -63.00 -7.12
N ALA A 2731 7.22 -62.87 -7.07
CA ALA A 2731 7.99 -63.39 -5.95
C ALA A 2731 8.14 -62.39 -4.81
N ALA A 2732 8.01 -61.09 -5.09
CA ALA A 2732 8.22 -60.10 -4.04
C ALA A 2732 7.14 -60.16 -2.97
N SER A 2733 5.90 -60.48 -3.36
CA SER A 2733 4.81 -60.52 -2.39
C SER A 2733 5.04 -61.61 -1.35
N GLU A 2734 5.60 -62.75 -1.76
CA GLU A 2734 5.87 -63.81 -0.81
C GLU A 2734 6.93 -63.38 0.19
N SER A 2735 7.99 -62.73 -0.26
CA SER A 2735 9.01 -62.24 0.67
C SER A 2735 8.41 -61.20 1.61
N LEU A 2736 7.52 -60.35 1.09
CA LEU A 2736 6.84 -59.37 1.93
C LEU A 2736 6.04 -60.06 3.04
N ALA A 2737 5.24 -61.07 2.66
CA ALA A 2737 4.44 -61.77 3.64
C ALA A 2737 5.31 -62.48 4.67
N ARG A 2738 6.39 -63.11 4.20
CA ARG A 2738 7.29 -63.79 5.13
C ARG A 2738 7.90 -62.81 6.12
N ARG A 2739 8.37 -61.66 5.63
CA ARG A 2739 8.96 -60.67 6.51
C ARG A 2739 7.95 -60.15 7.52
N ALA A 2740 6.72 -59.88 7.06
CA ALA A 2740 5.69 -59.41 8.00
C ALA A 2740 5.45 -60.45 9.09
N GLN A 2741 5.25 -61.71 8.70
CA GLN A 2741 5.01 -62.74 9.69
C GLN A 2741 6.17 -62.88 10.66
N ALA A 2742 7.41 -62.89 10.15
CA ALA A 2742 8.56 -63.02 11.02
C ALA A 2742 8.61 -61.87 12.02
N THR A 2743 8.56 -60.63 11.54
CA THR A 2743 8.63 -59.48 12.43
C THR A 2743 7.44 -59.44 13.38
N ALA A 2744 6.35 -60.12 13.05
CA ALA A 2744 5.20 -60.14 13.94
C ALA A 2744 5.42 -61.02 15.17
N GLN A 2745 6.65 -61.50 15.40
CA GLN A 2745 6.94 -62.33 16.56
C GLN A 2745 7.58 -61.56 17.71
N ASP A 2746 7.72 -60.24 17.59
CA ASP A 2746 8.29 -59.46 18.67
C ASP A 2746 7.34 -59.46 19.87
N PRO A 2747 7.87 -59.24 21.08
CA PRO A 2747 7.02 -59.32 22.28
C PRO A 2747 5.99 -58.22 22.36
N VAL A 2748 6.36 -56.96 22.15
CA VAL A 2748 5.41 -55.87 22.32
C VAL A 2748 4.12 -56.16 21.57
N PHE A 2749 4.21 -56.89 20.46
CA PHE A 2749 3.01 -57.29 19.75
C PHE A 2749 2.13 -58.18 20.61
N GLN A 2750 2.74 -59.11 21.35
CA GLN A 2750 1.98 -60.06 22.14
C GLN A 2750 1.27 -59.42 23.31
N LYS A 2751 1.94 -58.51 24.02
CA LYS A 2751 1.29 -57.83 25.14
C LYS A 2751 0.04 -57.10 24.68
N LEU A 2752 0.15 -56.32 23.61
CA LEU A 2752 -1.00 -55.58 23.12
C LEU A 2752 -2.08 -56.52 22.61
N LYS A 2753 -1.72 -57.59 21.90
CA LYS A 2753 -2.75 -58.51 21.42
C LYS A 2753 -3.50 -59.14 22.59
N GLY A 2754 -2.79 -59.55 23.63
CA GLY A 2754 -3.46 -60.12 24.78
C GLY A 2754 -4.40 -59.14 25.46
N GLN A 2755 -3.92 -57.91 25.70
CA GLN A 2755 -4.79 -56.93 26.33
C GLN A 2755 -6.00 -56.61 25.46
N PHE A 2756 -5.81 -56.53 24.14
CA PHE A 2756 -6.92 -56.25 23.24
C PHE A 2756 -7.97 -57.35 23.29
N THR A 2757 -7.51 -58.61 23.26
CA THR A 2757 -8.46 -59.72 23.35
C THR A 2757 -9.19 -59.73 24.68
N THR A 2758 -8.49 -59.38 25.77
CA THR A 2758 -9.16 -59.29 27.05
C THR A 2758 -10.21 -58.18 27.07
N ASP A 2759 -9.90 -57.03 26.48
CA ASP A 2759 -10.76 -55.86 26.61
C ASP A 2759 -11.80 -55.74 25.52
N PHE A 2760 -11.84 -56.67 24.56
CA PHE A 2760 -12.90 -56.69 23.55
C PHE A 2760 -13.60 -58.05 23.57
N ASP A 2761 -13.98 -58.47 24.76
CA ASP A 2761 -14.64 -59.76 24.97
C ASP A 2761 -16.13 -59.52 25.18
N PHE A 2762 -16.95 -60.05 24.27
CA PHE A 2762 -18.40 -59.88 24.33
C PHE A 2762 -19.04 -61.04 25.09
N SER A 2763 -18.59 -61.21 26.33
CA SER A 2763 -19.19 -62.21 27.20
C SER A 2763 -19.34 -61.66 28.61
N VAL A 2764 -19.78 -60.41 28.73
CA VAL A 2764 -19.90 -59.75 30.02
C VAL A 2764 -21.17 -58.92 30.05
N PRO A 2765 -21.64 -58.58 31.25
CA PRO A 2765 -22.87 -57.79 31.36
C PRO A 2765 -22.65 -56.35 30.90
N GLY A 2766 -23.29 -55.99 29.80
CA GLY A 2766 -23.28 -54.62 29.33
C GLY A 2766 -22.23 -54.29 28.30
N SER A 2767 -21.59 -55.29 27.68
CA SER A 2767 -20.60 -55.01 26.66
C SER A 2767 -21.20 -54.86 25.27
N MET A 2768 -22.50 -55.09 25.13
CA MET A 2768 -23.15 -54.81 23.86
C MET A 2768 -23.69 -53.40 23.77
N LYS A 2769 -23.45 -52.57 24.76
CA LYS A 2769 -23.92 -51.19 24.72
C LYS A 2769 -23.08 -50.38 23.74
N LEU A 2770 -23.78 -49.63 22.89
CA LEU A 2770 -23.11 -48.89 21.82
C LEU A 2770 -22.11 -47.89 22.38
N HIS A 2771 -22.48 -47.18 23.44
CA HIS A 2771 -21.60 -46.13 23.94
C HIS A 2771 -20.47 -46.71 24.78
N ASN A 2772 -20.68 -47.86 25.41
CA ASN A 2772 -19.56 -48.57 26.00
C ASN A 2772 -18.53 -48.93 24.93
N LEU A 2773 -19.00 -49.47 23.80
CA LEU A 2773 -18.08 -49.77 22.71
C LEU A 2773 -17.37 -48.51 22.23
N ILE A 2774 -18.10 -47.40 22.13
CA ILE A 2774 -17.51 -46.15 21.67
C ILE A 2774 -16.40 -45.71 22.61
N SER A 2775 -16.64 -45.78 23.92
CA SER A 2775 -15.60 -45.39 24.88
C SER A 2775 -14.37 -46.30 24.76
N LYS A 2776 -14.59 -47.60 24.60
CA LYS A 2776 -13.45 -48.50 24.44
C LYS A 2776 -12.63 -48.14 23.20
N LEU A 2777 -13.31 -47.88 22.08
CA LEU A 2777 -12.60 -47.55 20.86
C LEU A 2777 -11.84 -46.23 21.00
N LYS A 2778 -12.46 -45.23 21.63
CA LYS A 2778 -11.76 -43.97 21.84
C LYS A 2778 -10.52 -44.15 22.69
N LYS A 2779 -10.58 -45.03 23.70
CA LYS A 2779 -9.41 -45.31 24.51
C LYS A 2779 -8.29 -45.94 23.68
N TRP A 2780 -8.62 -46.98 22.93
CA TRP A 2780 -7.58 -47.68 22.20
C TRP A 2780 -7.02 -46.83 21.06
N ILE A 2781 -7.81 -45.91 20.53
CA ILE A 2781 -7.29 -45.02 19.50
C ILE A 2781 -6.18 -44.15 20.06
N LYS A 2782 -6.38 -43.58 21.25
CA LYS A 2782 -5.32 -42.80 21.87
C LYS A 2782 -4.11 -43.67 22.16
N ILE A 2783 -4.35 -44.89 22.65
CA ILE A 2783 -3.22 -45.77 22.95
C ILE A 2783 -2.35 -45.97 21.70
N LEU A 2784 -2.99 -46.28 20.57
CA LEU A 2784 -2.21 -46.54 19.35
C LEU A 2784 -1.64 -45.28 18.72
N GLU A 2785 -2.34 -44.14 18.82
CA GLU A 2785 -1.80 -42.91 18.26
C GLU A 2785 -0.57 -42.46 19.03
N ALA A 2786 -0.52 -42.78 20.32
CA ALA A 2786 0.72 -42.55 21.07
C ALA A 2786 1.85 -43.40 20.53
N LYS A 2787 1.59 -44.68 20.23
CA LYS A 2787 2.64 -45.56 19.75
C LYS A 2787 3.16 -45.12 18.39
N THR A 2788 2.26 -44.66 17.52
CA THR A 2788 2.67 -44.46 16.12
C THR A 2788 3.64 -43.30 15.96
N LYS A 2789 3.78 -42.44 16.97
CA LYS A 2789 4.71 -41.32 16.84
C LYS A 2789 6.16 -41.75 17.04
N GLN A 2790 6.38 -42.99 17.45
CA GLN A 2790 7.73 -43.51 17.68
C GLN A 2790 8.24 -44.34 16.52
N LEU A 2791 7.90 -43.97 15.28
CA LEU A 2791 8.27 -44.72 14.10
C LEU A 2791 8.99 -43.83 13.11
N PRO A 2792 9.79 -44.40 12.22
CA PRO A 2792 10.54 -43.57 11.26
C PRO A 2792 9.61 -42.76 10.39
N LYS A 2793 10.13 -41.68 9.83
CA LYS A 2793 9.34 -40.78 9.02
C LYS A 2793 9.66 -40.86 7.53
N PHE A 2794 10.65 -41.66 7.15
CA PHE A 2794 10.91 -41.92 5.74
C PHE A 2794 11.86 -43.09 5.64
N PHE A 2795 12.09 -43.54 4.40
CA PHE A 2795 12.99 -44.64 4.14
C PHE A 2795 13.57 -44.46 2.74
N LEU A 2796 14.67 -45.14 2.48
CA LEU A 2796 15.34 -45.02 1.19
C LEU A 2796 14.82 -46.06 0.21
N ILE A 2797 14.49 -45.61 -0.99
CA ILE A 2797 13.92 -46.50 -1.99
C ILE A 2797 14.90 -47.60 -2.37
N GLU A 2798 16.19 -47.36 -2.23
CA GLU A 2798 17.17 -48.36 -2.62
C GLU A 2798 17.27 -49.52 -1.65
N GLU A 2799 16.68 -49.40 -0.46
CA GLU A 2799 16.76 -50.49 0.51
C GLU A 2799 16.08 -51.73 -0.02
N LYS A 2800 14.92 -51.58 -0.66
CA LYS A 2800 14.20 -52.72 -1.21
C LYS A 2800 13.90 -52.59 -2.70
N CYS A 2801 13.50 -51.42 -3.18
CA CYS A 2801 13.04 -51.32 -4.57
C CYS A 2801 14.25 -51.09 -5.46
N ARG A 2802 14.82 -52.18 -5.97
CA ARG A 2802 15.96 -52.06 -6.87
C ARG A 2802 15.54 -51.52 -8.23
N PHE A 2803 14.42 -51.99 -8.75
CA PHE A 2803 13.96 -51.52 -10.06
C PHE A 2803 13.73 -50.02 -10.04
N LEU A 2804 13.08 -49.50 -9.00
CA LEU A 2804 12.83 -48.07 -8.93
C LEU A 2804 14.12 -47.29 -8.84
N SER A 2805 15.06 -47.74 -8.01
CA SER A 2805 16.31 -47.03 -7.86
C SER A 2805 17.09 -46.99 -9.17
N ASN A 2806 17.09 -48.11 -9.91
CA ASN A 2806 17.89 -48.22 -11.12
C ASN A 2806 17.16 -47.75 -12.37
N PHE A 2807 15.88 -47.40 -12.28
CA PHE A 2807 15.14 -46.92 -13.43
C PHE A 2807 15.80 -45.68 -14.03
N SER A 2808 15.65 -45.51 -15.34
CA SER A 2808 16.16 -44.32 -16.01
C SER A 2808 15.53 -44.24 -17.39
N ALA A 2809 15.92 -43.19 -18.13
CA ALA A 2809 15.36 -42.96 -19.46
C ALA A 2809 15.64 -44.09 -20.43
N GLN A 2810 16.85 -44.65 -20.41
CA GLN A 2810 17.17 -45.76 -21.28
C GLN A 2810 16.31 -46.98 -21.01
N THR A 2811 15.79 -47.12 -19.79
CA THR A 2811 14.97 -48.27 -19.46
C THR A 2811 13.74 -48.34 -20.36
N ALA A 2812 13.04 -47.22 -20.53
CA ALA A 2812 11.89 -47.14 -21.41
C ALA A 2812 11.36 -45.71 -21.40
N GLU A 2813 10.55 -45.39 -22.41
CA GLU A 2813 9.86 -44.10 -22.46
C GLU A 2813 8.50 -44.26 -21.81
N VAL A 2814 8.43 -43.87 -20.55
CA VAL A 2814 7.22 -43.98 -19.75
C VAL A 2814 6.77 -42.58 -19.36
N GLU A 2815 5.47 -42.33 -19.49
CA GLU A 2815 4.91 -41.03 -19.12
C GLU A 2815 4.43 -41.09 -17.68
N ILE A 2816 4.44 -39.93 -17.03
CA ILE A 2816 4.09 -39.86 -15.61
C ILE A 2816 2.63 -40.25 -15.46
N PRO A 2817 2.22 -40.82 -14.33
CA PRO A 2817 0.85 -41.32 -14.20
C PRO A 2817 -0.18 -40.20 -14.38
N GLY A 2818 -1.29 -40.55 -15.02
CA GLY A 2818 -2.39 -39.61 -15.18
C GLY A 2818 -2.25 -38.67 -16.36
N GLU A 2819 -1.37 -38.97 -17.30
CA GLU A 2819 -1.17 -38.07 -18.43
C GLU A 2819 -2.25 -38.22 -19.50
N PHE A 2820 -3.05 -39.27 -19.42
CA PHE A 2820 -4.05 -39.54 -20.44
C PHE A 2820 -5.47 -39.48 -19.92
N LEU A 2821 -5.68 -39.00 -18.70
CA LEU A 2821 -7.04 -38.86 -18.20
C LEU A 2821 -7.83 -37.88 -19.05
N MET A 2822 -7.21 -36.77 -19.43
CA MET A 2822 -7.83 -35.81 -20.34
C MET A 2822 -6.81 -35.43 -21.41
N PRO A 2823 -7.05 -35.79 -22.67
CA PRO A 2823 -6.02 -35.55 -23.70
C PRO A 2823 -5.66 -34.08 -23.85
N LYS A 2824 -4.40 -33.84 -24.20
CA LYS A 2824 -3.88 -32.49 -24.37
C LYS A 2824 -3.99 -32.07 -25.83
N PRO A 2825 -3.90 -30.76 -26.10
CA PRO A 2825 -4.05 -30.29 -27.49
C PRO A 2825 -2.96 -30.81 -28.41
N THR A 2826 -1.70 -30.59 -28.04
CA THR A 2826 -0.57 -31.08 -28.83
C THR A 2826 -0.10 -32.42 -28.27
N HIS A 2827 0.61 -33.16 -29.11
CA HIS A 2827 1.08 -34.50 -28.75
C HIS A 2827 2.43 -34.37 -28.04
N TYR A 2828 2.40 -33.71 -26.89
CA TYR A 2828 3.58 -33.45 -26.08
C TYR A 2828 3.29 -33.85 -24.65
N TYR A 2829 4.02 -34.84 -24.14
CA TYR A 2829 3.76 -35.42 -22.84
C TYR A 2829 5.04 -35.42 -22.00
N ILE A 2830 4.87 -35.56 -20.69
CA ILE A 2830 5.98 -35.55 -19.77
C ILE A 2830 6.37 -36.99 -19.44
N LYS A 2831 7.64 -37.30 -19.64
CA LYS A 2831 8.15 -38.64 -19.44
C LYS A 2831 8.97 -38.70 -18.16
N ILE A 2832 9.12 -39.90 -17.61
CA ILE A 2832 9.78 -40.07 -16.33
C ILE A 2832 11.29 -40.01 -16.51
N ALA A 2833 11.95 -39.32 -15.59
CA ALA A 2833 13.41 -39.28 -15.55
C ALA A 2833 13.96 -40.22 -14.48
N ARG A 2834 13.42 -40.16 -13.27
CA ARG A 2834 13.75 -41.14 -12.24
C ARG A 2834 12.95 -40.92 -10.97
N PHE A 2835 12.99 -41.91 -10.07
CA PHE A 2835 12.32 -41.80 -8.79
C PHE A 2835 13.30 -41.34 -7.73
N MET A 2836 12.97 -40.26 -7.05
CA MET A 2836 13.88 -39.71 -6.07
C MET A 2836 14.04 -40.67 -4.90
N PRO A 2837 15.19 -40.66 -4.22
CA PRO A 2837 15.48 -41.71 -3.22
C PRO A 2837 14.60 -41.68 -1.98
N ARG A 2838 14.39 -40.51 -1.39
CA ARG A 2838 13.63 -40.44 -0.15
C ARG A 2838 12.16 -40.71 -0.39
N VAL A 2839 11.56 -41.48 0.50
CA VAL A 2839 10.12 -41.78 0.46
C VAL A 2839 9.56 -41.35 1.80
N GLU A 2840 8.67 -40.36 1.80
CA GLU A 2840 8.16 -39.79 3.04
C GLU A 2840 6.91 -40.53 3.50
N ILE A 2841 6.62 -40.39 4.79
CA ILE A 2841 5.42 -40.94 5.41
C ILE A 2841 4.65 -39.79 6.03
N VAL A 2842 3.41 -39.62 5.61
CA VAL A 2842 2.59 -38.51 6.07
C VAL A 2842 1.25 -39.04 6.56
N GLN A 2843 0.63 -38.26 7.45
CA GLN A 2843 -0.70 -38.58 7.97
C GLN A 2843 -1.71 -37.84 7.11
N LYS A 2844 -2.46 -38.59 6.29
CA LYS A 2844 -3.47 -38.00 5.42
C LYS A 2844 -4.59 -39.01 5.21
N HIS A 2845 -5.82 -38.52 5.24
CA HIS A 2845 -6.99 -39.36 5.02
C HIS A 2845 -7.13 -40.42 6.11
N ASN A 2846 -6.78 -40.04 7.34
CA ASN A 2846 -6.82 -40.97 8.48
C ASN A 2846 -6.02 -42.23 8.19
N THR A 2847 -4.80 -42.07 7.71
CA THR A 2847 -3.90 -43.19 7.48
C THR A 2847 -2.50 -42.66 7.27
N ALA A 2848 -1.51 -43.56 7.39
CA ALA A 2848 -0.13 -43.19 7.11
C ALA A 2848 0.19 -43.46 5.65
N ALA A 2849 0.08 -42.43 4.81
CA ALA A 2849 0.27 -42.60 3.39
C ALA A 2849 1.75 -42.56 3.04
N ARG A 2850 2.06 -42.96 1.82
CA ARG A 2850 3.42 -42.97 1.31
C ARG A 2850 3.53 -41.95 0.19
N ARG A 2851 4.44 -40.99 0.33
CA ARG A 2851 4.66 -39.97 -0.68
C ARG A 2851 5.87 -40.36 -1.51
N LEU A 2852 5.73 -40.31 -2.83
CA LEU A 2852 6.77 -40.70 -3.77
C LEU A 2852 6.99 -39.54 -4.73
N TYR A 2853 8.24 -39.15 -4.93
CA TYR A 2853 8.56 -38.06 -5.83
C TYR A 2853 9.17 -38.60 -7.11
N ILE A 2854 8.65 -38.15 -8.25
CA ILE A 2854 9.11 -38.57 -9.56
C ILE A 2854 9.64 -37.35 -10.29
N ARG A 2855 10.82 -37.48 -10.89
CA ARG A 2855 11.40 -36.41 -11.67
C ARG A 2855 11.09 -36.61 -13.14
N GLY A 2856 10.59 -35.56 -13.79
CA GLY A 2856 10.30 -35.59 -15.21
C GLY A 2856 11.50 -35.18 -16.04
N HIS A 2857 11.42 -35.49 -17.33
CA HIS A 2857 12.52 -35.14 -18.22
C HIS A 2857 12.65 -33.64 -18.40
N ASN A 2858 11.64 -32.87 -17.96
CA ASN A 2858 11.73 -31.42 -18.02
C ASN A 2858 12.33 -30.84 -16.76
N GLY A 2859 12.66 -31.67 -15.77
CA GLY A 2859 13.37 -31.21 -14.60
C GLY A 2859 12.50 -30.97 -13.38
N LYS A 2860 11.18 -30.93 -13.56
CA LYS A 2860 10.28 -30.75 -12.42
C LYS A 2860 10.19 -32.02 -11.60
N ILE A 2861 9.56 -31.90 -10.43
CA ILE A 2861 9.37 -33.02 -9.51
C ILE A 2861 7.91 -33.10 -9.11
N TYR A 2862 7.30 -34.24 -9.38
CA TYR A 2862 5.87 -34.45 -9.16
C TYR A 2862 5.68 -35.45 -8.03
N PRO A 2863 5.10 -35.07 -6.90
CA PRO A 2863 4.85 -36.06 -5.85
C PRO A 2863 3.53 -36.79 -6.06
N TYR A 2864 3.48 -38.02 -5.54
CA TYR A 2864 2.30 -38.87 -5.63
C TYR A 2864 2.12 -39.61 -4.32
N LEU A 2865 0.87 -39.93 -4.00
CA LEU A 2865 0.56 -40.75 -2.83
C LEU A 2865 0.24 -42.18 -3.27
N VAL A 2866 0.59 -43.13 -2.42
CA VAL A 2866 0.31 -44.54 -2.66
C VAL A 2866 -0.62 -45.00 -1.55
N MET A 2867 -1.79 -45.51 -1.93
CA MET A 2867 -2.87 -45.79 -1.00
C MET A 2867 -3.33 -47.23 -1.16
N ASN A 2868 -4.00 -47.74 -0.13
CA ASN A 2868 -4.58 -49.08 -0.13
C ASN A 2868 -6.06 -48.94 0.22
N ASP A 2869 -6.92 -49.60 -0.54
CA ASP A 2869 -8.36 -49.43 -0.36
C ASP A 2869 -8.97 -50.55 0.46
N ALA A 2870 -8.82 -51.80 0.01
CA ALA A 2870 -9.46 -52.96 0.61
C ALA A 2870 -10.97 -52.94 0.46
N CYS A 2871 -11.52 -51.91 -0.18
CA CYS A 2871 -12.95 -51.84 -0.45
C CYS A 2871 -13.11 -51.43 -1.91
N LEU A 2872 -13.13 -52.42 -2.80
CA LEU A 2872 -13.06 -52.16 -4.23
C LEU A 2872 -14.23 -51.34 -4.74
N THR A 2873 -15.40 -51.48 -4.12
CA THR A 2873 -16.59 -50.83 -4.65
C THR A 2873 -16.47 -49.31 -4.62
N GLU A 2874 -15.95 -48.75 -3.53
CA GLU A 2874 -16.03 -47.31 -3.33
C GLU A 2874 -15.08 -46.55 -4.25
N SER A 2875 -13.92 -47.13 -4.53
CA SER A 2875 -12.92 -46.43 -5.33
C SER A 2875 -13.44 -46.13 -6.73
N ARG A 2876 -14.14 -47.09 -7.34
CA ARG A 2876 -14.64 -46.90 -8.69
C ARG A 2876 -15.68 -45.79 -8.73
N ARG A 2877 -16.56 -45.73 -7.74
CA ARG A 2877 -17.54 -44.65 -7.65
C ARG A 2877 -16.86 -43.29 -7.50
N GLU A 2878 -15.85 -43.22 -6.65
CA GLU A 2878 -15.12 -41.96 -6.47
C GLU A 2878 -14.47 -41.51 -7.77
N GLU A 2879 -13.85 -42.45 -8.48
CA GLU A 2879 -13.22 -42.11 -9.76
C GLU A 2879 -14.26 -41.70 -10.79
N ARG A 2880 -15.45 -42.31 -10.77
CA ARG A 2880 -16.51 -41.91 -11.69
C ARG A 2880 -16.92 -40.46 -11.45
N VAL A 2881 -17.05 -40.08 -10.18
CA VAL A 2881 -17.40 -38.70 -9.87
C VAL A 2881 -16.30 -37.75 -10.34
N LEU A 2882 -15.05 -38.13 -10.12
CA LEU A 2882 -13.94 -37.31 -10.61
C LEU A 2882 -13.98 -37.16 -12.13
N GLN A 2883 -14.27 -38.24 -12.85
CA GLN A 2883 -14.40 -38.17 -14.30
C GLN A 2883 -15.51 -37.22 -14.72
N LEU A 2884 -16.65 -37.28 -14.03
CA LEU A 2884 -17.75 -36.37 -14.36
C LEU A 2884 -17.33 -34.92 -14.21
N LEU A 2885 -16.66 -34.60 -13.09
CA LEU A 2885 -16.23 -33.22 -12.89
C LEU A 2885 -15.24 -32.79 -13.97
N ARG A 2886 -14.30 -33.67 -14.33
CA ARG A 2886 -13.33 -33.31 -15.36
C ARG A 2886 -13.99 -33.14 -16.71
N LEU A 2887 -15.07 -33.87 -16.98
CA LEU A 2887 -15.78 -33.72 -18.24
C LEU A 2887 -16.57 -32.41 -18.29
N LEU A 2888 -17.16 -32.02 -17.17
CA LEU A 2888 -17.88 -30.75 -17.10
C LEU A 2888 -16.96 -29.55 -17.14
N ASN A 2889 -15.72 -29.69 -16.64
CA ASN A 2889 -14.88 -28.51 -16.42
C ASN A 2889 -14.70 -27.66 -17.68
N PRO A 2890 -14.45 -28.22 -18.87
CA PRO A 2890 -14.13 -27.36 -20.02
C PRO A 2890 -15.28 -26.48 -20.49
N CYS A 2891 -16.50 -26.70 -20.02
CA CYS A 2891 -17.62 -25.87 -20.45
C CYS A 2891 -17.60 -24.49 -19.82
N LEU A 2892 -16.89 -24.34 -18.70
CA LEU A 2892 -16.89 -23.07 -17.98
C LEU A 2892 -16.01 -22.02 -18.63
N GLU A 2893 -15.20 -22.40 -19.62
CA GLU A 2893 -14.24 -21.46 -20.20
C GLU A 2893 -14.78 -20.77 -21.45
N LYS A 2894 -16.00 -21.06 -21.88
CA LYS A 2894 -16.55 -20.50 -23.10
C LYS A 2894 -17.65 -19.48 -22.85
N ARG A 2895 -17.90 -19.13 -21.59
CA ARG A 2895 -18.96 -18.18 -21.27
C ARG A 2895 -18.43 -17.07 -20.37
N LYS A 2896 -18.84 -15.85 -20.70
CA LYS A 2896 -18.64 -14.71 -19.84
C LYS A 2896 -19.34 -14.94 -18.50
N GLU A 2897 -18.88 -14.16 -17.52
CA GLU A 2897 -19.23 -14.29 -16.11
C GLU A 2897 -18.52 -15.49 -15.47
N THR A 2898 -18.23 -16.50 -16.28
CA THR A 2898 -17.49 -17.65 -15.77
C THR A 2898 -16.01 -17.45 -16.00
N THR A 2899 -15.64 -17.19 -17.25
CA THR A 2899 -14.29 -16.71 -17.51
C THR A 2899 -14.02 -15.41 -16.79
N LYS A 2900 -15.07 -14.67 -16.43
CA LYS A 2900 -14.89 -13.41 -15.72
C LYS A 2900 -14.56 -13.64 -14.26
N ARG A 2901 -15.19 -14.62 -13.62
CA ARG A 2901 -14.91 -14.90 -12.22
C ARG A 2901 -13.84 -15.96 -12.02
N HIS A 2902 -13.27 -16.53 -13.09
CA HIS A 2902 -12.22 -17.54 -12.95
C HIS A 2902 -12.71 -18.75 -12.18
N LEU A 2903 -13.69 -19.47 -12.72
CA LEU A 2903 -14.28 -20.62 -12.06
C LEU A 2903 -13.76 -21.89 -12.71
N PHE A 2904 -13.51 -22.91 -11.89
CA PHE A 2904 -13.05 -24.20 -12.36
C PHE A 2904 -13.00 -25.17 -11.21
N PHE A 2905 -13.04 -26.47 -11.51
CA PHE A 2905 -12.93 -27.49 -10.49
C PHE A 2905 -11.48 -27.92 -10.33
N THR A 2906 -11.03 -28.01 -9.09
CA THR A 2906 -9.69 -28.53 -8.78
C THR A 2906 -9.82 -30.04 -8.67
N VAL A 2907 -9.40 -30.74 -9.72
CA VAL A 2907 -9.54 -32.19 -9.80
C VAL A 2907 -8.14 -32.80 -9.86
N PRO A 2908 -7.63 -33.39 -8.78
CA PRO A 2908 -6.34 -34.08 -8.86
C PRO A 2908 -6.44 -35.40 -9.60
N ARG A 2909 -5.34 -35.78 -10.24
CA ARG A 2909 -5.27 -37.04 -10.95
C ARG A 2909 -5.27 -38.20 -9.96
N VAL A 2910 -5.93 -39.29 -10.35
CA VAL A 2910 -5.90 -40.53 -9.60
C VAL A 2910 -5.87 -41.68 -10.59
N VAL A 2911 -4.92 -42.58 -10.43
CA VAL A 2911 -4.74 -43.72 -11.32
C VAL A 2911 -4.75 -44.98 -10.48
N ALA A 2912 -5.59 -45.93 -10.84
CA ALA A 2912 -5.68 -47.20 -10.12
C ALA A 2912 -4.85 -48.23 -10.89
N VAL A 2913 -3.85 -48.80 -10.20
CA VAL A 2913 -2.99 -49.78 -10.83
C VAL A 2913 -3.42 -51.19 -10.48
N SER A 2914 -4.29 -51.33 -9.49
CA SER A 2914 -4.82 -52.62 -9.09
C SER A 2914 -6.09 -52.38 -8.30
N PRO A 2915 -6.83 -53.44 -7.96
CA PRO A 2915 -8.06 -53.23 -7.18
C PRO A 2915 -7.84 -52.53 -5.86
N GLN A 2916 -6.71 -52.76 -5.19
CA GLN A 2916 -6.42 -52.16 -3.89
C GLN A 2916 -5.14 -51.33 -3.93
N MET A 2917 -4.97 -50.52 -4.96
CA MET A 2917 -3.77 -49.71 -5.09
C MET A 2917 -3.99 -48.68 -6.16
N ARG A 2918 -3.58 -47.44 -5.88
CA ARG A 2918 -3.76 -46.35 -6.83
C ARG A 2918 -2.82 -45.22 -6.47
N LEU A 2919 -2.34 -44.53 -7.50
CA LEU A 2919 -1.45 -43.38 -7.32
C LEU A 2919 -2.28 -42.11 -7.37
N VAL A 2920 -1.96 -41.16 -6.51
CA VAL A 2920 -2.77 -39.94 -6.37
C VAL A 2920 -1.84 -38.73 -6.39
N GLU A 2921 -2.04 -37.86 -7.37
CA GLU A 2921 -1.42 -36.56 -7.38
C GLU A 2921 -1.79 -35.79 -6.12
N ASP A 2922 -0.82 -35.04 -5.58
CA ASP A 2922 -1.11 -34.17 -4.44
C ASP A 2922 -0.08 -33.07 -4.38
N ASN A 2923 -0.40 -32.04 -3.60
CA ASN A 2923 0.58 -31.06 -3.20
C ASN A 2923 0.89 -31.20 -1.72
N PRO A 2924 2.17 -31.18 -1.33
CA PRO A 2924 2.49 -31.49 0.07
C PRO A 2924 1.92 -30.50 1.06
N SER A 2925 1.60 -29.28 0.62
CA SER A 2925 1.15 -28.24 1.53
C SER A 2925 -0.37 -28.13 1.57
N SER A 2926 -1.04 -29.10 2.17
CA SER A 2926 -2.48 -29.02 2.30
C SER A 2926 -2.91 -29.67 3.59
N LEU A 2927 -4.03 -29.22 4.14
CA LEU A 2927 -4.55 -29.71 5.41
C LEU A 2927 -6.05 -29.91 5.27
N SER A 2928 -6.64 -30.52 6.29
CA SER A 2928 -8.07 -30.67 6.32
C SER A 2928 -8.72 -29.66 7.25
N LEU A 2929 -9.99 -29.36 6.98
CA LEU A 2929 -10.74 -28.49 7.86
C LEU A 2929 -10.82 -29.07 9.26
N VAL A 2930 -10.80 -30.39 9.39
CA VAL A 2930 -10.80 -31.01 10.71
C VAL A 2930 -9.39 -31.04 11.30
N GLU A 2931 -8.36 -31.10 10.46
CA GLU A 2931 -6.99 -30.98 10.97
C GLU A 2931 -6.75 -29.63 11.62
N ILE A 2932 -7.23 -28.56 11.00
CA ILE A 2932 -7.08 -27.24 11.60
C ILE A 2932 -7.78 -27.21 12.96
N TYR A 2933 -8.98 -27.76 13.03
CA TYR A 2933 -9.73 -27.80 14.28
C TYR A 2933 -8.98 -28.60 15.35
N LYS A 2934 -8.42 -29.75 14.96
CA LYS A 2934 -7.67 -30.56 15.92
C LYS A 2934 -6.45 -29.81 16.43
N GLN A 2935 -5.74 -29.10 15.56
CA GLN A 2935 -4.58 -28.33 16.01
C GLN A 2935 -5.00 -27.25 17.00
N ARG A 2936 -6.07 -26.53 16.69
CA ARG A 2936 -6.54 -25.50 17.60
C ARG A 2936 -6.90 -26.10 18.96
N CYS A 2937 -7.58 -27.25 18.95
CA CYS A 2937 -7.94 -27.89 20.21
C CYS A 2937 -6.71 -28.37 20.96
N ALA A 2938 -5.72 -28.91 20.26
CA ALA A 2938 -4.52 -29.40 20.93
C ALA A 2938 -3.76 -28.26 21.58
N LYS A 2939 -3.76 -27.08 20.97
CA LYS A 2939 -3.10 -25.94 21.61
C LYS A 2939 -3.69 -25.67 22.99
N LYS A 2940 -5.02 -25.68 23.10
CA LYS A 2940 -5.66 -25.42 24.38
C LYS A 2940 -5.70 -26.65 25.27
N GLY A 2941 -5.30 -27.81 24.73
CA GLY A 2941 -5.23 -29.01 25.54
C GLY A 2941 -6.58 -29.54 25.96
N ILE A 2942 -7.53 -29.52 25.04
CA ILE A 2942 -8.86 -30.09 25.28
C ILE A 2942 -9.13 -31.14 24.21
N GLU A 2943 -9.63 -32.29 24.66
CA GLU A 2943 -10.03 -33.34 23.73
C GLU A 2943 -10.92 -32.76 22.65
N HIS A 2944 -10.81 -33.28 21.43
CA HIS A 2944 -11.50 -32.67 20.29
C HIS A 2944 -12.83 -33.36 19.99
N ASP A 2945 -13.21 -34.35 20.78
CA ASP A 2945 -14.49 -35.04 20.63
C ASP A 2945 -15.45 -34.74 21.76
N ASN A 2946 -15.13 -33.77 22.61
CA ASN A 2946 -15.98 -33.39 23.72
C ASN A 2946 -17.40 -33.05 23.25
N PRO A 2947 -17.55 -32.32 22.14
CA PRO A 2947 -18.91 -31.93 21.72
C PRO A 2947 -19.85 -33.09 21.47
N ILE A 2948 -19.39 -34.16 20.84
CA ILE A 2948 -20.28 -35.30 20.58
C ILE A 2948 -20.69 -35.96 21.88
N SER A 2949 -19.75 -36.14 22.78
CA SER A 2949 -20.06 -36.71 24.08
C SER A 2949 -21.08 -35.86 24.81
N ARG A 2950 -20.93 -34.53 24.77
CA ARG A 2950 -21.89 -33.66 25.44
C ARG A 2950 -23.26 -33.72 24.77
N TYR A 2951 -23.30 -33.76 23.44
CA TYR A 2951 -24.56 -33.92 22.73
C TYR A 2951 -25.31 -35.15 23.24
N TYR A 2952 -24.62 -36.28 23.31
CA TYR A 2952 -25.30 -37.51 23.72
C TYR A 2952 -25.60 -37.53 25.21
N ASP A 2953 -24.77 -36.89 26.04
CA ASP A 2953 -25.10 -36.78 27.45
C ASP A 2953 -26.39 -36.00 27.65
N ARG A 2954 -26.55 -34.88 26.94
CA ARG A 2954 -27.77 -34.10 27.06
C ARG A 2954 -28.97 -34.88 26.55
N LEU A 2955 -28.81 -35.59 25.43
CA LEU A 2955 -29.90 -36.42 24.95
C LEU A 2955 -30.32 -37.45 25.99
N ALA A 2956 -29.34 -38.12 26.61
CA ALA A 2956 -29.67 -39.14 27.62
C ALA A 2956 -30.34 -38.53 28.84
N THR A 2957 -29.83 -37.39 29.30
CA THR A 2957 -30.49 -36.70 30.42
C THR A 2957 -31.95 -36.43 30.10
N VAL A 2958 -32.22 -35.84 28.94
CA VAL A 2958 -33.62 -35.54 28.61
C VAL A 2958 -34.44 -36.81 28.51
N GLN A 2959 -33.92 -37.83 27.81
CA GLN A 2959 -34.68 -39.05 27.61
C GLN A 2959 -34.96 -39.81 28.90
N ALA A 2960 -34.14 -39.61 29.94
CA ALA A 2960 -34.37 -40.35 31.18
C ALA A 2960 -35.77 -40.07 31.74
N ARG A 2961 -36.20 -38.81 31.71
CA ARG A 2961 -37.48 -38.46 32.32
C ARG A 2961 -38.65 -39.18 31.66
N GLY A 2962 -38.54 -39.51 30.38
CA GLY A 2962 -39.62 -40.15 29.67
C GLY A 2962 -40.09 -39.33 28.49
N THR A 2963 -39.83 -38.04 28.54
CA THR A 2963 -40.16 -37.16 27.42
C THR A 2963 -39.26 -37.47 26.23
N GLN A 2964 -39.48 -36.74 25.15
CA GLN A 2964 -38.62 -36.81 23.97
C GLN A 2964 -38.00 -35.43 23.72
N ALA A 2965 -36.79 -35.45 23.17
CA ALA A 2965 -36.06 -34.20 22.91
C ALA A 2965 -36.80 -33.40 21.86
N SER A 2966 -36.76 -32.08 21.97
CA SER A 2966 -37.51 -31.23 21.07
C SER A 2966 -36.58 -30.32 20.27
N HIS A 2967 -37.17 -29.58 19.34
CA HIS A 2967 -36.42 -28.61 18.56
C HIS A 2967 -35.74 -27.60 19.47
N GLN A 2968 -36.42 -27.20 20.55
CA GLN A 2968 -35.82 -26.23 21.46
C GLN A 2968 -34.63 -26.83 22.20
N VAL A 2969 -34.71 -28.10 22.61
CA VAL A 2969 -33.57 -28.75 23.25
C VAL A 2969 -32.39 -28.83 22.29
N LEU A 2970 -32.67 -29.18 21.03
CA LEU A 2970 -31.60 -29.22 20.04
C LEU A 2970 -30.94 -27.85 19.87
N ARG A 2971 -31.76 -26.79 19.77
CA ARG A 2971 -31.20 -25.46 19.65
C ARG A 2971 -30.36 -25.10 20.87
N ASP A 2972 -30.83 -25.48 22.06
CA ASP A 2972 -30.10 -25.14 23.27
C ASP A 2972 -28.76 -25.86 23.32
N ILE A 2973 -28.73 -27.12 22.90
CA ILE A 2973 -27.47 -27.87 22.86
C ILE A 2973 -26.50 -27.21 21.90
N LEU A 2974 -26.98 -26.86 20.70
CA LEU A 2974 -26.11 -26.21 19.73
C LEU A 2974 -25.60 -24.88 20.25
N LYS A 2975 -26.44 -24.11 20.94
CA LYS A 2975 -26.00 -22.84 21.51
C LYS A 2975 -24.98 -23.04 22.63
N GLU A 2976 -25.17 -24.06 23.47
CA GLU A 2976 -24.25 -24.32 24.55
C GLU A 2976 -22.86 -24.67 24.02
N VAL A 2977 -22.79 -25.48 22.97
CA VAL A 2977 -21.49 -25.87 22.44
C VAL A 2977 -20.71 -24.64 21.99
N GLN A 2978 -21.37 -23.73 21.25
CA GLN A 2978 -20.65 -22.62 20.64
C GLN A 2978 -20.16 -21.62 21.67
N SER A 2979 -20.59 -21.71 22.91
CA SER A 2979 -20.23 -20.72 23.92
C SER A 2979 -19.06 -21.17 24.77
N ASN A 2980 -18.73 -22.46 24.72
CA ASN A 2980 -17.69 -23.02 25.58
C ASN A 2980 -16.65 -23.83 24.86
N MET A 2981 -16.98 -24.51 23.76
CA MET A 2981 -16.04 -25.48 23.20
C MET A 2981 -15.58 -25.11 21.80
N VAL A 2982 -16.37 -24.33 21.07
CA VAL A 2982 -16.09 -24.07 19.66
C VAL A 2982 -16.52 -22.66 19.30
N PRO A 2983 -15.71 -21.64 19.56
CA PRO A 2983 -16.05 -20.29 19.12
C PRO A 2983 -16.07 -20.17 17.60
N ARG A 2984 -16.81 -19.17 17.13
CA ARG A 2984 -16.97 -18.97 15.69
C ARG A 2984 -15.69 -18.46 15.05
N SER A 2985 -14.70 -18.05 15.85
CA SER A 2985 -13.53 -17.34 15.35
C SER A 2985 -12.33 -18.27 15.12
N MET A 2986 -12.51 -19.57 15.28
CA MET A 2986 -11.38 -20.48 15.25
C MET A 2986 -10.71 -20.50 13.88
N LEU A 2987 -11.49 -20.56 12.80
CA LEU A 2987 -10.91 -20.60 11.46
C LEU A 2987 -10.38 -19.24 11.04
N LYS A 2988 -11.02 -18.15 11.49
CA LYS A 2988 -10.52 -16.83 11.17
C LYS A 2988 -9.17 -16.57 11.85
N GLU A 2989 -9.02 -17.01 13.09
CA GLU A 2989 -7.77 -16.80 13.80
C GLU A 2989 -6.63 -17.60 13.18
N TRP A 2990 -6.91 -18.84 12.75
CA TRP A 2990 -5.90 -19.62 12.06
C TRP A 2990 -5.40 -18.88 10.83
N ALA A 2991 -6.32 -18.36 10.02
CA ALA A 2991 -5.93 -17.62 8.83
C ALA A 2991 -5.16 -16.36 9.16
N LEU A 2992 -5.57 -15.64 10.20
CA LEU A 2992 -4.85 -14.42 10.56
C LEU A 2992 -3.41 -14.72 10.95
N HIS A 2993 -3.20 -15.78 11.73
CA HIS A 2993 -1.83 -16.11 12.11
C HIS A 2993 -1.07 -16.78 10.98
N THR A 2994 -1.78 -17.32 9.98
CA THR A 2994 -1.11 -18.07 8.93
C THR A 2994 -0.69 -17.15 7.78
N PHE A 2995 -1.43 -16.07 7.54
CA PHE A 2995 -1.20 -15.16 6.42
C PHE A 2995 -1.03 -13.76 6.97
N PRO A 2996 0.11 -13.45 7.59
CA PRO A 2996 0.30 -12.10 8.13
C PRO A 2996 0.34 -11.02 7.06
N ASN A 2997 0.54 -11.39 5.80
CA ASN A 2997 0.55 -10.41 4.73
C ASN A 2997 -0.86 -10.15 4.22
N ALA A 2998 -1.19 -8.87 4.04
CA ALA A 2998 -2.56 -8.49 3.71
C ALA A 2998 -2.96 -8.98 2.33
N THR A 2999 -2.08 -8.82 1.34
CA THR A 2999 -2.40 -9.26 -0.01
C THR A 2999 -2.63 -10.77 -0.04
N ASP A 3000 -1.76 -11.53 0.63
CA ASP A 3000 -1.93 -12.97 0.68
C ASP A 3000 -3.21 -13.37 1.37
N TYR A 3001 -3.52 -12.72 2.50
CA TYR A 3001 -4.77 -13.02 3.20
C TYR A 3001 -5.97 -12.81 2.29
N TRP A 3002 -6.01 -11.66 1.62
CA TRP A 3002 -7.14 -11.36 0.74
C TRP A 3002 -7.26 -12.37 -0.39
N THR A 3003 -6.14 -12.69 -1.05
CA THR A 3003 -6.19 -13.62 -2.17
C THR A 3003 -6.65 -15.00 -1.71
N PHE A 3004 -6.12 -15.47 -0.58
CA PHE A 3004 -6.52 -16.77 -0.08
C PHE A 3004 -8.00 -16.80 0.22
N ARG A 3005 -8.51 -15.76 0.88
CA ARG A 3005 -9.92 -15.76 1.23
C ARG A 3005 -10.81 -15.74 0.00
N LYS A 3006 -10.46 -14.94 -1.00
CA LYS A 3006 -11.29 -14.89 -2.20
C LYS A 3006 -11.30 -16.23 -2.94
N MET A 3007 -10.13 -16.85 -3.07
CA MET A 3007 -10.07 -18.15 -3.73
C MET A 3007 -10.87 -19.18 -2.95
N PHE A 3008 -10.76 -19.17 -1.62
CA PHE A 3008 -11.56 -20.06 -0.80
C PHE A 3008 -13.04 -19.87 -1.07
N THR A 3009 -13.49 -18.61 -1.12
CA THR A 3009 -14.91 -18.34 -1.30
C THR A 3009 -15.41 -18.89 -2.62
N ILE A 3010 -14.70 -18.62 -3.71
CA ILE A 3010 -15.20 -19.04 -5.03
C ILE A 3010 -15.13 -20.56 -5.17
N GLN A 3011 -14.06 -21.18 -4.66
CA GLN A 3011 -13.97 -22.63 -4.74
C GLN A 3011 -15.08 -23.29 -3.93
N LEU A 3012 -15.39 -22.74 -2.75
CA LEU A 3012 -16.47 -23.29 -1.94
C LEU A 3012 -17.82 -23.11 -2.63
N ALA A 3013 -18.02 -21.99 -3.31
CA ALA A 3013 -19.24 -21.81 -4.09
C ALA A 3013 -19.39 -22.94 -5.11
N LEU A 3014 -18.34 -23.22 -5.86
CA LEU A 3014 -18.42 -24.28 -6.86
C LEU A 3014 -18.68 -25.63 -6.22
N ILE A 3015 -18.00 -25.91 -5.10
CA ILE A 3015 -18.16 -27.20 -4.44
C ILE A 3015 -19.59 -27.38 -3.95
N GLY A 3016 -20.16 -26.33 -3.34
CA GLY A 3016 -21.52 -26.42 -2.85
C GLY A 3016 -22.53 -26.61 -3.97
N PHE A 3017 -22.35 -25.87 -5.06
CA PHE A 3017 -23.22 -26.06 -6.22
C PHE A 3017 -23.18 -27.51 -6.67
N ALA A 3018 -21.98 -28.06 -6.82
CA ALA A 3018 -21.85 -29.45 -7.24
C ALA A 3018 -22.59 -30.37 -6.29
N GLU A 3019 -22.30 -30.27 -4.99
CA GLU A 3019 -22.94 -31.15 -4.02
C GLU A 3019 -24.46 -31.09 -4.12
N PHE A 3020 -25.03 -29.89 -4.19
CA PHE A 3020 -26.49 -29.79 -4.16
C PHE A 3020 -27.11 -30.29 -5.47
N VAL A 3021 -26.55 -29.89 -6.61
CA VAL A 3021 -27.20 -30.20 -7.89
C VAL A 3021 -27.01 -31.67 -8.24
N LEU A 3022 -25.78 -32.17 -8.19
CA LEU A 3022 -25.55 -33.60 -8.32
C LEU A 3022 -25.77 -34.24 -6.97
N HIS A 3023 -26.72 -35.17 -6.88
CA HIS A 3023 -27.12 -35.69 -5.58
C HIS A 3023 -25.99 -36.52 -4.99
N LEU A 3024 -25.12 -35.88 -4.21
CA LEU A 3024 -23.93 -36.49 -3.65
C LEU A 3024 -24.02 -36.56 -2.14
N ASN A 3025 -23.33 -37.54 -1.57
CA ASN A 3025 -23.30 -37.68 -0.12
C ASN A 3025 -22.75 -36.40 0.52
N ARG A 3026 -22.96 -36.28 1.82
CA ARG A 3026 -22.67 -35.03 2.51
C ARG A 3026 -21.17 -34.77 2.58
N LEU A 3027 -20.82 -33.50 2.70
CA LEU A 3027 -19.42 -33.07 2.78
C LEU A 3027 -19.00 -33.04 4.24
N ASN A 3028 -18.24 -34.04 4.66
CA ASN A 3028 -17.74 -34.07 6.01
C ASN A 3028 -16.49 -33.20 6.13
N PRO A 3029 -16.20 -32.68 7.33
CA PRO A 3029 -15.02 -31.80 7.47
C PRO A 3029 -13.71 -32.50 7.11
N GLU A 3030 -13.60 -33.80 7.36
CA GLU A 3030 -12.37 -34.51 7.02
C GLU A 3030 -12.23 -34.74 5.53
N MET A 3031 -13.27 -34.51 4.75
CA MET A 3031 -13.21 -34.70 3.31
C MET A 3031 -12.75 -33.45 2.57
N LEU A 3032 -12.58 -32.33 3.26
CA LEU A 3032 -12.23 -31.07 2.61
C LEU A 3032 -10.74 -30.83 2.73
N GLN A 3033 -10.09 -30.57 1.59
CA GLN A 3033 -8.66 -30.33 1.54
C GLN A 3033 -8.41 -28.88 1.15
N ILE A 3034 -7.45 -28.24 1.81
CA ILE A 3034 -7.17 -26.82 1.62
C ILE A 3034 -5.68 -26.68 1.33
N ALA A 3035 -5.36 -26.13 0.16
CA ALA A 3035 -3.96 -25.92 -0.20
C ALA A 3035 -3.47 -24.60 0.37
N GLN A 3036 -2.54 -24.67 1.31
CA GLN A 3036 -2.11 -23.45 1.98
C GLN A 3036 -1.41 -22.49 1.02
N ASP A 3037 -0.92 -22.97 -0.10
CA ASP A 3037 -0.12 -22.12 -0.98
C ASP A 3037 -0.97 -21.39 -2.01
N THR A 3038 -2.19 -21.86 -2.24
CA THR A 3038 -3.03 -21.30 -3.30
C THR A 3038 -4.44 -20.92 -2.86
N GLY A 3039 -5.02 -21.60 -1.89
CA GLY A 3039 -6.44 -21.42 -1.59
C GLY A 3039 -7.33 -22.38 -2.33
N LYS A 3040 -6.78 -23.19 -3.23
CA LYS A 3040 -7.57 -24.16 -3.97
C LYS A 3040 -8.05 -25.27 -3.03
N LEU A 3041 -9.21 -25.83 -3.36
CA LEU A 3041 -9.86 -26.82 -2.52
C LEU A 3041 -10.28 -28.02 -3.36
N ASN A 3042 -10.37 -29.18 -2.72
CA ASN A 3042 -10.88 -30.37 -3.36
C ASN A 3042 -11.41 -31.30 -2.28
N VAL A 3043 -12.29 -32.21 -2.68
CA VAL A 3043 -12.93 -33.10 -1.74
C VAL A 3043 -12.40 -34.51 -1.95
N ALA A 3044 -12.39 -35.30 -0.89
CA ALA A 3044 -11.94 -36.68 -0.93
C ALA A 3044 -12.83 -37.52 0.00
N TYR A 3045 -13.89 -38.13 -0.53
CA TYR A 3045 -14.30 -38.09 -1.92
C TYR A 3045 -15.82 -38.07 -2.01
N PHE A 3046 -16.36 -37.40 -3.02
CA PHE A 3046 -17.79 -37.45 -3.30
C PHE A 3046 -18.19 -38.78 -3.92
N ARG A 3047 -19.46 -39.13 -3.74
CA ARG A 3047 -20.06 -40.29 -4.37
C ARG A 3047 -21.51 -39.96 -4.66
N PHE A 3048 -22.11 -40.67 -5.60
CA PHE A 3048 -23.52 -40.47 -5.87
C PHE A 3048 -24.34 -41.09 -4.76
N ASP A 3049 -25.27 -40.31 -4.21
CA ASP A 3049 -26.05 -40.72 -3.04
C ASP A 3049 -27.24 -41.54 -3.53
N ILE A 3050 -26.98 -42.80 -3.80
CA ILE A 3050 -27.97 -43.70 -4.36
C ILE A 3050 -28.68 -44.42 -3.24
N ASN A 3051 -29.92 -44.84 -3.49
CA ASN A 3051 -30.73 -45.51 -2.48
C ASN A 3051 -30.71 -47.01 -2.69
N ASP A 3052 -30.19 -47.74 -1.70
CA ASP A 3052 -30.08 -49.19 -1.83
C ASP A 3052 -31.44 -49.84 -2.04
N ALA A 3053 -32.48 -49.32 -1.41
CA ALA A 3053 -33.81 -49.89 -1.58
C ALA A 3053 -34.23 -49.86 -3.05
N THR A 3054 -34.37 -48.66 -3.62
CA THR A 3054 -35.03 -48.49 -4.90
C THR A 3054 -34.07 -48.39 -6.08
N GLY A 3055 -33.00 -47.61 -5.96
CA GLY A 3055 -32.13 -47.37 -7.08
C GLY A 3055 -32.32 -46.00 -7.70
N ASP A 3056 -32.46 -44.98 -6.86
CA ASP A 3056 -32.67 -43.62 -7.35
C ASP A 3056 -31.99 -42.66 -6.38
N LEU A 3057 -31.69 -41.47 -6.89
CA LEU A 3057 -30.95 -40.48 -6.12
C LEU A 3057 -31.78 -39.98 -4.95
N ASP A 3058 -31.09 -39.70 -3.84
CA ASP A 3058 -31.74 -39.13 -2.67
C ASP A 3058 -30.78 -38.26 -1.86
N ALA A 3059 -30.85 -36.95 -2.05
CA ALA A 3059 -30.03 -35.99 -1.30
C ALA A 3059 -30.91 -35.01 -0.54
N ASN A 3060 -31.94 -35.53 0.13
CA ASN A 3060 -32.90 -34.69 0.83
C ASN A 3060 -32.51 -34.60 2.31
N ARG A 3061 -31.45 -33.85 2.55
CA ARG A 3061 -30.96 -33.61 3.89
C ARG A 3061 -31.48 -32.28 4.43
N PRO A 3062 -31.40 -32.06 5.74
CA PRO A 3062 -31.88 -30.79 6.29
C PRO A 3062 -31.18 -29.57 5.71
N VAL A 3063 -29.92 -29.70 5.33
CA VAL A 3063 -29.11 -28.58 4.83
C VAL A 3063 -28.67 -28.94 3.42
N PRO A 3064 -28.64 -27.98 2.48
CA PRO A 3064 -28.26 -28.32 1.10
C PRO A 3064 -26.76 -28.48 0.91
N PHE A 3065 -25.95 -27.82 1.73
CA PHE A 3065 -24.51 -27.91 1.65
C PHE A 3065 -23.89 -27.23 2.86
N ARG A 3066 -22.57 -27.33 2.96
CA ARG A 3066 -21.86 -26.93 4.17
C ARG A 3066 -21.53 -25.44 4.19
N LEU A 3067 -22.19 -24.70 5.06
CA LEU A 3067 -21.94 -23.27 5.27
C LEU A 3067 -21.92 -22.99 6.78
N THR A 3068 -21.17 -23.79 7.53
CA THR A 3068 -21.23 -23.78 8.98
C THR A 3068 -20.81 -22.43 9.55
N PRO A 3069 -21.04 -22.22 10.86
CA PRO A 3069 -20.77 -20.89 11.44
C PRO A 3069 -19.33 -20.43 11.31
N ASN A 3070 -18.36 -21.32 11.45
CA ASN A 3070 -16.97 -20.90 11.27
C ASN A 3070 -16.72 -20.44 9.84
N ILE A 3071 -17.23 -21.19 8.87
CA ILE A 3071 -17.02 -20.81 7.48
C ILE A 3071 -17.65 -19.45 7.20
N SER A 3072 -18.88 -19.24 7.68
CA SER A 3072 -19.53 -17.95 7.47
C SER A 3072 -18.82 -16.81 8.19
N GLU A 3073 -18.32 -17.04 9.40
CA GLU A 3073 -17.58 -16.01 10.11
C GLU A 3073 -16.31 -15.63 9.38
N PHE A 3074 -15.64 -16.62 8.78
CA PHE A 3074 -14.44 -16.34 8.01
C PHE A 3074 -14.78 -15.67 6.69
N LEU A 3075 -15.94 -16.00 6.11
CA LEU A 3075 -16.26 -15.51 4.79
C LEU A 3075 -17.00 -14.19 4.81
N THR A 3076 -17.32 -13.66 5.99
CA THR A 3076 -17.73 -12.25 5.99
C THR A 3076 -19.05 -12.00 5.28
N THR A 3077 -20.14 -11.96 6.05
CA THR A 3077 -21.48 -11.79 5.48
C THR A 3077 -21.48 -11.05 4.14
N ILE A 3078 -20.69 -9.98 4.01
CA ILE A 3078 -20.61 -9.33 2.69
C ILE A 3078 -20.15 -10.31 1.63
N GLY A 3079 -19.05 -11.01 1.87
CA GLY A 3079 -18.57 -11.98 0.89
C GLY A 3079 -19.55 -13.12 0.71
N VAL A 3080 -20.22 -13.50 1.79
CA VAL A 3080 -21.22 -14.56 1.70
C VAL A 3080 -22.34 -14.16 0.76
N SER A 3081 -22.78 -12.91 0.82
CA SER A 3081 -23.89 -12.45 0.00
C SER A 3081 -23.45 -12.01 -1.39
N GLY A 3082 -22.16 -11.83 -1.60
CA GLY A 3082 -21.67 -11.39 -2.88
C GLY A 3082 -21.15 -12.52 -3.75
N PRO A 3083 -19.82 -12.69 -3.78
CA PRO A 3083 -19.25 -13.69 -4.70
C PRO A 3083 -19.81 -15.09 -4.51
N LEU A 3084 -20.09 -15.50 -3.28
CA LEU A 3084 -20.58 -16.84 -3.04
C LEU A 3084 -21.89 -17.08 -3.77
N THR A 3085 -22.78 -16.10 -3.77
CA THR A 3085 -24.05 -16.22 -4.47
C THR A 3085 -23.90 -16.03 -5.97
N ALA A 3086 -23.09 -15.06 -6.38
CA ALA A 3086 -22.96 -14.75 -7.80
C ALA A 3086 -22.33 -15.91 -8.55
N SER A 3087 -21.34 -16.57 -7.94
CA SER A 3087 -20.69 -17.69 -8.62
C SER A 3087 -21.66 -18.84 -8.84
N MET A 3088 -22.48 -19.14 -7.84
CA MET A 3088 -23.49 -20.19 -8.01
C MET A 3088 -24.47 -19.82 -9.11
N ILE A 3089 -24.94 -18.58 -9.13
CA ILE A 3089 -25.86 -18.17 -10.19
C ILE A 3089 -25.22 -18.34 -11.56
N ALA A 3090 -23.97 -17.89 -11.70
CA ALA A 3090 -23.31 -17.94 -12.99
C ALA A 3090 -23.09 -19.38 -13.44
N VAL A 3091 -22.66 -20.26 -12.54
CA VAL A 3091 -22.41 -21.64 -12.93
C VAL A 3091 -23.72 -22.32 -13.33
N ALA A 3092 -24.80 -22.07 -12.59
CA ALA A 3092 -26.09 -22.64 -12.98
C ALA A 3092 -26.48 -22.18 -14.37
N ARG A 3093 -26.39 -20.87 -14.63
CA ARG A 3093 -26.75 -20.36 -15.95
C ARG A 3093 -25.87 -20.96 -17.03
N CYS A 3094 -24.59 -21.18 -16.74
CA CYS A 3094 -23.68 -21.71 -17.75
C CYS A 3094 -24.04 -23.14 -18.10
N PHE A 3095 -24.29 -23.98 -17.10
CA PHE A 3095 -24.62 -25.38 -17.41
C PHE A 3095 -26.03 -25.51 -17.97
N ALA A 3096 -26.88 -24.50 -17.76
CA ALA A 3096 -28.23 -24.59 -18.32
C ALA A 3096 -28.27 -24.45 -19.83
N GLN A 3097 -27.18 -24.06 -20.47
CA GLN A 3097 -27.20 -23.79 -21.90
C GLN A 3097 -27.52 -25.07 -22.68
N PRO A 3098 -28.32 -24.98 -23.73
CA PRO A 3098 -28.69 -26.20 -24.48
C PRO A 3098 -27.63 -26.64 -25.47
N ASN A 3099 -26.56 -25.88 -25.67
CA ASN A 3099 -25.56 -26.26 -26.67
C ASN A 3099 -24.43 -27.05 -26.04
N PHE A 3100 -24.26 -26.95 -24.72
CA PHE A 3100 -23.24 -27.75 -24.06
C PHE A 3100 -23.69 -29.20 -23.93
N LYS A 3101 -25.00 -29.42 -23.84
CA LYS A 3101 -25.57 -30.75 -23.79
C LYS A 3101 -25.01 -31.55 -22.62
N VAL A 3102 -25.27 -31.04 -21.41
CA VAL A 3102 -24.77 -31.72 -20.22
C VAL A 3102 -25.65 -32.92 -19.88
N ASP A 3103 -26.92 -32.91 -20.32
CA ASP A 3103 -27.80 -34.04 -20.03
C ASP A 3103 -27.30 -35.30 -20.74
N GLY A 3104 -26.84 -35.17 -21.98
CA GLY A 3104 -26.31 -36.32 -22.68
C GLY A 3104 -25.10 -36.92 -21.99
N ILE A 3105 -24.22 -36.06 -21.47
CA ILE A 3105 -23.04 -36.54 -20.76
C ILE A 3105 -23.45 -37.20 -19.46
N LEU A 3106 -24.41 -36.60 -18.75
CA LEU A 3106 -24.88 -37.17 -17.49
C LEU A 3106 -25.48 -38.56 -17.70
N LYS A 3107 -26.18 -38.76 -18.81
CA LYS A 3107 -26.76 -40.07 -19.07
C LYS A 3107 -25.69 -41.16 -19.14
N THR A 3108 -24.63 -40.92 -19.92
CA THR A 3108 -23.55 -41.89 -20.02
C THR A 3108 -22.85 -42.08 -18.68
N VAL A 3109 -22.67 -41.01 -17.92
CA VAL A 3109 -22.00 -41.13 -16.63
C VAL A 3109 -22.83 -41.99 -15.69
N LEU A 3110 -24.14 -41.75 -15.61
CA LEU A 3110 -24.98 -42.43 -14.64
C LEU A 3110 -25.32 -43.86 -15.04
N ARG A 3111 -25.18 -44.20 -16.33
CA ARG A 3111 -25.45 -45.57 -16.73
C ARG A 3111 -24.60 -46.56 -15.93
N ASP A 3112 -23.31 -46.26 -15.79
CA ASP A 3112 -22.42 -47.16 -15.05
C ASP A 3112 -22.78 -47.23 -13.58
N GLU A 3113 -23.19 -46.10 -12.99
CA GLU A 3113 -23.62 -46.13 -11.59
C GLU A 3113 -24.82 -47.03 -11.40
N ILE A 3114 -25.78 -46.96 -12.31
CA ILE A 3114 -26.96 -47.82 -12.22
C ILE A 3114 -26.56 -49.28 -12.37
N ILE A 3115 -25.67 -49.58 -13.31
CA ILE A 3115 -25.20 -50.94 -13.47
C ILE A 3115 -24.54 -51.45 -12.20
N ALA A 3116 -23.72 -50.61 -11.58
CA ALA A 3116 -23.05 -51.00 -10.35
C ALA A 3116 -24.04 -51.25 -9.23
N TRP A 3117 -25.06 -50.40 -9.11
CA TRP A 3117 -26.08 -50.63 -8.10
C TRP A 3117 -26.76 -51.98 -8.31
N HIS A 3118 -27.12 -52.29 -9.54
CA HIS A 3118 -27.79 -53.57 -9.79
C HIS A 3118 -26.89 -54.74 -9.47
N LYS A 3119 -25.61 -54.65 -9.87
CA LYS A 3119 -24.66 -55.72 -9.56
C LYS A 3119 -24.46 -55.89 -8.07
N LYS A 3120 -24.46 -54.79 -7.32
CA LYS A 3120 -24.35 -54.87 -5.87
C LYS A 3120 -25.55 -55.58 -5.27
N THR A 3121 -26.75 -55.26 -5.74
CA THR A 3121 -27.94 -55.82 -5.10
C THR A 3121 -28.12 -57.30 -5.45
N GLN A 3122 -27.92 -57.67 -6.71
CA GLN A 3122 -28.18 -59.06 -7.10
C GLN A 3122 -27.03 -60.00 -6.75
N GLU A 3123 -25.87 -59.46 -6.37
CA GLU A 3123 -24.79 -60.33 -5.92
C GLU A 3123 -25.13 -61.01 -4.61
N ASP A 3124 -25.86 -60.32 -3.73
CA ASP A 3124 -26.30 -60.95 -2.48
C ASP A 3124 -27.13 -62.19 -2.77
N THR A 3125 -28.08 -62.09 -3.70
CA THR A 3125 -28.92 -63.24 -4.01
C THR A 3125 -28.14 -64.32 -4.74
N SER A 3126 -27.65 -63.99 -5.95
CA SER A 3126 -26.99 -64.95 -6.83
C SER A 3126 -27.09 -64.43 -8.26
N GLY A 3133 -23.57 -64.48 -19.47
CA GLY A 3133 -24.38 -65.10 -18.44
C GLY A 3133 -25.75 -64.47 -18.34
N GLN A 3134 -26.74 -65.29 -17.97
CA GLN A 3134 -28.13 -64.85 -17.87
C GLN A 3134 -28.22 -63.51 -17.17
N PRO A 3135 -27.78 -63.40 -15.91
CA PRO A 3135 -27.83 -62.11 -15.22
C PRO A 3135 -26.83 -61.08 -15.73
N GLU A 3136 -25.87 -61.49 -16.57
CA GLU A 3136 -24.75 -60.61 -16.90
C GLU A 3136 -25.23 -59.31 -17.56
N ASN A 3137 -26.51 -59.24 -17.90
CA ASN A 3137 -27.10 -57.97 -18.28
C ASN A 3137 -28.30 -57.66 -17.40
N MET A 3138 -28.45 -56.40 -17.03
CA MET A 3138 -29.46 -56.01 -16.04
C MET A 3138 -30.85 -56.13 -16.63
N ASP A 3139 -31.16 -55.28 -17.60
CA ASP A 3139 -32.36 -55.40 -18.41
C ASP A 3139 -32.34 -54.25 -19.42
N SER A 3140 -32.99 -54.46 -20.55
CA SER A 3140 -32.97 -53.45 -21.60
C SER A 3140 -33.70 -52.18 -21.19
N GLN A 3141 -34.84 -52.31 -20.50
CA GLN A 3141 -35.72 -51.19 -20.23
C GLN A 3141 -35.53 -50.61 -18.83
N GLN A 3142 -35.25 -51.46 -17.84
CA GLN A 3142 -35.06 -50.97 -16.48
C GLN A 3142 -33.88 -50.01 -16.39
N LEU A 3143 -32.78 -50.32 -17.07
CA LEU A 3143 -31.64 -49.41 -17.11
C LEU A 3143 -32.05 -48.04 -17.61
N VAL A 3144 -32.74 -48.00 -18.76
CA VAL A 3144 -33.14 -46.73 -19.36
C VAL A 3144 -34.05 -45.97 -18.41
N SER A 3145 -35.02 -46.66 -17.81
CA SER A 3145 -35.97 -45.98 -16.93
C SER A 3145 -35.24 -45.34 -15.74
N LEU A 3146 -34.35 -46.09 -15.10
CA LEU A 3146 -33.65 -45.56 -13.93
C LEU A 3146 -32.76 -44.39 -14.32
N VAL A 3147 -32.05 -44.51 -15.44
CA VAL A 3147 -31.17 -43.42 -15.85
C VAL A 3147 -31.97 -42.17 -16.15
N GLN A 3148 -33.10 -42.32 -16.84
CA GLN A 3148 -33.93 -41.16 -17.15
C GLN A 3148 -34.48 -40.52 -15.88
N LYS A 3149 -34.91 -41.32 -14.92
CA LYS A 3149 -35.39 -40.75 -13.65
C LYS A 3149 -34.31 -39.91 -13.00
N ALA A 3150 -33.09 -40.45 -12.90
CA ALA A 3150 -32.02 -39.72 -12.24
C ALA A 3150 -31.69 -38.43 -12.98
N VAL A 3151 -31.61 -38.50 -14.31
CA VAL A 3151 -31.25 -37.32 -15.09
C VAL A 3151 -32.33 -36.27 -14.97
N THR A 3152 -33.60 -36.68 -14.95
CA THR A 3152 -34.69 -35.72 -14.81
C THR A 3152 -34.63 -35.01 -13.46
N ALA A 3153 -34.38 -35.76 -12.39
CA ALA A 3153 -34.25 -35.12 -11.08
C ALA A 3153 -33.12 -34.11 -11.09
N ILE A 3154 -31.96 -34.50 -11.63
CA ILE A 3154 -30.81 -33.60 -11.65
C ILE A 3154 -31.13 -32.35 -12.46
N MET A 3155 -31.77 -32.51 -13.62
CA MET A 3155 -32.01 -31.36 -14.49
C MET A 3155 -33.06 -30.43 -13.90
N THR A 3156 -34.06 -30.96 -13.20
CA THR A 3156 -35.01 -30.08 -12.54
C THR A 3156 -34.33 -29.26 -11.46
N ARG A 3157 -33.47 -29.91 -10.65
CA ARG A 3157 -32.75 -29.16 -9.63
C ARG A 3157 -31.87 -28.09 -10.28
N LEU A 3158 -31.25 -28.41 -11.40
CA LEU A 3158 -30.39 -27.44 -12.08
C LEU A 3158 -31.21 -26.24 -12.60
N HIS A 3159 -32.33 -26.52 -13.26
CA HIS A 3159 -33.13 -25.45 -13.86
C HIS A 3159 -33.71 -24.53 -12.81
N ASN A 3160 -34.12 -25.07 -11.66
CA ASN A 3160 -34.65 -24.21 -10.61
C ASN A 3160 -33.65 -23.12 -10.24
N LEU A 3161 -32.38 -23.48 -10.06
CA LEU A 3161 -31.36 -22.49 -9.75
C LEU A 3161 -30.99 -21.64 -10.97
N ALA A 3162 -31.11 -22.19 -12.17
CA ALA A 3162 -30.75 -21.43 -13.36
C ALA A 3162 -31.72 -20.30 -13.65
N GLN A 3163 -33.00 -20.46 -13.30
CA GLN A 3163 -33.98 -19.43 -13.60
C GLN A 3163 -33.64 -18.13 -12.88
N PHE A 3164 -33.68 -17.02 -13.62
CA PHE A 3164 -33.30 -15.70 -13.11
C PHE A 3164 -34.24 -14.61 -13.60
N GLU A 3165 -35.55 -14.87 -13.56
CA GLU A 3165 -36.52 -13.91 -14.07
C GLU A 3165 -36.86 -12.88 -13.00
N GLY A 3166 -36.88 -11.60 -13.40
CA GLY A 3166 -37.28 -10.55 -12.48
C GLY A 3166 -36.23 -10.15 -11.47
N GLY A 3167 -35.03 -10.70 -11.59
CA GLY A 3167 -33.94 -10.34 -10.70
C GLY A 3167 -33.85 -11.24 -9.48
N GLU A 3168 -34.95 -11.93 -9.16
CA GLU A 3168 -34.92 -12.85 -8.04
C GLU A 3168 -34.23 -14.14 -8.42
N SER A 3169 -33.79 -14.88 -7.39
CA SER A 3169 -33.14 -16.16 -7.60
C SER A 3169 -33.40 -17.04 -6.39
N LYS A 3170 -33.60 -18.33 -6.65
CA LYS A 3170 -33.72 -19.30 -5.58
C LYS A 3170 -32.39 -19.60 -4.92
N VAL A 3171 -31.29 -19.10 -5.47
CA VAL A 3171 -29.99 -19.28 -4.84
C VAL A 3171 -29.96 -18.56 -3.50
N ASN A 3172 -30.61 -17.40 -3.41
CA ASN A 3172 -30.68 -16.69 -2.13
C ASN A 3172 -31.39 -17.53 -1.07
N THR A 3173 -32.52 -18.13 -1.43
CA THR A 3173 -33.23 -19.01 -0.51
C THR A 3173 -32.38 -20.20 -0.12
N LEU A 3174 -31.68 -20.78 -1.09
CA LEU A 3174 -30.80 -21.91 -0.80
C LEU A 3174 -29.72 -21.52 0.21
N VAL A 3175 -29.07 -20.38 0.01
CA VAL A 3175 -28.04 -19.93 0.92
C VAL A 3175 -28.61 -19.67 2.31
N ALA A 3176 -29.77 -19.02 2.37
CA ALA A 3176 -30.37 -18.72 3.66
C ALA A 3176 -30.71 -20.01 4.40
N ALA A 3177 -31.24 -21.01 3.69
CA ALA A 3177 -31.51 -22.29 4.32
C ALA A 3177 -30.23 -22.98 4.74
N ALA A 3178 -29.13 -22.76 4.01
CA ALA A 3178 -27.88 -23.43 4.33
C ALA A 3178 -27.27 -22.88 5.61
N ASN A 3179 -27.39 -21.57 5.83
CA ASN A 3179 -26.78 -20.93 7.00
C ASN A 3179 -27.80 -20.63 8.08
N SER A 3180 -28.77 -21.51 8.29
CA SER A 3180 -29.81 -21.30 9.28
C SER A 3180 -29.60 -22.23 10.48
N LEU A 3181 -29.68 -21.67 11.69
CA LEU A 3181 -29.52 -22.46 12.90
C LEU A 3181 -30.63 -23.49 13.05
N ASP A 3182 -31.85 -23.15 12.62
CA ASP A 3182 -32.96 -24.08 12.80
C ASP A 3182 -32.82 -25.31 11.93
N ASN A 3183 -32.04 -25.19 10.84
CA ASN A 3183 -31.73 -26.35 10.03
C ASN A 3183 -30.46 -27.04 10.51
N LEU A 3184 -29.49 -26.26 10.98
CA LEU A 3184 -28.24 -26.84 11.45
C LEU A 3184 -28.44 -27.73 12.67
N CYS A 3185 -29.31 -27.31 13.60
CA CYS A 3185 -29.48 -28.09 14.82
C CYS A 3185 -30.00 -29.50 14.53
N ARG A 3186 -30.72 -29.68 13.43
CA ARG A 3186 -31.25 -30.99 13.07
C ARG A 3186 -30.30 -31.75 12.16
N MET A 3187 -29.04 -31.88 12.55
CA MET A 3187 -28.03 -32.52 11.73
C MET A 3187 -27.19 -33.46 12.58
N ASP A 3188 -26.59 -34.43 11.91
CA ASP A 3188 -25.78 -35.42 12.60
C ASP A 3188 -24.64 -34.73 13.33
N PRO A 3189 -24.43 -35.00 14.62
CA PRO A 3189 -23.30 -34.35 15.32
C PRO A 3189 -21.95 -34.71 14.76
N ALA A 3190 -21.78 -35.93 14.24
CA ALA A 3190 -20.51 -36.31 13.65
C ALA A 3190 -20.17 -35.42 12.45
N TRP A 3191 -21.18 -34.76 11.88
CA TRP A 3191 -20.95 -33.84 10.78
C TRP A 3191 -20.36 -32.51 11.25
N HIS A 3192 -20.32 -32.27 12.57
CA HIS A 3192 -19.75 -31.07 13.14
C HIS A 3192 -20.48 -29.82 12.66
N PRO A 3193 -21.75 -29.65 13.02
CA PRO A 3193 -22.47 -28.43 12.60
C PRO A 3193 -21.84 -27.16 13.13
N TRP A 3194 -21.28 -27.20 14.34
CA TRP A 3194 -20.70 -26.00 14.93
C TRP A 3194 -19.52 -25.50 14.12
N LEU A 3195 -18.64 -26.40 13.70
CA LEU A 3195 -17.46 -26.01 12.95
C LEU A 3195 -17.84 -25.44 11.60
N MET B 1 -68.57 61.69 37.87
CA MET B 1 -67.18 61.18 37.74
C MET B 1 -66.60 60.97 39.12
N LYS B 2 -67.13 59.98 39.84
CA LYS B 2 -66.79 59.77 41.24
C LYS B 2 -66.61 58.28 41.49
N ARG B 3 -65.78 57.99 42.49
CA ARG B 3 -65.51 56.60 42.84
C ARG B 3 -66.80 55.89 43.22
N VAL B 4 -66.98 54.68 42.68
CA VAL B 4 -68.18 53.91 42.96
C VAL B 4 -68.22 53.57 44.46
N ARG B 5 -69.41 53.19 44.92
CA ARG B 5 -69.62 52.87 46.32
C ARG B 5 -69.54 51.36 46.54
N THR B 6 -69.51 50.97 47.82
CA THR B 6 -69.41 49.56 48.16
C THR B 6 -70.60 48.77 47.65
N GLU B 7 -71.82 49.31 47.81
CA GLU B 7 -73.00 48.57 47.37
C GLU B 7 -73.08 48.47 45.85
N GLN B 8 -72.67 49.51 45.13
CA GLN B 8 -72.75 49.47 43.68
C GLN B 8 -71.99 48.26 43.12
N ILE B 9 -70.93 47.83 43.79
CA ILE B 9 -70.20 46.66 43.34
C ILE B 9 -71.08 45.42 43.43
N GLN B 10 -71.75 45.23 44.56
CA GLN B 10 -72.69 44.12 44.68
C GLN B 10 -73.79 44.23 43.64
N MET B 11 -74.22 45.46 43.34
CA MET B 11 -75.26 45.66 42.35
C MET B 11 -74.82 45.16 40.98
N ALA B 12 -73.61 45.54 40.56
CA ALA B 12 -73.09 45.08 39.28
C ALA B 12 -72.89 43.57 39.29
N VAL B 13 -72.43 43.01 40.40
CA VAL B 13 -72.25 41.56 40.49
C VAL B 13 -73.58 40.85 40.30
N SER B 14 -74.63 41.33 40.97
CA SER B 14 -75.94 40.73 40.80
C SER B 14 -76.44 40.87 39.38
N CYS B 15 -76.23 42.02 38.75
CA CYS B 15 -76.64 42.20 37.37
C CYS B 15 -75.96 41.17 36.47
N TYR B 16 -74.65 40.99 36.63
CA TYR B 16 -73.94 39.99 35.87
C TYR B 16 -74.53 38.60 36.10
N LEU B 17 -74.72 38.23 37.36
CA LEU B 17 -75.22 36.88 37.67
C LEU B 17 -76.58 36.66 37.04
N LYS B 18 -77.47 37.65 37.09
CA LYS B 18 -78.78 37.51 36.48
C LYS B 18 -78.67 37.37 34.96
N ARG B 19 -77.87 38.23 34.33
CA ARG B 19 -77.76 38.17 32.87
C ARG B 19 -77.27 36.80 32.42
N ARG B 20 -76.24 36.27 33.07
CA ARG B 20 -75.70 34.99 32.65
C ARG B 20 -76.50 33.81 33.17
N GLN B 21 -77.65 34.04 33.80
CA GLN B 21 -78.50 32.95 34.28
C GLN B 21 -77.75 32.02 35.23
N TYR B 22 -77.30 32.56 36.36
CA TYR B 22 -76.71 31.74 37.40
C TYR B 22 -77.67 31.51 38.56
N VAL B 23 -78.57 32.46 38.80
CA VAL B 23 -79.48 32.42 39.94
C VAL B 23 -80.92 32.48 39.42
N ASP B 24 -81.85 32.18 40.32
CA ASP B 24 -83.26 32.17 39.97
C ASP B 24 -83.74 33.57 39.60
N SER B 25 -85.01 33.66 39.21
CA SER B 25 -85.59 34.93 38.78
C SER B 25 -86.07 35.73 39.99
N ASP B 26 -85.21 35.93 40.98
CA ASP B 26 -85.52 36.75 42.14
C ASP B 26 -84.22 36.91 42.92
N GLY B 27 -84.32 37.58 44.07
CA GLY B 27 -83.18 37.76 44.94
C GLY B 27 -82.73 36.43 45.54
N PRO B 28 -81.57 35.92 45.10
CA PRO B 28 -81.10 34.60 45.56
C PRO B 28 -80.37 34.67 46.90
N LEU B 29 -80.96 35.39 47.85
CA LEU B 29 -80.37 35.46 49.17
C LEU B 29 -80.36 34.10 49.84
N LYS B 30 -81.27 33.21 49.45
CA LYS B 30 -81.17 31.81 49.84
C LYS B 30 -79.88 31.20 49.31
N GLN B 31 -79.53 31.52 48.06
CA GLN B 31 -78.38 30.93 47.42
C GLN B 31 -77.09 31.58 47.91
N GLY B 32 -75.98 30.87 47.74
CA GLY B 32 -74.69 31.33 48.20
C GLY B 32 -74.14 30.49 49.33
N LEU B 33 -74.53 29.22 49.36
CA LEU B 33 -74.05 28.27 50.35
C LEU B 33 -73.04 27.27 49.81
N ARG B 34 -73.13 26.89 48.55
CA ARG B 34 -72.34 25.80 48.00
C ARG B 34 -70.90 26.28 47.79
N LEU B 35 -70.18 26.42 48.90
CA LEU B 35 -68.81 26.88 48.91
C LEU B 35 -67.85 25.84 49.47
N SER B 36 -68.22 24.57 49.45
CA SER B 36 -67.36 23.51 49.92
C SER B 36 -68.05 22.18 49.65
N GLN B 37 -67.32 21.09 49.81
CA GLN B 37 -67.89 19.77 49.57
C GLN B 37 -66.92 18.72 50.09
N THR B 38 -67.39 17.48 50.16
CA THR B 38 -66.58 16.37 50.60
C THR B 38 -66.00 15.62 49.41
N ALA B 39 -65.21 14.59 49.70
CA ALA B 39 -64.51 13.86 48.65
C ALA B 39 -65.47 13.16 47.70
N GLU B 40 -66.43 12.40 48.23
CA GLU B 40 -67.30 11.61 47.37
C GLU B 40 -68.12 12.50 46.46
N GLU B 41 -68.65 13.61 46.99
CA GLU B 41 -69.45 14.48 46.16
C GLU B 41 -68.61 15.28 45.17
N MET B 42 -67.35 15.58 45.51
CA MET B 42 -66.45 16.13 44.49
C MET B 42 -66.26 15.13 43.36
N ALA B 43 -66.07 13.85 43.70
CA ALA B 43 -65.94 12.83 42.67
C ALA B 43 -67.20 12.77 41.81
N ALA B 44 -68.37 12.88 42.44
CA ALA B 44 -69.62 12.88 41.68
C ALA B 44 -69.70 14.07 40.74
N ASN B 45 -69.37 15.27 41.24
CA ASN B 45 -69.38 16.45 40.40
C ASN B 45 -68.47 16.28 39.19
N LEU B 46 -67.24 15.81 39.43
CA LEU B 46 -66.27 15.67 38.35
C LEU B 46 -66.68 14.59 37.37
N THR B 47 -67.33 13.53 37.85
CA THR B 47 -67.83 12.50 36.94
C THR B 47 -68.97 13.01 36.09
N VAL B 48 -69.85 13.82 36.67
CA VAL B 48 -70.94 14.40 35.90
C VAL B 48 -70.41 15.35 34.84
N GLN B 49 -69.43 16.18 35.21
CA GLN B 49 -68.85 17.10 34.24
C GLN B 49 -67.98 16.41 33.21
N SER B 50 -67.47 15.21 33.53
CA SER B 50 -66.63 14.49 32.58
C SER B 50 -67.43 13.97 31.40
N GLU B 51 -68.68 13.54 31.65
CA GLU B 51 -69.52 12.97 30.61
C GLU B 51 -70.52 13.98 30.05
N SER B 52 -70.40 15.25 30.43
CA SER B 52 -71.31 16.29 29.98
C SER B 52 -70.85 16.91 28.66
N GLY B 53 -70.03 16.21 27.89
CA GLY B 53 -69.57 16.73 26.63
C GLY B 53 -68.57 15.78 26.00
N CYS B 54 -68.10 16.17 24.82
CA CYS B 54 -67.12 15.40 24.07
C CYS B 54 -65.82 16.20 23.98
N ALA B 55 -64.72 15.55 24.33
CA ALA B 55 -63.44 16.25 24.42
C ALA B 55 -62.93 16.71 23.06
N ASN B 56 -63.30 16.03 21.98
CA ASN B 56 -62.71 16.31 20.68
C ASN B 56 -63.66 15.83 19.59
N ILE B 57 -64.11 16.76 18.75
CA ILE B 57 -65.02 16.42 17.67
C ILE B 57 -64.45 16.89 16.34
N VAL B 58 -64.17 18.19 16.26
CA VAL B 58 -63.90 18.80 14.96
C VAL B 58 -62.68 18.16 14.31
N SER B 59 -61.61 17.97 15.07
CA SER B 59 -60.37 17.46 14.50
C SER B 59 -60.26 15.95 14.59
N ALA B 60 -60.93 15.34 15.56
CA ALA B 60 -60.82 13.90 15.77
C ALA B 60 -61.44 13.09 14.64
N ALA B 61 -62.24 13.71 13.77
CA ALA B 61 -62.97 12.96 12.76
C ALA B 61 -62.38 13.20 11.37
N PRO B 62 -62.49 12.24 10.46
CA PRO B 62 -61.96 12.45 9.10
C PRO B 62 -62.85 13.38 8.30
N CYS B 63 -62.23 14.06 7.34
CA CYS B 63 -62.92 15.02 6.50
C CYS B 63 -63.03 14.57 5.05
N GLN B 64 -62.05 13.83 4.55
CA GLN B 64 -62.11 13.31 3.20
C GLN B 64 -63.30 12.38 3.05
N ALA B 65 -63.96 12.45 1.90
CA ALA B 65 -65.11 11.59 1.61
C ALA B 65 -64.64 10.44 0.71
N GLU B 66 -64.20 9.37 1.36
CA GLU B 66 -63.65 8.21 0.66
C GLU B 66 -64.02 6.97 1.45
N PRO B 67 -65.21 6.41 1.20
CA PRO B 67 -65.69 5.29 2.03
C PRO B 67 -64.83 4.05 1.95
N GLN B 68 -63.98 3.92 0.93
CA GLN B 68 -63.12 2.75 0.81
C GLN B 68 -62.21 2.56 2.02
N GLN B 69 -61.88 3.64 2.73
CA GLN B 69 -60.88 3.58 3.79
C GLN B 69 -61.31 2.73 4.97
N TYR B 70 -62.60 2.73 5.33
CA TYR B 70 -63.04 2.03 6.52
C TYR B 70 -62.56 0.58 6.50
N GLU B 71 -62.49 -0.02 5.31
CA GLU B 71 -61.93 -1.35 5.20
C GLU B 71 -60.44 -1.37 5.50
N VAL B 72 -59.70 -0.44 4.90
CA VAL B 72 -58.24 -0.46 5.00
C VAL B 72 -57.78 -0.28 6.43
N GLN B 73 -58.37 0.68 7.14
CA GLN B 73 -57.96 0.94 8.51
C GLN B 73 -58.15 -0.29 9.39
N PHE B 74 -59.33 -0.88 9.35
CA PHE B 74 -59.60 -2.05 10.17
C PHE B 74 -58.74 -3.23 9.76
N GLY B 75 -58.47 -3.38 8.46
CA GLY B 75 -57.61 -4.47 8.03
C GLY B 75 -56.19 -4.33 8.53
N ARG B 76 -55.62 -3.13 8.42
CA ARG B 76 -54.28 -2.90 8.95
C ARG B 76 -54.24 -3.15 10.45
N LEU B 77 -55.25 -2.68 11.17
CA LEU B 77 -55.26 -2.91 12.61
C LEU B 77 -55.31 -4.39 12.94
N ARG B 78 -56.13 -5.16 12.23
CA ARG B 78 -56.22 -6.59 12.49
C ARG B 78 -54.90 -7.28 12.19
N ASN B 79 -54.29 -6.95 11.05
CA ASN B 79 -53.00 -7.55 10.72
C ASN B 79 -51.98 -7.24 11.81
N PHE B 80 -51.90 -6.00 12.27
CA PHE B 80 -50.92 -5.66 13.29
C PHE B 80 -51.19 -6.39 14.58
N LEU B 81 -52.45 -6.46 15.01
CA LEU B 81 -52.76 -7.13 16.27
C LEU B 81 -52.56 -8.63 16.17
N THR B 82 -52.52 -9.18 14.95
CA THR B 82 -52.35 -10.62 14.82
C THR B 82 -50.88 -11.02 14.95
N ASP B 83 -50.01 -10.50 14.09
CA ASP B 83 -48.63 -10.95 14.07
C ASP B 83 -47.89 -10.57 15.34
N SER B 84 -48.45 -9.68 16.15
CA SER B 84 -47.83 -9.32 17.41
C SER B 84 -47.75 -10.53 18.32
N ASP B 85 -46.65 -10.63 19.06
CA ASP B 85 -46.41 -11.76 19.96
C ASP B 85 -46.01 -11.21 21.33
N SER B 86 -46.76 -10.20 21.78
CA SER B 86 -46.49 -9.55 23.06
C SER B 86 -47.64 -9.84 24.02
N GLN B 87 -47.40 -9.53 25.29
CA GLN B 87 -48.45 -9.65 26.29
C GLN B 87 -49.44 -8.50 26.18
N HIS B 88 -49.06 -7.40 25.53
CA HIS B 88 -50.01 -6.33 25.28
C HIS B 88 -51.01 -6.71 24.19
N SER B 89 -50.53 -7.30 23.09
CA SER B 89 -51.44 -7.74 22.04
C SER B 89 -52.62 -8.50 22.62
N HIS B 90 -52.39 -9.25 23.70
CA HIS B 90 -53.50 -9.81 24.46
C HIS B 90 -54.45 -8.72 24.97
N GLU B 91 -53.94 -7.82 25.82
CA GLU B 91 -54.82 -6.92 26.56
C GLU B 91 -55.55 -5.96 25.64
N VAL B 92 -55.02 -5.73 24.43
CA VAL B 92 -55.63 -4.76 23.52
C VAL B 92 -56.42 -5.49 22.44
N MET B 93 -56.72 -6.76 22.67
CA MET B 93 -57.51 -7.56 21.73
C MET B 93 -59.01 -7.29 21.88
N PRO B 94 -59.55 -7.24 23.09
CA PRO B 94 -61.00 -7.12 23.25
C PRO B 94 -61.62 -5.94 22.50
N LEU B 95 -60.84 -4.93 22.12
CA LEU B 95 -61.41 -3.74 21.52
C LEU B 95 -62.01 -4.01 20.15
N LEU B 96 -61.60 -5.10 19.48
CA LEU B 96 -62.02 -5.32 18.10
C LEU B 96 -63.52 -5.43 17.96
N TYR B 97 -64.20 -6.08 18.92
CA TYR B 97 -65.64 -6.28 18.80
C TYR B 97 -66.42 -4.97 18.81
N PRO B 98 -66.29 -4.10 19.82
CA PRO B 98 -66.98 -2.81 19.72
C PRO B 98 -66.56 -2.01 18.51
N LEU B 99 -65.30 -2.08 18.12
CA LEU B 99 -64.85 -1.36 16.94
C LEU B 99 -65.64 -1.79 15.71
N PHE B 100 -65.75 -3.10 15.49
CA PHE B 100 -66.48 -3.59 14.33
C PHE B 100 -67.94 -3.20 14.39
N VAL B 101 -68.60 -3.43 15.53
CA VAL B 101 -70.02 -3.13 15.60
C VAL B 101 -70.26 -1.65 15.31
N TYR B 102 -69.47 -0.76 15.92
CA TYR B 102 -69.73 0.66 15.78
C TYR B 102 -69.35 1.15 14.39
N LEU B 103 -68.27 0.64 13.81
CA LEU B 103 -67.92 1.02 12.45
C LEU B 103 -69.01 0.61 11.47
N HIS B 104 -69.54 -0.60 11.62
CA HIS B 104 -70.63 -1.04 10.75
C HIS B 104 -71.86 -0.15 10.94
N LEU B 105 -72.24 0.10 12.20
CA LEU B 105 -73.42 0.90 12.44
C LEU B 105 -73.27 2.31 11.90
N ASN B 106 -72.07 2.86 11.92
CA ASN B 106 -71.88 4.20 11.38
C ASN B 106 -71.84 4.18 9.85
N LEU B 107 -71.29 3.11 9.27
CA LEU B 107 -71.40 2.93 7.83
C LEU B 107 -72.86 2.98 7.40
N VAL B 108 -73.72 2.27 8.13
CA VAL B 108 -75.12 2.19 7.73
C VAL B 108 -75.73 3.58 7.58
N GLN B 109 -75.52 4.45 8.55
CA GLN B 109 -76.16 5.76 8.53
C GLN B 109 -75.68 6.64 7.39
N ASN B 110 -74.47 6.41 6.87
CA ASN B 110 -74.05 7.08 5.66
C ASN B 110 -73.10 6.21 4.85
N SER B 111 -73.63 5.43 3.93
CA SER B 111 -72.77 4.64 3.04
C SER B 111 -73.63 4.05 1.93
N PRO B 112 -73.23 4.19 0.66
CA PRO B 112 -74.00 3.52 -0.41
C PRO B 112 -73.87 2.01 -0.31
N LYS B 113 -74.86 1.31 -0.87
CA LYS B 113 -75.05 -0.11 -0.55
C LYS B 113 -73.83 -0.96 -0.84
N SER B 114 -72.96 -0.53 -1.77
CA SER B 114 -71.85 -1.38 -2.16
C SER B 114 -70.93 -1.68 -0.98
N THR B 115 -70.62 -0.68 -0.16
CA THR B 115 -69.56 -0.82 0.83
C THR B 115 -69.92 -1.78 1.97
N VAL B 116 -71.13 -1.66 2.51
CA VAL B 116 -71.46 -2.34 3.76
C VAL B 116 -71.36 -3.84 3.60
N GLU B 117 -71.80 -4.37 2.46
CA GLU B 117 -71.77 -5.82 2.27
C GLU B 117 -70.35 -6.34 2.21
N SER B 118 -69.49 -5.68 1.42
CA SER B 118 -68.08 -6.06 1.41
C SER B 118 -67.50 -6.03 2.81
N PHE B 119 -67.83 -4.99 3.57
CA PHE B 119 -67.33 -4.89 4.94
C PHE B 119 -67.75 -6.11 5.75
N TYR B 120 -69.05 -6.44 5.74
CA TYR B 120 -69.52 -7.56 6.55
C TYR B 120 -68.83 -8.85 6.12
N SER B 121 -68.69 -9.06 4.82
CA SER B 121 -68.07 -10.29 4.35
C SER B 121 -66.61 -10.39 4.80
N ARG B 122 -65.89 -9.27 4.81
CA ARG B 122 -64.43 -9.35 4.93
C ARG B 122 -63.95 -9.74 6.33
N PHE B 123 -64.76 -9.52 7.37
CA PHE B 123 -64.27 -9.69 8.74
C PHE B 123 -65.23 -10.42 9.67
N HIS B 124 -66.48 -10.63 9.27
CA HIS B 124 -67.50 -11.09 10.20
C HIS B 124 -67.13 -12.40 10.90
N GLY B 125 -66.31 -13.24 10.27
CA GLY B 125 -66.04 -14.56 10.82
C GLY B 125 -65.01 -14.61 11.92
N MET B 126 -65.12 -13.73 12.91
CA MET B 126 -64.28 -13.85 14.10
C MET B 126 -65.04 -13.53 15.39
N PHE B 127 -66.34 -13.26 15.33
CA PHE B 127 -67.11 -12.95 16.53
C PHE B 127 -68.19 -13.99 16.75
N LEU B 128 -67.86 -15.26 16.55
CA LEU B 128 -68.83 -16.35 16.65
C LEU B 128 -68.63 -17.26 17.84
N GLN B 129 -67.39 -17.57 18.22
CA GLN B 129 -67.15 -18.60 19.22
C GLN B 129 -67.85 -18.27 20.52
N ASN B 130 -67.74 -17.04 20.98
CA ASN B 130 -68.48 -16.62 22.17
C ASN B 130 -69.97 -16.65 21.87
N ALA B 131 -70.78 -16.96 22.89
CA ALA B 131 -72.22 -17.01 22.69
C ALA B 131 -72.86 -15.63 22.89
N SER B 132 -72.44 -14.89 23.90
CA SER B 132 -73.13 -13.65 24.23
C SER B 132 -73.09 -12.66 23.08
N GLN B 133 -72.13 -12.81 22.17
CA GLN B 133 -71.92 -11.82 21.11
C GLN B 133 -72.31 -12.34 19.74
N LYS B 134 -72.58 -13.64 19.59
CA LYS B 134 -73.07 -14.15 18.32
C LYS B 134 -74.44 -13.58 17.99
N ASP B 135 -75.28 -13.39 19.01
CA ASP B 135 -76.62 -12.85 18.80
C ASP B 135 -76.60 -11.60 17.94
N VAL B 136 -75.94 -10.54 18.42
CA VAL B 136 -76.00 -9.26 17.72
C VAL B 136 -75.20 -9.32 16.42
N ILE B 137 -74.11 -10.06 16.40
CA ILE B 137 -73.34 -10.20 15.16
C ILE B 137 -74.22 -10.75 14.06
N GLU B 138 -75.07 -11.73 14.38
CA GLU B 138 -76.00 -12.24 13.37
C GLU B 138 -77.11 -11.24 13.09
N GLN B 139 -77.68 -10.64 14.14
CA GLN B 139 -78.75 -9.66 13.95
C GLN B 139 -78.36 -8.58 12.95
N LEU B 140 -77.13 -8.09 13.01
CA LEU B 140 -76.72 -7.02 12.11
C LEU B 140 -76.87 -7.42 10.64
N GLN B 141 -76.75 -8.72 10.35
CA GLN B 141 -76.74 -9.15 8.95
C GLN B 141 -77.94 -8.62 8.19
N THR B 142 -79.10 -8.59 8.83
CA THR B 142 -80.31 -8.06 8.21
C THR B 142 -80.53 -6.63 8.70
N THR B 143 -79.83 -5.69 8.05
CA THR B 143 -79.90 -4.29 8.42
C THR B 143 -79.37 -3.44 7.28
N GLN B 144 -80.23 -2.63 6.68
CA GLN B 144 -79.78 -1.68 5.66
C GLN B 144 -80.04 -0.23 6.03
N THR B 145 -81.29 0.11 6.37
CA THR B 145 -81.65 1.51 6.52
C THR B 145 -81.69 1.90 7.99
N ILE B 146 -81.75 3.21 8.24
CA ILE B 146 -81.70 3.71 9.60
C ILE B 146 -82.82 3.13 10.45
N GLN B 147 -84.00 2.91 9.85
CA GLN B 147 -85.11 2.36 10.62
C GLN B 147 -84.72 1.02 11.23
N ASP B 148 -83.76 0.32 10.62
CA ASP B 148 -83.26 -0.90 11.23
C ASP B 148 -82.72 -0.65 12.63
N ILE B 149 -81.89 0.38 12.79
CA ILE B 149 -81.21 0.60 14.05
C ILE B 149 -82.17 1.11 15.11
N LEU B 150 -83.01 2.08 14.76
CA LEU B 150 -83.99 2.58 15.72
C LEU B 150 -85.01 1.52 16.11
N SER B 151 -85.54 0.80 15.12
CA SER B 151 -86.51 -0.25 15.41
C SER B 151 -85.94 -1.29 16.35
N ASN B 152 -84.88 -1.98 15.92
CA ASN B 152 -84.34 -3.09 16.70
C ASN B 152 -84.08 -2.65 18.13
N PHE B 153 -84.11 -3.63 19.04
CA PHE B 153 -83.98 -3.33 20.46
C PHE B 153 -82.53 -3.41 20.93
N LYS B 154 -81.77 -4.38 20.42
CA LYS B 154 -80.39 -4.55 20.88
C LYS B 154 -79.48 -3.48 20.29
N LEU B 155 -79.69 -3.13 19.02
CA LEU B 155 -78.89 -2.07 18.42
C LEU B 155 -79.01 -0.75 19.19
N ARG B 156 -80.16 -0.52 19.81
CA ARG B 156 -80.42 0.79 20.39
C ARG B 156 -79.45 1.09 21.53
N ALA B 157 -79.39 0.22 22.54
CA ALA B 157 -78.54 0.49 23.69
C ALA B 157 -77.09 0.72 23.25
N PHE B 158 -76.65 0.03 22.20
CA PHE B 158 -75.34 0.32 21.62
C PHE B 158 -75.30 1.75 21.07
N LEU B 159 -76.30 2.12 20.27
CA LEU B 159 -76.27 3.41 19.62
C LEU B 159 -76.27 4.54 20.63
N ASP B 160 -77.07 4.42 21.69
CA ASP B 160 -77.29 5.55 22.60
C ASP B 160 -76.47 5.40 23.87
N ASN B 161 -75.58 4.42 23.92
CA ASN B 161 -74.67 4.30 25.05
C ASN B 161 -73.27 3.89 24.58
N LYS B 162 -72.32 3.98 25.50
CA LYS B 162 -70.93 3.67 25.21
C LYS B 162 -70.57 2.29 25.74
N TYR B 163 -69.63 1.66 25.04
CA TYR B 163 -69.08 0.37 25.45
C TYR B 163 -67.90 0.60 26.37
N VAL B 164 -67.78 -0.21 27.40
CA VAL B 164 -66.71 -0.07 28.37
C VAL B 164 -65.61 -1.07 28.06
N VAL B 165 -64.36 -0.65 28.26
CA VAL B 165 -63.19 -1.52 28.16
C VAL B 165 -62.22 -1.08 29.24
N ARG B 166 -61.46 -2.03 29.78
CA ARG B 166 -60.51 -1.75 30.84
C ARG B 166 -59.10 -2.07 30.35
N LEU B 167 -58.18 -1.14 30.56
CA LEU B 167 -56.81 -1.30 30.12
C LEU B 167 -55.85 -0.84 31.20
N GLN B 168 -54.63 -1.37 31.15
CA GLN B 168 -53.54 -0.80 31.90
C GLN B 168 -52.96 0.39 31.16
N GLU B 169 -52.10 1.15 31.84
CA GLU B 169 -51.44 2.27 31.20
C GLU B 169 -50.54 1.80 30.06
N ASP B 170 -49.77 0.74 30.29
CA ASP B 170 -48.87 0.24 29.25
C ASP B 170 -49.66 -0.18 28.02
N SER B 171 -50.79 -0.86 28.21
CA SER B 171 -51.61 -1.28 27.09
C SER B 171 -52.16 -0.09 26.32
N TYR B 172 -52.64 0.93 27.03
CA TYR B 172 -53.17 2.11 26.35
C TYR B 172 -52.09 2.81 25.53
N ASN B 173 -50.88 2.93 26.09
CA ASN B 173 -49.79 3.50 25.32
C ASN B 173 -49.45 2.60 24.12
N TYR B 174 -49.65 1.29 24.27
CA TYR B 174 -49.46 0.39 23.14
C TYR B 174 -50.41 0.75 22.00
N LEU B 175 -51.66 1.08 22.32
CA LEU B 175 -52.61 1.46 21.29
C LEU B 175 -52.28 2.83 20.71
N ILE B 176 -51.83 3.76 21.55
CA ILE B 176 -51.55 5.11 21.08
C ILE B 176 -50.35 5.13 20.15
N ARG B 177 -49.31 4.38 20.46
CA ARG B 177 -48.16 4.30 19.57
C ARG B 177 -48.58 3.91 18.16
N TYR B 178 -49.45 2.91 18.06
CA TYR B 178 -49.93 2.50 16.74
C TYR B 178 -50.82 3.57 16.12
N LEU B 179 -51.77 4.10 16.89
CA LEU B 179 -52.71 5.06 16.34
C LEU B 179 -51.99 6.24 15.71
N GLN B 180 -50.91 6.70 16.32
CA GLN B 180 -50.22 7.87 15.78
C GLN B 180 -49.31 7.53 14.61
N SER B 181 -49.05 6.24 14.36
CA SER B 181 -48.07 5.86 13.35
C SER B 181 -48.50 6.27 11.94
N ASP B 182 -49.79 6.37 11.69
CA ASP B 182 -50.29 6.64 10.35
C ASP B 182 -51.76 7.03 10.46
N ASN B 183 -52.33 7.46 9.33
CA ASN B 183 -53.71 7.89 9.32
C ASN B 183 -54.63 6.78 9.81
N ASN B 184 -55.24 7.00 10.97
CA ASN B 184 -56.24 6.08 11.50
C ASN B 184 -57.40 6.89 12.05
N THR B 185 -57.80 7.91 11.30
CA THR B 185 -58.74 8.90 11.80
C THR B 185 -60.10 8.30 12.13
N ALA B 186 -60.63 7.46 11.24
CA ALA B 186 -61.96 6.88 11.48
C ALA B 186 -62.01 6.16 12.82
N LEU B 187 -61.00 5.34 13.11
CA LEU B 187 -60.95 4.68 14.41
C LEU B 187 -60.91 5.67 15.56
N CYS B 188 -60.20 6.77 15.38
CA CYS B 188 -60.15 7.80 16.41
C CYS B 188 -61.52 8.40 16.67
N LYS B 189 -62.30 8.63 15.61
CA LYS B 189 -63.67 9.11 15.79
C LYS B 189 -64.50 8.13 16.60
N VAL B 190 -64.39 6.85 16.28
CA VAL B 190 -65.17 5.84 17.01
C VAL B 190 -64.76 5.81 18.47
N LEU B 191 -63.47 5.83 18.75
CA LEU B 191 -63.02 5.82 20.13
C LEU B 191 -63.47 7.07 20.86
N THR B 192 -63.47 8.21 20.17
CA THR B 192 -63.85 9.47 20.80
C THR B 192 -65.33 9.48 21.18
N LEU B 193 -66.21 9.07 20.27
CA LEU B 193 -67.64 9.28 20.49
C LEU B 193 -68.29 8.11 21.23
N HIS B 194 -67.96 6.88 20.85
CA HIS B 194 -68.75 5.72 21.26
C HIS B 194 -68.08 4.84 22.30
N ILE B 195 -66.83 4.46 22.11
CA ILE B 195 -66.15 3.58 23.06
C ILE B 195 -65.70 4.43 24.25
N HIS B 196 -65.59 3.79 25.40
CA HIS B 196 -65.17 4.46 26.64
C HIS B 196 -64.08 3.62 27.29
N LEU B 197 -62.83 3.85 26.91
CA LEU B 197 -61.71 3.20 27.56
C LEU B 197 -61.56 3.75 28.98
N ASP B 198 -61.05 2.92 29.88
CA ASP B 198 -60.83 3.31 31.27
C ASP B 198 -59.43 2.86 31.67
N VAL B 199 -58.57 3.81 31.94
CA VAL B 199 -57.18 3.53 32.29
C VAL B 199 -56.99 3.82 33.77
N GLN B 200 -56.32 2.89 34.44
CA GLN B 200 -55.99 3.03 35.86
C GLN B 200 -54.57 2.55 36.05
N PRO B 201 -53.88 3.02 37.09
CA PRO B 201 -52.46 2.68 37.23
C PRO B 201 -52.25 1.20 37.49
N ALA B 202 -51.13 0.70 36.96
CA ALA B 202 -50.77 -0.69 37.17
C ALA B 202 -50.37 -0.94 38.62
N LYS B 203 -50.23 -2.21 38.97
CA LYS B 203 -49.85 -2.59 40.32
C LYS B 203 -48.34 -2.74 40.46
N SER B 255 -43.88 22.01 80.48
CA SER B 255 -43.73 21.39 79.18
C SER B 255 -43.77 22.44 78.07
N LEU B 256 -42.98 23.50 78.23
CA LEU B 256 -42.92 24.56 77.23
C LEU B 256 -41.90 24.23 76.15
N THR B 257 -42.02 24.92 75.01
CA THR B 257 -41.25 24.56 73.83
C THR B 257 -39.77 24.87 74.03
N THR B 258 -38.97 24.36 73.09
CA THR B 258 -37.53 24.54 73.10
C THR B 258 -37.06 24.95 71.71
N ILE B 259 -36.19 25.94 71.65
CA ILE B 259 -35.72 26.52 70.39
C ILE B 259 -34.30 26.06 70.13
N CYS B 260 -34.07 25.54 68.93
CA CYS B 260 -32.73 25.27 68.42
C CYS B 260 -32.39 26.37 67.43
N PHE B 261 -31.28 27.06 67.66
CA PHE B 261 -30.90 28.22 66.87
C PHE B 261 -29.57 27.98 66.16
N TYR B 262 -29.40 28.61 65.01
CA TYR B 262 -28.19 28.48 64.22
C TYR B 262 -27.71 29.87 63.83
N ALA B 263 -26.40 30.04 63.72
CA ALA B 263 -25.81 31.33 63.39
C ALA B 263 -24.67 31.15 62.41
N PHE B 264 -24.61 32.03 61.41
CA PHE B 264 -23.54 32.05 60.43
C PHE B 264 -22.69 33.28 60.70
N TYR B 265 -21.36 33.09 60.77
CA TYR B 265 -20.47 34.17 61.19
C TYR B 265 -19.89 34.92 60.01
N ASN B 266 -19.17 34.22 59.13
CA ASN B 266 -18.41 34.88 58.06
C ASN B 266 -19.21 34.79 56.77
N THR B 267 -20.15 35.73 56.60
CA THR B 267 -20.98 35.80 55.41
C THR B 267 -20.75 37.10 54.64
N GLU B 268 -20.79 38.24 55.32
CA GLU B 268 -20.44 39.52 54.72
C GLU B 268 -21.43 39.90 53.60
N GLN B 269 -22.71 39.96 53.96
CA GLN B 269 -23.74 40.49 53.08
C GLN B 269 -23.90 39.63 51.83
N LEU B 270 -23.71 38.33 51.99
CA LEU B 270 -23.85 37.40 50.88
C LEU B 270 -24.86 36.29 51.13
N LEU B 271 -25.04 35.89 52.39
CA LEU B 271 -26.05 34.88 52.69
C LEU B 271 -27.43 35.38 52.34
N ASN B 272 -28.23 34.54 51.68
CA ASN B 272 -29.55 34.93 51.21
C ASN B 272 -30.67 34.10 51.83
N THR B 273 -30.44 32.81 52.06
CA THR B 273 -31.49 31.93 52.55
C THR B 273 -30.86 30.65 53.08
N ALA B 274 -31.63 29.89 53.85
CA ALA B 274 -31.17 28.62 54.38
C ALA B 274 -32.37 27.77 54.77
N GLU B 275 -32.13 26.46 54.92
CA GLU B 275 -33.21 25.52 55.18
C GLU B 275 -32.64 24.26 55.82
N ILE B 276 -33.52 23.48 56.44
CA ILE B 276 -33.16 22.20 57.05
C ILE B 276 -34.10 21.13 56.52
N SER B 277 -33.55 19.94 56.30
CA SER B 277 -34.31 18.85 55.73
C SER B 277 -35.29 18.29 56.76
N PRO B 278 -36.34 17.59 56.31
CA PRO B 278 -37.32 17.07 57.27
C PRO B 278 -36.72 16.15 58.31
N ASP B 279 -35.85 15.22 57.92
CA ASP B 279 -35.23 14.30 58.87
C ASP B 279 -34.12 14.96 59.68
N SER B 280 -33.94 16.27 59.56
CA SER B 280 -33.03 17.03 60.41
C SER B 280 -31.64 16.40 60.43
N LYS B 281 -31.03 16.35 59.24
CA LYS B 281 -29.66 15.89 59.11
C LYS B 281 -28.80 16.76 58.21
N LEU B 282 -29.38 17.75 57.52
CA LEU B 282 -28.64 18.57 56.57
C LEU B 282 -29.07 20.02 56.71
N LEU B 283 -28.17 20.92 56.28
CA LEU B 283 -28.40 22.36 56.37
C LEU B 283 -27.81 23.00 55.11
N ALA B 284 -28.67 23.68 54.34
CA ALA B 284 -28.26 24.25 53.07
C ALA B 284 -28.53 25.75 53.06
N ALA B 285 -27.69 26.48 52.33
CA ALA B 285 -27.82 27.93 52.25
C ALA B 285 -27.41 28.41 50.86
N GLY B 286 -27.98 29.52 50.43
CA GLY B 286 -27.64 30.15 49.16
C GLY B 286 -27.06 31.53 49.37
N PHE B 287 -26.35 32.02 48.35
CA PHE B 287 -25.54 33.22 48.49
C PHE B 287 -25.71 34.12 47.28
N ASP B 288 -25.39 35.41 47.48
CA ASP B 288 -25.51 36.37 46.39
C ASP B 288 -24.54 36.03 45.27
N ASN B 289 -23.28 35.79 45.60
CA ASN B 289 -22.37 35.15 44.68
C ASN B 289 -22.87 33.73 44.47
N SER B 290 -23.10 33.36 43.22
CA SER B 290 -23.80 32.11 42.96
C SER B 290 -23.06 30.92 43.55
N CYS B 291 -23.63 30.32 44.59
CA CYS B 291 -23.12 29.08 45.16
C CYS B 291 -24.03 28.64 46.29
N ILE B 292 -24.04 27.34 46.56
CA ILE B 292 -24.83 26.75 47.63
C ILE B 292 -23.88 25.92 48.48
N LYS B 293 -23.95 26.09 49.80
CA LYS B 293 -23.10 25.34 50.72
C LYS B 293 -23.98 24.45 51.59
N LEU B 294 -23.49 23.26 51.89
CA LEU B 294 -24.24 22.25 52.63
C LEU B 294 -23.42 21.79 53.83
N TRP B 295 -24.11 21.61 54.97
CA TRP B 295 -23.47 21.17 56.20
C TRP B 295 -24.18 19.93 56.72
N SER B 296 -23.44 19.08 57.40
CA SER B 296 -23.99 17.89 58.03
C SER B 296 -24.27 18.20 59.50
N LEU B 297 -25.53 18.13 59.90
CA LEU B 297 -25.88 18.37 61.29
C LEU B 297 -25.39 17.25 62.20
N ARG B 298 -25.41 16.01 61.72
CA ARG B 298 -25.03 14.88 62.53
C ARG B 298 -23.51 14.82 62.68
N SER B 299 -23.04 13.72 63.28
CA SER B 299 -21.61 13.54 63.48
C SER B 299 -20.93 12.88 62.28
N LYS B 300 -21.70 12.43 61.29
CA LYS B 300 -21.11 11.79 60.13
C LYS B 300 -20.52 12.83 59.19
N LYS B 301 -19.67 12.38 58.27
CA LYS B 301 -19.08 13.24 57.26
C LYS B 301 -19.81 13.06 55.93
N LEU B 302 -19.59 14.01 55.03
CA LEU B 302 -20.15 13.93 53.69
C LEU B 302 -19.05 13.57 52.70
N LYS B 303 -19.25 12.47 51.98
CA LYS B 303 -18.32 12.04 50.95
C LYS B 303 -19.11 11.69 49.69
N SER B 304 -18.58 12.09 48.55
CA SER B 304 -19.23 11.80 47.28
C SER B 304 -18.81 10.44 46.77
N GLU B 305 -19.51 9.93 45.77
CA GLU B 305 -19.20 8.65 45.17
C GLU B 305 -18.83 8.84 43.72
N PRO B 306 -18.25 7.82 43.08
CA PRO B 306 -17.73 8.00 41.72
C PRO B 306 -18.79 8.52 40.77
N HIS B 307 -18.39 9.45 39.91
CA HIS B 307 -19.28 10.01 38.90
C HIS B 307 -18.41 10.60 37.79
N GLN B 308 -18.73 10.25 36.55
CA GLN B 308 -17.87 10.59 35.44
C GLN B 308 -18.00 12.05 35.04
N VAL B 309 -19.17 12.63 35.19
CA VAL B 309 -19.49 13.93 34.59
C VAL B 309 -19.79 14.94 35.68
N ASP B 310 -19.28 16.15 35.48
CA ASP B 310 -19.56 17.28 36.37
C ASP B 310 -19.63 18.54 35.53
N VAL B 311 -20.67 19.34 35.74
CA VAL B 311 -20.83 20.54 34.92
C VAL B 311 -20.03 21.71 35.48
N SER B 312 -19.65 21.66 36.74
CA SER B 312 -18.81 22.70 37.33
C SER B 312 -17.34 22.42 37.06
N ARG B 313 -17.01 22.16 35.80
CA ARG B 313 -15.66 21.79 35.42
C ARG B 313 -15.53 21.94 33.91
N ILE B 314 -14.31 22.19 33.47
CA ILE B 314 -14.02 22.46 32.07
C ILE B 314 -12.86 21.59 31.64
N HIS B 315 -12.99 20.92 30.51
CA HIS B 315 -11.96 20.08 29.95
C HIS B 315 -11.59 20.59 28.57
N LEU B 316 -10.33 20.40 28.19
CA LEU B 316 -9.89 20.74 26.85
C LEU B 316 -9.90 19.50 25.96
N ALA B 317 -9.69 19.70 24.67
CA ALA B 317 -9.74 18.60 23.73
C ALA B 317 -8.67 17.55 24.04
N CYS B 318 -7.63 17.93 24.79
CA CYS B 318 -6.49 17.05 25.05
C CYS B 318 -6.54 16.40 26.42
N ASP B 319 -7.72 16.03 26.90
CA ASP B 319 -7.88 15.50 28.25
C ASP B 319 -8.36 14.05 28.20
N ILE B 320 -8.23 13.37 29.33
CA ILE B 320 -8.64 11.98 29.50
C ILE B 320 -9.61 11.92 30.67
N LEU B 321 -10.76 11.29 30.45
CA LEU B 321 -11.72 11.06 31.52
C LEU B 321 -11.24 9.84 32.31
N GLU B 322 -10.76 10.11 33.53
CA GLU B 322 -10.23 9.07 34.41
C GLU B 322 -10.77 9.29 35.82
N GLU B 323 -11.25 8.23 36.44
CA GLU B 323 -11.73 8.30 37.81
C GLU B 323 -10.54 8.28 38.76
N GLU B 324 -10.29 9.41 39.42
CA GLU B 324 -9.13 9.53 40.28
C GLU B 324 -9.15 8.47 41.36
N ASP B 325 -7.99 7.86 41.61
CA ASP B 325 -7.89 6.84 42.64
C ASP B 325 -7.34 7.42 43.93
N ASP B 326 -6.64 8.54 43.86
CA ASP B 326 -6.14 9.24 45.05
C ASP B 326 -7.33 9.96 45.71
N GLU B 327 -8.21 9.15 46.29
CA GLU B 327 -9.46 9.65 46.85
C GLU B 327 -9.70 9.23 48.29
N ASP B 328 -9.32 8.01 48.68
CA ASP B 328 -9.55 7.58 50.06
C ASP B 328 -8.84 8.50 51.04
N ASP B 329 -7.80 9.20 50.58
CA ASP B 329 -7.14 10.22 51.39
C ASP B 329 -8.13 11.21 51.98
N ASN B 330 -9.30 11.37 51.37
CA ASN B 330 -10.27 12.36 51.81
C ASN B 330 -11.24 11.77 52.82
N ALA B 331 -11.91 10.68 52.44
CA ALA B 331 -12.71 9.88 53.36
C ALA B 331 -13.71 10.73 54.14
N GLY B 332 -14.15 11.84 53.53
CA GLY B 332 -15.23 12.62 54.08
C GLY B 332 -14.81 14.01 54.52
N THR B 333 -15.81 14.84 54.76
CA THR B 333 -15.65 16.21 55.23
C THR B 333 -16.99 16.69 55.76
N GLU B 334 -16.97 17.81 56.48
CA GLU B 334 -18.18 18.34 57.09
C GLU B 334 -18.90 19.35 56.23
N MET B 335 -18.43 19.70 55.03
CA MET B 335 -19.06 20.76 54.28
C MET B 335 -18.77 20.56 52.79
N LYS B 336 -19.68 21.05 51.95
CA LYS B 336 -19.58 20.91 50.52
C LYS B 336 -20.09 22.17 49.85
N ILE B 337 -19.46 22.54 48.72
CA ILE B 337 -19.88 23.69 47.94
C ILE B 337 -20.49 23.17 46.65
N LEU B 338 -21.76 23.51 46.41
CA LEU B 338 -22.43 23.18 45.17
C LEU B 338 -22.33 24.35 44.21
N ARG B 339 -21.87 24.08 43.00
CA ARG B 339 -21.61 25.12 42.01
C ARG B 339 -22.38 24.81 40.74
N GLY B 340 -22.72 25.85 39.98
CA GLY B 340 -23.43 25.65 38.74
C GLY B 340 -24.45 26.70 38.35
N HIS B 341 -25.01 27.45 39.30
CA HIS B 341 -25.80 28.61 38.93
C HIS B 341 -24.86 29.76 38.57
N CYS B 342 -25.32 30.63 37.68
CA CYS B 342 -24.54 31.77 37.22
C CYS B 342 -25.19 33.08 37.64
N GLY B 343 -25.92 33.04 38.74
CA GLY B 343 -26.55 34.22 39.29
C GLY B 343 -26.89 34.04 40.74
N PRO B 344 -27.26 35.12 41.42
CA PRO B 344 -27.63 35.01 42.83
C PRO B 344 -28.76 34.01 43.03
N VAL B 345 -28.64 33.22 44.09
CA VAL B 345 -29.62 32.18 44.40
C VAL B 345 -30.66 32.75 45.34
N TYR B 346 -31.89 32.23 45.26
CA TYR B 346 -33.00 32.80 46.01
C TYR B 346 -33.84 31.77 46.73
N SER B 347 -33.62 30.48 46.51
CA SER B 347 -34.37 29.48 47.24
C SER B 347 -33.72 28.11 47.07
N THR B 348 -33.72 27.33 48.14
CA THR B 348 -33.21 25.96 48.14
C THR B 348 -34.21 25.16 48.98
N ARG B 349 -34.71 24.08 48.42
CA ARG B 349 -35.70 23.24 49.08
C ARG B 349 -35.28 21.78 49.03
N PHE B 350 -35.63 21.05 50.07
CA PHE B 350 -35.31 19.63 50.15
C PHE B 350 -36.51 18.82 49.68
N LEU B 351 -36.23 17.57 49.29
CA LEU B 351 -37.31 16.65 48.97
C LEU B 351 -37.93 16.12 50.25
N ALA B 352 -39.07 15.46 50.11
CA ALA B 352 -39.78 14.94 51.28
C ALA B 352 -38.92 13.95 52.04
N ASP B 353 -38.20 13.09 51.33
CA ASP B 353 -37.37 12.07 51.95
C ASP B 353 -35.89 12.43 51.95
N SER B 354 -35.54 13.70 51.82
CA SER B 354 -34.16 14.17 51.97
C SER B 354 -33.23 13.53 50.95
N SER B 355 -33.78 12.99 49.86
CA SER B 355 -32.97 12.37 48.84
C SER B 355 -32.14 13.37 48.05
N GLY B 356 -32.73 14.49 47.65
CA GLY B 356 -32.03 15.46 46.82
C GLY B 356 -32.45 16.86 47.17
N LEU B 357 -31.87 17.82 46.46
CA LEU B 357 -32.12 19.23 46.69
C LEU B 357 -32.53 19.91 45.39
N LEU B 358 -33.32 20.97 45.51
CA LEU B 358 -33.78 21.74 44.37
C LEU B 358 -33.60 23.21 44.69
N SER B 359 -33.26 24.01 43.68
CA SER B 359 -32.94 25.41 43.89
C SER B 359 -33.29 26.23 42.65
N CYS B 360 -33.48 27.53 42.87
CA CYS B 360 -33.79 28.48 41.82
C CYS B 360 -32.88 29.68 41.96
N SER B 361 -32.64 30.38 40.85
CA SER B 361 -31.60 31.40 40.81
C SER B 361 -32.03 32.55 39.91
N GLU B 362 -31.27 33.65 39.99
CA GLU B 362 -31.51 34.82 39.17
C GLU B 362 -31.36 34.55 37.68
N ASP B 363 -30.62 33.52 37.31
CA ASP B 363 -30.38 33.17 35.91
C ASP B 363 -31.55 32.41 35.31
N MET B 364 -32.73 32.52 35.89
CA MET B 364 -33.97 31.94 35.34
C MET B 364 -33.79 30.46 35.02
N SER B 365 -33.23 29.72 35.97
CA SER B 365 -33.07 28.28 35.85
C SER B 365 -33.37 27.62 37.18
N ILE B 366 -33.72 26.34 37.13
CA ILE B 366 -34.02 25.54 38.30
C ILE B 366 -33.22 24.25 38.18
N ARG B 367 -32.49 23.89 39.24
CA ARG B 367 -31.56 22.78 39.19
C ARG B 367 -31.83 21.81 40.34
N TYR B 368 -31.73 20.52 40.04
CA TYR B 368 -31.87 19.45 41.02
C TYR B 368 -30.50 18.90 41.35
N TRP B 369 -30.18 18.84 42.64
CA TRP B 369 -28.86 18.41 43.09
C TRP B 369 -28.98 17.02 43.70
N ASP B 370 -28.11 16.12 43.26
CA ASP B 370 -28.09 14.75 43.75
C ASP B 370 -27.13 14.65 44.92
N LEU B 371 -27.63 14.22 46.07
CA LEU B 371 -26.79 14.12 47.26
C LEU B 371 -25.97 12.84 47.28
N GLY B 372 -26.09 11.99 46.27
CA GLY B 372 -25.13 10.90 46.11
C GLY B 372 -23.75 11.41 45.77
N SER B 373 -23.69 12.47 44.96
CA SER B 373 -22.43 13.04 44.52
C SER B 373 -22.35 14.55 44.69
N PHE B 374 -23.42 15.20 45.16
CA PHE B 374 -23.41 16.63 45.41
C PHE B 374 -23.16 17.41 44.12
N THR B 375 -23.88 17.00 43.07
CA THR B 375 -23.66 17.56 41.75
C THR B 375 -25.01 17.77 41.09
N ASN B 376 -25.10 18.87 40.33
CA ASN B 376 -26.30 19.15 39.56
C ASN B 376 -26.42 18.14 38.44
N THR B 377 -27.56 17.45 38.37
CA THR B 377 -27.76 16.39 37.40
C THR B 377 -28.98 16.61 36.50
N VAL B 378 -29.88 17.50 36.87
CA VAL B 378 -31.04 17.84 36.06
C VAL B 378 -31.17 19.35 36.02
N LEU B 379 -31.76 19.86 34.94
CA LEU B 379 -31.90 21.29 34.74
C LEU B 379 -33.24 21.56 34.07
N TYR B 380 -34.10 22.32 34.75
CA TYR B 380 -35.41 22.68 34.23
C TYR B 380 -35.38 24.10 33.71
N GLN B 381 -35.72 24.27 32.43
CA GLN B 381 -35.72 25.58 31.78
C GLN B 381 -37.15 25.88 31.33
N GLY B 382 -37.82 26.78 32.04
CA GLY B 382 -39.15 27.18 31.66
C GLY B 382 -39.48 28.64 31.90
N HIS B 383 -38.47 29.51 31.94
CA HIS B 383 -38.69 30.91 32.25
C HIS B 383 -37.77 31.78 31.40
N ALA B 384 -38.24 32.98 31.11
CA ALA B 384 -37.43 33.98 30.41
C ALA B 384 -37.10 35.17 31.30
N TYR B 385 -37.45 35.13 32.57
CA TYR B 385 -37.17 36.18 33.53
C TYR B 385 -36.73 35.54 34.83
N PRO B 386 -36.09 36.30 35.71
CA PRO B 386 -35.59 35.71 36.96
C PRO B 386 -36.71 35.05 37.77
N VAL B 387 -36.39 33.93 38.37
CA VAL B 387 -37.33 33.17 39.19
C VAL B 387 -37.14 33.60 40.65
N TRP B 388 -38.25 33.93 41.31
CA TRP B 388 -38.21 34.39 42.69
C TRP B 388 -38.30 33.24 43.69
N ASP B 389 -39.35 32.44 43.63
CA ASP B 389 -39.66 31.48 44.67
C ASP B 389 -39.79 30.08 44.10
N LEU B 390 -39.87 29.11 45.01
CA LEU B 390 -39.98 27.71 44.66
C LEU B 390 -40.70 27.00 45.79
N ASP B 391 -41.24 25.81 45.51
CA ASP B 391 -41.96 25.05 46.52
C ASP B 391 -42.23 23.65 46.00
N ILE B 392 -42.31 22.70 46.93
CA ILE B 392 -42.47 21.29 46.60
C ILE B 392 -43.72 20.75 47.28
N SER B 393 -44.38 19.81 46.63
CA SER B 393 -45.64 19.28 47.13
C SER B 393 -45.39 18.31 48.28
N PRO B 394 -46.42 18.04 49.09
CA PRO B 394 -46.20 17.28 50.34
C PRO B 394 -45.44 15.98 50.18
N TYR B 395 -45.74 15.18 49.15
CA TYR B 395 -45.09 13.88 48.97
C TYR B 395 -44.17 13.90 47.75
N SER B 396 -43.65 15.08 47.43
CA SER B 396 -42.69 15.21 46.33
C SER B 396 -43.29 14.71 45.02
N LEU B 397 -44.48 15.18 44.69
CA LEU B 397 -45.13 14.85 43.43
C LEU B 397 -45.01 15.99 42.43
N TYR B 398 -45.08 17.22 42.90
CA TYR B 398 -44.97 18.40 42.06
C TYR B 398 -44.09 19.44 42.73
N PHE B 399 -43.78 20.48 41.97
CA PHE B 399 -43.17 21.69 42.52
C PHE B 399 -43.48 22.84 41.58
N ALA B 400 -43.76 23.99 42.15
CA ALA B 400 -44.12 25.19 41.40
C ALA B 400 -43.10 26.29 41.65
N SER B 401 -43.23 27.37 40.88
CA SER B 401 -42.23 28.43 40.93
C SER B 401 -42.88 29.75 40.54
N GLY B 402 -42.70 30.77 41.36
CA GLY B 402 -43.08 32.11 40.96
C GLY B 402 -41.93 32.82 40.27
N SER B 403 -42.27 33.79 39.44
CA SER B 403 -41.27 34.42 38.58
C SER B 403 -41.61 35.88 38.36
N HIS B 404 -40.62 36.62 37.88
CA HIS B 404 -40.78 38.03 37.58
C HIS B 404 -41.71 38.27 36.41
N ASP B 405 -42.08 37.21 35.68
CA ASP B 405 -42.88 37.34 34.48
C ASP B 405 -44.38 37.31 34.78
N ARG B 406 -44.75 37.56 36.04
CA ARG B 406 -46.14 37.70 36.46
C ARG B 406 -46.90 36.40 36.52
N THR B 407 -46.22 35.25 36.51
CA THR B 407 -46.90 33.96 36.44
C THR B 407 -46.15 32.92 37.24
N ALA B 408 -46.88 31.85 37.58
CA ALA B 408 -46.31 30.66 38.21
C ALA B 408 -46.55 29.47 37.30
N ARG B 409 -45.79 28.40 37.50
CA ARG B 409 -45.82 27.25 36.61
C ARG B 409 -45.66 25.97 37.41
N LEU B 410 -46.33 24.92 36.95
CA LEU B 410 -46.31 23.62 37.60
C LEU B 410 -45.33 22.69 36.90
N TRP B 411 -44.64 21.87 37.70
CA TRP B 411 -43.62 20.97 37.17
C TRP B 411 -43.80 19.59 37.77
N SER B 412 -43.25 18.60 37.06
CA SER B 412 -43.10 17.25 37.55
C SER B 412 -41.61 16.92 37.62
N PHE B 413 -41.26 16.08 38.57
CA PHE B 413 -39.85 15.72 38.70
C PHE B 413 -39.36 14.84 37.58
N ASP B 414 -40.18 14.45 36.60
CA ASP B 414 -39.71 13.57 35.54
C ASP B 414 -39.93 14.14 34.15
N ARG B 415 -40.24 15.43 34.04
CA ARG B 415 -40.26 16.13 32.76
C ARG B 415 -39.60 17.48 32.91
N THR B 416 -38.71 17.80 31.98
CA THR B 416 -37.97 19.07 32.00
C THR B 416 -38.69 20.15 31.20
N TYR B 417 -39.96 20.37 31.48
CA TYR B 417 -40.70 21.45 30.85
C TYR B 417 -42.01 21.65 31.60
N PRO B 418 -42.49 22.88 31.75
CA PRO B 418 -43.64 23.12 32.62
C PRO B 418 -44.88 22.40 32.10
N LEU B 419 -45.84 22.22 33.01
CA LEU B 419 -47.05 21.46 32.74
C LEU B 419 -48.31 22.31 32.80
N ARG B 420 -48.34 23.30 33.69
CA ARG B 420 -49.50 24.18 33.83
C ARG B 420 -49.00 25.59 34.13
N ILE B 421 -49.78 26.58 33.71
CA ILE B 421 -49.43 27.98 33.86
C ILE B 421 -50.60 28.70 34.53
N TYR B 422 -50.31 29.43 35.61
CA TYR B 422 -51.34 30.15 36.35
C TYR B 422 -51.17 31.65 36.17
N ALA B 423 -51.78 32.15 35.10
CA ALA B 423 -51.75 33.59 34.83
C ALA B 423 -52.92 34.27 35.53
N GLY B 424 -52.80 35.56 35.76
CA GLY B 424 -53.86 36.32 36.41
C GLY B 424 -53.38 37.37 37.37
N HIS B 425 -52.21 37.18 37.97
CA HIS B 425 -51.65 38.24 38.82
C HIS B 425 -51.26 39.43 37.96
N LEU B 426 -51.20 40.60 38.57
CA LEU B 426 -50.87 41.82 37.86
C LEU B 426 -49.38 42.17 37.93
N ALA B 427 -48.60 41.44 38.72
CA ALA B 427 -47.20 41.79 38.91
C ALA B 427 -46.45 40.54 39.35
N ASP B 428 -45.22 40.76 39.83
CA ASP B 428 -44.34 39.68 40.23
C ASP B 428 -45.01 38.74 41.23
N VAL B 429 -44.85 37.44 41.01
CA VAL B 429 -45.36 36.43 41.93
C VAL B 429 -44.21 36.07 42.87
N ASP B 430 -44.28 36.57 44.10
CA ASP B 430 -43.15 36.47 45.00
C ASP B 430 -43.20 35.26 45.91
N CYS B 431 -44.39 34.77 46.25
CA CYS B 431 -44.52 33.65 47.18
C CYS B 431 -45.42 32.59 46.57
N VAL B 432 -45.21 31.34 46.99
CA VAL B 432 -46.00 30.21 46.52
C VAL B 432 -45.97 29.12 47.59
N LYS B 433 -47.10 28.46 47.79
CA LYS B 433 -47.18 27.37 48.75
C LYS B 433 -48.23 26.37 48.30
N PHE B 434 -47.92 25.09 48.46
CA PHE B 434 -48.86 24.02 48.18
C PHE B 434 -49.83 23.84 49.35
N HIS B 435 -50.97 23.26 49.05
CA HIS B 435 -51.90 22.86 50.09
C HIS B 435 -51.46 21.54 50.71
N PRO B 436 -51.85 21.27 51.96
CA PRO B 436 -51.49 19.97 52.56
C PRO B 436 -51.94 18.77 51.76
N ASN B 437 -53.09 18.84 51.09
CA ASN B 437 -53.53 17.76 50.24
C ASN B 437 -52.90 17.81 48.84
N SER B 438 -52.17 18.87 48.53
CA SER B 438 -51.45 18.97 47.25
C SER B 438 -52.41 19.07 46.07
N ASN B 439 -53.50 19.81 46.27
CA ASN B 439 -54.48 20.01 45.22
C ASN B 439 -54.83 21.47 44.98
N TYR B 440 -54.35 22.38 45.82
CA TYR B 440 -54.59 23.80 45.65
C TYR B 440 -53.28 24.55 45.87
N LEU B 441 -53.22 25.77 45.35
CA LEU B 441 -51.97 26.52 45.29
C LEU B 441 -52.26 27.97 45.62
N ALA B 442 -51.53 28.52 46.57
CA ALA B 442 -51.62 29.93 46.92
C ALA B 442 -50.37 30.65 46.44
N THR B 443 -50.51 31.91 46.06
CA THR B 443 -49.41 32.70 45.54
C THR B 443 -49.57 34.16 45.96
N GLY B 444 -48.53 34.73 46.55
CA GLY B 444 -48.51 36.14 46.86
C GLY B 444 -47.83 36.96 45.78
N SER B 445 -48.23 38.22 45.68
CA SER B 445 -47.76 39.08 44.62
C SER B 445 -47.58 40.50 45.15
N THR B 446 -46.82 41.30 44.41
CA THR B 446 -46.60 42.68 44.80
C THR B 446 -47.82 43.56 44.63
N ASP B 447 -48.86 43.07 43.95
CA ASP B 447 -50.10 43.80 43.79
C ASP B 447 -51.03 43.66 44.99
N LYS B 448 -50.52 43.16 46.12
CA LYS B 448 -51.25 43.14 47.38
C LYS B 448 -52.40 42.14 47.35
N THR B 449 -52.32 41.15 46.47
CA THR B 449 -53.39 40.19 46.29
C THR B 449 -52.85 38.78 46.44
N VAL B 450 -53.76 37.86 46.79
CA VAL B 450 -53.43 36.46 46.97
C VAL B 450 -54.49 35.64 46.27
N ARG B 451 -54.06 34.65 45.50
CA ARG B 451 -54.96 33.81 44.71
C ARG B 451 -54.73 32.34 45.03
N LEU B 452 -55.83 31.63 45.27
CA LEU B 452 -55.81 30.18 45.41
C LEU B 452 -56.15 29.57 44.05
N TRP B 453 -55.39 28.57 43.64
CA TRP B 453 -55.52 27.99 42.31
C TRP B 453 -55.93 26.53 42.43
N SER B 454 -56.53 26.02 41.36
CA SER B 454 -56.81 24.59 41.24
C SER B 454 -55.65 23.92 40.50
N ALA B 455 -54.89 23.11 41.21
CA ALA B 455 -53.67 22.54 40.63
C ALA B 455 -53.95 21.82 39.33
N GLN B 456 -54.78 20.78 39.34
CA GLN B 456 -54.97 19.96 38.15
C GLN B 456 -55.56 20.77 36.99
N GLN B 457 -56.57 21.59 37.27
CA GLN B 457 -57.23 22.30 36.19
C GLN B 457 -56.51 23.59 35.84
N GLY B 458 -56.21 24.41 36.84
CA GLY B 458 -55.39 25.58 36.61
C GLY B 458 -56.15 26.87 36.39
N ASN B 459 -57.13 27.15 37.25
CA ASN B 459 -57.84 28.41 37.21
C ASN B 459 -57.99 28.92 38.62
N SER B 460 -58.11 30.24 38.75
CA SER B 460 -58.18 30.88 40.05
C SER B 460 -59.55 30.63 40.68
N VAL B 461 -59.55 30.13 41.91
CA VAL B 461 -60.79 29.82 42.62
C VAL B 461 -61.10 30.83 43.72
N ARG B 462 -60.12 31.61 44.17
CA ARG B 462 -60.34 32.61 45.20
C ARG B 462 -59.41 33.79 44.96
N LEU B 463 -59.76 34.93 45.54
CA LEU B 463 -58.97 36.14 45.38
C LEU B 463 -59.22 37.03 46.60
N PHE B 464 -58.28 37.06 47.53
CA PHE B 464 -58.40 37.86 48.73
C PHE B 464 -57.76 39.22 48.52
N THR B 465 -58.29 40.23 49.19
CA THR B 465 -57.77 41.58 49.13
C THR B 465 -57.78 42.16 50.54
N GLY B 466 -56.98 43.19 50.77
CA GLY B 466 -56.95 43.83 52.05
C GLY B 466 -55.58 44.27 52.48
N HIS B 467 -54.55 43.63 51.93
CA HIS B 467 -53.18 44.03 52.25
C HIS B 467 -52.94 45.45 51.74
N ARG B 468 -52.08 46.18 52.45
CA ARG B 468 -51.75 47.54 52.03
C ARG B 468 -50.48 47.57 51.20
N GLY B 469 -49.62 46.57 51.35
CA GLY B 469 -48.39 46.50 50.60
C GLY B 469 -48.12 45.11 50.09
N PRO B 470 -47.02 44.94 49.35
CA PRO B 470 -46.72 43.62 48.77
C PRO B 470 -46.69 42.52 49.82
N VAL B 471 -46.90 41.29 49.35
CA VAL B 471 -46.93 40.12 50.23
C VAL B 471 -45.61 39.37 50.10
N LEU B 472 -45.23 38.66 51.16
CA LEU B 472 -43.92 38.03 51.22
C LEU B 472 -43.91 36.59 51.72
N SER B 473 -45.00 36.09 52.29
CA SER B 473 -44.98 34.74 52.83
C SER B 473 -46.39 34.18 52.86
N LEU B 474 -46.46 32.86 53.02
CA LEU B 474 -47.73 32.14 53.08
C LEU B 474 -47.53 30.89 53.92
N ALA B 475 -48.63 30.34 54.42
CA ALA B 475 -48.55 29.13 55.22
C ALA B 475 -49.95 28.54 55.38
N PHE B 476 -50.05 27.23 55.23
CA PHE B 476 -51.28 26.49 55.47
C PHE B 476 -51.20 25.77 56.81
N SER B 477 -52.32 25.70 57.51
CA SER B 477 -52.39 24.87 58.69
C SER B 477 -52.60 23.42 58.29
N PRO B 478 -51.98 22.47 59.01
CA PRO B 478 -52.01 21.08 58.54
C PRO B 478 -53.38 20.45 58.60
N ASN B 479 -54.37 21.12 59.20
CA ASN B 479 -55.74 20.63 59.14
C ASN B 479 -56.44 21.09 57.87
N GLY B 480 -55.79 21.89 57.04
CA GLY B 480 -56.36 22.33 55.79
C GLY B 480 -57.59 23.20 55.96
N LYS B 481 -57.52 24.18 56.86
CA LYS B 481 -58.67 25.02 57.13
C LYS B 481 -58.37 26.50 56.87
N TYR B 482 -57.18 26.95 57.26
CA TYR B 482 -56.83 28.36 57.18
C TYR B 482 -55.59 28.56 56.31
N LEU B 483 -55.35 29.81 55.96
CA LEU B 483 -54.18 30.21 55.19
C LEU B 483 -53.70 31.54 55.74
N ALA B 484 -52.45 31.60 56.17
CA ALA B 484 -51.89 32.84 56.67
C ALA B 484 -51.05 33.53 55.61
N SER B 485 -50.87 34.84 55.77
CA SER B 485 -50.09 35.61 54.83
C SER B 485 -49.57 36.86 55.53
N ALA B 486 -48.37 37.30 55.15
CA ALA B 486 -47.78 38.49 55.74
C ALA B 486 -47.01 39.24 54.68
N GLY B 487 -46.81 40.53 54.92
CA GLY B 487 -46.11 41.37 53.96
C GLY B 487 -45.50 42.61 54.58
N GLU B 488 -45.22 43.60 53.74
CA GLU B 488 -44.60 44.83 54.23
C GLU B 488 -45.52 45.63 55.14
N ASP B 489 -46.83 45.38 55.07
CA ASP B 489 -47.79 46.13 55.89
C ASP B 489 -47.61 45.90 57.38
N GLN B 490 -46.92 44.83 57.78
CA GLN B 490 -46.71 44.52 59.20
C GLN B 490 -48.00 44.08 59.86
N ARG B 491 -48.84 43.36 59.11
CA ARG B 491 -50.05 42.76 59.66
C ARG B 491 -50.09 41.31 59.22
N LEU B 492 -50.54 40.43 60.11
CA LEU B 492 -50.59 38.99 59.84
C LEU B 492 -52.05 38.56 59.77
N LYS B 493 -52.49 38.16 58.58
CA LYS B 493 -53.88 37.82 58.32
C LYS B 493 -54.01 36.32 58.11
N LEU B 494 -54.97 35.72 58.80
CA LEU B 494 -55.39 34.35 58.55
C LEU B 494 -56.71 34.39 57.81
N TRP B 495 -56.81 33.67 56.70
CA TRP B 495 -58.02 33.62 55.89
C TRP B 495 -58.73 32.30 56.11
N ASP B 496 -60.06 32.33 56.02
CA ASP B 496 -60.86 31.11 56.08
C ASP B 496 -61.16 30.66 54.65
N LEU B 497 -60.55 29.54 54.25
CA LEU B 497 -60.66 29.12 52.85
C LEU B 497 -62.10 28.85 52.43
N ALA B 498 -62.87 28.12 53.25
CA ALA B 498 -64.22 27.75 52.85
C ALA B 498 -65.06 28.98 52.54
N SER B 499 -65.12 29.93 53.48
CA SER B 499 -65.91 31.13 53.29
C SER B 499 -65.16 32.18 52.48
N GLY B 500 -63.84 32.08 52.42
CA GLY B 500 -63.05 33.08 51.72
C GLY B 500 -63.16 34.47 52.29
N THR B 501 -63.07 34.60 53.62
CA THR B 501 -63.20 35.89 54.28
C THR B 501 -62.19 35.97 55.42
N LEU B 502 -61.85 37.20 55.79
CA LEU B 502 -60.93 37.42 56.89
C LEU B 502 -61.40 36.70 58.14
N TYR B 503 -60.49 36.00 58.80
CA TYR B 503 -60.79 35.24 60.01
C TYR B 503 -60.12 35.80 61.25
N LYS B 504 -58.93 36.37 61.11
CA LYS B 504 -58.19 36.87 62.26
C LYS B 504 -57.11 37.81 61.76
N GLU B 505 -56.80 38.82 62.56
CA GLU B 505 -55.76 39.78 62.25
C GLU B 505 -54.88 39.98 63.47
N LEU B 506 -53.57 39.90 63.28
CA LEU B 506 -52.62 40.04 64.36
C LEU B 506 -51.65 41.18 64.03
N ARG B 507 -51.28 41.95 65.06
CA ARG B 507 -50.39 43.08 64.89
C ARG B 507 -49.27 42.99 65.93
N GLY B 508 -48.27 43.85 65.78
CA GLY B 508 -47.21 43.95 66.76
C GLY B 508 -45.82 44.04 66.15
N HIS B 509 -45.59 43.36 65.04
CA HIS B 509 -44.30 43.47 64.37
C HIS B 509 -44.15 44.88 63.81
N THR B 510 -42.91 45.37 63.78
CA THR B 510 -42.64 46.75 63.38
C THR B 510 -41.85 46.85 62.09
N ASP B 511 -41.63 45.74 61.40
CA ASP B 511 -40.90 45.75 60.13
C ASP B 511 -41.31 44.52 59.33
N ASN B 512 -40.78 44.44 58.12
CA ASN B 512 -41.26 43.45 57.15
C ASN B 512 -41.24 42.04 57.73
N ILE B 513 -42.37 41.34 57.60
CA ILE B 513 -42.45 39.94 58.00
C ILE B 513 -42.09 39.08 56.80
N THR B 514 -41.22 38.10 57.01
CA THR B 514 -40.62 37.36 55.90
C THR B 514 -40.63 35.86 56.07
N SER B 515 -41.40 35.32 57.01
CA SER B 515 -41.52 33.88 57.15
C SER B 515 -42.68 33.54 58.07
N LEU B 516 -43.23 32.35 57.88
CA LEU B 516 -44.36 31.87 58.65
C LEU B 516 -44.30 30.36 58.74
N THR B 517 -45.01 29.79 59.71
CA THR B 517 -45.11 28.35 59.82
C THR B 517 -46.10 27.98 60.91
N PHE B 518 -46.77 26.85 60.72
CA PHE B 518 -47.70 26.29 61.68
C PHE B 518 -47.07 25.13 62.42
N SER B 519 -47.63 24.82 63.58
CA SER B 519 -47.27 23.62 64.31
C SER B 519 -48.02 22.43 63.72
N PRO B 520 -47.53 21.21 63.91
CA PRO B 520 -48.20 20.05 63.28
C PRO B 520 -49.60 19.81 63.80
N ASP B 521 -50.09 20.63 64.74
CA ASP B 521 -51.46 20.53 65.23
C ASP B 521 -52.19 21.86 65.18
N SER B 522 -51.84 22.71 64.23
CA SER B 522 -52.48 24.02 64.05
C SER B 522 -52.60 24.75 65.39
N GLY B 523 -51.67 24.48 66.29
CA GLY B 523 -51.69 25.10 67.60
C GLY B 523 -51.17 26.52 67.57
N LEU B 524 -49.95 26.69 67.07
CA LEU B 524 -49.26 27.96 67.11
C LEU B 524 -48.75 28.32 65.73
N ILE B 525 -48.61 29.62 65.49
CA ILE B 525 -48.08 30.15 64.25
C ILE B 525 -46.93 31.09 64.56
N ALA B 526 -45.76 30.79 64.03
CA ALA B 526 -44.54 31.54 64.30
C ALA B 526 -44.21 32.45 63.13
N SER B 527 -43.67 33.62 63.43
CA SER B 527 -43.36 34.62 62.42
C SER B 527 -41.99 35.22 62.69
N ALA B 528 -41.29 35.57 61.62
CA ALA B 528 -40.02 36.27 61.69
C ALA B 528 -40.14 37.59 60.93
N SER B 529 -39.55 38.65 61.47
CA SER B 529 -39.67 39.98 60.90
C SER B 529 -38.29 40.57 60.63
N MET B 530 -38.30 41.72 59.96
CA MET B 530 -37.06 42.42 59.67
C MET B 530 -36.56 43.20 60.88
N ASP B 531 -37.34 43.28 61.94
CA ASP B 531 -36.91 43.90 63.19
C ASP B 531 -35.98 42.99 63.99
N ASN B 532 -35.61 41.84 63.44
CA ASN B 532 -34.76 40.88 64.12
C ASN B 532 -35.46 40.32 65.35
N SER B 533 -36.67 39.80 65.13
CA SER B 533 -37.49 39.27 66.21
C SER B 533 -38.21 38.02 65.72
N VAL B 534 -38.51 37.11 66.65
CA VAL B 534 -39.30 35.92 66.38
C VAL B 534 -40.43 35.91 67.39
N ARG B 535 -41.66 35.87 66.91
CA ARG B 535 -42.84 35.86 67.76
C ARG B 535 -43.72 34.67 67.41
N VAL B 536 -44.04 33.87 68.41
CA VAL B 536 -44.98 32.76 68.27
C VAL B 536 -46.35 33.26 68.73
N TRP B 537 -47.40 32.66 68.19
CA TRP B 537 -48.76 33.11 68.40
C TRP B 537 -49.64 31.91 68.70
N ASP B 538 -50.76 32.15 69.36
CA ASP B 538 -51.78 31.13 69.57
C ASP B 538 -53.14 31.71 69.23
N ILE B 539 -53.91 30.98 68.42
CA ILE B 539 -55.19 31.46 67.95
C ILE B 539 -56.31 30.68 68.62
N ARG B 540 -55.99 29.51 69.16
CA ARG B 540 -56.99 28.63 69.74
C ARG B 540 -57.65 29.34 70.91
N ASN B 541 -58.89 28.94 71.20
CA ASN B 541 -59.78 29.69 72.08
C ASN B 541 -59.11 30.19 73.35
N THR B 542 -58.06 29.54 73.82
CA THR B 542 -57.46 29.92 75.10
C THR B 542 -57.15 31.41 75.07
N TYR B 543 -57.84 32.16 75.92
CA TYR B 543 -57.77 33.62 75.90
C TYR B 543 -56.82 34.11 76.99
N CYS B 544 -56.41 35.37 76.88
CA CYS B 544 -55.50 35.98 77.84
C CYS B 544 -55.76 37.47 77.89
N SER B 545 -55.12 38.14 78.85
CA SER B 545 -55.22 39.60 78.99
C SER B 545 -53.80 40.14 79.14
N ALA B 546 -53.13 40.40 78.00
CA ALA B 546 -51.78 40.94 78.02
C ALA B 546 -51.64 42.01 76.95
N PRO B 547 -52.50 43.03 76.93
CA PRO B 547 -52.46 44.02 75.85
C PRO B 547 -51.30 44.99 75.97
N ALA B 548 -50.09 44.54 75.65
CA ALA B 548 -48.95 45.44 75.55
C ALA B 548 -48.97 46.22 74.24
N ASP B 549 -49.56 45.65 73.19
CA ASP B 549 -49.76 46.35 71.93
C ASP B 549 -51.14 45.96 71.38
N GLY B 550 -51.36 46.21 70.09
CA GLY B 550 -52.65 45.88 69.49
C GLY B 550 -53.12 44.49 69.82
N SER B 551 -52.40 43.46 69.36
CA SER B 551 -52.76 42.09 69.67
C SER B 551 -52.39 41.78 71.11
N SER B 552 -53.35 41.21 71.85
CA SER B 552 -53.15 40.99 73.27
C SER B 552 -53.13 39.52 73.64
N SER B 553 -54.21 38.79 73.32
CA SER B 553 -54.37 37.46 73.89
C SER B 553 -53.70 36.39 73.05
N GLU B 554 -53.22 36.74 71.86
CA GLU B 554 -52.61 35.73 71.00
C GLU B 554 -51.10 35.72 71.17
N LEU B 555 -50.50 36.90 71.32
CA LEU B 555 -49.05 36.98 71.46
C LEU B 555 -48.60 36.19 72.68
N VAL B 556 -47.90 35.08 72.44
CA VAL B 556 -47.45 34.20 73.52
C VAL B 556 -46.02 34.53 73.95
N GLY B 557 -45.06 34.40 73.04
CA GLY B 557 -43.67 34.61 73.39
C GLY B 557 -42.97 35.44 72.34
N VAL B 558 -41.93 36.13 72.79
CA VAL B 558 -41.11 36.98 71.93
C VAL B 558 -39.65 36.66 72.21
N TYR B 559 -38.84 36.63 71.14
CA TYR B 559 -37.44 36.28 71.24
C TYR B 559 -36.64 37.22 70.35
N THR B 560 -35.95 38.18 70.96
CA THR B 560 -35.16 39.16 70.23
C THR B 560 -33.75 39.23 70.81
N GLY B 561 -33.12 38.08 71.03
CA GLY B 561 -31.79 38.06 71.61
C GLY B 561 -30.76 38.71 70.72
N GLN B 562 -29.48 38.47 71.00
CA GLN B 562 -28.40 39.03 70.21
C GLN B 562 -28.44 38.33 68.86
N MET B 563 -28.97 39.00 67.85
CA MET B 563 -29.15 38.38 66.55
C MET B 563 -29.47 39.44 65.50
N SER B 564 -28.76 39.37 64.39
CA SER B 564 -29.05 40.21 63.24
C SER B 564 -30.09 39.52 62.37
N ASN B 565 -30.24 39.98 61.12
CA ASN B 565 -31.30 39.51 60.25
C ASN B 565 -31.54 38.01 60.40
N VAL B 566 -32.82 37.65 60.45
CA VAL B 566 -33.27 36.26 60.56
C VAL B 566 -33.40 35.67 59.17
N LEU B 567 -33.40 34.34 59.10
CA LEU B 567 -33.51 33.65 57.81
C LEU B 567 -34.75 32.77 57.73
N SER B 568 -34.96 31.86 58.69
CA SER B 568 -35.98 30.83 58.53
C SER B 568 -36.56 30.48 59.89
N VAL B 569 -37.69 29.79 59.85
CA VAL B 569 -38.33 29.22 61.03
C VAL B 569 -39.01 27.93 60.61
N GLN B 570 -38.93 26.91 61.47
CA GLN B 570 -39.56 25.63 61.19
C GLN B 570 -40.21 25.09 62.45
N PHE B 571 -40.82 23.92 62.30
CA PHE B 571 -41.33 23.14 63.41
C PHE B 571 -41.01 21.68 63.15
N MET B 572 -40.96 20.89 64.22
CA MET B 572 -40.67 19.48 64.12
C MET B 572 -41.65 18.69 64.98
N ALA B 573 -41.33 17.42 65.19
CA ALA B 573 -42.28 16.49 65.80
C ALA B 573 -42.83 17.00 67.13
N CYS B 574 -41.97 17.39 68.08
CA CYS B 574 -42.40 17.64 69.45
C CYS B 574 -41.88 18.99 69.93
N ASN B 575 -42.67 20.04 69.68
CA ASN B 575 -42.47 21.33 70.32
C ASN B 575 -41.09 21.92 69.99
N LEU B 576 -40.58 21.56 68.83
CA LEU B 576 -39.29 22.05 68.36
C LEU B 576 -39.50 23.18 67.36
N LEU B 577 -38.63 24.18 67.41
CA LEU B 577 -38.75 25.36 66.55
C LEU B 577 -37.35 25.75 66.11
N LEU B 578 -36.93 25.25 64.95
CA LEU B 578 -35.61 25.58 64.44
C LEU B 578 -35.59 26.96 63.82
N VAL B 579 -34.50 27.69 64.04
CA VAL B 579 -34.34 29.05 63.54
C VAL B 579 -32.98 29.15 62.87
N THR B 580 -32.82 30.13 61.99
CA THR B 580 -31.55 30.42 61.37
C THR B 580 -31.40 31.92 61.16
N GLY B 581 -30.16 32.37 61.08
CA GLY B 581 -29.87 33.77 60.86
C GLY B 581 -28.43 34.07 61.20
N ILE B 582 -28.05 35.31 60.92
CA ILE B 582 -26.68 35.76 61.13
C ILE B 582 -26.64 36.63 62.37
N THR B 583 -25.46 36.69 62.99
CA THR B 583 -25.28 37.48 64.19
C THR B 583 -23.90 38.11 64.19
N GLN B 584 -23.66 38.95 65.19
CA GLN B 584 -22.39 39.69 65.29
C GLN B 584 -22.23 40.17 66.72
N GLU B 585 -21.20 39.69 67.40
CA GLU B 585 -20.88 40.16 68.75
C GLU B 585 -19.57 39.54 69.23
N MET C 1 -43.16 5.76 53.07
CA MET C 1 -43.71 6.60 51.99
C MET C 1 -44.58 5.76 51.06
N GLN C 2 -43.95 4.82 50.37
CA GLN C 2 -44.69 3.95 49.45
C GLN C 2 -45.98 3.44 50.08
N GLN C 3 -45.94 3.14 51.37
CA GLN C 3 -47.14 2.67 52.06
C GLN C 3 -48.22 3.74 52.08
N ALA C 4 -47.83 4.98 52.39
CA ALA C 4 -48.80 6.07 52.42
C ALA C 4 -49.42 6.29 51.05
N LEU C 5 -48.61 6.22 50.00
CA LEU C 5 -49.15 6.36 48.65
C LEU C 5 -50.12 5.23 48.33
N GLU C 6 -49.79 3.99 48.72
CA GLU C 6 -50.70 2.89 48.45
C GLU C 6 -52.02 3.07 49.20
N LEU C 7 -51.95 3.53 50.44
CA LEU C 7 -53.17 3.82 51.19
C LEU C 7 -54.01 4.88 50.48
N ALA C 8 -53.38 5.96 50.04
CA ALA C 8 -54.12 7.02 49.37
C ALA C 8 -54.75 6.52 48.08
N LEU C 9 -54.01 5.71 47.30
CA LEU C 9 -54.56 5.18 46.06
C LEU C 9 -55.73 4.25 46.32
N ASP C 10 -55.64 3.41 47.35
CA ASP C 10 -56.78 2.58 47.71
C ASP C 10 -57.99 3.42 48.08
N ARG C 11 -57.78 4.46 48.88
CA ARG C 11 -58.88 5.35 49.24
C ARG C 11 -59.51 5.97 47.99
N ALA C 12 -58.68 6.44 47.07
CA ALA C 12 -59.21 7.06 45.85
C ALA C 12 -59.99 6.07 45.01
N GLU C 13 -59.47 4.85 44.88
CA GLU C 13 -60.19 3.82 44.12
C GLU C 13 -61.54 3.54 44.74
N TYR C 14 -61.58 3.41 46.06
CA TYR C 14 -62.86 3.16 46.73
C TYR C 14 -63.83 4.31 46.50
N VAL C 15 -63.37 5.54 46.63
CA VAL C 15 -64.26 6.68 46.45
C VAL C 15 -64.79 6.73 45.03
N ILE C 16 -63.93 6.48 44.04
CA ILE C 16 -64.37 6.46 42.65
C ILE C 16 -65.44 5.40 42.45
N GLU C 17 -65.19 4.19 42.93
CA GLU C 17 -66.16 3.11 42.78
C GLU C 17 -67.50 3.48 43.40
N SER C 18 -67.48 3.92 44.66
CA SER C 18 -68.73 4.23 45.35
C SER C 18 -69.47 5.38 44.67
N ALA C 19 -68.75 6.42 44.26
CA ALA C 19 -69.40 7.54 43.60
C ALA C 19 -70.00 7.12 42.27
N ARG C 20 -69.35 6.18 41.58
CA ARG C 20 -69.93 5.67 40.33
C ARG C 20 -71.21 4.89 40.62
N GLN C 21 -71.23 4.10 41.69
CA GLN C 21 -72.39 3.24 41.94
C GLN C 21 -73.44 3.92 42.81
N ARG C 22 -73.04 4.51 43.93
CA ARG C 22 -73.97 5.02 44.94
C ARG C 22 -73.87 6.53 45.01
N PRO C 23 -74.41 7.24 44.01
CA PRO C 23 -74.42 8.69 44.08
C PRO C 23 -75.25 9.18 45.26
N PRO C 24 -74.83 10.25 45.93
CA PRO C 24 -75.70 10.87 46.94
C PRO C 24 -76.66 11.86 46.29
N LYS C 25 -77.84 11.99 46.87
CA LYS C 25 -78.77 13.05 46.47
C LYS C 25 -78.44 14.33 47.24
N ARG C 26 -78.38 15.44 46.53
CA ARG C 26 -77.98 16.70 47.14
C ARG C 26 -79.09 17.24 48.05
N SER C 31 -87.36 25.25 44.53
CA SER C 31 -86.94 26.23 43.54
C SER C 31 -87.94 26.31 42.39
N GLY C 32 -88.11 27.52 41.85
CA GLY C 32 -88.91 27.69 40.66
C GLY C 32 -88.16 27.24 39.44
N ARG C 33 -86.93 27.71 39.29
CA ARG C 33 -86.07 27.35 38.18
C ARG C 33 -85.03 26.36 38.67
N LYS C 34 -84.87 25.26 37.93
CA LYS C 34 -83.84 24.27 38.24
C LYS C 34 -82.73 24.35 37.20
N SER C 35 -81.49 24.46 37.68
CA SER C 35 -80.38 24.78 36.81
C SER C 35 -80.17 23.68 35.77
N VAL C 36 -79.61 24.07 34.62
CA VAL C 36 -79.26 23.09 33.60
C VAL C 36 -78.30 22.07 34.17
N PHE C 37 -77.35 22.53 34.99
CA PHE C 37 -76.46 21.58 35.66
C PHE C 37 -77.21 20.74 36.68
N GLN C 38 -78.20 21.32 37.34
CA GLN C 38 -79.04 20.52 38.23
C GLN C 38 -79.76 19.42 37.46
N LYS C 39 -80.32 19.75 36.31
CA LYS C 39 -80.99 18.73 35.51
C LYS C 39 -80.01 17.67 35.03
N LEU C 40 -78.80 18.07 34.68
CA LEU C 40 -77.78 17.09 34.31
C LEU C 40 -77.48 16.15 35.48
N TYR C 41 -77.31 16.71 36.68
CA TYR C 41 -77.02 15.88 37.84
C TYR C 41 -78.17 14.93 38.13
N ASP C 42 -79.40 15.39 37.93
CA ASP C 42 -80.56 14.55 38.20
C ASP C 42 -80.68 13.43 37.18
N LEU C 43 -80.50 13.74 35.90
CA LEU C 43 -80.51 12.70 34.87
C LEU C 43 -79.38 11.71 35.09
N TYR C 44 -78.27 12.16 35.69
CA TYR C 44 -77.22 11.22 36.08
C TYR C 44 -77.68 10.33 37.23
N ILE C 45 -78.31 10.92 38.24
CA ILE C 45 -78.79 10.14 39.37
C ILE C 45 -79.72 9.04 38.91
N GLU C 46 -80.68 9.38 38.03
CA GLU C 46 -81.62 8.37 37.54
C GLU C 46 -80.89 7.22 36.86
N GLU C 47 -79.98 7.52 35.94
CA GLU C 47 -79.35 6.48 35.14
C GLU C 47 -78.60 5.47 36.00
N CYS C 48 -78.18 5.86 37.20
CA CYS C 48 -77.50 4.91 38.07
C CYS C 48 -78.45 3.81 38.53
N GLU C 49 -79.67 4.19 38.93
CA GLU C 49 -80.62 3.19 39.46
C GLU C 49 -80.81 2.04 38.48
N LYS C 50 -81.02 2.36 37.21
CA LYS C 50 -81.35 1.35 36.22
C LYS C 50 -80.28 0.27 36.14
N GLU C 51 -80.61 -0.81 35.45
CA GLU C 51 -79.63 -1.81 35.06
C GLU C 51 -79.44 -1.77 33.55
N PRO C 52 -78.27 -2.16 33.04
CA PRO C 52 -78.11 -2.26 31.59
C PRO C 52 -78.69 -3.56 31.06
N GLU C 53 -78.73 -3.65 29.74
CA GLU C 53 -79.18 -4.88 29.09
C GLU C 53 -78.01 -5.78 28.73
N VAL C 54 -77.02 -5.24 28.05
CA VAL C 54 -75.87 -6.01 27.60
C VAL C 54 -74.82 -6.00 28.71
N LYS C 55 -74.19 -7.15 28.91
CA LYS C 55 -73.01 -7.20 29.77
C LYS C 55 -71.85 -6.48 29.09
N LYS C 56 -71.02 -5.82 29.90
CA LYS C 56 -69.91 -5.02 29.40
C LYS C 56 -70.42 -3.77 28.67
N LEU C 57 -71.36 -3.07 29.29
CA LEU C 57 -71.84 -1.80 28.76
C LEU C 57 -72.42 -0.98 29.89
N ARG C 58 -72.48 0.34 29.70
CA ARG C 58 -73.01 1.26 30.70
C ARG C 58 -74.08 2.15 30.09
N ARG C 59 -74.90 2.74 30.96
CA ARG C 59 -76.03 3.57 30.57
C ARG C 59 -75.70 5.07 30.67
N ASN C 60 -75.23 5.51 31.84
CA ASN C 60 -74.94 6.92 32.07
C ASN C 60 -73.65 7.28 31.35
N VAL C 61 -73.77 7.54 30.05
CA VAL C 61 -72.59 7.79 29.23
C VAL C 61 -72.71 9.10 28.45
N ASN C 62 -73.93 9.51 28.13
CA ASN C 62 -74.16 10.78 27.41
C ASN C 62 -75.25 11.53 28.13
N LEU C 63 -74.87 12.30 29.14
CA LEU C 63 -75.85 13.03 29.92
C LEU C 63 -76.40 14.23 29.16
N LEU C 64 -75.60 14.84 28.29
CA LEU C 64 -76.09 15.97 27.51
C LEU C 64 -76.95 15.51 26.35
N GLU C 65 -76.40 14.66 25.48
CA GLU C 65 -77.13 14.28 24.27
C GLU C 65 -78.48 13.69 24.60
N LYS C 66 -78.60 13.00 25.74
CA LYS C 66 -79.89 12.51 26.18
C LYS C 66 -80.77 13.62 26.73
N LEU C 67 -80.19 14.56 27.48
CA LEU C 67 -80.99 15.62 28.07
C LEU C 67 -81.36 16.69 27.04
N VAL C 68 -81.05 16.46 25.77
CA VAL C 68 -81.49 17.40 24.74
C VAL C 68 -82.92 17.11 24.34
N MET C 69 -83.21 15.88 23.92
CA MET C 69 -84.55 15.52 23.50
C MET C 69 -85.59 15.76 24.59
N GLN C 70 -85.19 15.71 25.85
CA GLN C 70 -86.18 15.75 26.93
C GLN C 70 -86.82 17.12 27.06
N GLU C 71 -86.38 18.10 26.26
CA GLU C 71 -87.07 19.37 26.14
C GLU C 71 -86.37 20.25 25.12
N THR C 72 -87.00 21.38 24.82
CA THR C 72 -86.39 22.35 23.92
C THR C 72 -85.33 23.15 24.66
N LEU C 73 -84.19 23.37 24.01
CA LEU C 73 -83.11 24.18 24.55
C LEU C 73 -82.54 25.02 23.42
N SER C 74 -82.27 26.29 23.69
CA SER C 74 -81.72 27.17 22.67
C SER C 74 -80.22 26.93 22.54
N CYS C 75 -79.78 26.54 21.34
CA CYS C 75 -78.40 26.17 21.10
C CYS C 75 -77.80 27.07 20.01
N LEU C 76 -76.49 26.92 19.85
CA LEU C 76 -75.77 27.56 18.76
C LEU C 76 -75.28 26.46 17.81
N VAL C 77 -75.56 26.60 16.54
CA VAL C 77 -75.32 25.51 15.59
C VAL C 77 -74.10 25.86 14.74
N VAL C 78 -73.35 24.83 14.38
CA VAL C 78 -72.15 24.94 13.55
C VAL C 78 -72.32 24.02 12.36
N ASN C 79 -72.08 24.53 11.16
CA ASN C 79 -72.20 23.76 9.94
C ASN C 79 -70.82 23.54 9.34
N LEU C 80 -70.45 22.29 9.15
CA LEU C 80 -69.13 21.92 8.65
C LEU C 80 -69.31 21.25 7.29
N TYR C 81 -69.34 22.06 6.24
CA TYR C 81 -69.59 21.53 4.91
C TYR C 81 -68.38 20.79 4.38
N PRO C 82 -68.56 19.91 3.41
CA PRO C 82 -67.48 19.02 3.00
C PRO C 82 -66.52 19.67 2.00
N GLY C 83 -65.58 18.86 1.54
CA GLY C 83 -64.59 19.33 0.59
C GLY C 83 -63.85 20.54 1.15
N ASN C 84 -63.67 21.54 0.28
CA ASN C 84 -63.12 22.83 0.69
C ASN C 84 -64.19 23.89 0.86
N GLU C 85 -65.38 23.50 1.29
CA GLU C 85 -66.49 24.44 1.39
C GLU C 85 -66.27 25.43 2.53
N GLY C 86 -65.87 24.95 3.70
CA GLY C 86 -65.67 25.79 4.85
C GLY C 86 -66.59 25.41 6.01
N TYR C 87 -66.92 26.42 6.81
CA TYR C 87 -67.84 26.25 7.92
C TYR C 87 -68.64 27.53 8.09
N SER C 88 -69.76 27.42 8.82
CA SER C 88 -70.64 28.55 9.02
C SER C 88 -71.41 28.35 10.31
N LEU C 89 -71.93 29.47 10.83
CA LEU C 89 -72.66 29.48 12.09
C LEU C 89 -74.10 29.88 11.86
N MET C 90 -75.02 29.23 12.57
CA MET C 90 -76.44 29.53 12.48
C MET C 90 -76.94 29.93 13.87
N LEU C 91 -78.01 30.71 13.89
CA LEU C 91 -78.61 31.18 15.13
C LEU C 91 -80.13 31.17 14.96
N ARG C 92 -80.77 30.13 15.50
CA ARG C 92 -82.21 30.01 15.40
C ARG C 92 -82.90 31.21 16.02
N GLY C 93 -83.93 31.71 15.34
CA GLY C 93 -84.66 32.87 15.80
C GLY C 93 -85.89 32.52 16.62
N LYS C 94 -86.48 33.56 17.21
CA LYS C 94 -87.70 33.42 18.00
C LYS C 94 -88.92 33.10 17.15
N ASN C 95 -88.83 33.32 15.84
CA ASN C 95 -89.99 33.28 14.96
C ASN C 95 -89.93 32.13 13.99
N GLY C 96 -89.38 30.99 14.39
CA GLY C 96 -89.19 29.89 13.48
C GLY C 96 -88.34 30.31 12.30
N SER C 97 -87.53 31.34 12.52
CA SER C 97 -86.67 31.92 11.49
C SER C 97 -85.26 31.41 11.70
N ASP C 98 -84.32 31.96 10.92
CA ASP C 98 -82.93 31.59 11.09
C ASP C 98 -82.04 32.65 10.44
N SER C 99 -80.75 32.56 10.74
CA SER C 99 -79.73 33.38 10.11
C SER C 99 -78.45 32.58 10.04
N GLU C 100 -77.65 32.85 9.02
CA GLU C 100 -76.41 32.13 8.80
C GLU C 100 -75.35 33.07 8.26
N THR C 101 -74.10 32.64 8.38
CA THR C 101 -72.96 33.49 8.09
C THR C 101 -72.28 33.09 6.78
N ILE C 102 -71.33 33.93 6.37
CA ILE C 102 -70.46 33.59 5.25
C ILE C 102 -69.75 32.29 5.54
N ARG C 103 -69.31 31.60 4.49
CA ARG C 103 -68.59 30.34 4.64
C ARG C 103 -67.10 30.66 4.77
N LEU C 104 -66.55 30.42 5.95
CA LEU C 104 -65.13 30.68 6.17
C LEU C 104 -64.30 29.46 5.80
N PRO C 105 -63.10 29.66 5.26
CA PRO C 105 -62.31 28.52 4.78
C PRO C 105 -61.81 27.66 5.92
N TYR C 106 -61.28 26.49 5.55
CA TYR C 106 -60.81 25.54 6.53
C TYR C 106 -59.37 25.79 6.96
N GLU C 107 -58.76 26.88 6.48
CA GLU C 107 -57.41 27.20 6.93
C GLU C 107 -57.43 28.01 8.22
N GLU C 108 -58.36 28.95 8.33
CA GLU C 108 -58.45 29.83 9.49
C GLU C 108 -59.10 29.07 10.65
N GLY C 109 -58.39 28.07 11.13
CA GLY C 109 -58.92 27.22 12.18
C GLY C 109 -58.76 27.80 13.58
N GLU C 110 -59.02 29.09 13.73
CA GLU C 110 -58.92 29.70 15.05
C GLU C 110 -60.10 29.31 15.93
N LEU C 111 -61.31 29.32 15.38
CA LEU C 111 -62.48 28.94 16.15
C LEU C 111 -62.53 27.44 16.41
N LEU C 112 -62.13 26.64 15.43
CA LEU C 112 -62.22 25.19 15.59
C LEU C 112 -61.37 24.73 16.77
N GLU C 113 -60.26 25.40 17.03
CA GLU C 113 -59.47 25.07 18.22
C GLU C 113 -60.30 25.25 19.48
N TYR C 114 -61.05 26.35 19.57
CA TYR C 114 -61.91 26.55 20.72
C TYR C 114 -62.98 25.47 20.80
N LEU C 115 -63.63 25.15 19.68
CA LEU C 115 -64.59 24.07 19.67
C LEU C 115 -63.95 22.74 20.02
N ASP C 116 -62.70 22.53 19.61
CA ASP C 116 -62.06 21.23 19.82
C ASP C 116 -61.83 20.95 21.30
N ALA C 117 -61.89 21.98 22.15
CA ALA C 117 -61.58 21.85 23.56
C ALA C 117 -62.78 22.13 24.47
N GLU C 118 -63.90 22.56 23.91
CA GLU C 118 -65.08 22.91 24.69
C GLU C 118 -64.83 24.14 25.55
N GLU C 119 -64.23 25.16 24.95
CA GLU C 119 -63.95 26.42 25.64
C GLU C 119 -64.68 27.54 24.92
N LEU C 120 -65.35 28.38 25.69
CA LEU C 120 -66.12 29.46 25.12
C LEU C 120 -65.19 30.56 24.60
N PRO C 121 -65.19 30.87 23.31
CA PRO C 121 -64.37 31.97 22.83
C PRO C 121 -64.87 33.29 23.39
N PRO C 122 -63.98 34.26 23.62
CA PRO C 122 -64.42 35.55 24.17
C PRO C 122 -65.02 36.48 23.15
N ILE C 123 -64.69 36.32 21.87
CA ILE C 123 -65.33 37.14 20.84
C ILE C 123 -66.81 36.83 20.75
N LEU C 124 -67.18 35.57 20.96
CA LEU C 124 -68.56 35.15 20.81
C LEU C 124 -69.47 35.88 21.80
N VAL C 125 -69.07 35.93 23.07
CA VAL C 125 -69.93 36.44 24.13
C VAL C 125 -70.27 37.92 23.93
N ASP C 126 -69.28 38.73 23.53
CA ASP C 126 -69.53 40.16 23.40
C ASP C 126 -70.68 40.43 22.45
N LEU C 127 -70.85 39.59 21.43
CA LEU C 127 -71.96 39.76 20.51
C LEU C 127 -73.21 39.03 20.98
N LEU C 128 -73.07 37.79 21.45
CA LEU C 128 -74.24 37.04 21.90
C LEU C 128 -75.00 37.80 22.97
N GLU C 129 -74.32 38.60 23.78
CA GLU C 129 -75.04 39.46 24.72
C GLU C 129 -75.83 40.54 23.98
N LYS C 130 -75.24 41.14 22.94
CA LYS C 130 -75.97 42.14 22.16
C LYS C 130 -77.22 41.55 21.54
N SER C 131 -77.11 40.35 20.97
CA SER C 131 -78.29 39.66 20.49
C SER C 131 -79.12 39.20 21.68
N GLN C 132 -80.26 39.87 21.90
CA GLN C 132 -81.02 39.65 23.12
C GLN C 132 -81.69 38.28 23.02
N VAL C 133 -80.92 37.25 23.40
CA VAL C 133 -81.43 35.90 23.56
C VAL C 133 -80.83 35.32 24.83
N ASN C 134 -81.50 34.31 25.38
CA ASN C 134 -81.15 33.73 26.67
C ASN C 134 -80.43 32.40 26.50
N ILE C 135 -79.54 32.30 25.52
CA ILE C 135 -78.90 31.03 25.20
C ILE C 135 -77.89 30.61 26.26
N PHE C 136 -77.56 31.47 27.22
CA PHE C 136 -76.66 31.11 28.29
C PHE C 136 -77.38 30.20 29.30
N HIS C 137 -76.64 29.29 29.91
CA HIS C 137 -77.16 28.41 30.95
C HIS C 137 -76.04 28.19 31.95
N CYS C 138 -76.04 28.96 33.03
CA CYS C 138 -74.98 28.91 34.03
C CYS C 138 -73.62 29.12 33.37
N GLY C 139 -73.46 30.27 32.73
CA GLY C 139 -72.21 30.60 32.08
C GLY C 139 -72.00 29.88 30.77
N CYS C 140 -72.18 28.56 30.78
CA CYS C 140 -71.91 27.73 29.63
C CYS C 140 -72.95 27.95 28.53
N VAL C 141 -72.55 27.67 27.30
CA VAL C 141 -73.41 27.79 26.13
C VAL C 141 -73.38 26.45 25.42
N ILE C 142 -74.55 25.85 25.23
CA ILE C 142 -74.64 24.57 24.52
C ILE C 142 -74.59 24.85 23.03
N ALA C 143 -73.88 24.00 22.29
CA ALA C 143 -73.70 24.16 20.86
C ALA C 143 -73.91 22.84 20.16
N GLU C 144 -74.42 22.90 18.93
CA GLU C 144 -74.68 21.73 18.12
C GLU C 144 -73.79 21.77 16.88
N ILE C 145 -73.17 20.64 16.58
CA ILE C 145 -72.16 20.56 15.51
C ILE C 145 -72.73 19.63 14.44
N ARG C 146 -73.16 20.21 13.33
CA ARG C 146 -73.56 19.45 12.15
C ARG C 146 -72.41 19.44 11.15
N ASP C 147 -72.12 18.27 10.61
CA ASP C 147 -71.01 18.14 9.65
C ASP C 147 -71.44 17.25 8.51
N TYR C 148 -71.39 17.78 7.30
CA TYR C 148 -71.58 17.01 6.08
C TYR C 148 -70.25 16.57 5.49
N ARG C 149 -69.23 16.42 6.33
CA ARG C 149 -67.89 16.12 5.83
C ARG C 149 -67.86 14.78 5.10
N GLN C 150 -68.55 13.77 5.63
CA GLN C 150 -68.50 12.41 5.10
C GLN C 150 -69.93 11.91 4.95
N SER C 151 -70.42 11.86 3.71
CA SER C 151 -71.73 11.28 3.43
C SER C 151 -71.90 11.19 1.92
N SER C 152 -72.49 10.10 1.44
CA SER C 152 -72.83 9.92 0.04
C SER C 152 -74.18 9.23 -0.10
N ASN C 153 -75.11 9.55 0.78
CA ASN C 153 -76.45 8.95 0.77
C ASN C 153 -77.51 9.87 0.19
N MET C 154 -77.21 11.16 0.05
CA MET C 154 -78.15 12.10 -0.53
C MET C 154 -79.50 11.98 0.17
N LYS C 155 -79.53 12.29 1.46
CA LYS C 155 -80.73 12.19 2.27
C LYS C 155 -81.09 13.58 2.77
N SER C 156 -82.13 13.64 3.60
CA SER C 156 -82.47 14.91 4.23
C SER C 156 -81.56 15.23 5.40
N PRO C 157 -81.41 14.37 6.42
CA PRO C 157 -80.56 14.73 7.56
C PRO C 157 -79.09 14.83 7.17
N GLY C 158 -78.54 13.75 6.63
CA GLY C 158 -77.17 13.76 6.14
C GLY C 158 -76.14 14.39 7.06
N TYR C 159 -76.40 14.42 8.37
CA TYR C 159 -75.42 14.92 9.32
C TYR C 159 -75.62 14.24 10.66
N GLN C 160 -74.61 14.32 11.52
CA GLN C 160 -74.62 13.68 12.84
C GLN C 160 -74.64 14.78 13.89
N SER C 161 -75.83 15.07 14.41
CA SER C 161 -75.98 16.15 15.38
C SER C 161 -75.29 15.78 16.69
N ARG C 162 -74.13 16.38 16.93
CA ARG C 162 -73.44 16.27 18.21
C ARG C 162 -73.69 17.53 19.01
N HIS C 163 -73.78 17.35 20.33
CA HIS C 163 -73.93 18.47 21.26
C HIS C 163 -72.73 18.51 22.20
N ILE C 164 -72.32 19.72 22.57
CA ILE C 164 -71.20 19.92 23.47
C ILE C 164 -71.47 21.16 24.29
N LEU C 165 -70.78 21.25 25.41
CA LEU C 165 -70.95 22.35 26.35
C LEU C 165 -69.69 23.21 26.31
N LEU C 166 -69.85 24.50 25.97
CA LEU C 166 -68.72 25.42 25.91
C LEU C 166 -68.59 26.11 27.26
N ARG C 167 -67.78 25.55 28.14
CA ARG C 167 -67.63 26.13 29.46
C ARG C 167 -66.90 27.47 29.37
N PRO C 168 -67.22 28.42 30.24
CA PRO C 168 -66.47 29.68 30.27
C PRO C 168 -65.11 29.46 30.91
N THR C 169 -64.15 30.31 30.57
CA THR C 169 -62.77 30.18 31.02
C THR C 169 -62.28 31.50 31.61
N MET C 170 -61.06 31.47 32.14
CA MET C 170 -60.51 32.65 32.80
C MET C 170 -60.41 33.83 31.84
N GLN C 171 -60.28 33.57 30.53
CA GLN C 171 -60.31 34.67 29.58
C GLN C 171 -61.65 35.40 29.65
N THR C 172 -62.74 34.64 29.69
CA THR C 172 -64.07 35.24 29.71
C THR C 172 -64.26 36.09 30.96
N LEU C 173 -63.75 35.63 32.10
CA LEU C 173 -63.92 36.37 33.34
C LEU C 173 -63.18 37.70 33.29
N ILE C 174 -61.96 37.70 32.74
CA ILE C 174 -61.23 38.95 32.63
C ILE C 174 -61.91 39.89 31.65
N CYS C 175 -62.43 39.35 30.54
CA CYS C 175 -63.20 40.20 29.64
C CYS C 175 -64.41 40.79 30.33
N ASP C 176 -65.10 40.00 31.16
CA ASP C 176 -66.25 40.51 31.90
C ASP C 176 -65.83 41.62 32.85
N VAL C 177 -64.73 41.43 33.57
CA VAL C 177 -64.22 42.48 34.46
C VAL C 177 -63.97 43.75 33.66
N HIS C 178 -63.33 43.63 32.50
CA HIS C 178 -63.11 44.78 31.65
C HIS C 178 -64.42 45.43 31.24
N SER C 179 -65.45 44.63 30.96
CA SER C 179 -66.69 45.16 30.44
C SER C 179 -67.49 45.91 31.51
N ILE C 180 -67.58 45.33 32.71
CA ILE C 180 -68.38 45.95 33.77
C ILE C 180 -67.80 47.28 34.19
N THR C 181 -66.47 47.40 34.21
CA THR C 181 -65.83 48.60 34.71
C THR C 181 -65.85 49.75 33.73
N SER C 182 -66.32 49.54 32.50
CA SER C 182 -66.29 50.58 31.48
C SER C 182 -67.48 51.51 31.60
N ASP C 183 -68.11 51.56 32.78
CA ASP C 183 -69.24 52.43 33.00
C ASP C 183 -68.77 53.84 33.34
N ASN C 184 -69.71 54.78 33.35
CA ASN C 184 -69.38 56.20 33.49
C ASN C 184 -68.61 56.49 34.77
N HIS C 185 -68.75 55.67 35.79
CA HIS C 185 -68.11 55.94 37.07
C HIS C 185 -66.59 55.87 36.93
N LYS C 186 -65.91 56.24 38.01
CA LYS C 186 -64.49 55.97 38.15
C LYS C 186 -64.29 54.63 38.85
N TRP C 187 -63.15 54.00 38.58
CA TRP C 187 -62.78 52.75 39.23
C TRP C 187 -61.32 52.84 39.60
N THR C 188 -61.01 52.54 40.86
CA THR C 188 -59.62 52.46 41.29
C THR C 188 -59.19 51.01 41.37
N GLN C 189 -57.87 50.80 41.33
CA GLN C 189 -57.33 49.46 41.26
C GLN C 189 -57.92 48.56 42.35
N GLU C 190 -57.95 49.06 43.58
CA GLU C 190 -58.54 48.30 44.68
C GLU C 190 -59.98 47.89 44.34
N ASP C 191 -60.75 48.80 43.75
CA ASP C 191 -62.13 48.49 43.44
C ASP C 191 -62.25 47.43 42.35
N LYS C 192 -61.41 47.50 41.33
CA LYS C 192 -61.41 46.47 40.30
C LYS C 192 -61.09 45.10 40.91
N LEU C 193 -60.11 45.07 41.81
CA LEU C 193 -59.80 43.80 42.46
C LEU C 193 -60.95 43.30 43.31
N LEU C 194 -61.65 44.20 44.01
CA LEU C 194 -62.81 43.78 44.78
C LEU C 194 -63.88 43.17 43.88
N LEU C 195 -64.18 43.84 42.77
CA LEU C 195 -65.17 43.30 41.84
C LEU C 195 -64.75 41.91 41.35
N GLU C 196 -63.49 41.76 40.95
CA GLU C 196 -63.02 40.46 40.47
C GLU C 196 -63.13 39.41 41.56
N SER C 197 -62.78 39.77 42.80
CA SER C 197 -62.87 38.81 43.89
C SER C 197 -64.30 38.35 44.11
N GLN C 198 -65.25 39.29 44.09
CA GLN C 198 -66.65 38.90 44.24
C GLN C 198 -67.09 37.98 43.11
N LEU C 199 -66.77 38.33 41.86
CA LEU C 199 -67.17 37.49 40.75
C LEU C 199 -66.59 36.09 40.88
N ILE C 200 -65.31 35.98 41.23
CA ILE C 200 -64.68 34.66 41.37
C ILE C 200 -65.36 33.88 42.48
N LEU C 201 -65.64 34.53 43.60
CA LEU C 201 -66.28 33.84 44.73
C LEU C 201 -67.64 33.30 44.32
N ALA C 202 -68.40 34.08 43.55
CA ALA C 202 -69.77 33.67 43.23
C ALA C 202 -69.80 32.42 42.37
N THR C 203 -69.04 32.39 41.28
CA THR C 203 -69.18 31.38 40.25
C THR C 203 -68.09 30.31 40.29
N ALA C 204 -67.46 30.10 41.43
CA ALA C 204 -66.38 29.12 41.52
C ALA C 204 -66.90 27.76 41.98
N GLU C 205 -66.22 26.71 41.52
CA GLU C 205 -66.55 25.35 41.92
C GLU C 205 -66.32 25.19 43.43
N PRO C 206 -67.11 24.37 44.11
CA PRO C 206 -66.89 24.18 45.55
C PRO C 206 -65.52 23.56 45.83
N LEU C 207 -64.98 23.87 47.00
CA LEU C 207 -63.64 23.43 47.35
C LEU C 207 -63.70 22.24 48.30
N CYS C 208 -62.85 21.24 48.03
CA CYS C 208 -62.81 20.01 48.83
C CYS C 208 -61.66 20.12 49.84
N LEU C 209 -61.78 21.09 50.75
CA LEU C 209 -60.73 21.37 51.72
C LEU C 209 -60.64 20.22 52.69
N ASP C 210 -59.62 19.39 52.54
CA ASP C 210 -59.41 18.24 53.40
C ASP C 210 -57.97 17.77 53.36
N PRO C 211 -57.28 17.67 54.50
CA PRO C 211 -55.86 17.29 54.48
C PRO C 211 -55.64 15.78 54.30
N SER C 212 -55.70 15.31 53.06
CA SER C 212 -55.35 13.93 52.76
C SER C 212 -55.19 13.80 51.26
N ILE C 213 -54.09 13.17 50.84
CA ILE C 213 -53.72 13.16 49.43
C ILE C 213 -54.57 12.16 48.66
N ALA C 214 -55.52 11.52 49.33
CA ALA C 214 -56.52 10.77 48.57
C ALA C 214 -57.27 11.68 47.62
N VAL C 215 -57.54 12.92 48.04
CA VAL C 215 -58.25 13.87 47.21
C VAL C 215 -57.52 14.09 45.89
N THR C 216 -56.23 14.38 45.95
CA THR C 216 -55.48 14.66 44.72
C THR C 216 -55.35 13.42 43.86
N CYS C 217 -55.23 12.24 44.46
CA CYS C 217 -55.20 11.02 43.66
C CYS C 217 -56.49 10.84 42.88
N THR C 218 -57.63 11.02 43.55
CA THR C 218 -58.91 10.93 42.84
C THR C 218 -58.99 11.96 41.72
N ALA C 219 -58.64 13.20 42.01
CA ALA C 219 -58.73 14.25 41.01
C ALA C 219 -57.83 13.94 39.81
N ASN C 220 -56.61 13.47 40.06
CA ASN C 220 -55.71 13.14 38.98
C ASN C 220 -56.27 12.02 38.12
N ARG C 221 -56.80 10.97 38.75
CA ARG C 221 -57.37 9.88 37.96
C ARG C 221 -58.49 10.37 37.07
N LEU C 222 -59.43 11.12 37.65
CA LEU C 222 -60.59 11.55 36.87
C LEU C 222 -60.17 12.48 35.73
N LEU C 223 -59.31 13.46 36.01
CA LEU C 223 -58.89 14.37 34.95
C LEU C 223 -58.10 13.66 33.86
N TYR C 224 -57.14 12.82 34.26
CA TYR C 224 -56.37 12.05 33.29
C TYR C 224 -57.31 11.30 32.35
N ASN C 225 -58.27 10.57 32.91
CA ASN C 225 -59.21 9.86 32.05
C ASN C 225 -60.03 10.81 31.20
N LYS C 226 -60.32 12.00 31.71
CA LYS C 226 -61.07 12.97 30.91
C LYS C 226 -60.30 13.35 29.64
N GLN C 227 -59.00 13.57 29.77
CA GLN C 227 -58.21 14.15 28.67
C GLN C 227 -56.98 13.32 28.31
N LYS C 228 -57.11 11.99 28.30
CA LYS C 228 -55.93 11.14 28.14
C LYS C 228 -55.50 11.05 26.68
N MET C 229 -56.23 11.70 25.76
CA MET C 229 -55.94 11.58 24.33
C MET C 229 -55.56 12.91 23.70
N ASN C 230 -54.91 13.80 24.44
CA ASN C 230 -54.43 15.07 23.91
C ASN C 230 -52.91 15.15 23.92
N THR C 231 -52.23 14.02 23.86
CA THR C 231 -50.78 14.03 23.80
C THR C 231 -50.32 14.76 22.55
N ARG C 232 -49.10 15.26 22.60
CA ARG C 232 -48.57 16.05 21.50
C ARG C 232 -48.53 15.24 20.21
N PRO C 233 -48.04 13.98 20.24
CA PRO C 233 -48.06 13.18 19.02
C PRO C 233 -49.45 12.97 18.44
N MET C 234 -50.46 12.78 19.29
CA MET C 234 -51.83 12.69 18.79
C MET C 234 -52.21 13.92 17.98
N LYS C 235 -51.99 15.11 18.54
CA LYS C 235 -52.39 16.32 17.85
C LYS C 235 -51.57 16.52 16.58
N ARG C 236 -50.28 16.17 16.61
CA ARG C 236 -49.49 16.24 15.39
C ARG C 236 -50.07 15.32 14.32
N CYS C 237 -50.47 14.11 14.69
CA CYS C 237 -51.02 13.19 13.72
C CYS C 237 -52.32 13.70 13.14
N PHE C 238 -53.23 14.18 13.99
CA PHE C 238 -54.43 14.81 13.46
C PHE C 238 -54.10 15.93 12.49
N LYS C 239 -53.20 16.82 12.89
CA LYS C 239 -52.89 17.97 12.05
C LYS C 239 -52.20 17.55 10.75
N ARG C 240 -51.60 16.36 10.72
CA ARG C 240 -50.83 15.97 9.55
C ARG C 240 -51.72 15.65 8.37
N TYR C 241 -52.97 15.25 8.62
CA TYR C 241 -53.89 14.83 7.56
C TYR C 241 -55.09 15.77 7.43
N SER C 242 -55.17 16.81 8.24
CA SER C 242 -56.29 17.72 8.15
C SER C 242 -56.36 18.33 6.75
N ARG C 243 -57.50 18.98 6.47
CA ARG C 243 -57.79 19.39 5.10
C ARG C 243 -56.78 20.41 4.59
N SER C 244 -56.38 21.36 5.43
CA SER C 244 -55.43 22.37 4.99
C SER C 244 -54.10 21.75 4.59
N SER C 245 -53.67 20.71 5.31
CA SER C 245 -52.45 20.02 4.92
C SER C 245 -52.57 19.42 3.52
N LEU C 246 -53.70 18.77 3.23
CA LEU C 246 -53.91 18.24 1.89
C LEU C 246 -53.87 19.35 0.84
N ASN C 247 -54.58 20.44 1.08
CA ASN C 247 -54.57 21.54 0.11
C ASN C 247 -53.15 22.02 -0.16
N ARG C 248 -52.29 22.00 0.86
CA ARG C 248 -50.89 22.37 0.63
C ARG C 248 -50.17 21.32 -0.20
N GLN C 249 -50.45 20.04 0.05
CA GLN C 249 -49.74 19.00 -0.69
C GLN C 249 -49.99 19.09 -2.19
N GLN C 250 -51.23 19.35 -2.61
CA GLN C 250 -51.51 19.40 -4.04
C GLN C 250 -50.59 20.38 -4.76
N ASP C 251 -50.29 21.51 -4.13
CA ASP C 251 -49.45 22.52 -4.78
C ASP C 251 -48.06 22.00 -5.06
N LEU C 252 -47.60 20.99 -4.32
CA LEU C 252 -46.21 20.56 -4.43
C LEU C 252 -45.93 19.78 -5.71
N SER C 253 -46.98 19.31 -6.41
CA SER C 253 -46.75 18.48 -7.59
C SER C 253 -46.06 19.24 -8.71
N HIS C 254 -46.02 20.57 -8.65
CA HIS C 254 -45.51 21.37 -9.75
C HIS C 254 -44.10 21.91 -9.51
N CYS C 255 -43.52 21.66 -8.35
CA CYS C 255 -42.15 22.10 -8.16
C CYS C 255 -41.21 21.22 -8.98
N PRO C 256 -40.07 21.76 -9.41
CA PRO C 256 -39.20 21.01 -10.32
C PRO C 256 -38.41 19.96 -9.56
N PRO C 257 -37.58 19.19 -10.25
CA PRO C 257 -36.77 18.17 -9.57
C PRO C 257 -35.45 18.76 -9.11
N PRO C 258 -34.76 18.08 -8.19
CA PRO C 258 -33.48 18.56 -7.70
C PRO C 258 -32.37 18.26 -8.70
N PRO C 259 -31.13 18.56 -8.36
CA PRO C 259 -30.01 18.09 -9.18
C PRO C 259 -29.83 16.60 -9.05
N GLN C 260 -28.92 16.07 -9.86
CA GLN C 260 -28.59 14.65 -9.92
C GLN C 260 -29.70 13.85 -10.60
N LEU C 261 -30.83 14.48 -10.89
CA LEU C 261 -31.93 13.85 -11.60
C LEU C 261 -32.19 14.49 -12.94
N ARG C 262 -31.37 15.45 -13.33
CA ARG C 262 -31.42 16.05 -14.65
C ARG C 262 -31.41 15.02 -15.77
N LEU C 263 -30.95 13.80 -15.49
CA LEU C 263 -31.00 12.76 -16.50
C LEU C 263 -32.42 12.50 -16.96
N LEU C 264 -33.40 12.60 -16.06
CA LEU C 264 -34.79 12.48 -16.48
C LEU C 264 -35.15 13.55 -17.48
N ASP C 265 -34.70 14.79 -17.25
CA ASP C 265 -34.96 15.85 -18.21
C ASP C 265 -34.34 15.53 -19.56
N PHE C 266 -33.08 15.10 -19.56
CA PHE C 266 -32.42 14.76 -20.80
C PHE C 266 -33.19 13.69 -21.55
N LEU C 267 -33.57 12.61 -20.86
CA LEU C 267 -34.28 11.53 -21.53
C LEU C 267 -35.63 11.97 -22.05
N GLN C 268 -36.40 12.70 -21.25
CA GLN C 268 -37.71 13.18 -21.70
C GLN C 268 -37.57 14.02 -22.96
N LYS C 269 -36.67 15.01 -22.95
CA LYS C 269 -36.52 15.84 -24.12
C LYS C 269 -36.00 15.05 -25.32
N ARG C 270 -35.14 14.05 -25.09
CA ARG C 270 -34.59 13.29 -26.20
C ARG C 270 -35.63 12.42 -26.87
N LYS C 271 -36.48 11.74 -26.10
CA LYS C 271 -37.39 10.77 -26.68
C LYS C 271 -38.22 11.37 -27.81
N GLU C 272 -38.67 12.61 -27.66
CA GLU C 272 -39.58 13.23 -28.62
C GLU C 272 -39.00 13.37 -30.01
N ARG C 273 -37.67 13.45 -30.14
CA ARG C 273 -37.06 13.85 -31.40
C ARG C 273 -37.58 13.03 -32.57
N LYS C 274 -37.30 11.73 -32.59
CA LYS C 274 -37.79 10.86 -33.65
C LYS C 274 -37.31 9.44 -33.35
N ALA C 275 -37.89 8.49 -34.08
CA ALA C 275 -37.46 7.09 -34.05
C ALA C 275 -37.42 6.59 -35.48
N GLY C 276 -36.32 5.97 -35.88
CA GLY C 276 -36.22 5.43 -37.21
C GLY C 276 -34.89 4.73 -37.42
N GLN C 277 -34.89 3.79 -38.35
CA GLN C 277 -33.67 3.09 -38.74
C GLN C 277 -33.98 2.33 -40.02
N HIS C 278 -33.14 2.47 -41.03
CA HIS C 278 -33.29 1.68 -42.25
C HIS C 278 -32.66 0.32 -42.06
N TYR C 279 -33.13 -0.65 -42.83
CA TYR C 279 -32.62 -2.02 -42.77
C TYR C 279 -32.67 -2.55 -41.34
N ASP C 280 -33.85 -2.44 -40.74
CA ASP C 280 -34.07 -2.91 -39.37
C ASP C 280 -34.21 -4.43 -39.41
N LEU C 281 -33.23 -5.15 -38.88
CA LEU C 281 -33.22 -6.60 -38.95
C LEU C 281 -33.89 -7.26 -37.75
N LYS C 282 -34.30 -6.50 -36.75
CA LYS C 282 -34.98 -7.09 -35.60
C LYS C 282 -36.37 -7.57 -35.98
N ILE C 283 -36.78 -8.70 -35.42
CA ILE C 283 -38.11 -9.24 -35.65
C ILE C 283 -38.77 -9.59 -34.32
N SER C 284 -38.25 -9.05 -33.23
CA SER C 284 -38.75 -9.43 -31.90
C SER C 284 -38.84 -8.20 -31.03
N LYS C 285 -40.00 -7.99 -30.41
CA LYS C 285 -40.09 -7.00 -29.34
C LYS C 285 -39.64 -7.59 -28.01
N ALA C 286 -40.00 -8.85 -27.74
CA ALA C 286 -39.62 -9.53 -26.52
C ALA C 286 -38.26 -10.19 -26.61
N GLY C 287 -37.42 -9.77 -27.57
CA GLY C 287 -36.07 -10.29 -27.63
C GLY C 287 -35.24 -9.96 -26.41
N ASN C 288 -35.70 -9.02 -25.59
CA ASN C 288 -35.03 -8.68 -24.35
C ASN C 288 -35.61 -9.49 -23.19
N CYS C 289 -35.53 -10.82 -23.28
CA CYS C 289 -35.89 -11.69 -22.18
C CYS C 289 -34.62 -12.20 -21.52
N VAL C 290 -34.78 -12.84 -20.37
CA VAL C 290 -33.62 -13.29 -19.59
C VAL C 290 -33.36 -14.77 -19.78
N ASP C 291 -34.32 -15.62 -19.41
CA ASP C 291 -34.14 -17.07 -19.46
C ASP C 291 -34.28 -17.55 -20.91
N MET C 292 -33.32 -17.13 -21.74
CA MET C 292 -33.33 -17.51 -23.14
C MET C 292 -32.99 -18.99 -23.32
N TRP C 293 -32.52 -19.65 -22.27
CA TRP C 293 -32.09 -21.03 -22.39
C TRP C 293 -33.27 -22.01 -22.37
N LYS C 294 -34.45 -21.56 -21.99
CA LYS C 294 -35.58 -22.47 -21.90
C LYS C 294 -36.00 -22.92 -23.29
N ARG C 295 -36.43 -24.17 -23.39
CA ARG C 295 -36.90 -24.74 -24.64
C ARG C 295 -38.16 -25.53 -24.36
N SER C 296 -39.22 -25.27 -25.12
CA SER C 296 -40.46 -25.99 -24.92
C SER C 296 -40.29 -27.44 -25.37
N PRO C 297 -40.96 -28.38 -24.72
CA PRO C 297 -40.87 -29.78 -25.18
C PRO C 297 -41.51 -29.93 -26.55
N CYS C 298 -40.73 -30.30 -27.54
CA CYS C 298 -41.19 -30.32 -28.92
C CYS C 298 -41.28 -31.75 -29.42
N ASN C 299 -42.43 -32.12 -29.95
CA ASN C 299 -42.67 -33.45 -30.51
C ASN C 299 -42.60 -33.34 -32.02
N LEU C 300 -41.62 -33.99 -32.62
CA LEU C 300 -41.49 -33.98 -34.07
C LEU C 300 -42.25 -35.15 -34.67
N ALA C 301 -42.77 -34.94 -35.87
CA ALA C 301 -43.43 -36.01 -36.59
C ALA C 301 -42.41 -36.80 -37.38
N ILE C 302 -42.65 -38.11 -37.48
CA ILE C 302 -41.69 -39.03 -38.11
C ILE C 302 -41.54 -38.67 -39.58
N PRO C 303 -40.33 -38.47 -40.08
CA PRO C 303 -40.16 -38.20 -41.51
C PRO C 303 -40.52 -39.42 -42.34
N SER C 304 -41.05 -39.17 -43.54
CA SER C 304 -41.52 -40.25 -44.39
C SER C 304 -40.38 -41.17 -44.80
N GLU C 305 -39.23 -40.61 -45.17
CA GLU C 305 -38.16 -41.40 -45.76
C GLU C 305 -36.82 -40.73 -45.49
N VAL C 306 -35.92 -41.45 -44.81
CA VAL C 306 -34.59 -40.95 -44.49
C VAL C 306 -33.59 -41.58 -45.45
N ASP C 307 -32.70 -40.75 -46.01
CA ASP C 307 -31.82 -41.20 -47.07
C ASP C 307 -30.35 -41.04 -46.69
N VAL C 308 -29.98 -41.44 -45.48
CA VAL C 308 -28.61 -41.25 -45.04
C VAL C 308 -27.64 -42.16 -45.78
N GLU C 309 -28.05 -43.39 -46.10
CA GLU C 309 -27.09 -44.36 -46.62
C GLU C 309 -26.60 -44.01 -48.01
N LYS C 310 -27.30 -43.13 -48.73
CA LYS C 310 -26.80 -42.69 -50.02
C LYS C 310 -25.46 -41.97 -49.89
N TYR C 311 -25.23 -41.36 -48.73
CA TYR C 311 -24.06 -40.52 -48.54
C TYR C 311 -23.07 -41.10 -47.55
N ALA C 312 -23.50 -42.02 -46.70
CA ALA C 312 -22.57 -42.69 -45.81
C ALA C 312 -21.55 -43.48 -46.62
N LYS C 313 -20.32 -43.52 -46.14
CA LYS C 313 -19.27 -44.31 -46.75
C LYS C 313 -18.42 -44.95 -45.68
N VAL C 314 -17.92 -46.15 -45.98
CA VAL C 314 -17.01 -46.88 -45.10
C VAL C 314 -15.61 -46.74 -45.67
N GLU C 315 -14.62 -46.77 -44.79
CA GLU C 315 -13.23 -46.71 -45.23
C GLU C 315 -12.61 -48.10 -45.21
N LYS C 316 -11.69 -48.33 -46.15
CA LYS C 316 -11.06 -49.63 -46.27
C LYS C 316 -10.25 -49.95 -45.03
N SER C 317 -10.21 -51.23 -44.69
CA SER C 317 -9.46 -51.70 -43.54
C SER C 317 -8.86 -53.06 -43.87
N ILE C 318 -7.79 -53.42 -43.17
CA ILE C 318 -7.20 -54.73 -43.33
C ILE C 318 -7.99 -55.73 -42.52
N LYS C 319 -8.75 -56.57 -43.20
CA LYS C 319 -9.63 -57.50 -42.51
C LYS C 319 -8.84 -58.37 -41.54
N SER C 320 -9.54 -58.93 -40.57
CA SER C 320 -8.90 -59.60 -39.46
C SER C 320 -9.01 -61.12 -39.58
N ASP C 321 -7.89 -61.81 -39.33
CA ASP C 321 -7.91 -63.23 -39.08
C ASP C 321 -8.38 -63.46 -37.65
N ASP C 322 -8.28 -64.70 -37.19
CA ASP C 322 -8.78 -65.05 -35.87
C ASP C 322 -7.80 -64.75 -34.75
N SER C 323 -6.65 -64.17 -35.06
CA SER C 323 -5.63 -63.91 -34.04
C SER C 323 -5.39 -62.41 -33.85
N GLN C 324 -5.59 -61.61 -34.91
CA GLN C 324 -5.33 -60.18 -34.83
C GLN C 324 -6.61 -59.39 -35.14
N PRO C 325 -6.69 -58.15 -34.69
CA PRO C 325 -7.87 -57.34 -34.94
C PRO C 325 -7.75 -56.59 -36.26
N THR C 326 -8.83 -55.92 -36.65
CA THR C 326 -8.80 -55.10 -37.84
C THR C 326 -7.84 -53.94 -37.67
N VAL C 327 -7.28 -53.48 -38.78
CA VAL C 327 -6.28 -52.42 -38.81
C VAL C 327 -6.59 -51.54 -40.01
N TRP C 328 -7.14 -50.35 -39.75
CA TRP C 328 -7.89 -49.73 -40.84
C TRP C 328 -7.05 -49.01 -41.88
N PRO C 329 -5.99 -48.28 -41.52
CA PRO C 329 -5.22 -47.60 -42.59
C PRO C 329 -4.77 -48.61 -43.62
N ALA C 330 -5.30 -48.53 -44.84
CA ALA C 330 -5.17 -49.62 -45.78
C ALA C 330 -3.88 -49.55 -46.58
N HIS C 331 -3.33 -48.35 -46.77
N HIS C 331 -3.37 -48.33 -46.81
CA HIS C 331 -2.05 -48.21 -47.43
CA HIS C 331 -2.12 -48.11 -47.51
C HIS C 331 -1.38 -46.95 -46.92
C HIS C 331 -1.37 -46.97 -46.84
N ASP C 332 -0.07 -46.88 -47.11
CA ASP C 332 0.70 -45.72 -46.70
C ASP C 332 0.16 -44.52 -47.46
N VAL C 333 -0.03 -43.40 -46.77
CA VAL C 333 -0.54 -42.18 -47.38
C VAL C 333 0.57 -41.15 -47.31
N LYS C 334 1.05 -40.71 -48.47
CA LYS C 334 2.16 -39.78 -48.56
C LYS C 334 1.71 -38.48 -49.22
N ASP C 335 2.19 -37.36 -48.69
CA ASP C 335 1.90 -36.06 -49.26
C ASP C 335 3.17 -35.23 -49.17
N ASP C 336 3.55 -34.61 -50.29
CA ASP C 336 4.77 -33.81 -50.36
C ASP C 336 4.45 -32.40 -50.81
N TYR C 337 5.23 -31.45 -50.29
CA TYR C 337 5.10 -30.05 -50.67
C TYR C 337 6.49 -29.50 -50.90
N VAL C 338 6.63 -28.68 -51.94
CA VAL C 338 7.92 -28.09 -52.29
C VAL C 338 7.74 -26.58 -52.42
N PHE C 339 8.79 -25.83 -52.08
CA PHE C 339 8.77 -24.38 -52.13
C PHE C 339 10.04 -23.90 -52.79
N GLU C 340 9.92 -22.85 -53.60
CA GLU C 340 11.05 -22.36 -54.37
C GLU C 340 10.78 -20.94 -54.81
N CYS C 341 11.85 -20.14 -54.90
CA CYS C 341 11.74 -18.77 -55.37
C CYS C 341 11.59 -18.71 -56.89
N GLU C 342 12.21 -19.66 -57.59
CA GLU C 342 12.11 -19.78 -59.05
C GLU C 342 12.94 -18.72 -59.75
N ALA C 343 13.50 -17.77 -58.99
CA ALA C 343 14.39 -16.79 -59.57
C ALA C 343 15.72 -17.44 -59.92
N GLY C 344 16.63 -16.64 -60.46
CA GLY C 344 17.99 -17.09 -60.66
C GLY C 344 18.72 -17.14 -59.33
N THR C 345 18.15 -16.49 -58.32
CA THR C 345 18.73 -16.47 -56.99
C THR C 345 18.97 -17.89 -56.50
N GLN C 346 19.91 -18.02 -55.56
CA GLN C 346 20.11 -19.29 -54.86
C GLN C 346 19.17 -19.36 -53.68
N TYR C 347 18.17 -20.24 -53.75
CA TYR C 347 17.16 -20.33 -52.70
C TYR C 347 17.10 -21.70 -52.05
N GLN C 348 17.77 -22.70 -52.63
CA GLN C 348 17.82 -24.02 -52.01
C GLN C 348 16.41 -24.51 -51.71
N LYS C 349 15.63 -24.78 -52.75
CA LYS C 349 14.24 -25.16 -52.55
C LYS C 349 14.16 -26.34 -51.60
N THR C 350 13.26 -26.25 -50.63
CA THR C 350 13.10 -27.27 -49.60
C THR C 350 11.77 -27.97 -49.76
N LYS C 351 11.63 -29.09 -49.05
CA LYS C 351 10.48 -29.98 -49.20
C LYS C 351 9.93 -30.35 -47.82
N LEU C 352 8.62 -30.52 -47.76
CA LEU C 352 7.93 -30.99 -46.57
C LEU C 352 7.12 -32.22 -46.95
N THR C 353 7.04 -33.19 -46.04
CA THR C 353 6.45 -34.50 -46.35
C THR C 353 5.66 -35.00 -45.15
N ILE C 354 4.33 -34.93 -45.25
CA ILE C 354 3.45 -35.56 -44.28
C ILE C 354 3.28 -37.02 -44.65
N LEU C 355 3.19 -37.89 -43.66
CA LEU C 355 3.08 -39.32 -43.90
C LEU C 355 2.15 -39.96 -42.89
N GLN C 356 1.37 -40.93 -43.36
CA GLN C 356 0.57 -41.82 -42.52
C GLN C 356 0.79 -43.23 -43.06
N SER C 357 1.52 -44.04 -42.29
CA SER C 357 1.96 -45.33 -42.80
C SER C 357 0.86 -46.37 -42.67
N LEU C 358 1.13 -47.56 -43.19
CA LEU C 358 0.16 -48.64 -43.18
C LEU C 358 -0.10 -49.11 -41.76
N GLY C 359 -1.37 -49.27 -41.43
CA GLY C 359 -1.76 -49.79 -40.12
C GLY C 359 -1.27 -48.96 -38.95
N ASP C 360 -1.24 -47.65 -39.10
CA ASP C 360 -0.83 -46.77 -38.02
C ASP C 360 -1.50 -45.41 -38.21
N PRO C 361 -2.49 -45.06 -37.39
CA PRO C 361 -3.23 -43.81 -37.64
C PRO C 361 -2.54 -42.55 -37.14
N LEU C 362 -1.27 -42.61 -36.77
CA LEU C 362 -0.55 -41.40 -36.41
C LEU C 362 0.01 -40.72 -37.64
N TYR C 363 0.21 -39.41 -37.53
CA TYR C 363 0.81 -38.63 -38.62
C TYR C 363 2.24 -38.24 -38.27
N TYR C 364 3.01 -37.90 -39.30
CA TYR C 364 4.42 -37.58 -39.15
C TYR C 364 4.82 -36.55 -40.19
N GLY C 365 6.01 -35.97 -40.01
CA GLY C 365 6.50 -34.96 -40.91
C GLY C 365 8.01 -34.99 -41.01
N LYS C 366 8.52 -34.29 -42.03
CA LYS C 366 9.95 -34.20 -42.27
C LYS C 366 10.21 -33.01 -43.19
N ILE C 367 11.30 -32.29 -42.94
CA ILE C 367 11.55 -31.02 -43.61
C ILE C 367 12.92 -30.96 -44.26
N GLN C 368 13.43 -32.09 -44.72
CA GLN C 368 14.75 -32.07 -45.31
C GLN C 368 14.79 -31.17 -46.54
N PRO C 369 15.95 -30.62 -46.89
CA PRO C 369 16.04 -29.78 -48.08
C PRO C 369 16.20 -30.60 -49.35
N CYS C 370 15.39 -30.27 -50.34
CA CYS C 370 15.35 -31.05 -51.57
C CYS C 370 16.69 -30.99 -52.30
N LYS C 371 17.03 -32.10 -52.95
CA LYS C 371 18.30 -32.19 -53.65
C LYS C 371 18.35 -31.27 -54.85
N ALA C 372 19.55 -30.97 -55.31
CA ALA C 372 19.75 -30.18 -56.52
C ALA C 372 20.67 -30.91 -57.49
N HIS C 390 18.89 -38.08 -41.87
CA HIS C 390 18.15 -38.83 -42.89
C HIS C 390 16.78 -39.26 -42.37
N SER C 391 16.75 -39.74 -41.12
CA SER C 391 15.54 -40.27 -40.52
C SER C 391 15.00 -39.37 -39.41
N ASN C 392 15.05 -38.05 -39.62
CA ASN C 392 14.59 -37.10 -38.62
C ASN C 392 13.09 -36.85 -38.81
N TRP C 393 12.31 -37.85 -38.41
CA TRP C 393 10.87 -37.72 -38.36
C TRP C 393 10.44 -37.17 -37.01
N PHE C 394 9.27 -36.55 -36.97
CA PHE C 394 8.66 -36.10 -35.73
C PHE C 394 7.17 -36.39 -35.77
N ILE C 395 6.61 -36.69 -34.60
CA ILE C 395 5.21 -37.07 -34.49
C ILE C 395 4.33 -35.84 -34.70
N ILE C 396 3.42 -35.94 -35.65
CA ILE C 396 2.33 -34.99 -35.81
C ILE C 396 1.04 -35.69 -35.42
N GLY C 397 0.21 -35.00 -34.65
CA GLY C 397 -0.93 -35.64 -34.03
C GLY C 397 -1.91 -36.27 -34.99
N SER C 398 -2.62 -35.45 -35.77
CA SER C 398 -3.71 -35.94 -36.60
C SER C 398 -3.90 -35.10 -37.85
N LYS C 399 -4.96 -35.37 -38.61
CA LYS C 399 -5.16 -34.70 -39.89
C LYS C 399 -5.30 -33.19 -39.71
N THR C 400 -6.09 -32.77 -38.73
CA THR C 400 -6.24 -31.33 -38.49
C THR C 400 -4.90 -30.72 -38.09
N ASP C 401 -4.15 -31.41 -37.23
CA ASP C 401 -2.83 -30.93 -36.87
C ASP C 401 -1.91 -30.85 -38.09
N ALA C 402 -2.00 -31.82 -38.98
CA ALA C 402 -1.19 -31.79 -40.18
C ALA C 402 -1.51 -30.56 -41.03
N GLU C 403 -2.80 -30.25 -41.18
CA GLU C 403 -3.17 -29.05 -41.93
C GLU C 403 -2.64 -27.80 -41.26
N ARG C 404 -2.73 -27.73 -39.92
CA ARG C 404 -2.18 -26.59 -39.22
C ARG C 404 -0.70 -26.43 -39.49
N VAL C 405 0.05 -27.53 -39.39
CA VAL C 405 1.50 -27.48 -39.61
C VAL C 405 1.80 -27.02 -41.02
N VAL C 406 1.07 -27.53 -42.01
CA VAL C 406 1.30 -27.13 -43.39
C VAL C 406 1.11 -25.63 -43.54
N ASN C 407 -0.01 -25.10 -43.02
CA ASN C 407 -0.27 -23.67 -43.14
C ASN C 407 0.84 -22.85 -42.49
N GLN C 408 1.23 -23.24 -41.27
CA GLN C 408 2.24 -22.47 -40.56
C GLN C 408 3.57 -22.47 -41.31
N TYR C 409 3.97 -23.63 -41.82
CA TYR C 409 5.22 -23.71 -42.57
C TYR C 409 5.17 -22.84 -43.82
N GLN C 410 4.05 -22.87 -44.53
CA GLN C 410 3.94 -22.04 -45.73
C GLN C 410 4.09 -20.56 -45.39
N GLU C 411 3.40 -20.12 -44.34
CA GLU C 411 3.51 -18.72 -43.93
C GLU C 411 4.95 -18.37 -43.57
N LEU C 412 5.62 -19.22 -42.79
CA LEU C 412 7.00 -18.95 -42.41
C LEU C 412 7.91 -18.85 -43.62
N VAL C 413 7.77 -19.78 -44.56
CA VAL C 413 8.63 -19.76 -45.73
C VAL C 413 8.42 -18.46 -46.51
N GLN C 414 7.17 -18.07 -46.72
CA GLN C 414 6.92 -16.83 -47.46
C GLN C 414 7.50 -15.63 -46.72
N ASN C 415 7.31 -15.55 -45.40
CA ASN C 415 7.80 -14.39 -44.66
C ASN C 415 9.32 -14.35 -44.62
N GLU C 416 9.98 -15.49 -44.78
CA GLU C 416 11.44 -15.50 -44.75
C GLU C 416 12.02 -15.21 -46.13
N ALA C 417 11.29 -15.56 -47.19
CA ALA C 417 11.81 -15.37 -48.53
C ALA C 417 11.98 -13.88 -48.86
N LYS C 418 11.02 -13.05 -48.48
CA LYS C 418 11.00 -11.64 -48.87
C LYS C 418 11.00 -11.48 -50.38
N CYS C 419 10.43 -12.46 -51.07
CA CYS C 419 10.31 -12.42 -52.53
C CYS C 419 9.32 -13.52 -52.92
N PRO C 420 8.97 -13.61 -54.20
CA PRO C 420 7.95 -14.60 -54.59
C PRO C 420 8.39 -16.02 -54.27
N VAL C 421 7.42 -16.83 -53.84
CA VAL C 421 7.64 -18.23 -53.52
C VAL C 421 6.38 -19.01 -53.90
N LYS C 422 6.58 -20.21 -54.42
CA LYS C 422 5.48 -21.02 -54.95
C LYS C 422 5.40 -22.37 -54.24
N MET C 423 4.20 -22.92 -54.23
CA MET C 423 3.92 -24.19 -53.57
C MET C 423 3.51 -25.21 -54.62
N SER C 424 4.22 -26.33 -54.65
CA SER C 424 3.98 -27.40 -55.60
C SER C 424 3.50 -28.64 -54.83
N HIS C 425 2.20 -28.90 -54.90
CA HIS C 425 1.63 -29.99 -54.12
C HIS C 425 1.59 -31.28 -54.93
N SER C 426 1.82 -32.39 -54.24
CA SER C 426 1.87 -33.70 -54.87
C SER C 426 1.16 -34.71 -53.97
N SER C 427 0.85 -35.88 -54.52
CA SER C 427 0.10 -36.91 -53.81
C SER C 427 0.81 -38.25 -53.93
N SER C 428 0.53 -39.14 -52.97
CA SER C 428 1.12 -40.48 -52.90
C SER C 428 2.40 -40.63 -53.70
N UNK D 1 -26.21 17.02 75.25
CA UNK D 1 -25.38 17.97 74.53
C UNK D 1 -25.84 18.09 73.07
N UNK D 2 -25.75 19.30 72.53
CA UNK D 2 -26.10 19.56 71.14
C UNK D 2 -25.30 18.64 70.22
N UNK D 3 -24.00 18.89 70.14
CA UNK D 3 -23.07 17.97 69.48
C UNK D 3 -23.06 18.06 67.96
N UNK D 4 -22.05 17.43 67.37
CA UNK D 4 -21.94 17.30 65.93
C UNK D 4 -21.88 18.66 65.23
N UNK D 5 -21.37 19.67 65.92
CA UNK D 5 -21.26 21.01 65.36
C UNK D 5 -20.03 21.12 64.45
N UNK D 6 -19.33 22.24 64.55
CA UNK D 6 -18.12 22.49 63.75
C UNK D 6 -17.00 23.03 64.63
N UNK D 7 -15.97 22.22 64.83
CA UNK D 7 -14.85 22.59 65.70
C UNK D 7 -14.01 23.69 65.06
N UNK D 8 -13.84 24.79 65.78
CA UNK D 8 -13.09 25.94 65.28
C UNK D 8 -11.68 25.53 64.85
N UNK D 9 -10.98 26.47 64.22
CA UNK D 9 -9.64 26.20 63.70
C UNK D 9 -8.56 26.67 64.67
N UNK D 10 -7.33 26.21 64.44
CA UNK D 10 -6.21 26.54 65.31
C UNK D 10 -5.40 27.72 64.76
N UNK D 11 -5.47 27.92 63.45
CA UNK D 11 -4.76 29.02 62.81
C UNK D 11 -5.72 30.17 62.52
N UNK D 12 -7.01 29.84 62.42
CA UNK D 12 -8.09 30.78 62.10
C UNK D 12 -7.74 32.24 62.35
N UNK D 13 -6.95 32.81 61.45
CA UNK D 13 -6.53 34.21 61.56
C UNK D 13 -5.72 34.62 60.34
N UNK D 14 -5.60 35.93 60.13
CA UNK D 14 -4.88 36.47 58.99
C UNK D 14 -5.42 35.86 57.69
N UNK D 15 -6.71 36.00 57.47
CA UNK D 15 -7.36 35.47 56.28
C UNK D 15 -6.67 36.00 55.02
N MET D 16 -2.48 36.38 48.74
CA MET D 16 -1.03 36.36 48.73
C MET D 16 -0.50 36.94 47.43
N LEU D 17 0.81 37.20 47.40
CA LEU D 17 1.40 37.93 46.28
C LEU D 17 1.25 37.16 44.98
N ASP D 18 1.11 37.90 43.89
CA ASP D 18 1.14 37.36 42.54
C ASP D 18 2.28 38.04 41.79
N ILE D 19 3.06 37.23 41.06
CA ILE D 19 4.26 37.73 40.38
C ILE D 19 3.84 38.55 39.16
N PRO D 20 4.25 39.80 39.04
CA PRO D 20 3.92 40.59 37.85
C PRO D 20 4.72 40.14 36.64
N SER D 21 4.21 40.51 35.46
CA SER D 21 4.90 40.21 34.22
C SER D 21 6.19 41.01 34.15
N GLU D 22 7.26 40.37 33.66
CA GLU D 22 8.55 41.06 33.61
C GLU D 22 8.63 42.03 32.44
N PRO D 23 8.41 41.60 31.19
CA PRO D 23 8.59 42.55 30.08
C PRO D 23 7.68 43.77 30.15
N CYS D 24 6.50 43.65 30.75
CA CYS D 24 5.63 44.82 30.88
C CYS D 24 6.27 45.88 31.77
N SER D 25 6.70 45.45 32.96
CA SER D 25 7.36 46.39 33.87
C SER D 25 8.61 46.98 33.23
N LEU D 26 9.44 46.14 32.60
CA LEU D 26 10.67 46.67 32.02
C LEU D 26 10.36 47.61 30.85
N THR D 27 9.29 47.37 30.11
CA THR D 27 8.93 48.27 29.02
C THR D 27 8.48 49.62 29.55
N ILE D 28 7.70 49.63 30.64
CA ILE D 28 7.34 50.91 31.26
C ILE D 28 8.61 51.63 31.70
N HIS D 29 9.52 50.91 32.34
CA HIS D 29 10.79 51.50 32.74
C HIS D 29 11.52 52.12 31.56
N THR D 30 11.60 51.37 30.45
CA THR D 30 12.32 51.85 29.29
C THR D 30 11.66 53.09 28.69
N ILE D 31 10.34 53.15 28.71
CA ILE D 31 9.64 54.33 28.23
C ILE D 31 10.03 55.54 29.07
N GLN D 32 10.04 55.38 30.40
CA GLN D 32 10.46 56.48 31.25
C GLN D 32 11.89 56.91 30.94
N LEU D 33 12.81 55.95 30.82
CA LEU D 33 14.20 56.29 30.53
C LEU D 33 14.30 57.05 29.21
N ILE D 34 13.57 56.61 28.18
CA ILE D 34 13.65 57.25 26.88
C ILE D 34 13.14 58.69 26.95
N GLN D 35 12.04 58.91 27.67
CA GLN D 35 11.55 60.28 27.82
C GLN D 35 12.58 61.16 28.51
N HIS D 36 13.16 60.64 29.60
CA HIS D 36 14.21 61.37 30.30
C HIS D 36 15.35 61.74 29.37
N ASN D 37 15.81 60.77 28.58
CA ASN D 37 16.93 61.00 27.69
C ASN D 37 16.59 62.04 26.64
N ARG D 38 15.38 61.99 26.08
CA ARG D 38 15.01 63.01 25.09
C ARG D 38 14.97 64.40 25.71
N ARG D 39 14.46 64.52 26.93
CA ARG D 39 14.49 65.82 27.60
C ARG D 39 15.92 66.35 27.72
N LEU D 40 16.82 65.51 28.22
CA LEU D 40 18.21 65.93 28.35
C LEU D 40 18.79 66.32 26.99
N ARG D 41 18.54 65.51 25.97
CA ARG D 41 19.09 65.79 24.65
C ARG D 41 18.61 67.12 24.11
N ASN D 42 17.32 67.40 24.22
CA ASN D 42 16.82 68.65 23.68
C ASN D 42 17.37 69.85 24.44
N LEU D 43 17.38 69.78 25.77
CA LEU D 43 17.96 70.90 26.52
C LEU D 43 19.40 71.15 26.11
N ILE D 44 20.23 70.10 26.10
CA ILE D 44 21.65 70.30 25.80
C ILE D 44 21.83 70.81 24.38
N ALA D 45 21.16 70.19 23.42
CA ALA D 45 21.34 70.60 22.03
C ALA D 45 20.92 72.03 21.82
N THR D 46 19.77 72.44 22.37
CA THR D 46 19.34 73.82 22.17
C THR D 46 20.29 74.79 22.85
N ALA D 47 20.68 74.51 24.09
CA ALA D 47 21.55 75.44 24.81
C ALA D 47 22.85 75.67 24.06
N GLN D 48 23.48 74.59 23.58
CA GLN D 48 24.78 74.76 22.94
C GLN D 48 24.66 75.05 21.46
N ALA D 49 23.44 75.01 20.91
CA ALA D 49 23.20 75.64 19.62
C ALA D 49 23.16 77.15 19.77
N GLN D 50 22.51 77.65 20.82
CA GLN D 50 22.52 79.08 21.08
C GLN D 50 23.93 79.57 21.37
N ASN D 51 24.68 78.83 22.18
CA ASN D 51 26.05 79.20 22.52
C ASN D 51 26.97 78.00 22.41
N UNK D 52 25.34 74.21 36.71
CA UNK D 52 26.54 74.34 35.90
C UNK D 52 26.18 74.40 34.42
N UNK D 53 26.38 75.57 33.81
CA UNK D 53 26.11 75.75 32.39
C UNK D 53 27.29 75.24 31.57
N UNK D 54 28.34 74.83 32.27
CA UNK D 54 29.53 74.29 31.63
C UNK D 54 29.66 72.80 31.90
N UNK D 55 28.94 72.34 32.92
CA UNK D 55 28.96 70.93 33.29
C UNK D 55 27.63 70.27 32.91
N UNK D 56 27.62 69.60 31.76
CA UNK D 56 26.43 68.87 31.32
C UNK D 56 26.06 67.86 32.38
N UNK D 57 24.84 67.35 32.33
CA UNK D 57 24.32 66.43 33.34
C UNK D 57 25.30 65.30 33.65
N UNK D 58 25.06 64.14 33.04
CA UNK D 58 25.88 62.96 33.26
C UNK D 58 25.15 61.74 32.70
N UNK D 59 25.90 60.71 32.36
CA UNK D 59 25.29 59.47 31.86
C UNK D 59 24.24 58.99 32.87
N UNK D 60 23.00 58.91 32.43
CA UNK D 60 21.89 58.55 33.31
C UNK D 60 22.14 57.20 33.98
N UNK D 61 21.51 56.15 33.45
CA UNK D 61 21.66 54.82 34.02
C UNK D 61 20.64 53.87 33.39
N UNK D 62 21.13 52.72 32.93
CA UNK D 62 20.26 51.71 32.35
C UNK D 62 19.28 51.23 33.41
N UNK D 63 18.08 50.85 32.99
CA UNK D 63 17.10 50.28 33.89
C UNK D 63 17.37 48.78 34.01
N UNK D 64 18.08 48.39 35.06
CA UNK D 64 18.54 47.01 35.26
C UNK D 64 17.58 45.98 34.66
N UNK D 65 18.06 45.21 33.70
CA UNK D 65 17.24 44.18 33.07
C UNK D 65 16.73 43.20 34.11
N UNK D 66 15.63 42.53 33.80
CA UNK D 66 14.97 41.65 34.74
C UNK D 66 15.89 40.55 35.26
N UNK D 67 15.39 39.75 36.18
CA UNK D 67 16.18 38.70 36.81
C UNK D 67 15.90 37.34 36.19
N UNK D 68 15.23 37.35 35.04
CA UNK D 68 14.93 36.13 34.32
C UNK D 68 15.28 36.30 32.85
N UNK D 69 14.73 37.35 32.25
CA UNK D 69 15.03 37.70 30.88
C UNK D 69 16.54 37.85 30.71
N UNK D 70 17.19 38.33 31.77
CA UNK D 70 18.63 38.48 31.77
C UNK D 70 19.29 37.15 31.45
N UNK D 71 19.20 36.22 32.39
CA UNK D 71 19.80 34.90 32.23
C UNK D 71 19.42 34.30 30.89
N UNK D 72 18.18 34.48 30.49
CA UNK D 72 17.71 33.93 29.22
C UNK D 72 18.38 34.65 28.05
N UNK D 73 18.80 35.89 28.28
CA UNK D 73 19.43 36.69 27.23
C UNK D 73 20.73 36.03 26.76
N ASP D 74 20.60 29.70 29.73
CA ASP D 74 22.01 29.53 30.04
C ASP D 74 22.83 29.32 28.76
N CYS D 75 23.87 28.48 28.83
CA CYS D 75 24.82 28.30 27.72
C CYS D 75 24.23 27.56 26.54
N LYS D 76 22.96 27.13 26.55
CA LYS D 76 22.48 26.25 25.49
C LYS D 76 22.15 27.02 24.23
N ASN D 77 21.98 28.34 24.31
CA ASN D 77 21.71 29.16 23.14
C ASN D 77 20.58 28.52 22.33
N PRO D 78 19.32 28.70 22.74
CA PRO D 78 18.27 27.78 22.27
C PRO D 78 17.97 27.86 20.77
N ASN D 79 18.72 28.63 20.00
CA ASN D 79 18.52 28.68 18.56
C ASN D 79 19.23 27.54 17.82
N ALA D 80 19.57 26.44 18.56
CA ALA D 80 20.31 25.31 18.01
C ALA D 80 19.44 24.47 17.08
N PRO D 81 20.06 23.65 16.24
CA PRO D 81 19.29 22.76 15.37
C PRO D 81 19.06 21.40 16.02
N PHE D 82 18.12 20.66 15.43
CA PHE D 82 17.71 19.34 15.93
C PHE D 82 17.24 19.42 17.37
N GLN D 83 16.62 20.53 17.75
CA GLN D 83 16.10 20.68 19.10
C GLN D 83 14.58 20.57 19.08
N ILE D 84 14.05 19.78 20.00
CA ILE D 84 12.62 19.60 20.15
C ILE D 84 12.25 19.94 21.59
N ARG D 85 11.17 20.69 21.75
CA ARG D 85 10.63 21.00 23.07
C ARG D 85 9.15 20.67 23.05
N HIS D 86 8.70 19.92 24.03
CA HIS D 86 7.33 19.45 24.10
C HIS D 86 6.93 19.36 25.56
N SER D 87 5.62 19.39 25.81
CA SER D 87 5.13 19.36 27.18
C SER D 87 5.05 17.92 27.67
N ASP D 88 5.56 17.68 28.86
CA ASP D 88 5.44 16.36 29.46
C ASP D 88 3.97 16.10 29.78
N PRO D 89 3.38 15.02 29.27
CA PRO D 89 1.95 14.80 29.54
C PRO D 89 1.67 14.43 31.00
N GLU D 90 2.69 14.14 31.78
CA GLU D 90 2.51 13.87 33.21
C GLU D 90 2.59 15.13 34.04
N SER D 91 3.02 16.25 33.47
CA SER D 91 3.16 17.49 34.22
C SER D 91 1.81 17.93 34.76
N ASP D 92 1.85 18.60 35.92
CA ASP D 92 0.63 19.12 36.50
C ASP D 92 -0.02 20.17 35.60
N PHE D 93 0.77 21.10 35.07
CA PHE D 93 0.20 22.14 34.22
C PHE D 93 -0.52 21.54 33.02
N TYR D 94 0.13 20.62 32.32
CA TYR D 94 -0.48 20.03 31.14
C TYR D 94 -1.75 19.27 31.51
N ARG D 95 -1.69 18.46 32.57
CA ARG D 95 -2.88 17.75 33.02
C ARG D 95 -3.95 18.70 33.54
N GLY D 96 -3.59 19.93 33.85
CA GLY D 96 -4.56 20.89 34.37
C GLY D 96 -4.89 20.62 35.82
N LYS D 97 -3.87 20.59 36.67
CA LYS D 97 -4.03 20.28 38.07
C LYS D 97 -3.41 21.38 38.92
N GLY D 98 -4.04 21.64 40.07
CA GLY D 98 -3.55 22.68 40.95
C GLY D 98 -4.41 22.79 42.19
N GLU D 99 -4.36 23.96 42.82
CA GLU D 99 -5.09 24.22 44.04
C GLU D 99 -6.05 25.38 43.82
N PRO D 100 -7.23 25.33 44.43
CA PRO D 100 -8.18 26.44 44.28
C PRO D 100 -7.52 27.76 44.64
N VAL D 101 -7.75 28.77 43.80
CA VAL D 101 -7.17 30.08 44.04
C VAL D 101 -7.76 30.67 45.31
N THR D 102 -7.12 31.71 45.83
CA THR D 102 -7.56 32.33 47.06
C THR D 102 -8.86 33.11 46.83
N GLU D 103 -9.87 32.83 47.66
CA GLU D 103 -11.10 33.61 47.61
C GLU D 103 -10.84 35.01 48.13
N LEU D 104 -11.58 35.97 47.57
CA LEU D 104 -11.47 37.35 48.01
C LEU D 104 -12.74 38.09 47.60
N SER D 105 -13.16 39.00 48.48
CA SER D 105 -14.44 39.68 48.30
C SER D 105 -14.41 40.61 47.09
N TRP D 106 -15.55 41.22 46.81
CA TRP D 106 -15.66 42.15 45.71
C TRP D 106 -14.87 43.43 45.97
N HIS D 107 -14.86 43.88 47.23
CA HIS D 107 -14.16 45.10 47.59
C HIS D 107 -12.71 45.06 47.15
N SER D 108 -12.04 43.92 47.35
CA SER D 108 -10.63 43.81 47.00
C SER D 108 -10.42 43.39 45.54
N CYS D 109 -11.32 42.57 45.01
CA CYS D 109 -11.25 42.25 43.59
C CYS D 109 -11.25 43.51 42.75
N ARG D 110 -12.09 44.48 43.10
CA ARG D 110 -12.15 45.70 42.32
C ARG D 110 -10.85 46.48 42.41
N GLN D 111 -10.22 46.52 43.58
CA GLN D 111 -8.93 47.19 43.70
C GLN D 111 -7.87 46.53 42.82
N LEU D 112 -7.82 45.20 42.85
CA LEU D 112 -6.83 44.51 42.03
C LEU D 112 -7.05 44.75 40.55
N LEU D 113 -8.31 44.69 40.10
CA LEU D 113 -8.59 44.97 38.70
C LEU D 113 -8.28 46.42 38.35
N TYR D 114 -8.52 47.34 39.28
CA TYR D 114 -8.15 48.74 39.08
C TYR D 114 -6.66 48.88 38.83
N GLN D 115 -5.85 48.23 39.65
CA GLN D 115 -4.39 48.28 39.46
C GLN D 115 -3.99 47.65 38.13
N ALA D 116 -4.63 46.54 37.76
CA ALA D 116 -4.29 45.91 36.48
C ALA D 116 -4.61 46.84 35.31
N VAL D 117 -5.74 47.54 35.38
CA VAL D 117 -6.10 48.46 34.30
C VAL D 117 -5.11 49.61 34.25
N ALA D 118 -4.69 50.11 35.41
CA ALA D 118 -3.66 51.15 35.43
C ALA D 118 -2.37 50.66 34.78
N THR D 119 -1.96 49.43 35.09
CA THR D 119 -0.75 48.88 34.49
C THR D 119 -0.89 48.78 32.98
N ILE D 120 -2.03 48.33 32.48
CA ILE D 120 -2.21 48.23 31.04
C ILE D 120 -2.15 49.61 30.40
N LEU D 121 -2.79 50.61 31.02
CA LEU D 121 -2.74 51.96 30.48
C LEU D 121 -1.30 52.46 30.41
N ALA D 122 -0.53 52.26 31.47
CA ALA D 122 0.87 52.68 31.46
C ALA D 122 1.63 51.98 30.35
N HIS D 123 1.46 50.67 30.23
CA HIS D 123 2.12 49.93 29.15
C HIS D 123 1.78 50.50 27.79
N ALA D 124 0.54 50.98 27.63
CA ALA D 124 0.11 51.47 26.32
C ALA D 124 0.95 52.65 25.86
N GLY D 125 1.30 53.56 26.75
CA GLY D 125 2.05 54.74 26.39
C GLY D 125 1.64 55.96 27.19
N PHE D 126 0.46 55.92 27.79
CA PHE D 126 0.05 57.01 28.67
C PHE D 126 0.87 56.96 29.95
N ASP D 127 0.82 58.06 30.70
CA ASP D 127 1.47 58.13 32.00
C ASP D 127 0.62 58.79 33.07
N CYS D 128 -0.47 59.47 32.71
CA CYS D 128 -1.40 60.00 33.69
C CYS D 128 -2.78 60.02 33.06
N ALA D 129 -3.81 60.27 33.88
CA ALA D 129 -5.16 60.30 33.35
C ALA D 129 -6.09 60.87 34.41
N ASN D 130 -7.38 60.93 34.06
CA ASN D 130 -8.38 61.41 34.98
C ASN D 130 -8.97 60.24 35.75
N GLU D 131 -9.39 60.51 36.99
CA GLU D 131 -9.94 59.44 37.83
C GLU D 131 -11.18 58.83 37.20
N SER D 132 -12.01 59.65 36.55
CA SER D 132 -13.23 59.14 35.94
C SER D 132 -12.92 58.13 34.84
N VAL D 133 -11.93 58.43 33.99
CA VAL D 133 -11.60 57.52 32.90
C VAL D 133 -11.18 56.15 33.44
N LEU D 134 -10.32 56.15 34.44
CA LEU D 134 -9.83 54.89 34.99
C LEU D 134 -10.95 54.12 35.68
N GLU D 135 -11.75 54.80 36.50
CA GLU D 135 -12.85 54.15 37.19
C GLU D 135 -13.91 53.65 36.22
N THR D 136 -13.98 54.22 35.02
CA THR D 136 -14.93 53.75 34.01
C THR D 136 -14.40 52.54 33.25
N LEU D 137 -13.12 52.57 32.89
CA LEU D 137 -12.53 51.40 32.24
C LEU D 137 -12.60 50.18 33.14
N THR D 138 -12.44 50.38 34.45
CA THR D 138 -12.57 49.25 35.37
C THR D 138 -13.92 48.57 35.21
N ASP D 139 -15.01 49.34 35.18
CA ASP D 139 -16.34 48.77 35.06
C ASP D 139 -16.58 48.15 33.68
N VAL D 140 -16.04 48.76 32.63
CA VAL D 140 -16.15 48.13 31.31
C VAL D 140 -15.52 46.74 31.34
N ALA D 141 -14.34 46.61 31.95
CA ALA D 141 -13.72 45.31 32.08
C ALA D 141 -14.58 44.35 32.90
N HIS D 142 -15.17 44.86 33.98
CA HIS D 142 -16.09 44.05 34.78
C HIS D 142 -17.18 43.43 33.90
N GLU D 143 -17.82 44.26 33.09
CA GLU D 143 -18.90 43.78 32.23
C GLU D 143 -18.40 42.72 31.26
N TYR D 144 -17.24 42.98 30.65
CA TYR D 144 -16.70 42.03 29.68
C TYR D 144 -16.45 40.67 30.32
N CYS D 145 -15.86 40.67 31.51
CA CYS D 145 -15.59 39.41 32.20
C CYS D 145 -16.87 38.66 32.50
N LEU D 146 -17.88 39.37 33.03
CA LEU D 146 -19.14 38.69 33.32
C LEU D 146 -19.71 38.02 32.08
N LYS D 147 -19.76 38.75 30.96
CA LYS D 147 -20.35 38.17 29.76
C LYS D 147 -19.55 36.96 29.26
N PHE D 148 -18.23 37.05 29.29
CA PHE D 148 -17.41 35.92 28.85
C PHE D 148 -17.72 34.68 29.67
N THR D 149 -17.75 34.83 31.00
CA THR D 149 -18.02 33.66 31.84
C THR D 149 -19.44 33.13 31.65
N LYS D 150 -20.42 33.99 31.37
CA LYS D 150 -21.77 33.49 31.13
C LYS D 150 -21.85 32.67 29.85
N LEU D 151 -21.20 33.16 28.78
CA LEU D 151 -21.11 32.35 27.57
C LEU D 151 -20.54 30.98 27.88
N LEU D 152 -19.46 30.96 28.67
CA LEU D 152 -18.84 29.68 29.05
C LEU D 152 -19.84 28.78 29.77
N ARG D 153 -20.58 29.35 30.72
CA ARG D 153 -21.58 28.59 31.47
C ARG D 153 -22.56 27.91 30.52
N PHE D 154 -23.17 28.69 29.62
CA PHE D 154 -24.20 28.13 28.76
C PHE D 154 -23.64 27.05 27.85
N ALA D 155 -22.47 27.28 27.26
CA ALA D 155 -21.89 26.26 26.40
C ALA D 155 -21.63 24.97 27.17
N VAL D 156 -21.10 25.08 28.39
CA VAL D 156 -20.83 23.89 29.19
C VAL D 156 -22.11 23.11 29.45
N ASP D 157 -23.19 23.80 29.82
CA ASP D 157 -24.43 23.09 30.08
C ASP D 157 -24.94 22.38 28.84
N ARG D 158 -24.91 23.06 27.69
CA ARG D 158 -25.41 22.44 26.48
C ARG D 158 -24.61 21.18 26.15
N GLU D 159 -23.28 21.25 26.26
CA GLU D 159 -22.48 20.07 26.01
C GLU D 159 -22.83 18.95 26.99
N ALA D 160 -22.92 19.28 28.28
CA ALA D 160 -23.23 18.26 29.27
C ALA D 160 -24.53 17.55 28.93
N ARG D 161 -25.48 18.24 28.30
CA ARG D 161 -26.71 17.56 27.93
C ARG D 161 -26.55 16.74 26.66
N LEU D 162 -26.10 17.36 25.57
CA LEU D 162 -26.08 16.66 24.28
C LEU D 162 -24.87 15.74 24.15
N GLY D 163 -23.85 15.93 24.98
CA GLY D 163 -22.69 15.07 24.95
C GLY D 163 -21.78 15.29 23.76
N GLN D 164 -21.78 16.48 23.18
CA GLN D 164 -20.85 16.81 22.11
C GLN D 164 -20.79 18.32 21.95
N THR D 165 -19.81 18.78 21.19
CA THR D 165 -19.55 20.21 21.04
C THR D 165 -19.38 20.54 19.55
N PRO D 166 -19.75 21.75 19.13
CA PRO D 166 -19.45 22.15 17.75
C PRO D 166 -17.95 22.17 17.46
N PHE D 167 -17.17 22.80 18.32
CA PHE D 167 -15.73 22.85 18.20
C PHE D 167 -15.10 21.75 19.04
N PRO D 168 -13.78 21.58 18.96
CA PRO D 168 -13.14 20.55 19.78
C PRO D 168 -13.40 20.70 21.27
N ASP D 169 -13.54 21.91 21.77
CA ASP D 169 -13.89 22.11 23.17
C ASP D 169 -14.62 23.44 23.32
N VAL D 170 -15.15 23.66 24.52
CA VAL D 170 -16.00 24.82 24.75
C VAL D 170 -15.22 26.12 24.65
N MET D 171 -13.95 26.08 25.09
CA MET D 171 -13.14 27.30 25.06
C MET D 171 -12.99 27.83 23.64
N GLU D 172 -12.79 26.94 22.67
CA GLU D 172 -12.73 27.37 21.28
C GLU D 172 -14.04 28.02 20.85
N GLN D 173 -15.17 27.43 21.23
CA GLN D 173 -16.45 28.01 20.90
C GLN D 173 -16.56 29.42 21.45
N VAL D 174 -16.26 29.61 22.74
CA VAL D 174 -16.43 30.91 23.36
C VAL D 174 -15.47 31.92 22.75
N PHE D 175 -14.26 31.48 22.41
CA PHE D 175 -13.34 32.39 21.73
C PHE D 175 -13.87 32.82 20.38
N HIS D 176 -14.52 31.90 19.66
CA HIS D 176 -15.11 32.28 18.39
C HIS D 176 -16.27 33.26 18.56
N GLU D 177 -17.05 33.11 19.62
CA GLU D 177 -18.27 33.90 19.78
C GLU D 177 -18.01 35.32 20.26
N VAL D 178 -16.79 35.70 20.60
CA VAL D 178 -16.53 37.03 21.13
C VAL D 178 -15.53 37.76 20.24
N GLY D 179 -15.55 37.46 18.94
CA GLY D 179 -14.73 38.15 17.98
C GLY D 179 -13.36 37.57 17.76
N ILE D 180 -12.67 37.13 18.81
CA ILE D 180 -11.37 36.50 18.63
C ILE D 180 -11.52 35.34 17.66
N GLY D 181 -10.49 35.11 16.85
CA GLY D 181 -10.57 34.04 15.88
C GLY D 181 -10.46 32.67 16.54
N SER D 182 -9.30 32.38 17.11
CA SER D 182 -9.06 31.09 17.75
C SER D 182 -8.00 31.29 18.81
N VAL D 183 -7.89 30.30 19.70
CA VAL D 183 -6.87 30.39 20.74
C VAL D 183 -5.49 30.53 20.13
N LEU D 184 -5.28 29.96 18.94
CA LEU D 184 -3.99 30.05 18.29
C LEU D 184 -3.69 31.44 17.75
N SER D 185 -4.61 32.39 17.91
CA SER D 185 -4.31 33.78 17.59
C SER D 185 -3.62 34.49 18.73
N LEU D 186 -3.68 33.93 19.95
CA LEU D 186 -3.04 34.56 21.09
C LEU D 186 -1.52 34.56 20.94
N GLN D 187 -0.96 33.55 20.31
CA GLN D 187 0.49 33.54 20.13
C GLN D 187 0.94 34.67 19.22
N LYS D 188 0.24 34.90 18.11
CA LYS D 188 0.55 36.04 17.25
C LYS D 188 0.34 37.35 18.00
N PHE D 189 -0.77 37.47 18.73
CA PHE D 189 -1.01 38.67 19.51
C PHE D 189 0.15 38.96 20.45
N TRP D 190 0.57 37.95 21.19
CA TRP D 190 1.67 38.13 22.14
C TRP D 190 2.95 38.53 21.43
N GLN D 191 3.34 37.76 20.40
CA GLN D 191 4.51 38.10 19.61
C GLN D 191 4.51 39.57 19.24
N HIS D 192 3.48 40.02 18.52
CA HIS D 192 3.50 41.39 18.00
C HIS D 192 3.41 42.43 19.11
N ARG D 193 2.57 42.20 20.12
CA ARG D 193 2.22 43.27 21.06
C ARG D 193 3.12 43.36 22.27
N ILE D 194 3.89 42.32 22.60
CA ILE D 194 4.68 42.30 23.83
C ILE D 194 6.16 42.11 23.53
N LYS D 195 6.53 40.97 22.96
CA LYS D 195 7.93 40.64 22.78
C LYS D 195 8.61 41.62 21.84
N ASP D 196 8.02 41.82 20.66
CA ASP D 196 8.61 42.76 19.69
C ASP D 196 8.58 44.18 20.22
N TYR D 197 7.53 44.55 20.96
CA TYR D 197 7.48 45.88 21.54
C TYR D 197 8.64 46.11 22.50
N HIS D 198 8.94 45.11 23.33
CA HIS D 198 10.07 45.21 24.24
C HIS D 198 11.38 45.32 23.47
N SER D 199 11.56 44.50 22.44
CA SER D 199 12.79 44.59 21.66
C SER D 199 12.95 45.95 21.00
N TYR D 200 11.86 46.48 20.44
CA TYR D 200 11.88 47.82 19.86
C TYR D 200 12.29 48.87 20.88
N MET D 201 11.73 48.79 22.08
CA MET D 201 12.08 49.76 23.11
C MET D 201 13.55 49.66 23.48
N LEU D 202 14.08 48.45 23.60
CA LEU D 202 15.50 48.30 23.93
C LEU D 202 16.38 48.88 22.84
N GLN D 203 16.08 48.60 21.58
CA GLN D 203 16.87 49.17 20.49
C GLN D 203 16.86 50.69 20.55
N ILE D 204 15.68 51.28 20.73
CA ILE D 204 15.60 52.73 20.77
C ILE D 204 16.40 53.28 21.94
N SER D 205 16.29 52.63 23.10
CA SER D 205 17.03 53.10 24.27
C SER D 205 18.53 53.08 24.02
N LYS D 206 19.04 51.98 23.46
CA LYS D 206 20.47 51.91 23.19
C LYS D 206 20.89 52.98 22.20
N GLN D 207 20.11 53.19 21.14
CA GLN D 207 20.49 54.18 20.14
C GLN D 207 20.54 55.58 20.75
N LEU D 208 19.52 55.96 21.52
CA LEU D 208 19.50 57.29 22.11
C LEU D 208 20.61 57.44 23.17
N SER D 209 20.89 56.39 23.92
CA SER D 209 21.99 56.44 24.88
C SER D 209 23.31 56.65 24.18
N GLU D 210 23.53 55.97 23.05
CA GLU D 210 24.76 56.18 22.31
C GLU D 210 24.85 57.61 21.78
N GLU D 211 23.74 58.16 21.31
CA GLU D 211 23.78 59.55 20.86
C GLU D 211 24.17 60.48 22.00
N TYR D 212 23.56 60.29 23.18
CA TYR D 212 23.91 61.12 24.32
C TYR D 212 25.38 60.96 24.68
N GLU D 213 25.89 59.73 24.64
CA GLU D 213 27.29 59.51 24.93
C GLU D 213 28.19 60.24 23.93
N ARG D 214 27.81 60.23 22.66
CA ARG D 214 28.63 60.89 21.65
C ARG D 214 28.58 62.40 21.80
N ILE D 215 27.50 62.93 22.38
CA ILE D 215 27.38 64.38 22.45
C ILE D 215 27.95 64.93 23.76
N VAL D 216 27.92 64.14 24.84
CA VAL D 216 28.43 64.65 26.11
C VAL D 216 29.94 64.83 26.05
N ASN D 217 30.66 63.82 25.54
CA ASN D 217 32.12 63.78 25.58
C ASN D 217 32.63 63.55 24.16
N PRO D 218 32.68 64.58 23.33
CA PRO D 218 33.21 64.40 21.97
C PRO D 218 34.64 63.89 22.01
N GLU D 219 34.97 63.02 21.06
CA GLU D 219 36.32 62.50 20.95
C GLU D 219 37.20 63.45 20.14
N LYS E 10 -27.24 73.76 51.09
CA LYS E 10 -26.10 73.24 51.83
C LYS E 10 -25.07 72.63 50.88
N ASN E 11 -24.45 71.53 51.27
CA ASN E 11 -23.44 70.90 50.43
C ASN E 11 -24.03 70.43 49.10
N ALA E 12 -25.19 69.81 49.14
CA ALA E 12 -25.71 69.11 47.97
C ALA E 12 -26.39 70.07 47.00
N PRO E 13 -26.42 69.72 45.71
CA PRO E 13 -27.31 70.42 44.77
C PRO E 13 -28.72 69.83 44.84
N ARG E 14 -29.62 70.45 44.07
CA ARG E 14 -31.04 70.10 44.17
C ARG E 14 -31.31 68.71 43.62
N ASP E 15 -30.60 68.33 42.56
CA ASP E 15 -30.86 67.03 41.92
C ASP E 15 -30.56 65.88 42.87
N ALA E 16 -29.48 65.99 43.64
CA ALA E 16 -29.17 64.95 44.62
C ALA E 16 -30.31 64.79 45.62
N LEU E 17 -30.88 65.91 46.07
CA LEU E 17 -32.03 65.83 46.96
C LEU E 17 -33.22 65.16 46.28
N VAL E 18 -33.47 65.48 45.02
CA VAL E 18 -34.55 64.84 44.29
C VAL E 18 -34.36 63.32 44.26
N MET E 19 -33.15 62.87 43.91
CA MET E 19 -32.90 61.43 43.82
C MET E 19 -33.04 60.77 45.19
N ALA E 20 -32.52 61.41 46.24
CA ALA E 20 -32.67 60.85 47.58
C ALA E 20 -34.14 60.74 47.95
N GLN E 21 -34.95 61.74 47.59
CA GLN E 21 -36.37 61.69 47.88
C GLN E 21 -37.03 60.54 47.14
N ILE E 22 -36.65 60.29 45.90
CA ILE E 22 -37.20 59.16 45.16
C ILE E 22 -36.86 57.85 45.87
N LEU E 23 -35.59 57.67 46.21
CA LEU E 23 -35.19 56.45 46.92
C LEU E 23 -35.99 56.29 48.20
N LYS E 24 -36.20 57.38 48.94
CA LYS E 24 -37.05 57.31 50.13
C LYS E 24 -38.46 56.87 49.77
N ASP E 25 -39.01 57.42 48.69
CA ASP E 25 -40.36 57.08 48.30
C ASP E 25 -40.52 55.59 48.06
N MET E 26 -39.59 54.98 47.33
CA MET E 26 -39.70 53.55 47.09
C MET E 26 -39.51 52.72 48.35
N GLY E 27 -39.02 53.29 49.43
CA GLY E 27 -38.86 52.55 50.67
C GLY E 27 -37.45 52.11 50.95
N ILE E 28 -36.45 52.82 50.42
CA ILE E 28 -35.05 52.48 50.62
C ILE E 28 -34.58 53.23 51.87
N THR E 29 -34.14 52.49 52.88
CA THR E 29 -33.66 53.11 54.10
C THR E 29 -32.24 53.64 53.93
N GLU E 30 -31.33 52.76 53.54
CA GLU E 30 -29.91 53.10 53.40
C GLU E 30 -29.41 52.57 52.06
N TYR E 31 -28.23 53.01 51.67
CA TYR E 31 -27.70 52.70 50.35
C TYR E 31 -26.28 53.21 50.24
N GLU E 32 -25.57 52.69 49.24
CA GLU E 32 -24.22 53.17 48.95
C GLU E 32 -24.30 54.59 48.40
N PRO E 33 -23.34 55.45 48.74
CA PRO E 33 -23.44 56.86 48.33
C PRO E 33 -23.50 57.06 46.82
N ARG E 34 -22.59 56.46 46.06
CA ARG E 34 -22.46 56.76 44.64
C ARG E 34 -23.68 56.34 43.81
N VAL E 35 -24.67 55.70 44.42
CA VAL E 35 -25.89 55.35 43.70
C VAL E 35 -26.54 56.60 43.12
N ILE E 36 -26.49 57.71 43.86
CA ILE E 36 -27.12 58.94 43.39
C ILE E 36 -26.40 59.47 42.16
N ASN E 37 -25.07 59.41 42.16
CA ASN E 37 -24.33 59.78 40.96
C ASN E 37 -24.70 58.90 39.78
N GLN E 38 -24.85 57.60 40.02
CA GLN E 38 -25.30 56.70 38.97
C GLN E 38 -26.63 57.15 38.39
N MET E 39 -27.59 57.46 39.25
CA MET E 39 -28.90 57.91 38.78
C MET E 39 -28.82 59.21 37.99
N LEU E 40 -27.97 60.15 38.44
CA LEU E 40 -27.82 61.39 37.69
C LEU E 40 -27.29 61.10 36.28
N GLU E 41 -26.27 60.24 36.17
CA GLU E 41 -25.76 59.91 34.84
C GLU E 41 -26.83 59.23 34.00
N PHE E 42 -27.62 58.36 34.61
CA PHE E 42 -28.70 57.71 33.88
C PHE E 42 -29.64 58.73 33.26
N ALA E 43 -30.13 59.67 34.07
CA ALA E 43 -31.04 60.68 33.55
C ALA E 43 -30.40 61.50 32.44
N PHE E 44 -29.16 61.93 32.66
CA PHE E 44 -28.49 62.75 31.66
C PHE E 44 -28.38 62.02 30.33
N ARG E 45 -27.95 60.76 30.36
CA ARG E 45 -27.79 60.01 29.12
C ARG E 45 -29.13 59.83 28.42
N TYR E 46 -30.18 59.50 29.19
CA TYR E 46 -31.49 59.29 28.58
C TYR E 46 -31.94 60.55 27.84
N VAL E 47 -31.83 61.71 28.50
CA VAL E 47 -32.28 62.96 27.89
C VAL E 47 -31.47 63.26 26.63
N THR E 48 -30.14 63.15 26.72
CA THR E 48 -29.31 63.48 25.57
C THR E 48 -29.62 62.59 24.38
N THR E 49 -29.78 61.29 24.60
CA THR E 49 -30.07 60.39 23.49
C THR E 49 -31.43 60.69 22.88
N ILE E 50 -32.43 60.99 23.71
CA ILE E 50 -33.74 61.34 23.17
C ILE E 50 -33.64 62.56 22.27
N LEU E 51 -32.92 63.60 22.72
CA LEU E 51 -32.78 64.78 21.88
C LEU E 51 -32.05 64.48 20.58
N ASP E 52 -30.98 63.67 20.64
CA ASP E 52 -30.26 63.35 19.42
C ASP E 52 -31.15 62.63 18.42
N ASP E 53 -31.98 61.70 18.89
CA ASP E 53 -32.91 61.02 17.99
C ASP E 53 -33.93 61.99 17.41
N ALA E 54 -34.43 62.90 18.25
CA ALA E 54 -35.39 63.89 17.76
C ALA E 54 -34.79 64.72 16.63
N LYS E 55 -33.51 65.07 16.74
CA LYS E 55 -32.89 65.82 15.64
C LYS E 55 -33.02 65.08 14.32
N ILE E 56 -32.70 63.79 14.30
CA ILE E 56 -32.78 63.02 13.07
C ILE E 56 -34.22 62.97 12.56
N TYR E 57 -35.16 62.69 13.45
CA TYR E 57 -36.55 62.57 13.00
C TYR E 57 -37.09 63.89 12.46
N SER E 58 -36.65 65.02 13.01
CA SER E 58 -37.06 66.30 12.47
C SER E 58 -36.41 66.54 11.10
N SER E 59 -35.10 66.34 11.00
CA SER E 59 -34.45 66.56 9.71
C SER E 59 -35.01 65.65 8.63
N HIS E 60 -35.63 64.54 9.03
CA HIS E 60 -36.31 63.69 8.04
C HIS E 60 -37.55 64.40 7.49
N ALA E 61 -38.19 65.24 8.30
CA ALA E 61 -39.41 65.92 7.88
C ALA E 61 -39.14 67.28 7.22
N LYS E 62 -37.88 67.62 6.98
CA LYS E 62 -37.55 68.85 6.26
C LYS E 62 -38.23 70.06 6.90
N LYS E 63 -37.86 70.39 8.13
CA LYS E 63 -38.50 71.50 8.82
C LYS E 63 -37.47 72.17 9.71
N PRO E 64 -37.79 73.35 10.25
CA PRO E 64 -36.86 74.04 11.15
C PRO E 64 -36.83 73.41 12.54
N ASN E 65 -36.25 74.12 13.50
CA ASN E 65 -35.97 73.59 14.83
C ASN E 65 -37.10 72.72 15.38
N VAL E 66 -36.73 71.74 16.22
CA VAL E 66 -37.63 70.65 16.57
C VAL E 66 -38.78 71.15 17.43
N ASP E 67 -39.79 70.28 17.60
CA ASP E 67 -41.00 70.62 18.32
C ASP E 67 -41.49 69.38 19.06
N ALA E 68 -42.73 69.45 19.55
CA ALA E 68 -43.27 68.37 20.36
C ALA E 68 -43.34 67.05 19.58
N ASP E 69 -43.86 67.08 18.36
CA ASP E 69 -44.13 65.84 17.64
C ASP E 69 -42.87 65.03 17.41
N ASP E 70 -41.78 65.69 17.02
CA ASP E 70 -40.53 64.98 16.82
C ASP E 70 -40.08 64.28 18.10
N VAL E 71 -40.15 64.99 19.22
CA VAL E 71 -39.72 64.41 20.48
C VAL E 71 -40.58 63.21 20.84
N ARG E 72 -41.89 63.32 20.70
CA ARG E 72 -42.76 62.21 21.05
C ARG E 72 -42.48 61.01 20.15
N LEU E 73 -42.23 61.23 18.87
CA LEU E 73 -41.89 60.13 17.98
C LEU E 73 -40.59 59.46 18.41
N ALA E 74 -39.58 60.27 18.75
CA ALA E 74 -38.31 59.71 19.19
C ALA E 74 -38.50 58.88 20.46
N ILE E 75 -39.31 59.38 21.39
CA ILE E 75 -39.55 58.63 22.62
C ILE E 75 -40.25 57.32 22.32
N GLN E 76 -41.24 57.34 21.43
CA GLN E 76 -41.91 56.10 21.05
C GLN E 76 -40.94 55.09 20.47
N CYS E 77 -40.08 55.54 19.55
CA CYS E 77 -39.10 54.62 18.97
C CYS E 77 -38.17 54.07 20.04
N ARG E 78 -37.72 54.92 20.97
CA ARG E 78 -36.85 54.45 22.04
C ARG E 78 -37.55 53.41 22.91
N ALA E 79 -38.81 53.64 23.26
CA ALA E 79 -39.50 52.74 24.17
C ALA E 79 -39.84 51.42 23.48
N ASP E 80 -39.98 51.43 22.16
CA ASP E 80 -40.20 50.19 21.45
C ASP E 80 -39.00 49.26 21.49
N GLN E 81 -37.84 49.76 21.94
CA GLN E 81 -36.61 48.99 21.99
C GLN E 81 -36.11 48.76 23.41
N SER E 82 -35.91 49.81 24.19
CA SER E 82 -35.00 49.71 25.34
C SER E 82 -35.71 49.47 26.66
N PHE E 83 -36.61 50.36 27.06
CA PHE E 83 -37.20 50.27 28.39
C PHE E 83 -38.35 49.27 28.35
N THR E 84 -38.09 48.03 28.72
CA THR E 84 -39.01 46.93 28.50
C THR E 84 -39.55 46.40 29.81
N SER E 85 -40.44 45.43 29.68
CA SER E 85 -41.07 44.77 30.83
C SER E 85 -41.91 43.62 30.29
N PRO E 86 -42.29 42.67 31.15
CA PRO E 86 -42.95 41.46 30.66
C PRO E 86 -44.29 41.76 30.03
N PRO E 87 -44.78 40.90 29.13
CA PRO E 87 -46.07 41.14 28.49
C PRO E 87 -47.20 41.19 29.52
N PRO E 88 -48.36 41.69 29.12
CA PRO E 88 -49.45 41.87 30.09
C PRO E 88 -50.21 40.57 30.36
N ARG E 89 -51.22 40.71 31.22
CA ARG E 89 -51.99 39.56 31.67
C ARG E 89 -52.79 38.93 30.53
N ASP E 90 -53.28 39.75 29.61
CA ASP E 90 -54.18 39.25 28.56
C ASP E 90 -53.51 38.18 27.71
N PHE E 91 -52.31 38.49 27.18
CA PHE E 91 -51.59 37.53 26.34
C PHE E 91 -51.25 36.26 27.11
N LEU E 92 -50.84 36.42 28.36
CA LEU E 92 -50.50 35.27 29.19
C LEU E 92 -51.69 34.37 29.39
N LEU E 93 -52.88 34.95 29.56
CA LEU E 93 -54.07 34.12 29.70
C LEU E 93 -54.34 33.27 28.46
N ASP E 94 -54.17 33.85 27.28
CA ASP E 94 -54.37 33.07 26.06
C ASP E 94 -53.39 31.91 25.99
N ILE E 95 -52.10 32.18 26.21
CA ILE E 95 -51.15 31.08 26.12
C ILE E 95 -51.42 30.05 27.20
N ALA E 96 -51.82 30.49 28.39
CA ALA E 96 -52.15 29.54 29.46
C ALA E 96 -53.30 28.65 29.05
N ARG E 97 -54.36 29.22 28.48
CA ARG E 97 -55.46 28.40 28.00
C ARG E 97 -54.96 27.35 27.02
N GLN E 98 -54.10 27.77 26.08
CA GLN E 98 -53.66 26.83 25.07
C GLN E 98 -52.72 25.78 25.66
N LYS E 99 -52.17 26.04 26.84
CA LYS E 99 -51.20 25.10 27.41
C LYS E 99 -51.89 24.06 28.30
N ASN E 100 -52.88 24.47 29.08
CA ASN E 100 -53.41 23.61 30.13
C ASN E 100 -54.21 22.43 29.60
N GLN E 101 -54.51 22.39 28.31
CA GLN E 101 -55.35 21.32 27.79
C GLN E 101 -54.67 19.96 27.80
N THR E 102 -53.35 19.92 27.87
CA THR E 102 -52.65 18.66 27.77
C THR E 102 -52.77 17.86 29.07
N PRO E 103 -52.66 16.54 29.00
CA PRO E 103 -52.84 15.70 30.19
C PRO E 103 -51.61 15.68 31.07
N LEU E 104 -51.84 15.37 32.35
CA LEU E 104 -50.80 15.23 33.34
C LEU E 104 -50.46 13.77 33.56
N PRO E 105 -49.30 13.47 34.16
CA PRO E 105 -48.93 12.08 34.37
C PRO E 105 -49.87 11.38 35.34
N LEU E 106 -49.98 10.06 35.20
CA LEU E 106 -50.83 9.27 36.08
C LEU E 106 -50.03 8.80 37.29
N ILE E 107 -50.46 9.21 38.48
CA ILE E 107 -49.70 8.92 39.70
C ILE E 107 -49.63 7.41 39.90
N LYS E 108 -48.60 6.97 40.60
CA LYS E 108 -48.46 5.59 41.01
C LYS E 108 -47.48 5.53 42.18
N PRO E 109 -47.49 4.44 42.95
CA PRO E 109 -46.56 4.34 44.08
C PRO E 109 -45.11 4.39 43.58
N TYR E 110 -44.30 5.17 44.28
CA TYR E 110 -42.90 5.36 43.92
C TYR E 110 -42.00 5.08 45.13
N ALA E 111 -40.84 4.50 44.85
CA ALA E 111 -39.79 4.42 45.86
C ALA E 111 -38.97 5.70 45.83
N GLY E 112 -39.63 6.85 45.90
CA GLY E 112 -38.99 8.12 45.73
C GLY E 112 -39.32 8.72 44.37
N PRO E 113 -39.20 10.04 44.24
CA PRO E 113 -39.60 10.69 42.98
C PRO E 113 -38.78 10.17 41.81
N ARG E 114 -39.44 10.04 40.66
CA ARG E 114 -38.80 9.52 39.46
C ARG E 114 -38.17 10.68 38.68
N LEU E 115 -36.91 10.52 38.32
CA LEU E 115 -36.23 11.51 37.49
C LEU E 115 -36.53 11.26 36.02
N PRO E 116 -36.31 12.25 35.16
CA PRO E 116 -36.61 12.06 33.74
C PRO E 116 -35.59 11.14 33.08
N PRO E 117 -35.80 10.79 31.82
CA PRO E 117 -34.90 9.85 31.15
C PRO E 117 -33.49 10.43 31.01
N ASP E 118 -32.53 9.53 30.85
CA ASP E 118 -31.12 9.94 30.81
C ASP E 118 -30.82 10.83 29.61
N ARG E 119 -31.42 10.55 28.45
CA ARG E 119 -31.08 11.32 27.26
C ARG E 119 -31.37 12.80 27.44
N TYR E 120 -32.09 13.16 28.49
CA TYR E 120 -32.44 14.56 28.75
C TYR E 120 -32.00 14.98 30.15
N CYS E 121 -30.83 14.47 30.54
CA CYS E 121 -30.24 14.80 31.82
C CYS E 121 -28.76 15.13 31.60
N LEU E 122 -28.21 15.92 32.51
CA LEU E 122 -26.80 16.31 32.45
C LEU E 122 -25.89 15.18 32.88
N THR E 123 -25.90 14.07 32.14
CA THR E 123 -25.11 12.90 32.48
C THR E 123 -24.51 12.28 31.23
N ALA E 124 -23.98 13.10 30.33
CA ALA E 124 -23.41 12.61 29.08
C ALA E 124 -22.01 13.17 28.90
N PRO E 125 -20.98 12.33 28.83
CA PRO E 125 -19.62 12.84 28.62
C PRO E 125 -19.35 13.10 27.14
N ASN E 126 -18.50 14.09 26.90
CA ASN E 126 -18.12 14.43 25.54
C ASN E 126 -17.57 13.19 24.84
N TYR E 127 -18.02 12.95 23.61
CA TYR E 127 -17.64 11.72 22.91
C TYR E 127 -16.22 11.80 22.38
N ARG E 128 -15.70 13.00 22.13
CA ARG E 128 -14.32 13.12 21.71
C ARG E 128 -13.36 12.63 22.78
N LEU E 129 -13.64 12.94 24.03
CA LEU E 129 -12.72 12.61 25.12
C LEU E 129 -12.53 11.11 25.22
N LYS E 130 -11.31 10.70 25.57
CA LYS E 130 -11.02 9.29 25.78
C LYS E 130 -11.12 8.95 27.25
N SER E 131 -11.55 7.73 27.55
CA SER E 131 -11.65 7.26 28.92
C SER E 131 -10.53 6.26 29.20
N LEU E 132 -10.17 6.15 30.48
CA LEU E 132 -9.03 5.35 30.89
C LEU E 132 -9.43 4.41 32.01
N ILE E 133 -8.77 3.25 32.06
CA ILE E 133 -9.05 2.23 33.07
C ILE E 133 -7.96 2.26 34.14
N GLU F 5 -55.52 61.96 50.92
CA GLU F 5 -55.95 62.08 49.53
C GLU F 5 -55.05 63.06 48.77
N GLU F 6 -54.44 63.98 49.51
CA GLU F 6 -53.47 64.88 48.90
C GLU F 6 -52.08 64.24 49.00
N ARG F 7 -51.34 64.28 47.89
CA ARG F 7 -50.07 63.59 47.79
C ARG F 7 -49.13 64.36 46.88
N ARG F 8 -47.84 64.07 46.99
CA ARG F 8 -46.79 64.84 46.33
C ARG F 8 -45.79 63.90 45.68
N PHE F 9 -45.11 64.42 44.65
CA PHE F 9 -44.14 63.65 43.89
C PHE F 9 -43.09 64.63 43.38
N VAL F 10 -41.91 64.64 44.00
CA VAL F 10 -40.87 65.56 43.59
C VAL F 10 -40.51 65.30 42.13
N GLU F 11 -40.34 66.39 41.38
CA GLU F 11 -39.96 66.31 39.97
C GLU F 11 -38.86 67.33 39.71
N ILE F 12 -38.03 67.03 38.72
CA ILE F 12 -36.89 67.92 38.43
C ILE F 12 -37.40 69.21 37.82
N PRO F 13 -36.66 70.30 37.91
CA PRO F 13 -37.13 71.57 37.33
C PRO F 13 -36.91 71.62 35.82
N ARG F 14 -37.70 72.47 35.18
CA ARG F 14 -37.48 72.75 33.77
C ARG F 14 -36.05 73.16 33.49
N GLU F 15 -35.43 73.88 34.41
CA GLU F 15 -34.10 74.41 34.18
C GLU F 15 -33.09 73.29 34.00
N SER F 16 -33.21 72.21 34.78
CA SER F 16 -32.25 71.11 34.64
C SER F 16 -32.34 70.48 33.26
N VAL F 17 -33.56 70.26 32.76
CA VAL F 17 -33.73 69.72 31.42
C VAL F 17 -33.17 70.67 30.36
N ARG F 18 -33.42 71.97 30.49
CA ARG F 18 -32.85 72.90 29.53
C ARG F 18 -31.32 72.91 29.59
N LEU F 19 -30.76 72.81 30.79
CA LEU F 19 -29.31 72.78 30.94
C LEU F 19 -28.71 71.55 30.28
N MET F 20 -29.35 70.39 30.48
CA MET F 20 -28.89 69.20 29.76
C MET F 20 -28.97 69.41 28.25
N ALA F 21 -30.13 69.86 27.76
CA ALA F 21 -30.29 70.04 26.32
C ALA F 21 -29.27 71.02 25.76
N GLU F 22 -28.81 71.97 26.56
CA GLU F 22 -27.82 72.93 26.08
C GLU F 22 -26.57 72.23 25.58
N SER F 23 -26.05 71.27 26.35
CA SER F 23 -24.86 70.55 25.95
C SER F 23 -25.03 69.94 24.56
N THR F 24 -26.23 69.48 24.25
CA THR F 24 -26.51 68.95 22.92
C THR F 24 -26.35 70.03 21.87
N GLY F 25 -26.78 71.26 22.19
CA GLY F 25 -26.73 72.35 21.25
C GLY F 25 -28.09 72.65 20.66
N LEU F 26 -29.11 72.64 21.52
CA LEU F 26 -30.47 72.94 21.09
C LEU F 26 -31.13 73.82 22.14
N GLU F 27 -31.88 74.81 21.66
CA GLU F 27 -32.65 75.71 22.51
C GLU F 27 -34.07 75.17 22.53
N LEU F 28 -34.55 74.81 23.73
CA LEU F 28 -35.83 74.13 23.86
C LEU F 28 -36.91 75.11 24.30
N SER F 29 -38.14 74.84 23.84
CA SER F 29 -39.29 75.66 24.14
C SER F 29 -39.82 75.32 25.54
N ASP F 30 -41.04 75.77 25.83
CA ASP F 30 -41.57 75.66 27.17
C ASP F 30 -42.28 74.32 27.40
N GLU F 31 -43.20 73.96 26.51
CA GLU F 31 -43.95 72.72 26.69
C GLU F 31 -43.04 71.50 26.65
N VAL F 32 -42.07 71.52 25.74
CA VAL F 32 -41.19 70.37 25.56
C VAL F 32 -40.43 70.06 26.84
N ALA F 33 -39.96 71.10 27.53
CA ALA F 33 -39.21 70.87 28.76
C ALA F 33 -40.02 70.09 29.78
N ALA F 34 -41.27 70.50 30.01
CA ALA F 34 -42.10 69.79 30.98
C ALA F 34 -42.41 68.37 30.52
N LEU F 35 -42.67 68.20 29.23
CA LEU F 35 -42.87 66.86 28.70
C LEU F 35 -41.69 65.96 29.05
N LEU F 36 -40.48 66.41 28.72
CA LEU F 36 -39.28 65.62 29.01
C LEU F 36 -39.11 65.38 30.49
N ALA F 37 -39.38 66.40 31.31
CA ALA F 37 -39.21 66.24 32.74
C ALA F 37 -40.10 65.12 33.28
N GLU F 38 -41.37 65.13 32.90
CA GLU F 38 -42.27 64.09 33.37
C GLU F 38 -41.82 62.71 32.87
N ASP F 39 -41.42 62.62 31.61
CA ASP F 39 -40.97 61.33 31.09
C ASP F 39 -39.78 60.80 31.88
N VAL F 40 -38.80 61.66 32.13
CA VAL F 40 -37.60 61.24 32.85
C VAL F 40 -37.95 60.81 34.26
N CYS F 41 -38.86 61.55 34.92
CA CYS F 41 -39.26 61.14 36.27
C CYS F 41 -39.90 59.76 36.26
N TYR F 42 -40.76 59.50 35.27
CA TYR F 42 -41.38 58.18 35.20
C TYR F 42 -40.35 57.08 35.02
N ARG F 43 -39.37 57.30 34.14
CA ARG F 43 -38.34 56.30 33.94
C ARG F 43 -37.50 56.08 35.19
N LEU F 44 -37.15 57.16 35.89
CA LEU F 44 -36.39 57.02 37.13
C LEU F 44 -37.15 56.17 38.14
N ARG F 45 -38.43 56.44 38.31
CA ARG F 45 -39.20 55.69 39.30
C ARG F 45 -39.33 54.22 38.88
N GLU F 46 -39.56 53.95 37.59
CA GLU F 46 -39.61 52.56 37.14
C GLU F 46 -38.31 51.83 37.45
N ALA F 47 -37.17 52.43 37.09
CA ALA F 47 -35.89 51.79 37.33
C ALA F 47 -35.65 51.57 38.82
N THR F 48 -36.05 52.53 39.65
CA THR F 48 -35.83 52.38 41.09
C THR F 48 -36.67 51.24 41.65
N GLN F 49 -37.92 51.12 41.23
CA GLN F 49 -38.74 49.99 41.65
C GLN F 49 -38.10 48.67 41.25
N ASN F 50 -37.63 48.58 40.00
CA ASN F 50 -37.01 47.34 39.55
C ASN F 50 -35.78 47.02 40.39
N SER F 51 -34.95 48.02 40.67
CA SER F 51 -33.77 47.77 41.49
C SER F 51 -34.14 47.29 42.88
N SER F 52 -35.14 47.91 43.50
CA SER F 52 -35.57 47.48 44.83
C SER F 52 -36.08 46.05 44.82
N GLN F 53 -36.67 45.61 43.71
CA GLN F 53 -37.19 44.25 43.65
C GLN F 53 -36.09 43.22 43.89
N PHE F 54 -34.92 43.41 43.28
CA PHE F 54 -33.82 42.48 43.48
C PHE F 54 -33.36 42.46 44.92
N MET F 55 -33.28 43.64 45.55
CA MET F 55 -32.85 43.71 46.94
C MET F 55 -33.85 43.04 47.87
N LYS F 56 -35.14 43.04 47.50
CA LYS F 56 -36.15 42.46 48.37
C LYS F 56 -35.85 41.00 48.70
N HIS F 57 -35.23 40.28 47.78
CA HIS F 57 -35.05 38.83 47.93
C HIS F 57 -33.66 38.46 48.45
N THR F 58 -33.06 39.28 49.29
CA THR F 58 -31.74 39.00 49.82
C THR F 58 -31.61 39.24 51.32
N LYS F 59 -32.61 39.85 51.95
CA LYS F 59 -32.54 40.12 53.37
C LYS F 59 -31.33 40.99 53.69
N ARG F 60 -31.27 42.16 53.07
CA ARG F 60 -30.26 43.16 53.37
C ARG F 60 -30.86 44.51 53.00
N ARG F 61 -30.51 45.54 53.78
CA ARG F 61 -31.17 46.83 53.63
C ARG F 61 -30.44 47.78 52.70
N LYS F 62 -29.12 47.77 52.70
CA LYS F 62 -28.38 48.70 51.83
C LYS F 62 -28.57 48.30 50.38
N LEU F 63 -28.71 49.30 49.50
CA LEU F 63 -28.84 49.08 48.07
C LEU F 63 -27.53 49.44 47.39
N THR F 64 -26.96 48.50 46.65
CA THR F 64 -25.68 48.68 46.02
C THR F 64 -25.85 49.16 44.58
N VAL F 65 -24.71 49.46 43.94
CA VAL F 65 -24.72 49.83 42.53
C VAL F 65 -24.90 48.61 41.66
N GLU F 66 -24.47 47.45 42.17
CA GLU F 66 -24.68 46.20 41.44
C GLU F 66 -26.16 45.92 41.24
N ASP F 67 -26.98 46.18 42.26
CA ASP F 67 -28.42 45.98 42.11
C ASP F 67 -28.99 46.87 41.02
N PHE F 68 -28.60 48.14 41.00
CA PHE F 68 -29.09 49.04 39.97
C PHE F 68 -28.69 48.57 38.59
N ASN F 69 -27.43 48.17 38.42
CA ASN F 69 -26.99 47.73 37.10
C ASN F 69 -27.66 46.43 36.69
N ARG F 70 -27.91 45.54 37.64
CA ARG F 70 -28.63 44.31 37.33
C ARG F 70 -30.03 44.61 36.84
N ALA F 71 -30.76 45.46 37.57
CA ALA F 71 -32.11 45.82 37.14
C ALA F 71 -32.10 46.47 35.78
N LEU F 72 -31.13 47.34 35.52
CA LEU F 72 -31.02 47.93 34.19
C LEU F 72 -30.78 46.87 33.13
N ARG F 73 -29.93 45.89 33.42
CA ARG F 73 -29.60 44.86 32.44
C ARG F 73 -30.83 44.04 32.08
N TRP F 74 -31.64 43.68 33.07
CA TRP F 74 -32.82 42.88 32.77
C TRP F 74 -33.84 43.68 31.97
N SER F 75 -33.92 44.98 32.20
CA SER F 75 -34.85 45.81 31.44
C SER F 75 -34.30 46.21 30.09
N SER F 76 -33.26 45.57 29.60
CA SER F 76 -32.71 45.85 28.27
C SER F 76 -32.27 47.31 28.15
N VAL F 77 -31.37 47.72 29.04
CA VAL F 77 -30.81 49.06 29.00
C VAL F 77 -29.32 48.97 29.31
N GLU F 78 -28.52 49.68 28.53
CA GLU F 78 -27.09 49.73 28.76
C GLU F 78 -26.82 50.13 30.21
N ALA F 79 -25.67 49.73 30.73
CA ALA F 79 -25.37 49.90 32.14
C ALA F 79 -24.52 51.14 32.37
N VAL F 80 -24.48 51.60 33.61
CA VAL F 80 -23.70 52.78 33.98
C VAL F 80 -22.39 52.35 34.61
N CYS F 81 -21.28 52.86 34.08
CA CYS F 81 -19.95 52.44 34.49
C CYS F 81 -19.22 53.57 35.20
N GLY F 82 -18.56 53.24 36.30
CA GLY F 82 -17.68 54.16 36.96
C GLY F 82 -18.08 54.57 38.36
N TYR F 83 -18.96 53.83 39.03
CA TYR F 83 -19.47 54.24 40.34
C TYR F 83 -19.50 53.07 41.32
N GLY F 84 -18.63 52.09 41.15
CA GLY F 84 -18.64 50.92 42.02
C GLY F 84 -17.53 50.91 43.05
N SER F 85 -17.23 52.05 43.68
CA SER F 85 -16.03 52.14 44.50
C SER F 85 -16.29 51.93 45.99
N GLN F 86 -17.55 52.00 46.43
CA GLN F 86 -17.86 51.87 47.85
C GLN F 86 -17.18 52.95 48.67
N GLU F 87 -16.94 54.11 48.07
CA GLU F 87 -16.38 55.24 48.81
C GLU F 87 -17.03 56.53 48.31
N ALA F 88 -17.25 57.44 49.24
CA ALA F 88 -18.02 58.65 48.94
C ALA F 88 -17.30 59.52 47.92
N LEU F 89 -18.08 60.19 47.08
CA LEU F 89 -17.54 61.12 46.10
C LEU F 89 -18.07 62.52 46.41
N PRO F 90 -17.36 63.32 47.20
CA PRO F 90 -17.91 64.63 47.59
C PRO F 90 -18.08 65.54 46.39
N MET F 91 -19.08 66.42 46.47
CA MET F 91 -19.34 67.40 45.43
C MET F 91 -18.66 68.73 45.77
N ARG F 92 -18.51 69.58 44.76
CA ARG F 92 -17.80 70.85 44.91
C ARG F 92 -18.63 71.99 44.33
N PRO F 93 -18.90 73.04 45.08
CA PRO F 93 -19.52 74.23 44.50
C PRO F 93 -18.48 75.16 43.89
N ALA F 94 -18.88 75.82 42.81
CA ALA F 94 -18.02 76.80 42.17
C ALA F 94 -18.03 78.11 42.95
N ARG F 95 -17.45 79.13 42.34
CA ARG F 95 -17.30 80.41 43.05
C ARG F 95 -18.64 81.09 43.28
N GLU F 96 -19.48 81.16 42.25
CA GLU F 96 -20.74 81.89 42.40
C GLU F 96 -21.64 81.26 43.46
N GLY F 97 -21.76 79.93 43.46
CA GLY F 97 -22.55 79.24 44.45
C GLY F 97 -23.81 78.58 43.94
N GLU F 98 -23.91 78.31 42.64
CA GLU F 98 -25.08 77.67 42.05
C GLU F 98 -24.72 76.45 41.22
N LEU F 99 -23.51 76.40 40.67
CA LEU F 99 -23.06 75.25 39.89
C LEU F 99 -22.21 74.34 40.77
N TYR F 100 -22.42 73.04 40.60
CA TYR F 100 -21.67 72.02 41.31
C TYR F 100 -21.00 71.10 40.30
N PHE F 101 -20.01 70.35 40.78
CA PHE F 101 -19.31 69.39 39.95
C PHE F 101 -18.61 68.39 40.85
N PRO F 102 -18.24 67.22 40.33
CA PRO F 102 -17.54 66.24 41.15
C PRO F 102 -16.04 66.36 41.02
N GLU F 103 -15.35 66.10 42.13
CA GLU F 103 -13.89 66.17 42.13
C GLU F 103 -13.31 65.06 41.27
N ASP F 104 -12.42 65.44 40.35
CA ASP F 104 -11.80 64.49 39.42
C ASP F 104 -10.31 64.82 39.36
N ARG F 105 -9.53 64.20 40.24
CA ARG F 105 -8.12 64.51 40.36
C ARG F 105 -7.30 63.70 39.36
N GLU F 106 -6.35 64.38 38.73
CA GLU F 106 -5.39 63.73 37.85
C GLU F 106 -4.59 62.73 38.68
N VAL F 107 -4.23 61.61 38.07
CA VAL F 107 -3.52 60.54 38.77
C VAL F 107 -2.35 60.07 37.93
N ASN F 108 -1.19 59.95 38.57
CA ASN F 108 0.02 59.50 37.92
C ASN F 108 0.02 57.98 37.86
N LEU F 109 -0.09 57.44 36.64
CA LEU F 109 -0.26 56.00 36.47
C LEU F 109 0.96 55.20 36.93
N VAL F 110 2.16 55.64 36.59
CA VAL F 110 3.33 54.79 36.79
C VAL F 110 3.51 54.43 38.26
N GLU F 111 3.08 55.32 39.16
CA GLU F 111 3.20 55.01 40.58
C GLU F 111 2.34 53.81 40.96
N LEU F 112 1.09 53.78 40.52
CA LEU F 112 0.23 52.63 40.78
C LEU F 112 0.71 51.41 40.03
N ALA F 113 1.22 51.60 38.81
CA ALA F 113 1.70 50.47 38.03
C ALA F 113 2.86 49.77 38.74
N LEU F 114 3.78 50.55 39.30
CA LEU F 114 4.94 50.00 40.01
C LEU F 114 4.69 50.10 41.52
N ALA F 115 3.99 49.09 42.03
CA ALA F 115 3.69 49.05 43.45
C ALA F 115 3.14 47.68 43.79
N THR F 116 3.60 47.14 44.92
CA THR F 116 3.14 45.85 45.41
C THR F 116 2.15 46.08 46.54
N ASN F 117 0.93 45.58 46.38
CA ASN F 117 -0.10 45.70 47.40
C ASN F 117 -0.79 44.34 47.50
N ILE F 118 -0.26 43.48 48.38
CA ILE F 118 -0.83 42.16 48.62
C ILE F 118 -2.21 42.32 49.25
N PRO F 119 -3.23 41.63 48.78
CA PRO F 119 -4.55 41.70 49.42
C PRO F 119 -4.74 40.60 50.45
N LYS F 120 -5.67 40.84 51.36
CA LYS F 120 -6.05 39.85 52.36
C LYS F 120 -7.26 39.07 51.88
N GLY F 121 -7.12 37.75 51.79
CA GLY F 121 -8.23 36.91 51.42
C GLY F 121 -9.38 37.04 52.39
N CYS F 122 -10.40 36.22 52.17
CA CYS F 122 -11.55 36.17 53.05
C CYS F 122 -11.47 34.95 53.95
N ALA F 123 -12.33 34.94 54.97
CA ALA F 123 -12.37 33.83 55.90
C ALA F 123 -13.52 32.89 55.54
N GLU F 124 -13.37 31.63 55.91
CA GLU F 124 -14.37 30.63 55.58
C GLU F 124 -15.60 30.77 56.47
N THR F 125 -16.74 30.31 55.96
CA THR F 125 -17.98 30.35 56.72
C THR F 125 -18.06 29.15 57.66
N ALA F 126 -18.69 29.37 58.81
CA ALA F 126 -18.89 28.32 59.80
C ALA F 126 -20.13 28.65 60.62
N VAL F 127 -20.71 27.62 61.23
CA VAL F 127 -21.99 27.73 61.92
C VAL F 127 -21.88 27.09 63.29
N ARG F 128 -22.25 27.84 64.33
CA ARG F 128 -22.27 27.37 65.70
C ARG F 128 -23.73 27.17 66.13
N VAL F 129 -23.98 26.08 66.82
CA VAL F 129 -25.32 25.79 67.31
C VAL F 129 -25.48 26.41 68.68
N HIS F 130 -26.71 26.82 68.99
CA HIS F 130 -26.98 27.65 70.17
C HIS F 130 -28.40 27.35 70.64
N VAL F 131 -28.52 26.48 71.63
CA VAL F 131 -29.83 26.06 72.12
C VAL F 131 -30.26 26.99 73.25
N SER F 132 -31.56 26.99 73.54
CA SER F 132 -32.08 27.73 74.68
C SER F 132 -33.47 27.21 75.01
N TYR F 133 -33.88 27.45 76.26
CA TYR F 133 -35.20 27.10 76.74
C TYR F 133 -35.96 28.34 77.17
N LEU F 134 -37.28 28.27 77.06
CA LEU F 134 -38.15 29.33 77.56
C LEU F 134 -39.54 28.77 77.83
N THR G 59 -42.74 32.97 -8.48
CA THR G 59 -42.10 31.82 -7.86
C THR G 59 -42.63 31.57 -6.47
N LYS G 60 -42.62 30.31 -6.06
CA LYS G 60 -43.05 29.93 -4.72
C LYS G 60 -41.85 29.90 -3.78
N LYS G 61 -42.08 30.30 -2.54
CA LYS G 61 -41.03 30.37 -1.55
C LYS G 61 -41.43 29.61 -0.30
N LYS G 62 -40.48 28.82 0.20
CA LYS G 62 -40.67 28.02 1.41
C LYS G 62 -39.50 28.25 2.34
N LEU G 63 -39.68 27.89 3.60
CA LEU G 63 -38.61 28.09 4.56
C LEU G 63 -37.34 27.33 4.17
N GLN G 64 -37.50 26.09 3.71
CA GLN G 64 -36.32 25.34 3.32
C GLN G 64 -35.52 26.05 2.23
N ASP G 65 -36.19 26.85 1.40
CA ASP G 65 -35.46 27.62 0.40
C ASP G 65 -34.51 28.61 1.05
N LEU G 66 -34.96 29.29 2.10
CA LEU G 66 -34.06 30.16 2.85
C LEU G 66 -33.00 29.36 3.58
N VAL G 67 -33.38 28.23 4.18
CA VAL G 67 -32.43 27.42 4.93
C VAL G 67 -31.27 27.02 4.03
N ARG G 68 -31.56 26.64 2.78
CA ARG G 68 -30.50 26.23 1.88
C ARG G 68 -29.46 27.32 1.70
N GLU G 69 -29.88 28.58 1.61
CA GLU G 69 -28.92 29.67 1.51
C GLU G 69 -27.93 29.65 2.67
N VAL G 70 -28.41 29.41 3.88
CA VAL G 70 -27.54 29.42 5.05
C VAL G 70 -26.72 28.14 5.16
N ASP G 71 -27.38 26.98 5.13
CA ASP G 71 -26.67 25.71 5.17
C ASP G 71 -27.51 24.63 4.50
N PRO G 72 -27.05 24.06 3.38
CA PRO G 72 -27.88 23.07 2.68
C PRO G 72 -28.22 21.84 3.49
N ASN G 73 -27.33 21.38 4.36
CA ASN G 73 -27.46 20.05 4.91
C ASN G 73 -28.33 19.98 6.16
N GLU G 74 -28.82 21.11 6.65
CA GLU G 74 -29.62 21.11 7.87
C GLU G 74 -31.10 21.06 7.53
N GLN G 75 -31.89 20.59 8.50
CA GLN G 75 -33.32 20.48 8.32
C GLN G 75 -34.01 20.57 9.67
N LEU G 76 -35.18 21.21 9.68
CA LEU G 76 -35.89 21.54 10.92
C LEU G 76 -37.00 20.53 11.19
N ASP G 77 -37.53 20.61 12.40
CA ASP G 77 -38.77 19.92 12.75
C ASP G 77 -39.96 20.75 12.31
N GLU G 78 -41.16 20.20 12.50
CA GLU G 78 -42.37 20.88 12.04
C GLU G 78 -42.74 22.05 12.94
N ASP G 79 -42.61 21.85 14.26
CA ASP G 79 -42.95 22.92 15.19
C ASP G 79 -42.10 24.15 14.94
N VAL G 80 -40.80 23.95 14.66
CA VAL G 80 -39.93 25.07 14.36
C VAL G 80 -40.41 25.81 13.11
N GLU G 81 -40.88 25.05 12.11
CA GLU G 81 -41.40 25.66 10.90
C GLU G 81 -42.62 26.53 11.21
N GLU G 82 -43.53 26.04 12.05
CA GLU G 82 -44.67 26.86 12.44
C GLU G 82 -44.22 28.12 13.16
N MET G 83 -43.29 27.97 14.11
CA MET G 83 -42.88 29.11 14.92
C MET G 83 -42.22 30.19 14.09
N LEU G 84 -41.37 29.80 13.13
CA LEU G 84 -40.67 30.81 12.32
C LEU G 84 -41.67 31.63 11.51
N LEU G 85 -42.69 30.98 10.94
CA LEU G 85 -43.70 31.72 10.20
C LEU G 85 -44.49 32.65 11.11
N GLN G 86 -44.82 32.20 12.31
CA GLN G 86 -45.49 33.09 13.26
C GLN G 86 -44.63 34.32 13.53
N ILE G 87 -43.34 34.11 13.73
CA ILE G 87 -42.43 35.23 14.01
C ILE G 87 -42.38 36.18 12.82
N ALA G 88 -42.37 35.65 11.60
CA ALA G 88 -42.37 36.50 10.42
C ALA G 88 -43.65 37.33 10.34
N ASP G 89 -44.80 36.74 10.67
CA ASP G 89 -46.02 37.51 10.71
C ASP G 89 -45.89 38.69 11.66
N ASP G 90 -45.42 38.43 12.89
CA ASP G 90 -45.26 39.53 13.84
C ASP G 90 -44.29 40.58 13.33
N PHE G 91 -43.20 40.15 12.71
CA PHE G 91 -42.20 41.08 12.17
C PHE G 91 -42.83 42.03 11.18
N ILE G 92 -43.58 41.49 10.20
CA ILE G 92 -44.23 42.35 9.22
C ILE G 92 -45.22 43.29 9.89
N GLU G 93 -46.04 42.76 10.80
CA GLU G 93 -47.05 43.59 11.43
C GLU G 93 -46.43 44.76 12.16
N SER G 94 -45.22 44.59 12.71
CA SER G 94 -44.57 45.71 13.39
C SER G 94 -43.94 46.68 12.41
N VAL G 95 -43.20 46.16 11.44
CA VAL G 95 -42.43 47.02 10.54
C VAL G 95 -43.36 47.92 9.75
N VAL G 96 -44.42 47.36 9.19
CA VAL G 96 -45.30 48.17 8.34
C VAL G 96 -45.95 49.28 9.15
N THR G 97 -46.42 48.96 10.36
CA THR G 97 -47.02 49.99 11.21
C THR G 97 -46.02 51.11 11.48
N ALA G 98 -44.79 50.76 11.81
CA ALA G 98 -43.80 51.79 12.10
C ALA G 98 -43.57 52.68 10.88
N ALA G 99 -43.45 52.07 9.71
CA ALA G 99 -43.26 52.87 8.49
C ALA G 99 -44.46 53.78 8.25
N CYS G 100 -45.67 53.27 8.47
CA CYS G 100 -46.86 54.09 8.26
C CYS G 100 -46.87 55.29 9.18
N GLN G 101 -46.48 55.12 10.45
CA GLN G 101 -46.40 56.26 11.34
C GLN G 101 -45.35 57.26 10.87
N LEU G 102 -44.19 56.77 10.41
CA LEU G 102 -43.17 57.69 9.91
C LEU G 102 -43.69 58.48 8.72
N ALA G 103 -44.48 57.85 7.86
CA ALA G 103 -45.12 58.59 6.77
C ALA G 103 -46.11 59.62 7.31
N ARG G 104 -46.93 59.21 8.26
CA ARG G 104 -47.90 60.12 8.87
C ARG G 104 -47.23 61.35 9.46
N HIS G 105 -45.98 61.23 9.86
CA HIS G 105 -45.31 62.36 10.50
C HIS G 105 -45.27 63.59 9.60
N ARG G 106 -44.88 63.40 8.34
CA ARG G 106 -44.65 64.50 7.43
C ARG G 106 -45.85 64.83 6.55
N LYS G 107 -47.06 64.52 7.02
CA LYS G 107 -48.29 64.89 6.32
C LYS G 107 -48.37 64.31 4.91
N SER G 108 -47.46 63.41 4.56
CA SER G 108 -47.43 62.85 3.23
C SER G 108 -48.67 62.01 2.99
N SER G 109 -49.01 61.84 1.72
CA SER G 109 -50.21 61.09 1.35
C SER G 109 -49.92 59.64 0.98
N THR G 110 -48.67 59.31 0.68
CA THR G 110 -48.30 58.00 0.17
C THR G 110 -47.14 57.44 0.98
N LEU G 111 -47.14 56.13 1.16
CA LEU G 111 -46.09 55.44 1.91
C LEU G 111 -44.86 55.23 1.04
N GLU G 112 -43.94 56.19 1.06
CA GLU G 112 -42.76 56.10 0.21
C GLU G 112 -41.76 55.11 0.79
N VAL G 113 -40.81 54.68 -0.05
CA VAL G 113 -39.83 53.70 0.39
C VAL G 113 -38.88 54.28 1.42
N LYS G 114 -38.51 55.56 1.28
CA LYS G 114 -37.55 56.15 2.20
C LYS G 114 -38.01 56.06 3.65
N ASP G 115 -39.32 56.03 3.90
CA ASP G 115 -39.80 55.77 5.25
C ASP G 115 -39.33 54.41 5.75
N VAL G 116 -39.51 53.38 4.92
CA VAL G 116 -39.07 52.05 5.30
C VAL G 116 -37.56 52.02 5.49
N GLN G 117 -36.82 52.68 4.59
CA GLN G 117 -35.37 52.71 4.72
C GLN G 117 -34.96 53.32 6.07
N LEU G 118 -35.52 54.47 6.41
CA LEU G 118 -35.20 55.09 7.69
C LEU G 118 -35.51 54.16 8.85
N HIS G 119 -36.71 53.58 8.86
CA HIS G 119 -37.08 52.74 9.99
C HIS G 119 -36.17 51.53 10.11
N LEU G 120 -35.92 50.84 9.01
CA LEU G 120 -35.06 49.67 9.04
C LEU G 120 -33.67 50.02 9.51
N GLU G 121 -33.10 51.12 9.01
CA GLU G 121 -31.76 51.52 9.43
C GLU G 121 -31.72 51.83 10.93
N ARG G 122 -32.74 52.53 11.43
CA ARG G 122 -32.64 53.03 12.80
C ARG G 122 -32.96 51.96 13.84
N GLN G 123 -33.95 51.10 13.57
CA GLN G 123 -34.35 50.13 14.58
C GLN G 123 -33.64 48.80 14.40
N TRP G 124 -33.82 48.16 13.25
CA TRP G 124 -33.29 46.83 13.02
C TRP G 124 -31.89 46.82 12.45
N ASN G 125 -31.27 47.99 12.27
CA ASN G 125 -29.89 48.05 11.80
C ASN G 125 -29.74 47.31 10.47
N MET G 126 -30.76 47.38 9.64
CA MET G 126 -30.79 46.69 8.37
C MET G 126 -30.68 47.69 7.23
N TRP G 127 -29.80 47.39 6.28
CA TRP G 127 -29.61 48.24 5.11
C TRP G 127 -29.81 47.41 3.87
N ILE G 128 -30.94 47.60 3.19
CA ILE G 128 -31.23 46.93 1.93
C ILE G 128 -30.56 47.74 0.81
N PRO G 129 -29.76 47.13 -0.05
CA PRO G 129 -28.76 47.90 -0.79
C PRO G 129 -29.21 48.49 -2.11
N GLY G 130 -30.28 48.00 -2.71
CA GLY G 130 -30.56 48.34 -4.10
C GLY G 130 -31.61 49.40 -4.33
N PHE G 131 -31.65 50.44 -3.50
CA PHE G 131 -32.68 51.47 -3.60
C PHE G 131 -32.09 52.87 -3.53
N GLY G 132 -30.85 53.02 -3.99
CA GLY G 132 -30.29 54.34 -4.17
C GLY G 132 -29.81 55.01 -2.88
N SER G 133 -29.38 56.25 -3.04
CA SER G 133 -28.77 57.00 -1.94
C SER G 133 -29.35 58.41 -1.90
N GLU G 134 -30.63 58.54 -2.25
CA GLU G 134 -31.24 59.86 -2.26
C GLU G 134 -31.32 60.46 -0.87
N GLU G 135 -31.38 59.60 0.16
CA GLU G 135 -31.52 60.05 1.54
C GLU G 135 -30.34 59.51 2.35
N ILE G 136 -29.26 60.27 2.37
CA ILE G 136 -28.16 60.08 3.31
C ILE G 136 -27.86 61.43 3.94
N ARG G 137 -28.02 61.52 5.24
CA ARG G 137 -27.79 62.78 5.92
C ARG G 137 -26.32 63.17 5.77
N PRO G 138 -26.03 64.40 5.36
CA PRO G 138 -24.62 64.83 5.33
C PRO G 138 -24.14 65.23 6.71
N TYR G 139 -22.99 64.71 7.08
CA TYR G 139 -22.43 64.91 8.42
C TYR G 139 -22.32 66.41 8.71
N LYS G 140 -22.69 66.81 9.93
CA LYS G 140 -22.62 68.20 10.34
C LYS G 140 -21.42 68.42 11.25
N LYS G 141 -21.29 69.64 11.75
CA LYS G 141 -20.23 69.96 12.68
C LYS G 141 -20.61 69.62 14.13
N ALA G 142 -21.90 69.69 14.44
CA ALA G 142 -22.38 69.42 15.80
C ALA G 142 -21.70 70.36 16.80
N CYS G 143 -21.97 71.65 16.65
CA CYS G 143 -21.29 72.66 17.44
C CYS G 143 -22.05 72.97 18.73
N THR G 144 -21.31 73.51 19.70
CA THR G 144 -21.88 73.83 21.00
C THR G 144 -22.22 75.32 21.08
N THR G 145 -22.94 75.69 22.14
CA THR G 145 -23.48 77.03 22.27
C THR G 145 -22.62 77.88 23.21
N GLU G 146 -22.96 79.16 23.29
CA GLU G 146 -22.17 80.10 24.09
C GLU G 146 -22.21 79.74 25.57
N ALA G 147 -23.42 79.55 26.13
CA ALA G 147 -23.53 79.35 27.57
C ALA G 147 -22.76 78.11 28.02
N HIS G 148 -22.85 77.03 27.26
CA HIS G 148 -22.15 75.80 27.62
C HIS G 148 -20.66 76.05 27.77
N LYS G 149 -20.02 76.51 26.69
CA LYS G 149 -18.60 76.84 26.77
C LYS G 149 -18.32 77.79 27.91
N GLN G 150 -19.26 78.70 28.20
CA GLN G 150 -19.07 79.64 29.30
C GLN G 150 -18.92 78.92 30.63
N ARG G 151 -19.84 78.00 30.95
CA ARG G 151 -19.74 77.27 32.21
C ARG G 151 -18.52 76.37 32.23
N MET G 152 -18.16 75.78 31.09
CA MET G 152 -16.97 74.93 31.06
C MET G 152 -15.72 75.75 31.37
N ALA G 153 -15.61 76.94 30.79
CA ALA G 153 -14.49 77.83 31.11
C ALA G 153 -14.53 78.23 32.58
N LEU G 154 -15.72 78.51 33.12
CA LEU G 154 -15.82 78.86 34.53
C LEU G 154 -15.30 77.74 35.41
N ILE G 155 -15.69 76.50 35.12
CA ILE G 155 -15.23 75.38 35.94
C ILE G 155 -13.74 75.17 35.78
N ARG G 156 -13.21 75.33 34.56
CA ARG G 156 -11.77 75.26 34.38
C ARG G 156 -11.05 76.29 35.24
N LYS G 157 -11.55 77.53 35.26
CA LYS G 157 -10.95 78.55 36.12
C LYS G 157 -11.00 78.13 37.58
N THR G 158 -12.18 77.77 38.07
CA THR G 158 -12.32 77.40 39.47
C THR G 158 -11.38 76.26 39.84
N THR G 159 -11.08 75.38 38.88
CA THR G 159 -10.14 74.30 39.15
C THR G 159 -8.69 74.80 39.12
N LYS G 160 -8.38 75.75 38.24
CA LYS G 160 -6.99 76.19 38.11
C LYS G 160 -6.44 76.68 39.45
N LYS G 161 -7.15 77.59 40.11
CA LYS G 161 -6.78 78.02 41.46
C LYS G 161 -7.79 77.51 42.47
N THR H 114 12.58 31.18 16.37
CA THR H 114 13.34 30.03 15.89
C THR H 114 12.63 28.70 16.19
N PRO H 115 12.12 28.54 17.40
CA PRO H 115 11.38 27.32 17.73
C PRO H 115 9.90 27.48 17.49
N LEU H 116 9.21 26.34 17.40
CA LEU H 116 7.78 26.32 17.11
C LEU H 116 7.09 25.30 18.02
N VAL H 117 7.38 25.37 19.31
CA VAL H 117 6.83 24.42 20.28
C VAL H 117 5.30 24.46 20.21
N ASP H 118 4.66 23.40 20.69
CA ASP H 118 3.21 23.33 20.65
C ASP H 118 2.60 24.36 21.60
N PHE H 119 1.28 24.55 21.46
CA PHE H 119 0.62 25.68 22.10
C PHE H 119 0.72 25.61 23.61
N LEU H 120 0.51 24.44 24.21
CA LEU H 120 0.52 24.36 25.66
C LEU H 120 1.90 24.64 26.23
N MET H 121 2.96 24.34 25.48
CA MET H 121 4.30 24.71 25.92
C MET H 121 4.46 26.23 25.91
N GLN H 122 3.94 26.89 24.88
CA GLN H 122 4.00 28.35 24.83
C GLN H 122 3.18 28.98 25.95
N LEU H 123 1.96 28.49 26.17
CA LEU H 123 1.05 29.12 27.11
C LEU H 123 1.67 29.22 28.50
N GLU H 124 2.53 28.27 28.86
CA GLU H 124 3.11 28.28 30.20
C GLU H 124 4.07 29.45 30.38
N ASP H 125 4.44 30.12 29.29
CA ASP H 125 5.38 31.23 29.37
C ASP H 125 4.66 32.58 29.36
N TYR H 126 3.46 32.64 28.79
CA TYR H 126 2.71 33.88 28.78
C TYR H 126 2.23 34.21 30.18
N THR H 127 2.74 35.28 30.76
CA THR H 127 2.31 35.73 32.06
C THR H 127 1.25 36.82 31.89
N PRO H 128 0.08 36.69 32.49
CA PRO H 128 -0.94 37.74 32.35
C PRO H 128 -0.78 38.83 33.40
N THR H 129 -1.09 40.06 32.98
CA THR H 129 -1.10 41.17 33.92
C THR H 129 -2.20 41.00 34.97
N ILE H 130 -3.36 40.51 34.56
CA ILE H 130 -4.48 40.31 35.47
C ILE H 130 -4.13 39.20 36.47
N PRO H 131 -4.25 39.44 37.76
CA PRO H 131 -3.96 38.37 38.74
C PRO H 131 -4.89 37.19 38.56
N ASP H 132 -4.49 36.06 39.14
CA ASP H 132 -5.29 34.85 39.05
C ASP H 132 -6.53 34.92 39.92
N ALA H 133 -6.43 35.58 41.08
CA ALA H 133 -7.56 35.63 41.99
C ALA H 133 -8.75 36.35 41.37
N VAL H 134 -8.51 37.36 40.53
CA VAL H 134 -9.60 38.05 39.86
C VAL H 134 -10.35 37.09 38.93
N THR H 135 -9.60 36.34 38.12
CA THR H 135 -10.22 35.38 37.23
C THR H 135 -10.97 34.31 38.02
N GLY H 136 -10.43 33.91 39.17
CA GLY H 136 -11.16 32.98 40.02
C GLY H 136 -12.46 33.57 40.52
N TYR H 137 -12.42 34.82 40.97
CA TYR H 137 -13.65 35.51 41.38
C TYR H 137 -14.68 35.45 40.28
N TYR H 138 -14.27 35.73 39.05
CA TYR H 138 -15.24 35.78 37.95
C TYR H 138 -15.70 34.39 37.54
N LEU H 139 -14.84 33.38 37.67
CA LEU H 139 -15.26 32.02 37.36
C LEU H 139 -16.25 31.49 38.39
N ASN H 140 -16.09 31.89 39.65
CA ASN H 140 -16.98 31.42 40.69
C ASN H 140 -18.39 31.96 40.52
N ARG H 141 -18.54 33.16 39.95
CA ARG H 141 -19.87 33.68 39.72
C ARG H 141 -20.66 32.79 38.79
N ALA H 142 -20.02 32.28 37.73
CA ALA H 142 -20.69 31.43 36.76
C ALA H 142 -20.75 29.97 37.20
N GLY H 143 -20.21 29.64 38.37
CA GLY H 143 -20.33 28.30 38.90
C GLY H 143 -19.30 27.34 38.36
N PHE H 144 -18.03 27.68 38.50
CA PHE H 144 -16.94 26.80 38.12
C PHE H 144 -15.92 26.76 39.25
N GLU H 145 -15.29 25.60 39.42
CA GLU H 145 -14.20 25.48 40.39
C GLU H 145 -12.94 26.08 39.77
N ALA H 146 -12.36 27.08 40.45
CA ALA H 146 -11.21 27.80 39.91
C ALA H 146 -9.92 27.17 40.45
N SER H 147 -9.52 26.09 39.78
CA SER H 147 -8.28 25.40 40.11
C SER H 147 -7.43 25.06 38.90
N ASP H 148 -8.01 25.01 37.70
CA ASP H 148 -7.24 24.70 36.51
C ASP H 148 -6.44 25.93 36.08
N PRO H 149 -5.10 25.86 36.07
CA PRO H 149 -4.32 27.04 35.66
C PRO H 149 -4.51 27.43 34.20
N ARG H 150 -4.75 26.47 33.31
CA ARG H 150 -4.87 26.79 31.89
C ARG H 150 -6.05 27.70 31.62
N ILE H 151 -7.20 27.41 32.22
CA ILE H 151 -8.40 28.21 31.99
C ILE H 151 -8.19 29.62 32.53
N ILE H 152 -7.60 29.73 33.73
CA ILE H 152 -7.34 31.05 34.29
C ILE H 152 -6.44 31.85 33.36
N ARG H 153 -5.35 31.24 32.90
CA ARG H 153 -4.47 31.93 31.96
C ARG H 153 -5.22 32.42 30.73
N LEU H 154 -6.00 31.54 30.10
CA LEU H 154 -6.64 31.92 28.85
C LEU H 154 -7.64 33.05 29.04
N ILE H 155 -8.45 32.97 30.11
CA ILE H 155 -9.43 34.03 30.35
C ILE H 155 -8.73 35.36 30.61
N SER H 156 -7.68 35.33 31.44
CA SER H 156 -6.95 36.56 31.72
C SER H 156 -6.35 37.16 30.45
N LEU H 157 -5.81 36.31 29.58
CA LEU H 157 -5.23 36.81 28.34
C LEU H 157 -6.28 37.44 27.45
N ALA H 158 -7.48 36.85 27.37
CA ALA H 158 -8.54 37.44 26.57
C ALA H 158 -8.91 38.82 27.12
N ALA H 159 -9.06 38.93 28.43
CA ALA H 159 -9.37 40.24 29.01
C ALA H 159 -8.27 41.25 28.71
N GLN H 160 -7.01 40.83 28.82
CA GLN H 160 -5.90 41.73 28.55
C GLN H 160 -5.94 42.24 27.12
N LYS H 161 -6.19 41.35 26.16
CA LYS H 161 -6.32 41.79 24.77
C LYS H 161 -7.43 42.82 24.63
N PHE H 162 -8.57 42.55 25.26
CA PHE H 162 -9.69 43.47 25.17
C PHE H 162 -9.30 44.87 25.64
N ILE H 163 -8.64 44.96 26.79
CA ILE H 163 -8.24 46.28 27.29
C ILE H 163 -7.16 46.91 26.41
N SER H 164 -6.21 46.11 25.92
CA SER H 164 -5.10 46.64 25.15
C SER H 164 -5.57 47.31 23.88
N ASP H 165 -6.56 46.72 23.20
CA ASP H 165 -7.04 47.33 21.96
C ASP H 165 -7.61 48.73 22.22
N ILE H 166 -8.40 48.87 23.29
CA ILE H 166 -8.95 50.18 23.64
C ILE H 166 -7.83 51.15 23.94
N ALA H 167 -6.82 50.72 24.68
CA ALA H 167 -5.72 51.62 25.02
C ALA H 167 -5.02 52.11 23.75
N ASN H 168 -4.75 51.20 22.81
CA ASN H 168 -4.09 51.60 21.57
C ASN H 168 -4.92 52.62 20.81
N ASP H 169 -6.22 52.35 20.64
CA ASP H 169 -7.05 53.29 19.91
C ASP H 169 -7.10 54.64 20.60
N ALA H 170 -7.18 54.65 21.93
CA ALA H 170 -7.22 55.92 22.65
C ALA H 170 -5.95 56.71 22.43
N LEU H 171 -4.79 56.05 22.49
CA LEU H 171 -3.54 56.79 22.29
C LEU H 171 -3.44 57.33 20.87
N GLN H 172 -3.86 56.57 19.87
CA GLN H 172 -3.83 57.10 18.51
C GLN H 172 -4.74 58.31 18.38
N HIS H 173 -5.96 58.22 18.89
CA HIS H 173 -6.88 59.35 18.83
C HIS H 173 -6.28 60.57 19.53
N CYS H 174 -5.61 60.35 20.66
CA CYS H 174 -4.97 61.45 21.37
C CYS H 174 -3.88 62.08 20.51
N LYS H 175 -3.08 61.26 19.84
CA LYS H 175 -2.06 61.82 18.95
C LYS H 175 -2.68 62.70 17.88
N MET H 176 -3.74 62.22 17.21
CA MET H 176 -4.28 62.98 16.08
C MET H 176 -4.93 64.29 16.49
N LYS H 177 -5.32 64.45 17.76
CA LYS H 177 -6.20 65.57 18.13
C LYS H 177 -5.58 66.91 17.74
N GLY H 178 -4.37 67.18 18.21
CA GLY H 178 -3.71 68.43 17.88
C GLY H 178 -2.71 68.28 16.76
N THR H 179 -3.12 68.61 15.53
CA THR H 179 -2.22 68.50 14.40
C THR H 179 -1.98 69.85 13.74
N ALA H 180 -3.05 70.55 13.37
CA ALA H 180 -2.96 71.83 12.68
C ALA H 180 -3.15 72.99 13.66
N SER H 181 -2.65 74.15 13.27
CA SER H 181 -2.73 75.34 14.09
C SER H 181 -1.83 75.19 15.32
N SER H 188 7.16 69.23 20.79
CA SER H 188 6.59 68.28 19.84
C SER H 188 6.51 66.88 20.46
N LYS H 189 7.55 66.08 20.23
CA LYS H 189 7.61 64.73 20.80
C LYS H 189 7.66 64.75 22.32
N ASP H 190 8.42 65.67 22.91
CA ASP H 190 8.54 65.77 24.36
C ASP H 190 7.27 66.37 24.96
N ARG H 191 6.34 65.52 25.37
CA ARG H 191 5.13 66.00 26.03
C ARG H 191 4.53 64.88 26.86
N LYS H 192 3.81 65.27 27.91
CA LYS H 192 3.17 64.33 28.82
C LYS H 192 1.84 63.89 28.22
N TYR H 193 1.69 62.60 27.98
CA TYR H 193 0.46 62.06 27.41
C TYR H 193 -0.52 61.74 28.53
N THR H 194 -1.66 62.41 28.53
CA THR H 194 -2.70 62.19 29.53
C THR H 194 -3.96 61.75 28.82
N LEU H 195 -4.86 61.12 29.56
CA LEU H 195 -6.05 60.51 28.98
C LEU H 195 -7.29 61.26 29.45
N THR H 196 -8.10 61.70 28.49
CA THR H 196 -9.33 62.44 28.75
C THR H 196 -10.50 61.66 28.17
N MET H 197 -11.71 62.02 28.62
CA MET H 197 -12.89 61.34 28.13
C MET H 197 -13.06 61.53 26.63
N GLU H 198 -12.59 62.65 26.08
CA GLU H 198 -12.73 62.88 24.66
C GLU H 198 -11.85 61.95 23.84
N ASP H 199 -10.89 61.29 24.48
CA ASP H 199 -10.13 60.23 23.84
C ASP H 199 -10.77 58.87 24.02
N LEU H 200 -11.42 58.64 25.15
CA LEU H 200 -12.04 57.35 25.41
C LEU H 200 -13.34 57.16 24.64
N THR H 201 -14.11 58.21 24.45
CA THR H 201 -15.44 58.07 23.86
C THR H 201 -15.40 57.45 22.47
N PRO H 202 -14.64 57.99 21.51
CA PRO H 202 -14.61 57.34 20.19
C PRO H 202 -14.03 55.94 20.22
N ALA H 203 -13.01 55.70 21.04
CA ALA H 203 -12.45 54.37 21.14
C ALA H 203 -13.48 53.37 21.66
N LEU H 204 -14.21 53.74 22.71
CA LEU H 204 -15.24 52.87 23.23
C LEU H 204 -16.39 52.68 22.25
N SER H 205 -16.74 53.71 21.48
CA SER H 205 -17.89 53.60 20.59
C SER H 205 -17.69 52.52 19.53
N GLU H 206 -16.45 52.11 19.27
CA GLU H 206 -16.23 51.01 18.35
C GLU H 206 -16.94 49.75 18.81
N TYR H 207 -17.24 49.65 20.09
CA TYR H 207 -17.85 48.46 20.68
C TYR H 207 -19.27 48.71 21.16
N GLY H 208 -19.98 49.64 20.54
CA GLY H 208 -21.35 49.90 20.93
C GLY H 208 -21.51 50.38 22.36
N ILE H 209 -20.51 51.09 22.88
CA ILE H 209 -20.59 51.67 24.21
C ILE H 209 -20.74 53.18 24.02
N ASN H 210 -21.90 53.71 24.41
CA ASN H 210 -22.20 55.13 24.23
C ASN H 210 -21.96 55.84 25.55
N VAL H 211 -20.89 56.62 25.62
CA VAL H 211 -20.51 57.31 26.83
C VAL H 211 -21.04 58.73 26.77
N LYS H 212 -21.93 59.07 27.69
CA LYS H 212 -22.45 60.43 27.83
C LYS H 212 -22.46 60.72 29.33
N LYS H 213 -21.57 61.60 29.76
CA LYS H 213 -21.49 61.88 31.19
C LYS H 213 -21.73 63.36 31.45
N PRO H 214 -22.49 63.70 32.48
CA PRO H 214 -22.73 65.12 32.75
C PRO H 214 -21.44 65.84 33.12
N HIS H 215 -21.53 67.16 33.20
CA HIS H 215 -20.38 67.98 33.55
C HIS H 215 -20.60 68.74 34.85
N TYR H 216 -21.80 69.25 35.07
CA TYR H 216 -22.10 70.08 36.23
C TYR H 216 -23.58 69.99 36.53
N PHE H 217 -23.90 69.90 37.81
CA PHE H 217 -25.26 69.68 38.27
C PHE H 217 -25.81 70.93 38.93
N THR H 218 -27.07 70.84 39.33
CA THR H 218 -27.74 71.94 40.02
C THR H 218 -28.96 71.43 40.78
N SER I 23 -27.18 62.62 -15.43
CA SER I 23 -27.12 61.24 -14.98
C SER I 23 -25.98 60.49 -15.65
N ILE I 24 -25.30 59.65 -14.88
CA ILE I 24 -24.18 58.86 -15.35
C ILE I 24 -24.34 57.43 -14.85
N SER I 25 -23.51 56.52 -15.36
CA SER I 25 -23.52 55.15 -14.88
C SER I 25 -22.26 54.44 -15.34
N PHE I 26 -21.89 53.37 -14.62
CA PHE I 26 -20.72 52.55 -14.95
C PHE I 26 -21.12 51.13 -15.31
N ALA I 27 -22.41 50.91 -15.61
CA ALA I 27 -22.92 49.54 -15.76
C ALA I 27 -22.10 48.75 -16.77
N THR I 28 -21.78 49.36 -17.91
CA THR I 28 -21.02 48.63 -18.93
C THR I 28 -19.57 48.45 -18.51
N GLU I 29 -18.99 49.47 -17.87
CA GLU I 29 -17.61 49.37 -17.42
C GLU I 29 -17.45 48.29 -16.36
N LEU I 30 -18.34 48.28 -15.37
CA LEU I 30 -18.26 47.26 -14.32
C LEU I 30 -18.51 45.88 -14.88
N GLN I 31 -19.37 45.76 -15.90
CA GLN I 31 -19.63 44.45 -16.47
C GLN I 31 -18.37 43.84 -17.05
N SER I 32 -17.39 44.68 -17.42
CA SER I 32 -16.12 44.15 -17.89
C SER I 32 -15.11 44.03 -16.75
N MET I 33 -15.14 44.95 -15.78
CA MET I 33 -14.26 44.82 -14.62
C MET I 33 -14.49 43.50 -13.90
N MET I 34 -15.75 43.11 -13.71
CA MET I 34 -16.07 41.94 -12.92
C MET I 34 -15.47 40.67 -13.52
N TYR I 35 -15.56 40.50 -14.84
CA TYR I 35 -15.09 39.26 -15.44
C TYR I 35 -13.61 39.04 -15.17
N SER I 36 -12.87 40.11 -14.90
CA SER I 36 -11.46 39.97 -14.58
C SER I 36 -11.25 39.20 -13.27
N LEU I 37 -12.25 39.19 -12.41
CA LEU I 37 -12.11 38.66 -11.05
C LEU I 37 -12.74 37.29 -10.89
N GLY I 38 -12.63 36.43 -11.90
CA GLY I 38 -13.19 35.10 -11.80
C GLY I 38 -14.70 35.10 -11.93
N ASP I 39 -15.19 35.48 -13.11
CA ASP I 39 -16.61 35.50 -13.38
C ASP I 39 -16.85 34.84 -14.73
N ALA I 40 -18.12 34.68 -15.09
CA ALA I 40 -18.45 34.02 -16.35
C ALA I 40 -18.07 34.89 -17.55
N ARG I 41 -17.93 34.24 -18.70
CA ARG I 41 -17.61 34.96 -19.93
C ARG I 41 -18.57 36.12 -20.16
N ARG I 42 -19.85 35.91 -19.88
CA ARG I 42 -20.88 36.93 -20.07
C ARG I 42 -21.50 37.27 -18.73
N PRO I 43 -20.98 38.26 -18.01
CA PRO I 43 -21.58 38.65 -16.72
C PRO I 43 -22.97 39.21 -16.89
N LEU I 44 -23.82 38.90 -15.91
CA LEU I 44 -25.21 39.34 -15.94
C LEU I 44 -25.27 40.85 -15.76
N HIS I 45 -26.40 41.44 -16.15
CA HIS I 45 -26.51 42.90 -16.19
C HIS I 45 -27.04 43.45 -14.86
N GLU I 46 -28.23 43.02 -14.44
CA GLU I 46 -28.81 43.57 -13.22
C GLU I 46 -27.90 43.33 -12.02
N THR I 47 -27.09 42.27 -12.06
CA THR I 47 -26.07 42.09 -11.03
C THR I 47 -25.15 43.31 -10.97
N ALA I 48 -24.61 43.72 -12.11
CA ALA I 48 -23.78 44.92 -12.15
C ALA I 48 -24.57 46.15 -11.74
N VAL I 49 -25.86 46.18 -12.07
CA VAL I 49 -26.70 47.31 -11.69
C VAL I 49 -26.69 47.47 -10.17
N LEU I 50 -26.90 46.36 -9.46
CA LEU I 50 -26.93 46.43 -7.99
C LEU I 50 -25.55 46.71 -7.41
N VAL I 51 -24.51 46.11 -8.01
CA VAL I 51 -23.16 46.35 -7.51
C VAL I 51 -22.81 47.83 -7.61
N GLU I 52 -23.25 48.49 -8.68
CA GLU I 52 -23.02 49.92 -8.81
C GLU I 52 -23.57 50.68 -7.60
N ASP I 53 -24.81 50.40 -7.22
CA ASP I 53 -25.39 51.11 -6.08
C ASP I 53 -24.70 50.77 -4.79
N VAL I 54 -24.29 49.51 -4.62
CA VAL I 54 -23.57 49.13 -3.40
C VAL I 54 -22.30 49.96 -3.26
N VAL I 55 -21.52 50.03 -4.33
CA VAL I 55 -20.26 50.77 -4.28
C VAL I 55 -20.53 52.24 -4.03
N HIS I 56 -21.55 52.80 -4.70
CA HIS I 56 -21.87 54.21 -4.49
C HIS I 56 -22.18 54.49 -3.02
N THR I 57 -23.03 53.65 -2.42
CA THR I 57 -23.42 53.87 -1.03
C THR I 57 -22.22 53.78 -0.09
N GLN I 58 -21.37 52.77 -0.30
CA GLN I 58 -20.21 52.65 0.57
C GLN I 58 -19.28 53.86 0.41
N LEU I 59 -19.08 54.34 -0.82
CA LEU I 59 -18.23 55.51 -1.01
C LEU I 59 -18.79 56.72 -0.30
N ILE I 60 -20.11 56.94 -0.40
CA ILE I 60 -20.69 58.12 0.25
C ILE I 60 -20.50 58.05 1.76
N ASN I 61 -20.82 56.90 2.36
CA ASN I 61 -20.68 56.80 3.81
C ASN I 61 -19.22 56.93 4.25
N LEU I 62 -18.30 56.34 3.49
CA LEU I 62 -16.88 56.50 3.79
C LEU I 62 -16.46 57.95 3.73
N LEU I 63 -16.97 58.70 2.75
CA LEU I 63 -16.65 60.12 2.68
C LEU I 63 -17.16 60.86 3.90
N GLN I 64 -18.37 60.55 4.37
CA GLN I 64 -18.87 61.21 5.57
C GLN I 64 -17.98 60.91 6.78
N GLN I 65 -17.56 59.64 6.93
CA GLN I 65 -16.68 59.31 8.05
C GLN I 65 -15.35 60.04 7.95
N ALA I 66 -14.79 60.13 6.74
CA ALA I 66 -13.56 60.88 6.58
C ALA I 66 -13.75 62.34 6.96
N ALA I 67 -14.86 62.94 6.53
CA ALA I 67 -15.17 64.31 6.93
C ALA I 67 -15.17 64.44 8.45
N GLU I 68 -15.81 63.51 9.16
CA GLU I 68 -15.77 63.56 10.62
C GLU I 68 -14.34 63.48 11.12
N VAL I 69 -13.50 62.67 10.49
CA VAL I 69 -12.12 62.54 10.93
C VAL I 69 -11.40 63.87 10.82
N SER I 70 -11.47 64.53 9.66
CA SER I 70 -10.68 65.74 9.45
C SER I 70 -11.07 66.84 10.43
N GLN I 71 -12.33 66.89 10.84
CA GLN I 71 -12.78 68.00 11.69
C GLN I 71 -11.96 68.12 12.96
N LEU I 72 -11.43 67.00 13.46
CA LEU I 72 -10.58 67.06 14.65
C LEU I 72 -9.32 67.87 14.36
N ARG I 73 -8.73 67.69 13.18
CA ARG I 73 -7.49 68.37 12.85
C ARG I 73 -7.72 69.84 12.50
N GLY I 74 -8.93 70.18 12.08
CA GLY I 74 -9.25 71.56 11.77
C GLY I 74 -8.66 72.02 10.46
N ALA I 75 -9.10 71.43 9.35
CA ALA I 75 -8.58 71.76 8.03
C ALA I 75 -9.67 72.07 7.02
N ARG I 76 -10.87 71.55 7.21
CA ARG I 76 -11.98 71.70 6.27
C ARG I 76 -11.60 71.26 4.86
N VAL I 77 -10.69 70.29 4.75
CA VAL I 77 -10.36 69.64 3.49
C VAL I 77 -10.05 68.19 3.79
N ILE I 78 -10.49 67.28 2.92
CA ILE I 78 -10.29 65.86 3.15
C ILE I 78 -8.97 65.45 2.52
N THR I 79 -7.90 65.55 3.30
CA THR I 79 -6.56 65.21 2.85
C THR I 79 -6.35 63.70 2.89
N PRO I 80 -5.30 63.21 2.25
CA PRO I 80 -5.07 61.76 2.26
C PRO I 80 -4.80 61.19 3.64
N GLU I 81 -4.33 62.01 4.59
CA GLU I 81 -4.09 61.49 5.93
C GLU I 81 -5.39 61.05 6.60
N ASP I 82 -6.49 61.78 6.37
CA ASP I 82 -7.76 61.39 6.95
C ASP I 82 -8.20 60.03 6.46
N LEU I 83 -8.22 59.82 5.14
CA LEU I 83 -8.61 58.53 4.61
C LEU I 83 -7.66 57.44 5.07
N LEU I 84 -6.36 57.74 5.11
CA LEU I 84 -5.39 56.75 5.57
C LEU I 84 -5.55 56.45 7.04
N PHE I 85 -6.31 57.25 7.77
CA PHE I 85 -6.51 57.00 9.20
C PHE I 85 -7.61 55.98 9.43
N LEU I 86 -8.70 56.07 8.67
CA LEU I 86 -9.78 55.11 8.83
C LEU I 86 -9.32 53.67 8.61
N MET I 87 -8.38 53.45 7.71
CA MET I 87 -7.89 52.10 7.40
C MET I 87 -6.68 51.77 8.25
N ARG I 88 -6.80 51.94 9.56
CA ARG I 88 -5.70 51.71 10.48
C ARG I 88 -5.85 50.45 11.31
N LYS I 89 -6.71 49.53 10.92
CA LYS I 89 -6.92 48.31 11.69
C LYS I 89 -6.51 47.05 10.96
N ASP I 90 -6.98 46.84 9.73
CA ASP I 90 -6.60 45.67 8.95
C ASP I 90 -5.25 45.94 8.29
N LYS I 91 -4.24 45.15 8.67
CA LYS I 91 -2.88 45.38 8.20
C LYS I 91 -2.70 45.01 6.74
N LYS I 92 -3.30 43.91 6.29
CA LYS I 92 -3.06 43.44 4.93
C LYS I 92 -3.58 44.44 3.91
N LYS I 93 -4.80 44.95 4.13
CA LYS I 93 -5.37 45.91 3.20
C LYS I 93 -4.56 47.21 3.20
N LEU I 94 -4.10 47.65 4.37
CA LEU I 94 -3.26 48.82 4.43
C LEU I 94 -1.96 48.61 3.65
N ARG I 95 -1.35 47.43 3.79
CA ARG I 95 -0.12 47.16 3.06
C ARG I 95 -0.36 47.19 1.56
N ARG I 96 -1.45 46.60 1.10
CA ARG I 96 -1.77 46.68 -0.32
C ARG I 96 -1.94 48.14 -0.77
N LEU I 97 -2.62 48.94 0.05
CA LEU I 97 -2.79 50.35 -0.30
C LEU I 97 -1.45 51.05 -0.42
N LEU I 98 -0.54 50.81 0.51
CA LEU I 98 0.78 51.43 0.44
C LEU I 98 1.53 50.99 -0.81
N LYS I 99 1.47 49.70 -1.14
CA LYS I 99 2.15 49.26 -2.35
C LYS I 99 1.57 49.93 -3.59
N TYR I 100 0.25 50.07 -3.66
CA TYR I 100 -0.34 50.75 -4.80
C TYR I 100 0.10 52.21 -4.86
N MET I 101 0.22 52.87 -3.70
CA MET I 101 0.71 54.24 -3.71
C MET I 101 2.13 54.32 -4.23
N PHE I 102 2.99 53.38 -3.82
CA PHE I 102 4.33 53.31 -4.41
C PHE I 102 4.24 53.24 -5.93
N ILE I 103 3.43 52.32 -6.44
CA ILE I 103 3.38 52.11 -7.89
C ILE I 103 2.86 53.37 -8.57
N ARG I 104 1.91 54.08 -7.96
CA ARG I 104 1.36 55.25 -8.61
C ARG I 104 2.38 56.39 -8.65
N ASP I 105 3.10 56.61 -7.55
CA ASP I 105 4.14 57.64 -7.61
C ASP I 105 5.21 57.28 -8.62
N TYR I 106 5.59 56.00 -8.68
CA TYR I 106 6.60 55.56 -9.65
C TYR I 106 6.13 55.78 -11.08
N LYS I 107 4.88 55.42 -11.38
CA LYS I 107 4.36 55.62 -12.73
C LYS I 107 4.33 57.09 -13.09
N SER I 108 3.85 57.94 -12.19
CA SER I 108 3.84 59.37 -12.49
C SER I 108 5.25 59.88 -12.73
N LYS I 109 6.21 59.44 -11.91
CA LYS I 109 7.62 59.77 -12.15
C LYS I 109 8.03 59.40 -13.57
N ILE I 110 7.69 58.18 -14.00
CA ILE I 110 8.11 57.74 -15.34
C ILE I 110 7.44 58.58 -16.41
N VAL I 111 6.21 59.04 -16.16
CA VAL I 111 5.55 59.94 -17.09
C VAL I 111 6.33 61.25 -17.19
N LYS I 112 6.91 61.69 -16.06
CA LYS I 112 7.67 62.93 -16.02
C LYS I 112 9.13 62.66 -15.64
N ASN I 128 10.19 67.74 -4.35
CA ASN I 128 9.62 66.46 -3.98
C ASN I 128 10.23 65.33 -4.81
N ASN I 129 10.73 65.68 -6.00
CA ASN I 129 11.46 64.75 -6.86
C ASN I 129 10.71 63.42 -7.00
N ALA I 130 9.39 63.51 -7.07
CA ALA I 130 8.55 62.34 -7.32
C ALA I 130 8.71 61.29 -6.23
N ASN I 131 8.46 61.70 -4.97
CA ASN I 131 8.30 60.77 -3.85
C ASN I 131 7.20 61.35 -2.95
N LYS I 132 6.26 62.06 -3.55
CA LYS I 132 5.27 62.84 -2.82
C LYS I 132 4.28 61.96 -2.05
N ARG I 133 3.58 61.07 -2.75
CA ARG I 133 2.63 60.20 -2.08
C ARG I 133 3.30 59.38 -0.99
N GLN I 134 4.42 58.72 -1.32
CA GLN I 134 5.12 57.90 -0.35
C GLN I 134 5.61 58.75 0.83
N LYS I 135 6.14 59.93 0.55
CA LYS I 135 6.54 60.83 1.62
C LYS I 135 5.38 61.06 2.58
N ILE I 136 4.21 61.42 2.04
CA ILE I 136 3.06 61.71 2.89
C ILE I 136 2.70 60.50 3.74
N ALA I 137 2.58 59.34 3.09
CA ALA I 137 2.14 58.14 3.81
C ALA I 137 3.10 57.79 4.93
N GLN I 138 4.39 57.72 4.61
CA GLN I 138 5.37 57.37 5.63
C GLN I 138 5.38 58.39 6.75
N ASP I 139 5.24 59.67 6.42
CA ASP I 139 5.22 60.69 7.48
C ASP I 139 4.08 60.45 8.45
N PHE I 140 2.88 60.19 7.92
CA PHE I 140 1.73 60.03 8.81
C PHE I 140 1.90 58.79 9.67
N LEU I 141 2.26 57.66 9.06
CA LEU I 141 2.41 56.44 9.84
C LEU I 141 3.50 56.60 10.91
N ASN I 142 4.62 57.21 10.53
CA ASN I 142 5.65 57.54 11.51
C ASN I 142 5.08 58.40 12.63
N SER I 143 4.10 59.24 12.30
CA SER I 143 3.51 60.11 13.31
C SER I 143 2.71 59.32 14.33
N ILE I 144 1.89 58.37 13.87
CA ILE I 144 0.92 57.74 14.77
C ILE I 144 1.46 56.54 15.53
N ASP I 145 2.34 55.75 14.95
CA ASP I 145 2.69 54.46 15.52
C ASP I 145 3.33 54.61 16.90
N GLN I 146 3.18 53.57 17.72
CA GLN I 146 3.72 53.57 19.08
C GLN I 146 4.43 52.26 19.40
N THR I 147 4.15 51.21 18.63
CA THR I 147 4.71 49.89 18.90
C THR I 147 5.65 49.40 17.82
N GLY I 148 5.79 50.13 16.72
CA GLY I 148 6.56 49.64 15.60
C GLY I 148 5.83 48.61 14.78
N GLU I 149 4.54 48.40 15.08
CA GLU I 149 3.72 47.46 14.33
C GLU I 149 3.34 47.99 12.95
N LEU I 150 3.10 49.29 12.83
CA LEU I 150 2.80 49.87 11.53
C LEU I 150 4.03 49.85 10.62
N LEU I 151 5.18 50.28 11.14
CA LEU I 151 6.37 50.34 10.31
C LEU I 151 6.72 49.00 9.70
N ALA I 152 6.36 47.91 10.35
CA ALA I 152 6.71 46.59 9.82
C ALA I 152 6.14 46.39 8.43
N MET I 153 4.90 46.84 8.22
CA MET I 153 4.28 46.69 6.91
C MET I 153 4.97 47.52 5.85
N PHE I 154 5.72 48.55 6.26
CA PHE I 154 6.20 49.52 5.27
C PHE I 154 7.45 49.03 4.56
N GLU I 155 8.55 48.84 5.29
CA GLU I 155 9.82 48.49 4.66
C GLU I 155 9.65 47.32 3.71
N ASP I 156 9.24 46.17 4.24
CA ASP I 156 9.05 44.99 3.40
C ASP I 156 7.89 45.20 2.45
N UNK I 157 12.05 43.59 -9.99
CA UNK I 157 12.45 43.52 -11.39
C UNK I 157 11.24 43.60 -12.32
N UNK I 158 10.05 43.61 -11.73
CA UNK I 158 8.81 43.62 -12.51
C UNK I 158 8.62 44.92 -13.27
N UNK I 159 8.84 46.05 -12.59
CA UNK I 159 8.60 47.36 -13.19
C UNK I 159 9.59 47.69 -14.31
N UNK I 160 10.36 46.69 -14.73
CA UNK I 160 11.28 46.85 -15.84
C UNK I 160 11.14 45.66 -16.79
N UNK I 161 10.81 44.50 -16.23
CA UNK I 161 10.58 43.30 -17.02
C UNK I 161 9.31 43.45 -17.82
N UNK I 162 8.34 44.18 -17.27
CA UNK I 162 7.09 44.46 -17.95
C UNK I 162 7.17 45.83 -18.62
N UNK I 163 8.38 46.21 -19.02
CA UNK I 163 8.60 47.52 -19.64
C UNK I 163 9.80 47.46 -20.57
N UNK I 164 9.68 46.68 -21.63
CA UNK I 164 10.73 46.59 -22.64
C UNK I 164 10.16 46.96 -24.00
N UNK I 165 8.86 47.23 -24.03
CA UNK I 165 8.16 47.54 -25.28
C UNK I 165 8.41 48.98 -25.72
N UNK I 166 7.61 49.44 -26.67
CA UNK I 166 7.72 50.79 -27.19
C UNK I 166 6.49 51.61 -26.83
N UNK I 167 6.54 52.26 -25.68
CA UNK I 167 5.43 53.09 -25.20
C UNK I 167 5.70 54.56 -25.45
N UNK I 168 5.52 54.98 -26.70
CA UNK I 168 5.75 56.38 -27.07
C UNK I 168 4.86 56.78 -28.25
N GLU I 169 0.40 58.04 -26.12
CA GLU I 169 -0.06 58.47 -24.81
C GLU I 169 -1.50 58.03 -24.58
N SER I 170 -1.86 56.89 -25.17
CA SER I 170 -3.19 56.34 -24.96
C SER I 170 -3.44 56.01 -23.49
N ARG I 171 -2.41 55.52 -22.80
CA ARG I 171 -2.55 55.22 -21.38
C ARG I 171 -3.00 56.44 -20.59
N GLN I 172 -2.32 57.58 -20.79
CA GLN I 172 -2.68 58.79 -20.07
C GLN I 172 -4.11 59.21 -20.40
N LEU I 173 -4.50 59.12 -21.67
CA LEU I 173 -5.85 59.53 -22.06
C LEU I 173 -6.90 58.64 -21.43
N SER I 174 -6.66 57.32 -21.39
CA SER I 174 -7.59 56.43 -20.73
C SER I 174 -7.70 56.74 -19.24
N PHE I 175 -6.57 57.00 -18.60
CA PHE I 175 -6.61 57.38 -17.19
C PHE I 175 -7.39 58.67 -16.98
N SER I 176 -7.21 59.64 -17.89
CA SER I 176 -7.94 60.89 -17.80
C SER I 176 -9.44 60.65 -17.94
N LYS I 177 -9.83 59.81 -18.90
CA LYS I 177 -11.24 59.46 -19.03
C LYS I 177 -11.77 58.86 -17.74
N LYS I 178 -11.01 57.92 -17.17
CA LYS I 178 -11.43 57.30 -15.92
C LYS I 178 -11.67 58.34 -14.84
N ALA I 179 -10.64 59.12 -14.51
CA ALA I 179 -10.76 60.06 -13.41
C ALA I 179 -11.85 61.09 -13.66
N SER I 180 -11.95 61.61 -14.89
CA SER I 180 -12.95 62.61 -15.17
C SER I 180 -14.36 62.05 -14.99
N LYS I 181 -14.60 60.84 -15.50
CA LYS I 181 -15.91 60.22 -15.31
C LYS I 181 -16.18 60.00 -13.84
N PHE I 182 -15.18 59.55 -13.08
CA PHE I 182 -15.40 59.24 -11.67
C PHE I 182 -15.79 60.48 -10.89
N ARG I 183 -15.04 61.57 -11.04
CA ARG I 183 -15.37 62.79 -10.30
C ARG I 183 -16.81 63.20 -10.56
N ASP I 184 -17.26 63.11 -11.81
CA ASP I 184 -18.63 63.46 -12.12
C ASP I 184 -19.63 62.49 -11.48
N TRP I 185 -19.37 61.18 -11.58
CA TRP I 185 -20.33 60.20 -11.09
C TRP I 185 -20.50 60.29 -9.58
N LEU I 186 -19.42 60.62 -8.87
CA LEU I 186 -19.51 60.72 -7.41
C LEU I 186 -20.46 61.84 -7.00
N ASP I 187 -20.46 62.96 -7.75
CA ASP I 187 -21.25 64.14 -7.40
C ASP I 187 -20.81 64.69 -6.05
N CYS I 188 -19.50 64.87 -5.90
CA CYS I 188 -18.89 65.35 -4.65
C CYS I 188 -18.66 66.85 -4.66
N SER I 189 -19.70 67.65 -4.81
CA SER I 189 -19.59 69.11 -4.77
C SER I 189 -20.40 69.76 -3.67
N SER I 190 -21.66 69.37 -3.50
CA SER I 190 -22.54 70.02 -2.53
C SER I 190 -22.27 69.55 -1.11
N MET I 191 -21.03 69.72 -0.65
CA MET I 191 -20.61 69.24 0.66
C MET I 191 -19.78 70.33 1.35
N GLU I 192 -20.01 70.48 2.65
CA GLU I 192 -19.34 71.52 3.40
C GLU I 192 -17.83 71.32 3.38
N ILE I 193 -17.39 70.10 3.07
CA ILE I 193 -15.98 69.78 2.92
C ILE I 193 -15.82 68.94 1.66
N LYS I 194 -14.61 68.92 1.10
CA LYS I 194 -14.41 68.27 -0.18
C LYS I 194 -13.03 67.60 -0.22
N PRO I 195 -12.88 66.58 -1.06
CA PRO I 195 -11.57 65.94 -1.20
C PRO I 195 -10.71 66.67 -2.24
N ASN I 196 -9.39 66.57 -2.05
CA ASN I 196 -8.44 67.25 -2.90
C ASN I 196 -7.91 66.28 -3.96
N VAL I 197 -6.89 66.74 -4.70
CA VAL I 197 -6.45 66.03 -5.89
C VAL I 197 -5.90 64.65 -5.52
N VAL I 198 -5.04 64.59 -4.51
CA VAL I 198 -4.37 63.33 -4.19
C VAL I 198 -5.38 62.30 -3.68
N ALA I 199 -6.29 62.71 -2.79
CA ALA I 199 -7.20 61.77 -2.16
C ALA I 199 -8.10 61.07 -3.16
N MET I 200 -8.37 61.69 -4.32
CA MET I 200 -9.26 61.07 -5.29
C MET I 200 -8.67 59.78 -5.84
N GLU I 201 -7.35 59.73 -6.03
CA GLU I 201 -6.71 58.48 -6.42
C GLU I 201 -7.02 57.37 -5.42
N ILE I 202 -6.84 57.67 -4.14
CA ILE I 202 -7.14 56.70 -3.09
C ILE I 202 -8.60 56.27 -3.17
N LEU I 203 -9.51 57.23 -3.35
CA LEU I 203 -10.93 56.89 -3.40
C LEU I 203 -11.24 55.95 -4.55
N ALA I 204 -10.68 56.20 -5.74
CA ALA I 204 -10.90 55.29 -6.86
C ALA I 204 -10.36 53.91 -6.55
N TYR I 205 -9.16 53.84 -5.97
CA TYR I 205 -8.60 52.53 -5.62
C TYR I 205 -9.50 51.81 -4.63
N LEU I 206 -10.07 52.55 -3.67
CA LEU I 206 -10.98 51.95 -2.70
C LEU I 206 -12.23 51.42 -3.36
N ALA I 207 -12.77 52.13 -4.35
CA ALA I 207 -13.92 51.61 -5.08
C ALA I 207 -13.57 50.30 -5.78
N TYR I 208 -12.41 50.26 -6.43
CA TYR I 208 -12.01 49.02 -7.10
C TYR I 208 -11.88 47.88 -6.10
N GLU I 209 -11.27 48.15 -4.94
CA GLU I 209 -11.12 47.12 -3.92
C GLU I 209 -12.48 46.67 -3.40
N THR I 210 -13.41 47.61 -3.23
CA THR I 210 -14.77 47.25 -2.84
C THR I 210 -15.35 46.25 -3.82
N VAL I 211 -15.22 46.53 -5.11
CA VAL I 211 -15.76 45.62 -6.13
C VAL I 211 -15.13 44.24 -6.00
N ALA I 212 -13.80 44.20 -5.85
CA ALA I 212 -13.11 42.92 -5.78
C ALA I 212 -13.57 42.12 -4.56
N GLN I 213 -13.66 42.78 -3.40
CA GLN I 213 -14.09 42.10 -2.18
C GLN I 213 -15.51 41.56 -2.32
N LEU I 214 -16.41 42.36 -2.88
CA LEU I 214 -17.79 41.90 -3.02
C LEU I 214 -17.87 40.70 -3.95
N VAL I 215 -17.12 40.72 -5.05
CA VAL I 215 -17.09 39.55 -5.93
C VAL I 215 -16.60 38.33 -5.15
N ASP I 216 -15.56 38.49 -4.34
CA ASP I 216 -15.02 37.36 -3.59
C ASP I 216 -16.07 36.79 -2.63
N LEU I 217 -16.75 37.66 -1.89
CA LEU I 217 -17.75 37.18 -0.94
C LEU I 217 -18.89 36.47 -1.66
N ALA I 218 -19.34 37.02 -2.78
CA ALA I 218 -20.39 36.34 -3.53
C ALA I 218 -19.94 34.95 -3.98
N LEU I 219 -18.68 34.84 -4.42
CA LEU I 219 -18.19 33.53 -4.83
C LEU I 219 -18.15 32.56 -3.66
N LEU I 220 -17.75 33.02 -2.48
CA LEU I 220 -17.80 32.14 -1.31
C LEU I 220 -19.22 31.69 -1.00
N VAL I 221 -20.19 32.61 -1.07
CA VAL I 221 -21.57 32.22 -0.78
C VAL I 221 -22.05 31.18 -1.78
N ARG I 222 -21.76 31.38 -3.07
CA ARG I 222 -22.14 30.38 -4.06
C ARG I 222 -21.46 29.05 -3.79
N GLN I 223 -20.18 29.08 -3.43
CA GLN I 223 -19.48 27.86 -3.06
C GLN I 223 -20.22 27.13 -1.95
N ASP I 224 -20.66 27.88 -0.93
CA ASP I 224 -21.37 27.27 0.18
C ASP I 224 -22.68 26.64 -0.27
N MET I 225 -23.50 27.38 -1.02
CA MET I 225 -24.83 26.90 -1.36
C MET I 225 -24.78 25.55 -2.05
N VAL I 226 -24.17 25.49 -3.23
CA VAL I 226 -24.19 24.27 -4.01
C VAL I 226 -23.04 23.39 -3.55
N THR I 227 -23.25 22.69 -2.44
CA THR I 227 -22.28 21.70 -1.98
C THR I 227 -22.92 20.32 -1.93
N LYS I 228 -23.98 20.20 -1.11
CA LYS I 228 -24.70 18.95 -0.95
C LYS I 228 -23.74 17.77 -0.92
N ALA I 229 -22.61 17.96 -0.24
CA ALA I 229 -21.49 17.03 -0.30
C ALA I 229 -21.54 16.12 0.92
N GLY I 230 -21.58 14.81 0.66
CA GLY I 230 -21.47 13.85 1.76
C GLY I 230 -20.03 13.44 2.02
N ASP I 231 -19.22 13.40 0.98
CA ASP I 231 -17.83 12.96 1.11
C ASP I 231 -17.00 14.07 1.75
N PRO I 232 -16.28 13.79 2.84
CA PRO I 232 -15.58 14.89 3.53
C PRO I 232 -14.54 15.59 2.67
N PHE I 233 -13.94 14.89 1.71
CA PHE I 233 -12.93 15.53 0.88
C PHE I 233 -13.55 16.65 0.05
N SER I 234 -14.74 16.43 -0.50
CA SER I 234 -15.39 17.47 -1.27
C SER I 234 -15.66 18.71 -0.42
N HIS I 235 -16.14 18.53 0.80
CA HIS I 235 -16.43 19.67 1.66
C HIS I 235 -15.16 20.31 2.19
N ALA I 236 -14.03 19.58 2.19
CA ALA I 236 -12.80 20.12 2.73
C ALA I 236 -11.99 20.84 1.66
N ILE I 237 -12.07 20.37 0.41
CA ILE I 237 -11.35 21.02 -0.67
C ILE I 237 -11.90 22.40 -0.99
N SER I 238 -13.00 22.80 -0.34
CA SER I 238 -13.60 24.11 -0.56
C SER I 238 -12.83 25.23 0.12
N ALA I 239 -11.78 24.92 0.88
CA ALA I 239 -10.96 25.97 1.49
C ALA I 239 -10.22 26.76 0.41
N THR I 240 -10.20 26.24 -0.81
CA THR I 240 -9.66 26.96 -1.96
C THR I 240 -10.80 27.57 -2.77
N SER I 260 -27.65 30.20 -15.57
CA SER I 260 -26.91 29.92 -14.34
C SER I 260 -25.41 29.98 -14.59
N ASP I 261 -24.64 29.40 -13.66
CA ASP I 261 -23.18 29.50 -13.68
C ASP I 261 -22.74 30.96 -13.80
N ALA I 262 -23.54 31.84 -13.20
CA ALA I 262 -23.24 33.26 -13.13
C ALA I 262 -23.75 33.76 -11.79
N ILE I 263 -23.19 34.87 -11.34
CA ILE I 263 -23.49 35.39 -10.01
C ILE I 263 -24.79 36.17 -10.02
N GLN I 264 -25.88 35.52 -9.66
CA GLN I 264 -27.18 36.16 -9.60
C GLN I 264 -27.23 37.15 -8.46
N PRO I 265 -28.14 38.12 -8.49
CA PRO I 265 -28.19 39.12 -7.42
C PRO I 265 -28.44 38.54 -6.04
N CYS I 266 -29.18 37.44 -5.94
CA CYS I 266 -29.44 36.84 -4.64
C CYS I 266 -28.14 36.55 -3.89
N HIS I 267 -27.11 36.10 -4.61
CA HIS I 267 -25.83 35.82 -3.97
C HIS I 267 -25.25 37.07 -3.35
N ILE I 268 -25.28 38.20 -4.06
CA ILE I 268 -24.75 39.44 -3.53
C ILE I 268 -25.56 39.90 -2.33
N ARG I 269 -26.88 39.74 -2.41
CA ARG I 269 -27.72 40.15 -1.28
C ARG I 269 -27.39 39.34 -0.04
N GLU I 270 -27.23 38.03 -0.19
CA GLU I 270 -26.83 37.19 0.93
C GLU I 270 -25.46 37.59 1.46
N ALA I 271 -24.51 37.84 0.57
CA ALA I 271 -23.17 38.23 1.00
C ALA I 271 -23.22 39.51 1.82
N ILE I 272 -24.01 40.49 1.38
CA ILE I 272 -24.07 41.76 2.10
C ILE I 272 -24.74 41.58 3.46
N ARG I 273 -25.85 40.84 3.50
CA ARG I 273 -26.48 40.55 4.78
C ARG I 273 -25.48 39.91 5.72
N ARG I 274 -24.71 38.96 5.22
CA ARG I 274 -23.82 38.20 6.09
C ARG I 274 -22.64 39.04 6.56
N TYR I 275 -22.13 39.91 5.71
CA TYR I 275 -21.03 40.78 6.09
C TYR I 275 -21.47 41.87 7.05
N SER I 276 -22.73 42.28 7.00
CA SER I 276 -23.16 43.43 7.79
C SER I 276 -23.10 43.15 9.29
N HIS I 277 -22.94 41.88 9.68
CA HIS I 277 -22.97 41.52 11.09
C HIS I 277 -21.56 41.51 11.68
N ARG I 278 -21.38 42.23 12.79
CA ARG I 278 -20.11 42.29 13.48
C ARG I 278 -20.27 41.68 14.87
N ILE I 279 -19.32 40.85 15.28
CA ILE I 279 -19.40 40.15 16.56
C ILE I 279 -18.70 40.97 17.64
N GLY I 280 -19.47 41.75 18.39
CA GLY I 280 -18.94 42.48 19.50
C GLY I 280 -18.83 41.61 20.73
N PRO I 281 -18.03 42.03 21.72
CA PRO I 281 -17.89 41.21 22.93
C PRO I 281 -18.99 41.42 23.94
N LEU I 282 -19.58 42.62 23.98
CA LEU I 282 -20.62 42.93 24.95
C LEU I 282 -22.02 42.70 24.41
N SER I 283 -22.15 41.93 23.33
CA SER I 283 -23.44 41.64 22.73
C SER I 283 -24.21 40.57 23.49
N PRO I 284 -23.59 39.47 23.89
CA PRO I 284 -24.38 38.30 24.32
C PRO I 284 -25.35 38.61 25.42
N PHE I 285 -26.53 37.99 25.34
CA PHE I 285 -27.59 38.08 26.33
C PHE I 285 -28.24 39.46 26.37
N THR I 286 -28.04 40.29 25.37
CA THR I 286 -28.66 41.60 25.35
C THR I 286 -28.70 42.13 23.93
N ASN I 287 -29.24 43.34 23.79
CA ASN I 287 -29.25 44.06 22.53
C ASN I 287 -28.93 45.54 22.73
N ALA I 288 -28.51 45.92 23.93
CA ALA I 288 -28.22 47.31 24.26
C ALA I 288 -26.90 47.78 23.67
N TYR I 289 -26.12 46.87 23.09
CA TYR I 289 -24.82 47.22 22.50
C TYR I 289 -24.79 46.74 21.06
N ARG I 290 -25.31 47.58 20.16
CA ARG I 290 -25.20 47.35 18.73
C ARG I 290 -24.27 48.41 18.14
N ARG I 291 -23.37 47.98 17.27
CA ARG I 291 -22.53 48.90 16.51
C ARG I 291 -23.38 49.53 15.42
N ASN I 292 -24.13 50.55 15.79
CA ASN I 292 -25.06 51.20 14.87
C ASN I 292 -24.26 51.87 13.77
N GLY I 293 -24.26 51.27 12.58
CA GLY I 293 -23.49 51.79 11.48
C GLY I 293 -23.45 50.84 10.30
N MET I 294 -22.31 50.80 9.61
CA MET I 294 -22.19 49.98 8.41
C MET I 294 -20.73 49.61 8.23
N ALA I 295 -20.47 48.33 8.03
CA ALA I 295 -19.10 47.85 7.83
C ALA I 295 -18.60 48.31 6.48
N PHE I 296 -17.37 48.81 6.44
CA PHE I 296 -16.77 49.20 5.17
C PHE I 296 -16.05 48.00 4.55
N LEU I 297 -16.60 47.49 3.46
CA LEU I 297 -16.05 46.30 2.83
C LEU I 297 -14.62 46.54 2.34
N ALA I 298 -14.29 47.79 1.98
CA ALA I 298 -12.98 48.06 1.41
C ALA I 298 -11.99 48.51 2.48
N CYS I 299 -12.45 49.34 3.42
CA CYS I 299 -11.58 49.84 4.47
C CYS I 299 -11.18 48.71 5.40
N SER J 104 -46.91 56.83 61.44
CA SER J 104 -45.89 56.90 60.39
C SER J 104 -46.17 55.88 59.30
N VAL J 105 -46.78 54.76 59.71
CA VAL J 105 -46.97 53.64 58.80
C VAL J 105 -48.01 53.94 57.72
N ARG J 106 -49.09 54.65 58.07
CA ARG J 106 -50.19 54.77 57.12
C ARG J 106 -49.74 55.43 55.82
N GLN J 107 -48.92 56.47 55.90
CA GLN J 107 -48.38 57.11 54.70
C GLN J 107 -47.07 56.45 54.29
N LYS J 108 -47.08 55.14 54.18
CA LYS J 108 -45.91 54.37 53.78
C LYS J 108 -45.99 53.85 52.35
N PHE J 109 -47.20 53.62 51.84
CA PHE J 109 -47.41 53.03 50.53
C PHE J 109 -48.24 53.92 49.63
N ASP J 110 -48.16 55.24 49.81
CA ASP J 110 -48.94 56.17 49.01
C ASP J 110 -48.15 56.75 47.84
N HIS J 111 -46.83 56.66 47.87
CA HIS J 111 -45.97 57.19 46.83
C HIS J 111 -45.24 56.09 46.07
N ARG J 112 -45.75 54.86 46.17
CA ARG J 112 -45.13 53.76 45.45
C ARG J 112 -45.30 53.96 43.95
N PHE J 113 -44.76 53.02 43.18
CA PHE J 113 -44.75 53.15 41.74
C PHE J 113 -46.06 52.65 41.14
N GLN J 114 -46.58 53.37 40.16
CA GLN J 114 -47.81 52.98 39.49
C GLN J 114 -47.53 52.80 38.01
N PRO J 115 -47.26 51.58 37.52
CA PRO J 115 -46.90 51.42 36.11
C PRO J 115 -48.08 51.76 35.20
N GLN J 116 -47.77 52.42 34.09
CA GLN J 116 -48.81 52.80 33.14
C GLN J 116 -49.29 51.58 32.37
N ASN J 117 -50.58 51.32 32.44
CA ASN J 117 -51.14 50.15 31.77
C ASN J 117 -50.83 50.22 30.29
N PRO J 118 -50.39 49.13 29.66
CA PRO J 118 -50.01 49.23 28.24
C PRO J 118 -51.19 49.17 27.29
N LEU J 119 -52.38 48.84 27.79
CA LEU J 119 -53.55 48.73 26.93
C LEU J 119 -54.32 50.03 26.78
N SER J 120 -54.20 50.96 27.72
CA SER J 120 -54.93 52.21 27.60
C SER J 120 -54.59 52.90 26.28
N GLY J 121 -53.38 52.68 25.77
CA GLY J 121 -52.99 53.21 24.48
C GLY J 121 -53.19 52.18 23.39
N ALA J 122 -54.11 51.26 23.58
CA ALA J 122 -54.38 50.24 22.58
C ALA J 122 -55.11 50.86 21.40
N GLN J 123 -54.89 50.26 20.23
CA GLN J 123 -55.49 50.75 19.00
C GLN J 123 -56.94 50.30 18.91
N GLN J 124 -57.80 51.18 18.42
CA GLN J 124 -59.23 50.88 18.30
C GLN J 124 -59.47 50.22 16.95
N PHE J 125 -60.32 49.19 16.94
CA PHE J 125 -60.55 48.40 15.74
C PHE J 125 -61.92 48.71 15.16
N VAL J 126 -61.95 49.02 13.86
CA VAL J 126 -63.16 49.40 13.15
C VAL J 126 -63.47 48.35 12.09
N ALA J 127 -64.74 47.98 11.98
CA ALA J 127 -65.13 46.92 11.05
C ALA J 127 -65.45 47.51 9.68
N LYS J 128 -64.92 46.87 8.65
CA LYS J 128 -65.18 47.24 7.27
C LYS J 128 -66.21 46.30 6.66
N ASP J 129 -66.43 46.45 5.36
CA ASP J 129 -67.36 45.56 4.65
C ASP J 129 -66.73 44.18 4.54
N PRO J 130 -67.43 43.11 4.90
CA PRO J 130 -66.88 41.78 4.68
C PRO J 130 -67.02 41.36 3.23
N GLN J 131 -65.89 41.41 2.51
CA GLN J 131 -65.87 41.02 1.11
C GLN J 131 -64.98 39.80 0.97
N ASP J 132 -65.12 39.13 -0.17
CA ASP J 132 -64.26 37.98 -0.47
C ASP J 132 -62.88 38.44 -0.94
N ASP J 133 -62.82 39.55 -1.67
CA ASP J 133 -61.54 40.02 -2.21
C ASP J 133 -60.62 40.55 -1.12
N ASP J 134 -61.19 41.05 -0.01
CA ASP J 134 -60.40 41.65 1.06
C ASP J 134 -59.93 40.55 2.00
N ASP J 135 -58.81 39.93 1.66
CA ASP J 135 -58.21 38.88 2.45
C ASP J 135 -56.71 39.10 2.55
N LEU J 136 -56.11 38.51 3.59
CA LEU J 136 -54.75 38.81 4.00
C LEU J 136 -53.75 37.71 3.68
N LYS J 137 -54.08 36.45 4.00
CA LYS J 137 -53.14 35.34 3.86
C LYS J 137 -51.92 35.52 4.77
N LEU J 138 -52.21 35.56 6.06
CA LEU J 138 -51.15 35.51 7.06
C LEU J 138 -50.39 34.19 6.93
N CYS J 139 -49.06 34.28 7.03
CA CYS J 139 -48.21 33.14 6.76
C CYS J 139 -48.51 31.95 7.67
N SER J 140 -49.12 32.18 8.84
CA SER J 140 -49.50 31.06 9.67
C SER J 140 -50.58 30.22 9.01
N HIS J 141 -51.41 30.85 8.18
CA HIS J 141 -52.47 30.10 7.48
C HIS J 141 -51.89 29.35 6.29
N THR J 142 -51.23 30.06 5.39
CA THR J 142 -50.52 29.45 4.28
C THR J 142 -49.07 29.23 4.65
N MET J 143 -48.68 27.96 4.77
CA MET J 143 -47.36 27.62 5.31
C MET J 143 -46.28 27.91 4.28
N MET J 144 -46.11 29.19 3.96
CA MET J 144 -45.16 29.64 2.96
C MET J 144 -44.88 31.10 3.20
N LEU J 145 -43.79 31.59 2.60
CA LEU J 145 -43.48 32.99 2.65
C LEU J 145 -44.38 33.77 1.69
N PRO J 146 -44.82 34.96 2.07
CA PRO J 146 -45.78 35.69 1.23
C PRO J 146 -45.09 36.28 0.00
N THR J 147 -45.73 36.10 -1.15
CA THR J 147 -45.22 36.64 -2.40
C THR J 147 -45.44 38.15 -2.45
N ARG J 148 -44.87 38.78 -3.47
CA ARG J 148 -44.94 40.24 -3.57
C ARG J 148 -46.39 40.70 -3.66
N GLY J 149 -47.21 40.01 -4.44
CA GLY J 149 -48.61 40.43 -4.58
C GLY J 149 -49.39 40.27 -3.30
N GLN J 150 -49.23 39.12 -2.63
CA GLN J 150 -50.00 38.87 -1.41
C GLN J 150 -49.66 39.89 -0.32
N LEU J 151 -48.39 40.26 -0.20
CA LEU J 151 -47.98 41.24 0.79
C LEU J 151 -48.68 42.57 0.58
N GLU J 152 -48.92 42.94 -0.68
CA GLU J 152 -49.50 44.24 -0.99
C GLU J 152 -50.92 44.36 -0.43
N GLY J 153 -51.70 43.28 -0.50
CA GLY J 153 -53.06 43.34 0.00
C GLY J 153 -53.12 43.74 1.45
N ARG J 154 -52.30 43.13 2.29
CA ARG J 154 -52.31 43.47 3.71
C ARG J 154 -51.59 44.77 4.00
N MET J 155 -50.56 45.11 3.22
CA MET J 155 -49.91 46.40 3.42
C MET J 155 -50.89 47.53 3.21
N ILE J 156 -51.69 47.47 2.14
CA ILE J 156 -52.70 48.51 1.90
C ILE J 156 -53.73 48.52 3.02
N VAL J 157 -54.20 47.35 3.44
CA VAL J 157 -55.20 47.30 4.49
C VAL J 157 -54.69 47.97 5.76
N THR J 158 -53.46 47.65 6.16
CA THR J 158 -52.90 48.29 7.35
C THR J 158 -52.75 49.80 7.14
N ALA J 159 -52.24 50.20 5.97
CA ALA J 159 -52.08 51.62 5.70
C ALA J 159 -53.39 52.38 5.87
N TYR J 160 -54.50 51.77 5.45
CA TYR J 160 -55.79 52.46 5.53
C TYR J 160 -56.08 52.93 6.94
N GLU J 161 -55.93 52.07 7.95
CA GLU J 161 -56.33 52.44 9.30
C GLU J 161 -55.51 53.60 9.83
N HIS J 162 -54.46 53.99 9.10
CA HIS J 162 -53.66 55.14 9.46
C HIS J 162 -53.92 56.36 8.60
N GLY J 163 -54.94 56.32 7.73
CA GLY J 163 -55.25 57.47 6.92
C GLY J 163 -54.24 57.74 5.83
N LEU J 164 -54.04 56.76 4.95
CA LEU J 164 -53.17 56.90 3.79
C LEU J 164 -53.92 56.46 2.54
N ASP J 165 -53.27 56.59 1.39
CA ASP J 165 -53.90 56.27 0.12
C ASP J 165 -53.43 54.94 -0.45
N ASN J 166 -52.13 54.76 -0.60
CA ASN J 166 -51.60 53.56 -1.24
C ASN J 166 -50.10 53.50 -1.02
N VAL J 167 -49.49 52.44 -1.55
CA VAL J 167 -48.08 52.14 -1.31
C VAL J 167 -47.30 52.38 -2.59
N THR J 168 -46.07 52.88 -2.42
CA THR J 168 -45.25 53.31 -3.54
C THR J 168 -44.80 52.16 -4.44
N GLU J 169 -44.98 50.92 -4.01
CA GLU J 169 -44.65 49.74 -4.82
C GLU J 169 -43.15 49.50 -4.87
N GLU J 170 -42.35 50.44 -4.37
CA GLU J 170 -40.96 50.11 -4.03
C GLU J 170 -40.87 49.65 -2.58
N ALA J 171 -41.82 50.08 -1.75
CA ALA J 171 -41.86 49.61 -0.37
C ALA J 171 -42.10 48.11 -0.29
N VAL J 172 -42.93 47.57 -1.18
CA VAL J 172 -43.22 46.14 -1.15
C VAL J 172 -41.92 45.35 -1.33
N SER J 173 -41.09 45.77 -2.28
CA SER J 173 -39.82 45.07 -2.50
C SER J 173 -38.94 45.13 -1.27
N ALA J 174 -38.83 46.33 -0.66
CA ALA J 174 -38.00 46.48 0.52
C ALA J 174 -38.48 45.58 1.65
N VAL J 175 -39.78 45.53 1.87
CA VAL J 175 -40.32 44.72 2.95
C VAL J 175 -40.09 43.24 2.68
N VAL J 176 -40.26 42.79 1.44
CA VAL J 176 -40.00 41.39 1.13
C VAL J 176 -38.55 41.04 1.40
N TYR J 177 -37.63 41.89 0.91
CA TYR J 177 -36.22 41.64 1.12
C TYR J 177 -35.90 41.60 2.60
N ALA J 178 -36.44 42.54 3.37
CA ALA J 178 -36.16 42.60 4.80
C ALA J 178 -36.67 41.38 5.53
N VAL J 179 -37.87 40.90 5.17
CA VAL J 179 -38.40 39.71 5.83
C VAL J 179 -37.49 38.53 5.58
N GLU J 180 -37.08 38.33 4.32
CA GLU J 180 -36.18 37.22 4.03
C GLU J 180 -34.87 37.36 4.79
N ASN J 181 -34.32 38.57 4.81
CA ASN J 181 -33.07 38.82 5.52
C ASN J 181 -33.19 38.48 7.00
N HIS J 182 -34.28 38.91 7.63
CA HIS J 182 -34.46 38.68 9.06
C HIS J 182 -34.59 37.19 9.37
N LEU J 183 -35.37 36.47 8.55
CA LEU J 183 -35.48 35.03 8.77
C LEU J 183 -34.13 34.36 8.62
N LYS J 184 -33.33 34.77 7.64
CA LYS J 184 -32.01 34.18 7.49
C LYS J 184 -31.12 34.50 8.69
N ASP J 185 -31.25 35.70 9.26
CA ASP J 185 -30.47 36.03 10.44
C ASP J 185 -30.80 35.09 11.60
N ILE J 186 -32.09 34.86 11.83
CA ILE J 186 -32.47 33.96 12.91
C ILE J 186 -31.95 32.55 12.64
N LEU J 187 -32.07 32.08 11.39
CA LEU J 187 -31.57 30.76 11.07
C LEU J 187 -30.08 30.65 11.31
N THR J 188 -29.32 31.69 10.97
CA THR J 188 -27.88 31.69 11.23
C THR J 188 -27.60 31.60 12.72
N SER J 189 -28.33 32.38 13.52
CA SER J 189 -28.13 32.30 14.96
C SER J 189 -28.35 30.88 15.47
N VAL J 190 -29.41 30.22 14.99
CA VAL J 190 -29.70 28.87 15.47
C VAL J 190 -28.62 27.89 15.00
N VAL J 191 -28.15 28.05 13.77
CA VAL J 191 -27.17 27.13 13.22
C VAL J 191 -25.84 27.23 13.95
N SER J 192 -25.45 28.45 14.33
CA SER J 192 -24.13 28.65 14.91
C SER J 192 -23.91 27.81 16.16
N ARG J 193 -24.99 27.45 16.84
CA ARG J 193 -24.85 26.79 18.14
C ARG J 193 -24.56 25.31 18.05
N ARG J 194 -24.58 24.71 16.86
CA ARG J 194 -24.37 23.27 16.73
C ARG J 194 -23.50 22.91 15.53
N LYS J 195 -22.70 23.83 15.01
CA LYS J 195 -21.75 23.49 13.96
C LYS J 195 -20.59 24.47 13.98
N ALA J 196 -19.42 23.97 13.62
CA ALA J 196 -18.27 24.82 13.47
C ALA J 196 -18.40 25.68 12.22
N TYR J 197 -17.53 26.69 12.12
CA TYR J 197 -17.54 27.59 10.98
C TYR J 197 -16.21 28.34 10.95
N ARG J 198 -15.99 29.04 9.86
CA ARG J 198 -14.79 29.83 9.67
C ARG J 198 -15.12 31.30 9.77
N LEU J 199 -14.08 32.13 9.76
CA LEU J 199 -14.24 33.58 9.87
C LEU J 199 -13.30 34.25 8.89
N ARG J 200 -13.79 35.27 8.20
CA ARG J 200 -12.98 36.09 7.31
C ARG J 200 -13.19 37.55 7.69
N ASP J 201 -12.08 38.28 7.85
CA ASP J 201 -12.12 39.67 8.30
C ASP J 201 -12.62 39.78 9.74
N GLY J 202 -12.81 38.66 10.42
CA GLY J 202 -13.16 38.66 11.81
C GLY J 202 -14.62 38.43 12.13
N HIS J 203 -15.53 38.56 11.16
CA HIS J 203 -16.93 38.35 11.47
C HIS J 203 -17.71 37.57 10.41
N PHE J 204 -17.16 37.40 9.21
CA PHE J 204 -17.92 36.85 8.10
C PHE J 204 -17.85 35.32 8.14
N LYS J 205 -18.96 34.68 8.50
CA LYS J 205 -19.00 33.23 8.68
C LYS J 205 -19.54 32.53 7.45
N TYR J 206 -18.75 31.65 6.85
CA TYR J 206 -19.21 31.01 5.63
C TYR J 206 -19.33 29.48 5.69
N ALA J 207 -18.27 28.77 6.05
CA ALA J 207 -18.23 27.31 5.89
C ALA J 207 -18.79 26.65 7.14
N PHE J 208 -20.06 26.29 7.11
CA PHE J 208 -20.76 25.84 8.31
C PHE J 208 -20.70 24.34 8.55
N GLY J 209 -19.94 23.60 7.75
CA GLY J 209 -19.70 22.21 8.07
C GLY J 209 -18.87 22.09 9.34
N SER J 210 -18.63 20.85 9.76
CA SER J 210 -17.84 20.56 10.96
C SER J 210 -16.50 19.92 10.64
N ASN J 211 -15.83 20.37 9.58
CA ASN J 211 -14.70 19.62 9.04
C ASN J 211 -13.34 20.14 9.47
N VAL J 212 -13.01 21.40 9.19
CA VAL J 212 -11.62 21.82 9.22
C VAL J 212 -11.10 21.89 10.65
N THR J 213 -11.64 22.81 11.46
CA THR J 213 -11.51 22.82 12.91
C THR J 213 -10.23 22.17 13.42
N PRO J 214 -9.04 22.68 13.10
CA PRO J 214 -7.83 22.05 13.62
C PRO J 214 -7.77 22.11 15.13
N GLN J 215 -7.53 20.96 15.74
CA GLN J 215 -7.39 20.90 17.18
C GLN J 215 -6.18 21.71 17.59
N PRO J 216 -6.30 22.68 18.50
CA PRO J 216 -5.21 23.64 18.70
C PRO J 216 -4.09 23.16 19.60
N TYR J 217 -4.15 21.94 20.12
CA TYR J 217 -3.19 21.46 21.13
C TYR J 217 -2.23 20.43 20.56
N LEU J 218 -2.19 20.27 19.24
CA LEU J 218 -1.27 19.35 18.59
C LEU J 218 -0.17 20.14 17.91
N LYS J 219 1.08 19.74 18.15
CA LYS J 219 2.19 20.41 17.49
C LYS J 219 2.00 20.43 15.98
N ASN J 220 1.46 19.34 15.40
CA ASN J 220 1.21 19.33 13.97
C ASN J 220 0.16 20.36 13.59
N SER J 221 -0.88 20.50 14.40
CA SER J 221 -1.91 21.49 14.15
C SER J 221 -1.34 22.91 14.18
N VAL J 222 -0.47 23.20 15.15
CA VAL J 222 0.14 24.53 15.22
C VAL J 222 0.85 24.86 13.93
N VAL J 223 1.64 23.92 13.40
CA VAL J 223 2.37 24.17 12.17
C VAL J 223 1.41 24.34 10.99
N ALA J 224 0.41 23.47 10.89
CA ALA J 224 -0.49 23.53 9.75
C ALA J 224 -1.32 24.81 9.77
N TYR J 225 -1.62 25.33 10.95
CA TYR J 225 -2.41 26.55 11.06
C TYR J 225 -1.70 27.73 10.41
N ASN J 226 -0.41 27.88 10.66
CA ASN J 226 0.32 29.03 10.13
C ASN J 226 0.28 29.05 8.61
N ASN J 227 0.38 27.89 7.97
CA ASN J 227 0.49 27.86 6.51
C ASN J 227 -0.88 27.76 5.84
N LEU J 228 -1.64 26.70 6.15
CA LEU J 228 -2.84 26.42 5.38
C LEU J 228 -3.90 27.49 5.56
N ILE J 229 -3.75 28.33 6.58
CA ILE J 229 -4.75 29.38 6.83
C ILE J 229 -4.40 30.65 6.05
N GLU J 230 -3.22 31.21 6.32
CA GLU J 230 -2.76 32.40 5.60
C GLU J 230 -2.33 31.96 4.21
N SER J 231 -3.24 32.05 3.24
CA SER J 231 -2.94 31.73 1.86
C SER J 231 -2.81 33.02 1.07
N PRO J 232 -1.78 33.17 0.23
CA PRO J 232 -1.56 34.45 -0.44
C PRO J 232 -2.78 34.88 -1.23
N PRO J 233 -3.45 35.98 -0.83
CA PRO J 233 -4.58 36.48 -1.60
C PRO J 233 -4.20 37.62 -2.54
N PRO J 248 -4.39 25.53 -7.90
CA PRO J 248 -4.62 24.42 -6.97
C PRO J 248 -4.77 23.08 -7.69
N PRO J 249 -3.68 22.49 -8.13
CA PRO J 249 -3.76 21.22 -8.88
C PRO J 249 -4.46 20.16 -8.04
N PRO J 250 -5.27 19.31 -8.66
CA PRO J 250 -6.16 18.45 -7.86
C PRO J 250 -5.43 17.55 -6.89
N ASP J 251 -4.28 16.99 -7.27
CA ASP J 251 -3.55 16.13 -6.35
C ASP J 251 -3.13 16.87 -5.10
N ASP J 252 -2.60 18.09 -5.27
CA ASP J 252 -2.21 18.89 -4.13
C ASP J 252 -3.41 19.19 -3.24
N ALA J 253 -4.54 19.54 -3.85
CA ALA J 253 -5.73 19.85 -3.07
C ALA J 253 -6.21 18.64 -2.31
N GLU J 254 -6.16 17.46 -2.92
CA GLU J 254 -6.56 16.24 -2.22
C GLU J 254 -5.66 15.98 -1.04
N GLN J 255 -4.34 16.11 -1.23
CA GLN J 255 -3.42 15.95 -0.11
C GLN J 255 -3.76 16.91 1.02
N GLN J 256 -3.97 18.18 0.70
CA GLN J 256 -4.19 19.17 1.75
C GLN J 256 -5.54 18.99 2.42
N ALA J 257 -6.55 18.56 1.67
CA ALA J 257 -7.83 18.23 2.28
C ALA J 257 -7.67 17.09 3.26
N ALA J 258 -6.93 16.06 2.88
CA ALA J 258 -6.67 14.96 3.81
C ALA J 258 -5.98 15.47 5.06
N LEU J 259 -5.00 16.36 4.91
CA LEU J 259 -4.30 16.90 6.07
C LEU J 259 -5.26 17.65 6.98
N LEU J 260 -6.13 18.47 6.41
CA LEU J 260 -7.07 19.23 7.22
C LEU J 260 -8.02 18.32 7.98
N LEU J 261 -8.51 17.27 7.31
CA LEU J 261 -9.38 16.32 8.01
C LEU J 261 -8.63 15.60 9.11
N ALA J 262 -7.35 15.29 8.88
CA ALA J 262 -6.57 14.61 9.91
C ALA J 262 -6.39 15.49 11.14
N CYS J 263 -6.05 16.76 10.93
CA CYS J 263 -5.81 17.64 12.06
C CYS J 263 -7.07 17.93 12.86
N SER J 264 -8.25 17.81 12.24
CA SER J 264 -9.48 18.19 12.92
C SER J 264 -9.65 17.43 14.23
N GLY J 265 -9.16 16.19 14.29
CA GLY J 265 -9.21 15.41 15.50
C GLY J 265 -10.45 14.55 15.66
N ASP J 266 -11.51 14.80 14.91
CA ASP J 266 -12.75 14.04 15.06
C ASP J 266 -12.62 12.69 14.39
N THR J 267 -12.07 11.71 15.10
CA THR J 267 -11.88 10.39 14.50
C THR J 267 -13.20 9.75 14.13
N LEU J 268 -14.21 9.87 15.00
CA LEU J 268 -15.49 9.20 14.83
C LEU J 268 -16.61 10.22 14.97
N PRO J 269 -16.78 11.09 13.99
CA PRO J 269 -17.76 12.18 14.12
C PRO J 269 -19.18 11.67 14.31
N ALA J 270 -19.96 12.41 15.06
CA ALA J 270 -21.37 12.10 15.32
C ALA J 270 -22.24 13.24 14.85
N SER J 271 -23.53 12.97 14.69
CA SER J 271 -24.48 13.94 14.16
C SER J 271 -25.64 14.15 15.11
N LEU J 272 -26.45 15.16 14.81
CA LEU J 272 -27.55 15.54 15.66
C LEU J 272 -28.88 15.26 14.97
N PRO J 273 -29.96 15.09 15.73
CA PRO J 273 -31.28 15.03 15.12
C PRO J 273 -31.68 16.37 14.54
N PRO J 274 -32.77 16.42 13.79
CA PRO J 274 -33.21 17.72 13.25
C PRO J 274 -33.35 18.79 14.31
N VAL J 275 -33.47 20.05 13.88
CA VAL J 275 -33.55 21.16 14.82
C VAL J 275 -34.93 21.16 15.45
N ASN J 276 -34.98 21.22 16.78
CA ASN J 276 -36.22 21.19 17.53
C ASN J 276 -36.36 22.43 18.38
N MET J 277 -37.35 22.42 19.26
CA MET J 277 -37.72 23.62 20.01
C MET J 277 -36.59 24.07 20.94
N TYR J 278 -35.92 23.13 21.60
CA TYR J 278 -34.90 23.51 22.57
C TYR J 278 -33.78 24.32 21.94
N ASP J 279 -33.36 23.93 20.73
CA ASP J 279 -32.32 24.68 20.05
C ASP J 279 -32.76 26.12 19.80
N LEU J 280 -33.98 26.31 19.34
CA LEU J 280 -34.48 27.65 19.11
C LEU J 280 -34.53 28.45 20.42
N PHE J 281 -35.01 27.82 21.49
CA PHE J 281 -35.09 28.54 22.76
C PHE J 281 -33.72 29.00 23.23
N GLU J 282 -32.73 28.11 23.21
CA GLU J 282 -31.39 28.50 23.64
C GLU J 282 -30.81 29.58 22.73
N ALA J 283 -30.93 29.40 21.41
CA ALA J 283 -30.38 30.39 20.49
C ALA J 283 -30.97 31.76 20.76
N LEU J 284 -32.30 31.84 20.89
CA LEU J 284 -32.93 33.13 21.13
C LEU J 284 -32.48 33.72 22.46
N GLN J 285 -32.40 32.89 23.51
CA GLN J 285 -32.00 33.41 24.81
C GLN J 285 -30.59 34.00 24.75
N VAL J 286 -29.67 33.31 24.08
CA VAL J 286 -28.27 33.73 24.10
C VAL J 286 -28.08 35.02 23.32
N HIS J 287 -28.38 35.00 22.02
CA HIS J 287 -27.94 36.09 21.16
C HIS J 287 -28.74 37.35 21.40
N ARG J 288 -30.02 37.33 21.06
CA ARG J 288 -30.96 38.36 21.48
C ARG J 288 -30.75 39.70 20.78
N GLU J 289 -29.70 39.83 19.98
CA GLU J 289 -29.55 41.03 19.16
C GLU J 289 -30.16 40.84 17.78
N VAL J 290 -30.63 39.63 17.47
CA VAL J 290 -31.28 39.38 16.19
C VAL J 290 -32.75 39.76 16.21
N ILE J 291 -33.30 40.08 17.37
CA ILE J 291 -34.66 40.57 17.49
C ILE J 291 -34.62 41.81 18.37
N PRO J 292 -34.12 42.94 17.87
CA PRO J 292 -34.01 44.13 18.73
C PRO J 292 -35.34 44.63 19.25
N THR J 293 -36.41 44.48 18.48
CA THR J 293 -37.70 45.01 18.90
C THR J 293 -38.28 44.15 20.02
N HIS J 294 -38.75 44.82 21.07
CA HIS J 294 -39.27 44.11 22.23
C HIS J 294 -40.55 43.35 21.90
N THR J 295 -41.43 43.96 21.11
CA THR J 295 -42.75 43.36 20.89
C THR J 295 -42.65 42.00 20.23
N VAL J 296 -41.84 41.88 19.19
CA VAL J 296 -41.71 40.62 18.48
C VAL J 296 -41.12 39.56 19.39
N TYR J 297 -40.06 39.90 20.12
CA TYR J 297 -39.37 38.93 20.96
C TYR J 297 -40.25 38.45 22.11
N ALA J 298 -40.85 39.39 22.84
CA ALA J 298 -41.54 39.04 24.08
C ALA J 298 -42.72 38.12 23.83
N LEU J 299 -43.50 38.40 22.79
CA LEU J 299 -44.70 37.61 22.55
C LEU J 299 -44.35 36.23 22.02
N ASN J 300 -43.27 36.12 21.25
CA ASN J 300 -42.98 34.84 20.61
C ASN J 300 -42.17 33.93 21.53
N ILE J 301 -41.39 34.50 22.45
CA ILE J 301 -40.62 33.65 23.35
C ILE J 301 -41.57 32.86 24.25
N GLU J 302 -42.62 33.50 24.73
CA GLU J 302 -43.61 32.80 25.56
C GLU J 302 -44.27 31.67 24.76
N ARG J 303 -44.64 31.93 23.51
CA ARG J 303 -45.18 30.87 22.68
C ARG J 303 -44.20 29.72 22.55
N ILE J 304 -42.94 30.02 22.29
CA ILE J 304 -41.94 28.97 22.14
C ILE J 304 -41.85 28.12 23.39
N ILE J 305 -41.94 28.75 24.57
CA ILE J 305 -41.86 28.00 25.81
C ILE J 305 -42.93 26.91 25.86
N THR J 306 -44.14 27.24 25.41
CA THR J 306 -45.26 26.31 25.59
C THR J 306 -45.22 25.17 24.58
N LYS J 307 -44.23 25.14 23.70
CA LYS J 307 -44.09 24.05 22.74
C LYS J 307 -42.87 23.17 23.02
N LEU J 308 -42.21 23.37 24.15
CA LEU J 308 -41.14 22.45 24.54
C LEU J 308 -41.73 21.10 24.90
N TRP J 309 -41.07 20.04 24.46
CA TRP J 309 -41.59 18.70 24.65
C TRP J 309 -40.47 17.69 24.44
N HIS J 310 -40.57 16.58 25.18
CA HIS J 310 -39.68 15.44 24.98
C HIS J 310 -40.41 14.20 25.46
N PRO J 311 -40.23 13.06 24.78
CA PRO J 311 -41.01 11.86 25.13
C PRO J 311 -40.69 11.40 26.55
N ASN J 312 -41.72 10.96 27.27
CA ASN J 312 -41.53 10.50 28.64
C ASN J 312 -41.28 8.99 28.66
N HIS J 313 -41.18 8.46 29.88
CA HIS J 313 -40.70 7.08 30.06
C HIS J 313 -41.52 6.09 29.26
N GLU J 314 -42.85 6.21 29.32
CA GLU J 314 -43.72 5.23 28.68
C GLU J 314 -43.52 5.20 27.18
N GLU J 315 -43.44 6.35 26.53
CA GLU J 315 -43.24 6.38 25.09
C GLU J 315 -41.93 5.69 24.71
N LEU J 316 -40.88 5.91 25.49
CA LEU J 316 -39.62 5.23 25.23
C LEU J 316 -39.77 3.73 25.40
N GLN J 317 -40.56 3.29 26.38
CA GLN J 317 -40.82 1.86 26.52
C GLN J 317 -41.48 1.29 25.27
N GLN J 318 -42.46 2.00 24.70
CA GLN J 318 -43.09 1.52 23.48
C GLN J 318 -42.12 1.52 22.31
N ASP J 319 -41.21 2.49 22.26
CA ASP J 319 -40.17 2.44 21.24
C ASP J 319 -39.32 1.19 21.39
N LYS J 320 -38.94 0.85 22.62
CA LYS J 320 -38.23 -0.39 22.87
C LYS J 320 -38.99 -1.59 22.32
N VAL J 321 -40.28 -1.69 22.67
CA VAL J 321 -41.08 -2.84 22.24
C VAL J 321 -41.15 -2.90 20.72
N HIS J 322 -41.41 -1.78 20.07
CA HIS J 322 -41.52 -1.79 18.62
C HIS J 322 -40.20 -2.18 17.97
N ARG J 323 -39.07 -1.78 18.56
CA ARG J 323 -37.79 -2.19 18.01
C ARG J 323 -37.60 -3.70 18.14
N GLN J 324 -38.00 -4.27 19.29
CA GLN J 324 -37.95 -5.72 19.42
C GLN J 324 -38.80 -6.38 18.33
N ARG J 325 -39.99 -5.85 18.11
CA ARG J 325 -40.89 -6.43 17.10
C ARG J 325 -40.27 -6.41 15.71
N LEU J 326 -39.73 -5.26 15.30
CA LEU J 326 -39.13 -5.16 13.98
C LEU J 326 -37.92 -6.09 13.86
N ALA J 327 -37.08 -6.14 14.89
CA ALA J 327 -35.94 -7.05 14.84
C ALA J 327 -36.39 -8.49 14.68
N ALA J 328 -37.44 -8.90 15.41
CA ALA J 328 -37.94 -10.26 15.28
C ALA J 328 -38.45 -10.53 13.89
N LYS J 329 -39.34 -9.67 13.38
CA LYS J 329 -39.90 -9.91 12.05
C LYS J 329 -38.82 -9.84 10.98
N GLU J 330 -37.65 -9.28 11.31
CA GLU J 330 -36.51 -9.43 10.41
C GLU J 330 -35.68 -10.66 10.79
N GLY J 331 -35.58 -10.96 12.08
CA GLY J 331 -34.87 -12.14 12.53
C GLY J 331 -33.46 -11.84 12.98
N LEU K 507 -37.49 77.67 48.15
CA LEU K 507 -36.51 76.65 48.47
C LEU K 507 -37.18 75.30 48.68
N ASP K 508 -38.21 75.03 47.89
CA ASP K 508 -38.90 73.75 47.89
C ASP K 508 -38.75 73.10 46.53
N CYS K 509 -38.54 71.79 46.54
CA CYS K 509 -38.47 71.04 45.30
C CYS K 509 -39.85 71.01 44.64
N HIS K 510 -39.89 71.47 43.38
CA HIS K 510 -41.16 71.53 42.68
C HIS K 510 -41.80 70.15 42.65
N TYR K 511 -43.11 70.11 42.89
CA TYR K 511 -43.84 68.85 42.95
C TYR K 511 -45.23 69.04 42.36
N SER K 512 -45.80 67.94 41.88
CA SER K 512 -47.13 67.93 41.30
C SER K 512 -48.05 67.07 42.15
N GLY K 513 -49.35 67.19 41.90
CA GLY K 513 -50.34 66.46 42.67
C GLY K 513 -50.74 65.12 42.10
N HIS K 514 -50.09 64.66 41.03
N HIS K 514 -50.08 64.69 41.02
CA HIS K 514 -50.43 63.38 40.45
CA HIS K 514 -50.40 63.45 40.33
C HIS K 514 -49.17 62.66 39.99
C HIS K 514 -49.12 62.67 40.05
N HIS K 515 -49.25 61.34 40.01
CA HIS K 515 -48.12 60.52 39.62
C HIS K 515 -47.79 60.77 38.15
N PRO K 516 -46.50 60.81 37.79
CA PRO K 516 -46.16 61.12 36.40
C PRO K 516 -46.54 60.00 35.45
N GLN K 517 -46.69 60.36 34.17
CA GLN K 517 -47.05 59.42 33.13
C GLN K 517 -46.09 59.56 31.96
N PRO K 518 -45.79 58.48 31.25
CA PRO K 518 -44.86 58.58 30.12
C PRO K 518 -45.52 59.19 28.91
N ALA K 519 -44.76 60.06 28.22
CA ALA K 519 -45.31 60.72 27.04
C ALA K 519 -45.71 59.70 25.98
N SER K 520 -44.85 58.73 25.72
CA SER K 520 -45.13 57.65 24.80
C SER K 520 -44.54 56.38 25.36
N PHE K 521 -45.28 55.28 25.24
CA PHE K 521 -44.90 54.01 25.85
C PHE K 521 -45.03 52.90 24.83
N CYS K 522 -44.89 51.66 25.29
CA CYS K 522 -44.87 50.52 24.40
C CYS K 522 -46.09 49.62 24.56
N THR K 523 -47.13 49.87 23.77
CA THR K 523 -48.15 48.86 23.57
C THR K 523 -47.53 47.68 22.83
N PHE K 524 -48.07 46.49 23.07
CA PHE K 524 -47.49 45.27 22.50
C PHE K 524 -48.10 44.93 21.15
N GLY K 525 -48.53 45.94 20.41
CA GLY K 525 -49.17 45.69 19.13
C GLY K 525 -50.60 45.21 19.28
N SER K 526 -51.21 45.51 20.41
CA SER K 526 -52.54 45.04 20.72
C SER K 526 -53.59 45.92 20.05
N ARG K 527 -54.77 45.35 19.84
CA ARG K 527 -55.91 46.06 19.29
C ARG K 527 -57.15 45.59 20.02
N GLN K 528 -58.08 46.51 20.27
CA GLN K 528 -59.28 46.20 21.03
C GLN K 528 -60.43 45.86 20.08
N ILE K 529 -60.95 44.65 20.18
CA ILE K 529 -61.96 44.21 19.23
C ILE K 529 -63.29 44.92 19.47
N GLY K 530 -63.90 44.68 20.63
CA GLY K 530 -65.20 45.22 20.93
C GLY K 530 -65.20 46.02 22.20
N ARG K 531 -65.98 45.56 23.17
CA ARG K 531 -65.99 46.11 24.53
C ARG K 531 -65.30 45.09 25.41
N GLY K 532 -64.24 45.50 26.10
CA GLY K 532 -63.58 44.65 27.06
C GLY K 532 -62.93 43.41 26.47
N TYR K 533 -62.28 43.54 25.32
CA TYR K 533 -61.52 42.43 24.78
C TYR K 533 -60.43 42.96 23.88
N TYR K 534 -59.21 42.45 24.07
CA TYR K 534 -58.04 42.86 23.32
C TYR K 534 -57.40 41.66 22.65
N VAL K 535 -56.78 41.90 21.50
CA VAL K 535 -56.07 40.87 20.76
C VAL K 535 -54.69 41.40 20.42
N PHE K 536 -53.85 40.53 19.90
CA PHE K 536 -52.50 40.88 19.46
C PHE K 536 -52.20 40.46 18.04
N ASP K 537 -52.70 39.29 17.62
CA ASP K 537 -52.60 38.87 16.24
C ASP K 537 -53.87 39.26 15.50
N SER K 538 -53.72 39.68 14.24
CA SER K 538 -54.88 40.03 13.44
C SER K 538 -55.44 38.78 12.76
N ARG K 539 -56.02 37.88 13.55
CA ARG K 539 -56.55 36.63 13.02
C ARG K 539 -58.07 36.56 13.11
N TRP K 540 -58.66 37.30 14.03
CA TRP K 540 -60.11 37.33 14.19
C TRP K 540 -60.78 38.41 13.35
N ASN K 541 -60.05 39.08 12.47
CA ASN K 541 -60.66 40.16 11.70
C ASN K 541 -61.78 39.65 10.80
N ARG K 542 -61.50 38.61 10.01
CA ARG K 542 -62.52 38.03 9.13
C ARG K 542 -63.73 37.56 9.91
N LEU K 543 -63.49 36.76 10.97
CA LEU K 543 -64.60 36.19 11.72
C LEU K 543 -65.40 37.27 12.42
N ARG K 544 -64.75 38.32 12.91
CA ARG K 544 -65.49 39.39 13.59
C ARG K 544 -66.39 40.12 12.61
N CYS K 545 -65.89 40.41 11.42
CA CYS K 545 -66.76 41.01 10.39
C CYS K 545 -67.95 40.12 10.11
N ALA K 546 -67.71 38.81 9.91
CA ALA K 546 -68.82 37.91 9.62
C ALA K 546 -69.86 37.93 10.74
N LEU K 547 -69.42 37.76 11.98
CA LEU K 547 -70.35 37.68 13.10
C LEU K 547 -71.12 38.98 13.28
N ASN K 548 -70.47 40.12 13.07
CA ASN K 548 -71.15 41.40 13.23
C ASN K 548 -72.30 41.51 12.24
N LEU K 549 -72.07 41.13 10.99
CA LEU K 549 -73.16 41.13 10.01
C LEU K 549 -74.26 40.17 10.40
N MET K 550 -73.91 38.97 10.88
CA MET K 550 -74.94 38.05 11.30
C MET K 550 -75.83 38.66 12.37
N VAL K 551 -75.23 39.29 13.37
CA VAL K 551 -76.03 39.85 14.46
C VAL K 551 -76.83 41.05 13.96
N GLU K 552 -76.25 41.87 13.09
CA GLU K 552 -77.00 42.94 12.46
C GLU K 552 -78.29 42.42 11.84
N LYS K 553 -78.18 41.43 10.95
CA LYS K 553 -79.37 40.90 10.30
C LYS K 553 -80.32 40.25 11.30
N HIS K 554 -79.81 39.45 12.23
CA HIS K 554 -80.70 38.82 13.20
C HIS K 554 -81.44 39.85 14.04
N LEU K 555 -80.88 41.05 14.16
CA LEU K 555 -81.60 42.13 14.82
C LEU K 555 -82.63 42.74 13.88
N ASN K 556 -82.30 42.86 12.59
CA ASN K 556 -83.24 43.45 11.65
C ASN K 556 -84.55 42.66 11.59
N ALA K 557 -84.47 41.33 11.57
CA ALA K 557 -85.64 40.51 11.29
C ALA K 557 -86.66 40.53 12.42
N GLN K 558 -86.25 40.76 13.66
CA GLN K 558 -87.20 40.68 14.77
C GLN K 558 -88.22 41.80 14.72
N LEU K 559 -87.92 42.87 13.98
CA LEU K 559 -88.88 43.96 13.80
C LEU K 559 -89.90 43.61 12.72
#